data_6FTJ
#
_entry.id   6FTJ
#
_cell.length_a   1.00
_cell.length_b   1.00
_cell.length_c   1.00
_cell.angle_alpha   90.00
_cell.angle_beta   90.00
_cell.angle_gamma   90.00
#
_symmetry.space_group_name_H-M   'P 1'
#
loop_
_entity.id
_entity.type
_entity.pdbx_description
1 polymer uL2
2 polymer uL3
3 polymer 'Ribosomal protein L4'
4 polymer '60S ribosomal protein L5'
5 polymer '60S ribosomal protein L6'
6 polymer Ul30
7 polymer uL8
8 polymer uL6
9 polymer 'Ribosomal protein L10 (Predicted)'
10 polymer 'Ribosomal protein L11'
11 polymer eL13
12 polymer 'Ribosomal protein L14'
13 polymer 'Ribosomal protein L15'
14 polymer uL13
15 polymer uL22
16 polymer uL14
17 polymer eL19
18 polymer eL20
19 polymer eL21
20 polymer 'Ribosomal protein L22'
21 polymer uL14
22 polymer 'Ribosomal protein L24'
23 polymer uL23
24 polymer 'Ribosomal protein L26'
25 polymer '60S ribosomal protein L27'
26 polymer uL15
27 polymer '60S ribosomal protein L29'
28 polymer eL30
29 polymer eL31
30 polymer eL32
31 polymer eL33
32 polymer eL34
33 polymer uL29
34 polymer '60S ribosomal protein L36'
35 polymer 'Ribosomal protein L37'
36 polymer eL38
37 polymer eL39
38 polymer eL40
39 polymer '60s ribosomal protein l41'
40 polymer eL42
41 polymer 'Ribosomal protein L37a'
42 polymer eL28
43 polymer '60S acidic ribosomal protein P0'
44 polymer 'Ribosomal protein L12'
45 polymer '28S rRNA'
46 polymer '5S ribosomal RNA'
47 polymer '5.8S ribosomal RNA'
48 polymer 'Protein transport protein Sec61 subunit alpha isoform 1'
49 polymer 'Protein transport protein Sec61 subunit gamma'
50 polymer 'Protein transport protein Sec61 subunit beta'
51 polymer 'Dolichyl-diphosphooligosaccharide--protein glycosyltransferase subunit 1,RPN1'
52 polymer TMEM258
53 polymer 'Oligosaccharyltransferase complex subunit OSTC'
54 polymer OST4
55 polymer 'Dolichyl-diphosphooligosaccharide--protein glycosyltransferase subunit STT3A'
56 polymer DAD1
57 polymer OST48
58 polymer RPN2
59 branched alpha-D-mannopyranose-(1-2)-alpha-D-mannopyranose-(1-2)-alpha-D-mannopyranose-(1-3)-[alpha-D-mannopyranose-(1-3)-alpha-D-mannopyranose-(1-6)]beta-D-mannopyranose-(1-4)-2-acetamido-2-deoxy-beta-D-glucopyranose-(1-4)-2-acetamido-2-deoxy-beta-D-glucopyranose
60 non-polymer 'MAGNESIUM ION'
61 non-polymer 'ZINC ION'
62 non-polymer '[(2~{S},3~{R},4~{R},5~{S},6~{R})-3-acetamido-6-(hydroxymethyl)-4,5-bis(oxidanyl)oxan-2-yl]methyl-[oxidanyl-[(2~{Z},6~{Z},10~{Z})-3,7,11,15-tetramethylhexadeca-2,6,10,14-tetraenoxy]phosphoryl]oxy-phosphinic acid'
#
loop_
_entity_poly.entity_id
_entity_poly.type
_entity_poly.pdbx_seq_one_letter_code
_entity_poly.pdbx_strand_id
1 'polypeptide(L)'
;GRVIRGQRKGAGSVFRAHVKHRKGAARLRAVDFAERHGYIKGIVKDIIHDPGRGAPLAKVVFRDPYRFKKRTELFIAAEG
IHTGQFVYCGKKAQLNIGNVLPVGTMPEGTIVCCLEEKPGDRGKLARASGNYATVISHNPETKKTRVKLPSGSKKVISSA
NRAVVGVVAGGGRIDKPILKAGRAYHKYKAKRNCWPRVRGVAMNPVEHPFGGGNHQHIGKPSTIRRDAPAGRKVGLIAAR
RTGR
;
A
2 'polypeptide(L)'
;SHRKFSAPRHGSLGFLPRKRSSRHRGKVKSFPKDDPSKPVHLTAFLGYKAGMTHIVREVDRPGSKVNKKEVVEAVTIVET
PPMVVVGIVGYVETPRGLRTFKTVFAEHISDECKRRFYKNWHKSKKKAFTKYCKKWQDDAGKRQLDKDFSSMKKYCQVIR
VLAHTQMRLLPLRQKKAHLMEIQVNGGTVAEKLDWARERLEQQVPVSQVFGQDEMIDVIGVTKGKGYKGVTSRWHTKKLP
RKTHRGLRKVACIGAWHPARVAFSVARAGQKGYHHRTEINKKIYKIGQGYLIKDGKLIKNNASTDYDLSDKSINPLGGFV
HYGEVTNDFVMLKGCVVGTKKRVLTLRKSLLVQTKRRALEKIDLKFIDTTSKFGHGRFQTVEEKKAFMGPLKKD
;
B
3 'polypeptide(L)'
;ACARPLISVYSEKGESSGKNVTLPAVFKAPIRPDIVNFVHTNLRKNNRQPYAVSELAGHQTSAESWGTGRAVARIPRVRG
GGTHRSGQGAFGNMCRGGRMFAPTKTWRRWHRRVNTTQKRYAICSALAASALPALVMSKGHRIEEVPELPLVVEDKVEGY
KKTKEAVLLLKKLKAWNDIKKVYASQRMRAGKGKMRNRRRIQRRGPCVIYNEDNGIVKAFRNIPGITLLNVTKLNILKLA
PGGHVGRFCIWTESAFRKLDDLYGTWRKAASLKSNYNLPMHKMLNTDLSRILKSPEIQRALRAPRKKIHRRVLKKNPLKN
LRIMLKLNPYAKTMRRNTILRQARNHKLRVERAAAALAAKKS
;
C
4 'polypeptide(L)'
;FVKVVKNKAYFKRYQVKFRRRREGKTDYYARKRLVIQDKNKYNTPKYRMIVRVTNRDIICQIAYARIEGDMIVCAAYAHE
LPKYGVKVGLTNYAAAYCTGLLLARRLLNRFGMDKIYEGQVEVTGDEYNVESIDGQPGAFTCYLDAGLARTTTGNKVFGA
LKGAVDGGLSIPHSTKRFPGYDSESKEFNAEVHRKHIMGQNVADYMRYLMEEDEDAYKKQFSQYIKNNVTPDMMEEMYKK
AHAAIRENPVYEKKPKREVKKKRWNRPKMSLAQKKDRVAQKKASFLRAQERA
;
D
5 'polypeptide(L)'
;PHCSRNPVLVRGIGRYSRSAMYSRKALYKRKYAAPKSRIERKKKREKVLATVTKPVGGDKNGGTRVVKLRKMPRYYPTED
VPRKLLSHGRKPFSQHVRKLRASITPGTILIILTGRHRGKRVVFLKQLSSGLLLVTGPLSLNRVPLRRTHQKFVIATSTK
IDISGVKIPKHLTDAYFKKKQLRKPRHQEGEIFDTEKEKYEITEQRKVDQKAVDSQILPKIKAVPQLQGYLRSVFALTNG
VYPHKLVF
;
E
6 'polypeptide(L)'
;NFAELKIKRLRKKFAQKMLRKARRKLIYEKAKHYHKEYRQMYRTEIRMARMARKAGNFYVPAEPKLAFVIRIRGINGVSP
KVRKVLQLLRLRQIFNGTFVKLNKASINMLRIVEPYIAWGYPNLKSVNELIYKRGYGKINKKRIALTDNALIARSLGKYG
IICMEDLIHEIYTVGKRFKEANNFLWPFKLSSPRGGMKKKTTHFVEGEDAGNREDQINRLIRRMN
;
F
7 'polypeptide(L)'
;KVVNPLFEKRPKNFGIGQDIQPKRDLTRFVKWPRYIRLQRQRAILYKRLKVPPAINQFTQVLDRQTATQLLKLAHKYRPE
TKQEKKQRLLARAEKKAAGKGDVPTKRPPVLRAGVNTVTTLVENKKAQLVVIAHDVDPIELVVFLPALCRKMGVPYCILK
GKARLGRLVHRKTCTTVAFTQVNSEDKGALAKLVEAIRTNYNDRYDEIRRHWGGNVLGPKSVARIAKLEKAKAKELATKL
G
;
G
8 'polypeptide(L)'
;MKTILSNQTVDIPENVDISLKGRTVIVKGPRGTLRRDFNHINVELSLLGKKKKRLRVDKWWGNRKELATVRTICSHVQNM
IKGVTLGFRYKMRSVYAHFPINVVIQENGSLVEIRNFLGEKYIRRVRMRPGVACSVSQAQKDELVLEGNDIELVSNSAAL
IQQATTVKNKDIRKFLDGIYVSEKGTVQQA
;
H
9 'polypeptide(L)'
;GRRPARCYRYCKNKPYPKSRFCRGVPDAKIRIFDLGRKKAKVDEFPLCGHMVSDEYEQLSSEALEAARICANKYMVKSCG
KDGFHIRVRLHPFHVIRINKMLSCAGADRLQTGMRGAFGKPQGTVARVHIGQVIMSIRTKLQNKEHVVEALRRAKFKFPG
RQKIHISKKWGFTKFNADEFEDMVAEKRLIPDGCGVKYIPNRGPLDKWRALHS
;
I
10 'polypeptide(L)'
;ENPMRELRIRKLCLNICVGESGDRLTRAAKVLEQLTGQTPVFSKARYTVRSFGIRRNEKIAVHCTVRGAKAEEILEKGLK
VREYELRKNNFSDTGNFGFGIQEHIDLGIKYDPSIGIYGLDFYVVLGRPGFSIADKKRRTGCIGAKHRISKEEAMRWFQQ
KYDGIILPG
;
J
11 'polypeptide(L)'
;APSRNGMILKPHFHKDWQRRVATWFNQPARKIRRRKARQARARRIAPRPASGPLRPIVRCPTVRYHTKVRAGRGFSLEEL
RVAGIHKKVARTIGISVDPRRRNKSTESLQANVQRLKEYRSKLVLFPRKPSAPKKGDSSAEELKLATQLTGPVMPIRNVF
KKEKARVITEEEKNFKAFASLRMARANARLFGIRAKRAKEAAEQDVEKKK
;
L
12 'polypeptide(L)'
;VFRRFVEVGRVAYVSFGPHAGKLVAIVDVIDQNRALVDGPCTRVRRQAMPFKCMQLTDFILKFPHSARQKYVRKAWEKAD
INTKWAATRWAKKIEARERKAKMTDFDRYKVMKAKKMRNRIIKNEVKKLQRAALLKAS
;
M
13 'polypeptide(L)'
;GAYKYIQELWRKKQSDVMRFLLRVRCWQYRQLSALHRAPRPTRPDKARRLGYKAKQGYVIYRIRVRRGGRKRPVPKGATY
GKPVHHGVNQLKFARSLQSVAEERAGRHCGALRVLNSYWVGEDSTYKFFEVILIDPFHKAIRRNPDTQWITKPVHKHREM
RGLTSAGRKSRGLGKGHKFHHTIGGSRRAAWRRRNTLQLHRYR
;
N
14 'polypeptide(L)'
;QVLVLDGRGHLLGRLAAIVAKQVLLGRKVVVVRCEGINISGNFYRNKLKYLAFLRKRMNTNPSRGPYHFRAPSRIFWRTV
RGMLPHKTKRGQAALDRLKVFDGIPPPYDKKKRMVVPAALKVVRLKPTRKFAYLGRLAHEVGWKYQAVTATLEEKRKEKA
KIHYRKKKQLMRLRKQAEKNVEKKIDRFTEVLKTHGFLV
;
O
15 'polypeptide(L)'
;VRYSLDPENPTKSCKSRGSNLRVHFKNTRETAQAIKGMHIRKATKYLKDVTLQKQCVPFRRYNGGVGRCAQAKQWGWTQG
RWPKKSAEFLLHMLKNAESNAELKGLDVDSLVIEHIQVNKAPKMRRRTYRAHGRINPYMSSPCHIEMILTEKE
;
P
16 'polypeptide(L)'
;GVDIRHNKDRKVRRKEPKSQDIYLRLLVKLYRFLARRTNSTFNQVVLKRLFMSRTNRPPLSLSRMIRKMKLPGREGKTAV
VVGTITDDVRVQEVPKLKVCALRVSSRARSRILKAGGKILTFDQLALDSPKGCGTVLLSGPRKGREVYRHFGKAPGTPHS
HTKPYVRSKGRKFERARGRRASRGYKN
;
Q
17 'polypeptide(L)'
;SMLRLQKRLASSVLRCGKKKVWLDPNETNEIANANSRQQIRKLIKDGLIIRKPVTVHSRARCRKNTLARRKGRHMGIGKR
KGTANARMPEKVTWMRRMRILRRLLRRYRESKKIDRHMYHSLYLKVKGNVFKNKRILMEHIHKLKADKARKKLLADQAEA
RRSKTKEARKRREERLQAKK
;
R
18 'polypeptide(L)'
;KASGTLREYKVVGRCLPTPKCRTPPLYRMRIFAPNHVVAKSRFWYFVSQLKKMKKSSGEIVYCGQVFEKSPLRVKNFGIW
LRYDSRSGTHNMYREYRDLTTAGAVTQCYRDMGARHRARAHSIQIMKVEEIAASKCRRPAVKQFHDSKIKFPLPHRVLRR
QHKPRFTTKRPNTFF
;
S
19 'polypeptide(L)'
;TNTKGKRRGTRYMFSRPFRKHGVVPLATYMRIYKKGDIVDIKGMGTVQKGMPHKCYHGKTGRVYNVTQHAVGIVVNKQVK
GKILAKRINVRIEHIKHSKSRDSFLKRVKENDQKKKEAKEKGTWVQLKRQPAPPREAHFVRTNGKEPELLEPIPYEFMA
;
T
20 'polypeptide(L)'
;QVLKFTLDCTHPVEDGIMDAANFEQFLQERIKVNGKAGNLGGGVVTIERSKSKITVTSEVPFSKRYLKYLTKKYLKKNNL
RDWLRVVANSKESYELRYF
;
U
21 'polypeptide(L)'
;SGAKFRISLGLPVGAVINCADNTGAKNLYIISVKGIKGRLNRLPAAGVGDMVMATVKKGKPELRKKVHPAVVIRQRKSYR
RKDGVFLYFEDNAGVIVNNKGEMKGSAITGPVAKECADLWPRIASNAGSIA
;
V
22 'polypeptide(L)' MKVELCSFSGYKIYPGHGRRYARTDGKVFQFLNAKCESAFLSKRNPRQINWTVLYRRKHKKGQ W
23 'polypeptide(L)'
;KKIRTSPTFRRPKTLRLRRQPKYPRKSAPRRNKLDHYAIIKFPLTTESAMKKIEDNNTLVFIVDVKANKHQIKQAVKKLY
DIDVAKVNTLIRPDGEKKAYVRLAPDYDALDVANKIGII
;
X
24 'polypeptide(L)'
;MKFNPFVTSDRSKNRKRHFNAPSHIRRKIMSSPLSKELRQKYNVRSMPIRKDDEVQVVRGHYKGQQIGKVVQVYRKKYVI
YIERVQREKANGTTVHVGIHPSKVVITRLKLDKDRKKILERKAKSRQVGKEKGK
;
Y
25 'polypeptide(L)'
;GKFMKPGKVVLVLAGRYSGRKAVIVKNIDDGTSDRPYSHALVAGIDRYPRKVTAAMGKKKIAKRSKIKSFVKVYNYNHLM
PTRYSVDIPLDKTVVNKDVFRDPALKRKARREAKVKFEERYKTGKNKWFFQKLRF
;
Z
26 'polypeptide(L)'
;PSRLRKTRKLRGHVSHGHGRIGKHRKHPGGRGNAGGMHHHRINFDKYHPGYFGKVGMRHYHLKRNQSFCPTVNLDKLWTL
VSEQTRVNAAKNKTGAAPIIDVVRSGYYKVLGKGKLPKQPVIVKAKFFSRRAEEKIKGVGGACVLVA
;
a
27 'polypeptide(L)' AKSKNHTTHNQSRKWHRNGIKKPRSQRYESLKGVDPKFLRNMRFAKKHNKKGLKKMQANNAKAMAARAEAIKALV b
28 'polypeptide(L)'
;SINSRLQLVMKSGKYVLGYKQTLKMIRQGKAKLVILANNCPALRKSEIEYYAMLAKTGVHHYSGNNIELGTACGKYYRVC
TLAIIDPGDSDIIR
;
c
29 'polypeptide(L)'
;NEVVTREYTINIHKRIHGVGFKKRAPRALKEIRKFAMKEMGTPDVRIDTRLNKAVWAKGIRNVPYRIRVRLSRKRNEDED
SPNKLYTLVTYVPVTTFKNLQTVNVDE
;
d
30 'polypeptide(L)'
;AALRPLVKPKIVKKRTKKFIRHQSDRYVKIKRNWRKPRGIDNRVRRRFKGQILMPNIGYGSNKKTKHMLPSGFRKFLVHN
VKELEVLLMCNKSYCAEIAHNVSSKNRKAIVERAAQLAIRVTNPNARL
;
e
31 'polypeptide(L)'
;SGRLWCKAIFAGYKRGLRNQREHTALLKIEGVYARDETEFYLGKRCAYVYKAKNNTVTPGGKPNKTRVIWGKVTRAHGNS
GMVRAKFRSNLPAKAIGHRIRVMLYPSRI
;
f
32 'polypeptide(L)'
;VQRLTYRRRLSYNTASNKTRLSRTPGNRIVYLYTKKVGKAPKSACGVCPGRLRGVRAVRPKVLMRLSKTKKHVSRAYGGS
MCAKCVRDRIKRAFLIEEQKIVVKVLKAQAQSQK
;
g
33 'polypeptide(L)'
;AKIKARDLRGKKKEELLKQLDDLKVELSQLRVAKVTGGAASKLSKIRVVRKSIARVLTVINQTQKENLRKFYKGKKYKPL
DLRPKKTRAMRRRLNKHEESLKTKKQQRKERLYPLRKYAVKA
;
h
34 'polypeptide(L)'
;ALRYPMAVGLNKGHKVTKNVSKPRHSRRRGRLTKHTKFVRDMIREVCGFAPYERRAMELLKVSKDKRALKFIKKRVGTHI
RAKRKREELSSVLAAMRKAAAK
;
i
35 'polypeptide(L)'
;TKGTSSFGKRRNKTHTLCRRCGSKAYHLQKSTCGKCGYPAKRKRKYNWSAKAKRRNTTGTGRMRHLKIVYRRFRHGFREG
TTPKPK
;
j
36 'polypeptide(L)' PRKIEEIKDFLLTARRKDAKSVKIKKNKDNVKFKVRCSRYLYTLVITDKEKAEKLKQSLPPGLAVKELK k
37 'polypeptide(L)' SSHKTFRIKRFLAKKQKQNRPIPQWIRMKTGNKIRYNSKRRHWRRTKLGL l
38 'polypeptide(L)' IIEPSLRQLAQKYNCDKMICRKCYARLHPRAVNCRKKKCGHTNNLRPKKKVK m
39 'polypeptide(L)' RAKWRKKRMRRLKRKRRKMRQRS n
40 'polypeptide(L)'
;VNVPKTRRTFCKKCGKHQPHKVTQYKKGKDSLYAQGKRRYDRKQSGYGGQTKPIFRKKAKTTKKIVLRLECVEPNCRSKR
MLAIKRCKHFELGGDKKRKGQVIQ
;
o
41 'polypeptide(L)'
;AKRTKKVGIVGKYGTRYGASLRKMVKKIEISQHAKYTCSFCGKTKMKRRAVGIWHCGSCMKTVAGGAWTYNTTSAVTVKS
AIRRLKELKDQ
;
p
42 'polypeptide(L)'
;SAHLQWMVVRNCSSFLIKRNKQTYSTEPNNLKARNSFRYNGLIHRKTVGVEPAADGKGVVVVMKRRSGQRKPATSYVRTT
INKNARATLSSIRHMIRKNKYHPDLRMAAIRRASAILRSQKPVMVKRKRTRPTKSS
;
r
43 'polypeptide(L)'
;DRATWKSNYFLKIIQLLDDYPKCFIVGADNVGSKQMQQIRMSLRGKAVVLMGKNTMMRKAIRGHLENNPALEKLLPHIRG
NVGFVFTKEDLTEIRDMLLANKVPAAARAGAIAPCEVTVPAQNTGLGPEKTSFFQALGITTKISRGTIEILSDVQLIKTG
DKVGASEATLLNMLNISPFSFGLIIQQVFDNGSIYNPE
;
s
44 'polypeptide(L)'
;MPPKFDPNEIKVVYLRCTGGEVGATSALAPKIGPLGLSPKKVGDDIAKATGDWKGLRITVKLTIQNRQAQIEVVPSASAL
IIKALKEPPRDRKKQKNIKHSGNITFDEIVNIARQMRHRSLARELSGTIKEILGTAQSVGCNVDGRHPHDIIDDINSGAV
ECP
;
t
45 'polyribonucleotide'
;CGCGACCUCAGAUCAGACGUGGCGACCCGCUGAAUUUAAGCAUAUUAGUCAGCGGAGGAGAAGAAACUAACCAGGAUUCC
CUCAGUAACGGCGAGUGAACAGGGAAGAGCCCAGCGCCGAAUCCCCGCCCCGCGGCGGGGCGCGGGACAUGUGGCGUACG
GAAGACCCGCUCCCCGGCGCCGCUCGUGGGGGGCCCAAGUCCUUCUGAUCGAGGCCCAGCCCGUGGACGGUGUGAGGCCG
GUAGCGGCCCCCGGCGCGCCGGGCCCGGGUCUUCCCGGAGUCGGGUUGCUUGGGAAUGCAGCCCAAAGCGGGUGGUAAAC
UCCAUCUAAGGCUAAAUACCGGCACGAGACCGAUAGUCAACAAGUACCGUAAGGGAAAGUUGAAAAGAACUUUGAAGAGA
GAGUUCAAGAGGGCGUGAAACCGUUAAGAGGUAAACGGGUGGGGUCCGCGCAGUCCGCCCGGAGGAUUCAACCCGGCGGC
GGGUCCGGCCGUGUCGGCGGCCCGGCGGAUCUUUCCCGCGCGGGGGACCGUCCCCCGACCGGCGACCGGCCGCCGCCGGG
CGCAUUUCCACCGCGGCGGUGCGCCGCGACCGGCUCCGGGACGGCUGGGAAGGCCCGGCGGGGAAGGUGGCUCGGCCGAG
UGUUACAGCCCCCCCGGCAGCAGCACUCGCCGAAUCCCGGGGCCGAGGGAGCGAGACCCGUCGCCGCGCUCUCCCCCCUC
CCGGCGCCGCCGGGGGGGGCCGGGCCACCCCUCCCACGGCGCGACCGCUCGGGGCGGACUGUCCCCAGUGCGCCCCGGGC
GGGUCGCGCCGUCGGGCCCGGGGGAGGGGCCACGCGCGCGUCCCCCGAAGAGGGGGACGGCGGAGCGAGCGCACGGGGUC
GGCGGCGACGUCGGCUACCCACCCGACCCGUCUUGAAACACGGACCAAGGAGUCUAACACGUGCGCGAGUCGGGGGCUCG
CACGAAAGCCGCCGUGGCGCAAUGAAGGUGAAGGCCGGCGCGCUCGCCGGCCGAGGUGGGAUCCCGAGGCCUCUCCAGUC
CGCCGAGGGCGCACCACCGGCCCGUCUCGCCCGCCGCGCCGGGGAGGUGGAGCACGAGCGCACGUGUUAGGACCCGAAAG
AUGGUGAACUAUGCCUGGGCAGGGCGAAGCCAGAGGAAACUCUGGUGGAGGUCCGUAGCGGUCCUGACGUGCAAAUCGGU
CGUCCGACCUGGGUAUAGGGGCGAAAGACUAAUCGAACCAUCUAGUAGCUGGUUCCCUCCGAAGUUUCCCUCAGGAUAGC
UGGCGCUCUCGCACACGCAGUUUUAUCCGGUAAAGCGAAUGAUUAGAGGUCUUGGGGCCGAAACGAUCUCAACCUAUUCU
CAAACUUUAAAUGGGUAAGAAGCCCGGCUCGCUGGCGUGAGCCGGGCGUGGAAUGGAGUGCCUAGUGGGCCACUUUUGGU
AAGCAGAACUGGCGCUGCGGGAUGAACCGAACGCCGGGUUAAGGCGCCCGAUGCCGACGCUCAUCAGACCCCAGAAAAGG
UGUUGGUUGAUAUAGACAGCAGGACGGUGGCCAUGGAAGUCGGAAUCCGCUAAGGAGUGUGUAACAACUCACCUGCCGAA
UCAACUAGCCCUGAAAAUGGAUGGCGCUGGAGCGUCGGGCCCAUACCCGGCCGUCGCCGGCAGUCGAGAGUGGACGGGAG
CGGCGGGGGCGGCGCGCGCGCGCGCCCGCCCCCGGAGCCCCGCGGACGCUACGCCGCGACGAGUAGGAGGGCCGCUGCGG
UGAGCCUUGAAGCCUAGGGCGCGGGCCCGGGUGGAGCCGCCGCAGGUGCAGAUCUUGGUGGUAGUAGCAAAUAUUCAAAC
GAGAACUUUGAAGGCCGAAGUGGAGAAGGGUUCCAUGUGAACAGCAGUUGAACAUGGGUCAGUCGGUCCUGAGAGAUGGG
CGAGCGCCGUUCCGAAGGGACGGGCGAUGGCCUCCGUUGCCCUCGGCCGAUCGAAAGGGAGUCGGGUUCAGAUCCCCGAA
UCCGGAGUGGCGGAGAUGGGCGCCGCGAGGCGUCCAGUGCGGUAACGCGACCGAUCCCGGAGAAGCCGGCGGGAGCCCCG
GGGAGAGUUCUCUUUUCUUUGUGAAGGGCAGGGCGCCCUGGAAUGGGUUCGCCCCGAGAGAGGGGCCCGUGCCUUGGAAA
GCGUCGCGGUUCCGGCGGCGUCCGGUGAGCUCUCGCUGGCCCUUGAAAAUCCGGGGGAGAGGGUGUAAAUCUCGCGCCGG
GCCGUACCCAUAUCCGCAGCAGGUCUCCAAGGUGAACAGCCUCUGGCAUGUUGGAACAAUGUAGGUAAGGGAAGUCGGCA
AGCCGGAUCCGUAACUUCGGGAUAAGGAUUGGCUCUAAGGGCUGGGUCGGUCGUCGGCCGGCGCCUAGCAGCCGACUUAG
AACUGGUGCGGACCAGGGGAAUCCGACUGUUUAAUUAAAACAAAGCAUCGCGAAGGCCCGCGGCGGGUGUUGACGCGAUG
UGAUUUCUGCCCAGUGCUCUGAAUGUCAAAGUGAAGAAAUUCAAUGAAGCGCGGGUAAACGGCGGGAGUAACUAUGACUC
UCUUAAGGUAGCCAAAUGCCUCGUCAUCUAAUUAGUGACGCGCAUGAAUGGAUGAACGAGAUUCCCACUGUCCCUACCUA
CUAUCCAGCGAAACCACAGCCAAGGGAACGGGCUUGGCGGAAUCAGCGGGGAAAGAAGACCCUGUUGAGCUUGACUCUAG
UCUGGCACGGUGAAGAGACAUGUUUUUUCACUGACCCGGUGAGGCGGGGGGGCGAGCCCCGAGGGGCUCUCGCUUCUGGC
GCCAAGCGCCCGGCCGCGCGCCGGCCGGGCGCGACCCGCUCCGGGGACAGUGCCAGGUGGGGAGUUUGACUGGGGCGGUA
CACCUGUCAAACGGUAACGCAGGUGUCCUAAGGCGAGCUCAGGGAGGACAGAAACCUCCCGUGGAGCAGAAGGGCAAAAG
CUCGCUUGAUCUUGAUUUUCAGUACGAAUACAGACCGUGAAAGCGGGGCCUCACGAUCCUUCUGACCUUUUGGGUUUUAA
GCAGGAGGUGUCAGAAAAGUUACCACAGGGAUAACUGGCUUGUGGCGGCCAAGCGUUCAUAGCGACGUCGCUUUUUGAUC
CUUCGAUGUCGGCUCUUCCUAUCAUUGUGAAGCAGAAUUCACCAAGCGUUGGAUUGUUCACCCACUAAUAGGGAACGUGA
GCUGGGUUUAGACCGUCGUGAGACAGGUUAGUUUUACCCUACUGAUGAUGUGUUGUUGCCAUGGUAAUCCUGCUCAGUAC
GAGAGGAACCGCAGGUUCAGACAUUUGGUGUAUGUGCUUGGCUGAGGAGCCAAUGGGGCGAAGCUACCAUCUGUGGGAUU
AUGACUGAACGCCUCUAAGUCAGAAUCCCGCCCAGGCGGAACGAUACGGCAGCGCCGCGGAGCCUCGGUUGGCCUCGGAU
AGCCGGUCCCCCGCGGGGUCCGGUGCGGAGUGCCCUUCGUCCUGGGAAACGGGGCGCGGCCGGAGAGGCGGCCGCCCCCU
CGCCCGUCACGCACGCCGUUCGUGGGGAACCUGGCGCUAAACCAUUCGUAGACGACCUGCUUCUGGGUCGGGGUUUCGUA
CGUAGCAGAGCAGCUCCCUCGCUGCGAUCUAUUGAAAGUCAGCCCUCGACACAAGGGUUUGU
;
u
46 'polyribonucleotide'
;GUCUACGGCCAUACCACCCUGAACGCGCCCGAUCUCGUCUGAUCUCGGAAGCUAAGCAGGGUCGGGCCUGGUUAGUACUU
GGAUGGGAGACCGCCUGGGAAUACCGGGUGCUGUAGGCUU
;
v
47 'polyribonucleotide'
;CGACUCUUAGCGGUGGAUCACUCGGCUCGUGCGUCGAUGAAGAACGCAGCUAGCUGCGAGAAUUAAUGUGAAUUGCAGGA
CACAUUGAUCAUCGACACUUCGAACGCACUUGCGGCCCCGGGUUCCUCCCGGGGCUACGCCUGUCUGAGCGUCGCU
;
w
48 'polypeptide(L)'
;FLEVIKPFCVILPEIQKPERKIQFKEKVLWTAITLFIFLVCCQIPLFGIMSSDSADPFYWMRVILASNRGTLMELGISPI
VTSGLIMQLLAGAKIIEVGDTPKDRALFNGAQKLFGMIITIGQSIVYVMSGICLLITIQLFVAGLIVLLLDELLQKGYGL
GSGISLFIATNICETIVWKAFSPTTVNTGRGMEFEGAIIALFHLLATRTDKVRALREAFYRQNLPNLMNLIATIFVFAVV
IYFQGFRVDLPIKSARYRGQYNTYPIKLFYTSNIPIILQSALVSNLYVISQMLSARFPVGGLCHYLSPPESFGSVLEDPV
HAVVYIVFMLGSCAFFSKTWIEVSGSSAKDVAKQLKEQQMVMRGHRETSMVHELNRYIPTAAAFGGLCIGALSVLADFLG
AIGSGTGILLAVTIIYQYFEIFVKEQ
;
x
49 'polypeptide(L)' FVEPSRQFVKDSIRLVKRCTKPDRKEFQKIAMATAIGFAIMGFIGFFVKLIHIPINNIIVGG y
50 'polypeptide(L)' VGPVPVLVMSLLFIASVFMLHIWGKYTRS z
51 'polypeptide(L)'
;EPLLVVAAFYILFFTVIIYVRLDFSITKDPAAEARMKVACITEQVLTLVNKRIGLYRHFDETINRYKQSRDVSTLNSGKK
SLETEHKALTSEIASLQSRLKTEGSDLCDKVSEMQKLDAQVKELVLKSAVEAERLV(UNK)(UNK)(UNK)(UNK)
(UNK)(UNK)(UNK)(UNK)(UNK)(UNK)(UNK)(UNK)(UNK)(UNK)(UNK)(UNK)(UNK)(UNK)(UNK)(UNK)
(UNK)(UNK)(UNK)(UNK)(UNK)(UNK)
;
1
52 'polypeptide(L)'
;(UNK)(UNK)(UNK)(UNK)(UNK)(UNK)(UNK)(UNK)(UNK)(UNK)(UNK)(UNK)(UNK)(UNK)(UNK)(UNK)
(UNK)(UNK)(UNK)(UNK)(UNK)(UNK)(UNK)(UNK)(UNK)(UNK)(UNK)(UNK)(UNK)(UNK)(UNK)(UNK)
(UNK)(UNK)(UNK)(UNK)(UNK)(UNK)(UNK)(UNK)(UNK)(UNK)(UNK)(UNK)(UNK)(UNK)(UNK)(UNK)
(UNK)(UNK)(UNK)(UNK)(UNK)(UNK)(UNK)(UNK)(UNK)(UNK)(UNK)(UNK)
;
2
53 'polypeptide(L)'
;AMTVYALVVVSYFLITGGIIYDVIVEPPSVGSMTDEHGHQRPVAFLAYRVNGQYIMEGLASSFLFTMGGLGFIILDRSNA
PNIPKLNRFLLLFIGFVCVLLSFFMARVFMRMKLPGYLMG
;
3
54 'polypeptide(L)' MITDVQLAIFANMLGVSLFLLVVLYHYVAVNNPK 4
55 'polypeptide(L)'
;MTKLGFLRLSYEKQDTLLKLLILSMAAVLSFSTRLFAVLRFESVIHEFDPYFNYRTTRFLAEEGFYKFHNWFDDRAWYPL
GRIIGGTLYPGLMITSAAIYHVLHFFHITIDIRNVCVFLAPLFSSFTTIVTYHLTKELKDAGAGLLAAAMIAVVPGYISR
SVAGSYDNEGIAIFCMLLTYYMWIKAVKTGSIYWAAKCALAYFYMVSSWGGYVFLINLIPLHVLVLMLTGRFSHRIYVAY
CTVYCLGTILSMQISFVGFQPVLSSEHMAAFGVFGLCQIHAFVDYLRSKLNPQQFEVLFRSVISLVGFVLLTVGALLMLT
GKISPWTGRFYSLLDPSYAKNNIPIIASVSEHQPTTWSSYYFDLQLLVFMFPVGLYYCFSNLSDARIFIIMYGVTSMYFS
AVMVRLMLVLAPVMCILSGIGVSQVLSTYMKNLDISRPDKKSKKQQDSTYPIKNEVASGMILVMAFFLITYTFHSTWVTS
EAYSSPSIVLSARGGDGSRIIFDDFREAYYWLRHNTPEDAKVMSWWDYGYQITAMANRTILVDNNTWNNTHISRVGQAMA
STEEKAYEIMRELDVSYVLVIFGGLTGYSSDDINKFLWMVRIGGSTDTGKHIKEHDYYTPTGEFRVDREGSPVLLNCLMY
KMCYYRFGQVYTEAKRPPGFDRVRNAEIGNKDFELDVLEEAYTTEHWLVRIYKVKD
;
5
56 'polypeptide(L)'
;(UNK)(UNK)(UNK)(UNK)(UNK)(UNK)(UNK)(UNK)(UNK)(UNK)(UNK)(UNK)(UNK)(UNK)(UNK)(UNK)
(UNK)(UNK)(UNK)(UNK)(UNK)(UNK)(UNK)(UNK)(UNK)(UNK)(UNK)(UNK)(UNK)(UNK)(UNK)(UNK)
(UNK)(UNK)(UNK)(UNK)(UNK)(UNK)(UNK)(UNK)(UNK)(UNK)(UNK)(UNK)(UNK)(UNK)(UNK)(UNK)
(UNK)(UNK)(UNK)(UNK)(UNK)(UNK)(UNK)(UNK)(UNK)(UNK)(UNK)(UNK)(UNK)(UNK)(UNK)(UNK)
(UNK)(UNK)(UNK)(UNK)(UNK)(UNK)(UNK)(UNK)(UNK)(UNK)(UNK)(UNK)(UNK)(UNK)(UNK)(UNK)
(UNK)(UNK)(UNK)(UNK)(UNK)(UNK)(UNK)(UNK)(UNK)(UNK)(UNK)(UNK)(UNK)(UNK)(UNK)(UNK)
(UNK)
;
6
57 'polypeptide(L)'
;(UNK)(UNK)(UNK)(UNK)(UNK)(UNK)(UNK)(UNK)(UNK)(UNK)(UNK)(UNK)(UNK)(UNK)(UNK)(UNK)
(UNK)(UNK)(UNK)(UNK)(UNK)(UNK)(UNK)(UNK)(UNK)
;
7
58 'polypeptide(L)'
;(UNK)(UNK)(UNK)(UNK)(UNK)(UNK)(UNK)(UNK)(UNK)(UNK)(UNK)(UNK)(UNK)(UNK)(UNK)(UNK)
(UNK)(UNK)(UNK)(UNK)(UNK)(UNK)(UNK)(UNK)(UNK)(UNK)(UNK)(UNK)(UNK)(UNK)(UNK)(UNK)
(UNK)(UNK)(UNK)(UNK)(UNK)(UNK)(UNK)(UNK)(UNK)(UNK)(UNK)(UNK)(UNK)(UNK)(UNK)(UNK)
(UNK)(UNK)(UNK)(UNK)(UNK)(UNK)(UNK)(UNK)(UNK)(UNK)(UNK)(UNK)(UNK)(UNK)(UNK)(UNK)
(UNK)(UNK)(UNK)(UNK)(UNK)(UNK)(UNK)(UNK)(UNK)(UNK)(UNK)(UNK)(UNK)(UNK)(UNK)(UNK)
;
8
#
# COMPACT_ATOMS: atom_id res chain seq x y z
N GLY A 1 2.83 -30.65 -35.51
CA GLY A 1 1.88 -29.57 -35.13
C GLY A 1 0.42 -29.83 -35.45
N ARG A 2 -0.04 -29.29 -36.56
CA ARG A 2 -1.46 -29.31 -36.89
C ARG A 2 -1.89 -30.62 -37.55
N VAL A 3 -3.20 -30.84 -37.49
CA VAL A 3 -3.89 -31.84 -38.29
C VAL A 3 -4.02 -31.25 -39.68
N ILE A 4 -3.53 -31.96 -40.70
CA ILE A 4 -3.43 -31.33 -42.02
C ILE A 4 -4.75 -31.44 -42.79
N ARG A 5 -5.02 -30.44 -43.64
CA ARG A 5 -6.10 -30.54 -44.62
C ARG A 5 -5.87 -31.85 -45.32
N GLY A 6 -6.86 -32.71 -45.30
CA GLY A 6 -6.67 -34.08 -45.77
C GLY A 6 -7.04 -35.00 -44.65
N GLN A 7 -6.34 -34.91 -43.52
CA GLN A 7 -6.81 -35.57 -42.31
C GLN A 7 -8.19 -35.03 -41.96
N ARG A 8 -8.44 -33.75 -42.27
CA ARG A 8 -9.69 -33.09 -41.86
C ARG A 8 -10.91 -33.49 -42.69
N LYS A 9 -10.69 -33.93 -43.93
CA LYS A 9 -11.79 -34.32 -44.79
C LYS A 9 -12.53 -35.57 -44.30
N GLY A 10 -11.82 -36.40 -43.54
CA GLY A 10 -12.43 -37.58 -42.92
C GLY A 10 -13.48 -37.29 -41.89
N ALA A 11 -13.34 -36.19 -41.15
CA ALA A 11 -14.35 -35.83 -40.17
C ALA A 11 -15.67 -35.31 -40.76
N GLY A 12 -15.76 -35.21 -42.09
CA GLY A 12 -16.93 -34.69 -42.74
C GLY A 12 -17.05 -33.20 -42.49
N SER A 13 -18.00 -32.83 -41.63
CA SER A 13 -18.24 -31.43 -41.29
C SER A 13 -18.39 -30.55 -42.54
N VAL A 14 -17.33 -29.87 -42.91
CA VAL A 14 -17.35 -28.90 -43.99
C VAL A 14 -17.14 -29.63 -45.31
N PHE A 15 -16.45 -30.78 -45.27
CA PHE A 15 -16.05 -31.50 -46.47
C PHE A 15 -17.04 -32.60 -46.86
N ARG A 16 -18.18 -32.66 -46.20
CA ARG A 16 -19.26 -33.54 -46.65
C ARG A 16 -19.75 -33.09 -48.02
N ALA A 17 -20.40 -34.02 -48.71
CA ALA A 17 -20.96 -33.77 -50.03
C ALA A 17 -22.21 -32.88 -50.01
N HIS A 18 -22.33 -32.04 -51.04
CA HIS A 18 -23.49 -31.19 -51.24
C HIS A 18 -24.51 -31.98 -52.02
N VAL A 19 -25.68 -32.19 -51.43
CA VAL A 19 -26.65 -33.11 -52.02
C VAL A 19 -28.11 -32.66 -51.90
N LYS A 20 -28.37 -31.36 -51.79
CA LYS A 20 -29.76 -30.89 -51.75
C LYS A 20 -30.44 -31.19 -53.06
N HIS A 21 -29.88 -30.63 -54.13
CA HIS A 21 -30.54 -30.62 -55.44
C HIS A 21 -30.31 -31.88 -56.26
N ARG A 22 -29.50 -32.81 -55.74
CA ARG A 22 -29.32 -34.10 -56.40
C ARG A 22 -30.63 -34.87 -56.48
N LYS A 23 -30.89 -35.44 -57.65
CA LYS A 23 -32.21 -35.96 -57.99
C LYS A 23 -32.46 -37.36 -57.47
N GLY A 24 -31.48 -37.95 -56.78
CA GLY A 24 -31.61 -39.31 -56.31
C GLY A 24 -30.40 -40.10 -56.72
N ALA A 25 -30.34 -41.32 -56.20
CA ALA A 25 -29.35 -42.29 -56.64
C ALA A 25 -29.72 -42.79 -58.02
N ALA A 26 -28.75 -43.38 -58.70
CA ALA A 26 -28.87 -43.71 -60.12
C ALA A 26 -28.76 -45.20 -60.32
N ARG A 27 -29.66 -45.93 -59.69
CA ARG A 27 -29.50 -47.36 -59.52
C ARG A 27 -29.94 -48.11 -60.78
N LEU A 28 -29.92 -49.43 -60.69
CA LEU A 28 -30.69 -50.30 -61.58
C LEU A 28 -31.95 -50.78 -60.84
N ARG A 29 -32.83 -51.40 -61.61
CA ARG A 29 -34.04 -52.00 -61.09
C ARG A 29 -33.63 -53.18 -60.21
N ALA A 30 -34.33 -53.43 -59.11
CA ALA A 30 -34.01 -54.60 -58.26
C ALA A 30 -34.53 -55.88 -58.90
N VAL A 31 -33.79 -56.98 -58.71
CA VAL A 31 -34.16 -58.27 -59.30
C VAL A 31 -35.42 -58.84 -58.68
N ASP A 32 -36.11 -59.63 -59.49
CA ASP A 32 -37.37 -60.26 -59.11
C ASP A 32 -37.67 -61.28 -60.18
N PHE A 33 -38.70 -62.07 -59.94
CA PHE A 33 -39.16 -63.10 -60.87
C PHE A 33 -39.17 -62.67 -62.33
N ALA A 34 -39.75 -61.50 -62.59
CA ALA A 34 -39.88 -60.97 -63.95
C ALA A 34 -38.52 -60.70 -64.60
N GLU A 35 -37.67 -59.96 -63.89
CA GLU A 35 -36.30 -59.72 -64.34
C GLU A 35 -35.53 -61.02 -64.47
N ARG A 36 -35.67 -61.86 -63.46
CA ARG A 36 -34.91 -63.10 -63.35
C ARG A 36 -35.23 -64.07 -64.47
N HIS A 37 -36.51 -64.17 -64.84
CA HIS A 37 -37.00 -65.22 -65.72
C HIS A 37 -37.43 -64.75 -67.09
N GLY A 38 -38.04 -63.58 -67.17
CA GLY A 38 -38.51 -63.03 -68.43
C GLY A 38 -37.87 -61.69 -68.73
N TYR A 39 -38.71 -60.68 -68.94
CA TYR A 39 -38.27 -59.31 -69.11
C TYR A 39 -39.43 -58.39 -68.79
N ILE A 40 -39.19 -57.45 -67.89
CA ILE A 40 -40.18 -56.44 -67.59
C ILE A 40 -39.94 -55.25 -68.52
N LYS A 41 -41.04 -54.67 -69.03
CA LYS A 41 -40.98 -53.50 -69.90
C LYS A 41 -41.32 -52.25 -69.10
N GLY A 42 -40.56 -51.18 -69.33
CA GLY A 42 -40.86 -49.87 -68.74
C GLY A 42 -40.66 -48.80 -69.78
N ILE A 43 -41.16 -47.59 -69.50
CA ILE A 43 -40.96 -46.47 -70.43
C ILE A 43 -40.18 -45.35 -69.79
N VAL A 44 -39.39 -44.69 -70.63
CA VAL A 44 -38.55 -43.57 -70.24
C VAL A 44 -39.42 -42.33 -70.23
N LYS A 45 -39.79 -41.87 -69.04
CA LYS A 45 -40.74 -40.78 -68.91
C LYS A 45 -40.04 -39.46 -69.14
N ASP A 46 -38.82 -39.33 -68.63
CA ASP A 46 -37.96 -38.18 -68.94
C ASP A 46 -36.47 -38.45 -68.76
N ILE A 47 -35.67 -37.52 -69.28
CA ILE A 47 -34.23 -37.51 -69.13
C ILE A 47 -33.87 -36.23 -68.40
N ILE A 48 -32.95 -36.36 -67.45
CA ILE A 48 -32.82 -35.45 -66.32
C ILE A 48 -31.37 -35.02 -66.19
N HIS A 49 -31.13 -33.90 -65.51
CA HIS A 49 -29.78 -33.50 -65.10
C HIS A 49 -29.69 -33.64 -63.61
N ASP A 50 -28.53 -34.06 -63.14
CA ASP A 50 -28.32 -34.42 -61.75
C ASP A 50 -27.07 -33.68 -61.31
N PRO A 51 -27.23 -32.65 -60.46
CA PRO A 51 -26.07 -31.85 -60.10
C PRO A 51 -24.93 -32.63 -59.48
N GLY A 52 -23.71 -32.24 -59.85
CA GLY A 52 -22.50 -32.95 -59.47
C GLY A 52 -22.22 -34.24 -60.23
N ARG A 53 -22.89 -34.41 -61.38
CA ARG A 53 -22.82 -35.63 -62.16
C ARG A 53 -22.80 -35.25 -63.65
N GLY A 54 -21.87 -35.82 -64.41
CA GLY A 54 -21.76 -35.56 -65.85
C GLY A 54 -22.72 -36.36 -66.71
N ALA A 55 -23.05 -37.56 -66.25
CA ALA A 55 -24.05 -38.40 -66.88
C ALA A 55 -25.45 -37.85 -66.59
N PRO A 56 -26.32 -37.84 -67.61
CA PRO A 56 -27.72 -37.56 -67.38
C PRO A 56 -28.43 -38.83 -67.03
N LEU A 57 -29.52 -38.70 -66.28
CA LEU A 57 -30.30 -39.83 -65.81
C LEU A 57 -31.59 -39.99 -66.60
N ALA A 58 -32.33 -41.05 -66.30
CA ALA A 58 -33.58 -41.32 -66.97
C ALA A 58 -34.60 -41.88 -66.00
N LYS A 59 -35.62 -41.07 -65.73
CA LYS A 59 -36.82 -41.54 -65.05
C LYS A 59 -37.40 -42.58 -65.96
N VAL A 60 -37.35 -43.82 -65.49
CA VAL A 60 -37.96 -44.93 -66.19
C VAL A 60 -38.98 -45.58 -65.28
N VAL A 61 -40.21 -45.63 -65.78
CA VAL A 61 -41.35 -46.09 -65.02
C VAL A 61 -41.80 -47.43 -65.54
N PHE A 62 -42.03 -48.35 -64.61
CA PHE A 62 -42.52 -49.68 -64.91
C PHE A 62 -43.88 -49.84 -64.25
N ARG A 63 -44.39 -51.06 -64.22
CA ARG A 63 -45.56 -51.42 -63.45
C ARG A 63 -45.14 -52.49 -62.47
N ASP A 64 -45.34 -52.22 -61.18
CA ASP A 64 -45.11 -53.20 -60.13
C ASP A 64 -46.00 -54.42 -60.46
N PRO A 65 -45.41 -55.64 -60.48
CA PRO A 65 -46.18 -56.81 -60.89
C PRO A 65 -46.80 -57.58 -59.71
N TYR A 66 -47.45 -56.86 -58.80
CA TYR A 66 -48.01 -57.43 -57.56
C TYR A 66 -49.07 -56.52 -56.98
N ARG A 67 -48.74 -55.23 -56.93
CA ARG A 67 -49.70 -54.20 -56.61
C ARG A 67 -49.93 -53.37 -57.85
N PHE A 68 -51.18 -52.97 -58.04
CA PHE A 68 -51.56 -52.00 -59.04
C PHE A 68 -50.93 -50.67 -58.64
N LYS A 69 -49.81 -50.35 -59.27
CA LYS A 69 -48.91 -49.30 -58.78
C LYS A 69 -47.80 -49.09 -59.78
N LYS A 70 -47.59 -47.85 -60.22
CA LYS A 70 -46.55 -47.57 -61.20
C LYS A 70 -45.25 -47.15 -60.52
N ARG A 71 -44.39 -48.13 -60.26
CA ARG A 71 -43.06 -47.89 -59.70
C ARG A 71 -42.16 -47.23 -60.74
N THR A 72 -41.19 -46.46 -60.25
CA THR A 72 -40.26 -45.75 -61.15
C THR A 72 -38.83 -45.82 -60.64
N GLU A 73 -37.89 -45.62 -61.55
CA GLU A 73 -36.47 -45.77 -61.28
C GLU A 73 -35.67 -44.58 -61.81
N LEU A 74 -34.39 -44.51 -61.43
CA LEU A 74 -33.42 -43.61 -62.04
C LEU A 74 -32.27 -44.39 -62.65
N PHE A 75 -32.40 -44.75 -63.92
CA PHE A 75 -31.27 -45.26 -64.66
C PHE A 75 -30.37 -44.12 -65.07
N ILE A 76 -29.07 -44.38 -65.11
CA ILE A 76 -28.12 -43.54 -65.82
C ILE A 76 -28.40 -43.73 -67.30
N ALA A 77 -28.53 -42.63 -68.03
CA ALA A 77 -28.91 -42.68 -69.43
C ALA A 77 -27.82 -43.29 -70.32
N ALA A 78 -28.14 -44.42 -70.96
CA ALA A 78 -27.35 -44.95 -72.07
C ALA A 78 -27.46 -43.97 -73.23
N GLU A 79 -26.36 -43.71 -73.93
CA GLU A 79 -26.38 -42.67 -74.96
C GLU A 79 -27.20 -43.13 -76.15
N GLY A 80 -28.18 -42.31 -76.54
CA GLY A 80 -29.17 -42.67 -77.56
C GLY A 80 -30.50 -43.09 -76.98
N ILE A 81 -30.66 -42.93 -75.67
CA ILE A 81 -31.95 -43.10 -75.01
C ILE A 81 -32.73 -41.85 -75.31
N HIS A 82 -34.05 -41.98 -75.32
CA HIS A 82 -34.90 -40.81 -75.48
C HIS A 82 -36.24 -41.11 -74.87
N THR A 83 -37.05 -40.07 -74.74
CA THR A 83 -38.33 -40.19 -74.07
C THR A 83 -39.31 -40.81 -75.00
N GLY A 84 -40.35 -41.40 -74.41
CA GLY A 84 -41.31 -42.20 -75.16
C GLY A 84 -40.67 -43.42 -75.79
N GLN A 85 -39.61 -43.91 -75.17
CA GLN A 85 -38.98 -45.14 -75.61
C GLN A 85 -39.33 -46.12 -74.52
N PHE A 86 -39.37 -47.40 -74.89
CA PHE A 86 -39.54 -48.47 -73.93
C PHE A 86 -38.18 -49.04 -73.61
N VAL A 87 -38.04 -49.53 -72.38
CA VAL A 87 -36.78 -50.01 -71.85
C VAL A 87 -37.00 -51.36 -71.22
N TYR A 88 -36.66 -52.40 -71.95
CA TYR A 88 -36.99 -53.75 -71.53
C TYR A 88 -35.83 -54.21 -70.67
N CYS A 89 -36.11 -55.04 -69.68
CA CYS A 89 -35.04 -55.57 -68.85
C CYS A 89 -35.37 -56.87 -68.15
N GLY A 90 -34.37 -57.74 -68.13
CA GLY A 90 -34.48 -59.09 -67.61
C GLY A 90 -33.56 -60.03 -68.37
N LYS A 91 -33.71 -61.33 -68.09
CA LYS A 91 -32.90 -62.36 -68.75
C LYS A 91 -33.25 -62.40 -70.22
N LYS A 92 -34.54 -62.52 -70.50
CA LYS A 92 -35.04 -62.61 -71.88
C LYS A 92 -35.20 -61.23 -72.53
N ALA A 93 -34.31 -60.28 -72.19
CA ALA A 93 -34.34 -58.96 -72.77
C ALA A 93 -33.60 -58.98 -74.08
N GLN A 94 -34.08 -58.17 -75.01
CA GLN A 94 -33.57 -58.11 -76.37
C GLN A 94 -32.30 -57.28 -76.35
N LEU A 95 -31.28 -57.71 -77.09
CA LEU A 95 -29.94 -57.11 -76.98
C LEU A 95 -29.83 -55.85 -77.84
N ASN A 96 -30.55 -54.82 -77.42
CA ASN A 96 -30.45 -53.48 -78.02
C ASN A 96 -30.10 -52.50 -76.90
N ILE A 97 -29.91 -51.23 -77.27
CA ILE A 97 -29.39 -50.24 -76.34
C ILE A 97 -30.43 -49.77 -75.32
N GLY A 98 -29.95 -49.44 -74.12
CA GLY A 98 -30.81 -48.98 -73.02
C GLY A 98 -31.75 -50.08 -72.64
N ASN A 99 -31.15 -51.20 -72.25
CA ASN A 99 -31.85 -52.46 -72.12
C ASN A 99 -31.01 -53.27 -71.17
N VAL A 100 -31.44 -53.38 -69.93
CA VAL A 100 -30.57 -53.99 -68.92
C VAL A 100 -30.78 -55.50 -68.89
N LEU A 101 -29.68 -56.22 -69.15
CA LEU A 101 -29.67 -57.67 -69.12
C LEU A 101 -28.37 -58.22 -68.57
N PRO A 102 -28.42 -59.42 -67.96
CA PRO A 102 -27.25 -60.08 -67.39
C PRO A 102 -26.11 -60.24 -68.37
N VAL A 103 -24.90 -60.03 -67.87
CA VAL A 103 -23.69 -60.15 -68.65
C VAL A 103 -23.51 -61.52 -69.28
N GLY A 104 -23.97 -62.56 -68.59
CA GLY A 104 -23.92 -63.94 -69.10
C GLY A 104 -24.67 -64.20 -70.39
N THR A 105 -25.81 -63.53 -70.53
CA THR A 105 -26.61 -63.61 -71.76
C THR A 105 -25.86 -62.98 -72.91
N MET A 106 -25.52 -61.71 -72.74
CA MET A 106 -25.02 -60.91 -73.85
C MET A 106 -23.70 -61.43 -74.40
N PRO A 107 -23.54 -61.37 -75.73
CA PRO A 107 -22.40 -62.01 -76.36
C PRO A 107 -21.08 -61.32 -76.07
N GLU A 108 -19.98 -61.88 -76.54
CA GLU A 108 -18.68 -61.27 -76.37
C GLU A 108 -18.59 -60.01 -77.23
N GLY A 109 -17.74 -59.08 -76.80
CA GLY A 109 -17.61 -57.78 -77.46
C GLY A 109 -18.78 -56.83 -77.23
N THR A 110 -19.64 -57.17 -76.27
CA THR A 110 -20.84 -56.39 -76.04
C THR A 110 -20.53 -55.30 -75.03
N ILE A 111 -20.82 -54.08 -75.45
CA ILE A 111 -20.47 -52.90 -74.70
C ILE A 111 -21.59 -52.65 -73.70
N VAL A 112 -21.25 -52.47 -72.43
CA VAL A 112 -22.24 -52.14 -71.40
C VAL A 112 -21.80 -51.07 -70.45
N CYS A 113 -22.75 -50.60 -69.63
CA CYS A 113 -22.45 -49.71 -68.52
C CYS A 113 -23.44 -49.93 -67.38
N CYS A 114 -23.23 -49.19 -66.29
CA CYS A 114 -23.99 -49.35 -65.06
C CYS A 114 -24.06 -50.82 -64.65
N LEU A 115 -22.90 -51.46 -64.76
CA LEU A 115 -22.77 -52.91 -64.68
C LEU A 115 -22.59 -53.36 -63.24
N GLU A 116 -23.40 -54.33 -62.83
CA GLU A 116 -23.39 -54.79 -61.45
C GLU A 116 -22.07 -55.49 -61.09
N GLU A 117 -21.38 -54.99 -60.08
CA GLU A 117 -20.11 -55.59 -59.65
C GLU A 117 -20.38 -56.93 -58.96
N LYS A 118 -21.45 -56.98 -58.17
CA LYS A 118 -21.90 -58.21 -57.54
C LYS A 118 -23.41 -58.35 -57.71
N PRO A 119 -23.87 -59.57 -58.03
CA PRO A 119 -25.27 -59.74 -58.41
C PRO A 119 -26.24 -59.14 -57.40
N GLY A 120 -27.21 -58.38 -57.92
CA GLY A 120 -28.17 -57.65 -57.10
C GLY A 120 -27.71 -56.34 -56.48
N ASP A 121 -26.51 -55.86 -56.80
CA ASP A 121 -26.04 -54.60 -56.19
C ASP A 121 -26.70 -53.33 -56.70
N ARG A 122 -27.38 -53.43 -57.84
CA ARG A 122 -28.02 -52.30 -58.52
C ARG A 122 -27.01 -51.28 -59.14
N GLY A 123 -26.04 -51.78 -59.89
CA GLY A 123 -25.32 -50.98 -60.90
C GLY A 123 -24.18 -50.12 -60.39
N LYS A 124 -22.97 -50.68 -60.41
CA LYS A 124 -21.81 -50.11 -59.72
C LYS A 124 -20.58 -49.72 -60.57
N LEU A 125 -20.25 -50.51 -61.59
CA LEU A 125 -19.09 -50.25 -62.43
C LEU A 125 -19.52 -49.42 -63.62
N ALA A 126 -18.63 -48.58 -64.12
CA ALA A 126 -18.81 -47.90 -65.41
C ALA A 126 -20.11 -47.13 -65.53
N ARG A 127 -20.18 -46.01 -64.83
CA ARG A 127 -21.42 -45.22 -64.76
C ARG A 127 -21.13 -43.73 -64.66
N ALA A 128 -20.08 -43.32 -65.39
CA ALA A 128 -19.44 -42.04 -65.19
C ALA A 128 -19.97 -40.99 -66.14
N SER A 129 -19.60 -41.07 -67.41
CA SER A 129 -20.16 -40.16 -68.42
C SER A 129 -19.91 -40.64 -69.83
N GLY A 130 -18.64 -40.83 -70.21
CA GLY A 130 -18.30 -41.39 -71.52
C GLY A 130 -17.82 -42.83 -71.44
N ASN A 131 -18.17 -43.50 -70.35
CA ASN A 131 -17.50 -44.73 -69.96
C ASN A 131 -18.36 -45.94 -70.17
N TYR A 132 -17.68 -47.08 -70.28
CA TYR A 132 -18.34 -48.35 -70.46
C TYR A 132 -17.37 -49.47 -70.19
N ALA A 133 -17.94 -50.66 -70.06
CA ALA A 133 -17.19 -51.88 -69.95
C ALA A 133 -17.50 -52.72 -71.16
N THR A 134 -16.62 -53.68 -71.42
CA THR A 134 -16.83 -54.66 -72.49
C THR A 134 -16.79 -56.06 -71.90
N VAL A 135 -17.80 -56.85 -72.26
CA VAL A 135 -17.87 -58.24 -71.85
C VAL A 135 -16.85 -58.97 -72.69
N ILE A 136 -15.84 -59.52 -72.03
CA ILE A 136 -14.79 -60.26 -72.70
C ILE A 136 -15.30 -61.65 -73.02
N SER A 137 -15.41 -62.49 -72.00
CA SER A 137 -15.48 -63.93 -72.20
C SER A 137 -16.18 -64.64 -71.08
N HIS A 138 -16.88 -65.71 -71.42
CA HIS A 138 -17.71 -66.42 -70.48
C HIS A 138 -17.15 -67.80 -70.16
N ASN A 139 -17.27 -68.17 -68.90
CA ASN A 139 -17.05 -69.54 -68.46
C ASN A 139 -18.42 -70.11 -68.07
N PRO A 140 -19.07 -70.89 -68.97
CA PRO A 140 -20.42 -71.42 -68.71
C PRO A 140 -20.59 -72.15 -67.38
N GLU A 141 -19.69 -73.09 -67.08
CA GLU A 141 -19.57 -73.64 -65.72
C GLU A 141 -18.73 -72.67 -64.90
N THR A 142 -18.99 -72.64 -63.60
CA THR A 142 -18.63 -71.53 -62.69
C THR A 142 -19.56 -70.30 -62.85
N LYS A 143 -20.34 -70.26 -63.93
CA LYS A 143 -21.33 -69.20 -64.16
C LYS A 143 -20.67 -67.82 -64.08
N LYS A 144 -19.46 -67.69 -64.63
CA LYS A 144 -18.68 -66.46 -64.50
C LYS A 144 -18.29 -65.86 -65.83
N THR A 145 -18.10 -64.54 -65.80
CA THR A 145 -17.78 -63.77 -66.98
C THR A 145 -16.62 -62.84 -66.67
N ARG A 146 -15.78 -62.62 -67.69
CA ARG A 146 -14.65 -61.72 -67.60
C ARG A 146 -15.06 -60.43 -68.27
N VAL A 147 -14.77 -59.29 -67.64
CA VAL A 147 -15.19 -57.99 -68.15
C VAL A 147 -14.02 -57.02 -68.12
N LYS A 148 -13.85 -56.26 -69.20
CA LYS A 148 -12.80 -55.23 -69.26
C LYS A 148 -13.34 -53.87 -68.85
N LEU A 149 -12.85 -53.36 -67.73
CA LEU A 149 -13.31 -52.09 -67.17
C LEU A 149 -12.64 -50.92 -67.86
N PRO A 150 -13.21 -49.72 -67.73
CA PRO A 150 -12.59 -48.53 -68.32
C PRO A 150 -11.17 -48.21 -67.82
N SER A 151 -10.82 -48.60 -66.60
CA SER A 151 -9.46 -48.41 -66.08
C SER A 151 -8.44 -49.26 -66.81
N GLY A 152 -8.91 -50.33 -67.45
CA GLY A 152 -8.08 -51.23 -68.21
C GLY A 152 -8.15 -52.63 -67.64
N SER A 153 -8.23 -52.70 -66.31
CA SER A 153 -8.32 -53.96 -65.58
C SER A 153 -9.40 -54.90 -66.12
N LYS A 154 -9.13 -56.19 -65.99
CA LYS A 154 -9.98 -57.24 -66.57
C LYS A 154 -10.53 -58.10 -65.45
N LYS A 155 -11.59 -57.57 -64.85
CA LYS A 155 -12.20 -58.14 -63.67
C LYS A 155 -13.10 -59.32 -64.01
N VAL A 156 -13.10 -60.29 -63.11
CA VAL A 156 -13.98 -61.46 -63.20
C VAL A 156 -15.26 -61.18 -62.41
N ILE A 157 -16.36 -61.73 -62.90
CA ILE A 157 -17.69 -61.30 -62.52
C ILE A 157 -18.64 -62.49 -62.66
N SER A 158 -19.68 -62.50 -61.83
CA SER A 158 -20.74 -63.51 -61.94
C SER A 158 -21.59 -63.24 -63.18
N SER A 159 -21.83 -64.28 -63.96
CA SER A 159 -22.60 -64.16 -65.18
C SER A 159 -24.04 -63.70 -64.94
N ALA A 160 -24.55 -63.93 -63.73
CA ALA A 160 -25.87 -63.43 -63.36
C ALA A 160 -25.98 -61.92 -63.30
N ASN A 161 -24.90 -61.21 -62.98
CA ASN A 161 -25.04 -59.80 -62.63
C ASN A 161 -25.25 -58.90 -63.85
N ARG A 162 -26.15 -57.91 -63.74
CA ARG A 162 -26.69 -57.22 -64.91
C ARG A 162 -25.93 -55.98 -65.28
N ALA A 163 -26.26 -55.48 -66.47
CA ALA A 163 -25.68 -54.27 -67.02
C ALA A 163 -26.61 -53.71 -68.07
N VAL A 164 -26.55 -52.39 -68.28
CA VAL A 164 -27.31 -51.77 -69.36
C VAL A 164 -26.43 -51.75 -70.59
N VAL A 165 -27.01 -52.16 -71.70
CA VAL A 165 -26.30 -52.19 -72.97
C VAL A 165 -26.06 -50.76 -73.40
N GLY A 166 -24.90 -50.53 -74.01
CA GLY A 166 -24.53 -49.20 -74.51
C GLY A 166 -23.64 -48.48 -73.54
N VAL A 167 -23.10 -47.37 -74.01
CA VAL A 167 -22.22 -46.52 -73.22
C VAL A 167 -23.03 -45.47 -72.47
N VAL A 168 -22.36 -44.79 -71.54
CA VAL A 168 -23.00 -43.75 -70.74
C VAL A 168 -23.08 -42.48 -71.58
N ALA A 169 -24.13 -41.70 -71.33
CA ALA A 169 -24.37 -40.47 -72.07
C ALA A 169 -23.58 -39.29 -71.53
N GLY A 170 -23.36 -38.32 -72.40
CA GLY A 170 -22.65 -37.08 -72.07
C GLY A 170 -21.14 -37.22 -72.19
N GLY A 171 -20.70 -38.02 -73.15
CA GLY A 171 -19.28 -38.31 -73.31
C GLY A 171 -18.51 -37.16 -73.95
N GLY A 172 -17.23 -37.11 -73.63
CA GLY A 172 -16.32 -36.07 -74.12
C GLY A 172 -16.46 -34.75 -73.40
N ARG A 173 -17.08 -34.79 -72.22
CA ARG A 173 -17.21 -33.62 -71.38
C ARG A 173 -15.86 -32.93 -71.19
N ILE A 174 -14.88 -33.73 -70.78
CA ILE A 174 -13.51 -33.25 -70.49
C ILE A 174 -12.64 -32.81 -71.68
N ASP A 175 -13.20 -32.75 -72.88
CA ASP A 175 -12.48 -32.17 -74.01
C ASP A 175 -12.48 -30.64 -73.96
N LYS A 176 -13.54 -30.06 -73.40
CA LYS A 176 -13.63 -28.60 -73.29
C LYS A 176 -12.69 -28.12 -72.20
N PRO A 177 -11.85 -27.13 -72.51
CA PRO A 177 -11.13 -26.42 -71.48
C PRO A 177 -12.09 -25.73 -70.54
N ILE A 178 -11.69 -25.57 -69.30
CA ILE A 178 -12.51 -24.83 -68.35
C ILE A 178 -12.34 -23.33 -68.56
N LEU A 179 -11.09 -22.91 -68.80
CA LEU A 179 -10.70 -21.49 -68.81
C LEU A 179 -10.87 -20.84 -67.42
N LYS A 180 -12.03 -20.28 -67.13
CA LYS A 180 -12.18 -19.40 -65.99
C LYS A 180 -12.12 -20.17 -64.66
N ALA A 181 -11.31 -19.70 -63.73
CA ALA A 181 -11.38 -20.16 -62.34
C ALA A 181 -12.84 -20.24 -61.90
N GLY A 182 -13.59 -19.19 -62.22
CA GLY A 182 -15.02 -19.17 -61.97
C GLY A 182 -15.71 -20.42 -62.43
N ARG A 183 -15.38 -20.87 -63.63
CA ARG A 183 -15.98 -22.08 -64.20
C ARG A 183 -15.61 -23.31 -63.38
N ALA A 184 -14.44 -23.31 -62.78
CA ALA A 184 -14.05 -24.36 -61.83
C ALA A 184 -14.85 -24.25 -60.56
N TYR A 185 -14.86 -23.05 -59.98
CA TYR A 185 -15.65 -22.79 -58.79
C TYR A 185 -17.08 -23.34 -58.95
N HIS A 186 -17.73 -23.03 -60.05
CA HIS A 186 -19.11 -23.45 -60.29
C HIS A 186 -19.29 -24.94 -60.47
N LYS A 187 -18.26 -25.63 -60.93
CA LYS A 187 -18.31 -27.08 -61.01
C LYS A 187 -18.40 -27.71 -59.62
N TYR A 188 -17.42 -27.41 -58.79
CA TYR A 188 -17.27 -28.09 -57.49
C TYR A 188 -18.27 -27.65 -56.44
N LYS A 189 -18.90 -26.50 -56.64
CA LYS A 189 -19.90 -26.00 -55.70
C LYS A 189 -21.12 -26.89 -55.69
N ALA A 190 -21.49 -27.44 -56.84
CA ALA A 190 -22.55 -28.44 -56.90
C ALA A 190 -22.09 -29.85 -56.53
N LYS A 191 -20.91 -29.98 -55.90
CA LYS A 191 -20.36 -31.26 -55.50
C LYS A 191 -19.94 -31.22 -54.04
N ARG A 192 -18.76 -30.66 -53.76
CA ARG A 192 -18.21 -30.65 -52.40
C ARG A 192 -17.03 -29.72 -52.29
N ASN A 193 -16.74 -29.37 -51.05
CA ASN A 193 -15.71 -28.42 -50.74
C ASN A 193 -14.34 -29.06 -50.95
N CYS A 194 -13.89 -29.02 -52.19
CA CYS A 194 -12.62 -29.59 -52.59
C CYS A 194 -11.82 -28.71 -53.51
N TRP A 195 -12.31 -27.51 -53.85
CA TRP A 195 -11.64 -26.73 -54.89
C TRP A 195 -10.47 -25.92 -54.32
N PRO A 196 -10.44 -24.59 -54.48
CA PRO A 196 -9.14 -23.98 -54.70
C PRO A 196 -8.12 -24.56 -53.75
N ARG A 197 -7.18 -25.32 -54.31
CA ARG A 197 -6.36 -26.26 -53.56
C ARG A 197 -4.97 -25.67 -53.36
N VAL A 198 -4.52 -25.66 -52.12
CA VAL A 198 -3.28 -24.99 -51.77
C VAL A 198 -2.13 -25.98 -51.62
N ARG A 199 -1.00 -25.68 -52.26
CA ARG A 199 0.07 -26.66 -52.36
C ARG A 199 0.81 -26.68 -51.06
N GLY A 200 1.00 -27.88 -50.53
CA GLY A 200 1.69 -28.11 -49.28
C GLY A 200 3.03 -27.42 -49.18
N VAL A 201 3.69 -27.24 -50.31
CA VAL A 201 4.87 -26.40 -50.40
C VAL A 201 4.62 -24.95 -49.90
N ALA A 202 3.44 -24.41 -50.20
CA ALA A 202 3.00 -23.09 -49.72
C ALA A 202 2.89 -22.96 -48.20
N MET A 203 2.52 -24.05 -47.56
CA MET A 203 2.11 -24.01 -46.18
C MET A 203 3.31 -23.91 -45.27
N ASN A 204 3.05 -23.47 -44.04
CA ASN A 204 4.07 -23.48 -43.00
C ASN A 204 4.28 -24.94 -42.60
N PRO A 205 5.41 -25.25 -41.96
CA PRO A 205 5.69 -26.65 -41.74
C PRO A 205 4.94 -27.26 -40.57
N VAL A 206 3.90 -26.61 -40.05
CA VAL A 206 3.08 -27.21 -39.02
C VAL A 206 1.85 -27.85 -39.62
N GLU A 207 1.41 -27.37 -40.78
CA GLU A 207 0.17 -27.84 -41.41
C GLU A 207 0.40 -28.76 -42.59
N HIS A 208 1.65 -29.06 -42.93
CA HIS A 208 1.94 -29.98 -44.00
C HIS A 208 3.38 -30.43 -43.90
N PRO A 209 3.68 -31.66 -44.33
CA PRO A 209 5.06 -32.11 -44.18
C PRO A 209 6.04 -31.48 -45.16
N PHE A 210 5.56 -30.95 -46.27
CA PHE A 210 6.42 -30.24 -47.22
C PHE A 210 6.67 -28.79 -46.84
N GLY A 211 5.89 -28.27 -45.88
CA GLY A 211 5.92 -26.85 -45.53
C GLY A 211 7.24 -26.30 -45.02
N GLY A 212 7.25 -25.00 -44.72
CA GLY A 212 8.48 -24.31 -44.33
C GLY A 212 9.57 -24.29 -45.40
N GLY A 213 10.73 -23.76 -45.00
CA GLY A 213 11.87 -23.52 -45.90
C GLY A 213 11.95 -22.04 -46.24
N ASN A 214 13.15 -21.58 -46.60
CA ASN A 214 13.34 -20.24 -47.17
C ASN A 214 13.08 -20.22 -48.67
N HIS A 215 13.00 -21.40 -49.28
CA HIS A 215 12.59 -21.57 -50.67
C HIS A 215 11.49 -22.60 -50.72
N GLN A 216 10.42 -22.30 -51.46
CA GLN A 216 9.31 -23.26 -51.67
C GLN A 216 9.82 -24.55 -52.33
N HIS A 217 10.42 -25.42 -51.53
CA HIS A 217 10.86 -26.72 -52.00
C HIS A 217 10.25 -27.80 -51.14
N ILE A 218 10.36 -29.05 -51.58
CA ILE A 218 9.78 -30.15 -50.83
C ILE A 218 10.72 -30.54 -49.70
N GLY A 219 11.99 -30.73 -50.01
CA GLY A 219 12.99 -30.98 -48.97
C GLY A 219 13.23 -32.46 -48.71
N LYS A 220 12.16 -33.25 -48.71
CA LYS A 220 12.27 -34.71 -48.67
C LYS A 220 11.72 -35.26 -49.99
N PRO A 221 11.94 -36.56 -50.27
CA PRO A 221 11.30 -37.20 -51.42
C PRO A 221 9.79 -37.17 -51.34
N SER A 222 9.16 -36.76 -52.44
CA SER A 222 7.72 -36.66 -52.52
C SER A 222 7.00 -38.00 -52.76
N THR A 223 7.75 -39.07 -53.02
CA THR A 223 7.20 -40.43 -52.99
C THR A 223 7.19 -40.92 -51.58
N ILE A 224 6.33 -41.87 -51.25
CA ILE A 224 6.17 -42.28 -49.86
C ILE A 224 5.55 -43.67 -49.66
N ARG A 225 5.88 -44.31 -48.53
CA ARG A 225 5.35 -45.61 -48.16
C ARG A 225 3.85 -45.51 -48.16
N ARG A 226 3.16 -46.65 -48.28
CA ARG A 226 1.76 -46.68 -47.86
C ARG A 226 1.51 -47.33 -46.51
N ASP A 227 2.58 -47.85 -45.90
CA ASP A 227 2.62 -48.12 -44.48
C ASP A 227 3.04 -46.81 -43.82
N ALA A 228 2.21 -45.79 -43.97
CA ALA A 228 2.58 -44.41 -43.66
C ALA A 228 1.48 -43.78 -42.85
N PRO A 229 1.82 -43.22 -41.67
CA PRO A 229 0.77 -42.72 -40.80
C PRO A 229 0.15 -41.45 -41.39
N ALA A 230 -1.17 -41.35 -41.26
CA ALA A 230 -1.95 -40.29 -41.91
C ALA A 230 -1.60 -38.92 -41.33
N GLY A 231 -1.01 -38.08 -42.17
CA GLY A 231 -0.25 -36.92 -41.68
C GLY A 231 1.08 -36.77 -42.37
N ARG A 232 1.68 -37.90 -42.78
CA ARG A 232 2.81 -37.93 -43.71
C ARG A 232 2.44 -38.35 -45.12
N LYS A 233 1.44 -39.24 -45.25
CA LYS A 233 1.09 -39.87 -46.54
C LYS A 233 0.51 -38.81 -47.47
N VAL A 234 1.41 -38.24 -48.25
CA VAL A 234 1.26 -36.94 -48.87
C VAL A 234 2.21 -36.97 -50.06
N GLY A 235 1.82 -36.37 -51.17
CA GLY A 235 2.63 -36.46 -52.39
C GLY A 235 2.23 -37.64 -53.24
N LEU A 236 3.16 -38.56 -53.45
CA LEU A 236 2.96 -39.69 -54.34
C LEU A 236 2.97 -40.96 -53.52
N ILE A 237 1.79 -41.54 -53.34
CA ILE A 237 1.63 -42.63 -52.41
C ILE A 237 2.00 -43.91 -53.09
N ALA A 238 2.91 -44.68 -52.48
CA ALA A 238 3.29 -45.99 -52.98
C ALA A 238 3.69 -45.99 -54.45
N ALA A 239 4.28 -44.88 -54.89
CA ALA A 239 4.51 -44.61 -56.30
C ALA A 239 5.49 -45.60 -56.90
N ARG A 240 4.98 -46.50 -57.72
CA ARG A 240 5.78 -47.58 -58.26
C ARG A 240 6.91 -47.05 -59.13
N ARG A 241 6.55 -46.22 -60.10
CA ARG A 241 7.50 -45.41 -60.86
C ARG A 241 6.95 -44.02 -60.71
N THR A 242 7.74 -42.99 -60.96
CA THR A 242 7.26 -41.63 -60.69
C THR A 242 7.26 -40.64 -61.89
N GLY A 243 8.24 -40.69 -62.77
CA GLY A 243 8.35 -39.67 -63.84
C GLY A 243 7.36 -39.67 -65.00
N ARG A 244 7.77 -39.03 -66.08
CA ARG A 244 7.03 -38.89 -67.34
C ARG A 244 6.82 -40.25 -68.06
N SER B 1 29.94 16.65 -35.34
CA SER B 1 30.70 16.94 -36.58
C SER B 1 30.48 18.37 -37.04
N HIS B 2 31.42 18.84 -37.86
CA HIS B 2 31.29 20.12 -38.54
C HIS B 2 30.04 20.14 -39.41
N ARG B 3 29.53 21.35 -39.64
CA ARG B 3 28.45 21.58 -40.59
C ARG B 3 29.08 21.37 -41.95
N LYS B 4 28.38 20.67 -42.86
CA LYS B 4 28.99 20.26 -44.13
C LYS B 4 29.38 21.43 -45.00
N PHE B 5 28.35 22.12 -45.50
CA PHE B 5 28.54 23.15 -46.50
C PHE B 5 28.39 24.46 -45.79
N SER B 6 29.43 25.27 -45.83
CA SER B 6 29.42 26.53 -45.11
C SER B 6 28.41 27.50 -45.70
N ALA B 7 28.04 28.46 -44.86
CA ALA B 7 27.17 29.54 -45.27
C ALA B 7 27.21 30.60 -44.17
N PRO B 8 27.15 31.88 -44.57
CA PRO B 8 27.17 32.95 -43.58
C PRO B 8 25.87 32.99 -42.81
N ARG B 9 25.96 33.43 -41.56
CA ARG B 9 24.85 33.25 -40.61
C ARG B 9 23.77 34.29 -40.89
N HIS B 10 22.52 33.97 -40.52
CA HIS B 10 21.38 34.85 -40.79
C HIS B 10 21.24 35.95 -39.75
N GLY B 11 21.09 37.19 -40.20
CA GLY B 11 20.88 38.33 -39.31
C GLY B 11 22.13 38.75 -38.55
N SER B 12 22.14 39.99 -38.05
CA SER B 12 23.28 40.51 -37.30
C SER B 12 23.02 40.52 -35.83
N LEU B 13 24.00 40.03 -35.08
CA LEU B 13 24.01 40.17 -33.64
C LEU B 13 24.21 41.62 -33.23
N GLY B 14 24.80 42.47 -34.08
CA GLY B 14 24.99 43.88 -33.75
C GLY B 14 23.72 44.72 -33.70
N PHE B 15 22.62 44.12 -33.25
CA PHE B 15 21.31 44.73 -33.29
C PHE B 15 20.34 44.10 -32.33
N LEU B 16 20.80 43.60 -31.19
CA LEU B 16 19.89 42.75 -30.45
C LEU B 16 19.88 42.68 -28.98
N PRO B 17 18.90 43.36 -28.44
CA PRO B 17 17.78 42.58 -28.05
C PRO B 17 16.72 43.03 -29.07
N ARG B 18 16.31 42.14 -29.96
CA ARG B 18 15.33 42.48 -31.01
C ARG B 18 13.96 42.61 -30.38
N LYS B 19 13.84 43.69 -29.61
CA LYS B 19 12.73 43.96 -28.73
C LYS B 19 12.12 45.25 -29.19
N ARG B 20 10.97 45.54 -28.61
CA ARG B 20 10.22 46.71 -28.96
C ARG B 20 10.92 47.88 -28.28
N SER B 21 11.28 48.91 -29.06
CA SER B 21 12.05 50.03 -28.52
C SER B 21 11.30 50.71 -27.41
N SER B 22 12.03 51.12 -26.38
CA SER B 22 11.42 51.85 -25.27
C SER B 22 10.87 53.17 -25.79
N ARG B 23 11.72 53.89 -26.49
CA ARG B 23 11.35 55.19 -27.03
C ARG B 23 10.51 55.03 -28.29
N HIS B 24 9.77 56.10 -28.61
CA HIS B 24 9.10 56.27 -29.89
C HIS B 24 9.90 57.26 -30.73
N ARG B 25 10.18 58.42 -30.15
CA ARG B 25 11.07 59.40 -30.75
C ARG B 25 12.49 58.86 -30.69
N GLY B 26 13.09 58.66 -31.86
CA GLY B 26 14.46 58.15 -31.95
C GLY B 26 15.50 59.07 -31.34
N LYS B 27 16.28 58.53 -30.39
CA LYS B 27 17.33 59.28 -29.71
C LYS B 27 18.53 59.50 -30.62
N VAL B 28 19.14 60.68 -30.53
CA VAL B 28 20.46 60.90 -31.10
C VAL B 28 21.50 60.35 -30.12
N LYS B 29 22.05 59.19 -30.47
CA LYS B 29 22.97 58.48 -29.60
C LYS B 29 24.36 59.10 -29.54
N SER B 30 24.72 59.86 -30.57
CA SER B 30 25.92 60.72 -30.55
C SER B 30 25.75 61.92 -31.44
N PHE B 31 25.96 63.11 -30.89
CA PHE B 31 26.09 64.31 -31.70
C PHE B 31 27.51 64.37 -32.23
N PRO B 32 27.72 65.09 -33.33
CA PRO B 32 29.08 65.29 -33.84
C PRO B 32 30.01 66.02 -32.87
N LYS B 33 31.32 65.86 -33.07
CA LYS B 33 32.31 66.54 -32.23
C LYS B 33 32.36 68.02 -32.57
N ASP B 34 31.96 68.84 -31.60
CA ASP B 34 32.09 70.29 -31.76
C ASP B 34 33.56 70.69 -31.79
N ASP B 35 34.09 70.88 -33.00
CA ASP B 35 35.35 71.56 -33.09
C ASP B 35 35.05 72.91 -32.49
N PRO B 36 36.00 73.40 -31.60
CA PRO B 36 35.81 74.82 -31.30
C PRO B 36 36.60 75.59 -32.31
N SER B 37 35.87 76.18 -33.26
CA SER B 37 36.48 77.08 -34.23
C SER B 37 35.44 77.69 -35.16
N LYS B 38 34.78 76.84 -35.93
CA LYS B 38 33.65 77.23 -36.78
C LYS B 38 32.52 77.79 -35.91
N PRO B 39 31.60 78.59 -36.49
CA PRO B 39 30.65 79.31 -35.65
C PRO B 39 29.59 78.37 -35.08
N VAL B 40 28.74 78.90 -34.22
CA VAL B 40 27.73 78.07 -33.56
C VAL B 40 26.60 77.64 -34.49
N HIS B 41 26.01 76.49 -34.17
CA HIS B 41 24.89 75.96 -34.94
C HIS B 41 24.18 74.85 -34.19
N LEU B 42 23.00 74.50 -34.69
CA LEU B 42 22.28 73.31 -34.25
C LEU B 42 22.70 72.12 -35.10
N THR B 43 22.74 70.95 -34.47
CA THR B 43 23.23 69.72 -35.07
C THR B 43 22.13 68.78 -35.49
N ALA B 44 20.91 69.05 -35.05
CA ALA B 44 19.80 68.11 -35.21
C ALA B 44 18.51 68.85 -35.45
N PHE B 45 17.54 68.11 -35.97
CA PHE B 45 16.20 68.62 -36.15
C PHE B 45 15.21 67.49 -35.96
N LEU B 46 13.93 67.82 -35.87
CA LEU B 46 12.89 66.84 -35.63
C LEU B 46 11.78 67.04 -36.65
N GLY B 47 11.70 66.13 -37.62
CA GLY B 47 10.70 66.19 -38.68
C GLY B 47 9.63 65.13 -38.56
N TYR B 48 8.86 64.94 -39.62
CA TYR B 48 7.82 63.92 -39.68
C TYR B 48 7.71 63.30 -41.06
N LYS B 49 7.74 61.96 -41.12
CA LYS B 49 7.65 61.24 -42.40
C LYS B 49 6.24 61.35 -42.99
N ALA B 50 6.07 62.27 -43.93
CA ALA B 50 4.78 62.48 -44.60
C ALA B 50 4.58 61.50 -45.75
N GLY B 51 5.58 61.36 -46.62
CA GLY B 51 5.50 60.39 -47.71
C GLY B 51 6.61 60.40 -48.73
N MET B 52 6.58 59.39 -49.61
CA MET B 52 7.60 59.17 -50.64
C MET B 52 7.23 59.89 -51.95
N THR B 53 8.03 59.67 -53.01
CA THR B 53 7.68 59.98 -54.43
C THR B 53 8.92 59.87 -55.36
N HIS B 54 8.75 60.18 -56.65
CA HIS B 54 9.90 60.30 -57.57
C HIS B 54 10.57 61.65 -57.51
N ILE B 55 11.71 61.67 -58.18
CA ILE B 55 12.33 62.85 -58.69
C ILE B 55 12.83 62.42 -60.05
N VAL B 56 13.32 63.37 -60.82
CA VAL B 56 14.08 63.08 -62.03
C VAL B 56 15.27 63.99 -61.91
N ARG B 57 16.45 63.52 -62.29
CA ARG B 57 17.58 64.42 -62.33
C ARG B 57 18.68 64.03 -63.30
N GLU B 58 19.33 65.05 -63.86
CA GLU B 58 20.61 64.88 -64.53
C GLU B 58 21.63 64.53 -63.47
N VAL B 59 22.45 63.53 -63.76
CA VAL B 59 23.48 63.08 -62.84
C VAL B 59 24.82 63.50 -63.39
N ASP B 60 25.73 63.88 -62.50
CA ASP B 60 27.06 64.30 -62.89
C ASP B 60 28.11 63.56 -62.04
N ARG B 61 28.23 62.26 -62.29
CA ARG B 61 29.44 61.50 -61.91
C ARG B 61 30.11 61.03 -63.20
N PRO B 62 31.15 61.76 -63.64
CA PRO B 62 31.90 61.38 -64.84
C PRO B 62 32.62 60.06 -64.69
N GLY B 63 32.49 59.22 -65.71
CA GLY B 63 33.02 57.86 -65.67
C GLY B 63 31.88 56.88 -65.78
N SER B 64 30.84 57.10 -64.99
CA SER B 64 29.66 56.25 -65.00
C SER B 64 29.05 56.16 -66.38
N LYS B 65 28.28 55.11 -66.59
CA LYS B 65 27.51 55.00 -67.83
C LYS B 65 26.36 56.00 -67.80
N VAL B 66 25.90 56.37 -66.60
CA VAL B 66 24.79 57.28 -66.40
C VAL B 66 25.21 58.77 -66.33
N ASN B 67 26.42 59.10 -66.78
CA ASN B 67 26.88 60.50 -66.78
C ASN B 67 26.12 61.33 -67.80
N LYS B 68 25.52 62.41 -67.33
CA LYS B 68 24.68 63.31 -68.14
C LYS B 68 23.44 62.60 -68.68
N LYS B 69 22.91 61.66 -67.89
CA LYS B 69 21.71 60.91 -68.24
C LYS B 69 20.68 61.10 -67.14
N GLU B 70 19.46 61.48 -67.53
CA GLU B 70 18.41 61.74 -66.55
C GLU B 70 17.96 60.43 -65.95
N VAL B 71 18.26 60.24 -64.67
CA VAL B 71 17.72 59.11 -63.91
C VAL B 71 16.49 59.56 -63.15
N VAL B 72 15.67 58.61 -62.73
CA VAL B 72 14.67 58.88 -61.72
C VAL B 72 15.20 58.34 -60.41
N GLU B 73 14.51 58.64 -59.33
CA GLU B 73 15.04 58.47 -57.99
C GLU B 73 13.90 58.60 -57.01
N ALA B 74 13.81 57.72 -56.03
CA ALA B 74 12.79 57.87 -55.00
C ALA B 74 13.29 58.84 -53.95
N VAL B 75 12.36 59.40 -53.20
CA VAL B 75 12.66 60.42 -52.18
C VAL B 75 11.64 60.38 -51.05
N THR B 76 12.05 60.73 -49.83
CA THR B 76 11.08 60.94 -48.74
C THR B 76 10.90 62.41 -48.51
N ILE B 77 9.64 62.81 -48.32
CA ILE B 77 9.28 64.12 -47.85
C ILE B 77 9.20 64.00 -46.35
N VAL B 78 10.01 64.77 -45.64
CA VAL B 78 9.92 64.87 -44.19
C VAL B 78 9.39 66.26 -43.87
N GLU B 79 8.09 66.36 -43.59
CA GLU B 79 7.49 67.65 -43.26
C GLU B 79 8.10 68.09 -41.94
N THR B 80 8.68 69.30 -41.96
CA THR B 80 9.53 69.80 -40.88
C THR B 80 9.15 71.25 -40.55
N PRO B 81 8.02 71.45 -39.84
CA PRO B 81 7.68 72.82 -39.44
C PRO B 81 8.61 73.25 -38.31
N PRO B 82 8.94 74.55 -38.27
CA PRO B 82 10.01 75.06 -37.40
C PRO B 82 9.81 74.72 -35.93
N MET B 83 10.92 74.44 -35.23
CA MET B 83 10.89 74.11 -33.80
C MET B 83 11.00 75.37 -32.97
N VAL B 84 10.60 75.29 -31.71
CA VAL B 84 10.71 76.41 -30.79
C VAL B 84 11.64 76.04 -29.66
N VAL B 85 12.67 76.85 -29.49
CA VAL B 85 13.61 76.68 -28.40
C VAL B 85 12.92 77.16 -27.15
N VAL B 86 12.87 76.31 -26.14
CA VAL B 86 12.24 76.62 -24.87
C VAL B 86 13.15 76.31 -23.69
N GLY B 87 14.43 76.13 -23.96
CA GLY B 87 15.34 75.73 -22.92
C GLY B 87 16.75 75.51 -23.39
N ILE B 88 17.64 75.51 -22.43
CA ILE B 88 19.02 75.12 -22.60
C ILE B 88 19.30 74.22 -21.40
N VAL B 89 20.38 73.47 -21.48
CA VAL B 89 20.70 72.54 -20.41
C VAL B 89 22.19 72.19 -20.47
N GLY B 90 22.89 72.63 -19.45
CA GLY B 90 24.33 72.51 -19.38
C GLY B 90 24.75 71.15 -18.88
N TYR B 91 25.85 70.65 -19.44
CA TYR B 91 26.46 69.41 -19.05
C TYR B 91 27.89 69.65 -18.62
N VAL B 92 28.42 68.75 -17.81
CA VAL B 92 29.81 68.81 -17.38
C VAL B 92 30.44 67.43 -17.49
N GLU B 93 31.70 67.39 -17.94
CA GLU B 93 32.44 66.14 -18.04
C GLU B 93 32.81 65.67 -16.65
N THR B 94 32.76 64.36 -16.46
CA THR B 94 33.22 63.72 -15.23
C THR B 94 33.95 62.47 -15.66
N PRO B 95 34.73 61.86 -14.75
CA PRO B 95 35.21 60.53 -15.08
C PRO B 95 34.08 59.50 -15.09
N ARG B 96 32.97 59.78 -14.40
CA ARG B 96 31.82 58.87 -14.47
C ARG B 96 31.14 58.95 -15.84
N GLY B 97 31.13 60.13 -16.44
CA GLY B 97 30.46 60.32 -17.73
C GLY B 97 30.29 61.77 -18.13
N LEU B 98 29.05 62.24 -18.15
CA LEU B 98 28.70 63.55 -18.69
C LEU B 98 27.44 64.06 -18.02
N ARG B 99 27.61 64.50 -16.77
CA ARG B 99 26.48 64.83 -15.90
C ARG B 99 25.73 66.05 -16.40
N THR B 100 24.40 65.97 -16.46
CA THR B 100 23.60 67.20 -16.64
C THR B 100 23.76 68.06 -15.39
N PHE B 101 23.96 69.35 -15.62
CA PHE B 101 24.48 70.29 -14.62
C PHE B 101 23.46 71.34 -14.19
N LYS B 102 22.75 71.91 -15.17
CA LYS B 102 21.81 73.00 -14.91
C LYS B 102 20.89 73.17 -16.11
N THR B 103 19.59 73.15 -15.87
CA THR B 103 18.58 73.33 -16.91
C THR B 103 17.88 74.66 -16.67
N VAL B 104 18.03 75.60 -17.60
CA VAL B 104 17.28 76.83 -17.57
C VAL B 104 16.22 76.75 -18.64
N PHE B 105 14.97 76.87 -18.21
CA PHE B 105 13.85 76.90 -19.12
C PHE B 105 13.51 78.34 -19.45
N ALA B 106 12.87 78.52 -20.60
CA ALA B 106 12.41 79.82 -21.03
C ALA B 106 11.29 80.34 -20.10
N GLU B 107 10.80 81.56 -20.37
CA GLU B 107 9.63 82.08 -19.64
C GLU B 107 8.36 81.41 -20.14
N HIS B 108 7.90 81.80 -21.31
CA HIS B 108 6.62 81.36 -21.82
C HIS B 108 6.82 80.03 -22.50
N ILE B 109 5.89 79.11 -22.28
CA ILE B 109 5.92 77.79 -22.89
C ILE B 109 4.50 77.47 -23.40
N SER B 110 4.42 77.07 -24.67
CA SER B 110 3.15 76.74 -25.33
C SER B 110 2.41 75.59 -24.68
N ASP B 111 1.10 75.55 -24.89
CA ASP B 111 0.31 74.37 -24.55
C ASP B 111 0.63 73.20 -25.47
N GLU B 112 1.16 73.47 -26.67
CA GLU B 112 1.77 72.42 -27.50
C GLU B 112 2.81 71.64 -26.69
N CYS B 113 3.67 72.39 -26.02
CA CYS B 113 4.78 71.82 -25.27
C CYS B 113 4.29 71.30 -23.93
N LYS B 114 3.54 72.14 -23.21
CA LYS B 114 3.01 71.78 -21.88
C LYS B 114 2.23 70.48 -21.89
N ARG B 115 1.51 70.22 -22.98
CA ARG B 115 0.87 68.93 -23.21
C ARG B 115 1.79 67.79 -22.77
N ARG B 116 3.01 67.78 -23.31
CA ARG B 116 3.97 66.69 -23.08
C ARG B 116 4.12 66.31 -21.63
N PHE B 117 4.08 67.30 -20.75
CA PHE B 117 4.40 67.09 -19.35
C PHE B 117 3.31 66.39 -18.52
N TYR B 118 2.09 66.24 -19.07
CA TYR B 118 0.99 65.50 -18.43
C TYR B 118 0.61 64.27 -19.24
N LYS B 119 0.41 63.14 -18.57
CA LYS B 119 -0.19 61.96 -19.19
C LYS B 119 -1.67 62.14 -19.53
N ASN B 120 -2.38 63.02 -18.83
CA ASN B 120 -3.78 63.31 -19.15
C ASN B 120 -4.08 64.78 -18.95
N TRP B 121 -4.17 65.48 -20.07
CA TRP B 121 -4.30 66.94 -20.11
C TRP B 121 -5.72 67.36 -19.82
N HIS B 122 -6.67 66.64 -20.41
CA HIS B 122 -8.08 66.84 -20.11
C HIS B 122 -8.35 66.92 -18.62
N LYS B 123 -7.69 66.04 -17.87
CA LYS B 123 -7.93 65.90 -16.44
C LYS B 123 -7.05 66.82 -15.57
N SER B 124 -5.93 67.29 -16.10
CA SER B 124 -5.05 68.21 -15.37
C SER B 124 -5.63 69.61 -15.25
N LYS B 125 -5.06 70.39 -14.34
CA LYS B 125 -5.35 71.81 -14.24
C LYS B 125 -4.28 72.64 -14.95
N LYS B 126 -3.29 71.96 -15.54
CA LYS B 126 -2.32 72.55 -16.45
C LYS B 126 -1.46 73.55 -15.67
N LYS B 127 -0.89 73.05 -14.57
CA LYS B 127 -0.19 73.85 -13.58
C LYS B 127 1.33 73.76 -13.66
N ALA B 128 1.87 73.29 -14.79
CA ALA B 128 3.33 73.08 -14.94
C ALA B 128 4.05 74.40 -15.19
N PHE B 129 5.31 74.46 -14.78
CA PHE B 129 6.14 75.67 -14.91
C PHE B 129 5.38 76.95 -14.52
N THR B 130 4.55 76.84 -13.49
CA THR B 130 3.69 77.94 -13.08
C THR B 130 4.41 78.74 -12.03
N LYS B 131 4.93 78.04 -11.04
CA LYS B 131 5.81 78.67 -10.06
C LYS B 131 7.20 78.92 -10.63
N TYR B 132 7.54 78.27 -11.74
CA TYR B 132 8.80 78.55 -12.43
C TYR B 132 8.80 79.95 -13.00
N CYS B 133 7.82 80.24 -13.85
CA CYS B 133 7.79 81.50 -14.61
C CYS B 133 7.71 82.77 -13.76
N LYS B 134 7.30 82.63 -12.49
CA LYS B 134 7.48 83.70 -11.49
C LYS B 134 8.91 84.24 -11.41
N LYS B 135 9.90 83.36 -11.57
CA LYS B 135 11.32 83.75 -11.58
C LYS B 135 11.66 84.83 -12.60
N TRP B 136 11.08 84.73 -13.79
CA TRP B 136 11.45 85.62 -14.89
C TRP B 136 10.95 87.08 -14.78
N GLN B 137 10.22 87.43 -13.71
CA GLN B 137 9.87 88.83 -13.46
C GLN B 137 9.97 89.23 -11.97
N ASP B 138 11.21 89.27 -11.50
CA ASP B 138 11.59 89.93 -10.24
C ASP B 138 13.10 90.12 -10.17
N ASP B 139 13.57 90.84 -9.17
CA ASP B 139 15.00 91.03 -8.95
C ASP B 139 15.68 89.72 -8.54
N ALA B 140 15.07 89.03 -7.56
CA ALA B 140 15.61 87.80 -7.00
C ALA B 140 15.81 86.71 -8.04
N GLY B 141 14.75 86.42 -8.78
CA GLY B 141 14.76 85.35 -9.77
C GLY B 141 15.72 85.63 -10.90
N LYS B 142 15.54 86.79 -11.54
CA LYS B 142 16.41 87.19 -12.65
C LYS B 142 17.89 87.15 -12.29
N ARG B 143 18.21 87.51 -11.05
CA ARG B 143 19.58 87.42 -10.54
C ARG B 143 20.04 85.98 -10.41
N GLN B 144 19.20 85.12 -9.83
CA GLN B 144 19.51 83.69 -9.71
C GLN B 144 19.68 83.04 -11.08
N LEU B 145 18.76 83.36 -12.00
CA LEU B 145 18.88 82.98 -13.41
C LEU B 145 20.26 83.33 -14.00
N ASP B 146 20.69 84.57 -13.79
CA ASP B 146 21.98 85.06 -14.30
C ASP B 146 23.15 84.31 -13.69
N LYS B 147 23.08 84.06 -12.38
CA LYS B 147 24.07 83.27 -11.66
C LYS B 147 24.12 81.82 -12.16
N ASP B 148 22.96 81.25 -12.50
CA ASP B 148 22.88 79.92 -13.11
C ASP B 148 23.59 79.90 -14.46
N PHE B 149 23.28 80.89 -15.30
CA PHE B 149 23.96 81.03 -16.59
C PHE B 149 25.44 81.30 -16.45
N SER B 150 25.81 82.07 -15.45
CA SER B 150 27.22 82.31 -15.17
C SER B 150 27.92 81.03 -14.76
N SER B 151 27.29 80.27 -13.86
CA SER B 151 27.83 78.98 -13.42
C SER B 151 28.06 78.05 -14.61
N MET B 152 27.07 77.96 -15.49
CA MET B 152 27.19 77.19 -16.73
C MET B 152 28.35 77.66 -17.60
N LYS B 153 28.55 78.97 -17.63
CA LYS B 153 29.71 79.54 -18.28
C LYS B 153 31.01 79.08 -17.62
N LYS B 154 31.06 79.09 -16.28
CA LYS B 154 32.27 78.64 -15.60
C LYS B 154 32.58 77.17 -15.84
N TYR B 155 31.55 76.33 -15.73
CA TYR B 155 31.76 74.91 -15.45
C TYR B 155 31.48 74.03 -16.65
N CYS B 156 30.37 74.30 -17.31
CA CYS B 156 29.87 73.42 -18.37
C CYS B 156 30.79 73.34 -19.58
N GLN B 157 30.59 72.28 -20.35
CA GLN B 157 31.40 71.98 -21.53
C GLN B 157 30.47 71.80 -22.73
N VAL B 158 29.55 70.85 -22.60
CA VAL B 158 28.56 70.57 -23.62
C VAL B 158 27.34 71.39 -23.25
N ILE B 159 26.74 72.00 -24.26
CA ILE B 159 25.48 72.72 -24.11
C ILE B 159 24.51 72.19 -25.14
N ARG B 160 23.34 71.77 -24.67
CA ARG B 160 22.26 71.39 -25.55
C ARG B 160 21.12 72.34 -25.31
N VAL B 161 20.51 72.76 -26.41
CA VAL B 161 19.30 73.52 -26.38
C VAL B 161 18.22 72.47 -26.25
N LEU B 162 17.10 72.87 -25.67
CA LEU B 162 15.89 72.07 -25.68
C LEU B 162 14.97 72.84 -26.59
N ALA B 163 14.50 72.16 -27.62
CA ALA B 163 13.46 72.69 -28.47
C ALA B 163 12.33 71.69 -28.53
N HIS B 164 11.26 72.10 -29.20
CA HIS B 164 10.12 71.24 -29.42
C HIS B 164 9.40 71.60 -30.68
N THR B 165 8.57 70.66 -31.12
CA THR B 165 7.88 70.78 -32.38
C THR B 165 6.70 71.73 -32.28
N GLN B 166 6.15 72.04 -33.44
CA GLN B 166 5.01 72.93 -33.55
C GLN B 166 3.87 72.04 -34.05
N MET B 167 3.40 71.20 -33.13
CA MET B 167 2.41 70.17 -33.44
C MET B 167 1.13 70.77 -34.02
N ARG B 168 0.84 72.00 -33.60
CA ARG B 168 -0.17 72.90 -34.17
C ARG B 168 -0.29 72.92 -35.70
N LEU B 169 0.85 72.97 -36.38
CA LEU B 169 0.91 73.23 -37.83
C LEU B 169 0.84 71.99 -38.72
N LEU B 170 0.56 70.83 -38.12
CA LEU B 170 0.62 69.57 -38.83
C LEU B 170 -0.78 69.00 -39.08
N PRO B 171 -0.88 68.04 -40.03
CA PRO B 171 -2.12 67.33 -40.27
C PRO B 171 -2.33 66.14 -39.33
N LEU B 172 -1.36 65.87 -38.46
CA LEU B 172 -1.48 64.81 -37.46
C LEU B 172 -2.58 65.07 -36.44
N ARG B 173 -3.03 63.99 -35.81
CA ARG B 173 -4.03 64.05 -34.77
C ARG B 173 -3.48 64.71 -33.52
N GLN B 174 -2.28 64.32 -33.13
CA GLN B 174 -1.76 64.70 -31.83
C GLN B 174 -1.42 66.18 -31.71
N LYS B 175 -1.62 66.71 -30.51
CA LYS B 175 -1.29 68.08 -30.13
C LYS B 175 -0.04 68.14 -29.24
N LYS B 176 0.30 67.01 -28.62
CA LYS B 176 1.35 66.93 -27.63
C LYS B 176 2.67 66.97 -28.34
N ALA B 177 3.32 68.13 -28.29
CA ALA B 177 4.49 68.38 -29.13
C ALA B 177 5.73 67.72 -28.54
N HIS B 178 6.52 67.11 -29.44
CA HIS B 178 7.74 66.42 -29.05
C HIS B 178 8.82 67.41 -28.68
N LEU B 179 9.36 67.30 -27.47
CA LEU B 179 10.58 68.02 -27.10
C LEU B 179 11.74 67.16 -27.49
N MET B 180 12.93 67.75 -27.38
CA MET B 180 14.16 67.07 -27.71
C MET B 180 15.33 67.97 -27.34
N GLU B 181 16.39 67.36 -26.82
CA GLU B 181 17.63 68.09 -26.60
C GLU B 181 18.44 68.09 -27.88
N ILE B 182 18.91 69.26 -28.31
CA ILE B 182 19.73 69.39 -29.50
C ILE B 182 21.00 70.12 -29.14
N GLN B 183 22.13 69.64 -29.64
CA GLN B 183 23.41 70.14 -29.19
C GLN B 183 23.94 71.30 -30.03
N VAL B 184 24.42 72.31 -29.33
CA VAL B 184 24.96 73.52 -29.92
C VAL B 184 26.44 73.28 -30.07
N ASN B 185 26.90 73.22 -31.32
CA ASN B 185 28.29 72.91 -31.61
C ASN B 185 28.91 74.11 -32.30
N GLY B 186 29.96 74.65 -31.71
CA GLY B 186 30.57 75.87 -32.24
C GLY B 186 31.73 76.39 -31.41
N GLY B 187 31.75 77.70 -31.19
CA GLY B 187 32.84 78.37 -30.50
C GLY B 187 32.86 78.09 -29.01
N THR B 188 33.45 78.99 -28.25
CA THR B 188 33.58 78.81 -26.80
C THR B 188 32.23 78.80 -26.11
N VAL B 189 32.18 78.13 -24.96
CA VAL B 189 30.94 77.84 -24.25
C VAL B 189 30.16 79.12 -23.86
N ALA B 190 30.89 80.16 -23.48
CA ALA B 190 30.29 81.46 -23.17
C ALA B 190 29.60 82.11 -24.38
N GLU B 191 30.23 82.00 -25.55
CA GLU B 191 29.64 82.41 -26.83
C GLU B 191 28.47 81.51 -27.18
N LYS B 192 28.72 80.20 -27.06
CA LYS B 192 27.76 79.12 -27.31
C LYS B 192 26.45 79.27 -26.53
N LEU B 193 26.58 79.68 -25.27
CA LEU B 193 25.44 79.82 -24.36
C LEU B 193 24.66 81.10 -24.65
N ASP B 194 25.36 82.20 -24.92
CA ASP B 194 24.68 83.47 -25.24
C ASP B 194 23.98 83.45 -26.60
N TRP B 195 24.35 82.52 -27.47
CA TRP B 195 23.61 82.28 -28.69
C TRP B 195 22.26 81.63 -28.37
N ALA B 196 22.30 80.57 -27.57
CA ALA B 196 21.08 79.85 -27.17
C ALA B 196 20.17 80.67 -26.23
N ARG B 197 20.78 81.57 -25.45
CA ARG B 197 20.03 82.50 -24.61
C ARG B 197 19.29 83.57 -25.43
N GLU B 198 19.86 83.93 -26.59
CA GLU B 198 19.21 84.82 -27.56
C GLU B 198 18.08 84.12 -28.31
N ARG B 199 18.28 82.84 -28.64
CA ARG B 199 17.29 82.05 -29.37
C ARG B 199 16.08 81.61 -28.53
N LEU B 200 16.05 81.93 -27.24
CA LEU B 200 15.06 81.35 -26.34
C LEU B 200 13.65 81.85 -26.66
N GLU B 201 12.68 80.93 -26.64
CA GLU B 201 11.28 81.15 -27.05
C GLU B 201 11.07 81.38 -28.56
N GLN B 202 12.12 81.29 -29.36
CA GLN B 202 12.09 81.72 -30.76
C GLN B 202 11.87 80.54 -31.69
N GLN B 203 11.38 80.82 -32.89
CA GLN B 203 11.30 79.81 -33.95
C GLN B 203 12.69 79.45 -34.39
N VAL B 204 12.86 78.22 -34.88
CA VAL B 204 14.02 77.85 -35.66
C VAL B 204 13.52 76.99 -36.82
N PRO B 205 13.71 77.47 -38.06
CA PRO B 205 13.40 76.67 -39.25
C PRO B 205 14.51 75.72 -39.71
N VAL B 206 14.17 74.91 -40.71
CA VAL B 206 14.98 73.77 -41.15
C VAL B 206 16.24 74.22 -41.86
N SER B 207 16.07 75.20 -42.74
CA SER B 207 17.18 75.79 -43.49
C SER B 207 18.31 76.36 -42.62
N GLN B 208 18.01 76.71 -41.37
CA GLN B 208 19.03 77.19 -40.43
C GLN B 208 19.93 76.06 -39.96
N VAL B 209 19.37 74.86 -39.82
CA VAL B 209 20.16 73.65 -39.52
C VAL B 209 20.83 73.15 -40.81
N PHE B 210 20.04 72.65 -41.74
CA PHE B 210 20.57 71.96 -42.92
C PHE B 210 20.63 72.81 -44.18
N GLY B 211 21.44 72.34 -45.11
CA GLY B 211 21.56 72.91 -46.45
C GLY B 211 21.39 71.82 -47.49
N GLN B 212 21.35 72.24 -48.75
CA GLN B 212 21.05 71.32 -49.85
C GLN B 212 22.25 70.44 -50.11
N ASP B 213 22.03 69.34 -50.82
CA ASP B 213 23.05 68.32 -51.12
C ASP B 213 23.99 68.09 -49.92
N GLU B 214 23.38 67.76 -48.79
CA GLU B 214 24.07 67.50 -47.55
C GLU B 214 23.67 66.10 -47.05
N MET B 215 24.66 65.28 -46.71
CA MET B 215 24.40 63.95 -46.14
C MET B 215 23.98 64.15 -44.70
N ILE B 216 22.85 63.58 -44.33
CA ILE B 216 22.38 63.63 -42.96
C ILE B 216 21.94 62.26 -42.54
N ASP B 217 21.90 62.05 -41.23
CA ASP B 217 21.55 60.76 -40.68
C ASP B 217 20.14 60.84 -40.13
N VAL B 218 19.29 59.93 -40.59
CA VAL B 218 17.90 59.86 -40.16
C VAL B 218 17.88 58.91 -38.98
N ILE B 219 17.20 59.32 -37.92
CA ILE B 219 17.11 58.52 -36.73
C ILE B 219 15.64 58.37 -36.39
N GLY B 220 15.19 57.13 -36.25
CA GLY B 220 13.80 56.88 -35.95
C GLY B 220 13.51 55.47 -35.51
N VAL B 221 12.22 55.20 -35.30
CA VAL B 221 11.78 53.86 -34.94
C VAL B 221 11.14 53.22 -36.12
N THR B 222 11.43 51.93 -36.27
CA THR B 222 11.06 51.16 -37.44
C THR B 222 9.57 50.86 -37.42
N LYS B 223 9.01 50.70 -38.62
CA LYS B 223 7.63 50.29 -38.78
C LYS B 223 7.45 48.91 -38.14
N GLY B 224 6.67 48.87 -37.05
CA GLY B 224 6.52 47.68 -36.22
C GLY B 224 5.63 46.60 -36.82
N LYS B 225 5.97 45.34 -36.57
CA LYS B 225 5.28 44.18 -37.18
C LYS B 225 4.86 43.10 -36.19
N GLY B 226 4.89 43.39 -34.89
CA GLY B 226 4.32 42.51 -33.87
C GLY B 226 5.15 41.27 -33.59
N TYR B 227 4.49 40.23 -33.10
CA TYR B 227 5.12 38.92 -32.97
C TYR B 227 5.31 38.38 -34.40
N LYS B 228 6.51 37.89 -34.68
CA LYS B 228 6.81 37.27 -35.94
C LYS B 228 7.66 36.05 -35.74
N GLY B 229 7.45 35.07 -36.60
CA GLY B 229 8.17 33.84 -36.54
C GLY B 229 9.57 34.02 -37.04
N VAL B 230 10.35 32.99 -36.81
CA VAL B 230 11.77 33.02 -37.08
C VAL B 230 12.04 33.20 -38.55
N THR B 231 11.18 32.66 -39.41
CA THR B 231 11.36 32.78 -40.85
C THR B 231 11.19 34.23 -41.30
N SER B 232 10.30 34.98 -40.65
CA SER B 232 10.14 36.40 -40.96
C SER B 232 11.23 37.23 -40.30
N ARG B 233 11.42 37.00 -39.00
CA ARG B 233 12.26 37.81 -38.15
C ARG B 233 13.75 37.59 -38.33
N TRP B 234 14.13 36.41 -38.81
CA TRP B 234 15.54 36.11 -39.09
C TRP B 234 15.84 35.71 -40.53
N HIS B 235 14.81 35.51 -41.35
CA HIS B 235 14.97 35.04 -42.72
C HIS B 235 15.70 33.72 -42.77
N THR B 236 15.30 32.82 -41.88
CA THR B 236 15.82 31.47 -41.88
C THR B 236 15.17 30.75 -43.04
N LYS B 237 15.83 29.71 -43.52
CA LYS B 237 15.24 28.82 -44.51
C LYS B 237 13.89 28.36 -44.02
N LYS B 238 12.92 28.24 -44.92
CA LYS B 238 11.76 27.41 -44.63
C LYS B 238 12.26 25.98 -44.72
N LEU B 239 11.66 25.11 -43.91
CA LEU B 239 11.83 23.67 -44.09
C LEU B 239 10.86 23.23 -45.18
N PRO B 240 11.05 22.00 -45.70
CA PRO B 240 10.21 21.55 -46.81
C PRO B 240 8.78 21.20 -46.42
N ARG B 241 8.02 20.80 -47.43
CA ARG B 241 6.60 20.42 -47.33
C ARG B 241 6.29 19.34 -46.30
N LYS B 242 7.14 18.31 -46.24
CA LYS B 242 6.86 17.12 -45.45
C LYS B 242 7.06 17.26 -43.94
N THR B 243 7.62 18.37 -43.49
CA THR B 243 7.91 18.56 -42.08
C THR B 243 6.65 18.46 -41.22
N HIS B 244 6.67 17.54 -40.23
CA HIS B 244 5.47 17.16 -39.44
C HIS B 244 5.04 18.19 -38.41
N ARG B 245 5.99 18.74 -37.66
CA ARG B 245 5.67 19.79 -36.69
C ARG B 245 6.08 21.13 -37.27
N GLY B 246 5.50 21.48 -38.43
CA GLY B 246 5.67 22.80 -39.01
C GLY B 246 7.03 23.06 -39.61
N LEU B 247 7.09 24.12 -40.42
CA LEU B 247 8.21 24.34 -41.31
C LEU B 247 8.75 25.77 -41.44
N ARG B 248 8.20 26.70 -40.67
CA ARG B 248 8.73 28.07 -40.59
C ARG B 248 9.48 28.20 -39.28
N LYS B 249 10.50 27.34 -39.16
CA LYS B 249 11.18 27.11 -37.90
C LYS B 249 12.63 26.92 -38.20
N VAL B 250 13.43 26.85 -37.15
CA VAL B 250 14.80 26.39 -37.26
C VAL B 250 14.77 24.98 -36.72
N ALA B 251 15.50 24.07 -37.35
CA ALA B 251 15.42 22.66 -37.00
C ALA B 251 16.26 22.37 -35.77
N CYS B 252 17.56 22.59 -35.91
CA CYS B 252 18.48 22.47 -34.80
C CYS B 252 18.67 23.83 -34.16
N ILE B 253 18.09 24.03 -32.99
CA ILE B 253 18.35 25.22 -32.21
C ILE B 253 19.83 25.21 -31.99
N GLY B 254 20.31 24.20 -31.27
CA GLY B 254 21.70 24.13 -30.87
C GLY B 254 22.20 22.72 -30.72
N ALA B 255 23.51 22.62 -30.55
CA ALA B 255 24.15 21.37 -30.23
C ALA B 255 23.66 20.91 -28.87
N TRP B 256 23.85 19.63 -28.59
CA TRP B 256 23.74 19.11 -27.24
C TRP B 256 24.51 20.03 -26.28
N HIS B 257 25.83 20.07 -26.39
CA HIS B 257 26.61 20.17 -25.17
C HIS B 257 27.12 21.48 -24.60
N PRO B 258 27.05 22.57 -25.33
CA PRO B 258 26.77 23.74 -24.50
C PRO B 258 25.26 23.63 -24.28
N ALA B 259 24.86 23.16 -23.10
CA ALA B 259 23.52 22.59 -22.90
C ALA B 259 22.53 23.63 -22.50
N ARG B 260 22.40 24.60 -23.38
CA ARG B 260 21.68 25.82 -23.14
C ARG B 260 21.45 26.22 -24.56
N VAL B 261 20.45 27.05 -24.81
CA VAL B 261 20.32 27.58 -26.16
C VAL B 261 20.96 28.94 -26.12
N ALA B 262 21.79 29.20 -27.12
CA ALA B 262 22.63 30.38 -27.14
C ALA B 262 21.84 31.59 -27.56
N PHE B 263 22.41 32.75 -27.27
CA PHE B 263 21.83 34.03 -27.68
C PHE B 263 21.91 34.25 -29.20
N SER B 264 22.83 33.55 -29.85
CA SER B 264 23.00 33.65 -31.30
C SER B 264 22.01 32.81 -32.12
N VAL B 265 21.22 31.96 -31.47
CA VAL B 265 20.25 31.10 -32.18
C VAL B 265 18.99 31.88 -32.48
N ALA B 266 18.36 31.58 -33.61
CA ALA B 266 17.23 32.36 -34.09
C ALA B 266 15.94 31.91 -33.44
N ARG B 267 15.24 32.86 -32.81
CA ARG B 267 13.94 32.59 -32.18
C ARG B 267 12.91 33.62 -32.62
N ALA B 268 11.65 33.24 -32.51
CA ALA B 268 10.54 34.12 -32.86
C ALA B 268 10.30 35.12 -31.74
N GLY B 269 10.03 36.36 -32.14
CA GLY B 269 9.78 37.45 -31.19
C GLY B 269 9.31 38.71 -31.89
N GLN B 270 9.59 39.85 -31.30
CA GLN B 270 9.12 41.13 -31.83
C GLN B 270 9.87 41.46 -33.08
N LYS B 271 9.14 41.66 -34.17
CA LYS B 271 9.72 42.11 -35.43
C LYS B 271 9.22 43.50 -35.68
N GLY B 272 10.14 44.46 -35.63
CA GLY B 272 9.85 45.86 -35.93
C GLY B 272 9.74 46.70 -34.69
N TYR B 273 9.49 47.99 -34.90
CA TYR B 273 9.46 48.99 -33.84
C TYR B 273 10.77 48.99 -33.04
N HIS B 274 11.85 48.85 -33.79
CA HIS B 274 13.20 48.96 -33.28
C HIS B 274 13.73 50.35 -33.55
N HIS B 275 14.72 50.74 -32.76
CA HIS B 275 15.40 52.01 -32.96
C HIS B 275 16.51 51.82 -33.95
N ARG B 276 16.63 52.74 -34.91
CA ARG B 276 17.58 52.58 -36.02
C ARG B 276 18.06 53.91 -36.58
N THR B 277 19.37 54.01 -36.83
CA THR B 277 20.02 55.26 -37.25
C THR B 277 20.68 55.02 -38.60
N GLU B 278 19.88 55.18 -39.65
CA GLU B 278 20.37 55.10 -41.02
C GLU B 278 21.13 56.37 -41.35
N ILE B 279 22.30 56.23 -41.96
CA ILE B 279 23.18 57.36 -42.22
C ILE B 279 23.26 57.67 -43.70
N ASN B 280 23.87 58.80 -44.03
CA ASN B 280 24.10 59.21 -45.41
C ASN B 280 22.84 59.24 -46.31
N LYS B 281 21.90 60.09 -45.95
CA LYS B 281 20.69 60.29 -46.74
C LYS B 281 20.72 61.72 -47.25
N LYS B 282 21.09 61.87 -48.52
CA LYS B 282 21.36 63.20 -49.11
C LYS B 282 20.11 64.04 -49.30
N ILE B 283 20.18 65.29 -48.84
CA ILE B 283 19.07 66.22 -49.02
C ILE B 283 19.10 66.76 -50.45
N TYR B 284 18.13 66.31 -51.24
CA TYR B 284 17.91 66.79 -52.60
C TYR B 284 17.22 68.15 -52.59
N LYS B 285 16.24 68.31 -51.71
CA LYS B 285 15.47 69.53 -51.70
C LYS B 285 14.97 69.92 -50.32
N ILE B 286 15.40 71.10 -49.88
CA ILE B 286 14.78 71.78 -48.77
C ILE B 286 13.71 72.70 -49.35
N GLY B 287 12.45 72.40 -49.06
CA GLY B 287 11.33 73.03 -49.75
C GLY B 287 10.63 74.07 -48.89
N GLN B 288 10.38 75.24 -49.47
CA GLN B 288 9.72 76.34 -48.78
C GLN B 288 8.23 76.09 -48.68
N GLY B 289 7.67 76.33 -47.50
CA GLY B 289 6.26 76.07 -47.24
C GLY B 289 5.33 77.08 -47.90
N TYR B 290 4.02 76.83 -47.78
CA TYR B 290 3.02 77.76 -48.29
C TYR B 290 3.16 79.08 -47.55
N LEU B 291 3.02 80.19 -48.25
CA LEU B 291 3.04 81.51 -47.63
C LEU B 291 2.22 82.52 -48.42
N ILE B 292 1.95 83.67 -47.78
CA ILE B 292 1.05 84.67 -48.32
C ILE B 292 1.75 86.02 -48.41
N LYS B 293 1.76 86.58 -49.62
CA LYS B 293 2.09 88.00 -49.84
C LYS B 293 0.84 88.77 -50.31
N ASP B 294 0.08 88.17 -51.24
CA ASP B 294 -1.26 88.65 -51.60
C ASP B 294 -2.21 87.44 -51.67
N GLY B 295 -1.89 86.49 -52.56
CA GLY B 295 -2.52 85.16 -52.57
C GLY B 295 -1.53 84.13 -52.07
N LYS B 296 -1.93 82.85 -52.12
CA LYS B 296 -1.05 81.74 -51.72
C LYS B 296 0.17 81.61 -52.62
N LEU B 297 1.27 81.14 -52.04
CA LEU B 297 2.42 80.67 -52.80
C LEU B 297 2.58 79.18 -52.57
N ILE B 298 1.79 78.44 -53.33
CA ILE B 298 1.80 76.98 -53.31
C ILE B 298 2.89 76.44 -54.27
N LYS B 299 3.21 77.23 -55.30
CA LYS B 299 4.23 76.92 -56.33
C LYS B 299 5.56 76.52 -55.77
N ASN B 300 6.08 77.37 -54.87
CA ASN B 300 7.45 77.28 -54.33
C ASN B 300 7.92 75.90 -53.85
N ASN B 301 6.99 74.98 -53.59
CA ASN B 301 7.34 73.61 -53.29
C ASN B 301 7.80 72.89 -54.57
N ALA B 302 6.92 72.16 -55.26
CA ALA B 302 7.33 71.15 -56.23
C ALA B 302 7.64 71.67 -57.65
N SER B 303 7.62 72.98 -57.85
CA SER B 303 8.09 73.58 -59.10
C SER B 303 9.60 73.55 -59.16
N THR B 304 10.14 73.19 -60.33
CA THR B 304 11.57 73.31 -60.64
C THR B 304 11.76 74.40 -61.68
N ASP B 305 12.97 74.94 -61.73
CA ASP B 305 13.43 75.81 -62.81
C ASP B 305 13.06 75.33 -64.23
N TYR B 306 13.07 74.00 -64.44
CA TYR B 306 12.76 73.40 -65.74
C TYR B 306 11.29 73.01 -65.91
N ASP B 307 10.57 72.76 -64.81
CA ASP B 307 9.14 72.42 -64.88
C ASP B 307 8.29 73.67 -65.05
N LEU B 308 8.47 74.62 -64.13
CA LEU B 308 7.60 75.80 -63.97
C LEU B 308 6.12 75.54 -64.20
N SER B 309 5.50 74.94 -63.18
CA SER B 309 4.05 74.80 -63.08
C SER B 309 3.60 75.52 -61.78
N ASP B 310 2.56 75.03 -61.12
CA ASP B 310 2.09 75.61 -59.86
C ASP B 310 1.79 74.54 -58.81
N LYS B 311 2.64 73.52 -58.76
CA LYS B 311 2.41 72.38 -57.89
C LYS B 311 2.86 72.68 -56.45
N SER B 312 2.41 71.85 -55.51
CA SER B 312 3.13 71.61 -54.25
C SER B 312 3.57 70.15 -54.25
N ILE B 313 4.42 69.75 -53.28
CA ILE B 313 4.79 68.32 -53.21
C ILE B 313 3.59 67.42 -52.90
N ASN B 314 2.55 67.98 -52.28
CA ASN B 314 1.29 67.26 -52.12
C ASN B 314 0.83 66.67 -53.44
N PRO B 315 0.63 65.34 -53.50
CA PRO B 315 0.00 64.75 -54.68
C PRO B 315 -1.50 64.94 -54.67
N LEU B 316 -2.14 64.54 -55.77
CA LEU B 316 -3.60 64.57 -55.82
C LEU B 316 -4.17 63.65 -54.76
N GLY B 317 -5.15 64.17 -54.02
CA GLY B 317 -5.69 63.47 -52.89
C GLY B 317 -4.74 63.35 -51.71
N GLY B 318 -3.73 64.23 -51.66
CA GLY B 318 -2.78 64.27 -50.56
C GLY B 318 -1.84 63.10 -50.48
N PHE B 319 -0.84 63.22 -49.60
CA PHE B 319 -0.04 62.07 -49.19
C PHE B 319 -0.95 61.12 -48.43
N VAL B 320 -0.88 59.85 -48.77
CA VAL B 320 -1.85 58.87 -48.24
C VAL B 320 -1.52 58.53 -46.79
N HIS B 321 -2.59 58.39 -46.01
CA HIS B 321 -2.50 58.20 -44.56
C HIS B 321 -1.68 59.31 -43.92
N TYR B 322 -1.84 60.55 -44.38
CA TYR B 322 -1.09 61.65 -43.78
C TYR B 322 -1.81 62.99 -43.78
N GLY B 323 -1.78 63.70 -44.91
CA GLY B 323 -2.33 65.05 -44.97
C GLY B 323 -1.81 65.87 -46.12
N GLU B 324 -1.88 67.18 -45.95
CA GLU B 324 -1.22 68.13 -46.82
C GLU B 324 0.06 68.57 -46.15
N VAL B 325 1.16 68.58 -46.89
CA VAL B 325 2.37 69.24 -46.44
C VAL B 325 2.28 70.72 -46.81
N THR B 326 1.78 71.47 -45.84
CA THR B 326 1.56 72.90 -45.94
C THR B 326 2.70 73.71 -45.34
N ASN B 327 3.69 73.01 -44.79
CA ASN B 327 4.86 73.62 -44.20
C ASN B 327 6.10 73.24 -44.97
N ASP B 328 7.18 73.93 -44.65
CA ASP B 328 8.51 73.57 -45.12
C ASP B 328 8.85 72.12 -44.84
N PHE B 329 9.63 71.53 -45.74
CA PHE B 329 9.93 70.10 -45.70
C PHE B 329 11.33 69.90 -46.25
N VAL B 330 11.96 68.79 -45.87
CA VAL B 330 13.15 68.32 -46.58
C VAL B 330 12.77 67.15 -47.46
N MET B 331 13.65 66.89 -48.42
CA MET B 331 13.43 65.85 -49.40
C MET B 331 14.72 65.07 -49.51
N LEU B 332 14.77 63.96 -48.77
CA LEU B 332 15.92 63.07 -48.77
C LEU B 332 15.86 62.12 -49.95
N LYS B 333 17.02 61.58 -50.32
CA LYS B 333 17.07 60.47 -51.27
C LYS B 333 16.72 59.18 -50.57
N GLY B 334 15.85 58.40 -51.19
CA GLY B 334 15.58 57.03 -50.79
C GLY B 334 14.60 56.93 -49.65
N CYS B 335 14.36 55.70 -49.23
CA CYS B 335 13.50 55.44 -48.08
C CYS B 335 14.20 55.81 -46.80
N VAL B 336 13.41 55.95 -45.74
CA VAL B 336 13.93 56.13 -44.40
C VAL B 336 13.09 55.30 -43.45
N VAL B 337 13.57 55.16 -42.22
CA VAL B 337 12.91 54.33 -41.23
C VAL B 337 11.48 54.77 -40.95
N GLY B 338 10.66 53.81 -40.51
CA GLY B 338 9.39 54.12 -39.86
C GLY B 338 8.20 54.22 -40.76
N THR B 339 7.07 54.59 -40.16
CA THR B 339 5.78 54.63 -40.85
C THR B 339 5.52 56.04 -41.37
N LYS B 340 4.38 56.19 -42.02
CA LYS B 340 3.83 57.50 -42.30
C LYS B 340 3.46 58.11 -40.94
N LYS B 341 3.56 59.43 -40.86
CA LYS B 341 3.27 60.21 -39.65
C LYS B 341 4.33 60.12 -38.56
N ARG B 342 5.40 59.34 -38.73
CA ARG B 342 6.31 59.09 -37.63
C ARG B 342 7.26 60.25 -37.44
N VAL B 343 7.43 60.64 -36.18
CA VAL B 343 8.41 61.65 -35.79
C VAL B 343 9.80 61.09 -36.00
N LEU B 344 10.68 61.95 -36.49
CA LEU B 344 11.90 61.51 -37.12
C LEU B 344 12.96 62.53 -36.76
N THR B 345 14.07 62.05 -36.22
CA THR B 345 15.16 62.92 -35.87
C THR B 345 16.14 62.93 -37.04
N LEU B 346 16.45 64.13 -37.52
CA LEU B 346 17.57 64.34 -38.43
C LEU B 346 18.77 64.75 -37.61
N ARG B 347 19.95 64.48 -38.15
CA ARG B 347 21.19 64.76 -37.47
C ARG B 347 22.30 64.98 -38.49
N LYS B 348 23.08 66.04 -38.29
CA LYS B 348 24.23 66.30 -39.15
C LYS B 348 25.27 65.19 -38.96
N SER B 349 26.05 64.93 -40.00
CA SER B 349 26.82 63.68 -40.04
C SER B 349 27.94 63.68 -39.03
N LEU B 350 28.34 62.47 -38.64
CA LEU B 350 29.40 62.25 -37.65
C LEU B 350 30.77 62.21 -38.32
N LEU B 351 30.80 62.46 -39.63
CA LEU B 351 31.78 61.86 -40.51
C LEU B 351 32.22 62.87 -41.56
N VAL B 352 33.52 62.94 -41.79
CA VAL B 352 34.09 63.85 -42.77
C VAL B 352 33.75 63.35 -44.17
N GLN B 353 32.76 63.99 -44.79
CA GLN B 353 32.22 63.53 -46.05
C GLN B 353 33.06 64.12 -47.18
N THR B 354 33.76 63.26 -47.91
CA THR B 354 34.50 63.67 -49.09
C THR B 354 34.59 62.49 -50.05
N LYS B 355 33.44 62.09 -50.54
CA LYS B 355 33.30 61.14 -51.63
C LYS B 355 32.65 61.88 -52.78
N ARG B 356 32.99 61.48 -54.00
CA ARG B 356 32.39 62.04 -55.23
C ARG B 356 30.87 62.12 -55.11
N ARG B 357 30.29 61.03 -54.62
CA ARG B 357 28.84 60.87 -54.48
C ARG B 357 28.24 61.78 -53.40
N ALA B 358 29.01 62.01 -52.33
CA ALA B 358 28.56 62.82 -51.19
C ALA B 358 28.79 64.33 -51.32
N LEU B 359 29.48 64.77 -52.38
CA LEU B 359 29.62 66.19 -52.70
C LEU B 359 28.86 66.57 -53.98
N GLU B 360 28.08 65.63 -54.51
CA GLU B 360 27.41 65.80 -55.79
C GLU B 360 26.29 66.84 -55.66
N LYS B 361 26.26 67.80 -56.56
CA LYS B 361 25.25 68.85 -56.53
C LYS B 361 24.00 68.40 -57.30
N ILE B 362 22.86 68.42 -56.61
CA ILE B 362 21.61 67.93 -57.18
C ILE B 362 20.75 69.08 -57.71
N ASP B 363 20.57 69.08 -59.03
CA ASP B 363 19.58 69.91 -59.70
C ASP B 363 18.43 68.97 -60.10
N LEU B 364 17.28 69.16 -59.46
CA LEU B 364 16.09 68.38 -59.77
C LEU B 364 15.45 68.85 -61.06
N LYS B 365 14.98 67.90 -61.85
CA LYS B 365 14.37 68.19 -63.14
C LYS B 365 12.85 68.17 -63.10
N PHE B 366 12.28 67.39 -62.17
CA PHE B 366 10.85 67.05 -62.21
C PHE B 366 10.48 66.26 -60.96
N ILE B 367 9.50 66.78 -60.23
CA ILE B 367 8.93 66.07 -59.10
C ILE B 367 7.62 65.46 -59.55
N ASP B 368 7.51 64.14 -59.42
CA ASP B 368 6.25 63.47 -59.68
C ASP B 368 5.28 63.86 -58.59
N THR B 369 4.07 64.21 -59.01
CA THR B 369 3.02 64.67 -58.12
C THR B 369 1.71 63.96 -58.42
N THR B 370 1.82 62.77 -58.99
CA THR B 370 0.64 62.02 -59.38
C THR B 370 0.15 61.34 -58.10
N SER B 371 -1.15 61.04 -58.03
CA SER B 371 -1.71 60.45 -56.83
C SER B 371 -1.01 59.17 -56.45
N LYS B 372 -0.93 58.93 -55.14
CA LYS B 372 -0.44 57.67 -54.61
C LYS B 372 -1.59 56.80 -54.12
N PHE B 373 -2.83 57.25 -54.28
CA PHE B 373 -3.97 56.55 -53.73
C PHE B 373 -4.66 55.72 -54.79
N GLY B 374 -3.87 54.86 -55.43
CA GLY B 374 -4.24 54.18 -56.67
C GLY B 374 -3.18 54.51 -57.70
N HIS B 375 -3.32 53.92 -58.89
CA HIS B 375 -2.43 54.26 -59.99
C HIS B 375 -2.80 55.62 -60.53
N GLY B 376 -2.03 56.63 -60.14
CA GLY B 376 -2.21 57.98 -60.64
C GLY B 376 -1.71 58.10 -62.07
N ARG B 377 -2.38 58.94 -62.85
CA ARG B 377 -1.88 59.32 -64.17
C ARG B 377 -1.89 60.82 -64.50
N PHE B 378 -2.31 61.67 -63.55
CA PHE B 378 -2.31 63.12 -63.78
C PHE B 378 -1.52 63.84 -62.72
N GLN B 379 -0.69 64.77 -63.16
CA GLN B 379 0.24 65.48 -62.28
C GLN B 379 -0.42 66.55 -61.47
N THR B 380 -1.48 67.14 -62.04
CA THR B 380 -2.18 68.19 -61.38
C THR B 380 -3.62 68.18 -61.85
N VAL B 381 -4.47 68.86 -61.09
CA VAL B 381 -5.90 68.79 -61.32
C VAL B 381 -6.27 69.56 -62.57
N GLU B 382 -5.64 70.71 -62.76
CA GLU B 382 -5.78 71.49 -64.00
C GLU B 382 -5.44 70.68 -65.26
N GLU B 383 -4.43 69.82 -65.19
CA GLU B 383 -4.09 68.94 -66.31
C GLU B 383 -5.18 67.91 -66.55
N LYS B 384 -5.69 67.34 -65.47
CA LYS B 384 -6.78 66.40 -65.51
C LYS B 384 -8.03 67.05 -66.13
N LYS B 385 -8.37 68.25 -65.67
CA LYS B 385 -9.54 68.98 -66.19
C LYS B 385 -9.43 69.29 -67.66
N ALA B 386 -8.20 69.53 -68.13
CA ALA B 386 -7.92 69.70 -69.54
C ALA B 386 -8.14 68.39 -70.32
N PHE B 387 -7.49 67.33 -69.84
CA PHE B 387 -7.48 66.04 -70.55
C PHE B 387 -8.87 65.43 -70.69
N MET B 388 -9.61 65.43 -69.59
CA MET B 388 -10.93 64.81 -69.54
C MET B 388 -11.95 65.63 -70.32
N GLY B 389 -11.90 66.96 -70.13
CA GLY B 389 -12.93 67.86 -70.63
C GLY B 389 -13.98 68.03 -69.55
N PRO B 390 -15.26 68.21 -69.94
CA PRO B 390 -16.33 68.36 -68.97
C PRO B 390 -16.87 67.01 -68.54
N LEU B 391 -17.34 66.93 -67.30
CA LEU B 391 -17.93 65.72 -66.75
C LEU B 391 -19.39 65.98 -66.40
N LYS B 392 -20.12 64.90 -66.11
CA LYS B 392 -21.54 64.97 -65.81
C LYS B 392 -21.80 65.79 -64.54
N LYS B 393 -20.83 65.77 -63.63
CA LYS B 393 -20.85 66.68 -62.47
C LYS B 393 -20.45 68.12 -62.87
N ASP B 394 -21.39 68.81 -63.52
CA ASP B 394 -21.24 70.22 -63.94
C ASP B 394 -22.61 70.85 -64.19
N ALA C 1 14.69 -36.15 59.12
CA ALA C 1 13.59 -36.06 60.14
C ALA C 1 13.75 -34.82 61.04
N CYS C 2 13.35 -33.67 60.52
CA CYS C 2 13.45 -32.40 61.26
C CYS C 2 12.33 -32.28 62.29
N ALA C 3 12.48 -31.32 63.21
CA ALA C 3 11.53 -31.12 64.32
C ALA C 3 10.21 -30.54 63.84
N ARG C 4 9.17 -31.36 63.84
CA ARG C 4 7.82 -30.96 63.43
C ARG C 4 7.04 -30.60 64.69
N PRO C 5 6.50 -29.37 64.76
CA PRO C 5 5.79 -28.93 65.96
C PRO C 5 4.35 -29.44 66.05
N LEU C 6 3.71 -29.17 67.18
CA LEU C 6 2.36 -29.67 67.47
C LEU C 6 1.32 -28.58 67.23
N ILE C 7 0.65 -28.68 66.09
CA ILE C 7 -0.28 -27.67 65.60
C ILE C 7 -1.64 -27.89 66.26
N SER C 8 -2.31 -26.81 66.68
CA SER C 8 -3.64 -26.92 67.28
C SER C 8 -4.79 -26.92 66.26
N VAL C 9 -5.86 -27.63 66.60
CA VAL C 9 -7.06 -27.78 65.79
C VAL C 9 -8.19 -26.98 66.42
N TYR C 10 -8.46 -25.82 65.86
CA TYR C 10 -9.50 -24.92 66.38
C TYR C 10 -10.92 -25.42 66.11
N SER C 11 -11.89 -24.87 66.85
CA SER C 11 -13.30 -25.25 66.71
C SER C 11 -14.03 -24.31 65.74
N GLU C 12 -15.27 -24.66 65.42
CA GLU C 12 -16.13 -23.81 64.56
C GLU C 12 -16.31 -22.38 65.06
N LYS C 13 -16.28 -22.21 66.39
CA LYS C 13 -16.45 -20.90 67.03
C LYS C 13 -15.10 -20.28 67.40
N GLY C 14 -14.12 -20.41 66.52
CA GLY C 14 -12.73 -20.06 66.81
C GLY C 14 -12.23 -20.96 67.93
N GLU C 15 -11.31 -20.44 68.75
CA GLU C 15 -10.88 -21.06 70.02
C GLU C 15 -10.21 -22.43 69.89
N SER C 16 -9.15 -22.63 70.66
CA SER C 16 -8.44 -23.91 70.69
C SER C 16 -9.30 -24.99 71.31
N SER C 17 -9.53 -26.05 70.53
CA SER C 17 -10.02 -27.31 71.09
C SER C 17 -8.82 -28.09 71.62
N GLY C 18 -9.10 -29.21 72.28
CA GLY C 18 -8.06 -30.03 72.89
C GLY C 18 -7.11 -30.70 71.91
N LYS C 19 -7.58 -30.96 70.69
CA LYS C 19 -6.85 -31.79 69.73
C LYS C 19 -5.69 -31.01 69.11
N ASN C 20 -4.50 -31.65 69.08
CA ASN C 20 -3.30 -31.06 68.49
C ASN C 20 -2.66 -32.04 67.53
N VAL C 21 -2.53 -31.64 66.26
CA VAL C 21 -2.01 -32.52 65.22
C VAL C 21 -0.54 -32.21 64.96
N THR C 22 0.32 -33.22 65.08
CA THR C 22 1.73 -33.10 64.72
C THR C 22 1.87 -32.67 63.27
N LEU C 23 2.43 -31.48 63.06
CA LEU C 23 2.63 -30.93 61.72
C LEU C 23 3.12 -32.03 60.77
N PRO C 24 2.38 -32.30 59.68
CA PRO C 24 2.86 -33.26 58.68
C PRO C 24 4.19 -32.85 58.05
N ALA C 25 4.97 -33.84 57.62
CA ALA C 25 6.31 -33.61 57.09
C ALA C 25 6.33 -32.76 55.83
N VAL C 26 5.25 -32.81 55.06
CA VAL C 26 5.14 -32.07 53.80
C VAL C 26 5.49 -30.61 54.00
N PHE C 27 5.04 -30.05 55.12
CA PHE C 27 5.27 -28.64 55.43
C PHE C 27 6.71 -28.26 55.70
N LYS C 28 7.55 -29.26 55.97
CA LYS C 28 8.99 -29.04 56.13
C LYS C 28 9.73 -29.19 54.81
N ALA C 29 9.08 -29.75 53.80
CA ALA C 29 9.72 -30.01 52.50
C ALA C 29 10.29 -28.73 51.89
N PRO C 30 11.29 -28.86 51.02
CA PRO C 30 11.98 -27.66 50.52
C PRO C 30 11.11 -26.77 49.62
N ILE C 31 11.10 -25.46 49.90
CA ILE C 31 10.35 -24.50 49.10
C ILE C 31 11.14 -24.36 47.82
N ARG C 32 10.47 -24.23 46.69
CA ARG C 32 11.17 -24.20 45.43
C ARG C 32 10.34 -23.52 44.36
N PRO C 33 10.42 -22.19 44.31
CA PRO C 33 9.71 -21.44 43.29
C PRO C 33 10.07 -21.90 41.87
N ASP C 34 11.36 -22.14 41.64
CA ASP C 34 11.85 -22.56 40.32
C ASP C 34 11.14 -23.80 39.79
N ILE C 35 10.74 -24.69 40.70
CA ILE C 35 9.91 -25.81 40.33
C ILE C 35 8.48 -25.35 40.18
N VAL C 36 7.94 -24.72 41.21
CA VAL C 36 6.52 -24.37 41.25
C VAL C 36 6.15 -23.63 39.98
N ASN C 37 6.92 -22.58 39.69
CA ASN C 37 6.75 -21.83 38.48
C ASN C 37 6.75 -22.73 37.25
N PHE C 38 7.84 -23.44 37.03
CA PHE C 38 8.01 -24.31 35.87
C PHE C 38 6.84 -25.23 35.64
N VAL C 39 6.36 -25.85 36.73
CA VAL C 39 5.22 -26.75 36.66
C VAL C 39 3.96 -25.92 36.38
N HIS C 40 3.85 -24.76 37.01
CA HIS C 40 2.73 -23.85 36.78
C HIS C 40 2.68 -23.31 35.36
N THR C 41 3.83 -22.94 34.81
CA THR C 41 3.89 -22.48 33.40
C THR C 41 3.41 -23.55 32.43
N ASN C 42 3.87 -24.77 32.65
CA ASN C 42 3.57 -25.86 31.74
C ASN C 42 2.20 -26.47 31.96
N LEU C 43 1.76 -26.59 33.21
CA LEU C 43 0.43 -27.15 33.44
C LEU C 43 -0.65 -26.24 32.93
N ARG C 44 -0.50 -24.94 33.18
CA ARG C 44 -1.53 -23.97 32.79
C ARG C 44 -1.81 -23.98 31.30
N LYS C 45 -0.82 -24.40 30.53
CA LYS C 45 -1.03 -24.60 29.10
C LYS C 45 -2.00 -25.72 28.72
N ASN C 46 -2.33 -26.65 29.62
CA ASN C 46 -3.19 -27.77 29.23
C ASN C 46 -4.68 -27.49 29.22
N ASN C 47 -5.13 -26.53 30.03
CA ASN C 47 -6.57 -26.24 30.14
C ASN C 47 -7.14 -25.42 28.96
N ARG C 48 -6.58 -25.60 27.77
CA ARG C 48 -6.56 -24.58 26.75
C ARG C 48 -7.09 -25.08 25.43
N GLN C 49 -8.02 -24.33 24.80
CA GLN C 49 -8.60 -24.74 23.52
C GLN C 49 -7.74 -24.25 22.37
N PRO C 50 -7.76 -24.97 21.25
CA PRO C 50 -7.07 -24.46 20.07
C PRO C 50 -7.81 -23.30 19.43
N TYR C 51 -7.05 -22.34 18.94
CA TYR C 51 -7.58 -21.33 18.04
C TYR C 51 -6.79 -21.46 16.77
N ALA C 52 -7.50 -21.26 15.67
CA ALA C 52 -6.82 -21.23 14.41
C ALA C 52 -7.66 -20.47 13.43
N VAL C 53 -6.97 -20.02 12.39
CA VAL C 53 -7.56 -19.24 11.32
C VAL C 53 -7.95 -20.26 10.25
N SER C 54 -9.02 -19.95 9.52
CA SER C 54 -9.55 -20.88 8.51
C SER C 54 -8.55 -21.18 7.39
N GLU C 55 -8.64 -22.39 6.85
CA GLU C 55 -7.81 -22.85 5.72
C GLU C 55 -7.97 -21.97 4.48
N LEU C 56 -9.23 -21.73 4.14
CA LEU C 56 -9.59 -21.04 2.91
C LEU C 56 -9.37 -19.55 3.03
N ALA C 57 -9.12 -19.07 4.26
CA ALA C 57 -8.91 -17.65 4.53
C ALA C 57 -7.85 -17.08 3.62
N GLY C 58 -8.29 -16.25 2.69
CA GLY C 58 -7.39 -15.53 1.80
C GLY C 58 -7.27 -16.09 0.40
N HIS C 59 -7.42 -17.40 0.27
CA HIS C 59 -7.27 -18.05 -1.02
C HIS C 59 -8.56 -18.30 -1.79
N GLN C 60 -9.71 -17.91 -1.25
CA GLN C 60 -10.97 -18.16 -1.97
C GLN C 60 -11.09 -17.38 -3.27
N THR C 61 -10.26 -16.34 -3.46
CA THR C 61 -10.15 -15.68 -4.76
C THR C 61 -9.46 -16.56 -5.80
N SER C 62 -9.67 -16.19 -7.06
CA SER C 62 -8.84 -16.64 -8.16
C SER C 62 -8.17 -15.38 -8.67
N ALA C 63 -6.86 -15.28 -8.48
CA ALA C 63 -6.09 -14.09 -8.83
C ALA C 63 -4.73 -14.47 -9.40
N GLU C 64 -4.46 -13.92 -10.58
CA GLU C 64 -3.25 -14.16 -11.35
C GLU C 64 -2.48 -12.86 -11.24
N SER C 65 -1.16 -12.90 -11.41
CA SER C 65 -0.39 -11.66 -11.54
C SER C 65 -0.49 -11.18 -12.96
N TRP C 66 -0.78 -9.90 -13.13
CA TRP C 66 -0.44 -9.24 -14.38
C TRP C 66 1.05 -9.24 -14.18
N GLY C 67 1.78 -9.85 -15.11
CA GLY C 67 3.22 -9.89 -15.01
C GLY C 67 3.78 -8.50 -15.14
N THR C 68 5.09 -8.40 -15.22
CA THR C 68 5.72 -7.10 -15.39
C THR C 68 5.33 -6.48 -16.72
N GLY C 69 5.67 -5.20 -16.88
CA GLY C 69 5.42 -4.50 -18.11
C GLY C 69 4.16 -3.65 -18.10
N ARG C 70 3.36 -3.71 -17.04
CA ARG C 70 2.10 -2.96 -16.98
C ARG C 70 2.19 -1.77 -16.02
N ALA C 71 3.42 -1.30 -15.77
CA ALA C 71 3.76 -0.63 -14.51
C ALA C 71 3.30 -1.58 -13.37
N VAL C 72 2.45 -1.15 -12.44
CA VAL C 72 2.00 -2.00 -11.31
C VAL C 72 3.15 -2.85 -10.71
N ALA C 73 2.87 -4.01 -10.09
CA ALA C 73 3.81 -4.53 -9.11
C ALA C 73 3.83 -6.05 -8.86
N ARG C 74 3.51 -6.85 -9.87
CA ARG C 74 3.78 -8.29 -9.80
C ARG C 74 3.07 -9.07 -8.66
N ILE C 75 2.01 -8.50 -8.09
CA ILE C 75 1.25 -9.18 -7.05
C ILE C 75 0.22 -9.93 -7.83
N PRO C 76 -0.33 -11.01 -7.27
CA PRO C 76 -1.52 -11.54 -7.92
C PRO C 76 -2.63 -10.55 -7.68
N ARG C 77 -3.37 -10.23 -8.74
CA ARG C 77 -4.42 -9.23 -8.67
C ARG C 77 -5.73 -9.90 -9.08
N VAL C 78 -6.80 -9.57 -8.37
CA VAL C 78 -8.12 -10.10 -8.70
C VAL C 78 -8.43 -9.99 -10.18
N ARG C 79 -8.99 -11.07 -10.71
CA ARG C 79 -9.14 -11.29 -12.13
C ARG C 79 -10.47 -10.75 -12.61
N GLY C 80 -10.44 -9.85 -13.59
CA GLY C 80 -11.65 -9.38 -14.27
C GLY C 80 -12.64 -8.60 -13.42
N GLY C 81 -13.79 -8.28 -14.02
CA GLY C 81 -14.90 -7.66 -13.31
C GLY C 81 -14.99 -6.13 -13.38
N GLY C 82 -16.17 -5.64 -13.03
CA GLY C 82 -16.43 -4.22 -12.93
C GLY C 82 -16.83 -3.92 -11.50
N THR C 83 -15.92 -4.19 -10.57
CA THR C 83 -16.09 -3.82 -9.16
C THR C 83 -14.89 -3.04 -8.69
N HIS C 84 -14.93 -2.64 -7.43
CA HIS C 84 -13.75 -2.12 -6.76
C HIS C 84 -12.75 -3.24 -6.64
N ARG C 85 -13.22 -4.43 -6.26
CA ARG C 85 -12.30 -5.55 -6.14
C ARG C 85 -12.00 -6.16 -7.49
N SER C 86 -11.14 -5.50 -8.24
CA SER C 86 -10.71 -6.03 -9.53
C SER C 86 -9.40 -5.40 -9.91
N GLY C 87 -8.38 -6.25 -10.09
CA GLY C 87 -7.02 -5.78 -10.26
C GLY C 87 -6.57 -5.17 -8.95
N GLN C 88 -6.56 -5.98 -7.90
CA GLN C 88 -6.39 -5.48 -6.55
C GLN C 88 -5.08 -5.93 -5.95
N GLY C 89 -5.02 -7.17 -5.53
CA GLY C 89 -4.00 -7.58 -4.59
C GLY C 89 -4.60 -8.68 -3.76
N ALA C 90 -4.32 -9.91 -4.19
CA ALA C 90 -4.77 -11.10 -3.53
C ALA C 90 -3.61 -11.83 -2.90
N PHE C 91 -3.96 -12.68 -1.94
CA PHE C 91 -3.07 -13.70 -1.38
C PHE C 91 -1.92 -13.20 -0.51
N GLY C 92 -1.18 -12.21 -1.00
CA GLY C 92 -0.04 -11.71 -0.25
C GLY C 92 -0.41 -11.38 1.18
N ASN C 93 0.46 -11.77 2.10
CA ASN C 93 0.33 -11.38 3.51
C ASN C 93 0.23 -9.88 3.71
N MET C 94 0.77 -9.10 2.78
CA MET C 94 0.66 -7.65 2.83
C MET C 94 -0.64 -7.08 2.28
N CYS C 95 -1.29 -7.75 1.33
CA CYS C 95 -2.47 -7.17 0.69
C CYS C 95 -3.71 -7.12 1.58
N ARG C 96 -4.60 -6.16 1.29
CA ARG C 96 -5.94 -6.12 1.89
C ARG C 96 -6.75 -7.19 1.22
N GLY C 97 -7.50 -7.93 2.03
CA GLY C 97 -7.98 -9.23 1.64
C GLY C 97 -6.84 -10.06 2.12
N GLY C 98 -6.02 -10.56 1.19
CA GLY C 98 -4.75 -11.20 1.55
C GLY C 98 -4.87 -12.41 2.46
N ARG C 99 -3.73 -12.83 3.00
CA ARG C 99 -3.66 -14.09 3.73
C ARG C 99 -2.53 -14.05 4.74
N MET C 100 -2.89 -14.14 6.01
CA MET C 100 -1.95 -13.89 7.12
C MET C 100 -0.72 -14.75 6.92
N PHE C 101 0.44 -14.20 7.22
CA PHE C 101 1.66 -14.97 7.07
C PHE C 101 1.64 -16.08 8.08
N ALA C 102 1.89 -17.28 7.58
CA ALA C 102 1.88 -18.49 8.37
C ALA C 102 0.58 -18.54 9.16
N PRO C 103 -0.55 -18.73 8.46
CA PRO C 103 -1.81 -18.86 9.15
C PRO C 103 -1.72 -19.86 10.27
N THR C 104 -2.36 -19.53 11.38
CA THR C 104 -2.25 -20.32 12.59
C THR C 104 -2.96 -21.63 12.35
N LYS C 105 -2.40 -22.69 12.94
CA LYS C 105 -2.99 -24.02 12.81
C LYS C 105 -3.51 -24.54 14.12
N THR C 106 -4.38 -25.53 14.02
CA THR C 106 -4.92 -26.21 15.19
C THR C 106 -3.87 -27.08 15.84
N TRP C 107 -2.98 -27.67 15.04
CA TRP C 107 -1.99 -28.62 15.54
C TRP C 107 -0.67 -28.04 16.05
N ARG C 108 -0.69 -26.75 16.34
CA ARG C 108 0.25 -26.19 17.31
C ARG C 108 0.23 -27.04 18.55
N ARG C 109 1.41 -27.28 19.12
CA ARG C 109 1.52 -28.12 20.30
C ARG C 109 1.02 -27.36 21.54
N TRP C 110 -0.29 -27.47 21.78
CA TRP C 110 -0.96 -26.68 22.82
C TRP C 110 -0.61 -27.21 24.18
N HIS C 111 -0.77 -28.52 24.35
CA HIS C 111 -0.61 -29.16 25.63
C HIS C 111 0.83 -29.51 25.89
N ARG C 112 1.14 -29.60 27.17
CA ARG C 112 2.50 -29.62 27.67
C ARG C 112 2.48 -30.51 28.87
N ARG C 113 3.36 -31.48 28.86
CA ARG C 113 3.21 -32.59 29.77
C ARG C 113 4.44 -32.64 30.65
N VAL C 114 4.23 -32.86 31.94
CA VAL C 114 5.28 -32.67 32.94
C VAL C 114 5.52 -33.96 33.70
N ASN C 115 6.78 -34.22 34.03
CA ASN C 115 7.14 -35.41 34.80
C ASN C 115 6.44 -35.45 36.13
N THR C 116 6.00 -36.63 36.54
CA THR C 116 5.09 -36.75 37.67
C THR C 116 5.73 -36.38 39.00
N THR C 117 6.96 -36.83 39.26
CA THR C 117 7.62 -36.42 40.51
C THR C 117 7.74 -34.91 40.58
N GLN C 118 8.21 -34.28 39.50
CA GLN C 118 8.28 -32.82 39.42
C GLN C 118 6.95 -32.17 39.77
N LYS C 119 5.85 -32.68 39.24
CA LYS C 119 4.54 -32.13 39.58
C LYS C 119 4.35 -32.20 41.08
N ARG C 120 4.64 -33.38 41.66
CA ARG C 120 4.53 -33.56 43.11
C ARG C 120 5.46 -32.63 43.90
N TYR C 121 6.70 -32.49 43.42
CA TYR C 121 7.65 -31.62 44.07
C TYR C 121 7.06 -30.22 44.19
N ALA C 122 6.50 -29.70 43.10
CA ALA C 122 5.84 -28.38 43.14
C ALA C 122 4.76 -28.32 44.21
N ILE C 123 3.92 -29.35 44.24
CA ILE C 123 2.79 -29.37 45.15
C ILE C 123 3.22 -29.50 46.61
N CYS C 124 4.35 -30.17 46.85
CA CYS C 124 4.98 -30.17 48.17
C CYS C 124 5.54 -28.81 48.53
N SER C 125 6.17 -28.16 47.55
CA SER C 125 6.75 -26.84 47.73
C SER C 125 5.71 -25.80 48.09
N ALA C 126 4.56 -25.86 47.44
CA ALA C 126 3.48 -24.93 47.73
C ALA C 126 2.89 -25.15 49.13
N LEU C 127 2.65 -26.42 49.47
CA LEU C 127 2.19 -26.79 50.82
C LEU C 127 3.14 -26.27 51.87
N ALA C 128 4.42 -26.55 51.70
CA ALA C 128 5.46 -26.13 52.65
C ALA C 128 5.56 -24.63 52.90
N ALA C 129 5.14 -23.85 51.91
CA ALA C 129 5.12 -22.41 52.02
C ALA C 129 3.69 -21.88 52.21
N SER C 130 2.73 -22.77 52.47
CA SER C 130 1.42 -22.35 52.94
C SER C 130 1.48 -22.21 54.47
N ALA C 131 2.43 -22.91 55.07
CA ALA C 131 3.02 -22.48 56.33
C ALA C 131 3.75 -21.15 56.04
N LEU C 132 4.63 -20.69 56.94
CA LEU C 132 5.45 -19.50 56.70
C LEU C 132 4.59 -18.26 56.51
N PRO C 133 4.33 -17.52 57.61
CA PRO C 133 3.43 -16.37 57.49
C PRO C 133 3.92 -15.37 56.47
N ALA C 134 5.24 -15.17 56.43
CA ALA C 134 5.87 -14.23 55.50
C ALA C 134 5.46 -14.50 54.07
N LEU C 135 5.60 -15.75 53.64
CA LEU C 135 5.25 -16.12 52.28
C LEU C 135 3.76 -16.00 52.03
N VAL C 136 2.93 -16.23 53.04
CA VAL C 136 1.48 -16.03 52.91
C VAL C 136 1.13 -14.54 52.86
N MET C 137 1.73 -13.74 53.75
CA MET C 137 1.47 -12.30 53.78
C MET C 137 1.96 -11.61 52.51
N SER C 138 3.18 -11.97 52.10
CA SER C 138 3.75 -11.48 50.85
C SER C 138 2.88 -11.80 49.66
N LYS C 139 2.23 -12.97 49.66
CA LYS C 139 1.29 -13.31 48.58
C LYS C 139 -0.02 -12.54 48.72
N GLY C 140 -0.10 -11.67 49.73
CA GLY C 140 -1.10 -10.61 49.81
C GLY C 140 -2.13 -10.82 50.90
N HIS C 141 -2.34 -12.09 51.24
CA HIS C 141 -3.44 -12.53 52.10
C HIS C 141 -3.34 -11.86 53.45
N ARG C 142 -4.39 -11.13 53.82
CA ARG C 142 -4.41 -10.47 55.11
C ARG C 142 -4.65 -11.51 56.19
N ILE C 143 -3.53 -12.04 56.70
CA ILE C 143 -3.50 -13.16 57.65
C ILE C 143 -2.94 -12.64 58.99
N GLU C 144 -3.23 -11.37 59.28
CA GLU C 144 -2.65 -10.67 60.44
C GLU C 144 -3.20 -11.21 61.75
N GLU C 145 -4.53 -11.37 61.79
CA GLU C 145 -5.26 -11.72 63.01
C GLU C 145 -5.63 -13.20 63.12
N VAL C 146 -5.12 -14.02 62.21
CA VAL C 146 -5.42 -15.45 62.23
C VAL C 146 -4.61 -16.14 63.35
N PRO C 147 -5.22 -17.13 64.01
CA PRO C 147 -4.65 -17.70 65.23
C PRO C 147 -3.45 -18.64 65.05
N GLU C 148 -3.45 -19.47 64.01
CA GLU C 148 -2.30 -20.36 63.74
C GLU C 148 -2.26 -20.72 62.27
N LEU C 149 -1.07 -20.69 61.69
CA LEU C 149 -0.95 -20.48 60.25
C LEU C 149 -1.22 -21.73 59.41
N PRO C 150 -0.65 -22.89 59.78
CA PRO C 150 -1.29 -24.07 59.19
C PRO C 150 -2.63 -24.23 59.93
N LEU C 151 -3.63 -23.51 59.43
CA LEU C 151 -4.91 -23.32 60.10
C LEU C 151 -5.78 -24.53 59.86
N VAL C 152 -5.98 -25.31 60.92
CA VAL C 152 -6.76 -26.54 60.86
C VAL C 152 -7.96 -26.38 61.75
N VAL C 153 -9.06 -27.02 61.39
CA VAL C 153 -10.33 -26.79 62.04
C VAL C 153 -11.04 -28.10 62.37
N GLU C 154 -11.94 -28.04 63.34
CA GLU C 154 -12.95 -29.08 63.60
C GLU C 154 -13.54 -29.64 62.31
N ASP C 155 -14.11 -30.84 62.38
CA ASP C 155 -14.70 -31.47 61.20
C ASP C 155 -16.23 -31.56 61.25
N LYS C 156 -16.84 -30.56 61.88
CA LYS C 156 -18.27 -30.28 61.69
C LYS C 156 -18.41 -29.52 60.37
N VAL C 157 -17.35 -28.77 60.05
CA VAL C 157 -17.25 -27.95 58.85
C VAL C 157 -17.53 -28.75 57.56
N GLU C 158 -17.36 -30.06 57.63
CA GLU C 158 -17.96 -30.95 56.63
C GLU C 158 -19.47 -30.80 56.65
N GLY C 159 -20.04 -30.60 57.83
CA GLY C 159 -21.48 -30.58 57.99
C GLY C 159 -22.20 -29.48 57.22
N TYR C 160 -21.64 -28.29 57.17
CA TYR C 160 -22.46 -27.10 56.93
C TYR C 160 -23.14 -27.16 55.56
N LYS C 161 -24.41 -26.81 55.52
CA LYS C 161 -25.14 -26.76 54.25
C LYS C 161 -25.60 -25.37 53.80
N LYS C 162 -25.15 -24.33 54.50
CA LYS C 162 -25.63 -22.96 54.22
C LYS C 162 -24.44 -22.03 54.26
N THR C 163 -24.38 -21.06 53.33
CA THR C 163 -23.29 -20.06 53.34
C THR C 163 -23.19 -19.39 54.69
N LYS C 164 -24.36 -19.11 55.27
CA LYS C 164 -24.47 -18.49 56.60
C LYS C 164 -23.40 -19.03 57.56
N GLU C 165 -23.40 -20.37 57.73
CA GLU C 165 -22.44 -21.08 58.60
C GLU C 165 -21.00 -20.84 58.16
N ALA C 166 -20.77 -21.02 56.86
CA ALA C 166 -19.43 -20.95 56.26
C ALA C 166 -18.79 -19.58 56.43
N VAL C 167 -19.61 -18.53 56.37
CA VAL C 167 -19.12 -17.17 56.55
C VAL C 167 -18.87 -16.90 58.02
N LEU C 168 -19.82 -17.29 58.87
CA LEU C 168 -19.64 -17.14 60.31
C LEU C 168 -18.34 -17.79 60.76
N LEU C 169 -18.08 -19.01 60.30
CA LEU C 169 -16.81 -19.69 60.56
C LEU C 169 -15.64 -18.77 60.21
N LEU C 170 -15.62 -18.30 58.96
CA LEU C 170 -14.52 -17.47 58.48
C LEU C 170 -14.33 -16.19 59.29
N LYS C 171 -15.42 -15.65 59.86
CA LYS C 171 -15.32 -14.45 60.71
C LYS C 171 -14.76 -14.71 62.11
N LYS C 172 -15.08 -15.86 62.69
CA LYS C 172 -14.50 -16.27 63.97
C LYS C 172 -12.99 -16.54 63.83
N LEU C 173 -12.64 -17.27 62.77
CA LEU C 173 -11.23 -17.59 62.49
C LEU C 173 -10.41 -16.37 62.03
N LYS C 174 -11.09 -15.23 61.83
CA LYS C 174 -10.48 -13.97 61.39
C LYS C 174 -9.93 -14.04 59.95
N ALA C 175 -10.44 -15.01 59.18
CA ALA C 175 -10.07 -15.19 57.78
C ALA C 175 -10.97 -14.37 56.85
N TRP C 176 -11.97 -13.71 57.42
CA TRP C 176 -12.93 -12.93 56.65
C TRP C 176 -12.31 -11.73 55.95
N ASN C 177 -11.29 -11.12 56.57
CA ASN C 177 -10.70 -9.91 56.01
C ASN C 177 -9.95 -10.16 54.70
N ASP C 178 -9.60 -11.42 54.42
CA ASP C 178 -9.24 -11.83 53.07
C ASP C 178 -10.44 -11.79 52.11
N ILE C 179 -11.57 -12.33 52.53
CA ILE C 179 -12.79 -12.32 51.70
C ILE C 179 -13.21 -10.88 51.45
N LYS C 180 -13.21 -10.09 52.52
CA LYS C 180 -13.44 -8.66 52.45
C LYS C 180 -12.59 -7.98 51.35
N LYS C 181 -11.32 -8.37 51.31
CA LYS C 181 -10.36 -7.85 50.33
C LYS C 181 -10.63 -8.37 48.92
N VAL C 182 -11.21 -9.57 48.83
CA VAL C 182 -11.71 -10.09 47.56
C VAL C 182 -12.82 -9.20 47.02
N TYR C 183 -13.81 -8.90 47.85
CA TYR C 183 -14.87 -7.98 47.43
C TYR C 183 -14.29 -6.67 46.93
N ALA C 184 -13.31 -6.17 47.66
CA ALA C 184 -12.66 -4.91 47.32
C ALA C 184 -11.97 -4.91 45.96
N SER C 185 -11.43 -6.08 45.59
CA SER C 185 -10.74 -6.23 44.31
C SER C 185 -11.66 -6.34 43.10
N GLN C 186 -12.91 -6.77 43.29
CA GLN C 186 -13.85 -6.98 42.18
C GLN C 186 -13.97 -5.73 41.29
N ARG C 187 -13.43 -5.83 40.07
CA ARG C 187 -13.47 -4.72 39.11
C ARG C 187 -13.45 -5.20 37.68
N MET C 188 -13.66 -4.28 36.75
CA MET C 188 -13.76 -4.65 35.34
C MET C 188 -12.38 -4.90 34.76
N ARG C 189 -12.31 -5.87 33.86
CA ARG C 189 -11.05 -6.26 33.27
C ARG C 189 -10.63 -5.23 32.26
N ALA C 190 -9.33 -5.10 32.07
CA ALA C 190 -8.81 -4.23 31.01
C ALA C 190 -8.86 -4.94 29.67
N GLY C 191 -9.62 -4.38 28.74
CA GLY C 191 -9.52 -4.73 27.33
C GLY C 191 -10.21 -6.00 26.86
N LYS C 192 -9.76 -6.47 25.69
CA LYS C 192 -10.55 -7.31 24.80
C LYS C 192 -11.21 -8.57 25.39
N GLY C 193 -10.62 -9.10 26.46
CA GLY C 193 -11.24 -10.18 27.22
C GLY C 193 -12.56 -9.80 27.89
N LYS C 194 -12.80 -8.50 28.04
CA LYS C 194 -14.13 -7.99 28.37
C LYS C 194 -15.21 -8.44 27.41
N MET C 195 -14.93 -8.36 26.11
CA MET C 195 -15.91 -8.80 25.10
C MET C 195 -15.86 -10.30 24.80
N ARG C 196 -15.13 -11.08 25.62
CA ARG C 196 -15.02 -12.53 25.48
C ARG C 196 -15.19 -13.25 26.81
N ASN C 197 -16.18 -12.84 27.58
CA ASN C 197 -16.60 -13.57 28.79
C ASN C 197 -15.53 -13.73 29.86
N ARG C 198 -14.65 -12.73 29.98
CA ARG C 198 -13.71 -12.63 31.10
C ARG C 198 -13.85 -11.23 31.65
N ARG C 199 -15.08 -10.74 31.71
CA ARG C 199 -15.35 -9.32 31.89
C ARG C 199 -14.98 -8.80 33.28
N ARG C 200 -15.25 -9.59 34.31
CA ARG C 200 -14.93 -9.20 35.68
C ARG C 200 -13.72 -9.98 36.17
N ILE C 201 -12.98 -9.38 37.11
CA ILE C 201 -11.80 -10.02 37.72
C ILE C 201 -11.66 -9.63 39.19
N GLN C 202 -10.92 -10.42 39.97
CA GLN C 202 -10.81 -10.21 41.43
C GLN C 202 -9.64 -10.97 42.07
N ARG C 203 -9.59 -11.00 43.39
CA ARG C 203 -8.61 -11.80 44.14
C ARG C 203 -8.90 -13.29 44.19
N ARG C 204 -7.83 -14.03 44.48
CA ARG C 204 -7.93 -15.39 44.99
C ARG C 204 -8.05 -15.29 46.50
N GLY C 205 -8.86 -16.17 47.08
CA GLY C 205 -9.14 -16.12 48.51
C GLY C 205 -8.50 -17.26 49.26
N PRO C 206 -8.94 -17.48 50.52
CA PRO C 206 -8.57 -18.66 51.26
C PRO C 206 -8.86 -19.96 50.54
N CYS C 207 -7.84 -20.81 50.42
CA CYS C 207 -8.06 -22.21 50.05
C CYS C 207 -8.77 -22.89 51.21
N VAL C 208 -9.53 -23.93 50.94
CA VAL C 208 -10.11 -24.75 52.00
C VAL C 208 -9.97 -26.20 51.65
N ILE C 209 -9.00 -26.86 52.27
CA ILE C 209 -8.79 -28.26 52.00
C ILE C 209 -9.74 -29.03 52.90
N TYR C 210 -10.58 -29.86 52.27
CA TYR C 210 -11.46 -30.79 52.98
C TYR C 210 -11.06 -32.22 52.64
N ASN C 211 -11.48 -33.17 53.47
CA ASN C 211 -11.26 -34.61 53.24
C ASN C 211 -12.43 -35.25 52.51
N GLU C 212 -13.64 -34.86 52.87
CA GLU C 212 -14.85 -35.34 52.23
C GLU C 212 -15.91 -34.25 52.23
N ASP C 213 -16.62 -34.08 51.12
CA ASP C 213 -17.74 -33.14 51.09
C ASP C 213 -18.94 -33.84 51.70
N ASN C 214 -19.30 -33.44 52.92
CA ASN C 214 -20.52 -33.91 53.57
C ASN C 214 -21.63 -32.86 53.45
N GLY C 215 -21.42 -31.88 52.56
CA GLY C 215 -22.17 -30.64 52.50
C GLY C 215 -21.33 -29.40 52.31
N ILE C 216 -20.04 -29.45 52.65
CA ILE C 216 -19.19 -28.26 52.71
C ILE C 216 -19.14 -27.46 51.42
N VAL C 217 -18.92 -28.13 50.29
CA VAL C 217 -18.60 -27.42 49.05
C VAL C 217 -19.79 -26.62 48.52
N LYS C 218 -20.99 -27.00 48.93
CA LYS C 218 -22.18 -26.16 48.78
C LYS C 218 -22.13 -24.89 49.63
N ALA C 219 -21.70 -25.06 50.88
CA ALA C 219 -21.67 -23.97 51.84
C ALA C 219 -20.71 -22.88 51.39
N PHE C 220 -19.46 -23.25 51.19
CA PHE C 220 -18.49 -22.32 50.66
C PHE C 220 -18.65 -22.49 49.16
N ARG C 221 -19.22 -21.50 48.51
CA ARG C 221 -19.49 -21.59 47.09
C ARG C 221 -19.71 -20.17 46.59
N ASN C 222 -20.75 -19.53 47.10
CA ASN C 222 -21.01 -18.13 46.79
C ASN C 222 -20.04 -17.15 47.44
N ILE C 223 -19.27 -17.58 48.44
CA ILE C 223 -18.33 -16.70 49.11
C ILE C 223 -17.18 -16.45 48.14
N PRO C 224 -17.12 -15.24 47.54
CA PRO C 224 -16.19 -15.02 46.44
C PRO C 224 -14.76 -14.98 46.93
N GLY C 225 -13.89 -15.72 46.24
CA GLY C 225 -12.50 -15.88 46.65
C GLY C 225 -12.17 -17.32 47.00
N ILE C 226 -13.12 -18.04 47.60
CA ILE C 226 -12.83 -19.37 48.15
C ILE C 226 -12.74 -20.40 47.02
N THR C 227 -11.70 -21.23 47.10
CA THR C 227 -11.63 -22.47 46.33
C THR C 227 -11.53 -23.63 47.31
N LEU C 228 -12.23 -24.70 46.98
CA LEU C 228 -12.26 -25.90 47.80
C LEU C 228 -11.48 -26.99 47.09
N LEU C 229 -10.61 -27.66 47.84
CA LEU C 229 -9.93 -28.83 47.35
C LEU C 229 -10.23 -30.03 48.21
N ASN C 230 -10.21 -31.19 47.57
CA ASN C 230 -10.01 -32.45 48.26
C ASN C 230 -8.51 -32.52 48.62
N VAL C 231 -8.18 -33.23 49.69
CA VAL C 231 -6.76 -33.48 50.04
C VAL C 231 -6.21 -34.51 49.08
N THR C 232 -7.02 -35.54 48.84
CA THR C 232 -6.65 -36.64 47.99
C THR C 232 -6.53 -36.27 46.49
N LYS C 233 -6.90 -35.05 46.12
CA LYS C 233 -6.79 -34.59 44.74
C LYS C 233 -6.30 -33.14 44.66
N LEU C 234 -5.12 -32.87 45.21
CA LEU C 234 -4.58 -31.51 45.24
C LEU C 234 -4.06 -31.08 43.87
N ASN C 235 -3.90 -29.76 43.71
CA ASN C 235 -3.69 -29.15 42.42
C ASN C 235 -2.79 -27.94 42.58
N ILE C 236 -1.71 -27.88 41.80
CA ILE C 236 -0.72 -26.81 41.94
C ILE C 236 -1.24 -25.54 41.30
N LEU C 237 -2.14 -25.69 40.33
CA LEU C 237 -2.79 -24.52 39.72
C LEU C 237 -3.57 -23.72 40.75
N LYS C 238 -4.02 -24.37 41.82
CA LYS C 238 -4.77 -23.72 42.89
C LYS C 238 -3.98 -23.42 44.17
N LEU C 239 -3.01 -24.26 44.50
CA LEU C 239 -2.17 -24.04 45.68
C LEU C 239 -1.09 -22.98 45.46
N ALA C 240 -0.72 -22.75 44.20
CA ALA C 240 0.30 -21.75 43.86
C ALA C 240 -0.14 -20.89 42.68
N PRO C 241 -1.23 -20.12 42.85
CA PRO C 241 -1.78 -19.38 41.71
C PRO C 241 -0.87 -18.23 41.28
N GLY C 242 -0.71 -18.11 39.96
CA GLY C 242 0.28 -17.22 39.36
C GLY C 242 1.64 -17.88 39.30
N GLY C 243 1.71 -19.17 39.64
CA GLY C 243 2.98 -19.83 39.90
C GLY C 243 3.68 -19.22 41.10
N HIS C 244 2.90 -18.62 42.00
CA HIS C 244 3.42 -17.90 43.13
C HIS C 244 3.05 -18.68 44.37
N VAL C 245 4.01 -18.78 45.28
CA VAL C 245 4.14 -19.97 46.11
C VAL C 245 3.24 -20.01 47.34
N GLY C 246 3.10 -18.87 48.02
CA GLY C 246 2.27 -18.77 49.23
C GLY C 246 0.80 -18.73 48.88
N ARG C 247 -0.03 -18.93 49.89
CA ARG C 247 -1.50 -18.94 49.76
C ARG C 247 -2.04 -19.42 51.07
N PHE C 248 -2.94 -18.63 51.62
CA PHE C 248 -3.59 -18.94 52.87
C PHE C 248 -4.60 -20.03 52.60
N CYS C 249 -4.48 -21.13 53.33
CA CYS C 249 -5.42 -22.23 53.24
C CYS C 249 -6.08 -22.44 54.58
N ILE C 250 -7.06 -23.33 54.60
CA ILE C 250 -7.82 -23.64 55.80
C ILE C 250 -8.09 -25.15 55.78
N TRP C 251 -7.47 -25.86 56.71
CA TRP C 251 -7.51 -27.32 56.73
C TRP C 251 -8.63 -27.86 57.60
N THR C 252 -9.03 -29.09 57.29
CA THR C 252 -9.97 -29.85 58.10
C THR C 252 -9.16 -30.96 58.70
N GLU C 253 -9.29 -31.16 60.01
CA GLU C 253 -8.44 -32.08 60.76
C GLU C 253 -8.34 -33.46 60.10
N SER C 254 -9.47 -33.95 59.58
CA SER C 254 -9.52 -35.19 58.80
C SER C 254 -8.58 -35.13 57.59
N ALA C 255 -8.64 -34.01 56.86
CA ALA C 255 -7.74 -33.76 55.73
C ALA C 255 -6.30 -33.52 56.13
N PHE C 256 -6.11 -32.77 57.21
CA PHE C 256 -4.77 -32.39 57.69
C PHE C 256 -4.01 -33.55 58.27
N ARG C 257 -4.74 -34.53 58.79
CA ARG C 257 -4.15 -35.82 59.13
C ARG C 257 -3.70 -36.59 57.88
N LYS C 258 -4.56 -36.61 56.88
CA LYS C 258 -4.32 -37.38 55.65
C LYS C 258 -3.09 -36.97 54.84
N LEU C 259 -2.58 -35.75 55.02
CA LEU C 259 -1.41 -35.27 54.27
C LEU C 259 -0.19 -36.16 54.36
N ASP C 260 0.13 -36.66 55.56
CA ASP C 260 1.32 -37.50 55.73
C ASP C 260 1.15 -38.87 55.08
N ASP C 261 -0.09 -39.40 55.12
CA ASP C 261 -0.45 -40.60 54.36
C ASP C 261 -0.37 -40.41 52.86
N LEU C 262 -0.69 -39.23 52.37
CA LEU C 262 -0.58 -38.93 50.94
C LEU C 262 0.87 -38.75 50.50
N TYR C 263 1.60 -37.91 51.22
CA TYR C 263 2.94 -37.50 50.79
C TYR C 263 4.09 -38.25 51.41
N GLY C 264 3.83 -38.99 52.49
CA GLY C 264 4.86 -39.74 53.20
C GLY C 264 5.81 -38.81 53.94
N THR C 265 6.08 -39.13 55.22
CA THR C 265 7.11 -38.40 55.96
C THR C 265 8.49 -38.78 55.42
N TRP C 266 9.56 -38.28 56.05
CA TRP C 266 10.89 -38.57 55.52
C TRP C 266 11.39 -39.98 55.73
N ARG C 267 10.86 -40.67 56.73
CA ARG C 267 11.27 -42.04 57.04
C ARG C 267 10.13 -43.04 56.84
N LYS C 268 9.21 -42.69 55.96
CA LYS C 268 8.07 -43.53 55.66
C LYS C 268 7.64 -43.20 54.25
N ALA C 269 7.33 -44.24 53.48
CA ALA C 269 6.81 -44.05 52.13
C ALA C 269 5.50 -43.26 52.12
N ALA C 270 5.04 -42.93 50.93
CA ALA C 270 3.77 -42.26 50.75
C ALA C 270 2.67 -43.10 51.38
N SER C 271 2.59 -44.37 51.00
CA SER C 271 1.56 -45.31 51.50
C SER C 271 0.16 -44.94 50.98
N LEU C 272 0.12 -44.57 49.70
CA LEU C 272 -1.05 -43.93 49.05
C LEU C 272 -0.70 -43.39 47.65
N LYS C 273 0.57 -43.03 47.45
CA LYS C 273 1.15 -42.78 46.13
C LYS C 273 2.23 -43.82 45.84
N SER C 274 1.83 -45.09 45.90
CA SER C 274 2.74 -46.23 45.61
C SER C 274 4.20 -45.99 45.98
N ASN C 275 4.96 -45.44 45.03
CA ASN C 275 6.40 -45.27 45.16
C ASN C 275 6.73 -43.78 45.15
N TYR C 276 6.83 -43.21 46.35
CA TYR C 276 7.09 -41.79 46.51
C TYR C 276 7.55 -41.49 47.92
N ASN C 277 8.39 -40.48 48.04
CA ASN C 277 8.68 -39.85 49.33
C ASN C 277 8.83 -38.36 49.10
N LEU C 278 9.07 -37.60 50.15
CA LEU C 278 9.39 -36.21 49.96
C LEU C 278 10.70 -36.09 49.21
N PRO C 279 10.90 -34.95 48.53
CA PRO C 279 12.23 -34.66 48.02
C PRO C 279 13.17 -34.31 49.16
N MET C 280 14.37 -34.88 49.10
CA MET C 280 15.39 -34.64 50.13
C MET C 280 15.89 -33.20 49.99
N HIS C 281 16.46 -32.66 51.06
CA HIS C 281 17.00 -31.29 51.04
C HIS C 281 18.44 -31.28 50.57
N LYS C 282 18.81 -30.22 49.86
CA LYS C 282 20.17 -30.05 49.36
C LYS C 282 21.04 -29.52 50.49
N MET C 283 20.60 -28.42 51.11
CA MET C 283 21.26 -27.88 52.31
C MET C 283 20.27 -27.84 53.48
N LEU C 284 20.72 -28.25 54.67
CA LEU C 284 19.84 -28.32 55.85
C LEU C 284 19.75 -27.04 56.69
N ASN C 285 20.90 -26.50 57.12
CA ASN C 285 20.95 -25.18 57.78
C ASN C 285 20.70 -24.08 56.76
N THR C 286 19.47 -23.58 56.70
CA THR C 286 19.12 -22.57 55.71
C THR C 286 19.60 -21.18 56.13
N ASP C 287 19.44 -20.86 57.42
CA ASP C 287 19.91 -19.60 57.98
C ASP C 287 21.42 -19.61 57.98
N LEU C 288 22.00 -18.97 56.97
CA LEU C 288 23.45 -18.85 56.85
C LEU C 288 24.01 -17.83 57.84
N SER C 289 23.20 -16.88 58.30
CA SER C 289 23.61 -15.97 59.37
C SER C 289 23.96 -16.74 60.65
N ARG C 290 23.28 -17.85 60.90
CA ARG C 290 23.60 -18.71 62.06
C ARG C 290 24.88 -19.49 61.83
N ILE C 291 25.12 -19.88 60.57
CA ILE C 291 26.37 -20.50 60.18
C ILE C 291 27.51 -19.49 60.29
N LEU C 292 27.46 -18.43 59.49
CA LEU C 292 28.62 -17.53 59.32
C LEU C 292 29.14 -16.85 60.57
N LYS C 293 28.28 -16.60 61.55
CA LYS C 293 28.76 -16.12 62.85
C LYS C 293 28.63 -17.22 63.89
N SER C 294 29.08 -18.41 63.51
CA SER C 294 29.32 -19.51 64.45
C SER C 294 30.74 -19.39 64.99
N PRO C 295 31.03 -20.08 66.10
CA PRO C 295 32.42 -20.21 66.57
C PRO C 295 33.32 -20.93 65.57
N GLU C 296 32.83 -22.06 65.07
CA GLU C 296 33.61 -23.01 64.26
C GLU C 296 34.21 -22.38 63.00
N ILE C 297 33.44 -21.49 62.38
CA ILE C 297 33.81 -20.89 61.09
C ILE C 297 34.60 -19.62 61.26
N GLN C 298 34.11 -18.69 62.06
CA GLN C 298 34.81 -17.42 62.27
C GLN C 298 36.20 -17.58 62.91
N ARG C 299 36.38 -18.67 63.67
CA ARG C 299 37.70 -19.13 64.09
C ARG C 299 38.65 -19.21 62.89
N ALA C 300 38.16 -19.77 61.79
CA ALA C 300 38.95 -20.01 60.59
C ALA C 300 38.62 -19.04 59.46
N LEU C 301 38.89 -17.76 59.69
CA LEU C 301 38.86 -16.75 58.61
C LEU C 301 39.94 -15.72 58.89
N ARG C 302 40.65 -15.29 57.84
CA ARG C 302 41.55 -14.15 57.95
C ARG C 302 40.76 -12.93 58.37
N ALA C 303 41.43 -11.97 59.00
CA ALA C 303 40.77 -10.75 59.45
C ALA C 303 40.44 -9.85 58.25
N PRO C 304 39.25 -9.24 58.27
CA PRO C 304 38.74 -8.60 57.09
C PRO C 304 39.46 -7.29 56.81
N ARG C 305 40.11 -7.26 55.66
CA ARG C 305 40.79 -6.09 55.19
C ARG C 305 39.70 -5.15 54.70
N LYS C 306 39.57 -3.98 55.34
CA LYS C 306 38.49 -3.05 55.04
C LYS C 306 38.86 -1.59 55.27
N LYS C 307 39.88 -1.12 54.54
CA LYS C 307 40.36 0.25 54.70
C LYS C 307 39.84 1.23 53.64
N ILE C 308 39.69 0.76 52.40
CA ILE C 308 39.43 1.61 51.23
C ILE C 308 40.70 2.40 50.92
N HIS C 309 41.45 1.90 49.94
CA HIS C 309 42.61 2.60 49.40
C HIS C 309 42.16 3.28 48.11
N ARG C 310 41.78 4.54 48.22
CA ARG C 310 41.35 5.31 47.05
C ARG C 310 42.57 5.71 46.23
N ARG C 311 42.32 6.24 45.03
CA ARG C 311 43.40 6.50 44.08
C ARG C 311 44.18 7.71 44.57
N VAL C 312 45.46 7.50 44.83
CA VAL C 312 46.35 8.58 45.23
C VAL C 312 46.67 9.47 44.04
N LEU C 313 46.65 10.78 44.29
CA LEU C 313 47.10 11.77 43.32
C LEU C 313 48.62 11.72 43.24
N LYS C 314 49.17 11.68 42.03
CA LYS C 314 50.62 11.80 41.87
C LYS C 314 51.03 13.27 41.89
N LYS C 315 51.53 13.70 43.06
CA LYS C 315 52.23 14.98 43.14
C LYS C 315 53.61 14.78 42.54
N ASN C 316 54.02 15.71 41.68
CA ASN C 316 55.29 15.57 40.98
C ASN C 316 56.43 15.87 41.95
N PRO C 317 57.32 14.88 42.19
CA PRO C 317 58.41 15.08 43.15
C PRO C 317 59.26 16.31 42.87
N LEU C 318 59.55 16.52 41.58
CA LEU C 318 60.53 17.51 41.17
C LEU C 318 60.06 18.95 41.42
N LYS C 319 58.76 19.17 41.50
CA LYS C 319 58.20 20.44 41.96
C LYS C 319 57.92 20.39 43.45
N ASN C 320 57.33 19.29 43.93
CA ASN C 320 56.84 19.20 45.31
C ASN C 320 57.90 18.65 46.27
N LEU C 321 58.66 19.58 46.86
CA LEU C 321 59.85 19.27 47.70
C LEU C 321 59.63 18.09 48.62
N ARG C 322 58.53 18.15 49.35
CA ARG C 322 58.25 17.14 50.38
C ARG C 322 57.90 15.77 49.86
N ILE C 323 57.46 15.70 48.61
CA ILE C 323 57.23 14.44 47.93
C ILE C 323 58.55 13.81 47.52
N MET C 324 59.46 14.64 47.01
CA MET C 324 60.83 14.23 46.72
C MET C 324 61.48 13.62 47.95
N LEU C 325 61.34 14.31 49.08
CA LEU C 325 61.90 13.87 50.36
C LEU C 325 61.28 12.58 50.85
N LYS C 326 59.97 12.45 50.66
CA LYS C 326 59.26 11.23 50.98
C LYS C 326 59.83 10.06 50.22
N LEU C 327 60.03 10.23 48.91
CA LEU C 327 60.61 9.18 48.07
C LEU C 327 62.11 8.99 48.27
N ASN C 328 62.81 10.08 48.54
CA ASN C 328 64.26 10.06 48.74
C ASN C 328 64.69 11.20 49.65
N PRO C 329 64.97 10.88 50.93
CA PRO C 329 65.23 11.92 51.91
C PRO C 329 66.59 12.60 51.75
N TYR C 330 67.53 11.96 51.05
CA TYR C 330 68.84 12.55 50.81
C TYR C 330 68.81 13.82 49.93
N ALA C 331 67.68 14.03 49.25
CA ALA C 331 67.42 15.27 48.54
C ALA C 331 67.59 16.52 49.40
N LYS C 332 67.07 16.48 50.63
CA LYS C 332 67.14 17.62 51.56
C LYS C 332 68.56 18.19 51.61
N THR C 333 69.51 17.30 51.86
CA THR C 333 70.91 17.66 52.01
C THR C 333 71.50 18.14 50.72
N MET C 334 71.28 17.36 49.67
CA MET C 334 71.71 17.72 48.32
C MET C 334 71.26 19.11 47.93
N ARG C 335 70.06 19.51 48.35
CA ARG C 335 69.55 20.83 48.03
C ARG C 335 69.96 21.88 49.05
N ARG C 336 70.25 21.47 50.29
CA ARG C 336 70.84 22.39 51.28
C ARG C 336 72.23 22.81 50.81
N ASN C 337 73.06 21.82 50.51
CA ASN C 337 74.20 22.04 49.64
C ASN C 337 73.60 22.45 48.30
N THR C 338 74.34 23.22 47.50
CA THR C 338 73.81 23.82 46.27
C THR C 338 72.72 24.88 46.46
N ILE C 339 72.42 25.28 47.70
CA ILE C 339 72.05 26.68 47.91
C ILE C 339 73.27 27.33 48.47
N LEU C 340 73.78 26.77 49.56
CA LEU C 340 74.96 27.29 50.24
C LEU C 340 76.13 27.37 49.29
N ARG C 341 76.40 26.28 48.57
CA ARG C 341 77.52 26.23 47.63
C ARG C 341 77.48 27.36 46.63
N GLN C 342 76.29 27.66 46.13
CA GLN C 342 76.13 28.66 45.09
C GLN C 342 76.26 30.06 45.65
N ALA C 343 75.71 30.27 46.84
CA ALA C 343 75.89 31.53 47.58
C ALA C 343 77.35 31.78 47.86
N ARG C 344 78.01 30.77 48.44
CA ARG C 344 79.44 30.83 48.69
C ARG C 344 80.17 31.37 47.47
N ASN C 345 79.96 30.71 46.33
CA ASN C 345 80.68 31.06 45.12
C ASN C 345 80.26 32.41 44.56
N HIS C 346 79.00 32.78 44.75
CA HIS C 346 78.51 34.09 44.34
C HIS C 346 79.18 35.21 45.11
N LYS C 347 79.29 35.05 46.42
CA LYS C 347 80.10 35.94 47.26
C LYS C 347 81.52 36.07 46.74
N LEU C 348 82.14 34.94 46.43
CA LEU C 348 83.54 34.92 46.00
C LEU C 348 83.74 35.60 44.64
N ARG C 349 82.71 35.59 43.79
CA ARG C 349 82.75 36.35 42.54
C ARG C 349 82.71 37.86 42.76
N VAL C 350 81.88 38.31 43.70
CA VAL C 350 81.85 39.73 44.09
C VAL C 350 83.19 40.19 44.63
N GLU C 351 83.85 39.30 45.37
CA GLU C 351 85.13 39.60 45.99
C GLU C 351 86.24 39.72 44.93
N ARG C 352 86.20 38.85 43.91
CA ARG C 352 87.07 39.00 42.74
C ARG C 352 86.81 40.33 42.03
N ALA C 353 85.54 40.63 41.81
CA ALA C 353 85.12 41.86 41.12
C ALA C 353 85.53 43.14 41.86
N ALA C 354 85.51 43.09 43.19
CA ALA C 354 85.96 44.21 44.03
C ALA C 354 87.49 44.39 43.95
N ALA C 355 88.21 43.27 43.93
CA ALA C 355 89.68 43.30 43.77
C ALA C 355 90.12 43.78 42.38
N ALA C 356 89.33 43.44 41.35
CA ALA C 356 89.57 43.91 39.98
C ALA C 356 89.33 45.40 39.83
N LEU C 357 88.29 45.91 40.51
CA LEU C 357 88.00 47.35 40.56
C LEU C 357 89.08 48.11 41.33
N ALA C 358 89.55 47.52 42.43
CA ALA C 358 90.66 48.10 43.22
C ALA C 358 91.97 48.11 42.44
N ALA C 359 92.22 47.05 41.68
CA ALA C 359 93.39 46.97 40.78
C ALA C 359 93.30 47.97 39.63
N LYS C 360 92.09 48.21 39.14
CA LYS C 360 91.84 49.22 38.11
C LYS C 360 92.04 50.64 38.64
N LYS C 361 91.58 50.89 39.87
CA LYS C 361 91.79 52.17 40.55
C LYS C 361 93.28 52.45 40.84
N SER C 362 94.01 51.42 41.23
CA SER C 362 95.46 51.53 41.46
C SER C 362 96.23 51.80 40.17
N PHE D 1 98.12 -33.76 -37.17
CA PHE D 1 97.50 -33.08 -35.98
C PHE D 1 96.00 -33.37 -35.86
N VAL D 2 95.46 -33.08 -34.68
CA VAL D 2 94.03 -33.25 -34.35
C VAL D 2 93.63 -32.29 -33.24
N LYS D 3 92.34 -32.26 -32.91
CA LYS D 3 91.87 -31.51 -31.74
C LYS D 3 92.48 -32.16 -30.52
N VAL D 4 93.09 -31.34 -29.66
CA VAL D 4 93.71 -31.83 -28.44
C VAL D 4 92.58 -32.31 -27.54
N VAL D 5 92.61 -33.59 -27.21
CA VAL D 5 91.53 -34.22 -26.45
C VAL D 5 91.64 -33.79 -24.99
N LYS D 6 92.87 -33.64 -24.50
CA LYS D 6 93.13 -33.34 -23.09
C LYS D 6 93.61 -31.88 -22.92
N ASN D 7 92.65 -30.97 -23.00
CA ASN D 7 92.87 -29.52 -22.83
C ASN D 7 92.99 -29.11 -21.37
N LYS D 8 93.20 -27.80 -21.14
CA LYS D 8 92.87 -27.19 -19.84
C LYS D 8 91.47 -27.63 -19.44
N ALA D 9 90.51 -27.32 -20.32
CA ALA D 9 89.11 -27.65 -20.11
C ALA D 9 88.93 -29.07 -19.60
N TYR D 10 89.47 -30.02 -20.36
CA TYR D 10 89.36 -31.45 -20.04
C TYR D 10 89.70 -31.71 -18.59
N PHE D 11 90.84 -31.19 -18.16
CA PHE D 11 91.31 -31.37 -16.79
C PHE D 11 90.50 -30.59 -15.76
N LYS D 12 89.98 -29.42 -16.14
CA LYS D 12 89.10 -28.66 -15.26
C LYS D 12 87.83 -29.44 -14.94
N ARG D 13 87.21 -29.99 -15.98
CA ARG D 13 85.97 -30.74 -15.81
C ARG D 13 86.19 -32.15 -15.26
N TYR D 14 87.43 -32.65 -15.32
CA TYR D 14 87.74 -34.06 -15.00
C TYR D 14 87.51 -34.41 -13.55
N GLN D 15 86.89 -35.56 -13.30
CA GLN D 15 86.75 -36.07 -11.95
C GLN D 15 87.55 -37.35 -11.85
N VAL D 16 88.46 -37.43 -10.88
CA VAL D 16 89.15 -38.69 -10.62
C VAL D 16 88.21 -39.70 -10.03
N LYS D 17 88.56 -40.97 -10.19
CA LYS D 17 87.90 -42.02 -9.46
C LYS D 17 88.67 -42.17 -8.17
N PHE D 18 88.02 -42.77 -7.17
CA PHE D 18 88.62 -42.94 -5.84
C PHE D 18 90.07 -43.40 -5.92
N ARG D 19 90.85 -43.16 -4.86
CA ARG D 19 92.24 -43.61 -4.86
C ARG D 19 92.43 -45.10 -5.18
N ARG D 20 91.77 -46.01 -4.44
CA ARG D 20 92.00 -47.46 -4.65
C ARG D 20 91.38 -47.96 -5.96
N ARG D 21 90.33 -47.29 -6.46
CA ARG D 21 89.81 -47.56 -7.80
C ARG D 21 90.82 -47.22 -8.88
N ARG D 22 91.58 -46.16 -8.65
CA ARG D 22 92.69 -45.79 -9.56
C ARG D 22 93.80 -46.83 -9.52
N GLU D 23 94.15 -47.26 -8.30
CA GLU D 23 95.22 -48.24 -8.07
C GLU D 23 94.87 -49.63 -8.58
N GLY D 24 93.58 -49.90 -8.80
CA GLY D 24 93.13 -51.15 -9.37
C GLY D 24 93.12 -52.20 -8.28
N LYS D 25 92.27 -51.96 -7.27
CA LYS D 25 92.28 -52.75 -6.05
C LYS D 25 90.89 -53.04 -5.50
N THR D 26 90.07 -52.00 -5.37
CA THR D 26 88.85 -52.06 -4.60
C THR D 26 87.61 -51.92 -5.48
N ASP D 27 86.85 -53.01 -5.62
CA ASP D 27 85.55 -52.97 -6.29
C ASP D 27 84.53 -52.40 -5.33
N TYR D 28 84.36 -51.09 -5.38
CA TYR D 28 83.43 -50.40 -4.47
C TYR D 28 81.94 -50.76 -4.64
N TYR D 29 81.58 -51.28 -5.81
CA TYR D 29 80.25 -51.87 -6.03
C TYR D 29 80.05 -53.04 -5.09
N ALA D 30 81.06 -53.91 -5.04
CA ALA D 30 81.01 -55.10 -4.20
C ALA D 30 81.28 -54.74 -2.76
N ARG D 31 82.10 -53.73 -2.52
CA ARG D 31 82.46 -53.36 -1.17
C ARG D 31 81.24 -52.95 -0.36
N LYS D 32 80.35 -52.18 -0.97
CA LYS D 32 79.12 -51.72 -0.34
C LYS D 32 78.23 -52.87 0.08
N ARG D 33 78.06 -53.87 -0.77
CA ARG D 33 77.21 -55.02 -0.45
C ARG D 33 77.84 -55.87 0.66
N LEU D 34 79.15 -56.03 0.58
CA LEU D 34 79.92 -56.84 1.53
C LEU D 34 79.86 -56.36 2.96
N VAL D 35 80.13 -55.07 3.11
CA VAL D 35 80.75 -54.58 4.32
C VAL D 35 79.80 -53.83 5.25
N ILE D 36 78.80 -53.14 4.68
CA ILE D 36 77.89 -52.34 5.49
C ILE D 36 76.90 -53.23 6.21
N GLN D 37 76.56 -52.82 7.43
CA GLN D 37 75.58 -53.52 8.23
C GLN D 37 74.19 -53.03 7.92
N ASP D 38 73.22 -53.79 8.40
CA ASP D 38 71.86 -53.30 8.52
C ASP D 38 71.86 -52.33 9.70
N LYS D 39 71.28 -51.16 9.51
CA LYS D 39 71.32 -50.09 10.51
C LYS D 39 70.71 -50.47 11.83
N ASN D 40 69.71 -51.35 11.80
CA ASN D 40 69.12 -51.86 13.02
C ASN D 40 69.98 -52.92 13.71
N LYS D 41 71.09 -53.32 13.09
CA LYS D 41 72.10 -54.10 13.81
C LYS D 41 72.97 -53.18 14.64
N TYR D 42 73.08 -51.93 14.20
CA TYR D 42 73.86 -50.88 14.88
C TYR D 42 75.32 -51.31 14.88
N ASN D 43 76.01 -51.16 16.01
CA ASN D 43 77.46 -51.19 16.00
C ASN D 43 78.04 -52.61 15.98
N THR D 44 77.18 -53.65 15.97
CA THR D 44 77.67 -55.02 15.81
C THR D 44 78.44 -55.15 14.51
N PRO D 45 79.66 -55.69 14.58
CA PRO D 45 80.52 -55.87 13.44
C PRO D 45 79.91 -56.63 12.28
N LYS D 46 80.53 -56.42 11.12
CA LYS D 46 80.29 -57.27 9.97
C LYS D 46 81.64 -57.73 9.47
N TYR D 47 82.01 -58.95 9.83
CA TYR D 47 83.31 -59.48 9.50
C TYR D 47 83.37 -59.98 8.06
N ARG D 48 84.57 -59.94 7.48
CA ARG D 48 84.83 -60.60 6.20
C ARG D 48 86.19 -61.27 6.20
N MET D 49 86.21 -62.51 5.72
CA MET D 49 87.43 -63.26 5.51
C MET D 49 88.01 -62.85 4.16
N ILE D 50 88.86 -61.82 4.20
CA ILE D 50 89.59 -61.38 3.03
C ILE D 50 90.69 -62.38 2.72
N VAL D 51 90.80 -62.72 1.44
CA VAL D 51 91.84 -63.60 0.93
C VAL D 51 92.33 -63.00 -0.36
N ARG D 52 93.63 -62.79 -0.45
CA ARG D 52 94.24 -62.27 -1.68
C ARG D 52 95.46 -63.11 -1.96
N VAL D 53 95.59 -63.55 -3.21
CA VAL D 53 96.77 -64.30 -3.65
C VAL D 53 97.68 -63.36 -4.43
N THR D 54 98.86 -63.14 -3.86
CA THR D 54 99.93 -62.40 -4.48
C THR D 54 100.71 -63.38 -5.36
N ASN D 55 101.59 -62.86 -6.23
CA ASN D 55 102.43 -63.72 -7.09
C ASN D 55 103.28 -64.74 -6.33
N ARG D 56 103.75 -64.37 -5.14
CA ARG D 56 104.56 -65.25 -4.29
C ARG D 56 103.95 -65.59 -2.93
N ASP D 57 102.70 -65.20 -2.70
CA ASP D 57 102.13 -65.21 -1.35
C ASP D 57 100.61 -65.37 -1.37
N ILE D 58 100.09 -65.79 -0.22
CA ILE D 58 98.65 -65.85 0.05
C ILE D 58 98.48 -65.20 1.41
N ILE D 59 97.66 -64.16 1.47
CA ILE D 59 97.30 -63.54 2.73
C ILE D 59 95.86 -63.92 3.05
N CYS D 60 95.61 -64.16 4.33
CA CYS D 60 94.28 -64.42 4.87
C CYS D 60 94.05 -63.48 6.04
N GLN D 61 93.08 -62.58 5.90
CA GLN D 61 92.76 -61.65 6.98
C GLN D 61 91.28 -61.70 7.31
N ILE D 62 90.97 -61.56 8.60
CA ILE D 62 89.62 -61.33 9.07
C ILE D 62 89.56 -59.87 9.43
N ALA D 63 88.54 -59.19 8.93
CA ALA D 63 88.37 -57.77 9.19
C ALA D 63 86.91 -57.41 9.29
N TYR D 64 86.60 -56.48 10.19
CA TYR D 64 85.36 -55.70 10.11
C TYR D 64 85.67 -54.31 9.61
N ALA D 65 84.64 -53.53 9.34
CA ALA D 65 84.81 -52.16 8.82
C ALA D 65 84.28 -51.08 9.77
N ARG D 66 85.18 -50.23 10.24
CA ARG D 66 84.83 -48.99 10.92
C ARG D 66 85.13 -47.83 10.00
N ILE D 67 84.67 -46.65 10.40
CA ILE D 67 84.77 -45.45 9.56
C ILE D 67 86.18 -44.88 9.40
N GLU D 68 87.06 -45.20 10.35
CA GLU D 68 88.46 -44.77 10.30
C GLU D 68 89.24 -45.53 9.24
N GLY D 69 88.86 -46.79 9.00
CA GLY D 69 89.54 -47.64 8.05
C GLY D 69 89.49 -49.08 8.55
N ASP D 70 88.76 -49.92 7.83
CA ASP D 70 88.42 -51.28 8.30
C ASP D 70 89.50 -51.97 9.11
N MET D 71 89.13 -52.39 10.33
CA MET D 71 90.09 -52.93 11.28
C MET D 71 90.24 -54.43 11.11
N ILE D 72 91.46 -54.91 11.31
CA ILE D 72 91.85 -56.29 11.07
C ILE D 72 92.03 -57.05 12.38
N VAL D 73 91.02 -57.83 12.74
CA VAL D 73 91.06 -58.63 13.97
C VAL D 73 92.13 -59.72 13.94
N CYS D 74 92.34 -60.36 12.80
CA CYS D 74 93.37 -61.40 12.68
C CYS D 74 93.83 -61.61 11.27
N ALA D 75 95.04 -62.15 11.16
CA ALA D 75 95.65 -62.43 9.88
C ALA D 75 96.57 -63.64 9.94
N ALA D 76 96.77 -64.25 8.78
CA ALA D 76 97.77 -65.28 8.58
C ALA D 76 98.28 -65.18 7.16
N TYR D 77 99.58 -65.37 6.99
CA TYR D 77 100.23 -65.28 5.69
C TYR D 77 100.78 -66.64 5.32
N ALA D 78 100.96 -66.87 4.02
CA ALA D 78 101.55 -68.12 3.54
C ALA D 78 103.03 -68.22 3.85
N HIS D 79 103.71 -67.08 3.99
CA HIS D 79 105.13 -67.09 4.33
C HIS D 79 105.45 -67.47 5.78
N GLU D 80 104.42 -67.60 6.63
CA GLU D 80 104.60 -68.10 7.99
C GLU D 80 104.81 -69.60 7.95
N LEU D 81 104.21 -70.25 6.96
CA LEU D 81 104.07 -71.71 6.92
C LEU D 81 105.33 -72.55 7.12
N PRO D 82 106.50 -72.07 6.66
CA PRO D 82 107.76 -72.71 7.03
C PRO D 82 107.89 -73.21 8.47
N LYS D 83 107.45 -72.41 9.44
CA LYS D 83 107.37 -72.85 10.84
C LYS D 83 106.69 -74.20 10.97
N TYR D 84 105.53 -74.30 10.34
CA TYR D 84 104.61 -75.43 10.54
C TYR D 84 105.02 -76.68 9.76
N GLY D 85 105.64 -76.50 8.59
CA GLY D 85 106.05 -77.63 7.75
C GLY D 85 106.20 -77.35 6.26
N VAL D 86 105.45 -76.40 5.73
CA VAL D 86 105.42 -76.17 4.27
C VAL D 86 106.66 -75.37 3.83
N LYS D 87 107.54 -76.06 3.11
CA LYS D 87 108.82 -75.51 2.63
C LYS D 87 108.66 -74.81 1.28
N VAL D 88 107.77 -75.34 0.44
CA VAL D 88 107.61 -74.88 -0.94
C VAL D 88 106.17 -74.92 -1.42
N GLY D 89 105.93 -74.28 -2.56
CA GLY D 89 104.59 -74.16 -3.14
C GLY D 89 103.71 -73.44 -2.16
N LEU D 90 104.01 -72.17 -1.94
CA LEU D 90 103.30 -71.35 -0.98
C LEU D 90 102.19 -70.52 -1.61
N THR D 91 102.10 -70.53 -2.94
CA THR D 91 100.96 -69.96 -3.63
C THR D 91 100.02 -71.05 -4.14
N ASN D 92 100.27 -72.31 -3.79
CA ASN D 92 99.48 -73.44 -4.31
C ASN D 92 98.23 -73.66 -3.48
N TYR D 93 97.27 -74.36 -4.06
CA TYR D 93 95.96 -74.57 -3.44
C TYR D 93 96.04 -75.16 -2.03
N ALA D 94 96.93 -76.14 -1.87
CA ALA D 94 97.25 -76.72 -0.57
C ALA D 94 97.74 -75.67 0.43
N ALA D 95 98.63 -74.80 -0.02
CA ALA D 95 99.12 -73.71 0.82
C ALA D 95 97.99 -72.77 1.19
N ALA D 96 97.12 -72.47 0.22
CA ALA D 96 95.93 -71.65 0.46
C ALA D 96 95.08 -72.24 1.57
N TYR D 97 94.92 -73.56 1.54
CA TYR D 97 94.21 -74.29 2.59
C TYR D 97 94.86 -74.10 3.96
N CYS D 98 96.17 -74.33 4.04
CA CYS D 98 96.90 -74.13 5.29
C CYS D 98 96.72 -72.72 5.80
N THR D 99 96.87 -71.76 4.89
CA THR D 99 96.81 -70.34 5.24
C THR D 99 95.43 -69.94 5.77
N GLY D 100 94.38 -70.45 5.14
CA GLY D 100 93.01 -70.23 5.61
C GLY D 100 92.81 -70.89 6.96
N LEU D 101 93.02 -72.19 6.98
CA LEU D 101 92.97 -72.96 8.23
C LEU D 101 93.67 -72.22 9.37
N LEU D 102 94.91 -71.80 9.13
CA LEU D 102 95.71 -71.12 10.15
C LEU D 102 95.01 -69.84 10.67
N LEU D 103 94.38 -69.10 9.76
CA LEU D 103 93.62 -67.91 10.13
C LEU D 103 92.48 -68.22 11.09
N ALA D 104 91.78 -69.32 10.83
CA ALA D 104 90.69 -69.74 11.70
C ALA D 104 91.19 -70.08 13.09
N ARG D 105 92.26 -70.86 13.15
CA ARG D 105 92.82 -71.31 14.41
C ARG D 105 93.38 -70.15 15.22
N ARG D 106 94.14 -69.30 14.55
CA ARG D 106 94.65 -68.10 15.19
C ARG D 106 93.54 -67.19 15.67
N LEU D 107 92.51 -67.01 14.84
CA LEU D 107 91.34 -66.25 15.25
C LEU D 107 90.71 -66.87 16.48
N LEU D 108 90.38 -68.16 16.39
CA LEU D 108 89.71 -68.84 17.47
C LEU D 108 90.51 -68.77 18.77
N ASN D 109 91.84 -68.84 18.70
CA ASN D 109 92.67 -68.80 19.91
C ASN D 109 92.55 -67.47 20.67
N ARG D 110 92.26 -66.38 19.97
CA ARG D 110 92.03 -65.09 20.61
C ARG D 110 90.79 -65.14 21.47
N PHE D 111 89.70 -65.66 20.89
CA PHE D 111 88.41 -65.65 21.59
C PHE D 111 88.22 -66.79 22.59
N GLY D 112 89.20 -67.69 22.68
CA GLY D 112 89.10 -68.83 23.59
C GLY D 112 88.20 -69.94 23.09
N MET D 113 87.84 -69.91 21.81
CA MET D 113 87.07 -70.97 21.18
C MET D 113 88.01 -71.86 20.38
N ASP D 114 89.12 -72.23 21.00
CA ASP D 114 90.07 -73.16 20.42
C ASP D 114 89.63 -74.59 20.78
N LYS D 115 89.10 -74.76 22.00
CA LYS D 115 88.69 -76.07 22.51
C LYS D 115 87.27 -76.40 22.04
N ILE D 116 86.38 -75.42 22.08
CA ILE D 116 85.09 -75.51 21.39
C ILE D 116 85.37 -75.17 19.93
N TYR D 117 84.67 -75.84 19.01
CA TYR D 117 84.93 -75.71 17.57
C TYR D 117 86.36 -76.12 17.20
N GLU D 118 86.62 -77.41 17.31
CA GLU D 118 87.79 -78.02 16.70
C GLU D 118 87.61 -77.99 15.18
N GLY D 119 86.35 -78.11 14.75
CA GLY D 119 86.00 -78.13 13.34
C GLY D 119 86.26 -79.49 12.76
N GLN D 120 86.38 -79.55 11.45
CA GLN D 120 86.69 -80.79 10.74
C GLN D 120 88.18 -81.09 10.93
N VAL D 121 88.52 -82.32 11.28
CA VAL D 121 89.92 -82.73 11.53
C VAL D 121 90.50 -83.60 10.42
N GLU D 122 89.78 -84.65 10.02
CA GLU D 122 90.31 -85.67 9.10
C GLU D 122 90.46 -85.22 7.65
N VAL D 123 89.78 -84.14 7.25
CA VAL D 123 89.82 -83.60 5.89
C VAL D 123 89.23 -84.60 4.90
N THR D 124 87.90 -84.62 4.87
CA THR D 124 87.15 -85.36 3.87
C THR D 124 87.20 -84.57 2.58
N GLY D 125 86.75 -83.32 2.65
CA GLY D 125 86.61 -82.45 1.49
C GLY D 125 85.18 -82.08 1.16
N ASP D 126 84.21 -82.83 1.71
CA ASP D 126 82.79 -82.64 1.38
C ASP D 126 82.25 -81.35 1.99
N GLU D 127 80.95 -81.11 1.81
CA GLU D 127 80.27 -79.98 2.46
C GLU D 127 80.43 -80.11 3.97
N TYR D 128 81.24 -79.24 4.57
CA TYR D 128 81.26 -79.10 6.02
C TYR D 128 80.92 -77.66 6.44
N ASN D 129 80.26 -77.55 7.58
CA ASN D 129 79.93 -76.26 8.18
C ASN D 129 79.69 -76.43 9.67
N VAL D 130 79.86 -75.33 10.40
CA VAL D 130 79.93 -75.38 11.86
C VAL D 130 78.57 -75.11 12.44
N GLU D 131 78.08 -76.02 13.29
CA GLU D 131 76.88 -75.77 14.07
C GLU D 131 77.30 -75.23 15.42
N SER D 132 76.78 -74.05 15.78
CA SER D 132 77.10 -73.45 17.08
C SER D 132 76.50 -74.31 18.19
N ILE D 133 77.30 -74.54 19.23
CA ILE D 133 76.90 -75.40 20.34
C ILE D 133 76.09 -74.59 21.34
N ASP D 134 74.97 -75.16 21.79
CA ASP D 134 74.10 -74.49 22.75
C ASP D 134 74.70 -74.60 24.14
N GLY D 135 74.48 -73.58 24.97
CA GLY D 135 75.13 -73.48 26.28
C GLY D 135 76.63 -73.22 26.19
N GLN D 136 77.05 -72.61 25.08
CA GLN D 136 78.47 -72.33 24.79
C GLN D 136 78.50 -71.06 23.91
N PRO D 137 79.68 -70.40 23.81
CA PRO D 137 79.75 -69.24 22.93
C PRO D 137 79.63 -69.66 21.48
N GLY D 138 78.85 -68.91 20.71
CA GLY D 138 78.50 -69.28 19.34
C GLY D 138 79.68 -69.29 18.39
N ALA D 139 79.44 -69.83 17.20
CA ALA D 139 80.48 -69.97 16.20
C ALA D 139 80.72 -68.61 15.54
N PHE D 140 81.99 -68.26 15.35
CA PHE D 140 82.36 -67.05 14.63
C PHE D 140 81.91 -67.17 13.18
N THR D 141 81.36 -66.09 12.63
CA THR D 141 80.86 -66.09 11.25
C THR D 141 81.29 -64.84 10.49
N CYS D 142 82.06 -65.07 9.43
CA CYS D 142 82.42 -64.01 8.49
C CYS D 142 82.02 -64.47 7.10
N TYR D 143 82.27 -63.60 6.14
CA TYR D 143 81.96 -63.86 4.75
C TYR D 143 83.20 -63.64 3.89
N LEU D 144 83.30 -64.43 2.82
CA LEU D 144 84.47 -64.42 1.96
C LEU D 144 84.51 -63.19 1.04
N ASP D 145 85.53 -62.36 1.20
CA ASP D 145 85.81 -61.23 0.30
C ASP D 145 86.81 -61.71 -0.75
N ALA D 146 86.29 -62.12 -1.91
CA ALA D 146 87.13 -62.64 -2.99
C ALA D 146 87.99 -61.57 -3.65
N GLY D 147 87.52 -60.33 -3.62
CA GLY D 147 88.19 -59.22 -4.28
C GLY D 147 87.91 -59.24 -5.77
N LEU D 148 88.95 -58.99 -6.56
CA LEU D 148 88.83 -58.95 -8.02
C LEU D 148 89.07 -60.31 -8.70
N ALA D 149 89.26 -61.35 -7.90
CA ALA D 149 89.56 -62.68 -8.42
C ALA D 149 88.37 -63.26 -9.15
N ARG D 150 88.60 -63.75 -10.36
CA ARG D 150 87.55 -64.40 -11.14
C ARG D 150 87.15 -65.67 -10.40
N THR D 151 86.00 -65.60 -9.74
CA THR D 151 85.48 -66.69 -8.91
C THR D 151 84.94 -67.81 -9.80
N THR D 152 85.81 -68.76 -10.08
CA THR D 152 85.53 -69.91 -10.92
C THR D 152 85.60 -71.15 -10.05
N THR D 153 85.41 -72.32 -10.64
CA THR D 153 85.67 -73.58 -9.96
C THR D 153 87.19 -73.77 -9.78
N GLY D 154 87.57 -74.22 -8.59
CA GLY D 154 88.97 -74.44 -8.25
C GLY D 154 89.84 -73.23 -7.93
N ASN D 155 89.26 -72.04 -7.81
CA ASN D 155 90.03 -70.84 -7.46
C ASN D 155 90.62 -70.99 -6.06
N LYS D 156 91.86 -70.54 -5.90
CA LYS D 156 92.61 -70.73 -4.66
C LYS D 156 92.00 -70.05 -3.45
N VAL D 157 91.31 -68.94 -3.68
CA VAL D 157 90.54 -68.27 -2.62
C VAL D 157 89.66 -69.29 -1.89
N PHE D 158 88.93 -70.09 -2.66
CA PHE D 158 88.04 -71.13 -2.09
C PHE D 158 88.82 -72.26 -1.44
N GLY D 159 90.09 -72.41 -1.80
CA GLY D 159 91.03 -73.22 -1.04
C GLY D 159 91.22 -72.71 0.37
N ALA D 160 91.41 -71.40 0.51
CA ALA D 160 91.51 -70.76 1.83
C ALA D 160 90.19 -70.84 2.58
N LEU D 161 89.12 -70.49 1.89
CA LEU D 161 87.78 -70.56 2.47
C LEU D 161 87.49 -71.94 3.03
N LYS D 162 87.80 -72.99 2.28
CA LYS D 162 87.66 -74.35 2.78
C LYS D 162 88.44 -74.54 4.08
N GLY D 163 89.68 -74.07 4.09
CA GLY D 163 90.54 -74.17 5.26
C GLY D 163 89.95 -73.55 6.51
N ALA D 164 89.52 -72.30 6.40
CA ALA D 164 88.92 -71.59 7.54
C ALA D 164 87.60 -72.22 8.00
N VAL D 165 86.90 -72.88 7.08
CA VAL D 165 85.69 -73.64 7.40
C VAL D 165 86.03 -74.87 8.23
N ASP D 166 87.06 -75.60 7.83
CA ASP D 166 87.55 -76.75 8.59
C ASP D 166 88.22 -76.32 9.89
N GLY D 167 88.80 -75.12 9.89
CA GLY D 167 89.35 -74.52 11.10
C GLY D 167 88.34 -74.10 12.16
N GLY D 168 87.06 -73.96 11.80
CA GLY D 168 85.97 -73.69 12.75
C GLY D 168 85.34 -72.30 12.71
N LEU D 169 85.46 -71.62 11.57
CA LEU D 169 84.69 -70.43 11.31
C LEU D 169 83.49 -70.83 10.48
N SER D 170 82.31 -70.39 10.90
CA SER D 170 81.11 -70.59 10.11
C SER D 170 81.08 -69.52 9.02
N ILE D 171 81.61 -69.87 7.86
CA ILE D 171 81.50 -69.02 6.68
C ILE D 171 80.61 -69.73 5.68
N PRO D 172 79.49 -69.10 5.28
CA PRO D 172 78.59 -69.76 4.34
C PRO D 172 79.20 -69.84 2.95
N HIS D 173 78.85 -70.92 2.26
CA HIS D 173 79.40 -71.22 0.97
C HIS D 173 78.63 -72.37 0.36
N SER D 174 78.74 -72.51 -0.94
CA SER D 174 78.33 -73.72 -1.64
C SER D 174 79.59 -74.49 -2.01
N THR D 175 79.40 -75.69 -2.53
CA THR D 175 80.51 -76.49 -3.08
C THR D 175 80.54 -76.47 -4.62
N LYS D 176 79.82 -75.52 -5.21
CA LYS D 176 79.69 -75.43 -6.66
C LYS D 176 80.99 -74.97 -7.31
N ARG D 177 81.90 -74.36 -6.53
CA ARG D 177 83.22 -74.03 -7.06
C ARG D 177 84.41 -74.42 -6.17
N PHE D 178 84.28 -75.52 -5.41
CA PHE D 178 85.47 -76.26 -4.99
C PHE D 178 85.97 -77.05 -6.19
N PRO D 179 87.29 -77.25 -6.28
CA PRO D 179 87.83 -78.08 -7.36
C PRO D 179 87.41 -79.53 -7.15
N GLY D 180 86.60 -80.04 -8.06
CA GLY D 180 85.95 -81.34 -7.92
C GLY D 180 84.59 -81.33 -8.59
N TYR D 181 83.79 -80.32 -8.25
CA TYR D 181 82.46 -80.12 -8.80
C TYR D 181 82.49 -80.15 -10.34
N ASP D 182 81.58 -80.90 -10.94
CA ASP D 182 81.52 -81.07 -12.39
C ASP D 182 80.48 -80.15 -13.02
N SER D 183 80.89 -79.43 -14.06
CA SER D 183 80.01 -78.52 -14.79
C SER D 183 78.97 -79.28 -15.63
N GLU D 184 79.38 -80.39 -16.26
CA GLU D 184 78.53 -81.14 -17.18
C GLU D 184 77.95 -82.40 -16.54
N SER D 185 77.46 -82.26 -15.31
CA SER D 185 76.94 -83.38 -14.49
C SER D 185 76.33 -82.86 -13.17
N LYS D 186 77.02 -81.91 -12.54
CA LYS D 186 76.54 -81.16 -11.38
C LYS D 186 76.51 -81.99 -10.09
N GLU D 187 77.57 -82.76 -9.86
CA GLU D 187 77.84 -83.37 -8.55
C GLU D 187 79.27 -83.10 -8.15
N PHE D 188 79.52 -83.24 -6.85
CA PHE D 188 80.79 -82.93 -6.24
C PHE D 188 81.46 -84.21 -5.79
N ASN D 189 82.72 -84.39 -6.17
CA ASN D 189 83.47 -85.58 -5.76
C ASN D 189 83.80 -85.54 -4.27
N ALA D 190 84.62 -84.55 -3.90
CA ALA D 190 85.21 -84.44 -2.55
C ALA D 190 86.28 -85.49 -2.23
N GLU D 191 86.75 -86.20 -3.26
CA GLU D 191 88.04 -86.89 -3.21
C GLU D 191 89.04 -86.19 -4.12
N VAL D 192 88.56 -85.73 -5.27
CA VAL D 192 89.30 -84.74 -6.08
C VAL D 192 89.67 -83.53 -5.24
N HIS D 193 88.71 -83.06 -4.45
CA HIS D 193 88.94 -81.91 -3.59
C HIS D 193 90.02 -82.18 -2.54
N ARG D 194 89.93 -83.34 -1.91
CA ARG D 194 90.95 -83.79 -0.97
C ARG D 194 92.34 -83.82 -1.60
N LYS D 195 92.43 -84.37 -2.81
CA LYS D 195 93.70 -84.46 -3.54
C LYS D 195 94.31 -83.08 -3.69
N HIS D 196 93.50 -82.15 -4.20
CA HIS D 196 93.92 -80.75 -4.32
C HIS D 196 94.37 -80.14 -3.00
N ILE D 197 93.63 -80.43 -1.92
CA ILE D 197 93.97 -79.92 -0.59
C ILE D 197 95.32 -80.47 -0.12
N MET D 198 95.61 -81.71 -0.50
CA MET D 198 96.84 -82.39 -0.08
C MET D 198 98.02 -82.20 -1.04
N GLY D 199 97.79 -81.48 -2.13
CA GLY D 199 98.81 -81.28 -3.18
C GLY D 199 99.15 -82.45 -4.09
N GLN D 200 98.18 -83.34 -4.32
CA GLN D 200 98.40 -84.49 -5.20
C GLN D 200 98.32 -84.11 -6.68
N ASN D 201 97.58 -83.06 -7.00
CA ASN D 201 97.62 -82.48 -8.34
C ASN D 201 99.04 -82.03 -8.72
N VAL D 202 99.77 -81.51 -7.72
CA VAL D 202 101.14 -81.04 -7.92
C VAL D 202 102.12 -82.20 -8.00
N ALA D 203 101.94 -83.18 -7.11
CA ALA D 203 102.81 -84.36 -7.08
C ALA D 203 102.77 -85.15 -8.37
N ASP D 204 101.57 -85.34 -8.93
CA ASP D 204 101.42 -86.07 -10.20
C ASP D 204 102.10 -85.36 -11.36
N TYR D 205 101.97 -84.04 -11.43
CA TYR D 205 102.68 -83.23 -12.43
C TYR D 205 104.18 -83.40 -12.28
N MET D 206 104.63 -83.46 -11.03
CA MET D 206 106.03 -83.73 -10.70
C MET D 206 106.43 -85.11 -11.25
N ARG D 207 105.60 -86.12 -10.99
CA ARG D 207 105.83 -87.48 -11.51
C ARG D 207 105.73 -87.57 -13.03
N TYR D 208 104.85 -86.78 -13.63
CA TYR D 208 104.70 -86.76 -15.10
C TYR D 208 105.92 -86.16 -15.80
N LEU D 209 106.46 -85.08 -15.24
CA LEU D 209 107.62 -84.42 -15.83
C LEU D 209 108.88 -85.27 -15.74
N MET D 210 109.11 -85.88 -14.59
CA MET D 210 110.30 -86.67 -14.36
C MET D 210 110.34 -87.86 -15.32
N GLU D 211 109.19 -88.48 -15.54
CA GLU D 211 109.03 -89.55 -16.51
C GLU D 211 109.40 -89.11 -17.93
N GLU D 212 108.84 -87.98 -18.36
CA GLU D 212 108.99 -87.49 -19.74
C GLU D 212 110.40 -86.93 -20.00
N ASP D 213 110.72 -85.81 -19.35
CA ASP D 213 112.03 -85.16 -19.52
C ASP D 213 112.58 -84.60 -18.20
N GLU D 214 113.79 -85.02 -17.85
CA GLU D 214 114.47 -84.63 -16.62
C GLU D 214 114.68 -83.12 -16.52
N ASP D 215 115.13 -82.50 -17.61
CA ASP D 215 115.49 -81.06 -17.62
C ASP D 215 114.31 -80.13 -17.30
N ALA D 216 113.13 -80.45 -17.82
CA ALA D 216 111.93 -79.64 -17.57
C ALA D 216 111.49 -79.71 -16.11
N TYR D 217 111.47 -80.92 -15.57
CA TYR D 217 111.25 -81.14 -14.13
C TYR D 217 112.24 -80.35 -13.29
N LYS D 218 113.52 -80.47 -13.65
CA LYS D 218 114.60 -79.76 -12.97
C LYS D 218 114.42 -78.24 -13.03
N LYS D 219 113.92 -77.74 -14.17
CA LYS D 219 113.58 -76.33 -14.33
C LYS D 219 112.32 -75.94 -13.56
N GLN D 220 111.26 -76.74 -13.71
CA GLN D 220 109.95 -76.41 -13.14
C GLN D 220 109.92 -76.41 -11.62
N PHE D 221 110.65 -77.33 -11.00
CA PHE D 221 110.54 -77.59 -9.56
C PHE D 221 111.89 -77.43 -8.85
N SER D 222 112.56 -76.32 -9.12
CA SER D 222 113.94 -76.14 -8.66
C SER D 222 114.06 -76.03 -7.15
N GLN D 223 113.19 -75.22 -6.55
CA GLN D 223 113.13 -75.11 -5.10
C GLN D 223 112.47 -76.31 -4.43
N TYR D 224 111.70 -77.08 -5.19
CA TYR D 224 111.17 -78.37 -4.74
C TYR D 224 112.27 -79.45 -4.67
N ILE D 225 113.23 -79.38 -5.60
CA ILE D 225 114.36 -80.33 -5.67
C ILE D 225 115.40 -79.98 -4.62
N LYS D 226 115.73 -78.69 -4.51
CA LYS D 226 116.39 -78.17 -3.32
C LYS D 226 115.34 -78.24 -2.21
N ASN D 227 115.77 -78.30 -0.95
CA ASN D 227 114.88 -78.62 0.19
C ASN D 227 114.36 -80.08 0.21
N ASN D 228 114.61 -80.84 -0.87
CA ASN D 228 114.24 -82.25 -0.99
C ASN D 228 112.79 -82.55 -0.66
N VAL D 229 111.90 -81.96 -1.45
CA VAL D 229 110.48 -82.27 -1.40
C VAL D 229 110.15 -83.12 -2.63
N THR D 230 109.78 -84.37 -2.37
CA THR D 230 109.55 -85.36 -3.40
C THR D 230 108.04 -85.60 -3.55
N PRO D 231 107.61 -86.30 -4.62
CA PRO D 231 106.18 -86.54 -4.81
C PRO D 231 105.55 -87.39 -3.71
N ASP D 232 106.26 -88.43 -3.29
CA ASP D 232 105.76 -89.35 -2.27
C ASP D 232 105.81 -88.77 -0.85
N MET D 233 106.62 -87.74 -0.66
CA MET D 233 106.72 -87.02 0.62
C MET D 233 105.61 -85.99 0.82
N MET D 234 104.89 -85.65 -0.25
CA MET D 234 104.05 -84.46 -0.29
C MET D 234 102.85 -84.52 0.65
N GLU D 235 102.09 -85.62 0.61
CA GLU D 235 100.83 -85.72 1.37
C GLU D 235 101.06 -85.67 2.86
N GLU D 236 102.03 -86.46 3.33
CA GLU D 236 102.47 -86.42 4.73
C GLU D 236 102.78 -85.01 5.20
N MET D 237 103.57 -84.29 4.41
CA MET D 237 104.04 -82.93 4.73
C MET D 237 102.89 -82.00 5.10
N TYR D 238 101.86 -81.97 4.26
CA TYR D 238 100.71 -81.10 4.50
C TYR D 238 99.89 -81.54 5.71
N LYS D 239 99.81 -82.84 5.96
CA LYS D 239 99.10 -83.35 7.15
C LYS D 239 99.81 -83.01 8.47
N LYS D 240 101.15 -83.07 8.46
CA LYS D 240 101.97 -82.64 9.60
C LYS D 240 101.68 -81.17 9.89
N ALA D 241 101.77 -80.36 8.84
CA ALA D 241 101.54 -78.93 8.91
C ALA D 241 100.16 -78.60 9.48
N HIS D 242 99.14 -79.32 9.00
CA HIS D 242 97.77 -79.16 9.52
C HIS D 242 97.71 -79.42 11.02
N ALA D 243 98.37 -80.48 11.48
CA ALA D 243 98.39 -80.80 12.90
C ALA D 243 99.08 -79.70 13.70
N ALA D 244 100.25 -79.28 13.23
CA ALA D 244 101.08 -78.27 13.93
C ALA D 244 100.39 -76.90 14.03
N ILE D 245 99.67 -76.53 12.98
CA ILE D 245 98.79 -75.36 12.98
C ILE D 245 97.72 -75.54 14.06
N ARG D 246 97.07 -76.70 14.02
CA ARG D 246 95.96 -77.03 14.91
C ARG D 246 96.37 -77.05 16.39
N GLU D 247 97.65 -77.35 16.67
CA GLU D 247 98.16 -77.41 18.05
C GLU D 247 98.71 -76.07 18.59
N ASN D 248 99.29 -75.24 17.71
CA ASN D 248 99.77 -73.91 18.10
C ASN D 248 99.66 -72.89 16.95
N PRO D 249 98.61 -72.05 16.96
CA PRO D 249 98.42 -71.07 15.89
C PRO D 249 98.92 -69.65 16.21
N VAL D 250 99.39 -69.41 17.43
CA VAL D 250 99.68 -68.05 17.91
C VAL D 250 100.90 -67.40 17.23
N TYR D 251 100.74 -66.16 16.77
CA TYR D 251 101.81 -65.41 16.12
C TYR D 251 102.56 -64.58 17.16
N GLU D 252 103.90 -64.61 17.10
CA GLU D 252 104.74 -63.91 18.09
C GLU D 252 105.58 -62.73 17.53
N LYS D 253 105.54 -62.49 16.22
CA LYS D 253 106.32 -61.41 15.57
C LYS D 253 107.83 -61.63 15.76
N LYS D 254 108.62 -60.58 15.51
CA LYS D 254 110.04 -60.54 15.87
C LYS D 254 110.36 -59.19 16.51
N PRO D 255 111.19 -59.19 17.58
CA PRO D 255 111.47 -57.96 18.31
C PRO D 255 112.42 -57.03 17.53
N LYS D 256 111.82 -56.21 16.67
CA LYS D 256 112.59 -55.41 15.71
C LYS D 256 113.13 -54.13 16.36
N ARG D 257 114.45 -53.94 16.25
CA ARG D 257 115.14 -52.76 16.79
C ARG D 257 116.52 -52.62 16.12
N GLU D 258 117.34 -51.66 16.59
CA GLU D 258 118.68 -51.39 16.07
C GLU D 258 118.60 -50.84 14.64
N VAL D 259 117.92 -49.70 14.52
CA VAL D 259 117.68 -49.06 13.22
C VAL D 259 118.55 -47.80 13.15
N LYS D 260 119.26 -47.65 12.03
CA LYS D 260 120.18 -46.52 11.83
C LYS D 260 119.45 -45.19 11.59
N LYS D 261 118.23 -45.27 11.03
CA LYS D 261 117.39 -44.10 10.71
C LYS D 261 118.07 -43.22 9.66
N LYS D 262 118.13 -43.74 8.44
CA LYS D 262 118.72 -43.03 7.30
C LYS D 262 117.74 -42.97 6.13
N ARG D 263 117.81 -41.87 5.39
CA ARG D 263 116.92 -41.61 4.27
C ARG D 263 117.42 -42.27 2.99
N TRP D 264 116.76 -43.36 2.61
CA TRP D 264 116.94 -43.96 1.28
C TRP D 264 116.32 -43.12 0.18
N ASN D 265 115.30 -42.38 0.57
CA ASN D 265 114.49 -41.62 -0.36
C ASN D 265 115.20 -40.32 -0.75
N ARG D 266 114.48 -39.43 -1.44
CA ARG D 266 114.98 -38.12 -1.82
C ARG D 266 113.94 -37.10 -1.35
N PRO D 267 114.33 -36.17 -0.46
CA PRO D 267 113.31 -35.29 0.12
C PRO D 267 112.86 -34.19 -0.84
N LYS D 268 111.84 -33.47 -0.42
CA LYS D 268 111.19 -32.49 -1.29
C LYS D 268 111.99 -31.20 -1.35
N MET D 269 112.20 -30.70 -2.56
CA MET D 269 113.07 -29.57 -2.82
C MET D 269 112.35 -28.30 -2.40
N SER D 270 112.98 -27.50 -1.54
CA SER D 270 112.32 -26.34 -0.92
C SER D 270 112.05 -25.23 -1.93
N LEU D 271 111.06 -24.40 -1.63
CA LEU D 271 110.66 -23.29 -2.49
C LEU D 271 111.86 -22.54 -3.00
N ALA D 272 112.68 -22.12 -2.04
CA ALA D 272 113.80 -21.24 -2.30
C ALA D 272 114.86 -21.85 -3.22
N GLN D 273 115.09 -23.16 -3.09
CA GLN D 273 115.96 -23.88 -4.02
C GLN D 273 115.38 -23.85 -5.41
N LYS D 274 114.09 -24.18 -5.52
CA LYS D 274 113.38 -24.16 -6.80
C LYS D 274 113.39 -22.77 -7.42
N LYS D 275 113.28 -21.76 -6.58
CA LYS D 275 113.26 -20.36 -7.00
C LYS D 275 114.59 -19.95 -7.60
N ASP D 276 115.68 -20.32 -6.92
CA ASP D 276 117.02 -20.07 -7.43
C ASP D 276 117.30 -20.86 -8.70
N ARG D 277 116.92 -22.13 -8.71
CA ARG D 277 117.21 -23.02 -9.82
C ARG D 277 116.78 -22.43 -11.18
N VAL D 278 115.61 -21.80 -11.24
CA VAL D 278 115.20 -21.13 -12.49
C VAL D 278 116.08 -19.91 -12.70
N ALA D 279 116.38 -19.19 -11.61
CA ALA D 279 117.28 -18.02 -11.65
C ALA D 279 118.61 -18.35 -12.32
N GLN D 280 119.16 -19.54 -12.03
CA GLN D 280 120.43 -19.97 -12.61
C GLN D 280 120.28 -20.39 -14.06
N LYS D 281 119.16 -21.04 -14.38
CA LYS D 281 118.84 -21.39 -15.77
C LYS D 281 118.63 -20.16 -16.63
N LYS D 282 118.11 -19.08 -16.02
CA LYS D 282 117.87 -17.83 -16.73
C LYS D 282 119.20 -17.16 -17.05
N ALA D 283 120.06 -17.08 -16.03
CA ALA D 283 121.41 -16.53 -16.19
C ALA D 283 122.21 -17.35 -17.21
N SER D 284 122.30 -18.65 -16.97
CA SER D 284 123.06 -19.55 -17.82
C SER D 284 122.65 -19.50 -19.29
N PHE D 285 121.37 -19.30 -19.56
CA PHE D 285 120.90 -19.11 -20.94
C PHE D 285 121.49 -17.82 -21.49
N LEU D 286 121.37 -16.74 -20.72
CA LEU D 286 121.85 -15.43 -21.16
C LEU D 286 123.36 -15.42 -21.42
N ARG D 287 124.15 -15.87 -20.44
CA ARG D 287 125.61 -15.92 -20.62
C ARG D 287 126.03 -16.84 -21.77
N ALA D 288 125.24 -17.90 -22.02
CA ALA D 288 125.52 -18.84 -23.11
C ALA D 288 125.31 -18.21 -24.48
N GLN D 289 124.17 -17.56 -24.67
CA GLN D 289 123.84 -16.96 -25.96
C GLN D 289 124.69 -15.73 -26.32
N GLU D 290 125.25 -15.06 -25.30
CA GLU D 290 126.17 -13.92 -25.53
C GLU D 290 127.60 -14.41 -25.81
N ARG D 291 127.74 -15.13 -26.92
CA ARG D 291 129.01 -15.72 -27.34
C ARG D 291 128.97 -16.03 -28.84
N ALA D 292 128.04 -16.92 -29.23
CA ALA D 292 127.82 -17.29 -30.62
C ALA D 292 126.88 -16.29 -31.29
N PRO E 1 60.41 29.74 75.70
CA PRO E 1 59.79 29.78 74.38
C PRO E 1 60.69 30.47 73.35
N HIS E 2 61.89 29.91 73.16
CA HIS E 2 62.90 30.45 72.25
C HIS E 2 62.39 30.44 70.80
N CYS E 3 62.92 31.36 69.99
CA CYS E 3 62.65 31.39 68.56
C CYS E 3 63.34 30.21 67.81
N SER E 4 63.28 30.25 66.49
CA SER E 4 63.73 29.14 65.66
C SER E 4 65.24 28.98 65.54
N ARG E 5 65.82 28.00 66.23
CA ARG E 5 67.29 27.92 66.30
C ARG E 5 68.03 27.68 64.97
N ASN E 6 67.36 27.16 63.94
CA ASN E 6 67.87 27.34 62.56
C ASN E 6 67.02 28.29 61.75
N PRO E 7 67.67 29.20 61.00
CA PRO E 7 66.95 30.13 60.15
C PRO E 7 66.48 29.43 58.89
N VAL E 8 65.75 30.16 58.08
CA VAL E 8 65.28 29.66 56.83
C VAL E 8 66.34 29.92 55.77
N LEU E 9 66.57 28.90 54.96
CA LEU E 9 67.44 28.99 53.81
C LEU E 9 66.56 29.22 52.58
N VAL E 10 65.60 28.30 52.42
CA VAL E 10 64.58 28.36 51.39
C VAL E 10 63.31 27.92 52.10
N ARG E 11 62.15 28.35 51.62
CA ARG E 11 60.90 27.77 52.10
C ARG E 11 61.08 26.26 52.13
N GLY E 12 61.05 25.68 53.34
CA GLY E 12 61.13 24.23 53.50
C GLY E 12 62.53 23.65 53.65
N ILE E 13 63.56 24.49 53.57
CA ILE E 13 64.93 24.07 53.81
C ILE E 13 65.54 24.96 54.88
N GLY E 14 65.80 24.39 56.05
CA GLY E 14 66.54 25.06 57.09
C GLY E 14 68.01 25.15 56.73
N ARG E 15 68.68 26.18 57.22
CA ARG E 15 70.09 26.45 56.94
C ARG E 15 70.98 25.32 57.46
N TYR E 16 70.65 24.75 58.62
CA TYR E 16 71.61 23.90 59.31
C TYR E 16 71.58 22.44 58.92
N SER E 17 71.04 21.55 59.74
CA SER E 17 71.03 20.13 59.40
C SER E 17 70.17 19.41 60.43
N ARG E 18 70.40 18.11 60.57
CA ARG E 18 69.95 17.36 61.73
C ARG E 18 71.04 17.46 62.79
N SER E 19 72.28 17.27 62.35
CA SER E 19 73.45 17.13 63.23
C SER E 19 73.92 18.42 63.89
N ALA E 20 73.92 19.51 63.13
CA ALA E 20 74.20 20.83 63.71
C ALA E 20 73.12 21.21 64.70
N MET E 21 71.88 20.83 64.39
CA MET E 21 70.74 21.16 65.24
C MET E 21 70.77 20.42 66.58
N TYR E 22 71.20 19.16 66.54
CA TYR E 22 71.41 18.36 67.75
C TYR E 22 72.38 19.06 68.69
N SER E 23 73.46 19.60 68.12
CA SER E 23 74.46 20.34 68.90
C SER E 23 73.96 21.71 69.34
N ARG E 24 73.31 22.44 68.43
CA ARG E 24 72.71 23.74 68.76
C ARG E 24 71.60 23.63 69.83
N LYS E 25 70.58 22.82 69.56
CA LYS E 25 69.53 22.56 70.55
C LYS E 25 70.06 21.87 71.81
N ALA E 26 71.19 21.16 71.65
CA ALA E 26 71.89 20.50 72.75
C ALA E 26 71.04 19.36 73.33
N LEU E 27 70.92 18.31 72.54
CA LEU E 27 70.19 17.10 72.94
C LEU E 27 71.04 16.28 73.91
N TYR E 28 72.36 16.37 73.77
CA TYR E 28 73.27 16.04 74.86
C TYR E 28 72.96 16.98 76.03
N LYS E 29 72.91 16.43 77.24
CA LYS E 29 72.57 17.17 78.48
C LYS E 29 71.08 17.48 78.70
N ARG E 30 70.26 17.37 77.65
CA ARG E 30 68.82 17.56 77.77
C ARG E 30 68.14 16.20 77.53
N LYS E 31 68.57 15.22 78.32
CA LYS E 31 68.11 13.83 78.22
C LYS E 31 67.15 13.55 79.38
N TYR E 32 65.90 13.19 79.05
CA TYR E 32 64.80 13.16 80.03
C TYR E 32 64.51 11.75 80.54
N ALA E 33 65.30 11.31 81.52
CA ALA E 33 65.13 9.98 82.12
C ALA E 33 63.85 9.89 82.94
N ALA E 34 62.76 9.49 82.28
CA ALA E 34 61.45 9.30 82.92
C ALA E 34 60.93 7.90 82.61
N PRO E 35 60.91 7.05 83.64
CA PRO E 35 60.47 5.67 83.50
C PRO E 35 58.94 5.60 83.49
N VAL E 48 32.62 5.13 83.82
CA VAL E 48 31.77 6.00 84.62
C VAL E 48 31.14 5.16 85.73
N LEU E 49 30.34 4.15 85.33
CA LEU E 49 29.69 3.21 86.26
C LEU E 49 28.84 3.89 87.35
N ALA E 50 29.50 4.39 88.39
CA ALA E 50 28.84 5.04 89.54
C ALA E 50 29.21 6.52 89.60
N THR E 51 30.51 6.80 89.63
CA THR E 51 31.03 8.17 89.63
C THR E 51 30.68 8.88 88.33
N VAL E 52 29.69 9.77 88.38
CA VAL E 52 29.19 10.48 87.19
C VAL E 52 30.24 11.47 86.66
N THR E 53 30.31 11.59 85.33
CA THR E 53 31.38 12.37 84.69
C THR E 53 31.08 13.88 84.73
N LYS E 54 30.17 14.35 83.87
CA LYS E 54 29.87 15.80 83.75
C LYS E 54 28.36 16.11 83.62
N PRO E 55 27.65 16.13 84.79
CA PRO E 55 26.31 16.70 85.00
C PRO E 55 26.29 17.71 86.21
N VAL E 56 25.30 17.58 87.12
CA VAL E 56 25.31 18.10 88.53
C VAL E 56 24.61 19.46 88.73
N GLY E 57 23.77 19.53 89.77
CA GLY E 57 23.04 20.75 90.17
C GLY E 57 22.55 20.68 91.62
N GLY E 58 21.42 21.33 91.91
CA GLY E 58 20.85 21.41 93.29
C GLY E 58 19.45 20.81 93.41
N ASP E 59 18.54 21.53 94.09
CA ASP E 59 17.05 21.34 94.07
C ASP E 59 16.48 20.80 95.40
N LYS E 60 15.18 21.05 95.60
CA LYS E 60 14.46 20.79 96.87
C LYS E 60 14.08 19.31 97.17
N ASN E 61 12.80 18.93 97.04
CA ASN E 61 12.26 17.75 97.75
C ASN E 61 12.39 16.44 96.97
N GLY E 62 12.76 15.39 97.71
CA GLY E 62 13.30 14.15 97.16
C GLY E 62 14.81 14.13 97.34
N GLY E 63 15.46 15.25 97.04
CA GLY E 63 16.91 15.41 97.21
C GLY E 63 17.47 16.35 96.15
N THR E 64 18.72 16.13 95.76
CA THR E 64 19.32 16.86 94.64
C THR E 64 19.13 16.11 93.32
N ARG E 65 19.09 16.87 92.22
CA ARG E 65 18.87 16.33 90.88
C ARG E 65 20.14 16.37 90.04
N VAL E 66 20.39 15.27 89.32
CA VAL E 66 21.51 15.16 88.40
C VAL E 66 21.02 15.58 87.02
N VAL E 67 21.44 16.77 86.58
CA VAL E 67 21.08 17.26 85.24
C VAL E 67 21.94 16.54 84.19
N LYS E 68 21.93 17.02 82.95
CA LYS E 68 22.84 16.52 81.92
C LYS E 68 23.15 17.64 80.95
N LEU E 69 24.33 18.23 81.10
CA LEU E 69 24.79 19.27 80.17
C LEU E 69 24.94 18.61 78.81
N ARG E 70 24.50 19.31 77.76
CA ARG E 70 24.55 18.80 76.39
C ARG E 70 23.72 17.51 76.29
N LYS E 71 22.39 17.69 76.25
CA LYS E 71 21.44 16.58 76.33
C LYS E 71 21.11 16.09 74.94
N MET E 72 20.98 14.77 74.78
CA MET E 72 20.84 14.14 73.46
C MET E 72 19.55 14.60 72.78
N PRO E 73 19.55 14.62 71.44
CA PRO E 73 18.65 15.52 70.73
C PRO E 73 17.20 15.05 70.65
N ARG E 74 16.34 16.01 70.31
CA ARG E 74 14.89 15.82 70.24
C ARG E 74 14.36 15.70 68.81
N TYR E 75 15.28 15.65 67.84
CA TYR E 75 14.91 15.32 66.48
C TYR E 75 16.14 14.84 65.73
N TYR E 76 15.97 13.73 65.02
CA TYR E 76 16.93 13.32 64.02
C TYR E 76 16.30 13.49 62.64
N PRO E 77 17.07 13.99 61.67
CA PRO E 77 16.57 14.04 60.31
C PRO E 77 16.71 12.69 59.64
N THR E 78 15.93 12.50 58.58
CA THR E 78 15.78 11.19 57.93
C THR E 78 17.02 10.72 57.22
N GLU E 79 17.75 11.67 56.65
CA GLU E 79 19.07 11.38 56.14
C GLU E 79 19.91 12.65 56.23
N ASP E 80 21.20 12.46 56.42
CA ASP E 80 22.13 13.59 56.58
C ASP E 80 23.49 13.24 56.01
N VAL E 81 24.23 14.27 55.61
CA VAL E 81 25.49 14.08 54.88
C VAL E 81 26.61 13.60 55.81
N PRO E 82 27.62 12.91 55.24
CA PRO E 82 28.55 12.15 56.06
C PRO E 82 30.02 12.62 56.00
N ARG E 83 30.36 13.63 56.82
CA ARG E 83 31.75 14.07 57.04
C ARG E 83 32.49 14.47 55.76
N LYS E 84 33.80 14.70 55.86
CA LYS E 84 34.65 14.93 54.67
C LYS E 84 35.95 14.12 54.79
N LEU E 85 37.12 14.72 54.58
CA LEU E 85 38.38 13.99 54.45
C LEU E 85 39.66 14.78 54.86
N LEU E 86 39.51 15.67 55.85
CA LEU E 86 40.63 16.40 56.51
C LEU E 86 41.37 17.48 55.70
N SER E 87 42.03 17.11 54.60
CA SER E 87 42.46 18.09 53.58
C SER E 87 43.43 19.23 53.99
N HIS E 88 44.32 18.92 54.91
CA HIS E 88 45.72 19.29 54.74
C HIS E 88 46.08 20.80 54.81
N GLY E 89 45.73 21.63 53.82
CA GLY E 89 46.34 22.98 53.75
C GLY E 89 45.46 24.09 53.23
N ARG E 90 44.28 24.24 53.83
CA ARG E 90 43.21 25.02 53.23
C ARG E 90 42.76 26.07 54.23
N LYS E 91 43.59 27.08 54.40
CA LYS E 91 43.42 28.10 55.44
C LYS E 91 42.26 29.04 55.15
N PRO E 92 41.59 29.55 56.21
CA PRO E 92 40.63 30.62 55.99
C PRO E 92 41.32 31.96 55.73
N PHE E 93 40.72 32.77 54.85
CA PHE E 93 41.21 34.09 54.44
C PHE E 93 42.02 34.89 55.45
N SER E 94 41.59 34.90 56.72
CA SER E 94 42.30 35.62 57.78
C SER E 94 43.74 35.15 57.97
N GLN E 95 43.92 33.83 57.96
CA GLN E 95 45.23 33.24 58.15
C GLN E 95 46.11 33.25 56.89
N HIS E 96 45.63 33.85 55.80
CA HIS E 96 46.39 33.88 54.55
C HIS E 96 47.58 34.80 54.66
N VAL E 97 48.55 34.59 53.77
CA VAL E 97 49.67 35.51 53.62
C VAL E 97 49.32 36.54 52.55
N ARG E 98 49.77 37.78 52.76
CA ARG E 98 49.39 38.92 51.94
C ARG E 98 50.58 39.41 51.08
N LYS E 99 50.30 39.64 49.80
CA LYS E 99 51.31 40.05 48.84
C LYS E 99 51.14 41.54 48.61
N LEU E 100 52.04 42.11 47.81
CA LEU E 100 51.96 43.51 47.42
C LEU E 100 52.93 43.72 46.28
N ARG E 101 52.48 44.28 45.17
CA ARG E 101 53.38 44.57 44.06
C ARG E 101 54.47 45.52 44.56
N ALA E 102 55.72 45.17 44.27
CA ALA E 102 56.89 45.94 44.72
C ALA E 102 56.79 47.40 44.27
N SER E 103 56.22 47.61 43.09
CA SER E 103 55.87 48.93 42.59
C SER E 103 55.13 49.79 43.62
N ILE E 104 54.10 49.22 44.25
CA ILE E 104 53.33 49.95 45.26
C ILE E 104 54.08 50.01 46.61
N THR E 105 54.68 51.18 46.87
CA THR E 105 55.37 51.49 48.14
C THR E 105 54.61 52.64 48.79
N PRO E 106 54.81 52.87 50.12
CA PRO E 106 54.04 53.93 50.77
C PRO E 106 54.36 55.32 50.25
N GLY E 107 53.32 56.15 50.11
CA GLY E 107 53.44 57.47 49.52
C GLY E 107 53.68 57.46 48.02
N THR E 108 53.35 56.34 47.36
CA THR E 108 53.41 56.27 45.91
C THR E 108 52.06 56.77 45.39
N ILE E 109 51.96 56.80 44.07
CA ILE E 109 50.76 57.29 43.41
C ILE E 109 50.17 56.18 42.58
N LEU E 110 48.84 56.10 42.62
CA LEU E 110 48.08 55.08 41.93
C LEU E 110 47.16 55.72 40.92
N ILE E 111 46.67 54.91 39.99
CA ILE E 111 45.53 55.27 39.14
C ILE E 111 44.46 54.23 39.43
N ILE E 112 43.38 54.64 40.11
CA ILE E 112 42.34 53.70 40.51
C ILE E 112 41.46 53.43 39.29
N LEU E 113 41.40 52.15 38.90
CA LEU E 113 40.91 51.73 37.57
C LEU E 113 39.44 51.37 37.44
N THR E 114 38.77 51.05 38.55
CA THR E 114 37.50 50.33 38.49
C THR E 114 36.27 51.11 38.96
N GLY E 115 36.29 51.66 40.17
CA GLY E 115 35.06 52.05 40.88
C GLY E 115 34.28 53.24 40.37
N ARG E 116 33.74 54.04 41.28
CA ARG E 116 33.22 55.37 40.91
C ARG E 116 34.36 56.36 40.80
N HIS E 117 35.37 56.17 41.65
CA HIS E 117 36.59 56.98 41.60
C HIS E 117 37.52 56.37 40.56
N ARG E 118 37.12 56.53 39.31
CA ARG E 118 37.59 55.71 38.21
C ARG E 118 38.47 56.56 37.35
N GLY E 119 39.71 56.12 37.15
CA GLY E 119 40.71 56.95 36.48
C GLY E 119 41.31 58.04 37.36
N LYS E 120 40.62 58.42 38.44
CA LYS E 120 41.12 59.37 39.42
C LYS E 120 42.49 58.96 39.94
N ARG E 121 43.34 59.95 40.21
CA ARG E 121 44.68 59.70 40.76
C ARG E 121 44.69 59.89 42.26
N VAL E 122 45.63 59.22 42.91
CA VAL E 122 45.52 58.96 44.34
C VAL E 122 46.90 58.74 44.96
N VAL E 123 46.97 58.94 46.27
CA VAL E 123 48.13 58.55 47.06
C VAL E 123 47.84 57.28 47.87
N PHE E 124 48.81 56.38 47.89
CA PHE E 124 48.73 55.13 48.64
C PHE E 124 49.32 55.33 50.04
N LEU E 125 48.58 54.89 51.05
CA LEU E 125 48.91 55.12 52.45
C LEU E 125 49.46 53.88 53.16
N LYS E 126 48.73 52.76 53.04
CA LYS E 126 49.16 51.50 53.65
C LYS E 126 48.39 50.30 53.11
N GLN E 127 48.96 49.11 53.30
CA GLN E 127 48.27 47.84 53.09
C GLN E 127 47.61 47.49 54.41
N LEU E 128 46.29 47.32 54.42
CA LEU E 128 45.57 46.96 55.65
C LEU E 128 45.78 45.49 55.98
N SER E 129 45.20 45.02 57.09
CA SER E 129 45.28 43.60 57.49
C SER E 129 44.79 42.69 56.38
N SER E 130 43.57 42.96 55.90
CA SER E 130 42.94 42.26 54.77
C SER E 130 43.87 41.89 53.63
N GLY E 131 44.71 42.84 53.24
CA GLY E 131 45.50 42.75 52.01
C GLY E 131 45.06 43.82 51.03
N LEU E 132 43.93 44.46 51.31
CA LEU E 132 43.54 45.67 50.62
C LEU E 132 44.53 46.79 50.87
N LEU E 133 44.55 47.73 49.93
CA LEU E 133 45.22 48.99 50.09
C LEU E 133 44.32 49.92 50.84
N LEU E 134 44.92 50.76 51.68
CA LEU E 134 44.32 52.01 52.13
C LEU E 134 44.83 53.10 51.20
N VAL E 135 43.97 54.07 50.96
CA VAL E 135 44.20 55.04 49.92
C VAL E 135 43.58 56.38 50.28
N THR E 136 44.16 57.43 49.73
CA THR E 136 43.62 58.77 49.84
C THR E 136 44.15 59.57 48.65
N GLY E 137 43.24 60.08 47.83
CA GLY E 137 43.56 61.10 46.85
C GLY E 137 43.04 62.35 47.51
N PRO E 138 43.82 62.95 48.43
CA PRO E 138 43.35 63.89 49.45
C PRO E 138 42.03 64.55 49.09
N LEU E 139 40.95 64.00 49.65
CA LEU E 139 39.58 64.50 49.50
C LEU E 139 39.46 65.93 48.95
N SER E 140 40.24 66.82 49.58
CA SER E 140 40.47 68.21 49.12
C SER E 140 40.72 68.36 47.62
N LEU E 141 41.76 67.68 47.12
CA LEU E 141 42.15 67.79 45.71
C LEU E 141 41.17 67.13 44.77
N ASN E 142 40.97 65.85 45.02
CA ASN E 142 40.48 64.91 44.03
C ASN E 142 39.01 64.65 44.17
N ARG E 143 38.55 64.61 45.42
CA ARG E 143 37.26 64.09 45.84
C ARG E 143 37.34 62.56 45.94
N VAL E 144 38.36 62.12 46.68
CA VAL E 144 38.60 60.72 47.01
C VAL E 144 39.04 60.61 48.48
N PRO E 145 38.15 60.12 49.35
CA PRO E 145 38.45 60.09 50.79
C PRO E 145 39.42 58.98 51.19
N LEU E 146 39.57 58.79 52.50
CA LEU E 146 40.23 57.60 53.05
C LEU E 146 39.39 56.41 52.63
N ARG E 147 40.04 55.47 51.94
CA ARG E 147 39.31 54.48 51.16
C ARG E 147 40.16 53.26 50.87
N ARG E 148 39.51 52.11 50.90
CA ARG E 148 40.16 50.86 50.57
C ARG E 148 40.19 50.65 49.05
N THR E 149 41.23 49.99 48.56
CA THR E 149 41.26 49.50 47.18
C THR E 149 42.05 48.22 47.11
N HIS E 150 41.97 47.58 45.95
CA HIS E 150 42.71 46.37 45.69
C HIS E 150 43.91 46.69 44.81
N GLN E 151 45.07 46.15 45.19
CA GLN E 151 46.24 46.07 44.30
C GLN E 151 45.86 45.84 42.85
N LYS E 152 45.03 44.81 42.64
CA LYS E 152 44.75 44.30 41.30
C LYS E 152 43.97 45.26 40.39
N PHE E 153 43.26 46.24 40.96
CA PHE E 153 42.50 47.21 40.17
C PHE E 153 43.06 48.61 40.35
N VAL E 154 44.38 48.73 40.21
CA VAL E 154 45.11 49.95 40.50
C VAL E 154 46.43 49.91 39.75
N ILE E 155 46.80 51.00 39.11
CA ILE E 155 48.09 51.08 38.41
C ILE E 155 49.09 51.89 39.21
N ALA E 156 50.16 51.22 39.62
CA ALA E 156 51.18 51.81 40.47
C ALA E 156 52.11 52.71 39.66
N THR E 157 51.73 53.98 39.58
CA THR E 157 52.50 54.98 38.86
C THR E 157 53.90 55.13 39.46
N SER E 158 54.89 55.42 38.62
CA SER E 158 56.26 55.65 39.07
C SER E 158 56.39 57.12 39.46
N THR E 159 55.68 57.51 40.51
CA THR E 159 55.68 58.86 41.02
C THR E 159 55.40 58.77 42.51
N LYS E 160 56.34 59.25 43.32
CA LYS E 160 56.24 59.15 44.77
C LYS E 160 56.34 60.50 45.45
N ILE E 161 55.57 60.62 46.53
CA ILE E 161 55.69 61.70 47.49
C ILE E 161 56.44 61.04 48.64
N ASP E 162 57.20 61.81 49.40
CA ASP E 162 57.88 61.27 50.58
C ASP E 162 56.94 61.38 51.78
N ILE E 163 56.31 60.24 52.12
CA ILE E 163 55.28 60.19 53.15
C ILE E 163 55.77 59.58 54.48
N SER E 164 57.07 59.30 54.56
CA SER E 164 57.67 58.55 55.67
C SER E 164 57.07 58.86 57.05
N GLY E 165 57.28 60.08 57.54
CA GLY E 165 56.87 60.47 58.89
C GLY E 165 55.50 61.13 58.99
N VAL E 166 54.46 60.43 58.56
CA VAL E 166 53.07 60.83 58.86
C VAL E 166 52.41 59.73 59.68
N LYS E 167 51.92 60.11 60.87
CA LYS E 167 51.29 59.17 61.76
C LYS E 167 49.83 58.96 61.36
N ILE E 168 49.63 57.99 60.47
CA ILE E 168 48.28 57.49 60.15
C ILE E 168 47.66 56.94 61.45
N PRO E 169 46.38 57.24 61.72
CA PRO E 169 45.72 56.72 62.93
C PRO E 169 45.78 55.19 63.02
N LYS E 170 46.15 54.69 64.20
CA LYS E 170 46.19 53.25 64.46
C LYS E 170 44.79 52.67 64.38
N HIS E 171 43.81 53.44 64.86
CA HIS E 171 42.42 52.98 64.94
C HIS E 171 41.75 52.76 63.58
N LEU E 172 42.27 53.39 62.52
CA LEU E 172 41.73 53.13 61.18
C LEU E 172 42.30 51.87 60.55
N THR E 173 41.43 50.87 60.46
CA THR E 173 41.77 49.54 59.97
C THR E 173 40.64 48.99 59.13
N ASP E 174 40.94 47.90 58.44
CA ASP E 174 39.97 47.07 57.74
C ASP E 174 38.58 47.07 58.40
N ALA E 175 38.57 46.80 59.70
CA ALA E 175 37.34 46.72 60.49
C ALA E 175 36.49 47.98 60.46
N TYR E 176 37.13 49.15 60.45
CA TYR E 176 36.43 50.42 60.37
C TYR E 176 35.94 50.69 58.95
N PHE E 177 36.80 50.49 57.95
CA PHE E 177 36.39 50.69 56.55
C PHE E 177 35.57 49.52 56.04
N LYS E 178 34.37 49.36 56.57
CA LYS E 178 33.59 48.14 56.37
C LYS E 178 32.11 48.52 56.41
N LYS E 179 31.33 48.03 55.45
CA LYS E 179 29.93 48.45 55.32
C LYS E 179 29.08 47.93 56.49
N LYS E 180 27.95 48.59 56.74
CA LYS E 180 27.33 48.57 58.07
C LYS E 180 25.92 47.95 58.18
N GLN E 181 24.97 48.43 57.37
CA GLN E 181 23.54 48.35 57.70
C GLN E 181 22.83 47.00 57.47
N LEU E 182 21.56 46.97 57.89
CA LEU E 182 20.54 45.93 57.56
C LEU E 182 20.51 44.70 58.48
N ARG E 183 19.39 44.53 59.20
CA ARG E 183 19.09 43.32 59.98
C ARG E 183 17.87 42.59 59.36
N LYS E 184 17.37 41.55 60.03
CA LYS E 184 16.53 40.52 59.37
C LYS E 184 15.03 40.86 59.22
N PRO E 185 14.25 40.87 60.33
CA PRO E 185 12.81 40.73 60.21
C PRO E 185 12.04 42.03 59.89
N ARG E 186 11.62 42.81 60.91
CA ARG E 186 10.80 44.03 60.73
C ARG E 186 9.42 43.74 60.08
N HIS E 187 8.77 44.76 59.52
CA HIS E 187 7.47 44.61 58.84
C HIS E 187 7.57 43.78 57.54
N GLN E 188 8.65 43.99 56.80
CA GLN E 188 9.00 43.21 55.59
C GLN E 188 8.02 43.36 54.43
N GLU E 189 6.89 42.65 54.48
CA GLU E 189 6.02 42.49 53.32
C GLU E 189 5.10 43.69 53.11
N GLY E 190 5.04 44.19 51.89
CA GLY E 190 4.24 45.37 51.54
C GLY E 190 4.96 46.23 50.51
N GLU E 191 5.14 47.52 50.84
CA GLU E 191 5.92 48.44 50.02
C GLU E 191 6.85 49.28 50.90
N ILE E 192 7.54 48.61 51.82
CA ILE E 192 8.39 49.26 52.84
C ILE E 192 9.54 48.31 53.27
N PHE E 193 10.31 48.74 54.27
CA PHE E 193 11.43 47.97 54.88
C PHE E 193 12.73 48.05 54.08
N ASP E 194 13.60 48.98 54.48
CA ASP E 194 15.01 49.04 54.06
C ASP E 194 15.30 49.17 52.54
N THR E 195 14.26 49.37 51.73
CA THR E 195 14.43 50.01 50.42
C THR E 195 14.68 51.49 50.65
N GLU E 196 14.07 52.02 51.72
CA GLU E 196 14.42 53.33 52.27
C GLU E 196 15.70 53.20 53.13
N LYS E 197 15.73 53.76 54.35
CA LYS E 197 16.99 54.03 55.09
C LYS E 197 17.82 55.07 54.32
N GLU E 198 18.07 54.78 53.04
CA GLU E 198 18.33 55.75 51.97
C GLU E 198 19.81 56.04 51.80
N LYS E 199 20.40 56.70 52.79
CA LYS E 199 21.71 57.30 52.66
C LYS E 199 22.71 56.70 53.63
N TYR E 200 23.89 56.39 53.12
CA TYR E 200 25.07 56.25 53.96
C TYR E 200 25.44 57.67 54.40
N GLU E 201 25.30 57.93 55.70
CA GLU E 201 25.73 59.21 56.28
C GLU E 201 27.22 59.12 56.61
N ILE E 202 27.92 60.23 56.37
CA ILE E 202 29.39 60.25 56.44
C ILE E 202 29.92 60.05 57.86
N THR E 203 29.21 60.58 58.86
CA THR E 203 29.63 60.55 60.27
C THR E 203 30.77 61.54 60.53
N GLU E 204 30.98 61.84 61.80
CA GLU E 204 31.94 62.89 62.20
C GLU E 204 33.35 62.33 62.45
N GLN E 205 33.44 61.15 63.06
CA GLN E 205 34.74 60.46 63.24
C GLN E 205 35.45 60.32 61.91
N ARG E 206 34.72 59.86 60.89
CA ARG E 206 35.22 59.71 59.53
C ARG E 206 35.77 61.04 59.00
N LYS E 207 35.01 62.13 59.18
CA LYS E 207 35.45 63.46 58.75
C LYS E 207 36.66 63.96 59.52
N VAL E 208 36.74 63.61 60.81
CA VAL E 208 37.88 63.97 61.65
C VAL E 208 39.13 63.22 61.22
N ASP E 209 39.00 61.92 60.96
CA ASP E 209 40.10 61.10 60.47
C ASP E 209 40.74 61.68 59.21
N GLN E 210 39.89 61.95 58.22
CA GLN E 210 40.30 62.57 56.96
C GLN E 210 41.08 63.85 57.18
N LYS E 211 40.46 64.79 57.89
CA LYS E 211 41.09 66.07 58.26
C LYS E 211 42.51 65.93 58.80
N ALA E 212 42.69 64.96 59.71
CA ALA E 212 43.98 64.72 60.35
C ALA E 212 45.03 64.23 59.38
N VAL E 213 44.65 63.23 58.59
CA VAL E 213 45.57 62.58 57.66
C VAL E 213 45.96 63.53 56.54
N ASP E 214 44.96 64.18 55.94
CA ASP E 214 45.19 65.01 54.75
C ASP E 214 46.21 66.11 55.03
N SER E 215 46.09 66.75 56.20
CA SER E 215 46.99 67.85 56.58
C SER E 215 48.46 67.42 56.57
N GLN E 216 48.75 66.22 57.08
CA GLN E 216 50.11 65.71 57.01
C GLN E 216 50.58 65.44 55.59
N ILE E 217 49.74 64.81 54.78
CA ILE E 217 50.04 64.64 53.35
C ILE E 217 50.07 65.96 52.60
N LEU E 218 49.09 66.81 52.87
CA LEU E 218 48.72 67.82 51.90
C LEU E 218 49.88 68.78 51.72
N PRO E 219 50.56 69.09 52.90
CA PRO E 219 51.78 69.91 52.69
C PRO E 219 52.81 69.16 51.86
N LYS E 220 52.97 67.86 52.12
CA LYS E 220 54.01 67.08 51.47
C LYS E 220 53.82 67.02 49.97
N ILE E 221 52.58 66.84 49.52
CA ILE E 221 52.30 66.77 48.09
C ILE E 221 52.65 68.09 47.43
N LYS E 222 52.30 69.19 48.07
CA LYS E 222 52.42 70.49 47.43
C LYS E 222 53.87 70.80 47.13
N ALA E 223 54.75 70.44 48.05
CA ALA E 223 56.20 70.64 47.87
C ALA E 223 56.68 70.25 46.48
N VAL E 224 56.06 69.21 45.90
CA VAL E 224 56.39 68.79 44.54
C VAL E 224 55.63 69.66 43.55
N PRO E 225 56.34 70.40 42.68
CA PRO E 225 55.64 71.33 41.76
C PRO E 225 54.76 70.64 40.71
N GLN E 226 53.52 71.14 40.59
CA GLN E 226 52.44 70.63 39.73
C GLN E 226 51.73 69.38 40.26
N LEU E 227 52.24 68.79 41.33
CA LEU E 227 51.77 67.47 41.75
C LEU E 227 50.31 67.54 42.15
N GLN E 228 49.92 68.59 42.88
CA GLN E 228 48.50 68.79 43.20
C GLN E 228 47.63 68.79 41.94
N GLY E 229 48.05 69.52 40.91
CA GLY E 229 47.32 69.59 39.64
C GLY E 229 47.25 68.26 38.91
N TYR E 230 48.32 67.47 39.02
CA TYR E 230 48.35 66.10 38.53
C TYR E 230 47.32 65.27 39.28
N LEU E 231 47.29 65.43 40.59
CA LEU E 231 46.38 64.68 41.43
C LEU E 231 44.93 65.14 41.34
N ARG E 232 44.71 66.33 40.82
CA ARG E 232 43.36 66.74 40.43
C ARG E 232 42.91 65.97 39.19
N SER E 233 43.80 65.80 38.21
CA SER E 233 43.44 65.27 36.90
C SER E 233 42.99 63.80 36.88
N VAL E 234 42.36 63.42 35.77
CA VAL E 234 41.86 62.06 35.55
C VAL E 234 42.58 61.44 34.37
N PHE E 235 42.92 60.17 34.54
CA PHE E 235 43.62 59.41 33.53
C PHE E 235 42.64 58.82 32.54
N ALA E 236 43.05 58.80 31.27
CA ALA E 236 42.25 58.19 30.21
C ALA E 236 43.09 58.02 28.96
N LEU E 237 42.78 56.97 28.21
CA LEU E 237 43.52 56.61 27.03
C LEU E 237 42.99 57.40 25.86
N THR E 238 43.85 58.19 25.23
CA THR E 238 43.47 58.93 24.03
C THR E 238 43.89 58.14 22.79
N ASN E 239 43.73 58.74 21.61
CA ASN E 239 44.18 58.13 20.36
C ASN E 239 45.69 58.05 20.23
N GLY E 240 46.16 56.92 19.73
CA GLY E 240 47.58 56.72 19.43
C GLY E 240 48.47 56.33 20.60
N VAL E 241 47.88 56.22 21.79
CA VAL E 241 48.63 55.95 23.01
C VAL E 241 48.13 54.63 23.56
N TYR E 242 49.05 53.68 23.67
CA TYR E 242 48.71 52.32 24.00
C TYR E 242 49.36 51.97 25.33
N PRO E 243 48.57 51.45 26.28
CA PRO E 243 49.05 51.02 27.59
C PRO E 243 50.39 50.30 27.58
N HIS E 244 50.52 49.33 26.69
CA HIS E 244 51.73 48.52 26.58
C HIS E 244 52.99 49.29 26.16
N LYS E 245 52.80 50.39 25.44
CA LYS E 245 53.90 51.24 24.98
C LYS E 245 54.36 52.20 26.08
N LEU E 246 53.40 52.90 26.68
CA LEU E 246 53.72 53.93 27.68
C LEU E 246 54.07 53.28 29.02
N VAL E 247 54.65 54.08 29.91
CA VAL E 247 55.01 53.62 31.25
C VAL E 247 54.28 54.41 32.34
N PHE E 248 53.96 53.72 33.43
CA PHE E 248 53.54 54.34 34.67
C PHE E 248 53.94 53.45 35.85
N ASN F 1 44.30 -8.61 82.45
CA ASN F 1 43.94 -8.59 81.00
C ASN F 1 44.32 -7.29 80.29
N PHE F 2 43.73 -6.19 80.76
CA PHE F 2 43.64 -4.96 79.97
C PHE F 2 44.95 -4.19 79.82
N ALA F 3 45.53 -3.79 80.95
CA ALA F 3 46.75 -2.96 80.95
C ALA F 3 48.00 -3.71 80.47
N GLU F 4 47.99 -5.04 80.58
CA GLU F 4 49.04 -5.89 80.01
C GLU F 4 49.02 -5.83 78.48
N LEU F 5 47.83 -6.04 77.92
CA LEU F 5 47.63 -6.01 76.46
C LEU F 5 47.95 -4.64 75.88
N LYS F 6 47.38 -3.60 76.47
CA LYS F 6 47.59 -2.21 76.03
C LYS F 6 49.07 -1.91 75.82
N ILE F 7 49.88 -2.21 76.85
CA ILE F 7 51.33 -2.01 76.80
C ILE F 7 51.99 -2.86 75.72
N LYS F 8 51.53 -4.10 75.56
CA LYS F 8 52.01 -4.97 74.48
C LYS F 8 51.73 -4.35 73.11
N ARG F 9 50.51 -3.84 72.92
CA ARG F 9 50.15 -3.12 71.69
C ARG F 9 50.96 -1.84 71.50
N LEU F 10 51.20 -1.09 72.57
CA LEU F 10 52.08 0.08 72.50
C LEU F 10 53.51 -0.30 72.17
N ARG F 11 53.98 -1.43 72.73
CA ARG F 11 55.31 -1.94 72.43
C ARG F 11 55.41 -2.24 70.95
N LYS F 12 54.44 -3.02 70.44
CA LYS F 12 54.37 -3.35 69.03
C LYS F 12 54.48 -2.08 68.19
N LYS F 13 53.59 -1.14 68.48
CA LYS F 13 53.55 0.16 67.80
C LYS F 13 54.94 0.78 67.69
N PHE F 14 55.65 0.81 68.82
CA PHE F 14 56.98 1.40 68.84
C PHE F 14 57.97 0.64 67.96
N ALA F 15 57.96 -0.70 68.04
CA ALA F 15 58.90 -1.53 67.29
C ALA F 15 58.78 -1.33 65.77
N GLN F 16 57.58 -0.97 65.33
CA GLN F 16 57.32 -0.57 63.96
C GLN F 16 57.95 0.76 63.63
N LYS F 17 57.64 1.76 64.47
CA LYS F 17 58.17 3.11 64.33
C LYS F 17 59.70 3.12 64.32
N MET F 18 60.32 2.33 65.19
CA MET F 18 61.78 2.13 65.15
C MET F 18 62.24 1.59 63.80
N LEU F 19 61.58 0.55 63.32
CA LEU F 19 61.98 -0.09 62.05
C LEU F 19 61.82 0.87 60.90
N ARG F 20 60.68 1.55 60.87
CA ARG F 20 60.47 2.59 59.86
C ARG F 20 61.64 3.56 59.84
N LYS F 21 62.00 4.10 61.01
CA LYS F 21 63.17 4.97 61.15
C LYS F 21 64.45 4.35 60.58
N ALA F 22 64.66 3.07 60.90
CA ALA F 22 65.86 2.38 60.44
C ALA F 22 65.92 2.32 58.93
N ARG F 23 64.87 1.81 58.31
CA ARG F 23 64.81 1.66 56.85
C ARG F 23 64.90 2.98 56.13
N ARG F 24 64.35 4.01 56.75
CA ARG F 24 64.50 5.36 56.24
C ARG F 24 65.99 5.73 56.20
N LYS F 25 66.70 5.50 57.31
CA LYS F 25 68.12 5.83 57.42
C LYS F 25 68.99 5.06 56.42
N LEU F 26 68.68 3.80 56.22
CA LEU F 26 69.30 3.03 55.15
C LEU F 26 69.11 3.69 53.79
N ILE F 27 67.87 4.08 53.49
CA ILE F 27 67.56 4.73 52.22
C ILE F 27 68.41 5.97 52.05
N TYR F 28 68.46 6.76 53.12
CA TYR F 28 69.22 8.01 53.13
C TYR F 28 70.69 7.78 52.87
N GLU F 29 71.28 6.76 53.48
CA GLU F 29 72.69 6.46 53.24
C GLU F 29 72.95 5.83 51.87
N LYS F 30 72.03 5.00 51.41
CA LYS F 30 72.11 4.42 50.07
C LYS F 30 72.17 5.47 48.98
N ALA F 31 71.38 6.53 49.13
CA ALA F 31 71.41 7.65 48.20
C ALA F 31 72.78 8.29 48.25
N LYS F 32 73.18 8.69 49.47
CA LYS F 32 74.45 9.37 49.68
C LYS F 32 75.62 8.65 49.04
N HIS F 33 75.58 7.32 49.08
CA HIS F 33 76.59 6.52 48.43
C HIS F 33 76.48 6.64 46.92
N TYR F 34 75.27 6.50 46.40
CA TYR F 34 75.05 6.61 44.96
C TYR F 34 75.38 7.99 44.39
N HIS F 35 75.27 9.02 45.23
CA HIS F 35 75.73 10.35 44.88
C HIS F 35 77.23 10.37 44.64
N LYS F 36 77.94 9.72 45.56
CA LYS F 36 79.39 9.58 45.49
C LYS F 36 79.79 8.64 44.35
N GLU F 37 79.01 7.59 44.11
CA GLU F 37 79.29 6.67 43.00
C GLU F 37 79.20 7.34 41.63
N TYR F 38 78.18 8.16 41.41
CA TYR F 38 78.00 8.81 40.10
C TYR F 38 79.04 9.90 39.87
N ARG F 39 79.39 10.60 40.95
CA ARG F 39 80.47 11.57 40.93
C ARG F 39 81.76 10.89 40.49
N GLN F 40 82.10 9.81 41.18
CA GLN F 40 83.31 9.05 40.90
C GLN F 40 83.33 8.54 39.46
N MET F 41 82.18 8.12 38.95
CA MET F 41 82.07 7.62 37.56
C MET F 41 82.36 8.71 36.55
N TYR F 42 81.85 9.90 36.82
CA TYR F 42 81.93 11.03 35.88
C TYR F 42 83.35 11.53 35.75
N ARG F 43 83.94 11.83 36.89
CA ARG F 43 85.32 12.32 36.96
C ARG F 43 86.30 11.33 36.36
N THR F 44 86.18 10.07 36.78
CA THR F 44 87.10 9.02 36.34
C THR F 44 86.94 8.59 34.87
N GLU F 45 86.00 9.19 34.15
CA GLU F 45 86.03 9.13 32.68
C GLU F 45 86.86 10.28 32.13
N ILE F 46 86.74 11.46 32.72
CA ILE F 46 87.54 12.61 32.28
C ILE F 46 89.01 12.37 32.61
N ARG F 47 89.27 12.05 33.87
CA ARG F 47 90.58 11.57 34.34
C ARG F 47 91.30 10.77 33.27
N MET F 48 90.60 9.78 32.72
CA MET F 48 91.19 8.87 31.73
C MET F 48 91.61 9.60 30.47
N ALA F 49 90.69 10.34 29.87
CA ALA F 49 90.97 11.00 28.60
C ALA F 49 92.12 11.97 28.75
N ARG F 50 92.03 12.88 29.72
CA ARG F 50 93.15 13.79 30.00
C ARG F 50 94.48 13.04 30.01
N MET F 51 94.49 11.85 30.62
CA MET F 51 95.72 11.04 30.75
C MET F 51 96.13 10.42 29.42
N ALA F 52 95.18 10.03 28.58
CA ALA F 52 95.50 9.64 27.21
C ALA F 52 96.07 10.84 26.48
N ARG F 53 95.42 11.98 26.64
CA ARG F 53 95.79 13.20 25.91
C ARG F 53 97.15 13.73 26.31
N LYS F 54 97.57 13.44 27.54
CA LYS F 54 98.90 13.81 28.00
C LYS F 54 99.95 13.09 27.16
N ALA F 55 99.77 11.79 26.99
CA ALA F 55 100.52 11.04 25.98
C ALA F 55 99.90 11.33 24.62
N GLY F 56 100.63 10.99 23.56
CA GLY F 56 100.07 11.02 22.21
C GLY F 56 99.29 9.73 22.04
N ASN F 57 98.09 9.71 22.62
CA ASN F 57 97.31 8.48 22.82
C ASN F 57 95.84 8.84 22.66
N PHE F 58 94.97 7.85 22.81
CA PHE F 58 93.53 8.07 22.80
C PHE F 58 92.86 7.24 23.88
N TYR F 59 91.81 7.78 24.50
CA TYR F 59 90.97 7.02 25.41
C TYR F 59 89.62 6.82 24.76
N VAL F 60 89.41 5.64 24.20
CA VAL F 60 88.12 5.28 23.64
C VAL F 60 87.29 4.76 24.80
N PRO F 61 86.32 5.56 25.29
CA PRO F 61 85.55 5.13 26.44
C PRO F 61 84.62 3.99 26.07
N ALA F 62 84.02 3.38 27.08
CA ALA F 62 83.17 2.21 26.86
C ALA F 62 82.02 2.55 25.96
N GLU F 63 81.63 1.59 25.12
CA GLU F 63 80.38 1.72 24.38
C GLU F 63 79.26 1.63 25.39
N PRO F 64 78.14 2.33 25.11
CA PRO F 64 77.14 2.48 26.15
C PRO F 64 76.43 1.17 26.47
N LYS F 65 76.03 1.03 27.73
CA LYS F 65 75.31 -0.14 28.18
C LYS F 65 73.85 0.02 27.82
N LEU F 66 73.30 1.19 28.12
CA LEU F 66 71.84 1.37 28.23
C LEU F 66 71.38 2.51 27.35
N ALA F 67 70.19 2.34 26.77
CA ALA F 67 69.60 3.33 25.88
C ALA F 67 68.09 3.45 26.04
N PHE F 68 67.59 4.68 25.95
CA PHE F 68 66.16 4.94 25.98
C PHE F 68 65.65 4.89 24.55
N VAL F 69 64.47 4.30 24.34
CA VAL F 69 63.94 4.09 22.99
C VAL F 69 62.51 4.56 22.86
N ILE F 70 62.32 5.64 22.12
CA ILE F 70 61.02 6.27 21.96
C ILE F 70 60.42 5.88 20.62
N ARG F 71 59.17 5.41 20.66
CA ARG F 71 58.42 5.11 19.47
C ARG F 71 57.91 6.42 18.88
N ILE F 72 58.38 6.74 17.68
CA ILE F 72 58.11 8.04 17.06
C ILE F 72 57.25 7.98 15.80
N ARG F 73 56.66 6.82 15.50
CA ARG F 73 55.55 6.82 14.56
C ARG F 73 54.48 5.81 14.89
N GLY F 74 53.31 6.08 14.33
CA GLY F 74 52.07 5.53 14.82
C GLY F 74 51.85 4.07 14.55
N ILE F 75 50.60 3.66 14.61
CA ILE F 75 50.25 2.26 14.72
C ILE F 75 49.38 1.80 13.56
N ASN F 76 49.59 2.41 12.41
CA ASN F 76 48.86 2.07 11.18
C ASN F 76 49.86 1.61 10.14
N GLY F 77 49.51 0.56 9.39
CA GLY F 77 50.28 0.12 8.24
C GLY F 77 51.72 -0.22 8.55
N VAL F 78 51.89 -1.06 9.57
CA VAL F 78 53.21 -1.37 10.07
C VAL F 78 53.49 -2.86 9.90
N SER F 79 54.60 -3.14 9.20
CA SER F 79 55.06 -4.49 8.89
C SER F 79 55.05 -5.44 10.08
N PRO F 80 54.78 -6.74 9.85
CA PRO F 80 54.64 -7.67 10.95
C PRO F 80 55.92 -7.96 11.75
N LYS F 81 57.09 -7.91 11.11
CA LYS F 81 58.33 -8.14 11.85
C LYS F 81 58.69 -6.96 12.76
N VAL F 82 58.53 -5.75 12.23
CA VAL F 82 58.65 -4.54 13.04
C VAL F 82 57.68 -4.59 14.19
N ARG F 83 56.40 -4.73 13.85
CA ARG F 83 55.32 -4.70 14.83
C ARG F 83 55.58 -5.63 15.99
N LYS F 84 56.10 -6.83 15.71
CA LYS F 84 56.40 -7.78 16.78
C LYS F 84 57.49 -7.26 17.71
N VAL F 85 58.60 -6.79 17.14
CA VAL F 85 59.68 -6.22 17.94
C VAL F 85 59.22 -5.01 18.72
N LEU F 86 58.44 -4.14 18.10
CA LEU F 86 57.88 -3.01 18.82
C LEU F 86 57.03 -3.42 20.02
N GLN F 87 56.37 -4.57 19.95
CA GLN F 87 55.70 -5.12 21.13
C GLN F 87 56.55 -6.14 21.89
N LEU F 88 57.84 -6.26 21.56
CA LEU F 88 58.85 -6.83 22.46
C LEU F 88 59.68 -5.77 23.17
N LEU F 89 59.59 -4.51 22.74
CA LEU F 89 60.13 -3.41 23.51
C LEU F 89 59.06 -2.74 24.37
N ARG F 90 57.82 -3.25 24.31
CA ARG F 90 56.67 -2.65 24.99
C ARG F 90 56.36 -1.24 24.48
N LEU F 91 56.60 -1.02 23.18
CA LEU F 91 56.42 0.28 22.57
C LEU F 91 55.19 0.27 21.70
N ARG F 92 54.05 0.14 22.36
CA ARG F 92 52.80 -0.07 21.63
C ARG F 92 52.21 1.22 21.09
N GLN F 93 51.78 2.12 21.96
CA GLN F 93 51.42 3.49 21.58
C GLN F 93 52.58 4.30 21.02
N ILE F 94 52.25 5.35 20.25
CA ILE F 94 53.24 6.35 19.82
C ILE F 94 53.65 7.25 20.98
N PHE F 95 54.94 7.57 21.02
CA PHE F 95 55.61 8.29 22.10
C PHE F 95 55.69 7.55 23.43
N ASN F 96 55.62 6.21 23.39
CA ASN F 96 56.05 5.42 24.54
C ASN F 96 57.52 5.16 24.42
N GLY F 97 58.16 5.04 25.57
CA GLY F 97 59.59 4.83 25.63
C GLY F 97 59.94 3.80 26.67
N THR F 98 61.10 3.18 26.49
CA THR F 98 61.64 2.22 27.45
C THR F 98 63.14 2.32 27.48
N PHE F 99 63.70 2.05 28.65
CA PHE F 99 65.11 1.75 28.75
C PHE F 99 65.34 0.37 28.15
N VAL F 100 66.55 0.16 27.67
CA VAL F 100 66.90 -1.02 26.90
C VAL F 100 68.39 -1.23 27.07
N LYS F 101 68.80 -2.37 27.64
CA LYS F 101 70.22 -2.65 27.75
C LYS F 101 70.70 -3.12 26.39
N LEU F 102 71.89 -2.68 26.02
CA LEU F 102 72.43 -2.93 24.70
C LEU F 102 73.27 -4.19 24.73
N ASN F 103 73.20 -4.91 23.63
CA ASN F 103 74.09 -6.01 23.31
C ASN F 103 73.70 -6.52 21.94
N LYS F 104 74.60 -7.27 21.33
CA LYS F 104 74.42 -7.80 19.97
C LYS F 104 72.98 -8.20 19.63
N ALA F 105 72.32 -8.89 20.57
CA ALA F 105 70.92 -9.27 20.40
C ALA F 105 70.02 -8.05 20.37
N SER F 106 70.09 -7.27 21.45
CA SER F 106 69.22 -6.11 21.66
C SER F 106 69.36 -5.03 20.59
N ILE F 107 70.61 -4.69 20.27
CA ILE F 107 70.93 -3.65 19.29
C ILE F 107 70.35 -3.98 17.93
N ASN F 108 70.45 -5.24 17.54
CA ASN F 108 69.91 -5.70 16.26
C ASN F 108 68.40 -5.66 16.23
N MET F 109 67.74 -5.98 17.34
CA MET F 109 66.30 -5.73 17.43
C MET F 109 65.94 -4.25 17.23
N LEU F 110 66.75 -3.34 17.75
CA LEU F 110 66.56 -1.93 17.43
C LEU F 110 66.84 -1.64 15.96
N ARG F 111 67.82 -2.33 15.36
CA ARG F 111 68.08 -2.20 13.92
C ARG F 111 66.89 -2.58 13.06
N ILE F 112 66.15 -3.61 13.46
CA ILE F 112 64.97 -4.04 12.70
C ILE F 112 63.79 -3.05 12.85
N VAL F 113 63.76 -2.23 13.91
CA VAL F 113 62.72 -1.18 14.04
C VAL F 113 63.17 0.28 13.90
N GLU F 114 64.22 0.53 13.11
CA GLU F 114 64.86 1.87 13.04
C GLU F 114 64.00 3.07 12.64
N PRO F 115 63.23 2.96 11.54
CA PRO F 115 62.41 4.08 11.12
C PRO F 115 61.11 4.20 11.90
N TYR F 116 60.95 3.37 12.93
CA TYR F 116 59.85 3.47 13.85
C TYR F 116 60.22 4.04 15.22
N ILE F 117 61.51 4.24 15.49
CA ILE F 117 61.94 4.75 16.78
C ILE F 117 63.03 5.80 16.70
N ALA F 118 63.05 6.61 17.74
CA ALA F 118 64.15 7.49 18.05
C ALA F 118 64.71 6.93 19.31
N TRP F 119 66.03 6.86 19.40
CA TRP F 119 66.64 6.29 20.59
C TRP F 119 68.09 6.71 20.76
N GLY F 120 68.62 6.43 21.95
CA GLY F 120 70.01 6.68 22.25
C GLY F 120 70.31 6.62 23.73
N TYR F 121 71.43 7.24 24.10
CA TYR F 121 72.09 6.98 25.38
C TYR F 121 71.72 8.05 26.40
N PRO F 122 70.86 7.70 27.37
CA PRO F 122 70.33 8.72 28.23
C PRO F 122 71.34 9.20 29.25
N ASN F 123 71.12 10.43 29.68
CA ASN F 123 71.93 11.11 30.67
C ASN F 123 71.62 10.53 32.04
N LEU F 124 72.31 10.97 33.09
CA LEU F 124 71.86 10.65 34.44
C LEU F 124 70.55 11.35 34.69
N LYS F 125 70.55 12.67 34.50
CA LYS F 125 69.37 13.51 34.70
C LYS F 125 68.12 12.98 34.00
N SER F 126 68.29 12.41 32.80
CA SER F 126 67.19 11.83 32.04
C SER F 126 66.55 10.67 32.77
N VAL F 127 67.38 9.80 33.33
CA VAL F 127 66.90 8.67 34.12
C VAL F 127 66.17 9.14 35.38
N ASN F 128 66.63 10.22 35.98
CA ASN F 128 65.92 10.79 37.12
C ASN F 128 64.58 11.37 36.70
N GLU F 129 64.62 12.29 35.75
CA GLU F 129 63.42 13.00 35.31
C GLU F 129 62.33 12.07 34.80
N LEU F 130 62.71 11.03 34.06
CA LEU F 130 61.76 10.02 33.63
C LEU F 130 61.19 9.24 34.80
N ILE F 131 62.04 8.80 35.72
CA ILE F 131 61.58 8.03 36.87
C ILE F 131 60.75 8.87 37.83
N TYR F 132 61.18 10.07 38.19
CA TYR F 132 60.41 10.85 39.15
C TYR F 132 59.12 11.42 38.59
N LYS F 133 59.17 11.97 37.39
CA LYS F 133 57.98 12.62 36.83
C LYS F 133 56.99 11.61 36.26
N ARG F 134 57.49 10.50 35.73
CA ARG F 134 56.64 9.54 35.05
C ARG F 134 57.04 8.12 35.40
N GLY F 135 57.25 7.87 36.69
CA GLY F 135 57.65 6.55 37.17
C GLY F 135 56.45 5.79 37.67
N TYR F 136 56.02 4.78 36.92
CA TYR F 136 54.85 3.99 37.25
C TYR F 136 55.20 2.51 37.34
N GLY F 137 54.86 1.91 38.48
CA GLY F 137 55.10 0.49 38.72
C GLY F 137 54.12 -0.38 37.96
N LYS F 138 54.51 -1.64 37.78
CA LYS F 138 53.60 -2.68 37.34
C LYS F 138 53.41 -3.55 38.58
N ILE F 139 52.23 -3.42 39.18
CA ILE F 139 51.96 -3.95 40.51
C ILE F 139 50.63 -4.69 40.48
N ASN F 140 50.72 -6.02 40.36
CA ASN F 140 49.57 -6.86 40.08
C ASN F 140 48.93 -6.45 38.74
N LYS F 141 49.80 -6.19 37.76
CA LYS F 141 49.38 -5.81 36.41
C LYS F 141 48.55 -4.52 36.32
N LYS F 142 48.55 -3.72 37.38
CA LYS F 142 47.88 -2.44 37.37
C LYS F 142 48.97 -1.38 37.36
N ARG F 143 49.06 -0.64 36.27
CA ARG F 143 49.88 0.55 36.22
C ARG F 143 49.53 1.41 37.42
N ILE F 144 50.50 1.59 38.31
CA ILE F 144 50.35 2.34 39.55
C ILE F 144 51.56 3.27 39.72
N ALA F 145 51.29 4.54 40.05
CA ALA F 145 52.35 5.56 40.17
C ALA F 145 53.18 5.35 41.44
N LEU F 146 54.49 5.46 41.29
CA LEU F 146 55.43 5.19 42.37
C LEU F 146 55.38 6.38 43.33
N THR F 147 54.38 6.35 44.19
CA THR F 147 54.13 7.41 45.16
C THR F 147 54.96 7.20 46.41
N ASP F 148 55.23 5.94 46.73
CA ASP F 148 56.13 5.62 47.82
C ASP F 148 57.00 4.39 47.52
N ASN F 149 58.07 4.28 48.30
CA ASN F 149 59.00 3.15 48.24
C ASN F 149 58.41 1.83 48.72
N ALA F 150 57.41 1.91 49.60
CA ALA F 150 56.59 0.74 49.96
C ALA F 150 56.09 -0.02 48.74
N LEU F 151 55.89 0.66 47.62
CA LEU F 151 55.53 0.01 46.34
C LEU F 151 56.70 -0.67 45.68
N ILE F 152 57.80 0.08 45.54
CA ILE F 152 59.02 -0.44 44.91
C ILE F 152 59.56 -1.62 45.72
N ALA F 153 59.68 -1.40 47.03
CA ALA F 153 60.18 -2.42 47.93
C ALA F 153 59.35 -3.68 47.82
N ARG F 154 58.04 -3.54 48.02
CA ARG F 154 57.11 -4.69 47.98
C ARG F 154 57.40 -5.61 46.79
N SER F 155 57.77 -5.03 45.65
CA SER F 155 57.97 -5.74 44.39
C SER F 155 59.43 -6.12 44.12
N LEU F 156 60.33 -5.16 44.26
CA LEU F 156 61.75 -5.31 43.89
C LEU F 156 62.68 -5.50 45.09
N GLY F 157 62.15 -5.46 46.31
CA GLY F 157 62.95 -5.60 47.53
C GLY F 157 63.64 -6.93 47.71
N LYS F 158 63.14 -7.96 47.01
CA LYS F 158 63.81 -9.25 46.93
C LYS F 158 65.11 -9.22 46.11
N TYR F 159 65.46 -8.06 45.55
CA TYR F 159 66.71 -7.88 44.82
C TYR F 159 67.68 -6.91 45.49
N GLY F 160 67.33 -6.37 46.66
CA GLY F 160 68.09 -5.29 47.26
C GLY F 160 67.66 -3.91 46.80
N ILE F 161 66.57 -3.82 46.02
CA ILE F 161 66.09 -2.53 45.51
C ILE F 161 64.89 -2.12 46.36
N ILE F 162 65.09 -1.10 47.18
CA ILE F 162 64.13 -0.74 48.23
C ILE F 162 63.64 0.70 48.20
N CYS F 163 63.93 1.41 47.11
CA CYS F 163 63.55 2.80 46.99
C CYS F 163 63.77 3.29 45.58
N MET F 164 63.15 4.44 45.28
CA MET F 164 63.29 5.10 43.98
C MET F 164 64.76 5.24 43.60
N GLU F 165 65.57 5.63 44.57
CA GLU F 165 66.99 5.86 44.34
C GLU F 165 67.71 4.59 43.89
N ASP F 166 67.45 3.49 44.58
CA ASP F 166 67.98 2.17 44.19
C ASP F 166 67.60 1.80 42.78
N LEU F 167 66.35 2.07 42.45
CA LEU F 167 65.81 1.79 41.14
C LEU F 167 66.64 2.53 40.09
N ILE F 168 66.81 3.84 40.28
CA ILE F 168 67.60 4.69 39.38
C ILE F 168 69.02 4.20 39.17
N HIS F 169 69.62 3.66 40.22
CA HIS F 169 70.94 3.10 40.16
C HIS F 169 70.99 1.78 39.41
N GLU F 170 69.93 0.99 39.52
CA GLU F 170 69.82 -0.27 38.79
C GLU F 170 69.62 -0.07 37.29
N ILE F 171 68.80 0.92 36.96
CA ILE F 171 68.53 1.29 35.57
C ILE F 171 69.76 1.90 34.88
N TYR F 172 70.46 2.77 35.59
CA TYR F 172 71.50 3.61 35.01
C TYR F 172 72.83 2.90 34.87
N THR F 173 73.15 2.03 35.83
CA THR F 173 74.36 1.21 35.79
C THR F 173 74.12 -0.15 35.13
N VAL F 174 72.85 -0.46 34.87
CA VAL F 174 72.46 -1.71 34.23
C VAL F 174 73.01 -2.85 35.08
N GLY F 175 72.47 -2.97 36.28
CA GLY F 175 73.00 -3.93 37.24
C GLY F 175 72.68 -5.36 36.89
N LYS F 176 72.94 -6.26 37.83
CA LYS F 176 72.47 -7.62 37.71
C LYS F 176 70.96 -7.60 37.46
N ARG F 177 70.27 -6.89 38.35
CA ARG F 177 68.83 -6.97 38.48
C ARG F 177 68.13 -5.94 37.59
N PHE F 178 68.66 -5.72 36.38
CA PHE F 178 68.13 -4.67 35.51
C PHE F 178 66.83 -5.13 34.93
N LYS F 179 66.86 -6.31 34.32
CA LYS F 179 65.68 -6.91 33.71
C LYS F 179 64.45 -6.79 34.60
N GLU F 180 64.65 -7.02 35.89
CA GLU F 180 63.55 -7.05 36.82
C GLU F 180 63.12 -5.66 37.29
N ALA F 181 64.07 -4.73 37.37
CA ALA F 181 63.73 -3.34 37.69
C ALA F 181 63.14 -2.63 36.48
N ASN F 182 63.69 -2.92 35.30
CA ASN F 182 63.20 -2.30 34.07
C ASN F 182 61.81 -2.80 33.68
N ASN F 183 61.57 -4.11 33.77
CA ASN F 183 60.23 -4.63 33.56
C ASN F 183 59.20 -4.11 34.58
N PHE F 184 59.62 -3.91 35.84
CA PHE F 184 58.75 -3.34 36.88
C PHE F 184 58.20 -1.98 36.48
N LEU F 185 59.05 -1.17 35.85
CA LEU F 185 58.63 0.11 35.33
C LEU F 185 57.67 -0.11 34.18
N TRP F 186 56.50 0.49 34.28
CA TRP F 186 55.56 0.52 33.19
C TRP F 186 56.11 1.46 32.11
N PRO F 187 55.95 1.13 30.82
CA PRO F 187 56.56 1.95 29.75
C PRO F 187 56.13 3.40 29.78
N PHE F 188 57.08 4.29 29.55
CA PHE F 188 56.90 5.72 29.84
C PHE F 188 56.03 6.43 28.82
N LYS F 189 54.83 6.82 29.25
CA LYS F 189 53.91 7.57 28.40
C LYS F 189 54.37 9.02 28.46
N LEU F 190 55.08 9.45 27.43
CA LEU F 190 55.58 10.83 27.32
C LEU F 190 54.63 11.58 26.41
N SER F 191 54.58 12.90 26.58
CA SER F 191 53.74 13.74 25.72
C SER F 191 54.37 13.88 24.32
N SER F 192 53.74 14.72 23.50
CA SER F 192 54.32 15.10 22.21
C SER F 192 55.59 15.94 22.42
N PRO F 193 56.47 16.00 21.40
CA PRO F 193 57.70 16.78 21.51
C PRO F 193 57.46 18.26 21.37
N ARG F 194 57.61 18.99 22.46
CA ARG F 194 57.45 20.44 22.42
C ARG F 194 58.52 21.05 21.54
N GLY F 195 58.14 22.13 20.86
CA GLY F 195 58.92 22.69 19.76
C GLY F 195 58.88 21.86 18.48
N GLY F 196 58.09 20.78 18.46
CA GLY F 196 58.07 19.87 17.34
C GLY F 196 59.32 19.03 17.14
N MET F 197 59.28 18.26 16.06
CA MET F 197 60.36 17.38 15.62
C MET F 197 60.99 18.03 14.38
N LYS F 198 61.90 17.32 13.72
CA LYS F 198 62.47 17.79 12.45
C LYS F 198 61.69 17.14 11.33
N LYS F 199 61.73 15.82 11.28
CA LYS F 199 60.98 15.04 10.32
C LYS F 199 60.84 13.65 10.89
N LYS F 200 59.61 13.18 10.92
CA LYS F 200 59.28 11.92 11.54
C LYS F 200 59.89 10.80 10.71
N THR F 201 59.73 10.91 9.41
CA THR F 201 59.91 9.79 8.53
C THR F 201 61.35 9.50 8.15
N THR F 202 62.26 10.44 8.37
CA THR F 202 63.65 10.28 7.96
C THR F 202 64.58 10.15 9.15
N HIS F 203 65.75 9.56 8.90
CA HIS F 203 66.71 9.25 9.94
C HIS F 203 67.35 10.52 10.48
N PHE F 204 67.89 10.42 11.68
CA PHE F 204 68.57 11.53 12.33
C PHE F 204 69.70 12.07 11.49
N VAL F 205 70.71 11.25 11.27
CA VAL F 205 71.79 11.50 10.32
C VAL F 205 71.37 12.33 9.11
N GLU F 206 70.26 11.94 8.47
CA GLU F 206 69.77 12.64 7.28
C GLU F 206 68.68 13.70 7.56
N GLY F 207 68.74 14.34 8.73
CA GLY F 207 67.83 15.45 9.08
C GLY F 207 66.64 15.12 9.96
N GLU F 208 66.09 13.91 9.82
CA GLU F 208 64.90 13.50 10.55
C GLU F 208 65.15 13.18 12.01
N ASP F 209 64.23 12.43 12.59
CA ASP F 209 64.27 12.13 14.03
C ASP F 209 64.56 10.67 14.36
N ALA F 210 64.22 9.76 13.44
CA ALA F 210 64.41 8.35 13.68
C ALA F 210 65.85 7.95 13.85
N GLY F 211 66.01 6.76 14.43
CA GLY F 211 67.30 6.12 14.52
C GLY F 211 68.09 6.55 15.73
N ASN F 212 69.32 6.03 15.80
CA ASN F 212 70.20 6.36 16.89
C ASN F 212 70.74 7.79 16.77
N ARG F 213 70.47 8.61 17.78
CA ARG F 213 71.06 9.95 17.91
C ARG F 213 71.95 10.06 19.17
N GLU F 214 72.29 8.91 19.75
CA GLU F 214 73.27 8.78 20.83
C GLU F 214 73.21 9.81 21.97
N ASP F 215 74.01 10.87 21.94
CA ASP F 215 73.96 11.89 23.01
C ASP F 215 72.66 12.68 22.97
N GLN F 216 72.18 12.95 21.76
CA GLN F 216 71.12 13.93 21.53
C GLN F 216 69.71 13.44 21.91
N ILE F 217 69.59 12.18 22.33
CA ILE F 217 68.33 11.65 22.87
C ILE F 217 67.88 12.38 24.14
N ASN F 218 68.84 12.99 24.83
CA ASN F 218 68.56 13.73 26.04
C ASN F 218 67.81 15.03 25.80
N ARG F 219 68.16 15.77 24.74
CA ARG F 219 67.39 16.97 24.36
C ARG F 219 65.93 16.61 24.12
N LEU F 220 65.72 15.57 23.31
CA LEU F 220 64.37 15.08 22.99
C LEU F 220 63.63 14.68 24.24
N ILE F 221 64.33 14.02 25.15
CA ILE F 221 63.73 13.65 26.42
C ILE F 221 63.17 14.86 27.14
N ARG F 222 63.95 15.93 27.26
CA ARG F 222 63.50 17.11 28.01
C ARG F 222 62.28 17.78 27.40
N ARG F 223 62.25 17.87 26.08
CA ARG F 223 61.12 18.50 25.38
C ARG F 223 59.86 17.61 25.35
N MET F 224 59.97 16.33 25.71
CA MET F 224 58.82 15.42 25.81
C MET F 224 58.40 15.07 27.23
N ASN F 225 59.38 14.77 28.09
CA ASN F 225 59.11 14.54 29.51
C ASN F 225 58.59 15.83 30.16
N LYS G 1 -84.82 -71.21 -71.54
CA LYS G 1 -83.42 -71.49 -71.10
C LYS G 1 -83.07 -70.79 -69.79
N VAL G 2 -82.09 -71.33 -69.08
CA VAL G 2 -81.57 -70.74 -67.84
C VAL G 2 -80.06 -70.51 -68.02
N VAL G 3 -79.71 -69.82 -69.11
CA VAL G 3 -78.33 -69.50 -69.47
C VAL G 3 -78.26 -68.13 -70.13
N ASN G 4 -77.89 -67.10 -69.38
CA ASN G 4 -77.75 -65.79 -70.00
C ASN G 4 -76.70 -65.82 -71.08
N PRO G 5 -77.00 -65.10 -72.24
CA PRO G 5 -75.84 -64.88 -73.11
C PRO G 5 -74.75 -64.08 -72.43
N LEU G 6 -75.13 -63.06 -71.67
CA LEU G 6 -74.21 -61.96 -71.39
C LEU G 6 -73.02 -62.52 -70.65
N PHE G 7 -73.29 -63.43 -69.72
CA PHE G 7 -72.23 -63.97 -68.87
C PHE G 7 -71.13 -64.55 -69.76
N GLU G 8 -69.90 -64.23 -69.38
CA GLU G 8 -68.72 -64.43 -70.22
C GLU G 8 -67.78 -65.36 -69.46
N LYS G 9 -66.47 -65.26 -69.71
CA LYS G 9 -65.46 -65.92 -68.88
C LYS G 9 -64.54 -64.88 -68.27
N ARG G 10 -63.85 -64.10 -69.10
CA ARG G 10 -62.91 -63.09 -68.65
C ARG G 10 -61.71 -63.68 -67.87
N PRO G 11 -60.98 -64.63 -68.48
CA PRO G 11 -59.90 -65.28 -67.74
C PRO G 11 -58.61 -64.43 -67.75
N LYS G 12 -57.93 -64.37 -66.61
CA LYS G 12 -56.73 -63.55 -66.45
C LYS G 12 -55.46 -64.35 -66.69
N ASN G 13 -54.65 -63.90 -67.66
CA ASN G 13 -53.32 -64.46 -67.89
C ASN G 13 -52.37 -63.97 -66.80
N PHE G 14 -51.99 -64.85 -65.89
CA PHE G 14 -50.98 -64.54 -64.88
C PHE G 14 -49.59 -64.83 -65.41
N GLY G 15 -49.17 -64.05 -66.38
CA GLY G 15 -47.90 -64.29 -67.07
C GLY G 15 -46.71 -63.66 -66.39
N ILE G 16 -45.80 -63.15 -67.21
CA ILE G 16 -44.85 -62.11 -66.81
C ILE G 16 -45.19 -60.87 -67.63
N GLY G 17 -45.30 -59.74 -66.95
CA GLY G 17 -45.71 -58.49 -67.58
C GLY G 17 -47.17 -58.43 -68.00
N GLN G 18 -47.94 -59.46 -67.66
CA GLN G 18 -49.33 -59.58 -68.09
C GLN G 18 -50.16 -59.19 -66.87
N ASP G 19 -51.38 -59.71 -66.75
CA ASP G 19 -52.22 -59.38 -65.61
C ASP G 19 -51.49 -59.65 -64.29
N ILE G 20 -51.10 -58.57 -63.63
CA ILE G 20 -50.75 -58.51 -62.19
C ILE G 20 -51.17 -59.72 -61.34
N GLN G 21 -50.19 -60.24 -60.60
CA GLN G 21 -50.21 -61.60 -60.09
C GLN G 21 -51.24 -61.79 -58.97
N PRO G 22 -51.75 -63.03 -58.80
CA PRO G 22 -52.76 -63.31 -57.77
C PRO G 22 -52.14 -63.35 -56.39
N LYS G 23 -52.93 -63.04 -55.37
CA LYS G 23 -52.43 -62.99 -53.99
C LYS G 23 -52.16 -64.40 -53.46
N ARG G 24 -51.04 -64.98 -53.89
CA ARG G 24 -50.70 -66.33 -53.50
C ARG G 24 -50.04 -66.34 -52.13
N ASP G 25 -50.01 -67.52 -51.52
CA ASP G 25 -49.43 -67.72 -50.20
C ASP G 25 -47.93 -67.45 -50.24
N LEU G 26 -47.43 -66.76 -49.22
CA LEU G 26 -46.00 -66.40 -49.11
C LEU G 26 -45.35 -66.88 -47.80
N THR G 27 -45.95 -67.88 -47.17
CA THR G 27 -45.47 -68.40 -45.89
C THR G 27 -43.98 -68.69 -45.88
N ARG G 28 -43.46 -69.14 -47.02
CA ARG G 28 -42.03 -69.45 -47.11
C ARG G 28 -41.18 -68.18 -47.09
N PHE G 29 -41.58 -67.16 -47.86
CA PHE G 29 -40.77 -65.94 -48.04
C PHE G 29 -41.20 -64.76 -47.17
N VAL G 30 -41.89 -65.04 -46.07
CA VAL G 30 -42.22 -64.01 -45.10
C VAL G 30 -40.95 -63.67 -44.33
N LYS G 31 -40.83 -62.41 -43.93
CA LYS G 31 -39.77 -62.00 -43.01
C LYS G 31 -40.26 -62.18 -41.59
N TRP G 32 -39.66 -63.10 -40.87
CA TRP G 32 -40.12 -63.45 -39.54
C TRP G 32 -39.44 -62.63 -38.45
N PRO G 33 -40.16 -62.37 -37.34
CA PRO G 33 -39.60 -61.70 -36.18
C PRO G 33 -38.49 -62.53 -35.60
N ARG G 34 -37.50 -61.86 -35.06
CA ARG G 34 -36.24 -62.50 -34.71
C ARG G 34 -36.37 -63.63 -33.69
N TYR G 35 -37.49 -63.70 -32.94
CA TYR G 35 -37.72 -64.84 -32.06
C TYR G 35 -38.07 -66.10 -32.84
N ILE G 36 -38.97 -65.95 -33.79
CA ILE G 36 -39.43 -67.06 -34.60
C ILE G 36 -38.28 -67.60 -35.41
N ARG G 37 -37.66 -66.70 -36.14
CA ARG G 37 -36.55 -67.03 -37.01
C ARG G 37 -35.51 -67.82 -36.25
N LEU G 38 -35.25 -67.44 -35.00
CA LEU G 38 -34.25 -68.12 -34.19
C LEU G 38 -34.66 -69.55 -33.81
N GLN G 39 -35.86 -69.71 -33.26
CA GLN G 39 -36.32 -71.04 -32.86
C GLN G 39 -36.36 -72.03 -33.99
N ARG G 40 -36.61 -71.53 -35.19
CA ARG G 40 -36.56 -72.35 -36.39
C ARG G 40 -35.14 -72.74 -36.77
N GLN G 41 -34.22 -71.78 -36.72
CA GLN G 41 -32.85 -72.08 -37.11
C GLN G 41 -31.98 -72.54 -35.96
N ARG G 42 -32.59 -72.75 -34.79
CA ARG G 42 -31.95 -73.56 -33.77
C ARG G 42 -32.12 -75.02 -34.16
N ALA G 43 -33.36 -75.41 -34.47
CA ALA G 43 -33.71 -76.78 -34.87
C ALA G 43 -32.85 -77.29 -36.00
N ILE G 44 -32.62 -76.42 -36.98
CA ILE G 44 -31.72 -76.70 -38.09
C ILE G 44 -30.31 -77.02 -37.62
N LEU G 45 -29.74 -76.20 -36.76
CA LEU G 45 -28.39 -76.47 -36.24
C LEU G 45 -28.28 -77.87 -35.67
N TYR G 46 -29.28 -78.25 -34.88
CA TYR G 46 -29.33 -79.60 -34.31
C TYR G 46 -29.30 -80.70 -35.36
N LYS G 47 -29.91 -80.44 -36.52
CA LYS G 47 -29.84 -81.38 -37.66
C LYS G 47 -28.53 -81.28 -38.44
N ARG G 48 -27.97 -80.09 -38.52
CA ARG G 48 -26.80 -79.84 -39.36
C ARG G 48 -25.48 -80.20 -38.70
N LEU G 49 -25.35 -79.90 -37.41
CA LEU G 49 -24.15 -80.19 -36.63
C LEU G 49 -24.05 -81.67 -36.26
N LYS G 50 -22.88 -82.05 -35.76
CA LYS G 50 -22.59 -83.41 -35.33
C LYS G 50 -23.04 -83.58 -33.87
N VAL G 51 -24.27 -84.04 -33.65
CA VAL G 51 -24.79 -84.17 -32.26
C VAL G 51 -24.21 -85.40 -31.60
N PRO G 52 -23.63 -85.25 -30.40
CA PRO G 52 -23.12 -86.37 -29.63
C PRO G 52 -24.24 -87.17 -28.92
N PRO G 53 -23.95 -88.45 -28.60
CA PRO G 53 -24.91 -89.51 -28.36
C PRO G 53 -25.72 -89.45 -27.07
N ALA G 54 -25.21 -88.71 -26.10
CA ALA G 54 -25.87 -88.56 -24.81
C ALA G 54 -27.07 -87.64 -24.96
N ILE G 55 -26.96 -86.73 -25.94
CA ILE G 55 -28.05 -85.87 -26.34
C ILE G 55 -28.88 -86.53 -27.44
N ASN G 56 -28.22 -87.25 -28.35
CA ASN G 56 -28.90 -87.90 -29.48
C ASN G 56 -29.90 -88.98 -29.08
N GLN G 57 -29.53 -89.77 -28.09
CA GLN G 57 -30.44 -90.78 -27.51
C GLN G 57 -31.86 -90.32 -27.15
N PHE G 58 -32.03 -89.02 -26.87
CA PHE G 58 -33.34 -88.46 -26.58
C PHE G 58 -34.21 -88.26 -27.82
N THR G 59 -33.61 -88.40 -29.00
CA THR G 59 -34.38 -88.48 -30.24
C THR G 59 -35.16 -89.79 -30.26
N GLN G 60 -34.49 -90.87 -29.88
CA GLN G 60 -35.10 -92.19 -29.76
C GLN G 60 -36.10 -92.19 -28.59
N VAL G 61 -37.33 -91.83 -28.91
CA VAL G 61 -38.42 -91.81 -27.95
C VAL G 61 -39.30 -93.04 -28.18
N LEU G 62 -40.26 -93.18 -27.28
CA LEU G 62 -41.14 -94.35 -27.22
C LEU G 62 -42.17 -94.28 -28.34
N ASP G 63 -42.73 -95.43 -28.71
CA ASP G 63 -43.70 -95.54 -29.82
C ASP G 63 -45.15 -95.41 -29.33
N ARG G 64 -46.00 -94.89 -30.20
CA ARG G 64 -47.34 -94.39 -29.84
C ARG G 64 -48.15 -95.36 -28.98
N GLN G 65 -48.23 -96.61 -29.42
CA GLN G 65 -49.05 -97.61 -28.74
C GLN G 65 -48.52 -97.88 -27.32
N THR G 66 -47.19 -97.91 -27.18
CA THR G 66 -46.55 -98.11 -25.88
C THR G 66 -46.76 -96.92 -24.94
N ALA G 67 -46.72 -95.71 -25.49
CA ALA G 67 -46.97 -94.50 -24.70
C ALA G 67 -48.39 -94.47 -24.13
N THR G 68 -49.35 -94.89 -24.95
CA THR G 68 -50.75 -94.93 -24.52
C THR G 68 -51.03 -96.01 -23.47
N GLN G 69 -50.25 -97.09 -23.49
CA GLN G 69 -50.26 -98.08 -22.41
C GLN G 69 -49.73 -97.49 -21.12
N LEU G 70 -48.59 -96.81 -21.22
CA LEU G 70 -47.92 -96.21 -20.07
C LEU G 70 -48.79 -95.18 -19.38
N LEU G 71 -49.36 -94.27 -20.16
CA LEU G 71 -50.19 -93.19 -19.61
C LEU G 71 -51.48 -93.73 -18.97
N LYS G 72 -51.99 -94.84 -19.52
CA LYS G 72 -53.11 -95.56 -18.92
C LYS G 72 -52.71 -96.17 -17.57
N LEU G 73 -51.52 -96.76 -17.52
CA LEU G 73 -50.99 -97.33 -16.27
C LEU G 73 -50.74 -96.26 -15.22
N ALA G 74 -50.24 -95.10 -15.64
CA ALA G 74 -49.99 -93.98 -14.72
C ALA G 74 -51.27 -93.36 -14.20
N HIS G 75 -52.32 -93.38 -15.02
CA HIS G 75 -53.62 -92.83 -14.60
C HIS G 75 -54.10 -93.40 -13.26
N LYS G 76 -53.74 -94.65 -12.98
CA LYS G 76 -53.96 -95.26 -11.67
C LYS G 76 -53.15 -94.57 -10.57
N TYR G 77 -51.87 -94.28 -10.84
CA TYR G 77 -50.92 -93.78 -9.84
C TYR G 77 -50.55 -92.29 -9.98
N ARG G 78 -51.49 -91.48 -10.42
CA ARG G 78 -51.35 -90.03 -10.36
C ARG G 78 -51.38 -89.64 -8.88
N PRO G 79 -50.57 -88.66 -8.47
CA PRO G 79 -50.60 -88.23 -7.08
C PRO G 79 -51.87 -87.49 -6.70
N GLU G 80 -52.14 -87.46 -5.41
CA GLU G 80 -53.32 -86.79 -4.86
C GLU G 80 -53.30 -85.29 -5.14
N THR G 81 -54.41 -84.79 -5.66
CA THR G 81 -54.58 -83.37 -5.98
C THR G 81 -54.86 -82.60 -4.68
N LYS G 82 -54.96 -81.27 -4.78
CA LYS G 82 -55.56 -80.46 -3.70
C LYS G 82 -57.05 -80.79 -3.63
N GLN G 83 -57.69 -80.39 -2.53
CA GLN G 83 -59.05 -80.83 -2.15
C GLN G 83 -59.00 -82.26 -1.60
N GLU G 84 -58.55 -83.20 -2.42
CA GLU G 84 -58.23 -84.57 -1.98
C GLU G 84 -57.34 -84.60 -0.73
N LYS G 85 -56.36 -83.70 -0.68
CA LYS G 85 -55.45 -83.58 0.45
C LYS G 85 -56.19 -83.13 1.72
N LYS G 86 -57.06 -82.12 1.56
CA LYS G 86 -57.91 -81.64 2.67
C LYS G 86 -58.87 -82.71 3.18
N GLN G 87 -59.53 -83.41 2.27
CA GLN G 87 -60.47 -84.49 2.61
C GLN G 87 -59.81 -85.66 3.33
N ARG G 88 -58.55 -85.95 3.00
CA ARG G 88 -57.81 -87.01 3.68
C ARG G 88 -57.49 -86.63 5.13
N LEU G 89 -57.10 -85.36 5.34
CA LEU G 89 -56.86 -84.82 6.68
C LEU G 89 -58.14 -84.65 7.50
N LEU G 90 -59.17 -84.08 6.86
CA LEU G 90 -60.45 -83.78 7.51
C LEU G 90 -61.15 -85.04 8.03
N ALA G 91 -61.14 -86.10 7.23
CA ALA G 91 -61.71 -87.39 7.62
C ALA G 91 -60.98 -88.02 8.82
N ARG G 92 -59.67 -87.79 8.91
CA ARG G 92 -58.85 -88.30 10.01
C ARG G 92 -59.11 -87.55 11.33
N ALA G 93 -59.23 -86.23 11.24
CA ALA G 93 -59.51 -85.38 12.41
C ALA G 93 -60.87 -85.69 13.05
N GLU G 94 -61.88 -85.95 12.21
CA GLU G 94 -63.21 -86.37 12.68
C GLU G 94 -63.18 -87.75 13.36
N LYS G 95 -62.42 -88.68 12.77
CA LYS G 95 -62.37 -90.07 13.25
C LYS G 95 -61.56 -90.28 14.54
N LYS G 96 -60.76 -89.28 14.94
CA LYS G 96 -59.91 -89.40 16.12
C LYS G 96 -60.74 -89.45 17.42
N ALA G 97 -61.66 -88.50 17.57
CA ALA G 97 -62.57 -88.44 18.71
C ALA G 97 -64.02 -88.58 18.25
N ALA G 98 -64.39 -89.82 17.89
CA ALA G 98 -65.74 -90.14 17.42
C ALA G 98 -66.02 -91.64 17.47
N GLY G 99 -65.22 -92.42 16.75
CA GLY G 99 -65.36 -93.87 16.69
C GLY G 99 -64.05 -94.57 16.40
N LYS G 100 -63.09 -94.42 17.33
CA LYS G 100 -61.77 -95.06 17.28
C LYS G 100 -60.85 -94.49 16.19
N GLY G 101 -59.74 -93.89 16.61
CA GLY G 101 -58.73 -93.33 15.70
C GLY G 101 -57.42 -94.09 15.79
N ASP G 102 -57.09 -94.86 14.75
CA ASP G 102 -55.85 -95.65 14.70
C ASP G 102 -54.63 -94.77 14.44
N VAL G 103 -54.76 -93.89 13.43
CA VAL G 103 -53.76 -92.86 12.99
C VAL G 103 -53.17 -93.16 11.60
N PRO G 104 -52.32 -94.20 11.46
CA PRO G 104 -51.57 -94.37 10.22
C PRO G 104 -52.34 -95.01 9.04
N THR G 105 -53.47 -95.67 9.33
CA THR G 105 -54.22 -96.50 8.36
C THR G 105 -53.27 -97.31 7.43
N LYS G 106 -53.40 -97.22 6.11
CA LYS G 106 -52.42 -97.79 5.19
C LYS G 106 -52.39 -96.96 3.89
N ARG G 107 -51.25 -96.31 3.63
CA ARG G 107 -51.13 -95.40 2.48
C ARG G 107 -50.90 -96.14 1.15
N PRO G 108 -51.61 -95.75 0.07
CA PRO G 108 -51.39 -96.37 -1.24
C PRO G 108 -50.09 -95.94 -1.91
N PRO G 109 -49.72 -96.61 -3.03
CA PRO G 109 -48.53 -96.26 -3.80
C PRO G 109 -48.86 -95.25 -4.89
N VAL G 110 -47.87 -94.45 -5.26
CA VAL G 110 -48.03 -93.35 -6.20
C VAL G 110 -46.75 -93.08 -6.97
N LEU G 111 -46.88 -92.23 -8.01
CA LEU G 111 -45.74 -91.82 -8.82
C LEU G 111 -44.75 -90.96 -8.07
N ARG G 112 -43.52 -90.95 -8.57
CA ARG G 112 -42.44 -90.14 -8.07
C ARG G 112 -42.01 -89.25 -9.23
N ALA G 113 -41.87 -87.96 -8.96
CA ALA G 113 -41.91 -86.94 -10.00
C ALA G 113 -40.53 -86.42 -10.45
N GLY G 114 -39.94 -85.47 -9.72
CA GLY G 114 -38.81 -84.69 -10.23
C GLY G 114 -37.47 -85.41 -10.22
N VAL G 115 -36.57 -85.03 -11.13
CA VAL G 115 -35.28 -85.72 -11.31
C VAL G 115 -34.61 -86.12 -10.00
N ASN G 116 -34.63 -85.21 -9.01
CA ASN G 116 -33.93 -85.44 -7.74
C ASN G 116 -34.59 -86.52 -6.90
N THR G 117 -35.93 -86.54 -6.88
CA THR G 117 -36.67 -87.65 -6.26
C THR G 117 -36.42 -88.98 -6.95
N VAL G 118 -36.30 -88.95 -8.27
CA VAL G 118 -36.01 -90.14 -9.05
C VAL G 118 -34.57 -90.61 -8.88
N THR G 119 -33.59 -89.71 -9.04
CA THR G 119 -32.17 -90.12 -9.02
C THR G 119 -31.72 -90.72 -7.72
N THR G 120 -32.31 -90.28 -6.61
CA THR G 120 -32.09 -90.96 -5.35
C THR G 120 -32.67 -92.37 -5.40
N LEU G 121 -33.85 -92.53 -5.98
CA LEU G 121 -34.44 -93.87 -6.12
C LEU G 121 -34.13 -94.63 -7.42
N VAL G 122 -33.05 -94.23 -8.09
CA VAL G 122 -32.33 -95.13 -8.99
C VAL G 122 -30.98 -95.46 -8.34
N GLU G 123 -30.33 -94.52 -7.66
CA GLU G 123 -29.22 -94.84 -6.74
C GLU G 123 -29.59 -95.95 -5.75
N ASN G 124 -30.81 -95.86 -5.23
CA ASN G 124 -31.30 -96.79 -4.21
C ASN G 124 -32.02 -98.04 -4.76
N LYS G 125 -32.14 -98.14 -6.10
CA LYS G 125 -32.89 -99.21 -6.79
C LYS G 125 -34.32 -99.39 -6.29
N LYS G 126 -34.98 -98.28 -5.94
CA LYS G 126 -36.37 -98.33 -5.49
C LYS G 126 -37.31 -98.39 -6.70
N ALA G 127 -36.88 -97.81 -7.82
CA ALA G 127 -37.71 -97.77 -9.03
C ALA G 127 -37.77 -99.12 -9.75
N GLN G 128 -38.92 -99.38 -10.36
CA GLN G 128 -39.13 -100.51 -11.27
C GLN G 128 -39.07 -100.05 -12.72
N LEU G 129 -39.72 -98.92 -13.00
CA LEU G 129 -39.65 -98.24 -14.29
C LEU G 129 -39.32 -96.76 -14.04
N VAL G 130 -38.59 -96.14 -14.98
CA VAL G 130 -38.39 -94.69 -15.01
C VAL G 130 -38.79 -94.13 -16.38
N VAL G 131 -39.71 -93.19 -16.40
CA VAL G 131 -40.01 -92.45 -17.62
C VAL G 131 -39.30 -91.12 -17.55
N ILE G 132 -38.68 -90.75 -18.67
CA ILE G 132 -37.97 -89.48 -18.83
C ILE G 132 -38.64 -88.73 -19.97
N ALA G 133 -38.64 -87.40 -19.90
CA ALA G 133 -39.14 -86.59 -21.01
C ALA G 133 -38.02 -86.31 -22.00
N HIS G 134 -38.35 -86.20 -23.27
CA HIS G 134 -37.34 -85.98 -24.30
C HIS G 134 -36.97 -84.52 -24.50
N ASP G 135 -37.78 -83.60 -24.00
CA ASP G 135 -37.63 -82.18 -24.33
C ASP G 135 -37.41 -81.31 -23.09
N VAL G 136 -36.54 -81.77 -22.19
CA VAL G 136 -36.08 -80.95 -21.07
C VAL G 136 -35.20 -79.83 -21.62
N ASP G 137 -35.35 -78.63 -21.06
CA ASP G 137 -34.96 -77.38 -21.74
C ASP G 137 -33.44 -77.08 -21.66
N PRO G 138 -32.86 -77.10 -20.45
CA PRO G 138 -31.43 -77.40 -20.38
C PRO G 138 -31.25 -78.91 -20.27
N ILE G 139 -30.60 -79.52 -21.25
CA ILE G 139 -30.52 -80.98 -21.33
C ILE G 139 -29.88 -81.56 -20.06
N GLU G 140 -28.83 -80.90 -19.57
CA GLU G 140 -27.98 -81.39 -18.47
C GLU G 140 -28.70 -81.92 -17.22
N LEU G 141 -29.92 -81.44 -16.97
CA LEU G 141 -30.78 -81.98 -15.90
C LEU G 141 -31.02 -83.47 -16.08
N VAL G 142 -31.22 -83.89 -17.32
CA VAL G 142 -31.48 -85.28 -17.66
C VAL G 142 -30.60 -85.67 -18.85
N VAL G 143 -29.43 -86.21 -18.54
CA VAL G 143 -28.46 -86.63 -19.56
C VAL G 143 -27.83 -87.92 -19.07
N PHE G 144 -27.21 -87.82 -17.90
CA PHE G 144 -26.78 -88.95 -17.10
C PHE G 144 -27.87 -89.97 -16.76
N LEU G 145 -29.13 -89.52 -16.62
CA LEU G 145 -30.19 -90.40 -16.06
C LEU G 145 -30.28 -91.77 -16.74
N PRO G 146 -30.29 -91.80 -18.08
CA PRO G 146 -30.34 -93.09 -18.77
C PRO G 146 -29.10 -93.96 -18.59
N ALA G 147 -27.92 -93.35 -18.49
CA ALA G 147 -26.70 -94.11 -18.17
C ALA G 147 -26.73 -94.63 -16.73
N LEU G 148 -27.18 -93.77 -15.82
CA LEU G 148 -27.36 -94.12 -14.42
C LEU G 148 -28.39 -95.24 -14.28
N CYS G 149 -29.51 -95.10 -15.00
CA CYS G 149 -30.56 -96.13 -15.07
C CYS G 149 -30.06 -97.49 -15.55
N ARG G 150 -29.24 -97.49 -16.59
CA ARG G 150 -28.72 -98.72 -17.17
C ARG G 150 -27.65 -99.35 -16.25
N LYS G 151 -26.89 -98.51 -15.55
CA LYS G 151 -25.96 -98.98 -14.51
C LYS G 151 -26.68 -99.72 -13.38
N MET G 152 -27.74 -99.10 -12.88
CA MET G 152 -28.53 -99.65 -11.79
C MET G 152 -29.58 -100.67 -12.25
N GLY G 153 -29.69 -100.86 -13.57
CA GLY G 153 -30.52 -101.92 -14.12
C GLY G 153 -32.01 -101.63 -14.02
N VAL G 154 -32.36 -100.35 -14.06
CA VAL G 154 -33.73 -99.91 -13.96
C VAL G 154 -34.24 -99.67 -15.38
N PRO G 155 -35.27 -100.41 -15.82
CA PRO G 155 -35.91 -100.13 -17.11
C PRO G 155 -36.30 -98.68 -17.20
N TYR G 156 -35.90 -98.02 -18.27
CA TYR G 156 -36.26 -96.63 -18.47
C TYR G 156 -36.74 -96.40 -19.89
N CYS G 157 -37.67 -95.47 -20.04
CA CYS G 157 -38.08 -95.03 -21.36
C CYS G 157 -38.11 -93.52 -21.43
N ILE G 158 -38.07 -93.02 -22.66
CA ILE G 158 -38.10 -91.62 -22.95
C ILE G 158 -39.43 -91.38 -23.63
N LEU G 159 -40.32 -90.62 -22.98
CA LEU G 159 -41.61 -90.30 -23.56
C LEU G 159 -41.58 -88.90 -24.17
N LYS G 160 -42.43 -88.68 -25.16
CA LYS G 160 -42.63 -87.37 -25.74
C LYS G 160 -43.38 -86.54 -24.70
N GLY G 161 -43.05 -85.27 -24.61
CA GLY G 161 -43.81 -84.33 -23.79
C GLY G 161 -43.45 -84.34 -22.32
N LYS G 162 -42.53 -83.46 -21.94
CA LYS G 162 -42.38 -83.11 -20.55
C LYS G 162 -43.70 -82.52 -20.04
N ALA G 163 -44.46 -81.87 -20.91
CA ALA G 163 -45.80 -81.37 -20.58
C ALA G 163 -46.81 -82.49 -20.28
N ARG G 164 -46.90 -83.47 -21.18
CA ARG G 164 -47.87 -84.57 -21.04
C ARG G 164 -47.43 -85.58 -19.99
N LEU G 165 -46.12 -85.62 -19.73
CA LEU G 165 -45.57 -86.36 -18.61
C LEU G 165 -45.92 -85.62 -17.32
N GLY G 166 -45.79 -84.29 -17.38
CA GLY G 166 -46.16 -83.41 -16.27
C GLY G 166 -47.64 -83.21 -16.03
N ARG G 167 -48.49 -83.65 -16.97
CA ARG G 167 -49.94 -83.63 -16.78
C ARG G 167 -50.47 -84.90 -16.09
N LEU G 168 -49.57 -85.85 -15.77
CA LEU G 168 -49.90 -87.02 -14.94
C LEU G 168 -49.98 -86.52 -13.52
N VAL G 169 -48.90 -85.87 -13.10
CA VAL G 169 -48.93 -84.95 -11.97
C VAL G 169 -49.67 -83.72 -12.48
N HIS G 170 -49.93 -82.73 -11.63
CA HIS G 170 -50.81 -81.63 -12.03
C HIS G 170 -50.06 -80.30 -12.03
N ARG G 171 -48.90 -80.34 -12.69
CA ARG G 171 -48.00 -79.20 -12.83
C ARG G 171 -47.64 -79.08 -14.30
N LYS G 172 -47.14 -77.91 -14.67
CA LYS G 172 -46.99 -77.58 -16.09
C LYS G 172 -46.20 -78.64 -16.86
N THR G 173 -44.95 -78.85 -16.45
CA THR G 173 -44.11 -79.88 -17.03
C THR G 173 -43.64 -80.81 -15.92
N CYS G 174 -43.02 -81.90 -16.33
CA CYS G 174 -42.21 -82.69 -15.44
C CYS G 174 -41.11 -83.33 -16.24
N THR G 175 -39.91 -83.37 -15.68
CA THR G 175 -38.75 -83.94 -16.39
C THR G 175 -38.83 -85.45 -16.42
N THR G 176 -39.10 -86.03 -15.25
CA THR G 176 -39.05 -87.47 -15.05
C THR G 176 -40.34 -87.98 -14.43
N VAL G 177 -40.41 -89.30 -14.32
CA VAL G 177 -41.43 -89.96 -13.57
C VAL G 177 -40.92 -91.34 -13.22
N ALA G 178 -41.42 -91.89 -12.12
CA ALA G 178 -40.99 -93.20 -11.70
C ALA G 178 -42.05 -93.90 -10.85
N PHE G 179 -42.05 -95.23 -10.96
CA PHE G 179 -42.93 -96.10 -10.20
C PHE G 179 -42.02 -96.85 -9.25
N THR G 180 -42.29 -96.73 -7.96
CA THR G 180 -41.58 -97.52 -6.95
C THR G 180 -42.31 -98.84 -6.77
N GLN G 181 -43.63 -98.74 -6.59
CA GLN G 181 -44.51 -99.90 -6.45
C GLN G 181 -45.76 -99.73 -7.30
N VAL G 182 -46.52 -100.82 -7.39
CA VAL G 182 -47.80 -100.85 -8.10
C VAL G 182 -48.71 -101.86 -7.42
N ASN G 183 -50.01 -101.57 -7.41
CA ASN G 183 -51.01 -102.48 -6.83
C ASN G 183 -51.06 -103.83 -7.53
N SER G 184 -51.32 -104.89 -6.75
CA SER G 184 -51.28 -106.28 -7.24
C SER G 184 -52.16 -106.54 -8.46
N GLU G 185 -53.32 -105.88 -8.51
CA GLU G 185 -54.20 -105.92 -9.68
C GLU G 185 -53.49 -105.42 -10.95
N ASP G 186 -52.78 -104.30 -10.85
CA ASP G 186 -52.11 -103.67 -12.00
C ASP G 186 -50.65 -104.12 -12.18
N LYS G 187 -50.22 -105.09 -11.36
CA LYS G 187 -48.82 -105.51 -11.27
C LYS G 187 -48.31 -106.14 -12.55
N GLY G 188 -49.10 -107.03 -13.13
CA GLY G 188 -48.74 -107.70 -14.37
C GLY G 188 -48.67 -106.80 -15.59
N ALA G 189 -49.39 -105.69 -15.56
CA ALA G 189 -49.38 -104.72 -16.66
C ALA G 189 -48.05 -103.95 -16.73
N LEU G 190 -47.60 -103.50 -15.56
CA LEU G 190 -46.31 -102.83 -15.40
C LEU G 190 -45.16 -103.71 -15.87
N ALA G 191 -45.18 -104.96 -15.44
CA ALA G 191 -44.19 -105.97 -15.84
C ALA G 191 -44.21 -106.31 -17.34
N LYS G 192 -45.38 -106.18 -17.97
CA LYS G 192 -45.51 -106.29 -19.43
C LYS G 192 -44.86 -105.12 -20.15
N LEU G 193 -45.13 -103.91 -19.67
CA LEU G 193 -44.50 -102.69 -20.19
C LEU G 193 -43.00 -102.71 -19.98
N VAL G 194 -42.59 -102.99 -18.74
CA VAL G 194 -41.17 -103.00 -18.36
C VAL G 194 -40.33 -103.81 -19.31
N GLU G 195 -40.74 -105.05 -19.58
CA GLU G 195 -39.93 -105.95 -20.41
C GLU G 195 -39.85 -105.45 -21.85
N ALA G 196 -40.97 -104.97 -22.38
CA ALA G 196 -41.01 -104.34 -23.70
C ALA G 196 -40.12 -103.10 -23.79
N ILE G 197 -40.13 -102.30 -22.73
CA ILE G 197 -39.30 -101.09 -22.64
C ILE G 197 -37.81 -101.45 -22.65
N ARG G 198 -37.37 -102.27 -21.69
CA ARG G 198 -35.93 -102.58 -21.55
C ARG G 198 -35.29 -103.24 -22.79
N THR G 199 -36.09 -103.96 -23.58
CA THR G 199 -35.65 -104.49 -24.87
C THR G 199 -35.19 -103.38 -25.83
N ASN G 200 -35.97 -102.29 -25.87
CA ASN G 200 -35.74 -101.16 -26.75
C ASN G 200 -34.72 -100.13 -26.24
N TYR G 201 -34.44 -100.12 -24.94
CA TYR G 201 -33.57 -99.11 -24.33
C TYR G 201 -32.35 -99.63 -23.58
N ASN G 202 -32.59 -100.33 -22.47
CA ASN G 202 -31.51 -100.73 -21.58
C ASN G 202 -30.65 -101.86 -22.14
N ASP G 203 -31.29 -102.75 -22.91
CA ASP G 203 -30.63 -103.92 -23.47
C ASP G 203 -30.02 -103.70 -24.86
N ARG G 204 -29.84 -102.43 -25.24
CA ARG G 204 -29.03 -102.07 -26.41
C ARG G 204 -28.25 -100.77 -26.17
N TYR G 205 -27.90 -100.50 -24.92
CA TYR G 205 -27.32 -99.22 -24.54
C TYR G 205 -25.95 -98.97 -25.18
N ASP G 206 -25.23 -100.03 -25.56
CA ASP G 206 -23.97 -99.88 -26.28
C ASP G 206 -24.16 -99.27 -27.67
N GLU G 207 -25.22 -99.70 -28.37
CA GLU G 207 -25.55 -99.13 -29.68
C GLU G 207 -25.99 -97.67 -29.56
N ILE G 208 -26.72 -97.35 -28.49
CA ILE G 208 -27.12 -95.98 -28.18
C ILE G 208 -25.89 -95.10 -27.95
N ARG G 209 -24.98 -95.55 -27.09
CA ARG G 209 -23.73 -94.84 -26.81
C ARG G 209 -22.96 -94.44 -28.06
N ARG G 210 -22.78 -95.37 -28.99
CA ARG G 210 -22.03 -95.10 -30.21
C ARG G 210 -22.77 -94.21 -31.20
N HIS G 211 -24.10 -94.24 -31.16
CA HIS G 211 -24.93 -93.67 -32.23
C HIS G 211 -25.00 -92.14 -32.19
N TRP G 212 -24.01 -91.51 -32.83
CA TRP G 212 -24.06 -90.10 -33.18
C TRP G 212 -25.16 -89.88 -34.20
N GLY G 213 -25.71 -88.67 -34.24
CA GLY G 213 -26.74 -88.38 -35.23
C GLY G 213 -27.20 -86.94 -35.29
N GLY G 214 -26.35 -86.10 -35.83
CA GLY G 214 -26.77 -84.91 -36.55
C GLY G 214 -26.22 -85.09 -37.95
N ASN G 215 -25.44 -84.12 -38.42
CA ASN G 215 -24.61 -84.26 -39.63
C ASN G 215 -25.39 -84.55 -40.92
N VAL G 216 -26.62 -84.06 -40.99
CA VAL G 216 -27.43 -84.13 -42.19
C VAL G 216 -27.15 -82.81 -42.91
N LEU G 217 -27.55 -82.69 -44.18
CA LEU G 217 -27.47 -81.41 -44.88
C LEU G 217 -28.85 -80.83 -45.15
N GLY G 218 -28.85 -79.61 -45.67
CA GLY G 218 -30.07 -79.01 -46.20
C GLY G 218 -30.50 -79.80 -47.42
N PRO G 219 -31.80 -80.15 -47.52
CA PRO G 219 -32.22 -80.87 -48.72
C PRO G 219 -31.81 -80.16 -50.00
N LYS G 220 -31.85 -78.84 -49.99
CA LYS G 220 -31.47 -78.04 -51.15
C LYS G 220 -30.03 -78.31 -51.60
N SER G 221 -29.13 -78.56 -50.64
CA SER G 221 -27.76 -78.99 -50.93
C SER G 221 -27.68 -80.47 -51.28
N VAL G 222 -28.40 -81.30 -50.53
CA VAL G 222 -28.43 -82.75 -50.75
C VAL G 222 -28.80 -83.03 -52.19
N ALA G 223 -29.90 -82.43 -52.63
CA ALA G 223 -30.36 -82.54 -54.00
C ALA G 223 -29.31 -82.10 -55.00
N ARG G 224 -28.58 -81.03 -54.69
CA ARG G 224 -27.50 -80.57 -55.57
C ARG G 224 -26.37 -81.59 -55.65
N ILE G 225 -26.04 -82.22 -54.53
CA ILE G 225 -25.03 -83.28 -54.52
C ILE G 225 -25.50 -84.49 -55.34
N ALA G 226 -26.75 -84.93 -55.14
CA ALA G 226 -27.29 -86.10 -55.85
C ALA G 226 -27.33 -85.89 -57.36
N LYS G 227 -27.61 -84.67 -57.79
CA LYS G 227 -27.62 -84.30 -59.20
C LYS G 227 -26.22 -84.43 -59.81
N LEU G 228 -25.22 -83.92 -59.09
CA LEU G 228 -23.81 -84.10 -59.49
C LEU G 228 -23.40 -85.57 -59.52
N GLU G 229 -23.89 -86.34 -58.55
CA GLU G 229 -23.64 -87.79 -58.50
C GLU G 229 -24.29 -88.52 -59.68
N LYS G 230 -25.49 -88.09 -60.07
CA LYS G 230 -26.14 -88.60 -61.29
C LYS G 230 -25.38 -88.23 -62.57
N ALA G 231 -24.76 -87.04 -62.57
CA ALA G 231 -23.88 -86.62 -63.67
C ALA G 231 -22.60 -87.48 -63.72
N LYS G 232 -21.99 -87.69 -62.56
CA LYS G 232 -20.83 -88.60 -62.43
C LYS G 232 -21.19 -90.06 -62.73
N ALA G 233 -22.41 -90.47 -62.36
CA ALA G 233 -22.90 -91.82 -62.64
C ALA G 233 -23.10 -92.03 -64.14
N LYS G 234 -23.81 -91.11 -64.78
CA LYS G 234 -24.07 -91.18 -66.23
C LYS G 234 -22.80 -90.95 -67.07
N GLU G 235 -21.80 -90.28 -66.48
CA GLU G 235 -20.46 -90.18 -67.10
C GLU G 235 -19.77 -91.55 -67.24
N LEU G 236 -19.90 -92.41 -66.23
CA LEU G 236 -19.30 -93.75 -66.24
C LEU G 236 -20.25 -94.83 -65.71
N ALA G 237 -21.26 -95.15 -66.51
CA ALA G 237 -22.16 -96.29 -66.25
C ALA G 237 -22.86 -96.73 -67.54
N THR G 238 -23.58 -95.80 -68.16
CA THR G 238 -24.21 -96.02 -69.48
C THR G 238 -23.19 -96.15 -70.63
N LYS G 239 -21.98 -95.62 -70.44
CA LYS G 239 -20.91 -95.69 -71.45
C LYS G 239 -20.36 -97.11 -71.58
N LEU G 240 -19.93 -97.68 -70.44
CA LEU G 240 -19.35 -99.02 -70.40
C LEU G 240 -20.44 -100.09 -70.33
N GLY G 241 -21.24 -100.05 -69.27
CA GLY G 241 -22.29 -101.03 -69.03
C GLY G 241 -23.51 -100.81 -69.90
N MET H 1 78.91 37.96 -12.23
CA MET H 1 78.59 38.41 -10.83
C MET H 1 78.61 39.93 -10.70
N LYS H 2 78.28 40.41 -9.50
CA LYS H 2 78.20 41.85 -9.23
C LYS H 2 79.60 42.46 -9.20
N THR H 3 79.93 43.26 -10.22
CA THR H 3 81.21 43.96 -10.28
C THR H 3 81.19 45.15 -9.34
N ILE H 4 82.14 45.16 -8.40
CA ILE H 4 82.17 46.15 -7.32
C ILE H 4 82.05 47.60 -7.76
N LEU H 5 82.61 47.91 -8.93
CA LEU H 5 82.45 49.23 -9.55
C LEU H 5 82.90 49.20 -11.00
N SER H 6 82.19 49.94 -11.84
CA SER H 6 82.66 50.27 -13.18
C SER H 6 82.42 51.73 -13.44
N ASN H 7 83.17 52.27 -14.39
CA ASN H 7 82.99 53.66 -14.77
C ASN H 7 83.50 53.96 -16.17
N GLN H 8 83.37 55.22 -16.55
CA GLN H 8 84.02 55.73 -17.75
C GLN H 8 84.06 57.25 -17.66
N THR H 9 84.77 57.87 -18.58
CA THR H 9 84.81 59.31 -18.70
C THR H 9 84.47 59.75 -20.11
N VAL H 10 83.91 60.95 -20.18
CA VAL H 10 83.50 61.58 -21.43
C VAL H 10 84.09 62.99 -21.40
N ASP H 11 85.19 63.16 -22.12
CA ASP H 11 85.92 64.43 -22.10
C ASP H 11 85.22 65.43 -22.99
N ILE H 12 84.52 66.37 -22.36
CA ILE H 12 83.80 67.40 -23.09
C ILE H 12 84.84 68.41 -23.60
N PRO H 13 84.62 68.99 -24.79
CA PRO H 13 85.53 69.97 -25.36
C PRO H 13 85.19 71.37 -24.86
N GLU H 14 86.20 72.25 -24.87
CA GLU H 14 86.10 73.56 -24.22
C GLU H 14 85.07 74.51 -24.85
N ASN H 15 84.71 74.26 -26.12
CA ASN H 15 83.64 74.99 -26.79
C ASN H 15 82.27 74.71 -26.12
N VAL H 16 81.97 73.43 -25.92
CA VAL H 16 80.69 72.99 -25.36
C VAL H 16 80.64 73.16 -23.84
N ASP H 17 79.44 73.38 -23.31
CA ASP H 17 79.18 73.36 -21.87
C ASP H 17 78.06 72.37 -21.62
N ILE H 18 78.35 71.33 -20.84
CA ILE H 18 77.32 70.37 -20.46
C ILE H 18 76.90 70.64 -19.03
N SER H 19 75.67 70.27 -18.74
CA SER H 19 75.07 70.47 -17.43
C SER H 19 74.12 69.32 -17.19
N LEU H 20 74.03 68.87 -15.94
CA LEU H 20 73.17 67.74 -15.61
C LEU H 20 72.31 68.00 -14.40
N LYS H 21 71.02 68.22 -14.67
CA LYS H 21 69.98 68.22 -13.65
C LYS H 21 69.74 66.76 -13.26
N GLY H 22 70.52 66.29 -12.28
CA GLY H 22 70.41 64.93 -11.76
C GLY H 22 70.99 63.87 -12.67
N ARG H 23 70.14 63.36 -13.57
CA ARG H 23 70.49 62.29 -14.51
C ARG H 23 69.93 62.65 -15.90
N THR H 24 69.87 63.94 -16.16
CA THR H 24 69.22 64.48 -17.33
C THR H 24 70.20 65.46 -17.95
N VAL H 25 71.14 64.92 -18.70
CA VAL H 25 72.19 65.74 -19.33
C VAL H 25 71.54 66.73 -20.28
N ILE H 26 72.03 67.96 -20.24
CA ILE H 26 71.67 68.97 -21.23
C ILE H 26 72.98 69.54 -21.72
N VAL H 27 73.17 69.48 -23.03
CA VAL H 27 74.43 69.82 -23.67
C VAL H 27 74.13 70.95 -24.64
N LYS H 28 74.81 72.08 -24.45
CA LYS H 28 74.60 73.25 -25.30
C LYS H 28 75.92 73.78 -25.85
N GLY H 29 75.86 74.30 -27.07
CA GLY H 29 77.04 74.87 -27.71
C GLY H 29 76.69 75.51 -29.04
N PRO H 30 77.68 75.58 -29.97
CA PRO H 30 77.55 76.37 -31.20
C PRO H 30 76.16 76.33 -31.85
N ARG H 31 75.65 75.14 -32.08
CA ARG H 31 74.47 74.96 -32.91
C ARG H 31 73.17 75.02 -32.13
N GLY H 32 73.18 74.47 -30.91
CA GLY H 32 72.02 74.55 -30.03
C GLY H 32 72.13 73.64 -28.84
N THR H 33 71.03 73.54 -28.09
CA THR H 33 70.94 72.65 -26.95
C THR H 33 70.56 71.26 -27.42
N LEU H 34 70.86 70.26 -26.60
CA LEU H 34 70.35 68.91 -26.75
C LEU H 34 70.20 68.30 -25.38
N ARG H 35 68.97 68.24 -24.89
CA ARG H 35 68.70 67.59 -23.63
C ARG H 35 68.54 66.10 -23.90
N ARG H 36 68.85 65.29 -22.91
CA ARG H 36 68.48 63.89 -22.94
C ARG H 36 68.37 63.39 -21.51
N ASP H 37 67.31 62.62 -21.25
CA ASP H 37 67.07 62.04 -19.94
C ASP H 37 67.60 60.61 -19.90
N PHE H 38 68.16 60.24 -18.76
CA PHE H 38 68.60 58.86 -18.52
C PHE H 38 67.98 58.27 -17.25
N ASN H 39 66.89 58.86 -16.78
CA ASN H 39 66.12 58.24 -15.72
C ASN H 39 65.45 57.03 -16.34
N HIS H 40 66.06 55.87 -16.08
CA HIS H 40 65.85 54.56 -16.77
C HIS H 40 67.18 53.83 -17.03
N ILE H 41 68.31 54.49 -16.80
CA ILE H 41 69.62 53.87 -16.98
C ILE H 41 70.34 53.52 -15.67
N ASN H 42 70.05 54.27 -14.60
CA ASN H 42 70.50 53.95 -13.23
C ASN H 42 72.03 54.04 -13.07
N VAL H 43 72.55 55.27 -13.03
CA VAL H 43 74.00 55.50 -12.90
C VAL H 43 74.29 56.80 -12.14
N GLU H 44 75.56 57.01 -11.81
CA GLU H 44 76.02 58.21 -11.13
C GLU H 44 76.71 59.12 -12.13
N LEU H 45 75.96 60.05 -12.70
CA LEU H 45 76.54 61.02 -13.63
C LEU H 45 77.19 62.16 -12.88
N SER H 46 78.39 61.88 -12.38
CA SER H 46 79.23 62.90 -11.79
C SER H 46 79.73 63.79 -12.92
N LEU H 47 80.07 65.01 -12.56
CA LEU H 47 80.65 65.96 -13.49
C LEU H 47 81.76 66.66 -12.74
N LEU H 48 82.99 66.48 -13.21
CA LEU H 48 84.18 66.91 -12.46
C LEU H 48 85.17 67.66 -13.33
N GLY H 49 86.02 68.43 -12.65
CA GLY H 49 87.02 69.27 -13.31
C GLY H 49 86.63 70.74 -13.24
N LYS H 50 87.61 71.60 -12.97
CA LYS H 50 87.45 73.04 -13.15
C LYS H 50 87.66 73.31 -14.63
N LYS H 51 86.89 74.27 -15.15
CA LYS H 51 86.55 74.40 -16.58
C LYS H 51 85.51 73.34 -17.02
N LYS H 52 84.95 72.59 -16.08
CA LYS H 52 84.02 71.47 -16.33
C LYS H 52 84.43 70.62 -17.54
N LYS H 53 85.58 69.97 -17.43
CA LYS H 53 86.25 69.34 -18.56
C LYS H 53 85.81 67.91 -18.88
N ARG H 54 85.37 67.15 -17.89
CA ARG H 54 84.99 65.75 -18.12
C ARG H 54 83.76 65.28 -17.35
N LEU H 55 82.99 64.44 -18.03
CA LEU H 55 81.78 63.83 -17.49
C LEU H 55 82.11 62.39 -17.14
N ARG H 56 81.91 62.03 -15.88
CA ARG H 56 82.24 60.71 -15.40
C ARG H 56 80.93 59.97 -15.14
N VAL H 57 80.91 58.67 -15.44
CA VAL H 57 79.72 57.84 -15.20
C VAL H 57 80.09 56.53 -14.49
N ASP H 58 79.99 56.55 -13.16
CA ASP H 58 80.10 55.34 -12.35
C ASP H 58 78.89 54.42 -12.55
N LYS H 59 79.00 53.21 -12.03
CA LYS H 59 77.91 52.24 -12.03
C LYS H 59 78.29 51.14 -11.03
N TRP H 60 77.72 51.21 -9.83
CA TRP H 60 78.17 50.38 -8.72
C TRP H 60 77.44 49.06 -8.65
N TRP H 61 78.18 48.02 -8.31
CA TRP H 61 77.63 46.68 -8.10
C TRP H 61 76.85 46.15 -9.31
N GLY H 62 77.35 46.44 -10.52
CA GLY H 62 76.66 46.04 -11.74
C GLY H 62 76.86 44.57 -12.07
N ASN H 63 75.80 43.96 -12.59
CA ASN H 63 75.89 42.67 -13.28
C ASN H 63 76.05 42.93 -14.77
N ARG H 64 76.34 41.88 -15.54
CA ARG H 64 76.75 42.02 -16.95
C ARG H 64 75.84 42.91 -17.81
N LYS H 65 74.54 42.69 -17.73
CA LYS H 65 73.55 43.51 -18.46
C LYS H 65 73.31 44.92 -17.88
N GLU H 66 73.68 45.13 -16.62
CA GLU H 66 73.68 46.48 -16.01
C GLU H 66 74.94 47.27 -16.36
N LEU H 67 76.06 46.57 -16.51
CA LEU H 67 77.32 47.19 -16.90
C LEU H 67 77.40 47.47 -18.40
N ALA H 68 76.50 46.85 -19.17
CA ALA H 68 76.37 47.14 -20.58
C ALA H 68 75.84 48.55 -20.86
N THR H 69 75.08 49.13 -19.94
CA THR H 69 74.58 50.50 -20.10
C THR H 69 75.66 51.57 -19.96
N VAL H 70 76.71 51.28 -19.20
CA VAL H 70 77.66 52.33 -18.80
C VAL H 70 78.21 53.03 -20.01
N ARG H 71 78.72 52.24 -20.94
CA ARG H 71 79.32 52.77 -22.15
C ARG H 71 78.29 53.40 -23.08
N THR H 72 77.09 52.83 -23.17
CA THR H 72 76.06 53.36 -24.06
C THR H 72 75.55 54.74 -23.62
N ILE H 73 75.57 55.02 -22.31
CA ILE H 73 75.26 56.38 -21.82
C ILE H 73 76.39 57.30 -22.23
N CYS H 74 77.62 56.87 -21.91
CA CYS H 74 78.81 57.63 -22.26
C CYS H 74 78.83 57.99 -23.74
N SER H 75 78.53 57.00 -24.59
CA SER H 75 78.51 57.19 -26.03
C SER H 75 77.40 58.14 -26.49
N HIS H 76 76.19 57.98 -25.94
CA HIS H 76 75.10 58.90 -26.26
C HIS H 76 75.42 60.35 -25.92
N VAL H 77 76.20 60.58 -24.87
CA VAL H 77 76.63 61.94 -24.56
C VAL H 77 77.68 62.39 -25.57
N GLN H 78 78.56 61.49 -26.01
CA GLN H 78 79.51 61.81 -27.09
C GLN H 78 78.81 62.31 -28.36
N ASN H 79 77.82 61.56 -28.84
CA ASN H 79 77.00 62.00 -29.99
C ASN H 79 76.31 63.33 -29.74
N MET H 80 75.78 63.49 -28.53
CA MET H 80 75.11 64.73 -28.14
C MET H 80 76.06 65.91 -28.28
N ILE H 81 77.28 65.73 -27.79
CA ILE H 81 78.33 66.73 -27.94
C ILE H 81 78.66 66.97 -29.41
N LYS H 82 78.82 65.92 -30.19
CA LYS H 82 79.08 66.08 -31.62
C LYS H 82 77.98 66.89 -32.30
N GLY H 83 76.74 66.55 -31.99
CA GLY H 83 75.58 67.23 -32.56
C GLY H 83 75.60 68.72 -32.29
N VAL H 84 75.83 69.07 -31.03
CA VAL H 84 75.97 70.45 -30.61
C VAL H 84 77.07 71.17 -31.38
N THR H 85 78.23 70.54 -31.53
CA THR H 85 79.39 71.20 -32.12
C THR H 85 79.30 71.22 -33.63
N LEU H 86 79.36 70.03 -34.22
CA LEU H 86 79.45 69.89 -35.67
C LEU H 86 78.08 69.78 -36.29
N GLY H 87 77.24 68.93 -35.70
CA GLY H 87 75.93 68.65 -36.26
C GLY H 87 76.04 67.62 -37.35
N PHE H 88 75.05 66.75 -37.42
CA PHE H 88 75.12 65.57 -38.26
C PHE H 88 74.60 65.88 -39.64
N ARG H 89 75.17 65.22 -40.64
CA ARG H 89 74.75 65.37 -42.04
C ARG H 89 74.71 64.01 -42.73
N TYR H 90 73.53 63.40 -42.72
CA TYR H 90 73.27 62.18 -43.48
C TYR H 90 72.95 62.52 -44.93
N LYS H 91 73.64 61.85 -45.84
CA LYS H 91 73.45 62.03 -47.27
C LYS H 91 72.92 60.74 -47.84
N MET H 92 71.89 60.84 -48.67
CA MET H 92 71.25 59.66 -49.23
C MET H 92 70.97 59.78 -50.71
N ARG H 93 71.56 58.87 -51.47
CA ARG H 93 71.49 58.86 -52.92
C ARG H 93 70.34 58.02 -53.44
N SER H 94 69.58 58.60 -54.37
CA SER H 94 68.51 57.89 -55.06
C SER H 94 69.10 56.98 -56.13
N VAL H 95 68.45 55.84 -56.32
CA VAL H 95 68.92 54.80 -57.22
C VAL H 95 67.73 54.30 -58.01
N TYR H 96 67.93 54.06 -59.29
CA TYR H 96 66.88 53.57 -60.17
C TYR H 96 67.46 53.07 -61.47
N ALA H 97 66.72 52.17 -62.11
CA ALA H 97 67.06 51.69 -63.46
C ALA H 97 66.11 52.23 -64.54
N HIS H 98 65.20 53.13 -64.14
CA HIS H 98 64.24 53.71 -65.05
C HIS H 98 63.64 55.00 -64.46
N PHE H 99 62.75 54.84 -63.48
CA PHE H 99 61.89 55.92 -63.04
C PHE H 99 62.61 56.77 -61.99
N PRO H 100 62.94 58.02 -62.35
CA PRO H 100 63.98 58.73 -61.64
C PRO H 100 63.36 59.39 -60.42
N ILE H 101 63.51 58.74 -59.27
CA ILE H 101 62.68 59.04 -58.11
C ILE H 101 62.64 60.56 -57.85
N ASN H 102 61.54 61.19 -58.22
CA ASN H 102 61.40 62.64 -58.17
C ASN H 102 61.14 63.11 -56.74
N VAL H 103 62.15 63.74 -56.14
CA VAL H 103 62.06 64.26 -54.77
C VAL H 103 61.87 65.77 -54.78
N VAL H 104 61.17 66.29 -53.78
CA VAL H 104 60.99 67.72 -53.61
C VAL H 104 60.59 68.05 -52.16
N ILE H 105 61.48 68.75 -51.46
CA ILE H 105 61.15 69.26 -50.11
C ILE H 105 60.09 70.36 -50.18
N GLN H 106 59.39 70.60 -49.07
CA GLN H 106 58.18 71.41 -49.10
C GLN H 106 58.16 72.57 -48.10
N GLU H 107 57.81 72.36 -46.83
CA GLU H 107 57.56 73.49 -45.92
C GLU H 107 58.85 74.24 -45.60
N ASN H 108 59.84 73.50 -45.13
CA ASN H 108 61.22 73.97 -45.05
C ASN H 108 62.11 72.76 -45.32
N GLY H 109 62.21 71.88 -44.32
CA GLY H 109 62.75 70.52 -44.50
C GLY H 109 61.65 69.49 -44.29
N SER H 110 60.93 69.65 -43.18
CA SER H 110 59.70 68.91 -42.87
C SER H 110 59.28 67.85 -43.89
N LEU H 111 58.67 68.27 -44.97
CA LEU H 111 58.00 67.37 -45.89
C LEU H 111 58.97 66.89 -46.97
N VAL H 112 58.77 65.66 -47.44
CA VAL H 112 59.49 65.12 -48.60
C VAL H 112 58.51 64.32 -49.47
N GLU H 113 58.02 64.94 -50.55
CA GLU H 113 57.26 64.23 -51.58
C GLU H 113 58.25 63.42 -52.38
N ILE H 114 57.89 62.19 -52.73
CA ILE H 114 58.78 61.28 -53.45
C ILE H 114 58.02 60.67 -54.63
N ARG H 115 57.92 61.44 -55.70
CA ARG H 115 57.06 61.08 -56.83
C ARG H 115 57.77 60.20 -57.85
N ASN H 116 56.95 59.49 -58.63
CA ASN H 116 57.40 58.65 -59.75
C ASN H 116 58.38 57.52 -59.37
N PHE H 117 58.25 57.01 -58.16
CA PHE H 117 59.02 55.86 -57.71
C PHE H 117 58.50 54.64 -58.46
N LEU H 118 59.35 53.99 -59.26
CA LEU H 118 58.96 52.78 -60.00
C LEU H 118 57.75 52.99 -60.94
N GLY H 119 57.49 54.23 -61.34
CA GLY H 119 56.31 54.56 -62.15
C GLY H 119 54.99 54.42 -61.43
N GLU H 120 54.97 54.77 -60.15
CA GLU H 120 53.77 54.68 -59.33
C GLU H 120 53.09 56.04 -59.29
N LYS H 121 51.77 56.03 -59.47
CA LYS H 121 50.97 57.25 -59.28
C LYS H 121 50.93 57.77 -57.84
N TYR H 122 51.19 56.91 -56.85
CA TYR H 122 51.17 57.32 -55.46
C TYR H 122 52.39 58.19 -55.14
N ILE H 123 52.11 59.40 -54.67
CA ILE H 123 53.14 60.34 -54.21
C ILE H 123 53.37 60.17 -52.70
N ARG H 124 54.55 59.71 -52.31
CA ARG H 124 54.87 59.52 -50.90
C ARG H 124 55.21 60.84 -50.25
N ARG H 125 54.41 61.25 -49.26
CA ARG H 125 54.76 62.40 -48.42
C ARG H 125 55.39 61.88 -47.14
N VAL H 126 56.59 62.41 -46.82
CA VAL H 126 57.35 62.00 -45.65
C VAL H 126 57.74 63.21 -44.81
N ARG H 127 57.21 63.29 -43.59
CA ARG H 127 57.61 64.32 -42.65
C ARG H 127 58.96 63.97 -42.03
N MET H 128 59.58 64.98 -41.43
CA MET H 128 60.86 64.83 -40.74
C MET H 128 60.62 65.03 -39.26
N ARG H 129 61.49 64.41 -38.45
CA ARG H 129 61.40 64.56 -37.02
C ARG H 129 61.79 65.98 -36.64
N PRO H 130 61.07 66.58 -35.67
CA PRO H 130 61.32 67.96 -35.27
C PRO H 130 62.79 68.26 -34.99
N GLY H 131 63.35 69.18 -35.77
CA GLY H 131 64.77 69.50 -35.70
C GLY H 131 65.46 69.21 -37.02
N VAL H 132 65.14 68.06 -37.61
CA VAL H 132 65.80 67.62 -38.84
C VAL H 132 65.26 68.42 -39.99
N ALA H 133 66.11 68.71 -40.96
CA ALA H 133 65.74 69.49 -42.11
C ALA H 133 66.35 68.89 -43.37
N CYS H 134 65.51 68.27 -44.17
CA CYS H 134 65.92 67.80 -45.48
C CYS H 134 66.17 68.97 -46.43
N SER H 135 67.01 68.72 -47.43
CA SER H 135 67.30 69.69 -48.48
C SER H 135 67.91 68.98 -49.67
N VAL H 136 67.41 69.29 -50.86
CA VAL H 136 67.89 68.67 -52.10
C VAL H 136 69.22 69.31 -52.47
N SER H 137 70.26 68.48 -52.55
CA SER H 137 71.62 69.00 -52.71
C SER H 137 71.94 69.41 -54.14
N GLN H 138 73.01 70.19 -54.26
CA GLN H 138 73.67 70.48 -55.53
C GLN H 138 75.06 69.85 -55.50
N ALA H 139 75.74 69.89 -56.63
CA ALA H 139 77.03 69.19 -56.84
C ALA H 139 76.91 67.65 -56.91
N GLN H 140 75.68 67.14 -56.87
CA GLN H 140 75.38 65.71 -56.99
C GLN H 140 73.91 65.60 -57.41
N LYS H 141 73.64 64.76 -58.39
CA LYS H 141 72.38 64.82 -59.14
C LYS H 141 71.19 64.22 -58.39
N ASP H 142 71.29 62.94 -58.03
CA ASP H 142 70.24 62.20 -57.34
C ASP H 142 70.71 61.87 -55.92
N GLU H 143 70.42 62.78 -54.99
CA GLU H 143 71.08 62.81 -53.69
C GLU H 143 70.43 63.84 -52.76
N LEU H 144 70.09 63.41 -51.55
CA LEU H 144 69.50 64.28 -50.52
C LEU H 144 70.50 64.58 -49.42
N VAL H 145 70.18 65.59 -48.63
CA VAL H 145 70.99 65.92 -47.47
C VAL H 145 70.06 66.20 -46.29
N LEU H 146 70.15 65.35 -45.29
CA LEU H 146 69.47 65.55 -44.02
C LEU H 146 70.49 66.06 -43.03
N GLU H 147 70.24 67.24 -42.47
CA GLU H 147 71.08 67.83 -41.46
C GLU H 147 70.29 68.01 -40.17
N GLY H 148 71.01 68.07 -39.05
CA GLY H 148 70.38 68.18 -37.74
C GLY H 148 71.34 67.84 -36.63
N ASN H 149 70.96 68.21 -35.40
CA ASN H 149 71.83 68.09 -34.24
C ASN H 149 71.66 66.75 -33.53
N ASP H 150 70.39 66.38 -33.28
CA ASP H 150 70.06 65.13 -32.60
C ASP H 150 70.15 63.98 -33.61
N ILE H 151 71.26 63.25 -33.57
CA ILE H 151 71.49 62.10 -34.47
C ILE H 151 70.32 61.11 -34.56
N GLU H 152 69.74 60.77 -33.41
CA GLU H 152 68.62 59.85 -33.34
C GLU H 152 67.52 60.30 -34.29
N LEU H 153 67.17 61.57 -34.20
CA LEU H 153 66.11 62.14 -35.02
C LEU H 153 66.48 62.18 -36.50
N VAL H 154 67.76 62.44 -36.79
CA VAL H 154 68.23 62.48 -38.18
C VAL H 154 68.09 61.11 -38.83
N SER H 155 68.77 60.13 -38.23
CA SER H 155 68.82 58.78 -38.80
C SER H 155 67.46 58.10 -38.91
N ASN H 156 66.56 58.43 -37.99
CA ASN H 156 65.18 58.00 -38.06
C ASN H 156 64.49 58.59 -39.28
N SER H 157 64.69 59.89 -39.49
CA SER H 157 64.12 60.58 -40.64
C SER H 157 64.72 60.09 -41.96
N ALA H 158 65.99 59.69 -41.94
CA ALA H 158 66.61 59.04 -43.09
C ALA H 158 65.88 57.74 -43.41
N ALA H 159 65.75 56.88 -42.39
CA ALA H 159 65.02 55.61 -42.52
C ALA H 159 63.61 55.83 -43.06
N LEU H 160 62.92 56.81 -42.50
CA LEU H 160 61.56 57.16 -42.94
C LEU H 160 61.41 57.27 -44.44
N ILE H 161 62.40 57.87 -45.12
CA ILE H 161 62.34 57.99 -46.57
C ILE H 161 62.95 56.76 -47.24
N GLN H 162 63.76 56.01 -46.52
CA GLN H 162 64.36 54.78 -47.06
C GLN H 162 63.33 53.67 -47.18
N GLN H 163 62.55 53.49 -46.13
CA GLN H 163 61.46 52.51 -46.12
C GLN H 163 60.25 52.98 -46.90
N ALA H 164 60.06 54.29 -46.99
CA ALA H 164 59.00 54.82 -47.85
C ALA H 164 59.16 54.22 -49.23
N THR H 165 60.35 54.40 -49.78
CA THR H 165 60.68 53.90 -51.10
C THR H 165 61.09 52.42 -51.04
N THR H 166 60.07 51.55 -50.90
CA THR H 166 60.28 50.11 -50.85
C THR H 166 59.44 49.43 -51.91
N VAL H 167 59.94 48.28 -52.35
CA VAL H 167 59.38 47.55 -53.46
C VAL H 167 58.64 46.35 -52.89
N LYS H 168 57.37 46.19 -53.29
CA LYS H 168 56.53 45.10 -52.78
C LYS H 168 56.29 44.11 -53.91
N ASN H 169 56.24 42.83 -53.57
CA ASN H 169 55.88 41.77 -54.52
C ASN H 169 56.72 41.75 -55.80
N LYS H 170 58.03 41.93 -55.62
CA LYS H 170 59.00 41.86 -56.71
C LYS H 170 60.29 41.26 -56.19
N ASP H 171 61.16 40.86 -57.11
CA ASP H 171 62.47 40.37 -56.76
C ASP H 171 63.38 41.55 -56.39
N ILE H 172 63.52 41.83 -55.10
CA ILE H 172 64.35 42.98 -54.65
C ILE H 172 65.82 42.89 -55.02
N ARG H 173 66.31 41.68 -55.29
CA ARG H 173 67.65 41.54 -55.87
C ARG H 173 67.71 42.15 -57.27
N LYS H 174 66.64 41.96 -58.05
CA LYS H 174 66.51 42.56 -59.36
C LYS H 174 66.23 44.06 -59.23
N PHE H 175 65.17 44.38 -58.50
CA PHE H 175 64.69 45.75 -58.40
C PHE H 175 65.40 46.45 -57.24
N LEU H 176 66.52 47.09 -57.56
CA LEU H 176 67.29 47.87 -56.62
C LEU H 176 66.93 49.32 -56.86
N ASP H 177 65.91 49.79 -56.15
CA ASP H 177 65.50 51.18 -56.26
C ASP H 177 65.15 51.74 -54.90
N GLY H 178 65.27 53.06 -54.80
CA GLY H 178 64.95 53.77 -53.58
C GLY H 178 66.06 54.71 -53.19
N ILE H 179 65.78 55.46 -52.14
CA ILE H 179 66.65 56.51 -51.67
C ILE H 179 67.38 55.95 -50.46
N TYR H 180 68.62 55.49 -50.66
CA TYR H 180 69.40 54.85 -49.58
C TYR H 180 70.44 55.76 -48.97
N VAL H 181 70.67 55.61 -47.67
CA VAL H 181 71.69 56.38 -46.99
C VAL H 181 73.07 55.97 -47.47
N SER H 182 73.80 56.94 -48.04
CA SER H 182 75.10 56.72 -48.63
C SER H 182 76.27 57.10 -47.72
N GLU H 183 76.02 58.01 -46.77
CA GLU H 183 77.12 58.65 -46.03
C GLU H 183 76.62 59.39 -44.78
N LYS H 184 77.25 59.10 -43.64
CA LYS H 184 76.83 59.63 -42.35
C LYS H 184 77.93 60.55 -41.80
N GLY H 185 77.97 61.79 -42.30
CA GLY H 185 79.01 62.77 -41.95
C GLY H 185 78.51 63.92 -41.10
N THR H 186 79.29 65.00 -41.07
CA THR H 186 78.98 66.18 -40.25
C THR H 186 78.76 67.43 -41.10
N VAL H 187 78.10 68.40 -40.50
CA VAL H 187 77.79 69.67 -41.15
C VAL H 187 79.06 70.52 -41.31
N GLN H 188 80.00 70.36 -40.36
CA GLN H 188 81.30 71.04 -40.42
C GLN H 188 82.34 70.22 -39.67
N GLN H 189 83.54 70.11 -40.24
CA GLN H 189 84.51 69.08 -39.85
C GLN H 189 85.54 69.53 -38.82
N ALA H 190 86.15 70.69 -39.05
CA ALA H 190 87.21 71.25 -38.19
C ALA H 190 88.44 70.34 -38.11
N GLY I 1 56.46 -0.13 -42.30
CA GLY I 1 56.79 -1.59 -42.16
C GLY I 1 56.89 -2.04 -40.71
N ARG I 2 58.05 -1.82 -40.11
CA ARG I 2 58.29 -2.17 -38.71
C ARG I 2 57.85 -1.08 -37.78
N ARG I 3 57.74 -1.42 -36.50
CA ARG I 3 57.31 -0.49 -35.48
C ARG I 3 58.29 0.66 -35.28
N PRO I 4 57.81 1.75 -34.68
CA PRO I 4 58.72 2.80 -34.25
C PRO I 4 59.68 2.29 -33.18
N ALA I 5 60.88 2.88 -33.14
CA ALA I 5 61.87 2.55 -32.13
C ALA I 5 61.41 2.91 -30.73
N ARG I 6 60.55 3.92 -30.61
CA ARG I 6 59.83 4.23 -29.39
C ARG I 6 59.49 2.98 -28.60
N CYS I 7 58.88 2.03 -29.28
CA CYS I 7 58.12 0.97 -28.62
C CYS I 7 58.93 -0.20 -28.08
N TYR I 8 60.25 -0.22 -28.30
CA TYR I 8 61.08 -1.36 -27.91
C TYR I 8 62.32 -0.92 -27.13
N ARG I 9 62.20 0.21 -26.45
CA ARG I 9 63.37 0.95 -25.99
C ARG I 9 63.89 0.45 -24.66
N TYR I 10 63.03 0.44 -23.66
CA TYR I 10 63.44 0.07 -22.30
C TYR I 10 63.59 -1.43 -22.16
N CYS I 11 64.59 -1.82 -21.37
CA CYS I 11 64.95 -3.21 -21.17
C CYS I 11 63.91 -3.88 -20.28
N LYS I 12 62.76 -4.17 -20.85
CA LYS I 12 61.61 -4.56 -20.05
C LYS I 12 61.53 -6.07 -19.84
N ASN I 13 61.60 -6.84 -20.92
CA ASN I 13 61.46 -8.30 -20.85
C ASN I 13 62.77 -8.97 -20.47
N LYS I 14 62.69 -10.25 -20.14
CA LYS I 14 63.89 -11.08 -19.98
C LYS I 14 64.55 -11.28 -21.34
N PRO I 15 65.86 -11.51 -21.36
CA PRO I 15 66.54 -11.67 -22.62
C PRO I 15 66.15 -12.98 -23.31
N TYR I 16 65.75 -12.85 -24.57
CA TYR I 16 65.07 -13.88 -25.34
C TYR I 16 65.92 -14.14 -26.58
N PRO I 17 67.00 -14.92 -26.41
CA PRO I 17 67.93 -15.15 -27.52
C PRO I 17 67.37 -16.09 -28.56
N LYS I 18 67.88 -15.96 -29.79
CA LYS I 18 67.59 -16.91 -30.84
C LYS I 18 68.17 -18.25 -30.42
N SER I 19 67.29 -19.26 -30.27
CA SER I 19 67.66 -20.54 -29.68
C SER I 19 66.73 -21.66 -30.18
N ARG I 20 66.86 -22.85 -29.59
CA ARG I 20 65.87 -23.93 -29.76
C ARG I 20 64.46 -23.39 -29.74
N PHE I 21 64.18 -22.57 -28.73
CA PHE I 21 62.82 -22.18 -28.37
C PHE I 21 62.34 -21.03 -29.23
N CYS I 22 63.12 -19.96 -29.23
CA CYS I 22 62.82 -18.80 -30.02
C CYS I 22 63.47 -19.00 -31.38
N ARG I 23 62.66 -19.37 -32.36
CA ARG I 23 63.15 -19.61 -33.71
C ARG I 23 62.20 -19.01 -34.74
N GLY I 24 62.65 -18.99 -35.99
CA GLY I 24 61.99 -18.22 -37.05
C GLY I 24 62.30 -16.74 -36.87
N VAL I 25 63.45 -16.47 -36.26
CA VAL I 25 63.86 -15.12 -35.94
C VAL I 25 64.45 -14.55 -37.22
N PRO I 26 64.07 -13.31 -37.59
CA PRO I 26 64.67 -12.74 -38.79
C PRO I 26 66.07 -12.28 -38.47
N ASP I 27 66.94 -12.31 -39.48
CA ASP I 27 68.35 -11.99 -39.27
C ASP I 27 68.51 -10.51 -38.93
N ALA I 28 69.50 -10.22 -38.09
CA ALA I 28 69.79 -8.85 -37.67
C ALA I 28 70.21 -7.99 -38.87
N LYS I 29 69.87 -6.71 -38.80
CA LYS I 29 70.24 -5.77 -39.85
C LYS I 29 71.75 -5.63 -39.88
N ILE I 30 72.33 -5.31 -38.73
CA ILE I 30 73.79 -5.23 -38.59
C ILE I 30 74.40 -6.62 -38.65
N ARG I 31 75.53 -6.71 -39.36
CA ARG I 31 76.22 -7.98 -39.60
C ARG I 31 77.73 -7.82 -39.40
N ILE I 32 78.32 -6.86 -40.11
CA ILE I 32 79.75 -6.59 -40.07
C ILE I 32 80.06 -5.70 -38.88
N PHE I 33 80.52 -6.29 -37.78
CA PHE I 33 80.76 -5.51 -36.54
C PHE I 33 82.08 -4.74 -36.47
N ASP I 34 82.91 -4.82 -37.52
CA ASP I 34 84.12 -4.01 -37.60
C ASP I 34 84.63 -3.83 -39.02
N LEU I 35 85.26 -2.68 -39.24
CA LEU I 35 85.65 -2.25 -40.57
C LEU I 35 86.71 -1.15 -40.49
N GLY I 36 87.27 -0.81 -41.64
CA GLY I 36 88.46 0.02 -41.72
C GLY I 36 89.65 -0.92 -41.80
N ARG I 37 90.83 -0.45 -41.43
CA ARG I 37 92.02 -1.30 -41.45
C ARG I 37 92.05 -2.18 -40.20
N LYS I 38 91.30 -3.26 -40.25
CA LYS I 38 91.27 -4.25 -39.16
C LYS I 38 92.46 -5.20 -39.16
N LYS I 39 93.20 -5.25 -40.27
CA LYS I 39 94.38 -6.10 -40.40
C LYS I 39 95.65 -5.33 -39.99
N ALA I 40 95.51 -4.42 -39.02
CA ALA I 40 96.57 -3.49 -38.63
C ALA I 40 97.21 -3.97 -37.34
N LYS I 41 98.42 -3.50 -37.11
CA LYS I 41 99.22 -3.93 -35.97
C LYS I 41 98.98 -2.98 -34.81
N VAL I 42 98.90 -3.53 -33.58
CA VAL I 42 98.79 -2.72 -32.35
C VAL I 42 99.52 -1.39 -32.37
N ASP I 43 100.77 -1.43 -32.83
CA ASP I 43 101.65 -0.27 -32.80
C ASP I 43 101.13 0.89 -33.64
N GLU I 44 100.60 0.57 -34.82
CA GLU I 44 100.24 1.59 -35.81
C GLU I 44 98.82 2.15 -35.67
N PHE I 45 98.21 2.00 -34.48
CA PHE I 45 96.93 2.63 -34.12
C PHE I 45 96.77 2.58 -32.60
N PRO I 46 97.16 3.65 -31.89
CA PRO I 46 96.80 3.78 -30.48
C PRO I 46 96.03 5.06 -30.20
N LEU I 47 94.71 4.96 -30.12
CA LEU I 47 93.89 6.12 -29.78
C LEU I 47 92.66 5.71 -28.96
N CYS I 48 91.92 4.72 -29.45
CA CYS I 48 90.81 4.10 -28.72
C CYS I 48 89.64 4.98 -28.25
N GLY I 49 89.06 5.75 -29.17
CA GLY I 49 87.87 6.55 -28.88
C GLY I 49 86.63 5.67 -28.71
N HIS I 50 85.89 5.86 -27.61
CA HIS I 50 84.66 5.11 -27.35
C HIS I 50 83.43 5.97 -27.30
N MET I 51 82.32 5.39 -27.73
CA MET I 51 81.02 5.92 -27.46
C MET I 51 80.47 5.03 -26.35
N VAL I 52 80.32 5.60 -25.15
CA VAL I 52 79.80 4.89 -24.00
C VAL I 52 78.34 5.23 -23.87
N SER I 53 77.52 4.26 -23.45
CA SER I 53 76.11 4.51 -23.15
C SER I 53 75.92 4.95 -21.70
N ASP I 54 74.91 5.81 -21.51
CA ASP I 54 74.52 6.32 -20.19
C ASP I 54 73.04 6.06 -19.89
N GLU I 55 72.46 5.07 -20.57
CA GLU I 55 71.09 4.61 -20.32
C GLU I 55 71.04 3.11 -20.38
N TYR I 56 70.35 2.51 -19.42
CA TYR I 56 70.07 1.08 -19.48
C TYR I 56 68.92 0.88 -20.46
N GLU I 57 69.27 0.86 -21.74
CA GLU I 57 68.29 0.83 -22.82
C GLU I 57 68.65 -0.21 -23.86
N GLN I 58 67.70 -0.47 -24.75
CA GLN I 58 67.91 -1.40 -25.85
C GLN I 58 68.17 -0.65 -27.15
N LEU I 59 69.23 -1.01 -27.87
CA LEU I 59 69.54 -0.44 -29.18
C LEU I 59 69.18 -1.41 -30.27
N SER I 60 68.54 -0.90 -31.30
CA SER I 60 68.11 -1.73 -32.42
C SER I 60 69.29 -2.04 -33.31
N SER I 61 69.30 -3.28 -33.82
CA SER I 61 70.22 -3.67 -34.88
C SER I 61 70.25 -2.64 -36.02
N GLU I 62 69.05 -2.17 -36.39
CA GLU I 62 68.88 -1.13 -37.41
C GLU I 62 69.70 0.12 -37.11
N ALA I 63 69.60 0.61 -35.87
CA ALA I 63 70.29 1.84 -35.44
C ALA I 63 71.79 1.66 -35.29
N LEU I 64 72.22 0.48 -34.86
CA LEU I 64 73.63 0.17 -34.80
C LEU I 64 74.23 0.33 -36.20
N GLU I 65 73.71 -0.45 -37.14
CA GLU I 65 74.23 -0.45 -38.51
C GLU I 65 74.34 0.96 -39.05
N ALA I 66 73.22 1.68 -39.01
CA ALA I 66 73.17 3.09 -39.43
C ALA I 66 74.26 3.94 -38.78
N ALA I 67 74.46 3.76 -37.48
CA ALA I 67 75.51 4.47 -36.74
C ALA I 67 76.90 4.07 -37.22
N ARG I 68 77.07 2.78 -37.49
CA ARG I 68 78.33 2.27 -38.00
C ARG I 68 78.69 2.87 -39.36
N ILE I 69 77.75 2.86 -40.30
CA ILE I 69 77.98 3.49 -41.61
C ILE I 69 78.34 4.95 -41.40
N CYS I 70 77.50 5.66 -40.64
CA CYS I 70 77.69 7.08 -40.38
C CYS I 70 79.10 7.42 -39.91
N ALA I 71 79.61 6.65 -38.96
CA ALA I 71 80.94 6.88 -38.40
C ALA I 71 82.05 6.57 -39.38
N ASN I 72 81.91 5.44 -40.06
CA ASN I 72 82.89 4.98 -41.03
C ASN I 72 82.99 5.92 -42.24
N LYS I 73 81.84 6.34 -42.75
CA LYS I 73 81.76 7.31 -43.84
C LYS I 73 82.57 8.56 -43.50
N TYR I 74 82.35 9.10 -42.29
CA TYR I 74 83.05 10.31 -41.88
C TYR I 74 84.54 10.06 -41.68
N MET I 75 84.87 8.91 -41.09
CA MET I 75 86.27 8.53 -40.89
C MET I 75 87.00 8.41 -42.21
N VAL I 76 86.38 7.78 -43.19
CA VAL I 76 86.93 7.69 -44.54
C VAL I 76 87.12 9.10 -45.13
N LYS I 77 86.04 9.86 -45.28
CA LYS I 77 86.08 11.21 -45.82
C LYS I 77 87.09 12.12 -45.11
N SER I 78 87.12 12.02 -43.78
CA SER I 78 88.01 12.85 -42.98
C SER I 78 89.46 12.46 -43.20
N CYS I 79 89.91 11.37 -42.56
CA CYS I 79 91.32 11.02 -42.57
C CYS I 79 91.67 10.20 -43.80
N GLY I 80 91.17 8.97 -43.87
CA GLY I 80 91.46 8.12 -45.02
C GLY I 80 90.92 6.72 -44.96
N LYS I 81 90.76 6.13 -46.15
CA LYS I 81 90.20 4.78 -46.33
C LYS I 81 90.83 3.70 -45.45
N ASP I 82 92.11 3.85 -45.11
CA ASP I 82 92.85 2.86 -44.34
C ASP I 82 93.53 3.47 -43.11
N GLY I 83 92.93 4.52 -42.55
CA GLY I 83 93.53 5.28 -41.44
C GLY I 83 92.89 5.07 -40.07
N PHE I 84 92.05 4.04 -39.93
CA PHE I 84 91.34 3.78 -38.69
C PHE I 84 90.91 2.33 -38.61
N HIS I 85 90.41 1.95 -37.44
CA HIS I 85 89.69 0.69 -37.26
C HIS I 85 88.56 0.96 -36.29
N ILE I 86 87.35 0.59 -36.68
CA ILE I 86 86.18 0.78 -35.84
C ILE I 86 85.62 -0.56 -35.44
N ARG I 87 85.29 -0.69 -34.16
CA ARG I 87 84.71 -1.89 -33.61
C ARG I 87 83.35 -1.55 -33.02
N VAL I 88 82.32 -2.27 -33.45
CA VAL I 88 81.02 -2.23 -32.81
C VAL I 88 81.06 -3.32 -31.75
N ARG I 89 80.64 -2.98 -30.53
CA ARG I 89 80.79 -3.90 -29.39
C ARG I 89 79.45 -4.20 -28.71
N LEU I 90 78.43 -4.32 -29.54
CA LEU I 90 77.09 -4.69 -29.11
C LEU I 90 76.46 -5.43 -30.25
N HIS I 91 76.21 -6.73 -30.05
CA HIS I 91 75.58 -7.51 -31.09
C HIS I 91 74.14 -7.68 -30.69
N PRO I 92 73.22 -7.54 -31.64
CA PRO I 92 71.83 -7.79 -31.33
C PRO I 92 71.54 -9.30 -31.17
N PHE I 93 71.50 -9.74 -29.91
CA PHE I 93 71.17 -11.12 -29.56
C PHE I 93 69.74 -11.30 -29.08
N HIS I 94 69.25 -10.30 -28.34
CA HIS I 94 67.90 -10.31 -27.79
C HIS I 94 66.88 -10.23 -28.92
N VAL I 95 65.92 -11.15 -28.91
CA VAL I 95 64.89 -11.16 -29.91
C VAL I 95 63.70 -10.44 -29.36
N ILE I 96 63.14 -9.60 -30.20
CA ILE I 96 62.09 -8.71 -29.83
C ILE I 96 60.83 -9.27 -30.48
N ARG I 97 59.67 -9.04 -29.88
CA ARG I 97 58.45 -9.71 -30.32
C ARG I 97 57.41 -8.75 -30.90
N ILE I 98 56.32 -9.28 -31.44
CA ILE I 98 55.30 -8.45 -32.09
C ILE I 98 53.98 -9.21 -32.21
N ASN I 99 53.01 -8.84 -31.37
CA ASN I 99 51.65 -9.32 -31.52
C ASN I 99 51.00 -8.38 -32.52
N LYS I 100 50.49 -8.95 -33.61
CA LYS I 100 49.98 -8.17 -34.74
C LYS I 100 48.47 -8.28 -34.87
N MET I 101 47.84 -7.17 -35.28
CA MET I 101 46.39 -7.08 -35.40
C MET I 101 45.97 -6.72 -36.82
N LEU I 102 45.64 -7.77 -37.58
CA LEU I 102 44.88 -7.70 -38.84
C LEU I 102 44.81 -6.34 -39.55
N THR I 112 40.13 -11.39 -32.83
CA THR I 112 40.41 -12.30 -31.72
C THR I 112 40.63 -11.53 -30.42
N GLY I 113 41.33 -10.41 -30.52
CA GLY I 113 41.65 -9.57 -29.37
C GLY I 113 42.86 -10.09 -28.61
N MET I 114 42.94 -9.71 -27.34
CA MET I 114 44.09 -9.99 -26.48
C MET I 114 44.16 -11.46 -26.02
N ARG I 115 43.30 -12.34 -26.56
CA ARG I 115 43.37 -13.75 -26.21
C ARG I 115 44.56 -14.35 -26.94
N GLY I 116 45.27 -15.26 -26.25
CA GLY I 116 46.43 -15.95 -26.82
C GLY I 116 47.46 -15.03 -27.47
N ALA I 117 47.68 -13.87 -26.85
CA ALA I 117 48.60 -12.89 -27.40
C ALA I 117 49.99 -13.29 -26.98
N PHE I 118 50.81 -13.69 -27.94
CA PHE I 118 52.23 -13.85 -27.71
C PHE I 118 52.92 -13.66 -29.04
N GLY I 119 53.99 -12.89 -29.00
CA GLY I 119 54.54 -12.33 -30.20
C GLY I 119 55.25 -13.32 -31.08
N LYS I 120 55.33 -12.96 -32.36
CA LYS I 120 56.23 -13.60 -33.28
C LYS I 120 57.50 -12.78 -33.12
N PRO I 121 58.65 -13.29 -33.60
CA PRO I 121 59.86 -12.48 -33.55
C PRO I 121 59.88 -11.36 -34.60
N GLN I 122 59.77 -10.12 -34.14
CA GLN I 122 59.84 -8.97 -35.04
C GLN I 122 61.24 -8.78 -35.57
N GLY I 123 62.18 -8.70 -34.64
CA GLY I 123 63.53 -8.26 -34.90
C GLY I 123 64.42 -8.54 -33.71
N THR I 124 65.69 -8.20 -33.87
CA THR I 124 66.68 -8.35 -32.80
C THR I 124 67.07 -6.99 -32.24
N VAL I 125 67.81 -7.03 -31.14
CA VAL I 125 68.12 -5.82 -30.41
C VAL I 125 69.31 -6.05 -29.49
N ALA I 126 70.08 -5.00 -29.23
CA ALA I 126 71.13 -5.02 -28.22
C ALA I 126 70.57 -4.40 -26.96
N ARG I 127 70.90 -5.00 -25.81
CA ARG I 127 70.65 -4.37 -24.51
C ARG I 127 71.97 -3.80 -24.07
N VAL I 128 71.94 -2.54 -23.62
CA VAL I 128 73.15 -1.82 -23.30
C VAL I 128 73.04 -1.26 -21.92
N HIS I 129 74.01 -1.58 -21.07
CA HIS I 129 74.03 -1.11 -19.70
C HIS I 129 74.57 0.29 -19.60
N ILE I 130 74.34 0.90 -18.44
CA ILE I 130 74.89 2.20 -18.15
C ILE I 130 76.39 2.03 -17.96
N GLY I 131 77.16 2.81 -18.74
CA GLY I 131 78.63 2.75 -18.74
C GLY I 131 79.25 1.78 -19.73
N GLN I 132 78.41 1.10 -20.52
CA GLN I 132 78.89 0.12 -21.48
C GLN I 132 79.24 0.82 -22.78
N VAL I 133 80.31 0.36 -23.42
CA VAL I 133 80.74 0.90 -24.71
C VAL I 133 79.83 0.36 -25.81
N ILE I 134 79.44 1.25 -26.72
CA ILE I 134 78.73 0.88 -27.93
C ILE I 134 79.74 0.64 -29.07
N MET I 135 80.28 1.70 -29.64
CA MET I 135 81.26 1.62 -30.71
C MET I 135 82.60 2.00 -30.12
N SER I 136 83.68 1.64 -30.82
CA SER I 136 85.01 2.08 -30.44
C SER I 136 85.91 2.18 -31.64
N ILE I 137 86.79 3.17 -31.65
CA ILE I 137 87.62 3.50 -32.81
C ILE I 137 89.07 3.65 -32.38
N ARG I 138 89.98 3.05 -33.14
CA ARG I 138 91.40 3.32 -32.98
C ARG I 138 91.97 3.86 -34.29
N THR I 139 92.83 4.85 -34.13
CA THR I 139 93.60 5.44 -35.22
C THR I 139 94.87 6.05 -34.58
N LYS I 140 95.29 7.23 -35.02
CA LYS I 140 96.60 7.76 -34.65
C LYS I 140 96.43 8.87 -33.63
N LEU I 141 97.55 9.37 -33.09
CA LEU I 141 97.52 10.57 -32.23
C LEU I 141 97.35 11.87 -33.04
N GLN I 142 97.60 11.79 -34.36
CA GLN I 142 97.20 12.83 -35.32
C GLN I 142 95.71 13.11 -35.31
N ASN I 143 94.92 12.04 -35.18
CA ASN I 143 93.57 11.95 -35.72
C ASN I 143 92.45 12.03 -34.68
N LYS I 144 92.76 12.46 -33.45
CA LYS I 144 91.80 12.42 -32.33
C LYS I 144 90.47 13.09 -32.66
N GLU I 145 90.55 14.30 -33.21
CA GLU I 145 89.36 15.12 -33.49
C GLU I 145 88.43 14.52 -34.52
N HIS I 146 89.00 13.83 -35.50
CA HIS I 146 88.22 13.18 -36.55
C HIS I 146 87.40 12.02 -36.02
N VAL I 147 87.93 11.32 -35.03
CA VAL I 147 87.20 10.23 -34.38
C VAL I 147 86.04 10.81 -33.59
N VAL I 148 86.35 11.80 -32.76
CA VAL I 148 85.36 12.40 -31.86
C VAL I 148 84.11 12.77 -32.62
N GLU I 149 84.26 13.60 -33.64
CA GLU I 149 83.13 13.99 -34.47
C GLU I 149 82.43 12.77 -35.09
N ALA I 150 83.20 11.77 -35.55
CA ALA I 150 82.63 10.53 -36.09
C ALA I 150 81.67 9.87 -35.11
N LEU I 151 82.11 9.75 -33.87
CA LEU I 151 81.27 9.20 -32.82
C LEU I 151 80.12 10.15 -32.48
N ARG I 152 80.43 11.45 -32.48
CA ARG I 152 79.43 12.53 -32.33
C ARG I 152 78.29 12.41 -33.32
N ARG I 153 78.64 12.25 -34.60
CA ARG I 153 77.64 12.03 -35.64
C ARG I 153 76.90 10.72 -35.43
N ALA I 154 77.65 9.69 -35.02
CA ALA I 154 77.07 8.38 -34.75
C ALA I 154 76.07 8.37 -33.57
N LYS I 155 76.24 9.29 -32.61
CA LYS I 155 75.26 9.44 -31.51
C LYS I 155 73.84 9.69 -31.98
N PHE I 156 73.70 10.47 -33.04
CA PHE I 156 72.39 10.89 -33.54
C PHE I 156 71.53 9.75 -34.09
N LYS I 157 72.16 8.64 -34.45
CA LYS I 157 71.43 7.45 -34.88
C LYS I 157 70.89 6.62 -33.69
N PHE I 158 71.47 6.80 -32.49
CA PHE I 158 70.98 6.11 -31.30
C PHE I 158 70.00 6.93 -30.48
N PRO I 159 68.99 6.27 -29.88
CA PRO I 159 68.16 6.90 -28.87
C PRO I 159 68.89 6.93 -27.54
N GLY I 160 68.32 7.65 -26.59
CA GLY I 160 68.94 7.85 -25.30
C GLY I 160 70.12 8.78 -25.37
N ARG I 161 71.07 8.59 -24.45
CA ARG I 161 72.21 9.48 -24.33
C ARG I 161 73.52 8.73 -24.13
N GLN I 162 74.52 9.11 -24.93
CA GLN I 162 75.81 8.45 -24.95
C GLN I 162 76.96 9.45 -24.98
N LYS I 163 77.82 9.38 -23.97
CA LYS I 163 79.06 10.14 -23.94
C LYS I 163 80.06 9.61 -24.93
N ILE I 164 80.92 10.50 -25.43
CA ILE I 164 82.08 10.11 -26.22
C ILE I 164 83.32 10.35 -25.38
N HIS I 165 84.17 9.35 -25.37
CA HIS I 165 85.21 9.24 -24.39
C HIS I 165 86.44 8.64 -25.04
N ILE I 166 87.61 9.16 -24.67
CA ILE I 166 88.86 8.65 -25.19
C ILE I 166 89.57 7.95 -24.04
N SER I 167 89.82 6.66 -24.21
CA SER I 167 90.29 5.84 -23.12
C SER I 167 91.78 6.02 -22.89
N LYS I 168 92.21 5.55 -21.73
CA LYS I 168 93.61 5.60 -21.32
C LYS I 168 94.32 4.29 -21.67
N LYS I 169 93.74 3.52 -22.60
CA LYS I 169 94.37 2.30 -23.07
C LYS I 169 95.15 2.57 -24.34
N TRP I 170 96.03 1.63 -24.66
CA TRP I 170 96.64 1.57 -25.97
C TRP I 170 95.70 0.81 -26.89
N GLY I 171 95.28 1.44 -27.98
CA GLY I 171 94.47 0.79 -29.02
C GLY I 171 93.24 0.08 -28.48
N PHE I 172 92.95 -1.10 -29.03
CA PHE I 172 91.92 -1.98 -28.48
C PHE I 172 92.54 -3.04 -27.56
N THR I 173 93.57 -2.66 -26.80
CA THR I 173 94.18 -3.55 -25.82
C THR I 173 93.60 -3.21 -24.46
N LYS I 174 93.76 -4.14 -23.51
CA LYS I 174 93.34 -3.90 -22.13
C LYS I 174 94.39 -3.15 -21.29
N PHE I 175 95.48 -2.71 -21.92
CA PHE I 175 96.64 -2.18 -21.20
C PHE I 175 96.76 -0.68 -21.32
N ASN I 176 97.15 -0.06 -20.20
CA ASN I 176 97.22 1.37 -20.09
C ASN I 176 98.35 1.90 -20.95
N ALA I 177 98.03 2.85 -21.84
CA ALA I 177 98.98 3.32 -22.86
C ALA I 177 100.26 3.95 -22.31
N ASP I 178 100.23 4.42 -21.07
CA ASP I 178 101.44 4.91 -20.40
C ASP I 178 102.53 3.84 -20.28
N GLU I 179 102.10 2.60 -20.04
CA GLU I 179 102.99 1.48 -19.76
C GLU I 179 103.15 0.50 -20.92
N PHE I 180 102.43 0.73 -22.02
CA PHE I 180 102.38 -0.24 -23.12
C PHE I 180 103.75 -0.42 -23.76
N GLU I 181 104.41 0.68 -24.09
CA GLU I 181 105.70 0.62 -24.78
C GLU I 181 106.80 -0.05 -23.95
N ASP I 182 106.86 0.27 -22.66
CA ASP I 182 107.85 -0.36 -21.79
C ASP I 182 107.61 -1.87 -21.74
N MET I 183 106.34 -2.24 -21.66
CA MET I 183 105.98 -3.63 -21.45
C MET I 183 106.48 -4.47 -22.63
N VAL I 184 106.39 -3.91 -23.82
CA VAL I 184 106.99 -4.53 -24.99
C VAL I 184 108.50 -4.64 -24.83
N ALA I 185 109.12 -3.60 -24.28
CA ALA I 185 110.56 -3.62 -24.01
C ALA I 185 110.91 -4.70 -23.01
N GLU I 186 110.07 -4.85 -21.99
CA GLU I 186 110.14 -5.97 -21.07
C GLU I 186 109.89 -7.30 -21.79
N LYS I 187 109.00 -7.30 -22.77
CA LYS I 187 108.26 -8.50 -23.12
C LYS I 187 107.45 -9.06 -21.96
N ARG I 188 106.78 -8.15 -21.24
CA ARG I 188 105.42 -8.43 -20.78
C ARG I 188 104.45 -8.66 -21.94
N LEU I 189 104.59 -7.86 -23.00
CA LEU I 189 103.59 -7.81 -24.08
C LEU I 189 104.21 -8.06 -25.45
N ILE I 190 103.48 -8.75 -26.32
CA ILE I 190 103.98 -9.17 -27.64
C ILE I 190 102.88 -9.03 -28.69
N PRO I 191 103.10 -8.19 -29.73
CA PRO I 191 102.15 -7.99 -30.83
C PRO I 191 101.59 -9.27 -31.47
N ASP I 192 100.30 -9.23 -31.80
CA ASP I 192 99.52 -10.40 -32.17
C ASP I 192 98.28 -10.01 -32.99
N GLY I 193 98.53 -9.45 -34.18
CA GLY I 193 97.47 -8.92 -35.03
C GLY I 193 96.99 -7.59 -34.49
N CYS I 194 95.67 -7.41 -34.42
CA CYS I 194 95.07 -6.22 -33.81
C CYS I 194 95.40 -6.10 -32.31
N GLY I 195 95.59 -7.24 -31.66
CA GLY I 195 95.85 -7.30 -30.23
C GLY I 195 97.31 -7.46 -29.85
N VAL I 196 97.53 -8.08 -28.70
CA VAL I 196 98.85 -8.12 -28.07
C VAL I 196 98.84 -9.18 -26.99
N LYS I 197 99.69 -10.19 -27.13
CA LYS I 197 99.73 -11.29 -26.16
C LYS I 197 100.60 -10.98 -24.95
N TYR I 198 99.93 -10.85 -23.80
CA TYR I 198 100.60 -10.69 -22.53
C TYR I 198 101.20 -12.00 -22.07
N ILE I 199 102.51 -12.02 -21.96
CA ILE I 199 103.23 -13.16 -21.43
C ILE I 199 103.57 -12.89 -19.96
N PRO I 200 103.34 -13.88 -19.09
CA PRO I 200 103.65 -13.75 -17.68
C PRO I 200 104.94 -14.48 -17.35
N ASN I 201 105.25 -14.62 -16.06
CA ASN I 201 106.35 -15.50 -15.66
C ASN I 201 106.14 -16.98 -15.95
N ARG I 202 104.92 -17.45 -15.73
CA ARG I 202 104.69 -18.77 -15.12
C ARG I 202 105.15 -19.98 -15.95
N GLY I 203 104.91 -19.95 -17.25
CA GLY I 203 104.89 -21.17 -18.06
C GLY I 203 106.26 -21.77 -18.29
N PRO I 204 106.33 -23.08 -18.55
CA PRO I 204 107.63 -23.73 -18.57
C PRO I 204 108.67 -22.79 -19.14
N LEU I 205 109.93 -23.02 -18.79
CA LEU I 205 111.03 -22.13 -19.15
C LEU I 205 111.39 -22.17 -20.64
N ASP I 206 110.95 -23.22 -21.35
CA ASP I 206 111.18 -23.36 -22.78
C ASP I 206 110.48 -22.28 -23.60
N LYS I 207 109.33 -21.83 -23.10
CA LYS I 207 108.63 -20.66 -23.67
C LYS I 207 109.47 -19.40 -23.50
N TRP I 208 110.04 -19.23 -22.30
CA TRP I 208 110.94 -18.11 -21.99
C TRP I 208 112.22 -18.10 -22.82
N ARG I 209 112.67 -19.29 -23.26
CA ARG I 209 113.83 -19.41 -24.13
C ARG I 209 113.56 -19.10 -25.61
N ALA I 210 112.30 -19.02 -26.02
CA ALA I 210 111.94 -18.58 -27.38
C ALA I 210 112.12 -17.07 -27.47
N LEU I 211 111.64 -16.36 -26.45
CA LEU I 211 111.98 -14.95 -26.26
C LEU I 211 113.40 -14.89 -25.70
N HIS I 212 113.94 -13.68 -25.60
CA HIS I 212 115.33 -13.48 -25.16
C HIS I 212 116.33 -14.25 -26.02
N SER I 213 116.02 -14.39 -27.31
CA SER I 213 116.80 -15.20 -28.24
C SER I 213 116.41 -14.92 -29.70
N GLU J 1 123.40 -53.27 -24.31
CA GLU J 1 123.28 -54.17 -23.11
C GLU J 1 121.94 -53.97 -22.38
N ASN J 2 120.85 -54.16 -23.12
CA ASN J 2 119.48 -54.00 -22.61
C ASN J 2 118.91 -55.34 -22.11
N PRO J 3 118.15 -55.32 -20.99
CA PRO J 3 117.75 -56.60 -20.37
C PRO J 3 116.52 -57.21 -21.03
N MET J 4 115.37 -56.54 -20.89
CA MET J 4 114.10 -56.96 -21.47
C MET J 4 113.42 -55.73 -22.06
N ARG J 5 114.11 -55.14 -23.04
CA ARG J 5 113.46 -54.22 -23.96
C ARG J 5 113.40 -54.91 -25.33
N GLU J 6 113.30 -56.24 -25.29
CA GLU J 6 113.41 -57.07 -26.47
C GLU J 6 112.08 -57.09 -27.21
N LEU J 7 111.96 -56.12 -28.11
CA LEU J 7 110.84 -56.02 -29.05
C LEU J 7 110.48 -57.39 -29.64
N ARG J 8 109.36 -57.95 -29.20
CA ARG J 8 108.86 -59.24 -29.71
C ARG J 8 107.50 -59.10 -30.39
N ILE J 9 107.07 -60.16 -31.07
CA ILE J 9 105.73 -60.23 -31.63
C ILE J 9 104.75 -60.64 -30.55
N ARG J 10 103.85 -59.73 -30.17
CA ARG J 10 102.82 -60.02 -29.19
C ARG J 10 101.72 -60.90 -29.79
N LYS J 11 101.23 -60.52 -30.97
CA LYS J 11 100.30 -61.38 -31.71
C LYS J 11 100.25 -61.07 -33.20
N LEU J 12 99.85 -62.06 -33.99
CA LEU J 12 99.62 -61.90 -35.42
C LEU J 12 98.14 -62.06 -35.72
N CYS J 13 97.60 -61.11 -36.45
CA CYS J 13 96.19 -61.05 -36.77
C CYS J 13 95.98 -61.30 -38.26
N LEU J 14 94.97 -62.10 -38.58
CA LEU J 14 94.69 -62.53 -39.94
C LEU J 14 93.22 -62.37 -40.22
N ASN J 15 92.83 -61.55 -41.20
CA ASN J 15 91.41 -61.45 -41.54
C ASN J 15 91.04 -61.41 -43.02
N ILE J 16 90.07 -62.27 -43.35
CA ILE J 16 89.52 -62.40 -44.68
C ILE J 16 88.11 -61.82 -44.62
N CYS J 17 87.97 -60.61 -45.17
CA CYS J 17 86.68 -59.96 -45.28
C CYS J 17 86.11 -60.24 -46.67
N VAL J 18 85.29 -61.28 -46.77
CA VAL J 18 84.63 -61.59 -48.05
C VAL J 18 83.46 -60.65 -48.30
N GLY J 19 82.75 -60.26 -47.24
CA GLY J 19 81.65 -59.32 -47.34
C GLY J 19 80.50 -59.91 -48.11
N GLU J 20 80.11 -61.11 -47.70
CA GLU J 20 79.11 -61.91 -48.41
C GLU J 20 78.18 -62.60 -47.44
N SER J 21 78.75 -63.41 -46.56
CA SER J 21 78.03 -64.30 -45.63
C SER J 21 77.65 -65.59 -46.33
N GLY J 22 77.11 -66.52 -45.54
CA GLY J 22 76.68 -67.82 -46.05
C GLY J 22 77.84 -68.75 -46.35
N ASP J 23 78.06 -69.01 -47.64
CA ASP J 23 78.96 -70.07 -48.10
C ASP J 23 80.39 -69.58 -48.31
N ARG J 24 80.53 -68.47 -49.03
CA ARG J 24 81.83 -67.83 -49.26
C ARG J 24 82.65 -67.64 -47.99
N LEU J 25 81.96 -67.25 -46.91
CA LEU J 25 82.58 -67.03 -45.62
C LEU J 25 82.97 -68.35 -44.96
N THR J 26 82.08 -69.35 -45.02
CA THR J 26 82.35 -70.69 -44.49
C THR J 26 83.52 -71.36 -45.23
N ARG J 27 83.66 -70.99 -46.50
CA ARG J 27 84.74 -71.45 -47.34
C ARG J 27 86.06 -70.81 -46.90
N ALA J 28 86.04 -69.50 -46.70
CA ALA J 28 87.24 -68.75 -46.29
C ALA J 28 87.71 -69.07 -44.88
N ALA J 29 86.77 -69.44 -44.02
CA ALA J 29 87.11 -69.90 -42.67
C ALA J 29 87.98 -71.16 -42.68
N LYS J 30 87.79 -72.03 -43.67
CA LYS J 30 88.65 -73.21 -43.84
C LYS J 30 90.10 -72.84 -44.19
N VAL J 31 90.29 -71.77 -44.93
CA VAL J 31 91.62 -71.31 -45.35
C VAL J 31 92.48 -70.89 -44.17
N LEU J 32 91.95 -70.01 -43.32
CA LEU J 32 92.64 -69.64 -42.08
C LEU J 32 92.89 -70.85 -41.18
N GLU J 33 91.92 -71.76 -41.12
CA GLU J 33 92.02 -72.97 -40.28
C GLU J 33 93.12 -73.92 -40.74
N GLN J 34 93.31 -74.01 -42.06
CA GLN J 34 94.45 -74.72 -42.67
C GLN J 34 95.78 -74.01 -42.42
N LEU J 35 95.76 -72.68 -42.47
CA LEU J 35 96.95 -71.85 -42.30
C LEU J 35 97.46 -71.77 -40.85
N THR J 36 96.57 -71.39 -39.93
CA THR J 36 96.92 -71.13 -38.53
C THR J 36 96.93 -72.37 -37.64
N GLY J 37 96.12 -73.37 -38.00
CA GLY J 37 95.94 -74.54 -37.15
C GLY J 37 95.11 -74.21 -35.92
N GLN J 38 93.97 -73.55 -36.15
CA GLN J 38 92.96 -73.28 -35.11
C GLN J 38 91.72 -72.72 -35.78
N THR J 39 90.55 -72.98 -35.20
CA THR J 39 89.29 -72.45 -35.73
C THR J 39 89.32 -70.93 -35.63
N PRO J 40 88.78 -70.23 -36.64
CA PRO J 40 88.77 -68.77 -36.60
C PRO J 40 87.50 -68.24 -35.90
N VAL J 41 87.19 -66.97 -36.11
CA VAL J 41 85.93 -66.37 -35.62
C VAL J 41 85.29 -65.59 -36.76
N PHE J 42 83.99 -65.75 -36.92
CA PHE J 42 83.24 -64.91 -37.84
C PHE J 42 82.89 -63.61 -37.13
N SER J 43 83.22 -62.49 -37.75
CA SER J 43 82.75 -61.18 -37.29
C SER J 43 81.52 -60.83 -38.09
N LYS J 44 80.60 -60.08 -37.48
CA LYS J 44 79.39 -59.61 -38.17
C LYS J 44 79.50 -58.13 -38.46
N ALA J 45 78.62 -57.64 -39.33
CA ALA J 45 78.65 -56.23 -39.74
C ALA J 45 78.10 -55.33 -38.64
N ARG J 46 78.60 -54.10 -38.59
CA ARG J 46 78.09 -53.12 -37.63
C ARG J 46 76.70 -52.69 -38.04
N TYR J 47 76.56 -52.33 -39.31
CA TYR J 47 75.31 -51.78 -39.83
C TYR J 47 75.19 -52.02 -41.33
N THR J 48 73.94 -51.95 -41.79
CA THR J 48 73.59 -52.19 -43.18
C THR J 48 74.23 -51.11 -44.06
N VAL J 49 74.73 -51.52 -45.22
CA VAL J 49 75.27 -50.61 -46.23
C VAL J 49 74.80 -51.10 -47.60
N ARG J 50 73.83 -50.40 -48.16
CA ARG J 50 73.22 -50.81 -49.43
C ARG J 50 74.20 -50.77 -50.60
N SER J 51 75.23 -49.93 -50.49
CA SER J 51 76.31 -49.85 -51.47
C SER J 51 77.12 -51.15 -51.58
N PHE J 52 77.63 -51.62 -50.46
CA PHE J 52 78.50 -52.80 -50.41
C PHE J 52 77.70 -54.09 -50.48
N GLY J 53 76.41 -54.04 -50.17
CA GLY J 53 75.57 -55.24 -50.12
C GLY J 53 75.84 -56.03 -48.86
N ILE J 54 75.64 -55.36 -47.72
CA ILE J 54 75.78 -55.96 -46.40
C ILE J 54 74.66 -55.48 -45.50
N ARG J 55 74.37 -56.26 -44.47
CA ARG J 55 73.29 -55.95 -43.53
C ARG J 55 73.82 -56.02 -42.11
N ARG J 56 73.17 -55.29 -41.23
CA ARG J 56 73.51 -55.24 -39.81
C ARG J 56 73.45 -56.65 -39.24
N ASN J 57 74.49 -57.03 -38.49
CA ASN J 57 74.62 -58.37 -37.89
C ASN J 57 74.68 -59.55 -38.89
N GLU J 58 74.98 -59.27 -40.15
CA GLU J 58 75.25 -60.28 -41.17
C GLU J 58 76.73 -60.57 -41.08
N LYS J 59 77.12 -61.84 -41.21
CA LYS J 59 78.54 -62.22 -41.10
C LYS J 59 79.33 -61.79 -42.32
N ILE J 60 80.20 -60.81 -42.16
CA ILE J 60 80.96 -60.24 -43.26
C ILE J 60 82.28 -60.96 -43.42
N ALA J 61 83.03 -61.01 -42.32
CA ALA J 61 84.43 -61.40 -42.34
C ALA J 61 84.70 -62.59 -41.43
N VAL J 62 85.83 -63.23 -41.67
CA VAL J 62 86.38 -64.21 -40.74
C VAL J 62 87.76 -63.72 -40.34
N HIS J 63 88.15 -64.02 -39.11
CA HIS J 63 89.46 -63.62 -38.63
C HIS J 63 89.94 -64.49 -37.48
N CYS J 64 91.18 -64.24 -37.06
CA CYS J 64 91.83 -65.03 -36.03
C CYS J 64 93.11 -64.34 -35.54
N THR J 65 93.45 -64.60 -34.28
CA THR J 65 94.66 -64.06 -33.65
C THR J 65 95.58 -65.21 -33.28
N VAL J 66 96.75 -65.24 -33.91
CA VAL J 66 97.74 -66.26 -33.66
C VAL J 66 98.75 -65.69 -32.71
N ARG J 67 99.21 -66.51 -31.76
CA ARG J 67 100.21 -66.08 -30.79
C ARG J 67 101.37 -67.07 -30.74
N GLY J 68 102.53 -66.55 -30.33
CA GLY J 68 103.72 -67.36 -30.10
C GLY J 68 104.49 -67.76 -31.34
N ALA J 69 105.01 -68.98 -31.30
CA ALA J 69 105.86 -69.52 -32.38
C ALA J 69 105.10 -69.67 -33.69
N LYS J 70 103.85 -70.11 -33.61
CA LYS J 70 103.00 -70.27 -34.80
C LYS J 70 102.77 -68.93 -35.51
N ALA J 71 102.65 -67.85 -34.73
CA ALA J 71 102.54 -66.50 -35.29
C ALA J 71 103.84 -66.01 -35.92
N GLU J 72 104.97 -66.40 -35.35
CA GLU J 72 106.29 -66.13 -35.95
C GLU J 72 106.43 -66.86 -37.29
N GLU J 73 106.04 -68.13 -37.30
CA GLU J 73 106.11 -68.98 -38.49
C GLU J 73 105.23 -68.45 -39.62
N ILE J 74 103.98 -68.12 -39.30
CA ILE J 74 103.02 -67.62 -40.29
C ILE J 74 103.43 -66.23 -40.80
N LEU J 75 104.00 -65.41 -39.91
CA LEU J 75 104.52 -64.11 -40.31
C LEU J 75 105.65 -64.28 -41.32
N GLU J 76 106.54 -65.23 -41.05
CA GLU J 76 107.65 -65.54 -41.97
C GLU J 76 107.14 -65.87 -43.38
N LYS J 77 106.25 -66.86 -43.49
CA LYS J 77 105.58 -67.19 -44.76
C LYS J 77 105.01 -65.97 -45.49
N GLY J 78 104.31 -65.11 -44.73
CA GLY J 78 103.67 -63.91 -45.28
C GLY J 78 104.63 -62.88 -45.82
N LEU J 79 105.82 -62.81 -45.23
CA LEU J 79 106.88 -61.94 -45.73
C LEU J 79 107.60 -62.54 -46.95
N LYS J 80 107.69 -63.87 -46.99
CA LYS J 80 108.30 -64.56 -48.13
C LYS J 80 107.52 -64.32 -49.43
N VAL J 81 106.19 -64.32 -49.34
CA VAL J 81 105.32 -64.02 -50.49
C VAL J 81 105.39 -62.53 -50.87
N ARG J 82 105.56 -61.68 -49.86
CA ARG J 82 105.81 -60.24 -50.09
C ARG J 82 107.27 -59.92 -50.46
N GLU J 83 108.17 -60.89 -50.34
CA GLU J 83 109.61 -60.78 -50.69
C GLU J 83 110.44 -59.87 -49.77
N TYR J 84 110.05 -59.79 -48.49
CA TYR J 84 110.74 -58.98 -47.48
C TYR J 84 110.96 -57.53 -47.90
N GLU J 85 109.89 -56.93 -48.39
CA GLU J 85 109.81 -55.50 -48.62
C GLU J 85 108.58 -55.00 -47.88
N LEU J 86 108.71 -53.84 -47.25
CA LEU J 86 107.57 -53.09 -46.78
C LEU J 86 107.81 -51.63 -47.15
N ARG J 87 106.90 -50.75 -46.76
CA ARG J 87 107.07 -49.32 -46.96
C ARG J 87 107.11 -48.63 -45.62
N LYS J 88 107.34 -47.33 -45.64
CA LYS J 88 107.26 -46.50 -44.45
C LYS J 88 105.81 -46.45 -43.94
N ASN J 89 104.86 -46.25 -44.85
CA ASN J 89 103.43 -46.20 -44.49
C ASN J 89 102.83 -47.51 -43.98
N ASN J 90 103.45 -48.65 -44.29
CA ASN J 90 103.02 -49.95 -43.75
C ASN J 90 103.18 -50.11 -42.23
N PHE J 91 103.99 -49.25 -41.62
CA PHE J 91 104.14 -49.22 -40.17
C PHE J 91 103.20 -48.16 -39.58
N SER J 92 102.59 -48.50 -38.45
CA SER J 92 101.73 -47.58 -37.71
C SER J 92 102.56 -46.86 -36.67
N ASP J 93 102.14 -45.63 -36.33
CA ASP J 93 102.85 -44.77 -35.36
C ASP J 93 103.05 -45.46 -34.01
N THR J 94 102.15 -46.38 -33.69
CA THR J 94 102.22 -47.21 -32.49
C THR J 94 103.32 -48.30 -32.49
N GLY J 95 103.99 -48.52 -33.62
CA GLY J 95 105.02 -49.54 -33.74
C GLY J 95 104.49 -50.93 -34.06
N ASN J 96 103.48 -51.00 -34.93
CA ASN J 96 102.96 -52.24 -35.48
C ASN J 96 103.08 -52.11 -36.98
N PHE J 97 103.12 -53.25 -37.67
CA PHE J 97 103.11 -53.23 -39.13
C PHE J 97 102.19 -54.30 -39.66
N GLY J 98 101.93 -54.20 -40.95
CA GLY J 98 101.01 -55.09 -41.62
C GLY J 98 101.14 -54.99 -43.12
N PHE J 99 100.56 -55.95 -43.79
CA PHE J 99 100.72 -56.11 -45.23
C PHE J 99 99.73 -57.12 -45.74
N GLY J 100 99.36 -56.97 -47.00
CA GLY J 100 98.45 -57.91 -47.64
C GLY J 100 99.21 -59.04 -48.28
N ILE J 101 98.49 -60.13 -48.54
CA ILE J 101 98.85 -61.05 -49.61
C ILE J 101 97.64 -61.20 -50.50
N GLN J 102 97.89 -61.31 -51.81
CA GLN J 102 96.82 -61.25 -52.80
C GLN J 102 96.18 -62.62 -53.00
N GLU J 103 96.86 -63.69 -52.57
CA GLU J 103 96.37 -65.05 -52.73
C GLU J 103 97.09 -66.07 -51.85
N HIS J 104 96.33 -66.67 -50.92
CA HIS J 104 96.84 -67.58 -49.86
C HIS J 104 97.64 -68.80 -50.34
N ILE J 105 97.36 -69.27 -51.55
CA ILE J 105 98.12 -70.38 -52.14
C ILE J 105 99.61 -70.06 -52.32
N ASP J 106 99.94 -68.76 -52.38
CA ASP J 106 101.33 -68.29 -52.40
C ASP J 106 102.10 -68.66 -51.14
N LEU J 107 101.42 -68.65 -49.99
CA LEU J 107 102.04 -69.00 -48.71
C LEU J 107 102.49 -70.46 -48.75
N GLY J 108 101.56 -71.34 -49.12
CA GLY J 108 101.84 -72.76 -49.32
C GLY J 108 100.63 -73.64 -49.04
N ILE J 109 99.57 -73.43 -49.81
CA ILE J 109 98.30 -74.14 -49.65
C ILE J 109 97.83 -74.57 -51.06
N LYS J 110 97.07 -75.66 -51.13
CA LYS J 110 96.55 -76.18 -52.40
C LYS J 110 95.21 -75.54 -52.78
N TYR J 111 95.09 -75.10 -54.03
CA TYR J 111 93.85 -74.50 -54.56
C TYR J 111 92.79 -75.59 -54.70
N ASP J 112 91.54 -75.15 -54.76
CA ASP J 112 90.42 -76.00 -55.15
C ASP J 112 89.40 -75.12 -55.89
N PRO J 113 88.81 -75.62 -57.01
CA PRO J 113 87.78 -74.83 -57.69
C PRO J 113 86.63 -74.35 -56.78
N SER J 114 86.32 -75.14 -55.76
CA SER J 114 85.42 -74.69 -54.69
C SER J 114 86.14 -73.70 -53.79
N ILE J 115 87.02 -74.21 -52.92
CA ILE J 115 87.75 -73.40 -51.93
C ILE J 115 88.81 -72.58 -52.67
N GLY J 116 88.39 -71.42 -53.17
CA GLY J 116 89.08 -70.73 -54.27
C GLY J 116 90.42 -70.09 -53.95
N ILE J 117 90.46 -68.77 -54.08
CA ILE J 117 91.65 -67.97 -53.81
C ILE J 117 91.26 -66.78 -52.95
N TYR J 118 91.31 -66.96 -51.64
CA TYR J 118 91.10 -65.86 -50.69
C TYR J 118 92.40 -65.12 -50.37
N GLY J 119 92.52 -63.92 -50.93
CA GLY J 119 93.53 -62.97 -50.48
C GLY J 119 93.26 -62.60 -49.04
N LEU J 120 94.32 -62.31 -48.29
CA LEU J 120 94.17 -62.03 -46.86
C LEU J 120 95.14 -60.97 -46.35
N ASP J 121 95.04 -60.70 -45.05
CA ASP J 121 95.51 -59.47 -44.45
C ASP J 121 96.30 -59.78 -43.17
N PHE J 122 97.63 -59.70 -43.25
CA PHE J 122 98.48 -59.85 -42.07
C PHE J 122 98.54 -58.52 -41.35
N TYR J 123 98.59 -58.57 -40.03
CA TYR J 123 98.92 -57.41 -39.22
C TYR J 123 99.53 -57.88 -37.92
N VAL J 124 100.68 -57.29 -37.57
CA VAL J 124 101.54 -57.79 -36.53
C VAL J 124 101.50 -56.83 -35.34
N VAL J 125 100.97 -57.29 -34.22
CA VAL J 125 101.09 -56.56 -32.97
C VAL J 125 102.47 -56.88 -32.39
N LEU J 126 103.42 -55.96 -32.60
CA LEU J 126 104.69 -56.02 -31.88
C LEU J 126 104.45 -55.59 -30.45
N GLY J 127 105.36 -56.00 -29.58
CA GLY J 127 105.30 -55.67 -28.16
C GLY J 127 106.62 -55.87 -27.48
N ARG J 128 106.60 -55.85 -26.16
CA ARG J 128 107.80 -55.98 -25.37
C ARG J 128 107.46 -56.87 -24.18
N PRO J 129 108.45 -57.19 -23.34
CA PRO J 129 108.13 -57.78 -22.06
C PRO J 129 107.48 -56.75 -21.15
N GLY J 130 106.38 -57.13 -20.52
CA GLY J 130 105.64 -56.23 -19.63
C GLY J 130 104.76 -55.22 -20.33
N PHE J 131 104.03 -55.69 -21.34
CA PHE J 131 102.94 -54.94 -21.93
C PHE J 131 101.59 -55.38 -21.35
N SER J 132 101.55 -56.58 -20.77
CA SER J 132 100.31 -57.15 -20.23
C SER J 132 99.62 -56.29 -19.18
N ILE J 133 100.40 -55.47 -18.48
CA ILE J 133 99.90 -54.48 -17.50
C ILE J 133 98.57 -53.87 -17.92
N ALA J 134 98.52 -53.39 -19.16
CA ALA J 134 97.35 -52.71 -19.72
C ALA J 134 96.07 -53.55 -19.66
N ASP J 135 96.20 -54.85 -19.89
CA ASP J 135 95.04 -55.72 -20.12
C ASP J 135 94.76 -56.75 -19.04
N LYS J 136 95.52 -56.75 -17.94
CA LYS J 136 95.18 -57.59 -16.78
C LYS J 136 93.99 -56.97 -16.01
N LYS J 137 93.50 -57.70 -15.00
CA LYS J 137 92.29 -57.28 -14.28
C LYS J 137 92.58 -56.29 -13.17
N ARG J 138 93.36 -56.71 -12.18
CA ARG J 138 93.48 -55.94 -10.94
C ARG J 138 94.34 -54.66 -11.10
N ARG J 139 95.65 -54.70 -10.85
CA ARG J 139 96.40 -53.48 -10.62
C ARG J 139 96.98 -52.97 -11.92
N THR J 140 96.10 -52.48 -12.81
CA THR J 140 96.47 -52.21 -14.20
C THR J 140 97.32 -50.95 -14.31
N GLY J 141 97.80 -50.67 -15.52
CA GLY J 141 98.54 -49.43 -15.79
C GLY J 141 98.70 -49.09 -17.27
N CYS J 142 99.55 -48.11 -17.53
CA CYS J 142 99.95 -47.72 -18.88
C CYS J 142 101.43 -48.00 -19.03
N ILE J 143 101.84 -48.52 -20.18
CA ILE J 143 103.25 -48.89 -20.38
C ILE J 143 104.13 -47.65 -20.54
N GLY J 144 104.51 -47.09 -19.40
CA GLY J 144 105.48 -46.00 -19.30
C GLY J 144 105.52 -45.04 -20.48
N ALA J 145 106.68 -44.96 -21.11
CA ALA J 145 106.87 -44.14 -22.31
C ALA J 145 108.13 -44.56 -23.03
N LYS J 146 109.25 -44.50 -22.32
CA LYS J 146 110.49 -45.10 -22.82
C LYS J 146 110.41 -46.62 -22.66
N HIS J 147 109.54 -47.21 -23.49
CA HIS J 147 109.10 -48.60 -23.38
C HIS J 147 108.07 -48.90 -24.44
N ARG J 148 107.19 -47.93 -24.69
CA ARG J 148 106.43 -47.87 -25.91
C ARG J 148 107.34 -48.01 -27.14
N ILE J 149 106.90 -48.83 -28.10
CA ILE J 149 107.63 -49.04 -29.34
C ILE J 149 107.29 -47.91 -30.29
N SER J 150 108.32 -47.22 -30.79
CA SER J 150 108.13 -46.20 -31.82
C SER J 150 107.99 -46.85 -33.19
N LYS J 151 107.49 -46.08 -34.14
CA LYS J 151 107.48 -46.46 -35.55
C LYS J 151 108.89 -46.80 -36.00
N GLU J 152 109.81 -45.88 -35.73
CA GLU J 152 111.23 -46.06 -36.05
C GLU J 152 111.80 -47.34 -35.46
N GLU J 153 111.49 -47.59 -34.18
CA GLU J 153 112.02 -48.75 -33.49
C GLU J 153 111.52 -50.07 -34.06
N ALA J 154 110.26 -50.07 -34.51
CA ALA J 154 109.64 -51.26 -35.12
C ALA J 154 110.18 -51.53 -36.52
N MET J 155 110.44 -50.47 -37.28
CA MET J 155 111.10 -50.59 -38.58
C MET J 155 112.48 -51.23 -38.44
N ARG J 156 113.27 -50.76 -37.49
CA ARG J 156 114.63 -51.28 -37.32
C ARG J 156 114.68 -52.74 -36.84
N TRP J 157 113.67 -53.14 -36.05
CA TRP J 157 113.47 -54.55 -35.69
C TRP J 157 113.23 -55.41 -36.93
N PHE J 158 112.37 -54.94 -37.82
CA PHE J 158 112.12 -55.61 -39.11
C PHE J 158 113.36 -55.62 -39.98
N GLN J 159 114.07 -54.49 -39.99
CA GLN J 159 115.31 -54.33 -40.76
C GLN J 159 116.44 -55.24 -40.29
N GLN J 160 116.42 -55.61 -39.00
CA GLN J 160 117.38 -56.53 -38.41
C GLN J 160 116.91 -57.99 -38.51
N LYS J 161 115.73 -58.25 -37.98
CA LYS J 161 115.24 -59.63 -37.74
C LYS J 161 115.00 -60.39 -39.03
N TYR J 162 114.12 -59.86 -39.87
CA TYR J 162 113.73 -60.49 -41.14
C TYR J 162 114.50 -59.92 -42.34
N ASP J 163 115.51 -59.08 -42.06
CA ASP J 163 116.48 -58.60 -43.07
C ASP J 163 115.82 -57.77 -44.17
N GLY J 164 114.76 -57.05 -43.79
CA GLY J 164 113.90 -56.34 -44.74
C GLY J 164 114.48 -55.02 -45.20
N ILE J 165 113.88 -54.47 -46.26
CA ILE J 165 114.39 -53.27 -46.91
C ILE J 165 113.70 -51.99 -46.43
N ILE J 166 112.38 -52.02 -46.32
CA ILE J 166 111.56 -50.82 -46.06
C ILE J 166 111.83 -49.75 -47.12
N LEU J 167 111.29 -49.99 -48.33
CA LEU J 167 111.50 -49.09 -49.46
C LEU J 167 110.73 -47.76 -49.29
N PRO J 168 111.28 -46.65 -49.83
CA PRO J 168 110.67 -45.35 -49.61
C PRO J 168 109.47 -45.07 -50.53
N GLY J 169 108.93 -43.85 -50.45
CA GLY J 169 107.76 -43.48 -51.23
C GLY J 169 106.50 -43.90 -50.49
N ALA K 1 21.03 -28.40 1.99
CA ALA K 1 22.47 -28.82 2.01
C ALA K 1 22.94 -29.14 3.42
N PRO K 2 23.69 -30.25 3.58
CA PRO K 2 24.14 -30.63 4.91
C PRO K 2 25.35 -29.81 5.33
N SER K 3 25.46 -29.51 6.63
CA SER K 3 26.58 -28.74 7.17
C SER K 3 27.20 -29.46 8.35
N ARG K 4 28.38 -30.03 8.12
CA ARG K 4 29.22 -30.58 9.17
C ARG K 4 28.54 -31.39 10.27
N ASN K 5 28.27 -32.65 9.95
CA ASN K 5 27.97 -33.69 10.91
C ASN K 5 26.55 -33.67 11.43
N GLY K 6 25.87 -34.80 11.31
CA GLY K 6 24.45 -34.92 11.62
C GLY K 6 23.87 -36.11 10.91
N MET K 7 22.70 -36.57 11.34
CA MET K 7 22.12 -37.77 10.76
C MET K 7 21.55 -37.41 9.41
N ILE K 8 21.96 -38.15 8.39
CA ILE K 8 21.53 -37.88 7.03
C ILE K 8 20.10 -38.43 6.91
N LEU K 9 19.16 -37.58 7.29
CA LEU K 9 17.87 -38.07 7.78
C LEU K 9 16.75 -37.82 6.79
N LYS K 10 15.80 -38.76 6.76
CA LYS K 10 14.76 -38.80 5.75
C LYS K 10 13.47 -38.58 6.51
N PRO K 11 12.88 -37.37 6.37
CA PRO K 11 11.52 -37.14 6.86
C PRO K 11 10.52 -37.49 5.76
N HIS K 12 9.33 -37.90 6.17
CA HIS K 12 8.30 -38.31 5.23
C HIS K 12 7.23 -37.24 5.20
N PHE K 13 7.60 -36.05 4.76
CA PHE K 13 6.65 -34.97 4.53
C PHE K 13 6.81 -34.44 3.12
N HIS K 14 6.59 -35.34 2.17
CA HIS K 14 6.58 -34.99 0.75
C HIS K 14 5.21 -35.13 0.13
N LYS K 15 4.34 -35.97 0.71
CA LYS K 15 2.95 -36.02 0.28
C LYS K 15 2.20 -34.83 0.89
N ASP K 16 0.92 -34.65 0.55
CA ASP K 16 0.15 -33.55 1.17
C ASP K 16 -0.39 -33.99 2.54
N TRP K 17 0.50 -34.02 3.51
CA TRP K 17 0.22 -34.57 4.85
C TRP K 17 -0.68 -33.71 5.72
N GLN K 18 -0.67 -32.40 5.48
CA GLN K 18 -1.45 -31.46 6.28
C GLN K 18 -2.93 -31.60 5.94
N ARG K 19 -3.21 -32.19 4.78
CA ARG K 19 -4.56 -32.60 4.40
C ARG K 19 -5.08 -33.77 5.25
N ARG K 20 -4.17 -34.56 5.82
CA ARG K 20 -4.51 -35.73 6.62
C ARG K 20 -3.93 -35.72 8.04
N VAL K 21 -3.67 -34.54 8.61
CA VAL K 21 -3.29 -34.46 10.02
C VAL K 21 -4.51 -34.81 10.85
N ALA K 22 -4.31 -35.65 11.86
CA ALA K 22 -5.38 -36.11 12.74
C ALA K 22 -5.10 -35.65 14.17
N THR K 23 -5.81 -34.61 14.58
CA THR K 23 -5.65 -34.05 15.91
C THR K 23 -6.32 -34.94 16.95
N TRP K 24 -6.01 -34.68 18.22
CA TRP K 24 -6.54 -35.48 19.32
C TRP K 24 -7.32 -34.65 20.34
N PHE K 25 -7.99 -33.58 19.89
CA PHE K 25 -8.76 -32.75 20.81
C PHE K 25 -10.02 -33.45 21.30
N ASN K 26 -10.47 -34.45 20.54
CA ASN K 26 -11.45 -35.40 21.03
C ASN K 26 -11.09 -35.91 22.40
N GLN K 27 -9.87 -36.39 22.56
CA GLN K 27 -9.60 -37.57 23.41
C GLN K 27 -10.26 -37.54 24.79
N PRO K 28 -10.18 -36.41 25.50
CA PRO K 28 -10.92 -36.32 26.75
C PRO K 28 -12.41 -36.58 26.60
N ALA K 29 -13.04 -35.87 25.66
CA ALA K 29 -14.46 -36.09 25.33
C ALA K 29 -14.73 -37.53 24.97
N ARG K 30 -13.80 -38.13 24.24
CA ARG K 30 -13.90 -39.55 23.92
C ARG K 30 -13.88 -40.38 25.18
N LYS K 31 -12.80 -40.23 25.95
CA LYS K 31 -12.57 -41.02 27.16
C LYS K 31 -13.77 -41.08 28.09
N ILE K 32 -14.47 -39.95 28.19
CA ILE K 32 -15.70 -39.84 28.96
C ILE K 32 -16.77 -40.68 28.33
N ARG K 33 -16.99 -40.47 27.03
CA ARG K 33 -18.06 -41.13 26.27
C ARG K 33 -17.99 -42.63 26.43
N ARG K 34 -16.80 -43.19 26.22
CA ARG K 34 -16.56 -44.59 26.52
C ARG K 34 -16.98 -44.92 27.94
N ARG K 35 -16.50 -44.11 28.88
CA ARG K 35 -16.76 -44.35 30.30
C ARG K 35 -18.25 -44.32 30.65
N LYS K 36 -19.00 -43.35 30.13
CA LYS K 36 -20.44 -43.35 30.32
C LYS K 36 -20.95 -44.64 29.75
N ALA K 37 -20.72 -44.85 28.45
CA ALA K 37 -21.23 -46.03 27.76
C ALA K 37 -20.91 -47.31 28.50
N ARG K 38 -19.74 -47.34 29.13
CA ARG K 38 -19.35 -48.47 29.96
C ARG K 38 -20.25 -48.64 31.16
N GLN K 39 -20.49 -47.56 31.89
CA GLN K 39 -21.34 -47.59 33.08
C GLN K 39 -22.78 -47.93 32.74
N ALA K 40 -23.24 -47.50 31.57
CA ALA K 40 -24.56 -47.87 31.10
C ALA K 40 -24.66 -49.37 30.86
N ARG K 41 -23.65 -49.94 30.22
CA ARG K 41 -23.69 -51.37 29.91
C ARG K 41 -23.69 -52.22 31.18
N ALA K 42 -22.88 -51.83 32.16
CA ALA K 42 -22.96 -52.47 33.46
C ALA K 42 -24.40 -52.49 33.92
N ARG K 43 -24.98 -51.30 34.08
CA ARG K 43 -26.33 -51.14 34.62
C ARG K 43 -27.37 -51.99 33.86
N ARG K 44 -27.19 -52.15 32.56
CA ARG K 44 -28.09 -53.00 31.76
C ARG K 44 -27.96 -54.49 32.12
N ILE K 45 -26.73 -54.97 32.21
CA ILE K 45 -26.47 -56.38 32.57
C ILE K 45 -26.31 -56.48 34.10
N ALA K 46 -27.46 -56.54 34.78
CA ALA K 46 -27.59 -55.98 36.13
C ALA K 46 -26.72 -56.59 37.24
N PRO K 47 -26.86 -57.90 37.53
CA PRO K 47 -25.93 -58.58 38.44
C PRO K 47 -24.79 -59.30 37.72
N ARG K 48 -24.77 -59.25 36.38
CA ARG K 48 -23.76 -59.93 35.59
C ARG K 48 -22.48 -59.12 35.70
N PRO K 49 -21.30 -59.78 35.67
CA PRO K 49 -20.05 -59.04 35.70
C PRO K 49 -19.95 -57.98 34.61
N ALA K 50 -19.41 -56.83 34.98
CA ALA K 50 -19.23 -55.74 34.02
C ALA K 50 -18.22 -56.13 32.96
N SER K 51 -17.14 -56.75 33.42
CA SER K 51 -16.13 -57.40 32.57
C SER K 51 -16.63 -57.85 31.21
N GLY K 52 -17.47 -58.87 31.23
CA GLY K 52 -17.86 -59.60 30.05
C GLY K 52 -18.13 -61.04 30.42
N PRO K 53 -17.72 -61.99 29.55
CA PRO K 53 -17.70 -63.38 29.97
C PRO K 53 -16.35 -63.71 30.57
N LEU K 54 -16.28 -64.90 31.14
CA LEU K 54 -15.02 -65.46 31.61
C LEU K 54 -14.26 -65.92 30.40
N ARG K 55 -12.94 -65.82 30.47
CA ARG K 55 -12.10 -66.14 29.33
C ARG K 55 -10.99 -67.08 29.76
N PRO K 56 -10.48 -67.88 28.83
CA PRO K 56 -9.47 -68.83 29.22
C PRO K 56 -8.14 -68.19 29.56
N ILE K 57 -7.30 -68.97 30.22
CA ILE K 57 -5.87 -68.72 30.32
C ILE K 57 -5.23 -69.29 29.06
N VAL K 58 -4.13 -68.65 28.62
CA VAL K 58 -3.49 -69.00 27.37
C VAL K 58 -2.06 -68.44 27.34
N ARG K 59 -1.12 -69.23 26.82
CA ARG K 59 0.25 -68.76 26.63
C ARG K 59 0.36 -68.01 25.33
N CYS K 60 1.23 -67.02 25.31
CA CYS K 60 1.56 -66.31 24.08
C CYS K 60 2.38 -67.20 23.14
N PRO K 61 2.47 -66.81 21.86
CA PRO K 61 3.39 -67.41 20.93
C PRO K 61 4.76 -66.78 21.00
N THR K 62 5.67 -67.36 20.22
CA THR K 62 7.05 -66.94 20.04
C THR K 62 7.89 -66.99 21.31
N VAL K 63 9.00 -67.69 21.20
CA VAL K 63 10.20 -67.49 22.03
C VAL K 63 10.24 -66.23 22.90
N ARG K 64 9.88 -65.06 22.38
CA ARG K 64 9.84 -63.84 23.19
C ARG K 64 8.84 -63.89 24.37
N TYR K 65 7.57 -64.12 24.07
CA TYR K 65 6.50 -63.92 25.05
C TYR K 65 6.12 -65.18 25.80
N HIS K 66 5.99 -66.30 25.09
CA HIS K 66 6.46 -67.61 25.58
C HIS K 66 6.26 -67.97 27.07
N THR K 67 6.88 -67.16 27.92
CA THR K 67 6.91 -67.33 29.35
C THR K 67 5.70 -66.73 30.03
N LYS K 68 5.14 -65.68 29.41
CA LYS K 68 3.99 -64.96 29.93
C LYS K 68 2.73 -65.71 29.60
N VAL K 69 1.64 -65.25 30.18
CA VAL K 69 0.34 -65.85 29.98
C VAL K 69 -0.72 -64.75 29.99
N ARG K 70 -1.67 -64.82 29.06
CA ARG K 70 -2.74 -63.82 28.95
C ARG K 70 -4.08 -64.47 29.19
N ALA K 71 -5.12 -63.66 29.05
CA ALA K 71 -6.45 -64.16 28.70
C ALA K 71 -6.53 -64.40 27.21
N GLY K 72 -7.12 -65.53 26.86
CA GLY K 72 -7.37 -65.91 25.48
C GLY K 72 -8.73 -65.40 25.06
N ARG K 73 -9.14 -65.84 23.88
CA ARG K 73 -10.37 -65.35 23.25
C ARG K 73 -11.58 -66.09 23.79
N GLY K 74 -11.45 -67.41 23.91
CA GLY K 74 -12.50 -68.26 24.46
C GLY K 74 -12.03 -69.67 24.72
N PHE K 75 -12.74 -70.37 25.60
CA PHE K 75 -12.41 -71.74 26.00
C PHE K 75 -12.66 -72.68 24.84
N SER K 76 -11.73 -73.61 24.61
CA SER K 76 -11.90 -74.65 23.58
C SER K 76 -13.04 -75.62 23.88
N LEU K 77 -13.40 -76.42 22.87
CA LEU K 77 -14.49 -77.38 23.01
C LEU K 77 -14.13 -78.55 23.91
N GLU K 78 -12.91 -79.07 23.76
CA GLU K 78 -12.42 -80.12 24.66
C GLU K 78 -12.50 -79.71 26.13
N GLU K 79 -12.20 -78.45 26.39
CA GLU K 79 -12.16 -77.92 27.75
C GLU K 79 -13.58 -77.85 28.28
N LEU K 80 -14.53 -77.47 27.43
CA LEU K 80 -15.95 -77.51 27.78
C LEU K 80 -16.48 -78.94 27.90
N ARG K 81 -16.03 -79.82 27.03
CA ARG K 81 -16.42 -81.23 27.03
C ARG K 81 -16.01 -81.95 28.31
N VAL K 82 -14.78 -81.67 28.75
CA VAL K 82 -14.21 -82.28 29.95
C VAL K 82 -14.81 -81.72 31.23
N ALA K 83 -14.97 -80.39 31.27
CA ALA K 83 -15.70 -79.73 32.36
C ALA K 83 -17.15 -80.19 32.44
N GLY K 84 -17.74 -80.47 31.27
CA GLY K 84 -19.10 -80.97 31.19
C GLY K 84 -20.07 -79.81 31.16
N ILE K 85 -19.84 -78.91 30.22
CA ILE K 85 -20.73 -77.78 29.96
C ILE K 85 -21.08 -77.89 28.49
N HIS K 86 -22.37 -77.92 28.18
CA HIS K 86 -22.81 -77.99 26.78
C HIS K 86 -22.47 -76.68 26.08
N LYS K 87 -21.70 -76.74 24.99
CA LYS K 87 -21.12 -75.55 24.34
C LYS K 87 -22.14 -74.45 24.06
N LYS K 88 -23.33 -74.84 23.55
CA LYS K 88 -24.41 -73.89 23.29
C LYS K 88 -24.91 -73.18 24.56
N VAL K 89 -24.85 -73.89 25.69
CA VAL K 89 -25.25 -73.32 26.98
C VAL K 89 -24.17 -72.41 27.54
N ALA K 90 -22.91 -72.82 27.44
CA ALA K 90 -21.78 -72.06 28.01
C ALA K 90 -21.81 -70.56 27.67
N ARG K 91 -22.26 -70.23 26.46
CA ARG K 91 -22.47 -68.84 26.07
C ARG K 91 -23.50 -68.14 26.94
N THR K 92 -24.54 -68.88 27.34
CA THR K 92 -25.65 -68.35 28.15
C THR K 92 -25.35 -68.14 29.65
N ILE K 93 -24.20 -68.61 30.12
CA ILE K 93 -23.79 -68.47 31.53
C ILE K 93 -22.54 -67.58 31.67
N GLY K 94 -22.16 -66.91 30.59
CA GLY K 94 -20.99 -66.03 30.57
C GLY K 94 -19.67 -66.75 30.52
N ILE K 95 -19.56 -67.77 29.66
CA ILE K 95 -18.29 -68.43 29.41
C ILE K 95 -17.96 -68.22 27.95
N SER K 96 -16.86 -67.52 27.69
CA SER K 96 -16.36 -67.35 26.33
C SER K 96 -16.00 -68.70 25.77
N VAL K 97 -16.38 -68.91 24.52
CA VAL K 97 -16.06 -70.13 23.82
C VAL K 97 -15.59 -69.66 22.48
N ASP K 98 -14.37 -70.05 22.10
CA ASP K 98 -14.02 -70.04 20.70
C ASP K 98 -14.04 -71.51 20.35
N PRO K 99 -14.25 -71.82 19.07
CA PRO K 99 -14.11 -73.20 18.68
C PRO K 99 -12.96 -73.45 17.73
N ARG K 100 -12.18 -72.43 17.40
CA ARG K 100 -11.06 -72.59 16.48
C ARG K 100 -9.76 -72.99 17.20
N ARG K 101 -9.76 -72.95 18.53
CA ARG K 101 -8.58 -73.35 19.30
C ARG K 101 -8.40 -74.85 19.26
N ARG K 102 -7.22 -75.25 18.78
CA ARG K 102 -6.70 -76.60 18.98
C ARG K 102 -6.49 -76.79 20.48
N ASN K 103 -5.83 -77.89 20.85
CA ASN K 103 -5.37 -78.07 22.21
C ASN K 103 -4.23 -79.07 22.21
N LYS K 104 -3.00 -78.56 22.24
CA LYS K 104 -1.83 -79.39 21.93
C LYS K 104 -1.36 -80.19 23.13
N SER K 105 -1.15 -79.48 24.24
CA SER K 105 -0.62 -80.07 25.47
C SER K 105 -1.69 -80.17 26.54
N THR K 106 -1.55 -81.18 27.38
CA THR K 106 -2.54 -81.49 28.41
C THR K 106 -2.36 -80.64 29.67
N GLU K 107 -1.25 -79.91 29.76
CA GLU K 107 -1.01 -78.99 30.86
C GLU K 107 -1.86 -77.73 30.71
N SER K 108 -1.97 -77.22 29.49
CA SER K 108 -2.86 -76.08 29.20
C SER K 108 -4.35 -76.43 29.24
N LEU K 109 -4.67 -77.72 29.06
CA LEU K 109 -6.07 -78.17 29.02
C LEU K 109 -6.65 -78.31 30.41
N GLN K 110 -5.97 -79.07 31.25
CA GLN K 110 -6.44 -79.29 32.62
C GLN K 110 -6.52 -78.01 33.43
N ALA K 111 -5.60 -77.09 33.17
CA ALA K 111 -5.67 -75.75 33.78
C ALA K 111 -6.98 -75.05 33.42
N ASN K 112 -7.32 -75.09 32.12
CA ASN K 112 -8.52 -74.43 31.60
C ASN K 112 -9.82 -75.14 31.93
N VAL K 113 -9.77 -76.44 32.16
CA VAL K 113 -10.90 -77.14 32.76
C VAL K 113 -11.06 -76.65 34.21
N GLN K 114 -9.96 -76.66 34.97
CA GLN K 114 -9.97 -76.16 36.33
C GLN K 114 -10.58 -74.77 36.45
N ARG K 115 -10.24 -73.89 35.52
CA ARG K 115 -10.87 -72.57 35.46
C ARG K 115 -12.40 -72.62 35.42
N LEU K 116 -12.93 -73.38 34.47
CA LEU K 116 -14.38 -73.48 34.31
C LEU K 116 -15.04 -74.10 35.51
N LYS K 117 -14.40 -75.12 36.08
CA LYS K 117 -14.92 -75.77 37.30
C LYS K 117 -15.07 -74.74 38.40
N GLU K 118 -13.99 -74.01 38.64
CA GLU K 118 -13.97 -72.95 39.65
C GLU K 118 -15.04 -71.90 39.40
N TYR K 119 -15.16 -71.48 38.13
CA TYR K 119 -16.22 -70.55 37.73
C TYR K 119 -17.58 -71.07 38.14
N ARG K 120 -17.87 -72.32 37.78
CA ARG K 120 -19.17 -72.92 38.06
C ARG K 120 -19.46 -73.03 39.55
N SER K 121 -18.42 -73.16 40.37
CA SER K 121 -18.56 -73.14 41.82
C SER K 121 -19.07 -71.78 42.29
N LYS K 122 -18.34 -70.72 41.91
CA LYS K 122 -18.61 -69.36 42.40
C LYS K 122 -19.49 -68.54 41.45
N LEU K 123 -20.46 -69.20 40.82
CA LEU K 123 -21.42 -68.56 39.95
C LEU K 123 -22.78 -68.68 40.61
N VAL K 124 -23.61 -67.66 40.38
CA VAL K 124 -24.91 -67.55 41.01
C VAL K 124 -25.92 -67.44 39.90
N LEU K 125 -26.40 -68.59 39.44
CA LEU K 125 -27.36 -68.64 38.37
C LEU K 125 -28.72 -68.33 38.97
N PHE K 126 -29.35 -67.25 38.50
CA PHE K 126 -30.69 -66.88 38.93
C PHE K 126 -31.67 -67.77 38.17
N PRO K 127 -32.80 -68.13 38.78
CA PRO K 127 -33.82 -68.88 38.07
C PRO K 127 -34.60 -67.98 37.11
N ARG K 128 -35.23 -68.60 36.12
CA ARG K 128 -35.89 -67.87 35.02
C ARG K 128 -37.07 -67.06 35.53
N LYS K 129 -37.98 -67.73 36.23
CA LYS K 129 -39.05 -67.06 36.96
C LYS K 129 -38.60 -66.87 38.40
N PRO K 130 -39.23 -65.92 39.13
CA PRO K 130 -39.06 -65.83 40.59
C PRO K 130 -39.45 -67.12 41.34
N SER K 131 -40.36 -67.91 40.77
CA SER K 131 -40.62 -69.28 41.22
C SER K 131 -39.42 -70.14 40.81
N ALA K 132 -38.83 -70.85 41.77
CA ALA K 132 -37.51 -71.48 41.63
C ALA K 132 -37.53 -72.97 41.25
N PRO K 133 -37.05 -73.32 40.04
CA PRO K 133 -36.88 -74.72 39.64
C PRO K 133 -35.45 -75.23 39.94
N LYS K 134 -35.03 -76.31 39.28
CA LYS K 134 -33.66 -76.85 39.42
C LYS K 134 -32.58 -75.89 38.89
N LYS K 135 -31.32 -76.22 39.19
CA LYS K 135 -30.13 -75.43 38.79
C LYS K 135 -30.03 -74.09 39.51
N GLY K 136 -31.02 -73.22 39.29
CA GLY K 136 -31.14 -71.94 39.99
C GLY K 136 -30.81 -72.02 41.47
N ASP K 137 -29.97 -71.11 41.94
CA ASP K 137 -29.44 -71.16 43.30
C ASP K 137 -30.47 -70.71 44.34
N SER K 138 -30.11 -70.85 45.61
CA SER K 138 -30.99 -70.45 46.73
C SER K 138 -31.16 -68.95 46.81
N SER K 139 -32.28 -68.52 47.39
CA SER K 139 -32.56 -67.10 47.61
C SER K 139 -31.62 -66.45 48.63
N ALA K 140 -30.96 -67.26 49.45
CA ALA K 140 -29.85 -66.79 50.28
C ALA K 140 -28.73 -66.24 49.38
N GLU K 141 -28.13 -67.11 48.56
CA GLU K 141 -27.11 -66.70 47.58
C GLU K 141 -27.78 -66.06 46.37
N GLU K 142 -28.22 -64.82 46.57
CA GLU K 142 -29.10 -64.10 45.64
C GLU K 142 -29.45 -62.76 46.27
N LEU K 143 -29.96 -62.84 47.51
CA LEU K 143 -30.23 -61.66 48.33
C LEU K 143 -28.90 -61.10 48.86
N LYS K 144 -28.05 -62.00 49.37
CA LYS K 144 -26.71 -61.60 49.83
C LYS K 144 -25.83 -61.04 48.71
N LEU K 145 -26.11 -61.44 47.47
CA LEU K 145 -25.52 -60.79 46.31
C LEU K 145 -26.37 -60.93 45.05
N ALA K 146 -26.85 -59.78 44.58
CA ALA K 146 -27.15 -59.57 43.17
C ALA K 146 -26.07 -58.60 42.70
N THR K 147 -24.83 -58.86 43.12
CA THR K 147 -23.75 -57.89 43.04
C THR K 147 -22.96 -58.11 41.76
N GLN K 148 -22.57 -57.01 41.12
CA GLN K 148 -21.66 -57.09 40.00
C GLN K 148 -20.26 -57.32 40.48
N LEU K 149 -19.47 -57.91 39.61
CA LEU K 149 -18.06 -58.10 39.84
C LEU K 149 -17.33 -57.02 39.05
N THR K 150 -16.64 -56.14 39.78
CA THR K 150 -15.81 -55.12 39.17
C THR K 150 -14.54 -55.79 38.62
N GLY K 151 -14.04 -55.26 37.51
CA GLY K 151 -12.80 -55.75 36.91
C GLY K 151 -12.97 -57.08 36.20
N PRO K 152 -11.87 -57.61 35.61
CA PRO K 152 -11.93 -58.87 34.88
C PRO K 152 -12.27 -60.03 35.82
N VAL K 153 -13.12 -60.92 35.33
CA VAL K 153 -13.66 -61.99 36.15
C VAL K 153 -12.61 -63.08 36.34
N MET K 154 -12.29 -63.39 37.60
CA MET K 154 -11.22 -64.32 37.97
C MET K 154 -9.94 -64.02 37.20
N PRO K 155 -9.24 -62.94 37.57
CA PRO K 155 -8.14 -62.46 36.74
C PRO K 155 -6.93 -63.39 36.74
N ILE K 156 -6.25 -63.43 35.61
CA ILE K 156 -5.09 -64.25 35.43
C ILE K 156 -3.92 -63.45 35.96
N ARG K 157 -3.10 -64.10 36.77
CA ARG K 157 -1.90 -63.50 37.32
C ARG K 157 -0.75 -64.43 36.99
N ASN K 158 0.18 -63.94 36.17
CA ASN K 158 1.32 -64.76 35.76
C ASN K 158 2.24 -64.90 36.96
N VAL K 159 2.45 -66.15 37.36
CA VAL K 159 2.96 -66.49 38.69
C VAL K 159 4.16 -67.43 38.58
N PHE K 160 5.03 -67.38 39.60
CA PHE K 160 6.27 -68.12 39.61
C PHE K 160 6.34 -69.08 40.79
N LYS K 161 6.99 -70.23 40.56
CA LYS K 161 7.17 -71.25 41.61
C LYS K 161 8.57 -71.10 42.19
N LYS K 162 8.63 -70.83 43.50
CA LYS K 162 9.89 -70.54 44.17
C LYS K 162 10.70 -71.82 44.32
N GLU K 163 11.95 -71.78 43.85
CA GLU K 163 12.86 -72.91 43.98
C GLU K 163 13.72 -72.72 45.23
N LYS K 164 13.63 -73.68 46.16
CA LYS K 164 14.43 -73.65 47.38
C LYS K 164 15.90 -73.97 47.11
N ALA K 165 16.78 -73.56 48.03
CA ALA K 165 18.23 -73.72 47.87
C ALA K 165 18.65 -75.17 47.96
N ARG K 166 19.25 -75.67 46.88
CA ARG K 166 19.66 -77.08 46.76
C ARG K 166 21.00 -77.30 47.46
N VAL K 167 21.79 -78.29 47.04
CA VAL K 167 23.17 -78.45 47.53
C VAL K 167 24.23 -78.56 46.42
N ILE K 168 23.81 -78.63 45.16
CA ILE K 168 24.71 -78.80 44.01
C ILE K 168 25.46 -80.12 44.10
N THR K 169 24.83 -81.17 43.58
CA THR K 169 25.45 -82.49 43.50
C THR K 169 26.63 -82.47 42.54
N GLU K 170 27.63 -83.31 42.81
CA GLU K 170 28.76 -83.49 41.90
C GLU K 170 28.24 -84.21 40.64
N GLU K 171 27.69 -83.40 39.75
CA GLU K 171 27.06 -83.83 38.50
C GLU K 171 26.49 -82.60 37.81
N GLU K 172 25.74 -81.80 38.57
CA GLU K 172 25.44 -80.42 38.18
C GLU K 172 26.74 -79.67 37.98
N LYS K 173 27.59 -79.70 39.01
CA LYS K 173 28.92 -79.12 38.97
C LYS K 173 29.76 -79.68 37.82
N ASN K 174 29.61 -80.98 37.55
CA ASN K 174 30.29 -81.66 36.45
C ASN K 174 29.92 -81.16 35.04
N PHE K 175 28.63 -80.89 34.83
CA PHE K 175 28.08 -80.36 33.57
C PHE K 175 28.95 -79.29 32.89
N LYS K 176 29.03 -79.34 31.55
CA LYS K 176 29.73 -78.31 30.76
C LYS K 176 28.73 -77.66 29.79
N ALA K 177 28.00 -76.68 30.30
CA ALA K 177 26.82 -76.13 29.61
C ALA K 177 27.15 -75.58 28.24
N PHE K 178 28.06 -74.62 28.22
CA PHE K 178 28.47 -73.93 27.00
C PHE K 178 28.90 -74.90 25.91
N ALA K 179 29.73 -75.86 26.28
CA ALA K 179 30.09 -76.96 25.39
C ALA K 179 28.84 -77.69 24.92
N SER K 180 28.02 -78.14 25.87
CA SER K 180 26.79 -78.87 25.53
C SER K 180 25.98 -78.15 24.46
N LEU K 181 25.79 -76.85 24.64
CA LEU K 181 25.07 -76.01 23.67
C LEU K 181 25.75 -76.01 22.31
N ARG K 182 27.08 -75.90 22.29
CA ARG K 182 27.82 -75.91 21.03
C ARG K 182 27.64 -77.24 20.31
N MET K 183 27.71 -78.33 21.07
CA MET K 183 27.48 -79.69 20.55
C MET K 183 26.07 -79.83 19.97
N ALA K 184 25.09 -79.46 20.79
CA ALA K 184 23.68 -79.52 20.41
C ALA K 184 23.36 -78.70 19.18
N ARG K 185 24.09 -77.60 18.99
CA ARG K 185 23.96 -76.78 17.77
C ARG K 185 24.46 -77.56 16.56
N ALA K 186 25.68 -78.07 16.67
CA ALA K 186 26.33 -78.72 15.54
C ALA K 186 25.63 -80.00 15.11
N ASN K 187 24.99 -80.69 16.03
CA ASN K 187 24.28 -81.93 15.70
C ASN K 187 22.97 -81.70 14.95
N ALA K 188 22.28 -80.61 15.27
CA ALA K 188 21.18 -80.14 14.45
C ALA K 188 21.68 -79.75 13.07
N ARG K 189 22.77 -78.97 13.04
CA ARG K 189 23.41 -78.57 11.78
C ARG K 189 23.74 -79.79 10.94
N LEU K 190 24.40 -80.77 11.54
CA LEU K 190 24.97 -81.89 10.79
C LEU K 190 24.15 -83.17 10.73
N PHE K 191 23.07 -83.25 11.50
CA PHE K 191 22.16 -84.39 11.44
C PHE K 191 21.97 -84.90 10.02
N GLY K 192 21.50 -84.01 9.15
CA GLY K 192 21.04 -84.35 7.82
C GLY K 192 22.08 -84.92 6.88
N ILE K 193 23.31 -84.41 6.95
CA ILE K 193 24.35 -84.88 6.04
C ILE K 193 24.85 -86.20 6.55
N ARG K 194 25.17 -86.24 7.84
CA ARG K 194 25.56 -87.47 8.50
C ARG K 194 24.68 -88.64 8.06
N ALA K 195 23.37 -88.42 8.05
CA ALA K 195 22.41 -89.45 7.61
C ALA K 195 22.56 -89.83 6.15
N LYS K 196 22.86 -88.85 5.30
CA LYS K 196 23.14 -89.09 3.88
C LYS K 196 24.43 -89.87 3.64
N ARG K 197 25.50 -89.55 4.36
CA ARG K 197 26.74 -90.33 4.28
C ARG K 197 26.58 -91.76 4.78
N ALA K 198 25.83 -91.93 5.87
CA ALA K 198 25.51 -93.27 6.39
C ALA K 198 24.68 -94.07 5.39
N LYS K 199 23.71 -93.40 4.76
CA LYS K 199 22.92 -94.00 3.68
C LYS K 199 23.80 -94.37 2.48
N GLU K 200 24.79 -93.52 2.18
CA GLU K 200 25.82 -93.84 1.19
C GLU K 200 26.62 -95.08 1.58
N ALA K 201 27.12 -95.10 2.82
CA ALA K 201 27.94 -96.21 3.32
C ALA K 201 27.20 -97.53 3.35
N ALA K 202 25.92 -97.49 3.72
CA ALA K 202 25.05 -98.66 3.70
C ALA K 202 24.88 -99.22 2.29
N GLU K 203 24.72 -98.32 1.31
CA GLU K 203 24.63 -98.70 -0.10
C GLU K 203 25.94 -99.33 -0.61
N GLN K 204 27.08 -98.81 -0.16
CA GLN K 204 28.40 -99.37 -0.49
C GLN K 204 28.63 -100.77 0.09
N ASP K 205 28.11 -101.01 1.31
CA ASP K 205 28.17 -102.34 1.93
C ASP K 205 27.30 -103.37 1.20
N VAL K 206 26.11 -102.94 0.76
CA VAL K 206 25.20 -103.79 -0.03
C VAL K 206 25.75 -104.00 -1.45
N GLU K 207 26.33 -102.95 -2.03
CA GLU K 207 26.96 -103.02 -3.37
C GLU K 207 28.18 -103.95 -3.40
N LYS K 208 28.88 -104.07 -2.27
CA LYS K 208 30.01 -105.00 -2.13
C LYS K 208 29.59 -106.47 -2.28
N LYS K 209 28.39 -106.80 -1.80
CA LYS K 209 27.87 -108.17 -1.87
C LYS K 209 27.54 -108.60 -3.31
N LYS K 210 26.80 -107.75 -4.02
CA LYS K 210 26.41 -108.03 -5.41
C LYS K 210 27.60 -107.81 -6.35
N VAL L 1 74.64 59.71 -6.52
CA VAL L 1 75.58 60.85 -6.28
C VAL L 1 76.04 60.79 -4.83
N PHE L 2 76.95 59.85 -4.57
CA PHE L 2 77.12 59.29 -3.24
C PHE L 2 78.13 60.02 -2.38
N ARG L 3 77.79 60.18 -1.11
CA ARG L 3 78.61 60.90 -0.14
C ARG L 3 79.20 60.01 0.95
N ARG L 4 78.44 59.01 1.44
CA ARG L 4 78.93 58.02 2.42
C ARG L 4 79.36 56.72 1.73
N PHE L 5 80.51 56.18 2.16
CA PHE L 5 81.11 55.01 1.51
C PHE L 5 81.58 53.92 2.46
N VAL L 6 81.35 52.66 2.10
CA VAL L 6 82.00 51.52 2.75
C VAL L 6 83.47 51.68 2.41
N GLU L 7 84.15 52.44 3.24
CA GLU L 7 85.56 52.67 3.16
C GLU L 7 86.09 51.91 4.34
N VAL L 8 87.34 51.50 4.30
CA VAL L 8 87.99 51.09 5.53
C VAL L 8 88.06 52.33 6.41
N GLY L 9 87.85 52.11 7.70
CA GLY L 9 87.87 53.18 8.66
C GLY L 9 86.58 53.98 8.78
N ARG L 10 85.53 53.62 8.03
CA ARG L 10 84.25 54.29 8.22
C ARG L 10 83.58 53.80 9.49
N VAL L 11 83.11 54.78 10.25
CA VAL L 11 82.28 54.58 11.41
C VAL L 11 80.84 54.43 10.91
N ALA L 12 80.17 53.41 11.44
CA ALA L 12 78.78 53.11 11.12
C ALA L 12 77.98 52.92 12.39
N TYR L 13 76.78 53.49 12.40
CA TYR L 13 75.81 53.28 13.46
C TYR L 13 75.03 52.02 13.11
N VAL L 14 74.97 51.08 14.04
CA VAL L 14 74.22 49.85 13.82
C VAL L 14 72.76 50.15 14.14
N SER L 15 71.91 50.04 13.13
CA SER L 15 70.47 50.30 13.26
C SER L 15 69.76 49.29 14.14
N PHE L 16 70.14 48.02 14.00
CA PHE L 16 69.49 46.95 14.74
C PHE L 16 70.38 45.72 14.83
N GLY L 17 69.98 44.82 15.71
CA GLY L 17 70.68 43.57 15.93
C GLY L 17 70.98 43.43 17.41
N PRO L 18 71.93 42.54 17.74
CA PRO L 18 72.38 42.44 19.13
C PRO L 18 73.06 43.73 19.59
N HIS L 19 73.83 44.34 18.69
CA HIS L 19 74.57 45.56 19.00
C HIS L 19 73.87 46.81 18.47
N ALA L 20 72.56 46.87 18.67
CA ALA L 20 71.76 47.96 18.15
C ALA L 20 72.00 49.21 18.97
N GLY L 21 72.19 50.33 18.27
CA GLY L 21 72.50 51.60 18.94
C GLY L 21 73.93 51.63 19.44
N LYS L 22 74.87 51.31 18.56
CA LYS L 22 76.29 51.32 18.88
C LYS L 22 77.10 51.68 17.65
N LEU L 23 78.14 52.49 17.83
CA LEU L 23 79.03 52.82 16.73
C LEU L 23 80.09 51.74 16.60
N VAL L 24 80.69 51.70 15.41
CA VAL L 24 81.42 50.53 14.97
C VAL L 24 82.21 50.96 13.72
N ALA L 25 83.51 50.69 13.69
CA ALA L 25 84.36 50.99 12.53
C ALA L 25 84.47 49.79 11.61
N ILE L 26 84.46 50.05 10.30
CA ILE L 26 84.63 49.02 9.28
C ILE L 26 86.10 48.73 9.10
N VAL L 27 86.55 47.59 9.63
CA VAL L 27 87.96 47.23 9.58
C VAL L 27 88.27 46.73 8.20
N ASP L 28 87.59 45.66 7.78
CA ASP L 28 87.75 45.12 6.43
C ASP L 28 86.41 44.64 5.84
N VAL L 29 86.31 44.71 4.51
CA VAL L 29 85.15 44.19 3.78
C VAL L 29 85.42 42.75 3.34
N ILE L 30 84.56 41.83 3.76
CA ILE L 30 84.74 40.40 3.49
C ILE L 30 84.16 40.02 2.14
N ASP L 31 83.07 40.68 1.76
CA ASP L 31 82.16 40.17 0.74
C ASP L 31 81.33 41.30 0.14
N GLN L 32 80.55 40.96 -0.89
CA GLN L 32 79.46 41.80 -1.41
C GLN L 32 78.61 42.43 -0.30
N ASN L 33 78.35 41.66 0.76
CA ASN L 33 77.31 41.99 1.73
C ASN L 33 77.68 41.68 3.19
N ARG L 34 78.97 41.77 3.54
CA ARG L 34 79.43 41.46 4.90
C ARG L 34 80.75 42.17 5.21
N ALA L 35 80.79 42.87 6.34
CA ALA L 35 81.95 43.67 6.73
C ALA L 35 82.50 43.17 8.05
N LEU L 36 83.81 43.04 8.10
CA LEU L 36 84.52 42.68 9.31
C LEU L 36 84.70 43.97 10.10
N VAL L 37 84.18 43.96 11.33
CA VAL L 37 83.81 45.18 12.04
C VAL L 37 84.31 45.17 13.48
N ASP L 38 84.52 46.37 14.03
CA ASP L 38 84.98 46.51 15.41
C ASP L 38 84.49 47.82 16.02
N GLY L 39 84.18 47.76 17.31
CA GLY L 39 83.77 48.94 18.09
C GLY L 39 84.37 48.88 19.48
N PRO L 40 85.71 49.00 19.58
CA PRO L 40 86.46 48.80 20.83
C PRO L 40 86.01 49.69 21.99
N CYS L 41 85.86 50.98 21.70
CA CYS L 41 85.39 51.95 22.68
C CYS L 41 83.90 51.83 22.95
N THR L 42 83.14 51.40 21.93
CA THR L 42 81.68 51.31 21.99
C THR L 42 81.12 49.94 22.40
N ARG L 43 81.96 49.12 23.03
CA ARG L 43 81.58 47.79 23.52
C ARG L 43 81.08 46.76 22.51
N VAL L 44 81.76 46.66 21.37
CA VAL L 44 81.38 45.78 20.27
C VAL L 44 82.58 44.98 19.84
N ARG L 45 82.50 43.67 20.02
CA ARG L 45 83.62 42.77 19.82
C ARG L 45 83.93 42.70 18.34
N ARG L 46 85.19 42.45 18.01
CA ARG L 46 85.58 42.30 16.61
C ARG L 46 84.80 41.14 16.00
N GLN L 47 83.91 41.46 15.05
CA GLN L 47 83.17 40.43 14.34
C GLN L 47 82.70 40.87 12.97
N ALA L 48 82.52 39.88 12.10
CA ALA L 48 81.87 40.09 10.82
C ALA L 48 80.47 40.57 11.09
N MET L 49 79.96 41.40 10.19
CA MET L 49 78.65 42.00 10.37
C MET L 49 78.11 42.37 9.00
N PRO L 50 76.85 42.02 8.74
CA PRO L 50 76.31 42.33 7.43
C PRO L 50 76.02 43.82 7.27
N PHE L 51 76.04 44.30 6.04
CA PHE L 51 75.75 45.71 5.77
C PHE L 51 74.29 46.04 5.99
N LYS L 52 73.41 45.09 5.65
CA LYS L 52 71.97 45.31 5.83
C LYS L 52 71.60 45.95 7.16
N CYS L 53 72.29 45.57 8.24
CA CYS L 53 71.99 46.10 9.57
C CYS L 53 72.70 47.40 9.96
N MET L 54 73.86 47.68 9.36
CA MET L 54 74.62 48.88 9.70
C MET L 54 74.26 50.02 8.75
N GLN L 55 74.01 51.21 9.31
CA GLN L 55 73.85 52.44 8.51
C GLN L 55 74.95 53.40 8.86
N LEU L 56 75.55 53.99 7.83
CA LEU L 56 76.90 54.53 8.01
C LEU L 56 76.97 56.05 8.13
N THR L 57 77.84 56.48 9.03
CA THR L 57 77.87 57.85 9.53
C THR L 57 78.66 58.71 8.55
N ASP L 58 79.08 59.89 9.00
CA ASP L 58 79.93 60.79 8.21
C ASP L 58 81.28 60.96 8.92
N PHE L 59 81.82 59.83 9.40
CA PHE L 59 83.06 59.78 10.16
C PHE L 59 83.98 58.67 9.64
N ILE L 60 85.03 59.02 8.91
CA ILE L 60 86.03 58.03 8.47
C ILE L 60 87.33 58.20 9.22
N LEU L 61 87.45 57.46 10.32
CA LEU L 61 88.70 57.46 11.10
C LEU L 61 89.73 56.58 10.41
N LYS L 62 90.98 57.03 10.38
CA LYS L 62 92.00 56.47 9.50
C LYS L 62 92.93 55.49 10.23
N PHE L 63 92.78 54.21 9.89
CA PHE L 63 93.70 53.15 10.32
C PHE L 63 93.93 52.23 9.11
N PRO L 64 94.79 51.19 9.24
CA PRO L 64 95.04 50.29 8.12
C PRO L 64 94.18 49.03 8.14
N HIS L 65 93.86 48.54 6.95
CA HIS L 65 92.70 47.66 6.71
C HIS L 65 92.53 46.43 7.58
N SER L 66 93.61 45.91 8.15
CA SER L 66 93.47 44.83 9.13
C SER L 66 94.55 44.99 10.19
N ALA L 67 94.41 46.08 10.92
CA ALA L 67 95.14 46.31 12.15
C ALA L 67 94.58 45.41 13.22
N ARG L 68 95.24 45.40 14.37
CA ARG L 68 94.88 44.50 15.45
C ARG L 68 94.21 45.24 16.59
N GLN L 69 93.05 45.85 16.31
CA GLN L 69 92.10 46.30 17.35
C GLN L 69 92.65 47.41 18.29
N LYS L 70 93.82 47.18 18.89
CA LYS L 70 94.60 48.21 19.59
C LYS L 70 94.69 49.52 18.79
N TYR L 71 95.05 49.41 17.51
CA TYR L 71 95.29 50.60 16.70
C TYR L 71 94.00 51.35 16.37
N VAL L 72 92.93 50.64 16.06
CA VAL L 72 91.64 51.31 15.88
C VAL L 72 91.17 51.96 17.18
N ARG L 73 91.44 51.31 18.32
CA ARG L 73 91.16 51.91 19.62
C ARG L 73 91.86 53.27 19.77
N LYS L 74 93.10 53.38 19.29
CA LYS L 74 93.81 54.66 19.29
C LYS L 74 93.18 55.65 18.33
N ALA L 75 92.95 55.23 17.09
CA ALA L 75 92.36 56.11 16.06
C ALA L 75 90.95 56.60 16.40
N TRP L 76 90.24 55.81 17.22
CA TRP L 76 88.94 56.20 17.76
C TRP L 76 89.14 57.28 18.82
N GLU L 77 90.03 57.01 19.78
CA GLU L 77 90.26 57.92 20.91
C GLU L 77 91.06 59.17 20.54
N LYS L 78 91.82 59.12 19.44
CA LYS L 78 92.53 60.29 18.92
C LYS L 78 91.52 61.28 18.35
N ALA L 79 90.67 60.78 17.44
CA ALA L 79 89.61 61.58 16.85
C ALA L 79 88.51 61.97 17.84
N ASP L 80 88.36 61.20 18.92
CA ASP L 80 87.39 61.46 19.98
C ASP L 80 85.97 61.30 19.43
N ILE L 81 85.76 60.15 18.78
CA ILE L 81 84.55 59.87 18.01
C ILE L 81 83.30 59.87 18.89
N ASN L 82 83.46 59.41 20.13
CA ASN L 82 82.35 59.41 21.08
C ASN L 82 81.84 60.81 21.37
N THR L 83 82.75 61.77 21.50
CA THR L 83 82.39 63.17 21.71
C THR L 83 81.72 63.77 20.48
N LYS L 84 82.32 63.52 19.32
CA LYS L 84 81.82 64.03 18.05
C LYS L 84 80.45 63.46 17.68
N TRP L 85 80.27 62.16 17.92
CA TRP L 85 78.99 61.51 17.66
C TRP L 85 77.87 62.12 18.47
N ALA L 86 78.09 62.25 19.78
CA ALA L 86 77.09 62.82 20.69
C ALA L 86 76.76 64.29 20.37
N ALA L 87 77.71 64.98 19.72
CA ALA L 87 77.49 66.34 19.22
C ALA L 87 76.58 66.42 17.98
N THR L 88 76.47 65.32 17.23
CA THR L 88 75.73 65.29 15.97
C THR L 88 74.25 65.47 16.21
N ARG L 89 73.58 66.05 15.21
CA ARG L 89 72.13 66.22 15.23
C ARG L 89 71.41 64.87 15.31
N TRP L 90 71.90 63.92 14.52
CA TRP L 90 71.44 62.53 14.54
C TRP L 90 71.39 61.97 15.96
N ALA L 91 72.53 61.96 16.62
CA ALA L 91 72.62 61.39 17.98
C ALA L 91 71.73 62.14 18.98
N LYS L 92 71.57 63.43 18.79
CA LYS L 92 70.65 64.22 19.61
C LYS L 92 69.21 63.75 19.45
N LYS L 93 68.76 63.58 18.20
CA LYS L 93 67.41 63.08 17.94
C LYS L 93 67.22 61.58 18.16
N ILE L 94 68.31 60.87 18.43
CA ILE L 94 68.27 59.56 19.06
C ILE L 94 68.04 59.75 20.56
N GLU L 95 68.88 60.56 21.19
CA GLU L 95 68.72 60.89 22.62
C GLU L 95 67.32 61.39 22.92
N ALA L 96 66.79 62.27 22.07
CA ALA L 96 65.43 62.78 22.23
C ALA L 96 64.44 61.64 22.27
N ARG L 97 64.48 60.82 21.23
CA ARG L 97 63.52 59.75 21.03
C ARG L 97 63.50 58.77 22.20
N GLU L 98 64.66 58.54 22.80
CA GLU L 98 64.75 57.72 24.01
C GLU L 98 64.07 58.38 25.20
N ARG L 99 64.30 59.69 25.37
CA ARG L 99 63.70 60.46 26.47
C ARG L 99 62.18 60.60 26.38
N LYS L 100 61.65 60.54 25.17
CA LYS L 100 60.21 60.47 24.95
C LYS L 100 59.64 59.12 25.37
N ALA L 101 60.42 58.05 25.19
CA ALA L 101 60.06 56.69 25.63
C ALA L 101 60.13 56.52 27.16
N LYS L 102 61.16 57.09 27.79
CA LYS L 102 61.31 57.10 29.26
C LYS L 102 60.25 57.89 30.04
N MET L 103 59.41 58.65 29.35
CA MET L 103 58.51 59.60 29.97
C MET L 103 57.49 58.95 30.91
N THR L 104 57.46 59.41 32.15
CA THR L 104 56.52 58.90 33.17
C THR L 104 55.19 59.64 33.07
N ASP L 105 54.17 59.16 33.78
CA ASP L 105 52.81 59.71 33.68
C ASP L 105 52.64 61.14 34.17
N PHE L 106 53.27 61.45 35.29
CA PHE L 106 53.33 62.82 35.79
C PHE L 106 54.14 63.71 34.86
N ASP L 107 55.21 63.15 34.30
CA ASP L 107 56.10 63.86 33.36
C ASP L 107 55.38 64.17 32.05
N ARG L 108 54.55 63.23 31.64
CA ARG L 108 53.68 63.37 30.48
C ARG L 108 52.67 64.51 30.70
N TYR L 109 52.12 64.58 31.91
CA TYR L 109 51.16 65.64 32.29
C TYR L 109 51.77 67.02 32.31
N LYS L 110 52.93 67.16 32.96
CA LYS L 110 53.69 68.40 32.97
C LYS L 110 53.86 68.94 31.57
N VAL L 111 54.35 68.07 30.69
CA VAL L 111 54.58 68.38 29.28
C VAL L 111 53.34 68.94 28.62
N MET L 112 52.25 68.20 28.72
CA MET L 112 50.98 68.63 28.15
C MET L 112 50.66 70.06 28.60
N LYS L 113 50.78 70.29 29.91
CA LYS L 113 50.53 71.61 30.48
C LYS L 113 51.46 72.68 29.92
N ALA L 114 52.73 72.31 29.76
CA ALA L 114 53.74 73.20 29.19
C ALA L 114 53.52 73.52 27.71
N LYS L 115 53.17 72.52 26.92
CA LYS L 115 52.72 72.71 25.53
C LYS L 115 51.41 73.46 25.35
N LYS L 116 50.41 73.09 26.14
CA LYS L 116 49.11 73.76 26.12
C LYS L 116 49.28 75.28 26.10
N MET L 117 50.14 75.76 27.00
CA MET L 117 50.50 77.17 27.11
C MET L 117 51.40 77.62 25.97
N ARG L 118 52.51 76.93 25.80
CA ARG L 118 53.52 77.31 24.81
C ARG L 118 52.98 77.40 23.38
N ASN L 119 52.02 76.55 23.01
CA ASN L 119 51.36 76.68 21.70
C ASN L 119 50.34 77.82 21.66
N ARG L 120 49.72 78.15 22.79
CA ARG L 120 48.83 79.32 22.87
C ARG L 120 49.57 80.63 22.62
N ILE L 121 50.74 80.78 23.26
CA ILE L 121 51.55 82.00 23.11
C ILE L 121 51.94 82.23 21.66
N ILE L 122 52.49 81.18 21.04
CA ILE L 122 52.92 81.26 19.66
C ILE L 122 51.73 81.58 18.76
N LYS L 123 50.62 80.86 18.96
CA LYS L 123 49.43 81.02 18.12
C LYS L 123 49.00 82.48 18.00
N ASN L 124 49.00 83.19 19.13
CA ASN L 124 48.72 84.62 19.15
C ASN L 124 49.76 85.41 18.37
N GLU L 125 51.03 85.11 18.64
CA GLU L 125 52.13 85.82 17.97
C GLU L 125 52.12 85.61 16.46
N VAL L 126 51.68 84.44 16.01
CA VAL L 126 51.46 84.19 14.59
C VAL L 126 50.32 85.07 14.05
N LYS L 127 49.23 85.15 14.81
CA LYS L 127 48.06 85.95 14.43
C LYS L 127 48.41 87.44 14.32
N LYS L 128 49.16 87.94 15.31
CA LYS L 128 49.74 89.30 15.26
C LYS L 128 50.60 89.52 14.01
N LEU L 129 51.46 88.55 13.69
CA LEU L 129 52.29 88.61 12.50
C LEU L 129 51.47 88.63 11.21
N GLN L 130 50.41 87.84 11.16
CA GLN L 130 49.49 87.89 10.02
C GLN L 130 48.84 89.27 9.87
N ARG L 131 48.37 89.84 10.97
CA ARG L 131 47.74 91.15 10.90
C ARG L 131 48.74 92.20 10.43
N ALA L 132 49.97 92.12 10.92
CA ALA L 132 51.00 93.04 10.48
C ALA L 132 51.31 92.88 8.98
N ALA L 133 51.37 91.63 8.52
CA ALA L 133 51.59 91.32 7.10
C ALA L 133 50.43 91.82 6.22
N LEU L 134 49.20 91.72 6.74
CA LEU L 134 48.02 92.26 6.07
C LEU L 134 48.03 93.80 6.03
N LEU L 135 48.52 94.42 7.10
CA LEU L 135 48.67 95.88 7.17
C LEU L 135 49.72 96.40 6.18
N LYS L 136 50.81 95.65 6.02
CA LYS L 136 51.81 95.93 4.99
C LYS L 136 51.25 95.81 3.57
N ALA L 137 50.45 94.77 3.34
CA ALA L 137 49.80 94.54 2.05
C ALA L 137 48.77 95.64 1.69
N SER L 138 48.11 96.19 2.70
CA SER L 138 47.14 97.27 2.51
C SER L 138 47.83 98.59 2.15
N GLY M 1 -28.34 -87.28 -5.57
CA GLY M 1 -29.33 -86.32 -6.15
C GLY M 1 -28.81 -85.74 -7.46
N ALA M 2 -29.74 -85.39 -8.35
CA ALA M 2 -29.40 -84.98 -9.71
C ALA M 2 -28.42 -83.80 -9.77
N TYR M 3 -28.52 -82.88 -8.81
CA TYR M 3 -27.68 -81.68 -8.82
C TYR M 3 -26.20 -81.98 -8.79
N LYS M 4 -25.80 -82.97 -8.00
CA LYS M 4 -24.39 -83.40 -7.96
C LYS M 4 -23.92 -83.93 -9.31
N TYR M 5 -24.77 -84.69 -9.99
CA TYR M 5 -24.47 -85.14 -11.34
C TYR M 5 -24.27 -83.93 -12.23
N ILE M 6 -25.30 -83.11 -12.34
CA ILE M 6 -25.25 -81.92 -13.19
C ILE M 6 -23.94 -81.19 -12.93
N GLN M 7 -23.68 -80.87 -11.66
CA GLN M 7 -22.43 -80.23 -11.22
C GLN M 7 -21.18 -80.87 -11.84
N GLU M 8 -21.05 -82.18 -11.70
CA GLU M 8 -19.86 -82.88 -12.21
C GLU M 8 -19.76 -82.89 -13.72
N LEU M 9 -20.90 -82.98 -14.39
CA LEU M 9 -20.96 -82.88 -15.85
C LEU M 9 -20.44 -81.53 -16.30
N TRP M 10 -20.99 -80.47 -15.73
CA TRP M 10 -20.56 -79.10 -16.06
C TRP M 10 -19.09 -78.84 -15.81
N ARG M 11 -18.45 -79.62 -14.95
CA ARG M 11 -17.00 -79.53 -14.82
C ARG M 11 -16.31 -80.16 -16.01
N LYS M 12 -16.88 -81.21 -16.59
CA LYS M 12 -16.37 -81.72 -17.86
C LYS M 12 -16.84 -80.78 -18.97
N LYS M 13 -16.15 -79.64 -19.08
CA LYS M 13 -16.46 -78.61 -20.09
C LYS M 13 -15.74 -78.84 -21.41
N GLN M 14 -14.58 -79.48 -21.33
CA GLN M 14 -13.87 -79.93 -22.53
C GLN M 14 -14.48 -81.22 -23.11
N SER M 15 -15.40 -81.85 -22.40
CA SER M 15 -16.10 -83.06 -22.88
C SER M 15 -16.85 -82.85 -24.18
N ASP M 16 -17.19 -83.95 -24.86
CA ASP M 16 -17.93 -83.88 -26.13
C ASP M 16 -19.34 -83.33 -25.97
N VAL M 17 -19.96 -83.62 -24.83
CA VAL M 17 -21.35 -83.27 -24.61
C VAL M 17 -21.45 -81.78 -24.33
N MET M 18 -20.74 -81.34 -23.30
CA MET M 18 -20.83 -79.96 -22.83
C MET M 18 -20.25 -79.00 -23.84
N ARG M 19 -19.24 -79.41 -24.59
CA ARG M 19 -18.73 -78.57 -25.67
C ARG M 19 -19.76 -78.38 -26.77
N PHE M 20 -20.44 -79.46 -27.16
CA PHE M 20 -21.54 -79.34 -28.12
C PHE M 20 -22.55 -78.30 -27.66
N LEU M 21 -23.03 -78.48 -26.42
CA LEU M 21 -24.07 -77.61 -25.86
C LEU M 21 -23.64 -76.17 -25.76
N LEU M 22 -22.43 -75.96 -25.27
CA LEU M 22 -21.91 -74.61 -25.10
C LEU M 22 -21.82 -73.87 -26.43
N ARG M 23 -21.35 -74.56 -27.46
CA ARG M 23 -21.34 -74.01 -28.81
C ARG M 23 -22.75 -73.61 -29.28
N VAL M 24 -23.73 -74.48 -29.06
CA VAL M 24 -25.12 -74.20 -29.47
C VAL M 24 -25.77 -73.09 -28.64
N ARG M 25 -25.57 -73.12 -27.32
CA ARG M 25 -26.01 -72.01 -26.46
C ARG M 25 -25.41 -70.70 -26.93
N CYS M 26 -24.08 -70.66 -27.00
CA CYS M 26 -23.37 -69.43 -27.31
C CYS M 26 -23.79 -68.88 -28.66
N TRP M 27 -24.06 -69.76 -29.64
CA TRP M 27 -24.61 -69.30 -30.91
C TRP M 27 -25.93 -68.60 -30.66
N GLN M 28 -26.80 -69.27 -29.93
CA GLN M 28 -28.15 -68.79 -29.67
C GLN M 28 -28.15 -67.44 -28.98
N TYR M 29 -27.31 -67.31 -27.94
CA TYR M 29 -27.24 -66.07 -27.16
C TYR M 29 -26.75 -64.90 -27.99
N ARG M 30 -25.73 -65.16 -28.79
CA ARG M 30 -25.19 -64.19 -29.73
C ARG M 30 -26.26 -63.62 -30.69
N GLN M 31 -27.27 -64.43 -30.99
CA GLN M 31 -28.38 -64.03 -31.85
C GLN M 31 -29.53 -63.31 -31.12
N LEU M 32 -29.26 -62.74 -29.94
CA LEU M 32 -30.25 -61.97 -29.17
C LEU M 32 -29.64 -60.64 -28.77
N SER M 33 -30.40 -59.84 -28.01
CA SER M 33 -29.92 -58.56 -27.48
C SER M 33 -28.84 -58.75 -26.40
N ALA M 34 -28.21 -57.65 -26.01
CA ALA M 34 -27.14 -57.67 -25.00
C ALA M 34 -27.66 -57.86 -23.59
N LEU M 35 -28.94 -57.60 -23.38
CA LEU M 35 -29.57 -57.81 -22.09
C LEU M 35 -31.00 -58.24 -22.28
N HIS M 36 -31.28 -59.46 -21.83
CA HIS M 36 -32.62 -60.04 -21.89
C HIS M 36 -32.82 -60.84 -20.63
N ARG M 37 -34.06 -60.90 -20.19
CA ARG M 37 -34.40 -61.63 -19.01
C ARG M 37 -34.70 -63.08 -19.38
N ALA M 38 -33.78 -63.98 -18.99
CA ALA M 38 -34.02 -65.41 -19.11
C ALA M 38 -35.24 -65.76 -18.28
N PRO M 39 -36.12 -66.61 -18.82
CA PRO M 39 -37.30 -67.04 -18.07
C PRO M 39 -36.96 -67.97 -16.89
N ARG M 40 -35.90 -68.76 -17.02
CA ARG M 40 -35.41 -69.63 -15.96
C ARG M 40 -33.91 -69.77 -16.03
N PRO M 41 -33.27 -70.21 -14.92
CA PRO M 41 -31.80 -70.19 -14.89
C PRO M 41 -31.15 -71.33 -15.68
N THR M 42 -30.46 -70.93 -16.75
CA THR M 42 -29.68 -71.81 -17.61
C THR M 42 -28.93 -72.86 -16.82
N ARG M 43 -28.26 -72.41 -15.77
CA ARG M 43 -27.64 -73.27 -14.78
C ARG M 43 -28.50 -73.23 -13.54
N PRO M 44 -29.36 -74.24 -13.34
CA PRO M 44 -30.13 -74.28 -12.10
C PRO M 44 -29.21 -74.51 -10.91
N ASP M 45 -28.43 -75.58 -10.98
CA ASP M 45 -27.45 -75.94 -9.95
C ASP M 45 -26.68 -74.74 -9.40
N LYS M 46 -25.83 -74.13 -10.25
CA LYS M 46 -25.00 -72.98 -9.85
C LYS M 46 -25.80 -71.93 -9.13
N ALA M 47 -26.96 -71.60 -9.70
CA ALA M 47 -27.81 -70.55 -9.15
C ALA M 47 -28.14 -70.82 -7.68
N ARG M 48 -28.38 -72.09 -7.36
CA ARG M 48 -28.71 -72.51 -5.99
C ARG M 48 -27.53 -72.31 -5.04
N ARG M 49 -26.34 -72.72 -5.46
CA ARG M 49 -25.12 -72.48 -4.67
C ARG M 49 -24.80 -71.01 -4.52
N LEU M 50 -25.23 -70.19 -5.45
CA LEU M 50 -25.08 -68.75 -5.32
C LEU M 50 -26.24 -68.08 -4.60
N GLY M 51 -27.36 -68.78 -4.43
CA GLY M 51 -28.42 -68.32 -3.53
C GLY M 51 -29.76 -67.97 -4.14
N TYR M 52 -29.89 -68.20 -5.45
CA TYR M 52 -31.19 -68.28 -6.10
C TYR M 52 -32.06 -69.32 -5.41
N LYS M 53 -33.37 -69.09 -5.46
CA LYS M 53 -34.36 -70.02 -4.91
C LYS M 53 -35.58 -69.91 -5.80
N ALA M 54 -36.15 -71.04 -6.18
CA ALA M 54 -37.10 -71.06 -7.29
C ALA M 54 -38.51 -70.62 -6.90
N LYS M 55 -38.59 -69.44 -6.28
CA LYS M 55 -39.84 -68.89 -5.80
C LYS M 55 -40.04 -67.54 -6.47
N GLN M 56 -41.19 -66.92 -6.24
CA GLN M 56 -41.51 -65.64 -6.85
C GLN M 56 -40.56 -64.54 -6.40
N GLY M 57 -40.34 -63.58 -7.30
CA GLY M 57 -39.49 -62.42 -7.01
C GLY M 57 -38.00 -62.66 -7.06
N TYR M 58 -37.59 -63.82 -7.58
CA TYR M 58 -36.22 -64.04 -8.04
C TYR M 58 -36.25 -64.05 -9.55
N VAL M 59 -35.29 -63.35 -10.12
CA VAL M 59 -35.28 -62.98 -11.52
C VAL M 59 -33.90 -63.34 -12.03
N ILE M 60 -33.72 -63.43 -13.34
CA ILE M 60 -32.39 -63.72 -13.89
C ILE M 60 -32.21 -63.17 -15.28
N TYR M 61 -31.38 -62.14 -15.35
CA TYR M 61 -31.04 -61.53 -16.62
C TYR M 61 -29.76 -62.15 -17.12
N ARG M 62 -29.78 -62.53 -18.41
CA ARG M 62 -28.60 -62.99 -19.10
C ARG M 62 -28.02 -61.81 -19.86
N ILE M 63 -26.77 -61.46 -19.56
CA ILE M 63 -26.18 -60.22 -20.06
C ILE M 63 -24.87 -60.49 -20.77
N ARG M 64 -24.72 -59.88 -21.93
CA ARG M 64 -23.55 -60.07 -22.78
C ARG M 64 -22.57 -59.00 -22.41
N VAL M 65 -21.29 -59.32 -22.54
CA VAL M 65 -20.23 -58.39 -22.24
C VAL M 65 -19.15 -58.58 -23.27
N ARG M 66 -18.64 -57.48 -23.79
CA ARG M 66 -17.60 -57.57 -24.80
C ARG M 66 -16.30 -57.89 -24.10
N ARG M 67 -15.50 -58.66 -24.80
CA ARG M 67 -14.41 -59.40 -24.22
C ARG M 67 -13.11 -58.61 -24.38
N GLY M 68 -12.00 -59.17 -23.87
CA GLY M 68 -10.68 -58.55 -24.02
C GLY M 68 -10.44 -57.42 -23.04
N GLY M 69 -9.31 -56.73 -23.20
CA GLY M 69 -8.87 -55.67 -22.29
C GLY M 69 -9.50 -54.29 -22.47
N ARG M 70 -8.76 -53.24 -22.10
CA ARG M 70 -9.27 -51.86 -22.05
C ARG M 70 -8.26 -50.87 -22.62
N LYS M 71 -8.48 -50.42 -23.85
CA LYS M 71 -7.60 -49.42 -24.45
C LYS M 71 -7.93 -48.05 -23.87
N ARG M 72 -6.89 -47.25 -23.70
CA ARG M 72 -6.98 -45.99 -22.98
C ARG M 72 -7.68 -44.94 -23.84
N PRO M 73 -8.84 -44.45 -23.39
CA PRO M 73 -9.62 -43.52 -24.17
C PRO M 73 -8.97 -42.15 -24.18
N VAL M 74 -8.07 -41.97 -25.14
CA VAL M 74 -7.44 -40.69 -25.41
C VAL M 74 -7.32 -40.54 -26.92
N PRO M 75 -7.52 -39.32 -27.43
CA PRO M 75 -7.57 -39.11 -28.88
C PRO M 75 -6.24 -39.45 -29.53
N LYS M 76 -6.29 -40.17 -30.66
CA LYS M 76 -5.08 -40.75 -31.25
C LYS M 76 -4.35 -41.56 -30.16
N GLY M 77 -3.07 -41.28 -29.90
CA GLY M 77 -2.42 -41.75 -28.68
C GLY M 77 -2.55 -40.60 -27.72
N ALA M 78 -1.53 -39.75 -27.70
CA ALA M 78 -1.59 -38.44 -27.03
C ALA M 78 -2.02 -38.50 -25.57
N THR M 79 -1.52 -39.50 -24.87
CA THR M 79 -1.55 -39.53 -23.43
C THR M 79 -0.38 -38.63 -23.04
N TYR M 80 -0.58 -37.32 -23.15
CA TYR M 80 0.54 -36.37 -22.94
C TYR M 80 0.96 -36.55 -21.51
N GLY M 81 2.26 -36.73 -21.33
CA GLY M 81 2.77 -36.95 -20.00
C GLY M 81 4.09 -37.65 -20.04
N LYS M 82 4.53 -38.07 -18.87
CA LYS M 82 5.78 -38.77 -18.75
C LYS M 82 5.63 -40.15 -19.39
N PRO M 83 6.68 -40.64 -20.07
CA PRO M 83 6.54 -41.85 -20.84
C PRO M 83 6.42 -43.14 -20.05
N VAL M 84 6.27 -43.05 -18.73
CA VAL M 84 5.66 -44.14 -17.97
C VAL M 84 4.24 -44.40 -18.46
N HIS M 85 3.47 -43.32 -18.56
CA HIS M 85 2.04 -43.42 -18.82
C HIS M 85 1.67 -43.43 -20.29
N HIS M 86 2.66 -43.50 -21.17
CA HIS M 86 2.40 -43.56 -22.60
C HIS M 86 1.55 -44.74 -23.09
N GLY M 87 1.41 -45.77 -22.26
CA GLY M 87 0.62 -46.92 -22.64
C GLY M 87 -0.83 -46.64 -22.98
N VAL M 88 -1.30 -47.26 -24.05
CA VAL M 88 -2.72 -47.24 -24.43
C VAL M 88 -3.26 -48.61 -24.80
N ASN M 89 -2.47 -49.47 -25.43
CA ASN M 89 -2.99 -50.73 -25.89
C ASN M 89 -3.01 -51.84 -24.84
N GLN M 90 -1.86 -52.36 -24.44
CA GLN M 90 -1.84 -53.56 -23.57
C GLN M 90 -2.17 -53.30 -22.10
N LEU M 91 -3.27 -52.64 -21.77
CA LEU M 91 -3.61 -52.39 -20.36
C LEU M 91 -5.04 -52.73 -20.02
N LYS M 92 -5.25 -53.03 -18.74
CA LYS M 92 -6.31 -53.93 -18.32
C LYS M 92 -7.07 -53.47 -17.12
N PHE M 93 -8.39 -53.56 -17.23
CA PHE M 93 -9.31 -52.99 -16.26
C PHE M 93 -9.17 -53.69 -14.92
N ALA M 94 -9.53 -53.01 -13.84
CA ALA M 94 -9.40 -53.57 -12.50
C ALA M 94 -10.47 -54.60 -12.19
N ARG M 95 -11.72 -54.22 -12.42
CA ARG M 95 -12.84 -55.15 -12.23
C ARG M 95 -12.83 -56.21 -13.33
N SER M 96 -13.54 -57.31 -13.07
CA SER M 96 -13.71 -58.39 -14.06
C SER M 96 -14.82 -58.09 -15.06
N LEU M 97 -14.92 -58.94 -16.08
CA LEU M 97 -16.01 -58.84 -17.04
C LEU M 97 -17.31 -59.24 -16.39
N GLN M 98 -17.25 -60.27 -15.54
CA GLN M 98 -18.41 -60.73 -14.79
C GLN M 98 -18.99 -59.65 -13.90
N SER M 99 -18.12 -58.83 -13.30
CA SER M 99 -18.58 -57.71 -12.49
C SER M 99 -19.26 -56.69 -13.37
N VAL M 100 -18.59 -56.33 -14.47
CA VAL M 100 -19.18 -55.45 -15.47
C VAL M 100 -20.56 -55.97 -15.88
N ALA M 101 -20.66 -57.27 -16.09
CA ALA M 101 -21.95 -57.89 -16.40
C ALA M 101 -23.00 -57.58 -15.34
N GLU M 102 -22.66 -57.82 -14.07
CA GLU M 102 -23.60 -57.55 -12.96
C GLU M 102 -23.99 -56.08 -12.88
N GLU M 103 -22.98 -55.23 -12.92
CA GLU M 103 -23.13 -53.78 -12.87
C GLU M 103 -24.13 -53.28 -13.89
N ARG M 104 -24.06 -53.82 -15.10
CA ARG M 104 -25.02 -53.51 -16.16
C ARG M 104 -26.43 -54.03 -15.94
N ALA M 105 -26.53 -55.26 -15.43
CA ALA M 105 -27.82 -55.79 -14.99
C ALA M 105 -28.41 -54.92 -13.88
N GLY M 106 -27.54 -54.47 -12.97
CA GLY M 106 -27.95 -53.62 -11.87
C GLY M 106 -28.43 -52.26 -12.34
N ARG M 107 -27.65 -51.63 -13.20
CA ARG M 107 -27.99 -50.35 -13.82
C ARG M 107 -29.41 -50.36 -14.37
N HIS M 108 -29.69 -51.39 -15.18
CA HIS M 108 -30.91 -51.49 -15.98
C HIS M 108 -32.16 -51.65 -15.12
N CYS M 109 -32.08 -52.55 -14.15
CA CYS M 109 -33.20 -52.87 -13.28
C CYS M 109 -32.92 -52.26 -11.91
N GLY M 110 -33.14 -50.96 -11.81
CA GLY M 110 -32.84 -50.19 -10.60
C GLY M 110 -33.53 -50.67 -9.33
N ALA M 111 -34.80 -51.02 -9.44
CA ALA M 111 -35.55 -51.59 -8.33
C ALA M 111 -34.93 -52.90 -7.87
N LEU M 112 -34.49 -53.71 -8.84
CA LEU M 112 -33.96 -55.03 -8.54
C LEU M 112 -32.61 -54.93 -7.91
N ARG M 113 -32.33 -55.89 -7.05
CA ARG M 113 -31.16 -55.85 -6.20
C ARG M 113 -30.26 -57.05 -6.46
N VAL M 114 -29.12 -56.77 -7.09
CA VAL M 114 -28.25 -57.81 -7.62
C VAL M 114 -27.79 -58.68 -6.49
N LEU M 115 -27.96 -59.98 -6.64
CA LEU M 115 -27.51 -60.91 -5.65
C LEU M 115 -26.19 -61.48 -6.08
N ASN M 116 -26.17 -62.12 -7.24
CA ASN M 116 -24.99 -62.88 -7.66
C ASN M 116 -25.07 -63.35 -9.09
N SER M 117 -23.91 -63.60 -9.71
CA SER M 117 -23.88 -64.04 -11.10
C SER M 117 -23.03 -65.27 -11.34
N TYR M 118 -23.29 -65.89 -12.50
CA TYR M 118 -22.54 -67.02 -12.97
C TYR M 118 -22.40 -66.94 -14.50
N TRP M 119 -21.53 -67.79 -15.02
CA TRP M 119 -21.06 -67.81 -16.42
C TRP M 119 -21.88 -68.79 -17.22
N VAL M 120 -22.17 -68.49 -18.48
CA VAL M 120 -22.83 -69.46 -19.36
C VAL M 120 -22.14 -69.75 -20.69
N GLY M 121 -20.96 -69.16 -20.93
CA GLY M 121 -20.23 -69.40 -22.17
C GLY M 121 -19.38 -68.23 -22.61
N GLU M 122 -18.58 -68.45 -23.64
CA GLU M 122 -17.72 -67.41 -24.19
C GLU M 122 -17.31 -67.64 -25.66
N ASP M 123 -17.58 -66.63 -26.48
CA ASP M 123 -17.09 -66.51 -27.85
C ASP M 123 -15.75 -65.76 -27.76
N SER M 124 -15.08 -65.62 -28.88
CA SER M 124 -13.92 -64.71 -29.00
C SER M 124 -14.28 -63.27 -28.65
N THR M 125 -15.43 -62.83 -29.12
CA THR M 125 -15.85 -61.42 -29.03
C THR M 125 -16.58 -61.11 -27.75
N TYR M 126 -17.40 -62.05 -27.28
CA TYR M 126 -18.27 -61.82 -26.13
C TYR M 126 -18.05 -62.80 -25.00
N LYS M 127 -18.50 -62.43 -23.81
CA LYS M 127 -18.78 -63.38 -22.75
C LYS M 127 -20.24 -63.28 -22.43
N PHE M 128 -20.73 -64.29 -21.73
CA PHE M 128 -22.12 -64.36 -21.34
C PHE M 128 -22.19 -64.64 -19.89
N PHE M 129 -23.23 -64.12 -19.27
CA PHE M 129 -23.41 -64.20 -17.85
C PHE M 129 -24.88 -64.22 -17.52
N GLU M 130 -25.17 -64.49 -16.26
CA GLU M 130 -26.52 -64.70 -15.81
C GLU M 130 -26.61 -64.15 -14.40
N VAL M 131 -27.17 -62.96 -14.28
CA VAL M 131 -27.18 -62.26 -13.00
C VAL M 131 -28.50 -62.50 -12.29
N ILE M 132 -28.42 -63.08 -11.10
CA ILE M 132 -29.58 -63.35 -10.27
C ILE M 132 -29.94 -62.05 -9.61
N LEU M 133 -31.18 -61.64 -9.78
CA LEU M 133 -31.70 -60.41 -9.21
C LEU M 133 -32.85 -60.74 -8.29
N ILE M 134 -33.22 -59.77 -7.45
CA ILE M 134 -34.27 -59.96 -6.45
C ILE M 134 -35.07 -58.67 -6.29
N ASP M 135 -36.40 -58.78 -6.28
CA ASP M 135 -37.28 -57.68 -5.83
C ASP M 135 -37.16 -57.55 -4.33
N PRO M 136 -36.76 -56.38 -3.83
CA PRO M 136 -36.75 -56.23 -2.37
C PRO M 136 -38.11 -55.96 -1.73
N PHE M 137 -39.15 -55.80 -2.53
CA PHE M 137 -40.43 -55.27 -2.09
C PHE M 137 -41.57 -56.22 -2.53
N HIS M 138 -41.23 -57.46 -2.85
CA HIS M 138 -42.20 -58.48 -3.15
C HIS M 138 -42.38 -59.24 -1.87
N LYS M 139 -43.62 -59.43 -1.44
CA LYS M 139 -43.92 -59.87 -0.07
C LYS M 139 -43.23 -61.18 0.27
N ALA M 140 -43.29 -62.12 -0.67
CA ALA M 140 -42.58 -63.40 -0.56
C ALA M 140 -41.08 -63.28 -0.23
N ILE M 141 -40.43 -62.19 -0.64
CA ILE M 141 -39.06 -61.92 -0.19
C ILE M 141 -39.10 -61.18 1.13
N ARG M 142 -39.88 -60.11 1.21
CA ARG M 142 -40.02 -59.32 2.42
C ARG M 142 -40.34 -60.16 3.65
N ARG M 143 -41.28 -61.10 3.51
CA ARG M 143 -41.77 -61.86 4.67
C ARG M 143 -40.90 -63.06 5.00
N ASN M 144 -40.30 -63.71 4.00
CA ASN M 144 -39.24 -64.69 4.25
C ASN M 144 -38.13 -64.03 5.05
N PRO M 145 -37.89 -64.48 6.30
CA PRO M 145 -36.88 -63.79 7.09
C PRO M 145 -35.47 -63.96 6.54
N ASP M 146 -35.15 -65.13 5.99
CA ASP M 146 -33.78 -65.43 5.55
C ASP M 146 -33.27 -64.60 4.37
N THR M 147 -34.19 -64.02 3.59
CA THR M 147 -33.82 -63.10 2.51
C THR M 147 -33.96 -61.65 2.90
N GLN M 148 -34.76 -61.34 3.92
CA GLN M 148 -35.17 -59.96 4.14
C GLN M 148 -34.02 -59.01 4.51
N TRP M 149 -32.82 -59.54 4.64
CA TRP M 149 -31.61 -58.71 4.65
C TRP M 149 -31.38 -57.90 3.37
N ILE M 150 -31.86 -58.36 2.22
CA ILE M 150 -31.59 -57.64 0.96
C ILE M 150 -32.52 -56.43 0.85
N THR M 151 -33.65 -56.50 1.55
CA THR M 151 -34.63 -55.40 1.56
C THR M 151 -34.17 -54.20 2.37
N LYS M 152 -33.08 -54.35 3.12
CA LYS M 152 -32.49 -53.24 3.86
C LYS M 152 -31.72 -52.36 2.89
N PRO M 153 -31.74 -51.03 3.12
CA PRO M 153 -31.29 -50.06 2.14
C PRO M 153 -29.78 -49.80 2.13
N VAL M 154 -29.03 -50.57 2.92
CA VAL M 154 -27.57 -50.60 2.82
C VAL M 154 -27.18 -51.46 1.63
N HIS M 155 -28.04 -52.42 1.28
CA HIS M 155 -27.81 -53.33 0.18
C HIS M 155 -28.32 -52.83 -1.16
N LYS M 156 -28.82 -51.60 -1.22
CA LYS M 156 -28.95 -50.92 -2.50
C LYS M 156 -27.65 -50.99 -3.28
N HIS M 157 -27.74 -51.41 -4.54
CA HIS M 157 -26.65 -51.31 -5.52
C HIS M 157 -25.34 -51.98 -5.08
N ARG M 158 -25.45 -53.20 -4.57
CA ARG M 158 -24.29 -53.99 -4.17
C ARG M 158 -23.19 -53.96 -5.24
N GLU M 159 -23.59 -54.35 -6.45
CA GLU M 159 -22.69 -54.42 -7.62
C GLU M 159 -21.94 -53.14 -7.95
N MET M 160 -22.59 -52.00 -7.69
CA MET M 160 -21.99 -50.69 -7.96
C MET M 160 -20.89 -50.31 -6.97
N ARG M 161 -21.03 -50.79 -5.74
CA ARG M 161 -20.11 -50.51 -4.63
C ARG M 161 -18.98 -51.52 -4.49
N GLY M 162 -18.98 -52.59 -5.30
CA GLY M 162 -17.99 -53.65 -5.18
C GLY M 162 -18.32 -54.57 -4.02
N LEU M 163 -19.49 -55.20 -4.09
CA LEU M 163 -19.99 -56.03 -2.99
C LEU M 163 -20.55 -57.42 -3.33
N THR M 164 -20.91 -57.67 -4.59
CA THR M 164 -21.20 -59.04 -5.03
C THR M 164 -19.93 -59.87 -4.92
N SER M 165 -20.05 -61.18 -5.02
CA SER M 165 -18.89 -62.08 -5.00
C SER M 165 -17.88 -61.70 -6.07
N ALA M 166 -18.37 -61.36 -7.26
CA ALA M 166 -17.51 -61.05 -8.38
C ALA M 166 -16.69 -59.78 -8.13
N GLY M 167 -17.40 -58.67 -7.93
CA GLY M 167 -16.75 -57.37 -7.71
C GLY M 167 -16.03 -57.23 -6.38
N ARG M 168 -16.23 -58.18 -5.47
CA ARG M 168 -15.40 -58.31 -4.29
C ARG M 168 -13.97 -58.64 -4.66
N LYS M 169 -13.79 -59.47 -5.68
CA LYS M 169 -12.48 -60.05 -5.97
C LYS M 169 -11.45 -59.00 -6.39
N SER M 170 -11.87 -57.97 -7.11
CA SER M 170 -10.98 -56.88 -7.50
C SER M 170 -10.43 -56.07 -6.34
N ARG M 171 -11.17 -56.06 -5.23
CA ARG M 171 -10.85 -55.19 -4.09
C ARG M 171 -9.58 -55.64 -3.39
N GLY M 172 -9.29 -56.93 -3.50
CA GLY M 172 -8.01 -57.48 -3.08
C GLY M 172 -7.98 -57.59 -1.57
N LEU M 173 -9.00 -58.26 -1.04
CA LEU M 173 -9.07 -58.47 0.39
C LEU M 173 -9.30 -59.94 0.71
N GLY M 174 -8.41 -60.46 1.54
CA GLY M 174 -8.53 -61.79 2.13
C GLY M 174 -7.66 -61.77 3.37
N LYS M 175 -7.85 -62.73 4.27
CA LYS M 175 -7.01 -62.80 5.45
C LYS M 175 -5.62 -63.28 5.08
N GLY M 176 -4.62 -62.82 5.82
CA GLY M 176 -3.25 -63.35 5.71
C GLY M 176 -2.24 -62.52 4.97
N HIS M 177 -0.99 -63.02 4.95
CA HIS M 177 0.15 -62.24 4.47
C HIS M 177 0.02 -61.78 3.04
N LYS M 178 -0.74 -62.50 2.24
CA LYS M 178 -0.88 -62.16 0.84
C LYS M 178 -1.81 -60.97 0.62
N PHE M 179 -1.95 -60.05 1.58
CA PHE M 179 -2.86 -58.92 1.38
C PHE M 179 -2.34 -57.62 2.00
N HIS M 180 -2.57 -57.39 3.29
CA HIS M 180 -2.03 -56.20 3.95
C HIS M 180 -2.51 -54.85 3.41
N HIS M 181 -2.31 -54.54 2.13
CA HIS M 181 -3.18 -53.54 1.51
C HIS M 181 -4.57 -54.13 1.69
N THR M 182 -5.52 -53.30 2.14
CA THR M 182 -6.84 -53.75 2.62
C THR M 182 -6.79 -54.41 4.00
N ILE M 183 -6.02 -53.81 4.92
CA ILE M 183 -5.96 -54.32 6.28
C ILE M 183 -6.67 -53.39 7.25
N GLY M 184 -7.47 -52.47 6.71
CA GLY M 184 -8.56 -51.82 7.43
C GLY M 184 -9.81 -52.39 6.80
N GLY M 185 -10.72 -51.53 6.38
CA GLY M 185 -11.84 -51.99 5.55
C GLY M 185 -11.35 -52.47 4.20
N SER M 186 -10.63 -51.60 3.52
CA SER M 186 -10.38 -51.71 2.10
C SER M 186 -9.07 -51.05 1.74
N ARG M 187 -8.71 -51.15 0.47
CA ARG M 187 -7.44 -50.64 -0.07
C ARG M 187 -7.25 -49.19 0.31
N ARG M 188 -8.28 -48.39 0.05
CA ARG M 188 -8.27 -46.95 0.29
C ARG M 188 -8.10 -46.63 1.76
N ALA M 189 -8.78 -47.39 2.60
CA ALA M 189 -8.81 -47.13 4.03
C ALA M 189 -7.47 -47.39 4.71
N ALA M 190 -6.73 -48.37 4.24
CA ALA M 190 -5.45 -48.67 4.85
C ALA M 190 -4.47 -47.55 4.54
N TRP M 191 -4.40 -47.18 3.27
CA TRP M 191 -3.62 -46.01 2.86
C TRP M 191 -3.92 -44.81 3.72
N ARG M 192 -5.21 -44.60 3.98
CA ARG M 192 -5.71 -43.49 4.78
C ARG M 192 -5.14 -43.55 6.18
N ARG M 193 -5.27 -44.72 6.80
CA ARG M 193 -4.69 -44.97 8.12
C ARG M 193 -3.18 -44.74 8.11
N ARG M 194 -2.51 -45.28 7.11
CA ARG M 194 -1.04 -45.22 7.05
C ARG M 194 -0.48 -43.86 6.72
N ASN M 195 -1.30 -43.00 6.11
CA ASN M 195 -0.87 -41.65 5.80
C ASN M 195 -1.70 -40.61 6.54
N THR M 196 -1.88 -40.85 7.83
CA THR M 196 -2.39 -39.86 8.74
C THR M 196 -1.30 -39.56 9.71
N LEU M 197 -0.85 -38.31 9.74
CA LEU M 197 -0.16 -37.81 10.91
C LEU M 197 -1.21 -37.85 12.00
N GLN M 198 -1.10 -38.87 12.84
CA GLN M 198 -1.73 -38.80 14.14
C GLN M 198 -0.85 -37.79 14.89
N LEU M 199 -1.47 -36.68 15.30
CA LEU M 199 -0.79 -35.65 16.09
C LEU M 199 -1.41 -35.54 17.48
N HIS M 200 -0.76 -36.17 18.44
CA HIS M 200 -1.31 -36.33 19.78
C HIS M 200 -1.26 -35.05 20.57
N ARG M 201 -1.98 -35.03 21.69
CA ARG M 201 -2.09 -33.82 22.49
C ARG M 201 -0.78 -33.47 23.13
N TYR M 202 -0.20 -34.45 23.80
CA TYR M 202 0.99 -34.21 24.59
C TYR M 202 2.29 -34.46 23.83
N ARG M 203 2.25 -35.39 22.88
CA ARG M 203 3.41 -35.71 22.03
C ARG M 203 4.57 -36.25 22.88
N GLN N 1 38.84 57.95 11.63
CA GLN N 1 38.33 56.53 11.60
C GLN N 1 38.35 55.80 10.24
N VAL N 2 38.90 56.43 9.20
CA VAL N 2 38.88 55.88 7.83
C VAL N 2 40.25 56.01 7.18
N LEU N 3 40.76 54.89 6.65
CA LEU N 3 41.91 54.91 5.75
C LEU N 3 41.54 55.61 4.45
N VAL N 4 42.39 56.54 4.01
CA VAL N 4 42.42 56.92 2.60
C VAL N 4 43.83 56.64 2.10
N LEU N 5 43.92 55.81 1.06
CA LEU N 5 45.19 55.35 0.55
C LEU N 5 45.34 55.84 -0.88
N ASP N 6 46.38 56.63 -1.14
CA ASP N 6 46.72 57.01 -2.52
C ASP N 6 47.33 55.82 -3.26
N GLY N 7 46.51 55.19 -4.09
CA GLY N 7 46.91 54.04 -4.90
C GLY N 7 48.07 54.24 -5.87
N ARG N 8 48.46 55.49 -6.13
CA ARG N 8 49.67 55.77 -6.91
C ARG N 8 50.89 55.13 -6.28
N GLY N 9 51.80 54.66 -7.12
CA GLY N 9 53.06 54.08 -6.67
C GLY N 9 52.97 52.74 -5.95
N HIS N 10 51.79 52.14 -5.92
CA HIS N 10 51.62 50.89 -5.24
C HIS N 10 51.59 49.76 -6.26
N LEU N 11 51.45 48.52 -5.79
CA LEU N 11 51.36 47.36 -6.65
C LEU N 11 50.01 46.67 -6.48
N LEU N 12 49.41 46.33 -7.62
CA LEU N 12 47.98 46.11 -7.71
C LEU N 12 47.47 45.10 -6.71
N GLY N 13 48.05 43.91 -6.77
CA GLY N 13 47.69 42.82 -5.87
C GLY N 13 48.27 42.99 -4.50
N ARG N 14 49.45 43.60 -4.46
CA ARG N 14 50.15 43.82 -3.19
C ARG N 14 49.39 44.75 -2.27
N LEU N 15 48.78 45.76 -2.86
CA LEU N 15 47.94 46.70 -2.13
C LEU N 15 46.61 46.05 -1.78
N ALA N 16 46.06 45.34 -2.74
CA ALA N 16 44.78 44.69 -2.59
C ALA N 16 44.77 43.70 -1.46
N ALA N 17 45.86 42.94 -1.34
CA ALA N 17 46.06 42.02 -0.21
C ALA N 17 45.91 42.71 1.13
N ILE N 18 46.67 43.79 1.31
CA ILE N 18 46.65 44.56 2.54
C ILE N 18 45.29 45.20 2.76
N VAL N 19 44.69 45.75 1.72
CA VAL N 19 43.36 46.35 1.84
C VAL N 19 42.33 45.32 2.30
N ALA N 20 42.38 44.10 1.77
CA ALA N 20 41.39 43.08 2.11
C ALA N 20 41.31 42.83 3.60
N LYS N 21 42.47 42.59 4.22
CA LYS N 21 42.51 42.29 5.64
C LYS N 21 42.02 43.47 6.47
N GLN N 22 42.37 44.69 6.08
CA GLN N 22 41.85 45.89 6.75
C GLN N 22 40.35 45.90 6.69
N VAL N 23 39.84 45.68 5.49
CA VAL N 23 38.40 45.67 5.25
C VAL N 23 37.66 44.57 6.03
N LEU N 24 38.29 43.40 6.17
CA LEU N 24 37.71 42.30 6.95
C LEU N 24 37.68 42.53 8.44
N LEU N 25 38.61 43.35 8.94
CA LEU N 25 38.63 43.74 10.35
C LEU N 25 37.76 44.99 10.63
N GLY N 26 36.75 45.21 9.79
CA GLY N 26 35.85 46.34 9.96
C GLY N 26 36.39 47.72 9.62
N ARG N 27 37.65 47.83 9.20
CA ARG N 27 38.21 49.12 8.81
C ARG N 27 37.55 49.55 7.51
N LYS N 28 36.96 50.74 7.54
CA LYS N 28 36.50 51.37 6.32
C LYS N 28 37.71 51.96 5.63
N VAL N 29 37.85 51.64 4.36
CA VAL N 29 38.99 52.10 3.57
C VAL N 29 38.48 52.82 2.34
N VAL N 30 39.27 53.78 1.90
CA VAL N 30 39.08 54.42 0.63
C VAL N 30 40.41 54.33 -0.10
N VAL N 31 40.33 54.00 -1.39
CA VAL N 31 41.50 53.86 -2.22
C VAL N 31 41.31 54.83 -3.36
N VAL N 32 42.29 55.72 -3.54
CA VAL N 32 42.14 56.89 -4.40
C VAL N 32 43.32 56.94 -5.37
N ARG N 33 43.07 57.55 -6.53
CA ARG N 33 44.04 57.61 -7.63
C ARG N 33 44.45 56.19 -8.06
N CYS N 34 43.42 55.40 -8.37
CA CYS N 34 43.61 54.00 -8.77
C CYS N 34 44.25 53.84 -10.13
N GLU N 35 44.06 54.79 -11.04
CA GLU N 35 44.74 54.72 -12.33
C GLU N 35 46.26 54.71 -12.14
N GLY N 36 46.73 55.36 -11.09
CA GLY N 36 48.14 55.38 -10.74
C GLY N 36 48.72 54.12 -10.15
N ILE N 37 47.86 53.16 -9.77
CA ILE N 37 48.34 51.85 -9.36
C ILE N 37 49.16 51.30 -10.50
N ASN N 38 50.25 50.61 -10.17
CA ASN N 38 51.10 50.03 -11.18
C ASN N 38 51.44 48.60 -10.87
N ILE N 39 51.44 47.81 -11.93
CA ILE N 39 51.46 46.36 -11.86
C ILE N 39 52.83 45.92 -12.37
N SER N 40 53.52 45.10 -11.58
CA SER N 40 54.80 44.53 -12.02
C SER N 40 54.65 43.85 -13.37
N GLY N 41 55.79 43.63 -14.02
CA GLY N 41 55.83 42.94 -15.30
C GLY N 41 55.58 43.92 -16.43
N ASN N 42 56.37 43.78 -17.51
CA ASN N 42 56.36 44.74 -18.62
C ASN N 42 54.96 44.95 -19.17
N PHE N 43 54.73 46.07 -19.81
CA PHE N 43 53.38 46.46 -20.17
C PHE N 43 52.67 45.37 -20.97
N TYR N 44 53.27 45.00 -22.10
CA TYR N 44 52.62 44.10 -23.04
C TYR N 44 52.09 42.83 -22.38
N ARG N 45 52.98 42.15 -21.68
CA ARG N 45 52.68 41.10 -20.69
C ARG N 45 51.31 41.19 -20.03
N ASN N 46 51.03 42.35 -19.42
CA ASN N 46 49.80 42.55 -18.65
C ASN N 46 48.59 42.85 -19.52
N LYS N 47 48.83 43.48 -20.66
CA LYS N 47 47.74 43.74 -21.59
C LYS N 47 47.12 42.43 -22.05
N LEU N 48 47.96 41.52 -22.55
CA LEU N 48 47.55 40.16 -22.93
C LEU N 48 46.81 39.47 -21.82
N LYS N 49 47.36 39.59 -20.61
CA LYS N 49 46.81 38.98 -19.43
C LYS N 49 45.40 39.49 -19.19
N TYR N 50 45.18 40.80 -19.39
CA TYR N 50 43.82 41.37 -19.33
C TYR N 50 42.99 40.86 -20.51
N LEU N 51 43.52 41.03 -21.72
CA LEU N 51 42.80 40.60 -22.93
C LEU N 51 42.33 39.17 -22.86
N ALA N 52 43.09 38.32 -22.19
CA ALA N 52 42.65 36.96 -21.93
C ALA N 52 41.39 36.97 -21.09
N PHE N 53 41.42 37.72 -19.99
CA PHE N 53 40.27 37.85 -19.10
C PHE N 53 39.02 38.32 -19.83
N LEU N 54 39.18 39.24 -20.78
CA LEU N 54 38.11 39.62 -21.69
C LEU N 54 37.52 38.47 -22.48
N ARG N 55 38.37 37.58 -22.98
CA ARG N 55 37.91 36.42 -23.76
C ARG N 55 36.96 35.52 -22.98
N LYS N 56 37.25 35.31 -21.69
CA LYS N 56 36.36 34.60 -20.77
C LYS N 56 34.94 35.18 -20.75
N ARG N 57 34.01 34.50 -21.42
CA ARG N 57 32.58 34.88 -21.40
C ARG N 57 31.68 33.65 -21.56
N MET N 58 30.50 33.74 -20.97
CA MET N 58 29.55 32.64 -20.97
C MET N 58 28.95 32.50 -22.37
N ASN N 59 29.53 31.57 -23.14
CA ASN N 59 29.22 31.38 -24.56
C ASN N 59 27.77 31.59 -24.95
N THR N 60 26.87 30.92 -24.26
CA THR N 60 25.46 30.97 -24.63
C THR N 60 24.76 32.31 -24.36
N ASN N 61 25.27 33.09 -23.41
CA ASN N 61 24.69 34.42 -23.12
C ASN N 61 25.69 35.30 -22.37
N PRO N 62 26.53 36.03 -23.11
CA PRO N 62 27.57 36.90 -22.54
C PRO N 62 27.04 37.88 -21.48
N SER N 63 25.80 38.33 -21.67
CA SER N 63 25.11 39.20 -20.73
C SER N 63 25.15 38.75 -19.27
N ARG N 64 25.15 37.44 -19.05
CA ARG N 64 25.39 36.89 -17.72
C ARG N 64 26.87 36.97 -17.32
N GLY N 65 27.72 36.58 -18.26
CA GLY N 65 29.11 36.17 -18.00
C GLY N 65 30.06 37.21 -17.47
N PRO N 66 31.25 36.75 -16.99
CA PRO N 66 32.13 37.55 -16.13
C PRO N 66 32.30 39.00 -16.61
N TYR N 67 31.81 39.95 -15.83
CA TYR N 67 31.73 41.32 -16.24
C TYR N 67 33.10 41.95 -16.10
N HIS N 68 33.70 42.28 -17.24
CA HIS N 68 35.06 42.80 -17.29
C HIS N 68 35.01 44.31 -17.18
N PHE N 69 35.29 44.82 -15.98
CA PHE N 69 35.26 46.25 -15.74
C PHE N 69 36.53 46.92 -16.22
N ARG N 70 36.38 48.08 -16.82
CA ARG N 70 37.48 48.75 -17.50
C ARG N 70 38.18 49.74 -16.62
N ALA N 71 37.40 50.61 -16.00
CA ALA N 71 37.92 51.63 -15.11
C ALA N 71 38.91 51.05 -14.10
N PRO N 72 40.05 51.71 -13.90
CA PRO N 72 41.06 51.25 -12.95
C PRO N 72 40.55 51.05 -11.52
N SER N 73 39.60 51.91 -11.11
CA SER N 73 38.96 51.79 -9.82
C SER N 73 38.26 50.44 -9.69
N ARG N 74 37.43 50.14 -10.70
CA ARG N 74 36.69 48.89 -10.71
C ARG N 74 37.61 47.69 -10.87
N ILE N 75 38.69 47.83 -11.64
CA ILE N 75 39.70 46.78 -11.73
C ILE N 75 40.24 46.48 -10.35
N PHE N 76 40.75 47.51 -9.68
CA PHE N 76 41.31 47.34 -8.35
C PHE N 76 40.28 46.77 -7.36
N TRP N 77 39.04 47.20 -7.51
CA TRP N 77 37.95 46.63 -6.73
C TRP N 77 37.83 45.14 -7.00
N ARG N 78 37.84 44.77 -8.28
CA ARG N 78 37.79 43.35 -8.70
C ARG N 78 38.88 42.51 -8.02
N THR N 79 40.11 43.02 -7.99
CA THR N 79 41.22 42.24 -7.38
C THR N 79 41.12 42.15 -5.86
N VAL N 80 40.56 43.17 -5.22
CA VAL N 80 40.30 43.11 -3.78
C VAL N 80 39.11 42.18 -3.50
N ARG N 81 38.14 42.19 -4.40
CA ARG N 81 37.03 41.27 -4.34
C ARG N 81 37.50 39.82 -4.41
N GLY N 82 38.59 39.57 -5.13
CA GLY N 82 39.20 38.25 -5.19
C GLY N 82 39.97 37.76 -3.97
N MET N 83 40.02 38.54 -2.90
CA MET N 83 40.72 38.15 -1.70
C MET N 83 39.83 38.22 -0.47
N LEU N 84 38.52 38.25 -0.68
CA LEU N 84 37.55 38.24 0.40
C LEU N 84 36.66 37.06 0.15
N PRO N 85 35.91 36.63 1.16
CA PRO N 85 34.96 35.55 0.96
C PRO N 85 33.63 36.10 0.46
N HIS N 86 33.68 36.80 -0.67
CA HIS N 86 32.61 37.70 -1.09
C HIS N 86 31.25 37.06 -1.42
N LYS N 87 31.17 35.73 -1.41
CA LYS N 87 29.88 35.08 -1.49
C LYS N 87 29.15 35.07 -0.15
N THR N 88 29.89 35.18 0.96
CA THR N 88 29.28 35.24 2.31
C THR N 88 28.62 36.60 2.55
N LYS N 89 27.82 36.65 3.61
CA LYS N 89 27.31 37.92 4.13
C LYS N 89 28.45 38.78 4.63
N ARG N 90 29.36 38.19 5.41
CA ARG N 90 30.48 38.92 5.98
C ARG N 90 31.44 39.43 4.90
N GLY N 91 31.62 38.64 3.85
CA GLY N 91 32.43 39.06 2.71
C GLY N 91 31.80 40.24 1.99
N GLN N 92 30.51 40.16 1.73
CA GLN N 92 29.79 41.25 1.06
C GLN N 92 29.80 42.51 1.90
N ALA N 93 29.62 42.33 3.21
CA ALA N 93 29.74 43.44 4.18
C ALA N 93 31.12 44.10 4.12
N ALA N 94 32.15 43.26 4.03
CA ALA N 94 33.53 43.73 3.94
C ALA N 94 33.75 44.67 2.74
N LEU N 95 33.36 44.24 1.55
CA LEU N 95 33.49 45.10 0.35
C LEU N 95 32.75 46.42 0.48
N ASP N 96 31.60 46.40 1.15
CA ASP N 96 30.81 47.61 1.33
C ASP N 96 31.55 48.72 2.11
N ARG N 97 32.57 48.33 2.87
CA ARG N 97 33.47 49.28 3.52
C ARG N 97 34.43 49.92 2.52
N LEU N 98 34.98 49.13 1.60
CA LEU N 98 35.92 49.62 0.58
C LEU N 98 35.29 50.55 -0.45
N LYS N 99 36.00 51.61 -0.82
CA LYS N 99 35.45 52.68 -1.66
C LYS N 99 36.52 53.20 -2.61
N VAL N 100 36.42 52.87 -3.89
CA VAL N 100 37.53 53.04 -4.82
C VAL N 100 37.23 54.15 -5.83
N PHE N 101 38.27 54.87 -6.26
CA PHE N 101 38.09 56.00 -7.17
C PHE N 101 39.19 56.08 -8.21
N ASP N 102 38.78 56.30 -9.46
CA ASP N 102 39.68 56.73 -10.51
C ASP N 102 39.89 58.18 -10.21
N GLY N 103 41.13 58.55 -9.98
CA GLY N 103 41.48 59.89 -9.59
C GLY N 103 41.05 60.09 -8.16
N ILE N 104 41.12 61.34 -7.72
CA ILE N 104 40.84 61.69 -6.35
C ILE N 104 39.78 62.80 -6.24
N PRO N 105 38.50 62.41 -6.04
CA PRO N 105 37.33 63.31 -5.97
C PRO N 105 37.14 64.06 -4.63
N PRO N 106 36.06 64.86 -4.51
CA PRO N 106 35.95 65.94 -3.52
C PRO N 106 35.97 65.73 -2.01
N PRO N 107 35.50 64.58 -1.49
CA PRO N 107 35.71 64.40 -0.05
C PRO N 107 37.20 64.31 0.30
N TYR N 108 37.93 63.54 -0.51
CA TYR N 108 39.29 63.10 -0.21
C TYR N 108 40.37 63.95 -0.86
N ASP N 109 39.97 64.81 -1.80
CA ASP N 109 40.91 65.77 -2.38
C ASP N 109 41.36 66.86 -1.39
N LYS N 110 40.75 66.92 -0.21
CA LYS N 110 41.25 67.74 0.91
C LYS N 110 41.31 66.91 2.18
N LYS N 111 41.94 65.74 2.05
CA LYS N 111 42.26 64.86 3.17
C LYS N 111 43.68 64.40 2.95
N LYS N 112 44.45 64.25 4.02
CA LYS N 112 45.76 63.63 3.92
C LYS N 112 45.53 62.15 3.77
N ARG N 113 46.28 61.55 2.86
CA ARG N 113 46.05 60.18 2.44
C ARG N 113 47.36 59.38 2.52
N MET N 114 47.22 58.17 3.03
CA MET N 114 48.35 57.38 3.46
C MET N 114 48.95 56.66 2.27
N VAL N 115 50.04 55.98 2.55
CA VAL N 115 50.76 55.18 1.59
C VAL N 115 51.22 53.90 2.29
N VAL N 116 50.72 52.78 1.79
CA VAL N 116 51.18 51.46 2.20
C VAL N 116 52.58 51.17 1.65
N PRO N 117 53.64 51.32 2.47
CA PRO N 117 54.99 51.16 1.91
C PRO N 117 55.38 49.71 1.64
N ALA N 118 54.55 48.78 2.08
CA ALA N 118 54.74 47.37 1.84
C ALA N 118 54.15 46.93 0.50
N ALA N 119 53.43 47.82 -0.17
CA ALA N 119 52.87 47.55 -1.49
C ALA N 119 53.48 48.47 -2.55
N LEU N 120 54.51 49.23 -2.16
CA LEU N 120 55.00 50.37 -2.94
C LEU N 120 55.99 49.84 -3.98
N LYS N 121 56.01 50.47 -5.15
CA LYS N 121 56.83 49.96 -6.24
C LYS N 121 58.30 50.18 -5.99
N VAL N 122 58.66 51.38 -5.55
CA VAL N 122 60.06 51.73 -5.26
C VAL N 122 60.76 50.78 -4.29
N VAL N 123 59.98 50.12 -3.46
CA VAL N 123 60.48 49.17 -2.50
C VAL N 123 60.42 47.73 -3.01
N ARG N 124 59.25 47.31 -3.47
CA ARG N 124 59.01 45.90 -3.70
C ARG N 124 59.61 45.37 -4.99
N LEU N 125 59.92 46.24 -5.94
CA LEU N 125 60.52 45.82 -7.22
C LEU N 125 61.98 46.21 -7.31
N LYS N 126 62.75 45.40 -8.05
CA LYS N 126 64.08 45.82 -8.47
C LYS N 126 63.88 46.98 -9.43
N PRO N 127 64.84 47.92 -9.45
CA PRO N 127 64.72 49.13 -10.27
C PRO N 127 64.86 48.85 -11.78
N THR N 128 65.53 47.75 -12.11
CA THR N 128 65.75 47.31 -13.48
C THR N 128 64.59 46.48 -14.03
N ARG N 129 63.64 46.12 -13.17
CA ARG N 129 62.43 45.44 -13.60
C ARG N 129 61.46 46.41 -14.22
N LYS N 130 60.56 45.84 -15.00
CA LYS N 130 59.59 46.60 -15.76
C LYS N 130 58.22 46.40 -15.17
N PHE N 131 57.34 47.35 -15.45
CA PHE N 131 56.03 47.37 -14.85
C PHE N 131 55.11 48.13 -15.77
N ALA N 132 53.85 48.18 -15.40
CA ALA N 132 52.83 48.83 -16.19
C ALA N 132 52.02 49.75 -15.31
N TYR N 133 51.62 50.89 -15.84
CA TYR N 133 50.62 51.71 -15.20
C TYR N 133 49.26 51.13 -15.52
N LEU N 134 48.46 50.89 -14.49
CA LEU N 134 47.11 50.35 -14.67
C LEU N 134 46.20 51.31 -15.45
N GLY N 135 46.50 52.60 -15.47
CA GLY N 135 45.85 53.56 -16.37
C GLY N 135 45.96 53.17 -17.85
N ARG N 136 47.14 53.34 -18.43
CA ARG N 136 47.47 52.83 -19.77
C ARG N 136 46.81 51.52 -20.09
N LEU N 137 46.93 50.59 -19.16
CA LEU N 137 46.31 49.30 -19.31
C LEU N 137 44.81 49.47 -19.46
N ALA N 138 44.21 50.20 -18.54
CA ALA N 138 42.77 50.43 -18.56
C ALA N 138 42.35 51.12 -19.83
N HIS N 139 43.10 52.15 -20.21
CA HIS N 139 42.84 52.90 -21.44
C HIS N 139 42.73 52.02 -22.67
N GLU N 140 43.74 51.18 -22.87
CA GLU N 140 43.81 50.35 -24.08
C GLU N 140 42.80 49.21 -24.14
N VAL N 141 42.27 48.80 -22.98
CA VAL N 141 41.28 47.73 -22.91
C VAL N 141 39.85 48.28 -23.00
N GLY N 142 39.73 49.61 -23.04
CA GLY N 142 38.47 50.29 -23.34
C GLY N 142 38.00 51.35 -22.38
N TRP N 143 38.79 51.66 -21.34
CA TRP N 143 38.40 52.70 -20.39
C TRP N 143 38.19 53.99 -21.16
N LYS N 144 37.03 54.61 -20.96
CA LYS N 144 36.65 55.79 -21.71
C LYS N 144 37.34 57.05 -21.21
N TYR N 145 37.46 57.17 -19.89
CA TYR N 145 37.75 58.45 -19.26
C TYR N 145 39.17 58.55 -18.71
N GLN N 146 40.18 58.35 -19.55
CA GLN N 146 41.54 58.67 -19.14
C GLN N 146 41.71 60.18 -19.13
N ALA N 147 41.54 60.79 -20.31
CA ALA N 147 41.79 62.22 -20.53
C ALA N 147 40.99 63.10 -19.60
N VAL N 148 39.73 62.75 -19.37
CA VAL N 148 38.92 63.48 -18.42
C VAL N 148 39.56 63.40 -17.05
N THR N 149 39.95 62.20 -16.64
CA THR N 149 40.58 62.00 -15.34
C THR N 149 41.90 62.76 -15.22
N ALA N 150 42.62 62.90 -16.33
CA ALA N 150 43.82 63.74 -16.36
C ALA N 150 43.52 65.22 -16.26
N THR N 151 42.53 65.70 -17.02
CA THR N 151 42.17 67.13 -17.01
C THR N 151 41.62 67.60 -15.67
N LEU N 152 40.90 66.73 -14.96
CA LEU N 152 40.44 67.03 -13.61
C LEU N 152 41.55 67.00 -12.58
N GLU N 153 42.56 66.16 -12.78
CA GLU N 153 43.68 66.09 -11.83
C GLU N 153 44.69 67.20 -11.99
N GLU N 154 44.85 67.75 -13.19
CA GLU N 154 45.65 68.96 -13.35
C GLU N 154 45.04 70.12 -12.60
N LYS N 155 43.71 70.24 -12.62
CA LYS N 155 43.04 71.23 -11.78
C LYS N 155 43.39 71.02 -10.31
N ARG N 156 43.25 69.79 -9.86
CA ARG N 156 43.45 69.46 -8.45
C ARG N 156 44.85 69.79 -7.97
N LYS N 157 45.84 69.41 -8.77
CA LYS N 157 47.25 69.69 -8.43
C LYS N 157 47.55 71.19 -8.39
N GLU N 158 46.94 71.95 -9.30
CA GLU N 158 47.04 73.42 -9.28
C GLU N 158 46.34 73.99 -8.05
N LYS N 159 45.14 73.51 -7.78
CA LYS N 159 44.39 73.91 -6.58
C LYS N 159 45.17 73.60 -5.30
N ALA N 160 45.87 72.46 -5.27
CA ALA N 160 46.62 72.00 -4.08
C ALA N 160 47.90 72.77 -3.87
N LYS N 161 48.62 73.04 -4.96
CA LYS N 161 49.86 73.84 -4.95
C LYS N 161 49.64 75.17 -4.21
N ILE N 162 48.47 75.76 -4.43
CA ILE N 162 48.06 76.98 -3.72
C ILE N 162 47.95 76.73 -2.22
N HIS N 163 47.23 75.69 -1.84
CA HIS N 163 47.07 75.34 -0.43
C HIS N 163 48.42 75.15 0.25
N TYR N 164 49.33 74.47 -0.42
CA TYR N 164 50.66 74.21 0.13
C TYR N 164 51.45 75.49 0.33
N ARG N 165 51.32 76.41 -0.62
CA ARG N 165 52.00 77.69 -0.52
C ARG N 165 51.54 78.50 0.68
N LYS N 166 50.23 78.48 0.94
CA LYS N 166 49.69 79.11 2.12
C LYS N 166 50.12 78.37 3.39
N LYS N 167 50.12 77.04 3.34
CA LYS N 167 50.58 76.22 4.46
C LYS N 167 52.02 76.57 4.80
N LYS N 168 52.89 76.51 3.79
CA LYS N 168 54.29 76.96 3.94
C LYS N 168 54.37 78.33 4.58
N GLN N 169 53.54 79.25 4.10
CA GLN N 169 53.54 80.62 4.60
C GLN N 169 53.25 80.69 6.10
N LEU N 170 52.31 79.88 6.59
CA LEU N 170 52.04 79.80 8.04
C LEU N 170 53.22 79.21 8.80
N MET N 171 53.76 78.12 8.27
CA MET N 171 54.89 77.41 8.90
C MET N 171 56.03 78.38 9.11
N ARG N 172 56.35 79.13 8.06
CA ARG N 172 57.37 80.17 8.07
C ARG N 172 57.12 81.24 9.13
N LEU N 173 55.90 81.79 9.16
CA LEU N 173 55.53 82.76 10.20
C LEU N 173 55.64 82.16 11.58
N ARG N 174 55.22 80.90 11.73
CA ARG N 174 55.35 80.20 13.00
C ARG N 174 56.81 80.02 13.43
N LYS N 175 57.69 79.75 12.47
CA LYS N 175 59.13 79.70 12.77
C LYS N 175 59.63 81.09 13.21
N GLN N 176 59.14 82.14 12.56
CA GLN N 176 59.44 83.53 12.94
C GLN N 176 58.87 83.86 14.31
N ALA N 177 57.63 83.44 14.55
CA ALA N 177 56.91 83.75 15.77
C ALA N 177 57.63 83.27 17.02
N GLU N 178 58.10 82.01 16.98
CA GLU N 178 58.86 81.42 18.08
C GLU N 178 60.09 82.26 18.41
N LYS N 179 60.84 82.63 17.37
CA LYS N 179 62.01 83.49 17.50
C LYS N 179 61.69 84.88 18.08
N ASN N 180 60.54 85.44 17.69
CA ASN N 180 60.01 86.69 18.29
C ASN N 180 59.71 86.59 19.79
N VAL N 181 59.37 85.39 20.24
CA VAL N 181 58.77 85.13 21.55
C VAL N 181 59.69 84.33 22.51
N GLU N 182 60.85 83.88 22.03
CA GLU N 182 61.65 82.86 22.74
C GLU N 182 62.33 83.25 24.07
N LYS N 183 61.96 84.38 24.67
CA LYS N 183 62.27 84.64 26.09
C LYS N 183 61.03 84.53 26.98
N LYS N 184 59.83 84.57 26.40
CA LYS N 184 58.59 84.36 27.15
C LYS N 184 57.90 83.03 26.81
N ILE N 185 58.64 82.13 26.15
CA ILE N 185 58.29 80.70 26.12
C ILE N 185 59.53 79.85 26.48
N ASP N 186 60.48 80.44 27.19
CA ASP N 186 61.79 79.83 27.36
C ASP N 186 61.76 78.70 28.40
N ARG N 187 61.03 78.93 29.50
CA ARG N 187 60.87 77.89 30.54
C ARG N 187 59.59 77.05 30.37
N PHE N 188 59.00 77.10 29.17
CA PHE N 188 58.17 76.02 28.64
C PHE N 188 59.02 75.20 27.68
N THR N 189 59.59 75.88 26.69
CA THR N 189 60.44 75.26 25.66
C THR N 189 61.59 74.45 26.26
N GLU N 190 62.10 74.84 27.42
CA GLU N 190 63.08 74.01 28.12
C GLU N 190 62.47 72.67 28.55
N VAL N 191 61.26 72.69 29.12
CA VAL N 191 60.65 71.46 29.67
C VAL N 191 60.20 70.49 28.58
N LEU N 192 59.84 71.02 27.41
CA LEU N 192 59.52 70.16 26.27
C LEU N 192 60.77 69.54 25.61
N LYS N 193 61.98 69.88 26.07
CA LYS N 193 63.19 69.16 25.64
C LYS N 193 64.01 68.50 26.76
N THR N 194 63.46 68.44 27.97
CA THR N 194 63.98 67.53 29.00
C THR N 194 63.37 66.14 28.79
N HIS N 195 62.08 66.11 28.47
CA HIS N 195 61.36 64.87 28.18
C HIS N 195 61.38 64.52 26.68
N GLY N 196 62.16 65.29 25.91
CA GLY N 196 62.73 64.81 24.67
C GLY N 196 61.94 65.03 23.39
N PHE N 197 61.38 66.23 23.22
CA PHE N 197 61.00 66.72 21.89
C PHE N 197 61.95 67.87 21.58
N LEU N 198 61.71 68.56 20.46
CA LEU N 198 62.40 69.81 20.13
C LEU N 198 63.92 69.66 19.94
N VAL N 199 64.32 68.48 19.50
CA VAL N 199 65.74 68.12 19.40
C VAL N 199 65.91 67.17 18.21
N VAL O 1 -22.99 27.80 14.43
CA VAL O 1 -21.69 27.05 14.43
C VAL O 1 -20.51 27.93 14.81
N ARG O 2 -19.37 27.27 15.08
CA ARG O 2 -18.10 27.95 15.32
C ARG O 2 -17.56 28.49 14.01
N TYR O 3 -17.35 29.81 13.95
CA TYR O 3 -16.56 30.40 12.88
C TYR O 3 -15.13 30.42 13.35
N SER O 4 -14.20 30.24 12.42
CA SER O 4 -12.81 30.58 12.67
C SER O 4 -12.74 32.07 12.94
N LEU O 5 -11.95 32.47 13.93
CA LEU O 5 -11.74 33.87 14.26
C LEU O 5 -13.06 34.54 14.69
N ASP O 6 -13.40 34.37 15.96
CA ASP O 6 -14.60 34.98 16.53
C ASP O 6 -14.36 36.49 16.73
N PRO O 7 -15.44 37.30 16.68
CA PRO O 7 -15.26 38.75 16.65
C PRO O 7 -14.79 39.35 17.98
N GLU O 8 -14.33 40.61 17.92
CA GLU O 8 -13.81 41.32 19.08
C GLU O 8 -14.93 41.77 20.01
N ASN O 9 -15.95 42.39 19.42
CA ASN O 9 -17.12 42.91 20.15
C ASN O 9 -18.38 42.39 19.48
N PRO O 10 -18.82 41.17 19.87
CA PRO O 10 -19.99 40.48 19.27
C PRO O 10 -21.27 41.32 19.21
N THR O 11 -21.45 42.20 20.19
CA THR O 11 -22.53 43.19 20.21
C THR O 11 -22.85 43.77 18.85
N LYS O 12 -21.80 44.20 18.15
CA LYS O 12 -21.92 45.02 16.96
C LYS O 12 -21.10 44.42 15.84
N SER O 13 -21.38 43.15 15.54
CA SER O 13 -20.67 42.40 14.51
C SER O 13 -21.53 41.26 13.96
N CYS O 14 -22.25 41.54 12.88
CA CYS O 14 -23.10 40.55 12.23
C CYS O 14 -22.26 39.50 11.50
N LYS O 15 -22.89 38.36 11.27
CA LYS O 15 -22.24 37.14 10.82
C LYS O 15 -22.90 36.62 9.57
N SER O 16 -22.17 35.75 8.86
CA SER O 16 -22.73 34.95 7.80
C SER O 16 -21.82 33.81 7.40
N ARG O 17 -22.44 32.80 6.81
CA ARG O 17 -21.75 31.73 6.11
C ARG O 17 -22.69 31.14 5.09
N GLY O 18 -22.10 30.45 4.13
CA GLY O 18 -22.87 29.74 3.12
C GLY O 18 -22.06 28.54 2.78
N SER O 19 -22.57 27.37 3.14
CA SER O 19 -21.78 26.16 3.11
C SER O 19 -22.06 25.37 1.84
N ASN O 20 -20.99 24.98 1.16
CA ASN O 20 -21.02 23.93 0.17
C ASN O 20 -21.66 24.48 -1.10
N LEU O 21 -20.98 25.48 -1.63
CA LEU O 21 -21.45 26.28 -2.76
C LEU O 21 -20.69 25.86 -3.98
N ARG O 22 -21.38 25.63 -5.09
CA ARG O 22 -20.71 25.36 -6.36
C ARG O 22 -20.20 26.68 -6.93
N VAL O 23 -19.00 27.03 -6.47
CA VAL O 23 -18.24 28.16 -6.96
C VAL O 23 -16.80 27.74 -6.86
N HIS O 24 -16.05 27.94 -7.94
CA HIS O 24 -14.62 27.63 -7.95
C HIS O 24 -13.89 28.22 -6.76
N PHE O 25 -13.52 27.34 -5.83
CA PHE O 25 -12.73 27.68 -4.67
C PHE O 25 -11.66 28.73 -4.93
N LYS O 26 -10.85 28.50 -5.96
CA LYS O 26 -9.73 29.39 -6.29
C LYS O 26 -10.15 30.80 -6.71
N ASN O 27 -11.18 30.88 -7.56
CA ASN O 27 -11.75 32.18 -7.96
C ASN O 27 -12.45 32.87 -6.81
N THR O 28 -13.16 32.08 -6.02
CA THR O 28 -13.86 32.57 -4.84
C THR O 28 -12.89 33.08 -3.78
N ARG O 29 -11.73 32.45 -3.68
CA ARG O 29 -10.69 32.87 -2.76
C ARG O 29 -10.13 34.21 -3.13
N GLU O 30 -9.77 34.39 -4.40
CA GLU O 30 -9.14 35.62 -4.83
C GLU O 30 -10.09 36.80 -4.69
N THR O 31 -11.36 36.60 -5.03
CA THR O 31 -12.33 37.70 -4.90
C THR O 31 -12.71 37.97 -3.45
N ALA O 32 -12.52 36.99 -2.58
CA ALA O 32 -12.71 37.21 -1.15
C ALA O 32 -11.52 37.94 -0.53
N GLN O 33 -10.32 37.74 -1.03
CA GLN O 33 -9.19 38.56 -0.60
C GLN O 33 -9.40 40.02 -1.00
N ALA O 34 -9.84 40.22 -2.24
CA ALA O 34 -10.09 41.54 -2.81
C ALA O 34 -11.02 42.37 -1.94
N ILE O 35 -12.15 41.75 -1.60
CA ILE O 35 -13.23 42.40 -0.89
C ILE O 35 -12.85 42.73 0.54
N LYS O 36 -11.94 41.95 1.11
CA LYS O 36 -11.66 41.96 2.54
C LYS O 36 -11.16 43.31 3.03
N GLY O 37 -11.70 43.74 4.17
CA GLY O 37 -11.39 45.04 4.75
C GLY O 37 -12.23 46.21 4.24
N MET O 38 -13.02 46.01 3.18
CA MET O 38 -13.81 47.11 2.61
C MET O 38 -14.98 47.48 3.49
N HIS O 39 -15.49 48.68 3.28
CA HIS O 39 -16.77 49.07 3.82
C HIS O 39 -17.82 48.43 2.93
N ILE O 40 -18.84 47.82 3.55
CA ILE O 40 -19.79 46.95 2.83
C ILE O 40 -20.38 47.58 1.56
N ARG O 41 -20.61 48.88 1.57
CA ARG O 41 -21.16 49.58 0.41
C ARG O 41 -20.15 49.70 -0.74
N LYS O 42 -18.86 49.82 -0.41
CA LYS O 42 -17.80 49.78 -1.42
C LYS O 42 -17.72 48.37 -2.02
N ALA O 43 -17.59 47.38 -1.15
CA ALA O 43 -17.59 45.95 -1.52
C ALA O 43 -18.64 45.58 -2.55
N THR O 44 -19.88 45.98 -2.29
CA THR O 44 -20.98 45.71 -3.20
C THR O 44 -20.76 46.37 -4.56
N LYS O 45 -20.37 47.63 -4.52
CA LYS O 45 -20.03 48.36 -5.74
C LYS O 45 -18.94 47.59 -6.50
N TYR O 46 -17.86 47.27 -5.78
CA TYR O 46 -16.69 46.60 -6.34
C TYR O 46 -17.04 45.29 -7.02
N LEU O 47 -17.98 44.54 -6.45
CA LEU O 47 -18.38 43.26 -7.05
C LEU O 47 -19.27 43.43 -8.28
N LYS O 48 -20.14 44.44 -8.27
CA LYS O 48 -20.91 44.77 -9.47
C LYS O 48 -20.05 45.32 -10.62
N ASP O 49 -18.94 45.97 -10.31
CA ASP O 49 -17.95 46.39 -11.32
C ASP O 49 -17.25 45.18 -11.92
N VAL O 50 -16.87 44.24 -11.05
CA VAL O 50 -16.29 42.97 -11.46
C VAL O 50 -17.27 42.16 -12.32
N THR O 51 -18.54 42.22 -11.96
CA THR O 51 -19.58 41.56 -12.73
C THR O 51 -19.65 42.10 -14.17
N LEU O 52 -19.51 43.41 -14.36
CA LEU O 52 -19.55 44.04 -15.69
C LEU O 52 -18.18 44.40 -16.28
N GLN O 53 -17.10 44.02 -15.60
CA GLN O 53 -15.74 44.30 -16.04
C GLN O 53 -15.36 45.78 -16.10
N LYS O 54 -15.66 46.49 -15.03
CA LYS O 54 -15.13 47.84 -14.83
C LYS O 54 -13.99 47.83 -13.81
N GLN O 55 -13.86 46.73 -13.06
CA GLN O 55 -12.74 46.50 -12.15
C GLN O 55 -12.45 45.02 -12.10
N CYS O 56 -11.21 44.65 -11.79
CA CYS O 56 -10.83 43.24 -11.74
C CYS O 56 -10.53 42.79 -10.33
N VAL O 57 -10.43 41.48 -10.21
CA VAL O 57 -9.96 40.81 -9.02
C VAL O 57 -8.59 40.30 -9.38
N PRO O 58 -7.55 40.82 -8.73
CA PRO O 58 -6.21 40.29 -9.00
C PRO O 58 -6.04 38.89 -8.46
N PHE O 59 -5.59 38.00 -9.34
CA PHE O 59 -5.35 36.60 -9.01
C PHE O 59 -3.90 36.49 -8.63
N ARG O 60 -3.63 36.49 -7.33
CA ARG O 60 -2.27 36.55 -6.83
C ARG O 60 -1.69 35.19 -6.53
N ARG O 61 -2.34 34.43 -5.66
CA ARG O 61 -1.86 33.10 -5.31
C ARG O 61 -2.05 32.13 -6.47
N TYR O 62 -3.29 32.01 -6.91
CA TYR O 62 -3.69 31.08 -7.93
C TYR O 62 -3.71 31.79 -9.28
N ASN O 63 -2.52 32.01 -9.81
CA ASN O 63 -2.31 32.90 -10.94
C ASN O 63 -1.63 32.24 -12.12
N GLY O 64 -1.66 30.90 -12.14
CA GLY O 64 -0.95 30.13 -13.16
C GLY O 64 -1.72 30.10 -14.46
N GLY O 65 -1.24 30.89 -15.42
CA GLY O 65 -1.88 31.03 -16.72
C GLY O 65 -2.92 32.12 -16.82
N VAL O 66 -3.23 32.76 -15.69
CA VAL O 66 -4.25 33.79 -15.66
C VAL O 66 -3.68 35.00 -16.34
N GLY O 67 -4.51 35.65 -17.14
CA GLY O 67 -4.02 36.70 -18.03
C GLY O 67 -3.70 38.02 -17.36
N ARG O 68 -2.89 38.83 -18.05
CA ARG O 68 -2.67 40.21 -17.65
C ARG O 68 -3.89 41.06 -17.97
N CYS O 69 -4.02 42.19 -17.29
CA CYS O 69 -5.07 43.16 -17.58
C CYS O 69 -4.76 44.50 -16.94
N ALA O 70 -5.04 45.57 -17.69
CA ALA O 70 -4.75 46.92 -17.21
C ALA O 70 -5.46 47.23 -15.90
N GLN O 71 -6.62 46.61 -15.68
CA GLN O 71 -7.42 46.87 -14.49
C GLN O 71 -6.74 46.45 -13.18
N ALA O 72 -5.82 45.51 -13.27
CA ALA O 72 -5.03 45.04 -12.12
C ALA O 72 -4.05 46.06 -11.55
N LYS O 73 -3.63 47.02 -12.38
CA LYS O 73 -2.69 48.06 -11.96
C LYS O 73 -3.19 48.85 -10.77
N GLN O 74 -4.51 49.00 -10.66
CA GLN O 74 -5.13 49.55 -9.45
C GLN O 74 -4.70 48.79 -8.19
N TRP O 75 -4.58 47.48 -8.30
CA TRP O 75 -4.24 46.62 -7.16
C TRP O 75 -2.76 46.45 -6.89
N GLY O 76 -1.91 46.91 -7.82
CA GLY O 76 -0.48 46.62 -7.75
C GLY O 76 -0.32 45.13 -8.01
N TRP O 77 -0.50 44.75 -9.27
CA TRP O 77 -0.46 43.37 -9.71
C TRP O 77 -0.61 43.34 -11.22
N THR O 78 -0.14 42.28 -11.87
CA THR O 78 -0.23 42.16 -13.33
C THR O 78 -1.39 41.29 -13.76
N GLN O 79 -1.57 40.17 -13.06
CA GLN O 79 -2.73 39.29 -13.31
C GLN O 79 -4.03 39.90 -12.83
N GLY O 80 -5.13 39.36 -13.34
CA GLY O 80 -6.45 39.82 -12.96
C GLY O 80 -7.56 39.39 -13.88
N ARG O 81 -8.70 39.05 -13.27
CA ARG O 81 -9.83 38.50 -13.97
C ARG O 81 -11.13 39.03 -13.43
N TRP O 82 -12.23 38.61 -14.05
CA TRP O 82 -13.53 39.13 -13.73
C TRP O 82 -14.48 38.02 -13.31
N PRO O 83 -14.10 37.23 -12.29
CA PRO O 83 -14.86 36.04 -11.95
C PRO O 83 -16.29 36.35 -11.50
N LYS O 84 -17.27 35.99 -12.33
CA LYS O 84 -18.63 36.50 -12.22
C LYS O 84 -19.44 35.71 -11.21
N LYS O 85 -19.46 34.38 -11.38
CA LYS O 85 -20.03 33.46 -10.41
C LYS O 85 -19.58 33.70 -8.97
N SER O 86 -18.29 34.01 -8.79
CA SER O 86 -17.77 34.30 -7.46
C SER O 86 -18.34 35.60 -6.93
N ALA O 87 -18.40 36.62 -7.78
CA ALA O 87 -19.01 37.88 -7.37
C ALA O 87 -20.51 37.74 -7.10
N GLU O 88 -21.22 36.94 -7.89
CA GLU O 88 -22.63 36.68 -7.64
C GLU O 88 -22.89 35.86 -6.36
N PHE O 89 -21.89 35.11 -5.92
CA PHE O 89 -22.00 34.27 -4.71
C PHE O 89 -21.51 34.91 -3.43
N LEU O 90 -20.67 35.92 -3.53
CA LEU O 90 -20.44 36.79 -2.39
C LEU O 90 -20.88 38.23 -2.68
N LEU O 91 -22.01 38.32 -3.39
CA LEU O 91 -22.92 39.45 -3.28
C LEU O 91 -24.20 38.98 -2.60
N HIS O 92 -24.55 37.70 -2.75
CA HIS O 92 -25.61 37.10 -1.93
C HIS O 92 -25.23 37.04 -0.47
N MET O 93 -24.00 36.64 -0.20
CA MET O 93 -23.56 36.50 1.20
C MET O 93 -23.53 37.84 1.92
N LEU O 94 -22.96 38.85 1.26
CA LEU O 94 -23.03 40.22 1.75
C LEU O 94 -24.46 40.66 2.05
N LYS O 95 -25.37 40.35 1.12
CA LYS O 95 -26.78 40.64 1.31
C LYS O 95 -27.30 40.07 2.63
N ASN O 96 -26.92 38.83 2.93
CA ASN O 96 -27.37 38.15 4.13
C ASN O 96 -26.81 38.74 5.42
N ALA O 97 -25.52 39.04 5.42
CA ALA O 97 -24.90 39.66 6.60
C ALA O 97 -25.45 41.06 6.83
N GLU O 98 -25.69 41.80 5.75
CA GLU O 98 -26.40 43.08 5.80
C GLU O 98 -27.80 42.89 6.37
N SER O 99 -28.47 41.82 5.93
CA SER O 99 -29.77 41.42 6.49
C SER O 99 -29.71 41.31 8.01
N ASN O 100 -28.72 40.56 8.49
CA ASN O 100 -28.63 40.26 9.90
C ASN O 100 -28.22 41.47 10.74
N ALA O 101 -27.41 42.36 10.19
CA ALA O 101 -27.11 43.63 10.87
C ALA O 101 -28.40 44.40 11.10
N GLU O 102 -29.17 44.55 10.03
CA GLU O 102 -30.48 45.22 10.06
C GLU O 102 -31.42 44.60 11.10
N LEU O 103 -31.39 43.27 11.19
CA LEU O 103 -32.15 42.52 12.17
C LEU O 103 -31.62 42.75 13.59
N LYS O 104 -30.29 42.68 13.73
CA LYS O 104 -29.62 42.90 15.02
C LYS O 104 -29.79 44.34 15.51
N GLY O 105 -29.86 45.27 14.56
CA GLY O 105 -29.96 46.69 14.86
C GLY O 105 -28.60 47.34 14.91
N LEU O 106 -27.84 47.18 13.82
CA LEU O 106 -26.60 47.91 13.61
C LEU O 106 -26.79 48.90 12.47
N ASP O 107 -25.95 49.92 12.43
CA ASP O 107 -25.93 50.83 11.29
C ASP O 107 -25.28 50.07 10.13
N VAL O 108 -26.05 49.87 9.08
CA VAL O 108 -25.66 48.98 7.98
C VAL O 108 -24.52 49.58 7.19
N ASP O 109 -24.61 50.87 6.87
CA ASP O 109 -23.52 51.58 6.20
C ASP O 109 -22.52 52.21 7.20
N SER O 110 -22.24 51.47 8.28
CA SER O 110 -20.99 51.57 9.02
C SER O 110 -20.20 50.24 8.99
N LEU O 111 -20.75 49.22 8.35
CA LEU O 111 -20.23 47.86 8.44
C LEU O 111 -18.99 47.66 7.57
N VAL O 112 -17.90 47.24 8.22
CA VAL O 112 -16.69 46.82 7.51
C VAL O 112 -16.68 45.30 7.48
N ILE O 113 -16.31 44.75 6.32
CA ILE O 113 -16.06 43.31 6.17
C ILE O 113 -14.73 42.94 6.82
N GLU O 114 -14.82 42.63 8.11
CA GLU O 114 -13.67 42.42 8.98
C GLU O 114 -12.98 41.08 8.74
N HIS O 115 -13.76 40.06 8.40
CA HIS O 115 -13.24 38.71 8.23
C HIS O 115 -14.04 37.99 7.17
N ILE O 116 -13.33 37.39 6.22
CA ILE O 116 -13.95 36.57 5.19
C ILE O 116 -12.97 35.48 4.80
N GLN O 117 -13.49 34.30 4.51
CA GLN O 117 -12.65 33.12 4.41
C GLN O 117 -13.30 32.04 3.56
N VAL O 118 -12.60 31.65 2.50
CA VAL O 118 -13.06 30.61 1.61
C VAL O 118 -12.31 29.32 1.93
N ASN O 119 -13.07 28.32 2.37
CA ASN O 119 -12.59 26.96 2.55
C ASN O 119 -12.97 26.12 1.34
N LYS O 120 -12.22 25.04 1.11
CA LYS O 120 -12.65 24.01 0.16
C LYS O 120 -13.71 23.15 0.81
N ALA O 121 -14.69 22.76 0.01
CA ALA O 121 -15.78 21.90 0.44
C ALA O 121 -15.53 20.55 -0.19
N PRO O 122 -16.14 19.48 0.34
CA PRO O 122 -15.90 18.17 -0.24
C PRO O 122 -16.21 18.20 -1.72
N LYS O 123 -15.42 17.48 -2.50
CA LYS O 123 -15.54 17.53 -3.94
C LYS O 123 -16.68 16.70 -4.46
N MET O 124 -17.26 17.15 -5.57
CA MET O 124 -18.17 16.34 -6.35
C MET O 124 -17.30 15.51 -7.29
N ARG O 125 -17.90 14.58 -8.01
CA ARG O 125 -17.22 13.94 -9.13
C ARG O 125 -18.18 13.47 -10.19
N ARG O 126 -17.91 13.90 -11.42
CA ARG O 126 -18.47 13.24 -12.59
C ARG O 126 -17.31 12.95 -13.53
N ARG O 127 -17.53 12.09 -14.51
CA ARG O 127 -16.44 11.50 -15.29
C ARG O 127 -16.25 12.15 -16.65
N THR O 128 -15.06 11.98 -17.20
CA THR O 128 -14.78 12.35 -18.58
C THR O 128 -14.12 11.18 -19.32
N TYR O 129 -14.68 10.91 -20.48
CA TYR O 129 -14.30 9.78 -21.29
C TYR O 129 -13.11 10.20 -22.12
N ARG O 130 -12.05 9.40 -22.10
CA ARG O 130 -10.78 9.75 -22.73
C ARG O 130 -10.24 8.72 -23.69
N ALA O 131 -9.25 9.16 -24.47
CA ALA O 131 -8.68 8.37 -25.54
C ALA O 131 -8.16 7.03 -25.05
N HIS O 132 -8.30 6.02 -25.92
CA HIS O 132 -7.95 4.63 -25.66
C HIS O 132 -8.74 4.06 -24.51
N GLY O 133 -10.01 4.43 -24.44
CA GLY O 133 -10.91 3.94 -23.41
C GLY O 133 -10.31 4.07 -22.03
N ARG O 134 -9.96 5.29 -21.67
CA ARG O 134 -9.59 5.63 -20.32
C ARG O 134 -10.66 6.54 -19.78
N ILE O 135 -10.93 6.44 -18.49
CA ILE O 135 -11.96 7.25 -17.87
C ILE O 135 -11.36 8.04 -16.71
N ASN O 136 -11.24 9.35 -16.91
CA ASN O 136 -10.67 10.24 -15.91
C ASN O 136 -11.72 11.02 -15.16
N PRO O 137 -11.36 11.52 -13.97
CA PRO O 137 -12.30 12.31 -13.18
C PRO O 137 -12.54 13.69 -13.77
N TYR O 138 -13.66 14.30 -13.39
CA TYR O 138 -14.05 15.61 -13.88
C TYR O 138 -14.82 16.27 -12.76
N MET O 139 -14.07 16.73 -11.78
CA MET O 139 -14.59 17.02 -10.45
C MET O 139 -14.70 18.49 -10.13
N SER O 140 -15.86 18.91 -9.62
CA SER O 140 -16.00 20.25 -9.08
C SER O 140 -15.22 20.37 -7.80
N SER O 141 -14.76 21.59 -7.53
CA SER O 141 -14.00 21.92 -6.33
C SER O 141 -14.73 23.04 -5.62
N PRO O 142 -15.92 22.74 -5.07
CA PRO O 142 -16.75 23.74 -4.43
C PRO O 142 -16.16 24.22 -3.11
N CYS O 143 -16.78 25.26 -2.55
CA CYS O 143 -16.19 26.01 -1.45
C CYS O 143 -17.21 26.35 -0.36
N HIS O 144 -16.77 26.33 0.89
CA HIS O 144 -17.55 26.93 1.96
C HIS O 144 -17.07 28.36 2.08
N ILE O 145 -17.98 29.32 2.07
CA ILE O 145 -17.64 30.71 2.40
C ILE O 145 -18.24 31.03 3.75
N GLU O 146 -17.57 31.93 4.47
CA GLU O 146 -18.11 32.51 5.69
C GLU O 146 -17.45 33.83 5.96
N MET O 147 -18.19 34.74 6.61
CA MET O 147 -17.71 36.09 6.88
C MET O 147 -18.40 36.79 8.04
N ILE O 148 -17.75 37.86 8.48
CA ILE O 148 -18.13 38.63 9.64
C ILE O 148 -17.97 40.12 9.34
N LEU O 149 -19.05 40.90 9.46
CA LEU O 149 -18.96 42.34 9.37
C LEU O 149 -18.95 42.98 10.77
N THR O 150 -18.63 44.28 10.83
CA THR O 150 -18.47 45.02 12.10
C THR O 150 -18.74 46.52 11.94
N GLU O 151 -19.40 47.13 12.92
CA GLU O 151 -19.62 48.59 12.94
C GLU O 151 -18.32 49.36 13.13
N LYS O 152 -17.81 49.96 12.06
CA LYS O 152 -16.61 50.80 12.12
C LYS O 152 -16.78 52.03 11.23
N GLU O 153 -17.03 53.19 11.85
CA GLU O 153 -17.11 54.47 11.15
C GLU O 153 -16.82 55.63 12.11
N GLY P 1 46.49 5.93 19.47
CA GLY P 1 46.15 4.54 19.03
C GLY P 1 47.13 3.54 19.59
N VAL P 2 46.61 2.42 20.07
CA VAL P 2 47.40 1.40 20.73
C VAL P 2 47.19 0.08 20.01
N ASP P 3 48.23 -0.74 19.92
CA ASP P 3 48.06 -2.10 19.39
C ASP P 3 47.98 -3.13 20.49
N ILE P 4 46.75 -3.56 20.73
CA ILE P 4 46.45 -4.78 21.44
C ILE P 4 45.31 -5.37 20.62
N ARG P 5 45.21 -6.70 20.61
CA ARG P 5 43.98 -7.33 20.16
C ARG P 5 43.04 -7.40 21.36
N HIS P 6 41.80 -6.98 21.14
CA HIS P 6 40.78 -7.00 22.17
C HIS P 6 39.99 -8.28 22.04
N ASN P 7 40.65 -9.31 21.52
CA ASN P 7 39.99 -10.45 20.95
C ASN P 7 39.64 -11.43 22.05
N LYS P 8 40.62 -11.65 22.93
CA LYS P 8 40.47 -12.54 24.06
C LYS P 8 40.72 -11.79 25.37
N ASP P 9 40.19 -10.57 25.43
CA ASP P 9 40.27 -9.73 26.62
C ASP P 9 39.22 -10.14 27.67
N ARG P 10 38.04 -10.57 27.21
CA ARG P 10 36.97 -11.03 28.09
C ARG P 10 37.09 -12.52 28.35
N LYS P 11 37.35 -12.87 29.60
CA LYS P 11 37.41 -14.28 30.02
C LYS P 11 35.99 -14.80 30.16
N VAL P 12 35.77 -16.04 29.77
CA VAL P 12 34.41 -16.57 29.59
C VAL P 12 33.89 -17.47 30.69
N ARG P 13 34.75 -17.89 31.60
CA ARG P 13 34.34 -18.51 32.88
C ARG P 13 33.05 -17.99 33.50
N ARG P 14 32.35 -18.88 34.18
CA ARG P 14 31.18 -18.51 34.96
C ARG P 14 31.56 -17.78 36.23
N LYS P 15 30.59 -17.02 36.75
CA LYS P 15 30.74 -16.24 37.97
C LYS P 15 29.80 -16.74 39.05
N GLU P 16 28.52 -16.86 38.71
CA GLU P 16 27.48 -17.41 39.58
C GLU P 16 26.97 -18.67 38.91
N PRO P 17 26.11 -19.45 39.62
CA PRO P 17 25.46 -20.53 38.89
C PRO P 17 24.36 -19.97 38.00
N LYS P 18 24.10 -20.63 36.88
CA LYS P 18 23.07 -20.18 35.94
C LYS P 18 21.69 -20.56 36.45
N SER P 19 21.63 -21.58 37.29
CA SER P 19 20.40 -21.97 37.96
C SER P 19 19.87 -20.87 38.88
N GLN P 20 18.55 -20.85 39.05
CA GLN P 20 17.89 -19.89 39.91
C GLN P 20 17.46 -20.49 41.25
N ASP P 21 17.67 -21.78 41.45
CA ASP P 21 17.21 -22.44 42.68
C ASP P 21 17.88 -21.86 43.93
N ILE P 22 17.08 -21.79 44.98
CA ILE P 22 17.39 -20.95 46.13
C ILE P 22 18.30 -21.62 47.13
N TYR P 23 18.24 -22.95 47.23
CA TYR P 23 19.09 -23.68 48.17
C TYR P 23 20.52 -23.74 47.70
N LEU P 24 20.72 -24.03 46.43
CA LEU P 24 22.04 -23.94 45.87
C LEU P 24 22.59 -22.52 46.03
N ARG P 25 21.78 -21.52 45.70
CA ARG P 25 22.25 -20.15 45.82
C ARG P 25 22.67 -19.77 47.24
N LEU P 26 22.03 -20.34 48.25
CA LEU P 26 22.50 -20.15 49.64
C LEU P 26 23.86 -20.77 49.85
N LEU P 27 24.07 -22.00 49.37
CA LEU P 27 25.39 -22.63 49.43
C LEU P 27 26.45 -21.74 48.79
N VAL P 28 26.10 -21.14 47.66
CA VAL P 28 26.99 -20.23 46.97
C VAL P 28 27.32 -19.03 47.85
N LYS P 29 26.32 -18.44 48.51
CA LYS P 29 26.56 -17.31 49.43
C LYS P 29 27.51 -17.69 50.55
N LEU P 30 27.34 -18.91 51.07
CA LEU P 30 28.20 -19.44 52.12
C LEU P 30 29.61 -19.65 51.59
N TYR P 31 29.74 -20.39 50.50
CA TYR P 31 31.08 -20.68 49.97
C TYR P 31 31.81 -19.54 49.28
N ARG P 32 31.09 -18.53 48.78
CA ARG P 32 31.73 -17.27 48.38
C ARG P 32 32.47 -16.69 49.55
N PHE P 33 31.76 -16.57 50.66
CA PHE P 33 32.31 -15.99 51.87
C PHE P 33 33.54 -16.75 52.34
N LEU P 34 33.39 -18.06 52.49
CA LEU P 34 34.49 -18.91 52.92
C LEU P 34 35.62 -18.84 51.93
N ALA P 35 35.32 -19.01 50.65
CA ALA P 35 36.34 -18.86 49.62
C ALA P 35 37.17 -17.63 49.87
N ARG P 36 36.52 -16.48 50.08
CA ARG P 36 37.27 -15.22 50.13
C ARG P 36 38.02 -15.03 51.44
N ARG P 37 37.42 -15.49 52.54
CA ARG P 37 37.95 -15.20 53.87
C ARG P 37 38.87 -16.28 54.43
N THR P 38 38.74 -17.51 53.96
CA THR P 38 39.68 -18.56 54.33
C THR P 38 40.81 -18.53 53.35
N ASN P 39 41.93 -19.14 53.74
CA ASN P 39 43.03 -19.41 52.82
C ASN P 39 42.82 -20.69 52.02
N SER P 40 41.94 -21.55 52.49
CA SER P 40 41.68 -22.84 51.85
C SER P 40 41.32 -22.67 50.40
N THR P 41 42.04 -23.37 49.54
CA THR P 41 41.74 -23.43 48.13
C THR P 41 40.68 -24.50 47.87
N PHE P 42 40.47 -25.40 48.83
CA PHE P 42 39.32 -26.32 48.81
C PHE P 42 38.02 -25.59 48.61
N ASN P 43 37.84 -24.51 49.38
CA ASN P 43 36.65 -23.67 49.29
C ASN P 43 36.53 -23.05 47.91
N GLN P 44 37.64 -22.58 47.37
CA GLN P 44 37.66 -22.05 46.02
C GLN P 44 37.25 -23.09 44.99
N VAL P 45 37.83 -24.27 45.05
CA VAL P 45 37.48 -25.33 44.10
C VAL P 45 36.00 -25.70 44.20
N VAL P 46 35.56 -25.97 45.41
CA VAL P 46 34.13 -26.21 45.69
C VAL P 46 33.27 -25.06 45.14
N LEU P 47 33.65 -23.82 45.44
CA LEU P 47 32.88 -22.67 44.98
C LEU P 47 32.76 -22.66 43.47
N LYS P 48 33.89 -22.82 42.80
CA LYS P 48 33.95 -22.94 41.34
C LYS P 48 32.96 -23.98 40.79
N ARG P 49 32.92 -25.14 41.44
CA ARG P 49 32.06 -26.24 41.00
C ARG P 49 30.58 -26.02 41.23
N LEU P 50 30.22 -25.21 42.20
CA LEU P 50 28.80 -24.90 42.41
C LEU P 50 28.19 -24.11 41.26
N PHE P 51 29.02 -23.37 40.51
CA PHE P 51 28.55 -22.62 39.34
C PHE P 51 28.40 -23.47 38.07
N MET P 52 28.92 -24.70 38.06
CA MET P 52 28.99 -25.50 36.84
C MET P 52 27.67 -26.14 36.46
N SER P 53 27.60 -26.57 35.20
CA SER P 53 26.42 -27.22 34.63
C SER P 53 26.31 -28.66 35.06
N ARG P 54 25.08 -29.18 34.96
CA ARG P 54 24.79 -30.61 35.15
C ARG P 54 25.84 -31.45 34.43
N THR P 55 25.97 -31.26 33.12
CA THR P 55 26.97 -31.96 32.33
C THR P 55 28.29 -31.94 33.06
N ASN P 56 28.68 -30.73 33.43
CA ASN P 56 30.00 -30.46 33.97
C ASN P 56 30.27 -30.96 35.37
N ARG P 57 29.22 -31.34 36.11
CA ARG P 57 29.40 -32.05 37.38
C ARG P 57 28.71 -33.41 37.31
N PRO P 58 29.40 -34.39 36.70
CA PRO P 58 28.85 -35.73 36.51
C PRO P 58 28.71 -36.53 37.79
N PRO P 59 27.79 -37.52 37.77
CA PRO P 59 27.51 -38.33 38.94
C PRO P 59 28.67 -39.23 39.28
N LEU P 60 28.88 -39.40 40.58
CA LEU P 60 29.97 -40.19 41.09
C LEU P 60 29.36 -41.46 41.63
N SER P 61 29.70 -42.59 41.03
CA SER P 61 29.11 -43.86 41.45
C SER P 61 29.67 -44.30 42.78
N LEU P 62 28.91 -45.12 43.50
CA LEU P 62 29.31 -45.56 44.82
C LEU P 62 30.61 -46.35 44.73
N SER P 63 30.72 -47.21 43.72
CA SER P 63 31.92 -48.01 43.53
C SER P 63 33.13 -47.15 43.25
N ARG P 64 32.95 -46.07 42.51
CA ARG P 64 34.06 -45.17 42.24
C ARG P 64 34.49 -44.45 43.51
N MET P 65 33.51 -44.09 44.34
CA MET P 65 33.78 -43.47 45.63
C MET P 65 34.42 -44.46 46.62
N ILE P 66 34.06 -45.74 46.54
CA ILE P 66 34.69 -46.76 47.36
C ILE P 66 36.16 -46.78 47.00
N ARG P 67 36.46 -47.12 45.75
CA ARG P 67 37.83 -47.44 45.36
C ARG P 67 38.80 -46.27 45.56
N LYS P 68 38.32 -45.05 45.30
CA LYS P 68 39.09 -43.84 45.58
C LYS P 68 39.41 -43.63 47.06
N MET P 69 38.57 -44.13 47.96
CA MET P 69 38.88 -44.10 49.39
C MET P 69 39.59 -45.36 49.87
N LYS P 70 39.48 -46.45 49.12
CA LYS P 70 40.30 -47.65 49.35
C LYS P 70 41.80 -47.38 49.20
N LEU P 71 42.14 -46.42 48.35
CA LEU P 71 43.54 -46.00 48.15
C LEU P 71 44.27 -45.75 49.47
N PRO P 72 45.56 -46.08 49.51
CA PRO P 72 46.31 -46.18 50.76
C PRO P 72 46.57 -44.83 51.43
N GLY P 73 45.99 -44.63 52.61
CA GLY P 73 46.32 -43.49 53.44
C GLY P 73 45.18 -42.53 53.70
N ARG P 74 44.24 -42.42 52.77
CA ARG P 74 43.12 -41.49 52.91
C ARG P 74 41.96 -42.15 53.69
N GLU P 75 42.31 -42.52 54.92
CA GLU P 75 41.54 -43.41 55.76
C GLU P 75 41.12 -42.60 56.99
N GLY P 76 39.83 -42.64 57.33
CA GLY P 76 39.30 -41.75 58.35
C GLY P 76 39.33 -40.34 57.80
N LYS P 77 38.57 -40.14 56.72
CA LYS P 77 38.53 -38.89 55.98
C LYS P 77 37.07 -38.59 55.61
N THR P 78 36.82 -37.56 54.83
CA THR P 78 35.51 -37.38 54.17
C THR P 78 35.67 -37.14 52.67
N ALA P 79 34.94 -37.93 51.90
CA ALA P 79 34.85 -37.75 50.46
C ALA P 79 33.84 -36.64 50.18
N VAL P 80 34.17 -35.80 49.20
CA VAL P 80 33.33 -34.69 48.80
C VAL P 80 33.12 -34.75 47.29
N VAL P 81 31.92 -34.36 46.87
CA VAL P 81 31.46 -34.50 45.51
C VAL P 81 30.42 -33.42 45.31
N VAL P 82 30.71 -32.44 44.47
CA VAL P 82 29.71 -31.39 44.21
C VAL P 82 28.52 -31.97 43.38
N GLY P 83 28.73 -33.08 42.68
CA GLY P 83 27.64 -33.76 41.97
C GLY P 83 26.75 -34.61 42.86
N THR P 84 26.26 -35.72 42.30
CA THR P 84 25.46 -36.70 43.07
C THR P 84 26.19 -38.02 43.22
N ILE P 85 25.84 -38.70 44.31
CA ILE P 85 26.35 -40.00 44.62
C ILE P 85 25.28 -40.97 44.12
N THR P 86 25.66 -41.87 43.24
CA THR P 86 24.73 -42.92 42.79
C THR P 86 25.14 -44.27 43.30
N ASP P 87 24.22 -45.21 43.19
CA ASP P 87 24.46 -46.59 43.57
C ASP P 87 25.33 -47.26 42.54
N ASP P 88 25.95 -48.35 42.99
CA ASP P 88 26.44 -49.36 42.08
C ASP P 88 25.83 -50.65 42.54
N VAL P 89 25.04 -51.25 41.66
CA VAL P 89 24.46 -52.56 41.93
C VAL P 89 25.53 -53.63 41.79
N ARG P 90 26.55 -53.33 40.96
CA ARG P 90 27.71 -54.19 40.79
C ARG P 90 28.86 -53.86 41.77
N VAL P 91 28.50 -53.40 42.97
CA VAL P 91 29.33 -53.56 44.15
C VAL P 91 28.44 -54.00 45.30
N GLN P 92 28.97 -54.80 46.21
CA GLN P 92 28.16 -55.42 47.27
C GLN P 92 28.52 -54.85 48.64
N GLU P 93 29.73 -55.14 49.10
CA GLU P 93 30.17 -54.70 50.43
C GLU P 93 30.57 -53.23 50.39
N VAL P 94 29.88 -52.42 51.17
CA VAL P 94 30.10 -50.96 51.21
C VAL P 94 30.66 -50.60 52.57
N PRO P 95 31.95 -50.20 52.64
CA PRO P 95 32.55 -49.71 53.87
C PRO P 95 31.83 -48.50 54.43
N LYS P 96 32.06 -48.20 55.70
CA LYS P 96 31.41 -47.06 56.35
C LYS P 96 32.18 -45.79 55.98
N LEU P 97 31.49 -44.89 55.29
CA LEU P 97 32.10 -43.75 54.66
C LEU P 97 31.67 -42.46 55.33
N LYS P 98 32.39 -41.40 55.00
CA LYS P 98 31.91 -40.06 55.24
C LYS P 98 31.88 -39.40 53.88
N VAL P 99 30.80 -38.66 53.64
CA VAL P 99 30.42 -38.21 52.31
C VAL P 99 29.86 -36.78 52.40
N CYS P 100 30.22 -35.94 51.44
CA CYS P 100 29.44 -34.73 51.12
C CYS P 100 28.93 -34.80 49.71
N ALA P 101 27.69 -34.38 49.52
CA ALA P 101 27.13 -34.28 48.20
C ALA P 101 25.97 -33.32 48.13
N LEU P 102 25.80 -32.71 46.96
CA LEU P 102 24.63 -31.91 46.69
C LEU P 102 23.43 -32.85 46.61
N ARG P 103 23.61 -34.03 46.02
CA ARG P 103 22.57 -35.06 46.06
C ARG P 103 23.13 -36.45 46.33
N VAL P 104 22.32 -37.32 46.93
CA VAL P 104 22.62 -38.75 46.95
C VAL P 104 21.33 -39.50 46.66
N SER P 105 21.36 -40.40 45.68
CA SER P 105 20.14 -41.13 45.29
C SER P 105 19.68 -42.05 46.41
N SER P 106 18.36 -42.27 46.49
CA SER P 106 17.72 -42.99 47.60
C SER P 106 18.32 -44.37 47.93
N ARG P 107 18.70 -45.11 46.90
CA ARG P 107 19.42 -46.38 47.08
C ARG P 107 20.76 -46.12 47.73
N ALA P 108 21.57 -45.31 47.06
CA ALA P 108 22.91 -44.95 47.52
C ALA P 108 22.89 -44.41 48.94
N ARG P 109 21.83 -43.70 49.28
CA ARG P 109 21.63 -43.22 50.63
C ARG P 109 21.46 -44.39 51.60
N SER P 110 20.57 -45.32 51.28
CA SER P 110 20.33 -46.47 52.15
C SER P 110 21.61 -47.26 52.39
N ARG P 111 22.19 -47.79 51.32
CA ARG P 111 23.45 -48.55 51.37
C ARG P 111 24.51 -47.91 52.25
N ILE P 112 24.71 -46.61 52.13
CA ILE P 112 25.75 -45.93 52.89
C ILE P 112 25.38 -45.91 54.36
N LEU P 113 24.16 -45.50 54.66
CA LEU P 113 23.72 -45.37 56.06
C LEU P 113 23.64 -46.72 56.75
N LYS P 114 23.19 -47.75 56.03
CA LYS P 114 23.20 -49.13 56.56
C LYS P 114 24.59 -49.57 56.99
N ALA P 115 25.60 -49.13 56.25
CA ALA P 115 27.00 -49.45 56.58
C ALA P 115 27.53 -48.79 57.85
N GLY P 116 26.79 -47.82 58.38
CA GLY P 116 27.29 -46.95 59.44
C GLY P 116 27.92 -45.69 58.89
N GLY P 117 27.58 -45.38 57.63
CA GLY P 117 28.10 -44.19 56.97
C GLY P 117 27.37 -42.95 57.44
N LYS P 118 28.07 -41.83 57.37
CA LYS P 118 27.48 -40.52 57.62
C LYS P 118 27.38 -39.82 56.29
N ILE P 119 26.25 -39.15 56.07
CA ILE P 119 26.03 -38.32 54.89
C ILE P 119 25.97 -36.87 55.38
N LEU P 120 26.62 -35.98 54.65
CA LEU P 120 26.63 -34.56 54.98
C LEU P 120 26.11 -33.70 53.83
N THR P 121 25.46 -32.60 54.18
CA THR P 121 25.19 -31.52 53.23
C THR P 121 26.38 -30.56 53.25
N PHE P 122 26.40 -29.60 52.33
CA PHE P 122 27.54 -28.70 52.17
C PHE P 122 27.61 -27.58 53.20
N ASP P 123 26.45 -27.11 53.64
CA ASP P 123 26.38 -26.27 54.84
C ASP P 123 26.97 -27.00 56.06
N GLN P 124 26.69 -28.30 56.18
CA GLN P 124 27.21 -29.12 57.28
C GLN P 124 28.72 -29.32 57.19
N LEU P 125 29.23 -29.50 55.97
CA LEU P 125 30.67 -29.66 55.75
C LEU P 125 31.45 -28.43 56.21
N ALA P 126 30.89 -27.26 55.96
CA ALA P 126 31.54 -26.00 56.30
C ALA P 126 31.75 -25.87 57.80
N LEU P 127 30.70 -26.12 58.57
CA LEU P 127 30.79 -26.09 60.04
C LEU P 127 31.76 -27.16 60.53
N ASP P 128 31.67 -28.34 59.92
CA ASP P 128 32.57 -29.46 60.21
C ASP P 128 34.04 -29.16 59.86
N SER P 129 34.27 -28.43 58.77
CA SER P 129 35.62 -28.12 58.30
C SER P 129 35.61 -26.96 57.32
N PRO P 130 35.71 -25.71 57.82
CA PRO P 130 35.59 -24.54 56.96
C PRO P 130 36.77 -24.31 56.01
N LYS P 131 37.92 -24.91 56.31
CA LYS P 131 39.09 -24.83 55.44
C LYS P 131 39.35 -26.13 54.68
N GLY P 132 38.33 -26.99 54.60
CA GLY P 132 38.40 -28.21 53.82
C GLY P 132 39.41 -29.21 54.31
N CYS P 133 39.72 -29.17 55.60
CA CYS P 133 40.81 -29.96 56.15
C CYS P 133 40.37 -31.40 56.36
N GLY P 134 41.11 -32.33 55.76
CA GLY P 134 40.88 -33.76 55.90
C GLY P 134 39.74 -34.20 55.00
N THR P 135 39.82 -33.80 53.73
CA THR P 135 38.80 -34.08 52.75
C THR P 135 39.44 -34.75 51.56
N VAL P 136 38.63 -35.53 50.86
CA VAL P 136 39.01 -36.10 49.58
C VAL P 136 38.03 -35.49 48.60
N LEU P 137 38.52 -34.60 47.75
CA LEU P 137 37.68 -33.97 46.75
C LEU P 137 37.73 -34.81 45.48
N LEU P 138 36.64 -35.50 45.19
CA LEU P 138 36.56 -36.36 44.02
C LEU P 138 35.79 -35.67 42.91
N SER P 139 35.71 -36.35 41.78
CA SER P 139 34.82 -35.93 40.73
C SER P 139 34.39 -37.14 39.94
N GLY P 140 33.19 -37.05 39.36
CA GLY P 140 32.72 -38.03 38.40
C GLY P 140 33.49 -37.89 37.09
N PRO P 141 33.49 -38.96 36.29
CA PRO P 141 34.18 -38.94 35.01
C PRO P 141 33.50 -37.96 34.07
N ARG P 142 34.20 -36.87 33.78
CA ARG P 142 33.66 -35.82 32.93
C ARG P 142 33.29 -36.34 31.55
N LYS P 143 34.18 -37.15 30.99
CA LYS P 143 34.01 -37.71 29.64
C LYS P 143 33.31 -39.07 29.71
N GLY P 144 32.17 -39.11 30.40
CA GLY P 144 31.32 -40.28 30.43
C GLY P 144 30.26 -40.23 29.35
N ARG P 145 29.65 -39.05 29.23
CA ARG P 145 28.54 -38.78 28.31
C ARG P 145 28.77 -39.39 26.93
N GLU P 146 27.75 -40.05 26.39
CA GLU P 146 27.88 -40.71 25.08
C GLU P 146 28.20 -39.68 24.01
N VAL P 147 27.73 -38.46 24.23
CA VAL P 147 28.14 -37.27 23.50
C VAL P 147 29.56 -37.31 22.94
N TYR P 148 30.53 -37.53 23.84
CA TYR P 148 31.95 -37.46 23.49
C TYR P 148 32.41 -38.46 22.42
N ARG P 149 31.70 -39.58 22.30
CA ARG P 149 32.01 -40.56 21.26
C ARG P 149 31.77 -40.06 19.84
N HIS P 150 31.02 -38.98 19.68
CA HIS P 150 30.93 -38.34 18.37
C HIS P 150 31.96 -37.25 18.16
N PHE P 151 32.59 -36.80 19.25
CA PHE P 151 33.61 -35.76 19.15
C PHE P 151 34.97 -36.30 18.74
N GLY P 152 35.70 -35.46 18.00
CA GLY P 152 37.06 -35.75 17.56
C GLY P 152 37.23 -35.70 16.05
N LYS P 153 38.34 -36.24 15.60
CA LYS P 153 38.63 -36.41 14.18
C LYS P 153 37.47 -37.18 13.57
N ALA P 154 36.90 -36.64 12.50
CA ALA P 154 35.61 -37.12 12.00
C ALA P 154 35.68 -38.57 11.54
N PRO P 155 34.53 -39.24 11.49
CA PRO P 155 34.50 -40.57 10.90
C PRO P 155 34.77 -40.48 9.42
N GLY P 156 35.44 -41.49 8.88
CA GLY P 156 35.91 -41.42 7.50
C GLY P 156 37.06 -40.44 7.37
N THR P 157 37.97 -40.51 8.34
CA THR P 157 39.17 -39.72 8.37
C THR P 157 40.20 -40.65 9.00
N PRO P 158 41.17 -41.12 8.22
CA PRO P 158 41.93 -42.32 8.60
C PRO P 158 42.47 -42.28 10.03
N HIS P 159 42.30 -43.38 10.75
CA HIS P 159 42.64 -43.54 12.18
C HIS P 159 41.76 -42.75 13.14
N SER P 160 40.52 -42.50 12.76
CA SER P 160 39.53 -41.97 13.69
C SER P 160 38.66 -43.13 14.12
N HIS P 161 38.19 -43.07 15.35
CA HIS P 161 37.33 -44.10 15.90
C HIS P 161 36.18 -43.40 16.56
N THR P 162 35.50 -42.63 15.72
CA THR P 162 34.58 -41.61 16.17
C THR P 162 33.18 -41.99 15.71
N LYS P 163 32.30 -42.26 16.67
CA LYS P 163 30.96 -42.74 16.35
C LYS P 163 30.28 -41.73 15.43
N PRO P 164 29.77 -42.18 14.27
CA PRO P 164 28.96 -41.28 13.45
C PRO P 164 27.53 -41.21 13.95
N TYR P 165 26.91 -40.05 13.79
CA TYR P 165 25.49 -39.88 14.09
C TYR P 165 24.72 -40.59 13.00
N VAL P 166 24.07 -41.68 13.36
CA VAL P 166 23.39 -42.56 12.41
C VAL P 166 21.99 -42.82 12.94
N ARG P 167 21.01 -42.88 12.04
CA ARG P 167 19.61 -43.05 12.44
C ARG P 167 19.40 -44.35 13.22
N SER P 168 20.03 -45.42 12.76
CA SER P 168 19.88 -46.73 13.39
C SER P 168 21.01 -47.63 12.94
N LYS P 169 21.66 -48.35 13.86
CA LYS P 169 22.67 -49.32 13.44
C LYS P 169 22.01 -50.56 12.85
N GLY P 170 22.80 -51.30 12.09
CA GLY P 170 22.29 -52.42 11.29
C GLY P 170 23.08 -52.60 9.99
N ARG P 171 23.00 -53.81 9.45
CA ARG P 171 23.63 -54.20 8.19
C ARG P 171 23.72 -53.10 7.15
N LYS P 172 22.64 -52.35 6.98
CA LYS P 172 22.53 -51.41 5.88
C LYS P 172 22.28 -49.98 6.38
N PHE P 173 23.05 -49.59 7.39
CA PHE P 173 23.10 -48.21 7.81
C PHE P 173 24.57 -47.85 7.97
N GLU P 174 25.06 -47.13 6.96
CA GLU P 174 26.48 -47.00 6.68
C GLU P 174 27.10 -48.38 6.37
N ARG P 175 28.33 -48.64 6.83
CA ARG P 175 29.11 -49.84 6.46
C ARG P 175 29.12 -50.34 4.99
N ALA P 176 29.17 -49.40 4.04
CA ALA P 176 29.45 -49.69 2.62
C ALA P 176 30.66 -48.88 2.08
N ARG P 177 30.44 -47.91 1.17
CA ARG P 177 31.55 -47.28 0.43
C ARG P 177 32.34 -46.31 1.28
N GLY P 178 33.45 -46.80 1.83
CA GLY P 178 34.21 -46.04 2.79
C GLY P 178 34.38 -46.70 4.14
N ARG P 179 33.96 -47.96 4.26
CA ARG P 179 34.38 -48.79 5.40
C ARG P 179 34.93 -50.14 4.98
N ARG P 180 34.25 -50.80 4.04
CA ARG P 180 34.76 -52.02 3.44
C ARG P 180 35.88 -51.63 2.49
N ALA P 181 36.84 -52.52 2.31
CA ALA P 181 37.83 -52.36 1.24
C ALA P 181 37.18 -52.68 -0.11
N SER P 182 36.30 -53.68 -0.08
CA SER P 182 35.53 -54.13 -1.25
C SER P 182 34.72 -53.03 -1.93
N ARG P 183 34.32 -52.01 -1.17
CA ARG P 183 33.47 -50.96 -1.69
C ARG P 183 34.19 -49.61 -1.67
N GLY P 184 34.89 -49.34 -2.76
CA GLY P 184 35.64 -48.11 -2.90
C GLY P 184 36.96 -48.11 -2.16
N TYR P 185 36.89 -47.94 -0.84
CA TYR P 185 38.07 -47.62 -0.03
C TYR P 185 37.75 -47.75 1.45
N LYS P 186 38.76 -47.65 2.31
CA LYS P 186 38.49 -47.55 3.75
C LYS P 186 39.51 -46.74 4.57
N ASN P 187 39.02 -46.16 5.66
CA ASN P 187 39.76 -45.20 6.50
C ASN P 187 40.00 -45.76 7.92
N SER Q 1 -46.02 30.49 -23.73
CA SER Q 1 -45.31 29.86 -22.58
C SER Q 1 -44.59 28.58 -22.99
N MET Q 2 -45.36 27.63 -23.51
CA MET Q 2 -44.83 26.35 -24.01
C MET Q 2 -45.93 25.68 -24.83
N LEU Q 3 -45.71 25.55 -26.13
CA LEU Q 3 -46.73 25.09 -27.05
C LEU Q 3 -46.17 24.11 -28.04
N ARG Q 4 -45.27 23.23 -27.62
CA ARG Q 4 -44.75 22.21 -28.54
C ARG Q 4 -45.77 21.10 -28.73
N LEU Q 5 -46.55 20.82 -27.69
CA LEU Q 5 -47.67 19.89 -27.76
C LEU Q 5 -48.79 20.40 -28.70
N GLN Q 6 -49.15 21.66 -28.54
CA GLN Q 6 -50.22 22.25 -29.33
C GLN Q 6 -49.83 22.33 -30.79
N LYS Q 7 -48.55 22.50 -31.07
CA LYS Q 7 -48.10 22.49 -32.45
C LYS Q 7 -48.17 21.06 -33.02
N ARG Q 8 -47.80 20.06 -32.22
CA ARG Q 8 -47.88 18.65 -32.67
C ARG Q 8 -49.31 18.25 -33.01
N LEU Q 9 -50.21 18.39 -32.04
CA LEU Q 9 -51.63 18.08 -32.25
C LEU Q 9 -52.21 18.83 -33.45
N ALA Q 10 -51.94 20.14 -33.51
CA ALA Q 10 -52.38 21.00 -34.62
C ALA Q 10 -51.95 20.44 -35.96
N SER Q 11 -50.66 20.14 -36.06
CA SER Q 11 -50.08 19.51 -37.25
C SER Q 11 -50.81 18.24 -37.65
N SER Q 12 -51.04 17.37 -36.68
CA SER Q 12 -51.70 16.09 -36.92
C SER Q 12 -53.16 16.24 -37.32
N VAL Q 13 -53.81 17.30 -36.83
CA VAL Q 13 -55.20 17.56 -37.17
C VAL Q 13 -55.25 18.10 -38.60
N LEU Q 14 -54.45 19.13 -38.86
CA LEU Q 14 -54.35 19.72 -40.19
C LEU Q 14 -53.84 18.75 -41.26
N ARG Q 15 -53.04 17.77 -40.85
CA ARG Q 15 -52.38 16.81 -41.75
C ARG Q 15 -51.35 17.55 -42.62
N CYS Q 16 -50.63 18.46 -41.97
CA CYS Q 16 -49.52 19.19 -42.57
C CYS Q 16 -48.28 18.88 -41.74
N GLY Q 17 -47.21 19.64 -41.95
CA GLY Q 17 -45.91 19.32 -41.36
C GLY Q 17 -45.72 19.67 -39.90
N LYS Q 18 -46.12 20.88 -39.55
CA LYS Q 18 -45.74 21.62 -38.33
C LYS Q 18 -44.72 22.70 -38.68
N LYS Q 19 -44.12 22.60 -39.87
CA LYS Q 19 -43.73 23.80 -40.58
C LYS Q 19 -44.99 24.63 -40.81
N LYS Q 20 -46.00 23.97 -41.36
CA LYS Q 20 -47.21 24.64 -41.81
C LYS Q 20 -48.19 25.02 -40.71
N VAL Q 21 -48.00 24.52 -39.50
CA VAL Q 21 -48.80 24.99 -38.38
C VAL Q 21 -48.35 26.40 -38.00
N TRP Q 22 -49.32 27.30 -37.89
CA TRP Q 22 -49.08 28.64 -37.43
C TRP Q 22 -49.95 28.86 -36.19
N LEU Q 23 -49.32 29.13 -35.04
CA LEU Q 23 -50.05 29.46 -33.81
C LEU Q 23 -50.01 30.96 -33.62
N ASP Q 24 -51.15 31.61 -33.38
CA ASP Q 24 -51.17 33.07 -33.20
C ASP Q 24 -50.41 33.48 -31.93
N PRO Q 25 -49.32 34.25 -32.09
CA PRO Q 25 -48.48 34.61 -30.94
C PRO Q 25 -49.09 35.61 -29.97
N ASN Q 26 -50.07 36.40 -30.43
CA ASN Q 26 -50.82 37.29 -29.54
C ASN Q 26 -51.73 36.49 -28.62
N GLU Q 27 -52.52 35.60 -29.20
CA GLU Q 27 -53.40 34.71 -28.46
C GLU Q 27 -52.70 33.38 -28.19
N THR Q 28 -51.77 33.44 -27.24
CA THR Q 28 -50.91 32.33 -26.82
C THR Q 28 -51.57 31.52 -25.70
N ASN Q 29 -52.02 32.23 -24.67
CA ASN Q 29 -52.58 31.62 -23.45
C ASN Q 29 -53.81 30.75 -23.72
N GLU Q 30 -54.63 31.19 -24.68
CA GLU Q 30 -55.80 30.43 -25.13
C GLU Q 30 -55.36 29.11 -25.73
N ILE Q 31 -54.30 29.17 -26.53
CA ILE Q 31 -53.67 27.98 -27.10
C ILE Q 31 -53.05 27.12 -26.00
N ALA Q 32 -52.43 27.76 -25.01
CA ALA Q 32 -51.78 27.02 -23.93
C ALA Q 32 -52.72 26.06 -23.20
N ASN Q 33 -53.96 26.48 -22.98
CA ASN Q 33 -54.96 25.59 -22.34
C ASN Q 33 -55.85 24.83 -23.36
N ALA Q 34 -55.22 24.40 -24.46
CA ALA Q 34 -55.86 23.59 -25.49
C ALA Q 34 -55.63 22.10 -25.30
N ASN Q 35 -54.61 21.71 -24.53
CA ASN Q 35 -54.22 20.30 -24.31
C ASN Q 35 -54.78 19.19 -25.25
N SER Q 36 -56.09 18.98 -25.31
CA SER Q 36 -56.65 17.97 -26.19
C SER Q 36 -56.73 18.45 -27.62
N ARG Q 37 -56.89 17.49 -28.54
CA ARG Q 37 -57.35 17.82 -29.88
C ARG Q 37 -58.85 17.79 -29.80
N GLN Q 38 -59.49 18.51 -30.71
CA GLN Q 38 -60.89 18.96 -30.61
C GLN Q 38 -61.05 20.24 -29.78
N GLN Q 39 -60.20 20.45 -28.78
CA GLN Q 39 -59.94 21.80 -28.29
C GLN Q 39 -59.19 22.55 -29.37
N ILE Q 40 -58.25 21.84 -30.00
CA ILE Q 40 -57.42 22.39 -31.07
C ILE Q 40 -58.22 22.57 -32.34
N ARG Q 41 -59.12 21.63 -32.62
CA ARG Q 41 -59.97 21.74 -33.80
C ARG Q 41 -60.86 22.97 -33.70
N LYS Q 42 -61.31 23.28 -32.48
CA LYS Q 42 -62.01 24.53 -32.18
C LYS Q 42 -61.13 25.73 -32.53
N LEU Q 43 -59.90 25.75 -32.02
CA LEU Q 43 -58.99 26.86 -32.31
C LEU Q 43 -58.60 26.95 -33.79
N ILE Q 44 -58.64 25.83 -34.50
CA ILE Q 44 -58.50 25.81 -35.96
C ILE Q 44 -59.63 26.58 -36.60
N LYS Q 45 -60.87 26.31 -36.17
CA LYS Q 45 -62.04 27.00 -36.72
C LYS Q 45 -62.10 28.48 -36.34
N ASP Q 46 -61.65 28.81 -35.14
CA ASP Q 46 -61.61 30.22 -34.68
C ASP Q 46 -60.50 31.05 -35.33
N GLY Q 47 -59.52 30.39 -35.95
CA GLY Q 47 -58.46 31.08 -36.70
C GLY Q 47 -57.28 31.55 -35.86
N LEU Q 48 -57.06 30.86 -34.74
CA LEU Q 48 -55.91 31.13 -33.88
C LEU Q 48 -54.77 30.22 -34.29
N ILE Q 49 -55.07 28.95 -34.63
CA ILE Q 49 -54.09 28.10 -35.31
C ILE Q 49 -54.55 27.86 -36.74
N ILE Q 50 -53.59 27.92 -37.67
CA ILE Q 50 -53.84 27.99 -39.11
C ILE Q 50 -52.77 27.24 -39.88
N ARG Q 51 -53.16 26.58 -40.96
CA ARG Q 51 -52.20 26.01 -41.87
C ARG Q 51 -51.66 27.09 -42.78
N LYS Q 52 -50.35 27.24 -42.77
CA LYS Q 52 -49.67 28.13 -43.71
C LYS Q 52 -49.74 27.55 -45.13
N PRO Q 53 -49.58 28.43 -46.13
CA PRO Q 53 -49.54 27.98 -47.51
C PRO Q 53 -48.18 27.37 -47.85
N VAL Q 54 -48.13 26.63 -48.95
CA VAL Q 54 -46.91 25.97 -49.38
C VAL Q 54 -45.93 27.03 -49.85
N THR Q 55 -44.65 26.81 -49.59
CA THR Q 55 -43.59 27.68 -50.07
C THR Q 55 -43.53 27.54 -51.59
N VAL Q 56 -43.69 28.65 -52.32
CA VAL Q 56 -43.89 28.58 -53.77
C VAL Q 56 -42.61 28.19 -54.51
N HIS Q 57 -42.70 27.13 -55.31
CA HIS Q 57 -41.62 26.68 -56.16
C HIS Q 57 -42.08 26.72 -57.61
N SER Q 58 -42.01 27.91 -58.18
CA SER Q 58 -42.40 28.18 -59.56
C SER Q 58 -41.68 27.29 -60.57
N ARG Q 59 -42.47 26.78 -61.50
CA ARG Q 59 -42.04 25.92 -62.59
C ARG Q 59 -41.89 26.76 -63.85
N ALA Q 60 -42.17 28.07 -63.72
CA ALA Q 60 -42.43 28.95 -64.85
C ALA Q 60 -41.18 29.26 -65.64
N ARG Q 61 -40.10 29.54 -64.92
CA ARG Q 61 -38.81 29.82 -65.50
C ARG Q 61 -38.30 28.65 -66.34
N CYS Q 62 -38.53 27.43 -65.85
CA CYS Q 62 -38.21 26.23 -66.58
C CYS Q 62 -39.07 26.15 -67.82
N ARG Q 63 -40.38 26.23 -67.65
CA ARG Q 63 -41.31 26.15 -68.78
C ARG Q 63 -40.91 27.07 -69.92
N LYS Q 64 -40.52 28.30 -69.58
CA LYS Q 64 -40.01 29.25 -70.58
C LYS Q 64 -38.80 28.66 -71.29
N ASN Q 65 -37.82 28.19 -70.52
CA ASN Q 65 -36.63 27.59 -71.11
C ASN Q 65 -36.91 26.33 -71.92
N THR Q 66 -37.85 25.50 -71.49
CA THR Q 66 -38.22 24.33 -72.30
C THR Q 66 -38.78 24.77 -73.66
N LEU Q 67 -39.53 25.87 -73.68
CA LEU Q 67 -39.97 26.46 -74.94
C LEU Q 67 -38.82 26.91 -75.81
N ALA Q 68 -37.74 27.39 -75.20
CA ALA Q 68 -36.51 27.67 -75.95
C ALA Q 68 -35.93 26.37 -76.52
N ARG Q 69 -35.86 25.33 -75.69
CA ARG Q 69 -35.35 24.04 -76.15
C ARG Q 69 -36.19 23.44 -77.28
N ARG Q 70 -37.47 23.79 -77.35
CA ARG Q 70 -38.31 23.36 -78.49
C ARG Q 70 -37.87 24.02 -79.77
N LYS Q 71 -37.71 25.35 -79.72
CA LYS Q 71 -37.23 26.15 -80.87
C LYS Q 71 -35.87 25.72 -81.43
N GLY Q 72 -35.09 25.03 -80.62
CA GLY Q 72 -33.81 24.49 -81.03
C GLY Q 72 -32.84 25.49 -80.47
N ARG Q 73 -32.50 25.31 -79.19
CA ARG Q 73 -31.80 26.33 -78.45
C ARG Q 73 -31.27 25.75 -77.14
N HIS Q 74 -30.08 26.18 -76.74
CA HIS Q 74 -29.35 25.62 -75.60
C HIS Q 74 -29.11 24.13 -75.85
N MET Q 75 -28.90 23.78 -77.11
CA MET Q 75 -28.86 22.40 -77.58
C MET Q 75 -27.70 22.12 -78.53
N GLY Q 76 -26.77 23.07 -78.64
CA GLY Q 76 -25.62 22.93 -79.52
C GLY Q 76 -24.53 22.14 -78.84
N ILE Q 77 -23.49 21.83 -79.61
CA ILE Q 77 -22.39 20.97 -79.15
C ILE Q 77 -22.01 21.22 -77.70
N GLY Q 78 -21.77 22.49 -77.36
CA GLY Q 78 -21.34 22.86 -76.01
C GLY Q 78 -22.37 22.84 -74.90
N LYS Q 79 -23.52 22.25 -75.13
CA LYS Q 79 -24.46 21.97 -74.04
C LYS Q 79 -24.95 20.52 -74.13
N ARG Q 80 -24.02 19.64 -74.48
CA ARG Q 80 -24.24 18.22 -74.46
C ARG Q 80 -23.15 17.59 -73.65
N LYS Q 81 -23.53 16.75 -72.70
CA LYS Q 81 -22.59 16.01 -71.90
C LYS Q 81 -22.60 14.53 -72.24
N GLY Q 82 -23.76 14.01 -72.58
CA GLY Q 82 -23.90 12.62 -72.94
C GLY Q 82 -23.52 12.36 -74.39
N THR Q 83 -23.14 11.12 -74.64
CA THR Q 83 -22.95 10.62 -75.98
C THR Q 83 -24.25 10.70 -76.74
N ALA Q 84 -24.14 10.74 -78.05
CA ALA Q 84 -25.31 10.79 -78.92
C ALA Q 84 -26.26 9.62 -78.66
N ASN Q 85 -25.71 8.41 -78.59
CA ASN Q 85 -26.48 7.20 -78.30
C ASN Q 85 -27.20 7.25 -76.94
N ALA Q 86 -26.57 7.85 -75.93
CA ALA Q 86 -27.26 8.09 -74.65
C ALA Q 86 -28.41 9.05 -74.79
N ARG Q 87 -28.18 10.12 -75.56
CA ARG Q 87 -29.20 11.15 -75.76
C ARG Q 87 -30.38 10.64 -76.58
N MET Q 88 -30.11 9.99 -77.70
CA MET Q 88 -31.16 9.23 -78.40
C MET Q 88 -30.61 7.87 -78.83
N PRO Q 89 -31.06 6.79 -78.15
CA PRO Q 89 -30.49 5.49 -78.42
C PRO Q 89 -30.77 4.95 -79.81
N GLU Q 90 -29.70 4.50 -80.45
CA GLU Q 90 -29.72 4.10 -81.85
C GLU Q 90 -30.74 2.99 -82.05
N LYS Q 91 -30.78 2.07 -81.09
CA LYS Q 91 -31.75 0.99 -81.12
C LYS Q 91 -33.18 1.50 -81.15
N VAL Q 92 -33.48 2.48 -80.30
CA VAL Q 92 -34.81 3.04 -80.27
C VAL Q 92 -35.10 3.72 -81.58
N THR Q 93 -34.15 4.50 -82.07
CA THR Q 93 -34.30 5.14 -83.36
C THR Q 93 -34.57 4.12 -84.46
N TRP Q 94 -33.84 3.01 -84.46
CA TRP Q 94 -34.14 1.90 -85.35
C TRP Q 94 -35.56 1.34 -85.14
N MET Q 95 -35.90 0.96 -83.90
CA MET Q 95 -37.23 0.43 -83.60
C MET Q 95 -38.34 1.29 -84.16
N ARG Q 96 -38.24 2.61 -84.00
CA ARG Q 96 -39.24 3.52 -84.57
C ARG Q 96 -39.37 3.27 -86.06
N ARG Q 97 -38.23 3.30 -86.76
CA ARG Q 97 -38.22 3.21 -88.20
C ARG Q 97 -38.87 1.94 -88.74
N MET Q 98 -38.41 0.78 -88.27
CA MET Q 98 -39.05 -0.49 -88.63
C MET Q 98 -40.53 -0.47 -88.36
N ARG Q 99 -40.91 -0.04 -87.17
CA ARG Q 99 -42.31 0.01 -86.82
C ARG Q 99 -43.11 1.01 -87.66
N ILE Q 100 -42.44 1.99 -88.26
CA ILE Q 100 -43.06 2.86 -89.27
C ILE Q 100 -43.18 2.19 -90.63
N LEU Q 101 -42.02 1.84 -91.20
CA LEU Q 101 -41.95 1.37 -92.58
C LEU Q 101 -42.73 0.09 -92.75
N ARG Q 102 -42.58 -0.83 -91.80
CA ARG Q 102 -43.38 -2.04 -91.79
C ARG Q 102 -44.87 -1.73 -91.76
N ARG Q 103 -45.27 -0.77 -90.93
CA ARG Q 103 -46.66 -0.35 -90.83
C ARG Q 103 -47.14 0.28 -92.14
N LEU Q 104 -46.28 1.05 -92.79
CA LEU Q 104 -46.56 1.57 -94.13
C LEU Q 104 -46.75 0.46 -95.15
N LEU Q 105 -45.86 -0.53 -95.12
CA LEU Q 105 -45.93 -1.67 -96.06
C LEU Q 105 -47.18 -2.51 -95.92
N ARG Q 106 -47.56 -2.86 -94.70
CA ARG Q 106 -48.73 -3.71 -94.52
C ARG Q 106 -50.04 -2.93 -94.67
N ARG Q 107 -50.00 -1.60 -94.52
CA ARG Q 107 -51.15 -0.79 -94.92
C ARG Q 107 -51.30 -0.76 -96.44
N TYR Q 108 -50.18 -0.69 -97.16
CA TYR Q 108 -50.20 -0.72 -98.62
C TYR Q 108 -50.76 -2.03 -99.14
N ARG Q 109 -50.28 -3.12 -98.58
CA ARG Q 109 -50.72 -4.44 -98.96
C ARG Q 109 -52.20 -4.67 -98.72
N GLU Q 110 -52.67 -4.21 -97.56
CA GLU Q 110 -54.06 -4.41 -97.16
C GLU Q 110 -55.03 -3.36 -97.74
N SER Q 111 -54.55 -2.59 -98.72
CA SER Q 111 -55.39 -1.77 -99.60
C SER Q 111 -55.30 -2.22 -101.07
N LYS Q 112 -54.64 -3.37 -101.32
CA LYS Q 112 -54.33 -3.86 -102.66
C LYS Q 112 -53.45 -2.93 -103.51
N LYS Q 113 -52.70 -2.04 -102.85
CA LYS Q 113 -51.75 -1.17 -103.53
C LYS Q 113 -50.66 -2.08 -104.07
N ILE Q 114 -50.02 -2.82 -103.18
CA ILE Q 114 -48.92 -3.73 -103.54
C ILE Q 114 -49.34 -5.18 -103.28
N ASP Q 115 -48.81 -6.07 -104.10
CA ASP Q 115 -49.14 -7.49 -104.02
C ASP Q 115 -48.29 -8.16 -102.94
N ARG Q 116 -48.61 -9.43 -102.68
CA ARG Q 116 -47.85 -10.24 -101.71
C ARG Q 116 -46.36 -10.18 -101.95
N HIS Q 117 -45.97 -10.37 -103.20
CA HIS Q 117 -44.58 -10.66 -103.52
C HIS Q 117 -43.70 -9.41 -103.43
N MET Q 118 -44.26 -8.29 -103.89
CA MET Q 118 -43.68 -6.95 -103.71
C MET Q 118 -43.46 -6.66 -102.23
N TYR Q 119 -44.54 -6.81 -101.47
CA TYR Q 119 -44.54 -6.60 -100.03
C TYR Q 119 -43.39 -7.31 -99.38
N HIS Q 120 -43.21 -8.58 -99.75
CA HIS Q 120 -42.20 -9.41 -99.12
C HIS Q 120 -40.78 -8.97 -99.43
N SER Q 121 -40.55 -8.50 -100.66
CA SER Q 121 -39.21 -8.01 -101.03
C SER Q 121 -38.89 -6.73 -100.29
N LEU Q 122 -39.82 -5.76 -100.33
CA LEU Q 122 -39.68 -4.52 -99.58
C LEU Q 122 -39.51 -4.77 -98.09
N TYR Q 123 -40.21 -5.77 -97.56
CA TYR Q 123 -40.07 -6.10 -96.16
C TYR Q 123 -38.61 -6.39 -95.84
N LEU Q 124 -37.98 -7.21 -96.68
CA LEU Q 124 -36.59 -7.61 -96.44
C LEU Q 124 -35.56 -6.56 -96.81
N LYS Q 125 -35.91 -5.65 -97.72
CA LYS Q 125 -35.06 -4.49 -98.01
C LYS Q 125 -35.23 -3.40 -96.95
N VAL Q 126 -36.43 -3.29 -96.39
CA VAL Q 126 -36.63 -2.42 -95.25
C VAL Q 126 -35.69 -2.90 -94.15
N LYS Q 127 -35.84 -4.17 -93.77
CA LYS Q 127 -35.02 -4.78 -92.72
C LYS Q 127 -33.51 -4.71 -92.91
N GLY Q 128 -33.05 -4.64 -94.16
CA GLY Q 128 -31.64 -4.42 -94.45
C GLY Q 128 -31.32 -2.97 -94.77
N ASN Q 129 -31.90 -2.05 -94.01
CA ASN Q 129 -31.91 -0.60 -94.29
C ASN Q 129 -31.55 -0.14 -95.71
N VAL Q 130 -32.52 -0.27 -96.59
CA VAL Q 130 -32.46 0.30 -97.92
C VAL Q 130 -33.23 1.64 -97.98
N PHE Q 131 -34.22 1.79 -97.09
CA PHE Q 131 -35.05 2.98 -97.03
C PHE Q 131 -34.81 3.71 -95.72
N LYS Q 132 -34.11 4.85 -95.82
CA LYS Q 132 -33.71 5.61 -94.65
C LYS Q 132 -34.84 6.40 -93.98
N ASN Q 133 -36.03 6.45 -94.59
CA ASN Q 133 -37.24 7.01 -93.96
C ASN Q 133 -38.52 6.54 -94.68
N LYS Q 134 -39.66 7.18 -94.41
CA LYS Q 134 -40.94 6.77 -95.01
C LYS Q 134 -41.09 7.27 -96.43
N ARG Q 135 -40.89 8.58 -96.60
CA ARG Q 135 -41.05 9.24 -97.89
C ARG Q 135 -40.27 8.55 -99.00
N ILE Q 136 -39.01 8.25 -98.74
CA ILE Q 136 -38.16 7.60 -99.73
C ILE Q 136 -38.64 6.17 -100.08
N LEU Q 137 -39.29 5.49 -99.13
CA LEU Q 137 -39.89 4.18 -99.38
C LEU Q 137 -41.08 4.32 -100.32
N MET Q 138 -41.99 5.24 -100.03
CA MET Q 138 -43.14 5.44 -100.90
C MET Q 138 -42.67 5.70 -102.32
N GLU Q 139 -41.80 6.70 -102.47
CA GLU Q 139 -41.27 7.05 -103.79
C GLU Q 139 -40.69 5.86 -104.52
N HIS Q 140 -39.98 4.99 -103.80
CA HIS Q 140 -39.49 3.75 -104.38
C HIS Q 140 -40.63 2.78 -104.71
N ILE Q 141 -41.65 2.70 -103.87
CA ILE Q 141 -42.82 1.91 -104.21
C ILE Q 141 -43.51 2.43 -105.48
N HIS Q 142 -43.58 3.74 -105.66
CA HIS Q 142 -44.26 4.28 -106.83
C HIS Q 142 -43.49 3.97 -108.11
N LYS Q 143 -42.16 4.07 -108.05
CA LYS Q 143 -41.34 3.74 -109.21
C LYS Q 143 -41.53 2.28 -109.61
N LEU Q 144 -41.60 1.39 -108.64
CA LEU Q 144 -41.84 -0.02 -108.93
C LEU Q 144 -43.18 -0.24 -109.59
N LYS Q 145 -44.22 0.33 -108.99
CA LYS Q 145 -45.58 0.26 -109.55
C LYS Q 145 -45.70 0.79 -110.96
N ALA Q 146 -44.88 1.77 -111.32
CA ALA Q 146 -44.80 2.24 -112.68
C ALA Q 146 -44.10 1.24 -113.61
N ASP Q 147 -43.03 0.60 -113.13
CA ASP Q 147 -42.28 -0.38 -113.95
C ASP Q 147 -43.02 -1.71 -114.12
N LYS Q 148 -43.85 -2.10 -113.16
CA LYS Q 148 -44.77 -3.22 -113.36
C LYS Q 148 -45.86 -2.88 -114.37
N ALA Q 149 -46.37 -1.66 -114.31
CA ALA Q 149 -47.35 -1.21 -115.29
C ALA Q 149 -46.75 -1.18 -116.70
N ARG Q 150 -45.51 -0.70 -116.83
CA ARG Q 150 -44.84 -0.65 -118.13
C ARG Q 150 -44.60 -2.05 -118.70
N LYS Q 151 -44.16 -2.98 -117.87
CA LYS Q 151 -43.81 -4.32 -118.31
C LYS Q 151 -45.01 -5.28 -118.45
N LYS Q 152 -46.04 -5.11 -117.62
CA LYS Q 152 -47.28 -5.88 -117.77
C LYS Q 152 -48.05 -5.47 -119.03
N LEU Q 153 -48.11 -4.15 -119.27
CA LEU Q 153 -48.68 -3.61 -120.51
C LEU Q 153 -48.08 -4.28 -121.74
N LEU Q 154 -46.76 -4.29 -121.81
CA LEU Q 154 -46.03 -4.94 -122.91
C LEU Q 154 -46.36 -6.43 -123.05
N ALA Q 155 -46.49 -7.12 -121.93
CA ALA Q 155 -46.82 -8.54 -121.94
C ALA Q 155 -48.24 -8.82 -122.46
N ASP Q 156 -49.20 -7.97 -122.06
CA ASP Q 156 -50.59 -8.12 -122.51
C ASP Q 156 -50.74 -7.88 -124.01
N GLN Q 157 -49.99 -6.91 -124.54
CA GLN Q 157 -49.96 -6.63 -125.98
C GLN Q 157 -49.46 -7.82 -126.79
N ALA Q 158 -48.35 -8.40 -126.36
CA ALA Q 158 -47.78 -9.60 -126.99
C ALA Q 158 -48.74 -10.78 -126.87
N GLU Q 159 -49.38 -10.92 -125.71
CA GLU Q 159 -50.35 -12.00 -125.49
C GLU Q 159 -51.65 -11.80 -126.28
N ALA Q 160 -51.99 -10.56 -126.58
CA ALA Q 160 -53.07 -10.23 -127.52
C ALA Q 160 -52.67 -10.56 -128.95
N ARG Q 161 -51.45 -10.15 -129.33
CA ARG Q 161 -50.87 -10.50 -130.63
C ARG Q 161 -50.74 -12.00 -130.84
N ARG Q 162 -50.30 -12.71 -129.80
CA ARG Q 162 -50.10 -14.16 -129.85
C ARG Q 162 -51.41 -14.94 -130.00
N SER Q 163 -52.48 -14.47 -129.34
CA SER Q 163 -53.79 -15.07 -129.50
C SER Q 163 -54.35 -14.84 -130.91
N LYS Q 164 -54.22 -13.60 -131.40
CA LYS Q 164 -54.69 -13.24 -132.75
C LYS Q 164 -54.05 -14.10 -133.82
N THR Q 165 -52.72 -14.17 -133.82
CA THR Q 165 -51.97 -14.95 -134.80
C THR Q 165 -52.20 -16.46 -134.66
N LYS Q 166 -52.38 -16.94 -133.43
CA LYS Q 166 -52.71 -18.34 -133.17
C LYS Q 166 -54.10 -18.71 -133.67
N GLU Q 167 -55.09 -17.90 -133.32
CA GLU Q 167 -56.49 -18.14 -133.71
C GLU Q 167 -56.72 -18.01 -135.21
N ALA Q 168 -56.02 -17.08 -135.87
CA ALA Q 168 -56.06 -16.95 -137.32
C ALA Q 168 -55.45 -18.12 -138.06
N ARG Q 169 -54.46 -18.76 -137.45
CA ARG Q 169 -53.85 -19.97 -137.99
C ARG Q 169 -54.75 -21.18 -137.80
N LYS Q 170 -55.32 -21.32 -136.59
CA LYS Q 170 -56.24 -22.41 -136.27
C LYS Q 170 -57.49 -22.40 -137.17
N ARG Q 171 -58.08 -21.22 -137.33
CA ARG Q 171 -59.24 -21.05 -138.19
C ARG Q 171 -58.90 -21.36 -139.64
N ARG Q 172 -57.73 -20.92 -140.10
CA ARG Q 172 -57.27 -21.27 -141.46
C ARG Q 172 -57.16 -22.78 -141.67
N GLU Q 173 -56.63 -23.48 -140.66
CA GLU Q 173 -56.52 -24.94 -140.70
C GLU Q 173 -57.88 -25.65 -140.75
N GLU Q 174 -58.88 -25.06 -140.10
CA GLU Q 174 -60.26 -25.58 -140.14
C GLU Q 174 -60.91 -25.38 -141.52
N ARG Q 175 -60.62 -24.25 -142.16
CA ARG Q 175 -61.08 -23.99 -143.53
C ARG Q 175 -60.49 -24.98 -144.54
N LEU Q 176 -59.22 -25.38 -144.33
CA LEU Q 176 -58.53 -26.33 -145.21
C LEU Q 176 -59.11 -27.75 -145.03
N GLN Q 177 -59.36 -28.13 -143.78
CA GLN Q 177 -60.01 -29.43 -143.47
C GLN Q 177 -61.42 -29.55 -144.02
N ALA Q 178 -62.16 -28.44 -144.04
CA ALA Q 178 -63.51 -28.40 -144.62
C ALA Q 178 -63.49 -28.57 -146.15
N LYS Q 179 -62.52 -27.91 -146.80
CA LYS Q 179 -62.33 -28.03 -148.25
C LYS Q 179 -61.92 -29.43 -148.72
N LYS Q 180 -61.08 -30.11 -147.93
CA LYS Q 180 -60.51 -31.41 -148.29
C LYS Q 180 -59.72 -31.37 -149.61
N LYS R 1 72.86 13.41 4.65
CA LYS R 1 73.24 14.77 5.15
C LYS R 1 72.23 15.87 4.84
N ALA R 2 72.04 16.74 5.83
CA ALA R 2 71.38 18.02 5.63
C ALA R 2 72.37 19.07 6.14
N SER R 3 71.90 20.14 6.81
CA SER R 3 72.78 21.24 7.18
C SER R 3 72.20 22.16 8.30
N GLY R 4 72.91 23.27 8.53
CA GLY R 4 72.42 24.42 9.29
C GLY R 4 73.47 25.51 9.13
N THR R 5 74.51 25.41 9.95
CA THR R 5 75.85 25.89 9.63
C THR R 5 76.81 24.84 10.16
N LEU R 6 77.76 24.40 9.34
CA LEU R 6 78.53 23.21 9.67
C LEU R 6 79.61 23.54 10.68
N ARG R 7 80.21 22.49 11.23
CA ARG R 7 81.44 22.59 12.02
C ARG R 7 82.42 21.56 11.50
N GLU R 8 83.62 22.00 11.14
CA GLU R 8 84.77 21.11 11.04
C GLU R 8 84.77 20.12 12.20
N TYR R 9 84.93 18.85 11.89
CA TYR R 9 85.19 17.85 12.93
C TYR R 9 86.40 17.06 12.52
N LYS R 10 87.23 16.70 13.51
CA LYS R 10 88.27 15.72 13.33
C LYS R 10 87.70 14.42 13.79
N VAL R 11 87.85 13.39 12.97
CA VAL R 11 87.38 12.06 13.31
C VAL R 11 88.47 11.11 12.91
N VAL R 12 89.09 10.45 13.89
CA VAL R 12 90.04 9.39 13.62
C VAL R 12 89.46 8.05 14.08
N GLY R 13 89.68 7.03 13.27
CA GLY R 13 89.12 5.71 13.51
C GLY R 13 89.99 4.63 12.91
N ARG R 14 89.72 3.40 13.33
CA ARG R 14 90.53 2.26 12.93
C ARG R 14 89.67 1.05 12.76
N CYS R 15 90.07 0.18 11.82
CA CYS R 15 89.44 -1.13 11.70
C CYS R 15 89.90 -1.88 12.94
N LEU R 16 88.96 -2.42 13.72
CA LEU R 16 89.30 -2.84 15.06
C LEU R 16 90.21 -4.07 15.01
N PRO R 17 91.13 -4.20 15.98
CA PRO R 17 92.21 -5.17 15.89
C PRO R 17 91.74 -6.63 15.93
N THR R 18 92.62 -7.50 15.48
CA THR R 18 92.36 -8.94 15.38
C THR R 18 93.55 -9.72 15.94
N PRO R 19 93.49 -11.06 15.90
CA PRO R 19 94.70 -11.88 16.01
C PRO R 19 95.75 -11.57 14.93
N LYS R 20 95.32 -11.53 13.68
CA LYS R 20 96.25 -11.36 12.54
C LYS R 20 96.83 -9.94 12.40
N CYS R 21 95.99 -8.93 12.60
CA CYS R 21 96.43 -7.52 12.62
C CYS R 21 96.23 -6.94 14.02
N ARG R 22 97.30 -6.93 14.81
CA ARG R 22 97.20 -6.63 16.24
C ARG R 22 97.06 -5.14 16.55
N THR R 23 97.83 -4.30 15.87
CA THR R 23 97.79 -2.84 16.07
C THR R 23 97.55 -2.15 14.72
N PRO R 24 96.28 -2.07 14.31
CA PRO R 24 95.92 -1.54 12.99
C PRO R 24 96.11 -0.04 12.88
N PRO R 25 96.27 0.47 11.65
CA PRO R 25 96.60 1.86 11.42
C PRO R 25 95.42 2.79 11.60
N LEU R 26 95.66 3.98 12.12
CA LEU R 26 94.60 4.97 12.33
C LEU R 26 94.42 5.81 11.08
N TYR R 27 93.17 6.15 10.80
CA TYR R 27 92.81 6.97 9.68
C TYR R 27 92.03 8.17 10.19
N ARG R 28 92.47 9.36 9.80
CA ARG R 28 91.90 10.63 10.25
C ARG R 28 91.26 11.30 9.03
N MET R 29 90.27 12.15 9.29
CA MET R 29 89.58 12.90 8.24
C MET R 29 89.17 14.29 8.69
N ARG R 30 88.72 15.09 7.74
CA ARG R 30 88.11 16.39 8.03
C ARG R 30 86.65 16.33 7.60
N ILE R 31 85.75 16.18 8.56
CA ILE R 31 84.34 15.88 8.28
C ILE R 31 83.42 17.01 8.73
N PHE R 32 82.91 17.76 7.77
CA PHE R 32 82.10 18.92 8.09
C PHE R 32 80.69 18.44 8.27
N ALA R 33 80.06 18.84 9.36
CA ALA R 33 78.72 18.39 9.65
C ALA R 33 78.10 19.24 10.75
N PRO R 34 76.77 19.22 10.85
CA PRO R 34 76.09 19.99 11.88
C PRO R 34 76.33 19.49 13.30
N ASN R 35 76.57 18.18 13.44
CA ASN R 35 76.83 17.61 14.75
C ASN R 35 77.66 16.35 14.66
N HIS R 36 78.35 16.05 15.75
CA HIS R 36 79.13 14.83 15.87
C HIS R 36 78.37 13.57 15.43
N VAL R 37 77.07 13.50 15.71
CA VAL R 37 76.31 12.29 15.42
C VAL R 37 76.46 11.99 13.95
N VAL R 38 76.15 12.96 13.10
CA VAL R 38 76.22 12.74 11.65
C VAL R 38 77.66 12.83 11.17
N ALA R 39 78.51 13.52 11.94
CA ALA R 39 79.94 13.53 11.65
C ALA R 39 80.48 12.13 11.54
N LYS R 40 80.30 11.35 12.61
CA LYS R 40 80.76 9.97 12.65
C LYS R 40 80.19 9.14 11.54
N SER R 41 78.92 9.32 11.25
CA SER R 41 78.32 8.64 10.11
C SER R 41 79.07 9.04 8.85
N ARG R 42 79.24 10.35 8.67
CA ARG R 42 79.94 10.85 7.48
C ARG R 42 81.37 10.34 7.42
N PHE R 43 82.01 10.23 8.57
CA PHE R 43 83.32 9.62 8.61
C PHE R 43 83.27 8.22 8.02
N TRP R 44 82.31 7.41 8.46
CA TRP R 44 82.22 6.02 8.00
C TRP R 44 81.94 5.90 6.50
N TYR R 45 81.12 6.80 5.97
CA TYR R 45 80.82 6.82 4.53
C TYR R 45 82.08 7.00 3.70
N PHE R 46 82.91 7.96 4.07
CA PHE R 46 84.14 8.24 3.32
C PHE R 46 85.17 7.15 3.40
N VAL R 47 85.26 6.53 4.57
CA VAL R 47 86.22 5.46 4.79
C VAL R 47 85.79 4.20 4.05
N SER R 48 84.51 3.87 4.13
CA SER R 48 83.98 2.72 3.40
C SER R 48 84.39 2.76 1.95
N GLN R 49 84.21 3.90 1.29
CA GLN R 49 84.61 4.06 -0.12
C GLN R 49 86.10 3.75 -0.33
N LEU R 50 86.95 4.30 0.54
CA LEU R 50 88.39 4.24 0.33
C LEU R 50 89.00 2.92 0.76
N LYS R 51 88.70 2.53 1.99
CA LYS R 51 89.30 1.38 2.64
C LYS R 51 88.24 0.32 2.90
N LYS R 52 88.60 -0.95 2.79
CA LYS R 52 87.72 -2.02 3.22
C LYS R 52 87.50 -1.90 4.72
N MET R 53 86.46 -1.18 5.11
CA MET R 53 86.27 -0.85 6.51
C MET R 53 84.89 -0.28 6.76
N LYS R 54 84.15 -0.94 7.64
CA LYS R 54 82.77 -0.60 7.92
C LYS R 54 82.64 -0.27 9.40
N LYS R 55 81.49 0.30 9.76
CA LYS R 55 81.19 0.70 11.14
C LYS R 55 81.18 -0.47 12.10
N SER R 56 80.75 -1.63 11.60
CA SER R 56 80.81 -2.87 12.37
C SER R 56 82.26 -3.32 12.57
N SER R 57 83.03 -3.26 11.48
CA SER R 57 84.42 -3.70 11.48
C SER R 57 85.40 -2.78 12.20
N GLY R 58 84.97 -1.57 12.58
CA GLY R 58 85.87 -0.58 13.16
C GLY R 58 85.36 0.07 14.42
N GLU R 59 86.19 0.94 14.96
CA GLU R 59 85.81 1.80 16.07
C GLU R 59 86.34 3.19 15.80
N ILE R 60 85.48 4.19 15.97
CA ILE R 60 85.93 5.57 15.97
C ILE R 60 86.60 5.80 17.31
N VAL R 61 87.78 6.39 17.22
CA VAL R 61 88.66 6.57 18.35
C VAL R 61 88.40 7.95 18.94
N TYR R 62 88.61 8.96 18.11
CA TYR R 62 88.49 10.35 18.53
C TYR R 62 87.75 11.14 17.47
N CYS R 63 86.49 11.44 17.76
CA CYS R 63 85.76 12.50 17.06
C CYS R 63 85.91 13.74 17.92
N GLY R 64 86.14 14.88 17.28
CA GLY R 64 86.31 16.15 17.99
C GLY R 64 86.17 17.34 17.08
N GLN R 65 85.40 18.33 17.52
CA GLN R 65 85.24 19.60 16.80
C GLN R 65 86.60 20.28 16.67
N VAL R 66 86.79 20.98 15.56
CA VAL R 66 88.04 21.70 15.30
C VAL R 66 87.73 23.17 15.06
N PHE R 67 88.41 24.02 15.82
CA PHE R 67 88.09 25.43 15.90
C PHE R 67 88.97 26.14 14.93
N GLU R 68 88.41 27.16 14.29
CA GLU R 68 89.18 28.00 13.41
C GLU R 68 90.19 28.71 14.29
N LYS R 69 91.46 28.61 13.89
CA LYS R 69 92.55 29.16 14.69
C LYS R 69 92.75 30.66 14.49
N SER R 70 92.20 31.19 13.40
CA SER R 70 92.16 32.63 13.16
C SER R 70 90.76 33.10 12.78
N PRO R 71 89.82 33.06 13.74
CA PRO R 71 88.44 33.49 13.47
C PRO R 71 88.35 34.91 12.95
N LEU R 72 89.04 35.83 13.61
CA LEU R 72 88.86 37.25 13.32
C LEU R 72 89.78 37.77 12.21
N ARG R 73 90.49 36.87 11.54
CA ARG R 73 91.07 37.14 10.22
C ARG R 73 90.03 36.87 9.14
N VAL R 74 90.01 37.73 8.13
CA VAL R 74 89.30 37.44 6.89
C VAL R 74 90.24 36.64 6.00
N LYS R 75 89.74 35.53 5.45
CA LYS R 75 90.54 34.65 4.61
C LYS R 75 89.85 34.39 3.29
N ASN R 76 90.61 33.75 2.41
CA ASN R 76 90.11 33.26 1.14
C ASN R 76 90.31 31.77 1.17
N PHE R 77 89.27 31.01 0.91
CA PHE R 77 89.37 29.55 0.94
C PHE R 77 89.14 28.96 -0.43
N GLY R 78 90.12 28.18 -0.88
CA GLY R 78 89.94 27.25 -1.99
C GLY R 78 89.29 25.98 -1.47
N ILE R 79 88.32 25.49 -2.22
CA ILE R 79 87.59 24.29 -1.85
C ILE R 79 87.40 23.50 -3.12
N TRP R 80 87.78 22.22 -3.06
CA TRP R 80 87.67 21.28 -4.16
C TRP R 80 86.48 20.38 -3.84
N LEU R 81 85.73 20.03 -4.86
CA LEU R 81 84.42 19.41 -4.70
C LEU R 81 84.41 18.12 -5.44
N ARG R 82 83.28 17.43 -5.33
CA ARG R 82 82.97 16.33 -6.21
C ARG R 82 81.46 16.17 -6.14
N TYR R 83 80.75 16.83 -7.05
CA TYR R 83 79.30 16.77 -7.03
C TYR R 83 78.75 15.78 -8.02
N ASP R 84 77.45 15.56 -7.89
CA ASP R 84 76.68 14.76 -8.81
C ASP R 84 75.73 15.70 -9.52
N SER R 85 75.71 15.64 -10.85
CA SER R 85 74.71 16.37 -11.64
C SER R 85 73.47 15.51 -11.74
N ARG R 86 72.45 16.02 -12.43
CA ARG R 86 71.39 15.15 -12.92
C ARG R 86 72.06 14.12 -13.81
N SER R 87 72.88 14.63 -14.72
CA SER R 87 73.77 13.82 -15.54
C SER R 87 74.96 13.26 -14.72
N GLY R 88 76.17 13.21 -15.29
CA GLY R 88 77.33 12.62 -14.62
C GLY R 88 77.87 13.36 -13.40
N THR R 89 78.81 12.71 -12.72
CA THR R 89 79.46 13.27 -11.54
C THR R 89 80.67 14.08 -11.97
N HIS R 90 80.98 15.14 -11.22
CA HIS R 90 81.87 16.21 -11.67
C HIS R 90 82.94 16.53 -10.63
N ASN R 91 83.88 17.38 -11.02
CA ASN R 91 84.80 18.03 -10.09
C ASN R 91 84.70 19.54 -10.25
N MET R 92 84.94 20.26 -9.17
CA MET R 92 85.05 21.71 -9.21
C MET R 92 86.19 22.17 -8.31
N TYR R 93 86.54 23.44 -8.45
CA TYR R 93 87.31 24.16 -7.46
C TYR R 93 86.54 25.45 -7.25
N ARG R 94 85.88 25.55 -6.10
CA ARG R 94 85.18 26.77 -5.75
C ARG R 94 86.14 27.59 -4.91
N GLU R 95 85.80 28.86 -4.78
CA GLU R 95 86.51 29.75 -3.91
C GLU R 95 85.53 30.60 -3.18
N TYR R 96 85.72 30.73 -1.89
CA TYR R 96 84.90 31.59 -1.08
C TYR R 96 85.81 32.48 -0.27
N ARG R 97 85.20 33.49 0.33
CA ARG R 97 85.94 34.43 1.16
C ARG R 97 85.18 34.55 2.46
N ASP R 98 85.82 34.13 3.55
CA ASP R 98 85.13 33.97 4.81
C ASP R 98 86.09 34.08 5.99
N LEU R 99 85.50 34.13 7.18
CA LEU R 99 86.24 34.15 8.45
C LEU R 99 86.65 32.76 8.95
N THR R 100 86.12 31.68 8.35
CA THR R 100 86.33 30.31 8.84
C THR R 100 86.22 29.26 7.74
N THR R 101 86.79 28.08 8.00
CA THR R 101 86.61 26.92 7.12
C THR R 101 85.17 26.47 7.09
N ALA R 102 84.61 26.28 8.28
CA ALA R 102 83.22 25.86 8.46
C ALA R 102 82.32 26.78 7.69
N GLY R 103 82.48 28.08 7.94
CA GLY R 103 81.73 29.12 7.26
C GLY R 103 81.91 29.04 5.76
N ALA R 104 83.14 28.81 5.33
CA ALA R 104 83.45 28.67 3.91
C ALA R 104 82.85 27.41 3.28
N VAL R 105 82.79 26.30 4.02
CA VAL R 105 82.16 25.09 3.48
C VAL R 105 80.63 25.26 3.50
N THR R 106 80.10 25.81 4.58
CA THR R 106 78.66 26.14 4.65
C THR R 106 78.23 26.97 3.45
N GLN R 107 78.97 28.06 3.23
CA GLN R 107 78.83 28.94 2.05
C GLN R 107 78.81 28.17 0.74
N CYS R 108 79.70 27.18 0.62
CA CYS R 108 79.74 26.32 -0.55
C CYS R 108 78.45 25.55 -0.74
N TYR R 109 78.05 24.83 0.30
CA TYR R 109 76.81 24.04 0.25
C TYR R 109 75.60 24.85 -0.20
N ARG R 110 75.54 26.13 0.17
CA ARG R 110 74.46 27.01 -0.26
C ARG R 110 74.58 27.39 -1.71
N ASP R 111 75.80 27.71 -2.13
CA ASP R 111 76.08 28.06 -3.51
C ASP R 111 75.70 26.93 -4.43
N MET R 112 76.21 25.74 -4.14
CA MET R 112 75.96 24.58 -4.96
C MET R 112 74.48 24.28 -5.14
N GLY R 113 73.72 24.40 -4.05
CA GLY R 113 72.27 24.33 -4.12
C GLY R 113 71.71 25.39 -5.06
N ALA R 114 72.21 26.62 -4.95
CA ALA R 114 71.75 27.71 -5.79
C ALA R 114 72.11 27.49 -7.24
N ARG R 115 73.41 27.37 -7.49
CA ARG R 115 73.93 27.41 -8.85
C ARG R 115 73.77 26.12 -9.62
N HIS R 116 73.66 25.00 -8.93
CA HIS R 116 73.59 23.73 -9.60
C HIS R 116 72.47 22.82 -9.12
N ARG R 117 71.51 23.38 -8.38
CA ARG R 117 70.50 22.59 -7.68
C ARG R 117 71.06 21.25 -7.23
N ALA R 118 72.17 21.33 -6.50
CA ALA R 118 72.85 20.16 -5.98
C ALA R 118 72.52 20.08 -4.51
N ARG R 119 72.04 18.91 -4.07
CA ARG R 119 71.64 18.73 -2.69
C ARG R 119 72.79 18.09 -1.94
N ALA R 120 72.91 18.44 -0.67
CA ALA R 120 73.96 17.97 0.24
C ALA R 120 74.49 16.58 -0.11
N HIS R 121 73.58 15.60 -0.08
CA HIS R 121 73.94 14.20 -0.19
C HIS R 121 74.70 13.85 -1.47
N SER R 122 74.59 14.69 -2.49
CA SER R 122 75.34 14.55 -3.74
C SER R 122 76.79 15.03 -3.70
N ILE R 123 77.09 15.99 -2.83
CA ILE R 123 78.38 16.69 -2.80
C ILE R 123 79.41 15.99 -1.90
N GLN R 124 80.64 15.87 -2.40
CA GLN R 124 81.80 15.39 -1.62
C GLN R 124 82.79 16.53 -1.55
N ILE R 125 83.11 17.00 -0.35
CA ILE R 125 84.20 17.95 -0.20
C ILE R 125 85.46 17.12 0.02
N MET R 126 86.49 17.44 -0.75
CA MET R 126 87.73 16.68 -0.69
C MET R 126 88.69 17.49 0.15
N LYS R 127 89.19 18.60 -0.39
CA LYS R 127 90.10 19.47 0.36
C LYS R 127 89.53 20.86 0.52
N VAL R 128 89.75 21.45 1.68
CA VAL R 128 89.49 22.86 1.93
C VAL R 128 90.81 23.44 2.39
N GLU R 129 91.35 24.39 1.63
CA GLU R 129 92.65 24.98 1.91
C GLU R 129 92.54 26.49 1.86
N GLU R 130 92.95 27.16 2.95
CA GLU R 130 93.08 28.63 2.91
C GLU R 130 94.24 28.99 2.00
N ILE R 131 94.16 30.18 1.44
CA ILE R 131 94.92 30.54 0.26
C ILE R 131 95.31 32.00 0.35
N ALA R 132 96.37 32.37 -0.38
CA ALA R 132 96.88 33.74 -0.38
C ALA R 132 95.96 34.68 -1.18
N ALA R 133 96.34 35.95 -1.27
CA ALA R 133 95.68 36.89 -2.18
C ALA R 133 95.80 36.39 -3.60
N SER R 134 97.03 36.02 -3.96
CA SER R 134 97.31 35.29 -5.18
C SER R 134 96.99 33.82 -4.95
N LYS R 135 97.02 33.03 -6.04
CA LYS R 135 96.47 31.67 -6.06
C LYS R 135 94.94 31.69 -5.88
N CYS R 136 94.33 32.82 -6.22
CA CYS R 136 92.89 32.97 -6.23
C CYS R 136 92.52 33.13 -7.70
N ARG R 137 91.79 32.14 -8.22
CA ARG R 137 91.50 32.03 -9.63
C ARG R 137 90.17 32.66 -10.01
N ARG R 138 89.32 32.90 -9.02
CA ARG R 138 87.97 33.41 -9.27
C ARG R 138 87.93 34.92 -9.07
N PRO R 139 87.44 35.67 -10.09
CA PRO R 139 87.40 37.13 -10.00
C PRO R 139 86.37 37.69 -9.02
N ALA R 140 85.35 36.90 -8.70
CA ALA R 140 84.38 37.27 -7.67
C ALA R 140 85.02 37.43 -6.30
N VAL R 141 86.07 36.66 -6.05
CA VAL R 141 86.93 36.83 -4.88
C VAL R 141 87.90 37.98 -5.08
N LYS R 142 88.60 37.95 -6.22
CA LYS R 142 89.72 38.86 -6.50
C LYS R 142 89.41 40.35 -6.39
N GLN R 143 88.16 40.74 -6.64
CA GLN R 143 87.79 42.15 -6.58
C GLN R 143 87.88 42.75 -5.17
N PHE R 144 87.77 41.92 -4.14
CA PHE R 144 87.90 42.39 -2.76
C PHE R 144 89.34 42.48 -2.26
N HIS R 145 90.28 41.90 -3.00
CA HIS R 145 91.70 42.08 -2.72
C HIS R 145 92.18 43.45 -3.18
N ASP R 146 92.17 44.41 -2.25
CA ASP R 146 92.49 45.81 -2.55
C ASP R 146 92.55 46.60 -1.26
N SER R 147 93.51 47.53 -1.17
CA SER R 147 93.79 48.21 0.08
C SER R 147 92.74 49.27 0.37
N LYS R 148 92.58 50.20 -0.55
CA LYS R 148 91.64 51.30 -0.40
C LYS R 148 90.34 50.93 -1.10
N ILE R 149 89.65 49.95 -0.55
CA ILE R 149 88.36 49.53 -1.09
C ILE R 149 87.31 50.55 -0.70
N LYS R 150 86.41 50.80 -1.63
CA LYS R 150 85.53 51.93 -1.55
C LYS R 150 84.32 51.62 -2.41
N PHE R 151 83.17 51.47 -1.77
CA PHE R 151 81.91 51.42 -2.50
C PHE R 151 80.77 51.95 -1.65
N PRO R 152 79.72 52.46 -2.30
CA PRO R 152 78.49 52.84 -1.62
C PRO R 152 77.46 51.71 -1.60
N LEU R 153 76.33 52.01 -0.95
CA LEU R 153 75.26 51.06 -0.68
C LEU R 153 73.99 51.59 -1.36
N PRO R 154 74.04 51.76 -2.70
CA PRO R 154 73.26 52.76 -3.42
C PRO R 154 71.73 52.84 -3.17
N HIS R 155 70.98 51.82 -3.59
CA HIS R 155 69.52 51.82 -3.56
C HIS R 155 69.15 50.99 -2.35
N ARG R 156 69.20 51.65 -1.20
CA ARG R 156 69.12 50.99 0.08
C ARG R 156 67.67 50.74 0.43
N VAL R 157 67.13 49.65 -0.13
CA VAL R 157 65.72 49.31 0.02
C VAL R 157 65.38 49.02 1.48
N LEU R 158 64.22 49.52 1.90
CA LEU R 158 63.86 49.43 3.31
C LEU R 158 63.33 48.07 3.66
N ARG R 159 63.62 47.72 4.91
CA ARG R 159 62.88 46.75 5.64
C ARG R 159 62.25 47.55 6.78
N ARG R 160 61.49 46.88 7.65
CA ARG R 160 60.50 47.54 8.51
C ARG R 160 59.45 48.14 7.59
N GLN R 161 58.82 47.27 6.81
CA GLN R 161 57.71 47.66 5.96
C GLN R 161 56.39 47.55 6.71
N HIS R 162 56.42 47.01 7.92
CA HIS R 162 55.21 46.89 8.73
C HIS R 162 55.30 47.46 10.14
N LYS R 163 56.46 48.01 10.51
CA LYS R 163 56.43 49.22 11.30
C LYS R 163 56.05 50.25 10.26
N PRO R 164 55.31 51.27 10.68
CA PRO R 164 54.15 51.79 9.98
C PRO R 164 53.69 50.93 8.81
N ARG R 165 52.66 50.13 9.01
CA ARG R 165 52.04 49.45 7.88
C ARG R 165 51.45 50.51 6.97
N PHE R 166 50.83 51.51 7.58
CA PHE R 166 50.32 52.66 6.86
C PHE R 166 51.01 53.89 7.37
N THR R 167 51.35 54.78 6.46
CA THR R 167 51.91 56.06 6.85
C THR R 167 51.75 57.09 5.77
N THR R 168 51.83 58.33 6.22
CA THR R 168 51.77 59.49 5.37
C THR R 168 53.00 59.58 4.49
N LYS R 169 54.17 59.44 5.09
CA LYS R 169 55.42 59.61 4.36
C LYS R 169 55.63 58.49 3.36
N ARG R 170 55.86 58.87 2.10
CA ARG R 170 56.53 57.97 1.17
C ARG R 170 57.97 57.86 1.64
N PRO R 171 58.57 56.65 1.53
CA PRO R 171 59.80 56.32 2.24
C PRO R 171 60.99 57.05 1.64
N ASN R 172 62.20 56.66 2.03
CA ASN R 172 63.42 57.14 1.39
C ASN R 172 64.43 56.02 1.24
N THR R 173 65.16 56.04 0.13
CA THR R 173 66.18 55.03 -0.14
C THR R 173 67.51 55.62 -0.56
N PHE R 174 67.70 56.91 -0.32
CA PHE R 174 68.99 57.55 -0.53
C PHE R 174 69.64 57.86 0.80
N PHE R 175 70.90 57.46 0.93
CA PHE R 175 71.65 57.65 2.17
C PHE R 175 73.12 57.94 1.87
N THR S 1 48.55 -23.52 -14.50
CA THR S 1 48.61 -24.45 -13.33
C THR S 1 49.71 -25.50 -13.50
N ASN S 2 50.53 -25.65 -12.47
CA ASN S 2 51.74 -26.47 -12.51
C ASN S 2 51.47 -27.93 -12.27
N THR S 3 52.38 -28.78 -12.72
CA THR S 3 52.21 -30.22 -12.59
C THR S 3 52.49 -30.66 -11.18
N LYS S 4 51.69 -31.60 -10.70
CA LYS S 4 51.83 -32.08 -9.34
C LYS S 4 52.93 -33.13 -9.18
N GLY S 5 53.65 -33.48 -10.25
CA GLY S 5 54.67 -34.53 -10.18
C GLY S 5 55.67 -34.46 -9.04
N LYS S 6 55.98 -35.63 -8.48
CA LYS S 6 56.83 -35.76 -7.30
C LYS S 6 58.16 -35.03 -7.40
N ARG S 7 58.79 -35.11 -8.57
CA ARG S 7 60.15 -34.59 -8.72
C ARG S 7 60.23 -33.26 -9.45
N ARG S 8 59.08 -32.59 -9.61
CA ARG S 8 59.05 -31.35 -10.35
C ARG S 8 59.91 -30.32 -9.61
N GLY S 9 60.81 -29.68 -10.34
CA GLY S 9 61.67 -28.62 -9.81
C GLY S 9 62.90 -29.05 -9.03
N THR S 10 63.29 -30.31 -9.12
CA THR S 10 64.48 -30.81 -8.42
C THR S 10 65.65 -31.03 -9.39
N ARG S 11 65.65 -30.28 -10.49
CA ARG S 11 66.74 -30.26 -11.46
C ARG S 11 68.08 -29.98 -10.80
N TYR S 12 68.06 -29.01 -9.90
CA TYR S 12 69.25 -28.64 -9.15
C TYR S 12 69.34 -29.30 -7.78
N MET S 13 68.20 -29.50 -7.11
CA MET S 13 68.27 -30.04 -5.75
C MET S 13 68.89 -31.42 -5.75
N PHE S 14 68.28 -32.35 -6.47
CA PHE S 14 68.83 -33.71 -6.57
C PHE S 14 69.76 -33.70 -7.76
N SER S 15 70.97 -33.28 -7.51
CA SER S 15 72.00 -33.31 -8.52
C SER S 15 73.32 -33.24 -7.82
N ARG S 16 74.14 -34.28 -7.97
CA ARG S 16 75.40 -34.33 -7.28
C ARG S 16 76.20 -33.11 -7.70
N PRO S 17 76.93 -32.51 -6.75
CA PRO S 17 77.68 -31.28 -7.04
C PRO S 17 78.80 -31.48 -8.06
N PHE S 18 79.48 -30.39 -8.38
CA PHE S 18 80.47 -30.42 -9.45
C PHE S 18 81.69 -31.24 -9.07
N ARG S 19 81.94 -32.28 -9.88
CA ARG S 19 83.00 -33.27 -9.63
C ARG S 19 82.82 -34.01 -8.30
N LYS S 20 81.57 -34.38 -7.99
CA LYS S 20 81.27 -35.28 -6.91
C LYS S 20 80.20 -36.27 -7.32
N HIS S 21 80.19 -36.64 -8.61
CA HIS S 21 79.32 -37.71 -9.09
C HIS S 21 79.90 -39.07 -8.73
N GLY S 22 79.18 -40.12 -9.09
CA GLY S 22 79.67 -41.47 -8.96
C GLY S 22 79.49 -42.03 -7.56
N VAL S 23 80.37 -42.96 -7.21
CA VAL S 23 80.13 -43.88 -6.10
C VAL S 23 79.85 -43.12 -4.83
N VAL S 24 78.82 -43.55 -4.11
CA VAL S 24 78.44 -42.91 -2.87
C VAL S 24 79.45 -43.42 -1.86
N PRO S 25 80.41 -42.57 -1.45
CA PRO S 25 81.53 -43.07 -0.65
C PRO S 25 81.08 -43.52 0.74
N LEU S 26 81.74 -44.54 1.26
CA LEU S 26 81.07 -45.51 2.13
C LEU S 26 80.77 -45.15 3.58
N ALA S 27 81.46 -44.16 4.13
CA ALA S 27 81.15 -43.66 5.49
C ALA S 27 79.66 -43.43 5.63
N THR S 28 79.13 -42.60 4.74
CA THR S 28 77.70 -42.37 4.52
C THR S 28 76.79 -43.49 4.96
N TYR S 29 77.06 -44.69 4.45
CA TYR S 29 76.22 -45.86 4.72
C TYR S 29 76.50 -46.36 6.12
N MET S 30 77.78 -46.51 6.43
CA MET S 30 78.22 -47.14 7.66
C MET S 30 78.38 -46.15 8.82
N ARG S 31 77.35 -45.38 9.10
CA ARG S 31 77.29 -44.64 10.36
C ARG S 31 75.91 -44.67 10.98
N ILE S 32 75.91 -44.82 12.30
CA ILE S 32 74.78 -45.39 12.98
C ILE S 32 73.87 -44.32 13.53
N TYR S 33 72.58 -44.50 13.25
CA TYR S 33 71.56 -43.67 13.79
C TYR S 33 70.79 -44.55 14.77
N LYS S 34 70.53 -43.99 15.95
CA LYS S 34 69.75 -44.63 16.99
C LYS S 34 68.34 -44.05 16.89
N LYS S 35 67.52 -44.29 17.92
CA LYS S 35 66.30 -43.49 18.12
C LYS S 35 66.69 -42.11 18.60
N GLY S 36 65.83 -41.14 18.30
CA GLY S 36 66.00 -39.77 18.80
C GLY S 36 67.30 -39.08 18.44
N ASP S 37 67.85 -39.41 17.28
CA ASP S 37 68.99 -38.69 16.73
C ASP S 37 68.48 -37.56 15.87
N ILE S 38 69.08 -36.39 16.03
CA ILE S 38 68.70 -35.24 15.26
C ILE S 38 69.44 -35.34 13.94
N VAL S 39 68.68 -35.22 12.87
CA VAL S 39 69.12 -35.66 11.58
C VAL S 39 68.56 -34.71 10.53
N ASP S 40 69.45 -34.21 9.67
CA ASP S 40 69.04 -33.30 8.60
C ASP S 40 68.99 -34.03 7.27
N ILE S 41 67.87 -33.85 6.59
CA ILE S 41 67.56 -34.56 5.37
C ILE S 41 68.09 -33.75 4.20
N LYS S 42 68.67 -34.46 3.25
CA LYS S 42 69.23 -33.85 2.07
C LYS S 42 69.27 -34.88 0.94
N GLY S 43 68.14 -34.98 0.22
CA GLY S 43 68.01 -35.80 -0.98
C GLY S 43 69.22 -35.78 -1.89
N MET S 44 69.40 -36.87 -2.63
CA MET S 44 70.60 -37.14 -3.43
C MET S 44 70.16 -37.90 -4.67
N GLY S 45 70.80 -37.58 -5.80
CA GLY S 45 70.35 -38.07 -7.08
C GLY S 45 70.78 -39.49 -7.40
N THR S 46 71.97 -39.87 -6.96
CA THR S 46 72.51 -41.20 -7.24
C THR S 46 71.62 -42.33 -6.72
N VAL S 47 71.22 -42.18 -5.47
CA VAL S 47 70.32 -43.13 -4.84
C VAL S 47 68.91 -42.61 -5.02
N GLN S 48 68.09 -43.38 -5.74
CA GLN S 48 66.69 -43.04 -5.96
C GLN S 48 65.70 -43.88 -5.13
N LYS S 49 66.16 -45.01 -4.61
CA LYS S 49 65.41 -45.75 -3.61
C LYS S 49 65.43 -45.03 -2.26
N GLY S 50 64.24 -44.79 -1.71
CA GLY S 50 64.09 -44.17 -0.40
C GLY S 50 64.31 -42.66 -0.37
N MET S 51 64.26 -42.03 -1.54
CA MET S 51 64.44 -40.59 -1.63
C MET S 51 63.36 -39.89 -0.82
N PRO S 52 63.71 -38.84 -0.08
CA PRO S 52 62.68 -37.97 0.45
C PRO S 52 62.07 -37.07 -0.61
N HIS S 53 60.89 -36.52 -0.30
CA HIS S 53 60.21 -35.57 -1.16
C HIS S 53 60.88 -34.22 -1.04
N LYS S 54 60.83 -33.46 -2.13
CA LYS S 54 61.47 -32.15 -2.21
C LYS S 54 61.14 -31.16 -1.10
N CYS S 55 60.02 -31.37 -0.42
CA CYS S 55 59.62 -30.53 0.71
C CYS S 55 60.47 -30.74 1.96
N TYR S 56 61.00 -31.95 2.15
CA TYR S 56 61.78 -32.27 3.36
C TYR S 56 63.30 -32.11 3.22
N HIS S 57 63.76 -31.84 2.01
CA HIS S 57 65.15 -31.48 1.77
C HIS S 57 65.43 -30.19 2.50
N GLY S 58 66.59 -30.12 3.16
CA GLY S 58 66.92 -28.99 4.04
C GLY S 58 66.43 -29.17 5.46
N LYS S 59 65.17 -29.60 5.60
CA LYS S 59 64.55 -29.85 6.90
C LYS S 59 65.27 -30.87 7.79
N THR S 60 65.32 -30.53 9.08
CA THR S 60 65.89 -31.35 10.12
C THR S 60 64.78 -31.92 10.93
N GLY S 61 65.00 -33.11 11.47
CA GLY S 61 64.04 -33.77 12.35
C GLY S 61 64.65 -34.91 13.10
N ARG S 62 63.85 -35.56 13.94
CA ARG S 62 64.37 -36.63 14.79
C ARG S 62 64.04 -37.99 14.21
N VAL S 63 64.93 -38.95 14.47
CA VAL S 63 64.74 -40.33 14.08
C VAL S 63 63.80 -40.97 15.06
N TYR S 64 62.81 -41.70 14.57
CA TYR S 64 61.90 -42.46 15.42
C TYR S 64 62.00 -43.99 15.26
N ASN S 65 62.27 -44.44 14.03
CA ASN S 65 62.35 -45.84 13.69
C ASN S 65 63.68 -46.06 13.02
N VAL S 66 64.23 -47.27 13.11
CA VAL S 66 65.40 -47.59 12.30
C VAL S 66 65.21 -48.99 11.73
N THR S 67 65.10 -49.08 10.41
CA THR S 67 64.93 -50.36 9.73
C THR S 67 66.32 -50.84 9.27
N GLN S 68 66.36 -51.83 8.38
CA GLN S 68 67.62 -52.37 7.85
C GLN S 68 68.47 -51.33 7.15
N HIS S 69 67.94 -50.71 6.10
CA HIS S 69 68.70 -49.65 5.43
C HIS S 69 67.86 -48.44 5.13
N ALA S 70 67.27 -47.92 6.19
CA ALA S 70 66.57 -46.66 6.15
C ALA S 70 66.31 -46.19 7.57
N VAL S 71 65.82 -44.96 7.70
CA VAL S 71 65.50 -44.42 9.01
C VAL S 71 64.23 -43.60 8.95
N GLY S 72 63.22 -44.06 9.69
CA GLY S 72 62.03 -43.27 9.93
C GLY S 72 62.40 -42.01 10.69
N ILE S 73 61.85 -40.88 10.28
CA ILE S 73 62.31 -39.59 10.77
C ILE S 73 61.20 -38.55 10.81
N VAL S 74 60.78 -38.20 12.02
CA VAL S 74 59.73 -37.20 12.23
C VAL S 74 60.31 -35.85 11.88
N VAL S 75 59.61 -35.13 11.01
CA VAL S 75 60.00 -33.79 10.62
C VAL S 75 58.74 -32.93 10.58
N ASN S 76 58.91 -31.64 10.87
CA ASN S 76 57.80 -30.71 10.87
C ASN S 76 57.74 -29.97 9.56
N LYS S 77 56.57 -30.09 8.92
CA LYS S 77 56.29 -29.50 7.62
C LYS S 77 55.11 -28.59 7.82
N GLN S 78 55.27 -27.34 7.40
CA GLN S 78 54.22 -26.35 7.54
C GLN S 78 53.27 -26.52 6.37
N VAL S 79 52.00 -26.25 6.64
CA VAL S 79 50.96 -26.31 5.62
C VAL S 79 50.03 -25.13 5.87
N LYS S 80 50.15 -24.12 5.01
CA LYS S 80 49.40 -22.86 5.15
C LYS S 80 49.38 -22.38 6.60
N GLY S 81 48.42 -22.86 7.38
CA GLY S 81 48.22 -22.38 8.74
C GLY S 81 48.69 -23.30 9.86
N LYS S 82 49.00 -24.54 9.53
CA LYS S 82 49.24 -25.56 10.54
C LYS S 82 50.53 -26.31 10.26
N ILE S 83 51.33 -26.46 11.31
CA ILE S 83 52.56 -27.21 11.27
C ILE S 83 52.22 -28.65 11.62
N LEU S 84 52.56 -29.57 10.70
CA LEU S 84 52.28 -30.98 10.89
C LEU S 84 53.57 -31.73 11.10
N ALA S 85 53.74 -32.25 12.30
CA ALA S 85 54.82 -33.17 12.60
C ALA S 85 54.45 -34.48 11.95
N LYS S 86 55.27 -34.94 11.01
CA LYS S 86 54.95 -36.13 10.23
C LYS S 86 56.18 -36.97 9.94
N ARG S 87 55.95 -38.24 9.70
CA ARG S 87 56.98 -39.28 9.82
C ARG S 87 57.22 -39.94 8.47
N ILE S 88 58.48 -39.87 8.03
CA ILE S 88 58.89 -40.19 6.67
C ILE S 88 60.03 -41.19 6.73
N ASN S 89 60.15 -42.05 5.72
CA ASN S 89 61.05 -43.19 5.75
C ASN S 89 62.17 -43.06 4.75
N VAL S 90 63.19 -42.33 5.14
CA VAL S 90 64.26 -41.96 4.24
C VAL S 90 65.31 -43.04 4.28
N ARG S 91 65.86 -43.35 3.12
CA ARG S 91 67.00 -44.23 3.04
C ARG S 91 68.26 -43.46 3.43
N ILE S 92 69.15 -44.13 4.17
CA ILE S 92 70.28 -43.50 4.87
C ILE S 92 71.03 -42.47 4.02
N GLU S 93 71.22 -42.82 2.74
CA GLU S 93 72.04 -42.02 1.84
C GLU S 93 71.63 -40.55 1.74
N HIS S 94 70.39 -40.24 2.13
CA HIS S 94 69.84 -38.89 2.07
C HIS S 94 69.83 -38.17 3.42
N ILE S 95 70.75 -38.53 4.31
CA ILE S 95 70.65 -38.15 5.72
C ILE S 95 72.04 -38.06 6.38
N LYS S 96 72.23 -37.01 7.16
CA LYS S 96 73.44 -36.81 7.97
C LYS S 96 73.02 -36.61 9.40
N HIS S 97 73.94 -36.79 10.33
CA HIS S 97 73.73 -36.28 11.68
C HIS S 97 73.78 -34.76 11.65
N SER S 98 72.79 -34.12 12.25
CA SER S 98 72.79 -32.67 12.38
C SER S 98 73.66 -32.32 13.57
N LYS S 99 74.73 -31.57 13.32
CA LYS S 99 75.63 -31.10 14.39
C LYS S 99 74.98 -30.11 15.34
N SER S 100 73.92 -29.42 14.90
CA SER S 100 73.18 -28.44 15.70
C SER S 100 73.05 -28.75 17.19
N ARG S 101 72.83 -30.03 17.50
CA ARG S 101 72.68 -30.51 18.87
C ARG S 101 74.00 -30.71 19.63
N ASP S 102 75.07 -31.04 18.91
CA ASP S 102 76.35 -31.42 19.55
C ASP S 102 77.05 -30.29 20.27
N SER S 103 77.04 -29.10 19.66
CA SER S 103 77.52 -27.88 20.32
C SER S 103 76.79 -27.60 21.64
N PHE S 104 75.52 -28.00 21.72
CA PHE S 104 74.76 -27.95 22.97
C PHE S 104 75.29 -28.95 23.97
N LEU S 105 75.46 -30.20 23.55
CA LEU S 105 75.95 -31.25 24.43
C LEU S 105 77.36 -30.94 24.95
N LYS S 106 78.21 -30.39 24.07
CA LYS S 106 79.53 -29.89 24.47
C LYS S 106 79.45 -28.87 25.61
N ARG S 107 78.50 -27.95 25.50
CA ARG S 107 78.29 -26.92 26.51
C ARG S 107 77.79 -27.50 27.82
N VAL S 108 76.88 -28.46 27.77
CA VAL S 108 76.36 -29.09 29.00
C VAL S 108 77.45 -29.92 29.67
N LYS S 109 78.25 -30.62 28.87
CA LYS S 109 79.39 -31.34 29.42
C LYS S 109 80.35 -30.37 30.12
N GLU S 110 80.68 -29.27 29.45
CA GLU S 110 81.53 -28.20 30.01
C GLU S 110 80.94 -27.62 31.29
N ASN S 111 79.62 -27.50 31.35
CA ASN S 111 78.92 -27.05 32.56
C ASN S 111 79.05 -28.05 33.71
N ASP S 112 78.92 -29.34 33.41
CA ASP S 112 79.05 -30.40 34.42
C ASP S 112 80.46 -30.47 35.00
N GLN S 113 81.47 -30.23 34.15
CA GLN S 113 82.85 -30.02 34.61
C GLN S 113 82.94 -28.82 35.55
N LYS S 114 82.39 -27.69 35.11
CA LYS S 114 82.44 -26.44 35.85
C LYS S 114 81.45 -26.34 37.02
N LYS S 115 80.56 -27.33 37.16
CA LYS S 115 79.68 -27.45 38.33
C LYS S 115 80.30 -28.33 39.40
N LYS S 116 80.87 -29.47 39.01
CA LYS S 116 81.58 -30.36 39.96
C LYS S 116 82.73 -29.62 40.62
N GLU S 117 83.66 -29.12 39.81
CA GLU S 117 84.66 -28.17 40.28
C GLU S 117 83.94 -26.84 40.50
N ALA S 118 84.52 -25.97 41.33
CA ALA S 118 83.87 -24.73 41.78
C ALA S 118 82.68 -24.96 42.74
N LYS S 119 82.56 -26.17 43.29
CA LYS S 119 81.60 -26.49 44.36
C LYS S 119 82.36 -26.60 45.67
N GLU S 120 83.42 -27.42 45.67
CA GLU S 120 84.39 -27.48 46.77
C GLU S 120 85.17 -26.17 46.97
N LYS S 121 85.38 -25.42 45.88
CA LYS S 121 86.05 -24.12 45.97
C LYS S 121 85.14 -23.09 46.64
N GLY S 122 83.90 -23.00 46.17
CA GLY S 122 82.92 -22.05 46.69
C GLY S 122 82.56 -20.94 45.72
N THR S 123 83.48 -20.58 44.84
CA THR S 123 83.28 -19.52 43.84
C THR S 123 82.34 -19.99 42.74
N TRP S 124 81.11 -19.46 42.71
CA TRP S 124 80.14 -19.81 41.68
C TRP S 124 80.51 -19.14 40.34
N VAL S 125 80.35 -19.89 39.26
CA VAL S 125 80.82 -19.50 37.93
C VAL S 125 79.64 -19.31 36.99
N GLN S 126 79.82 -18.44 35.98
CA GLN S 126 78.78 -18.14 34.99
C GLN S 126 78.54 -19.31 34.04
N LEU S 127 77.39 -19.96 34.21
CA LEU S 127 77.00 -21.14 33.43
C LEU S 127 76.15 -20.74 32.24
N LYS S 128 75.20 -19.83 32.48
CA LYS S 128 74.46 -19.16 31.39
C LYS S 128 75.42 -18.51 30.40
N ARG S 129 74.99 -18.44 29.14
CA ARG S 129 75.69 -17.64 28.14
C ARG S 129 75.33 -16.18 28.31
N GLN S 130 76.00 -15.30 27.59
CA GLN S 130 75.60 -13.89 27.57
C GLN S 130 75.92 -13.27 26.20
N PRO S 131 75.01 -12.43 25.67
CA PRO S 131 75.27 -11.86 24.35
C PRO S 131 76.44 -10.90 24.38
N ALA S 132 77.04 -10.68 23.21
CA ALA S 132 78.25 -9.88 23.09
C ALA S 132 78.01 -8.48 23.65
N PRO S 133 78.62 -8.18 24.83
CA PRO S 133 78.38 -6.90 25.47
C PRO S 133 79.11 -5.77 24.76
N PRO S 134 78.75 -4.51 25.05
CA PRO S 134 79.44 -3.39 24.41
C PRO S 134 80.92 -3.41 24.77
N ARG S 135 81.76 -2.95 23.84
CA ARG S 135 83.16 -3.38 23.78
C ARG S 135 84.17 -2.78 24.79
N GLU S 136 83.71 -2.31 25.95
CA GLU S 136 84.58 -1.88 27.06
C GLU S 136 85.41 -0.63 26.77
N ALA S 137 85.90 -0.01 27.84
CA ALA S 137 86.77 1.17 27.73
C ALA S 137 88.21 0.72 27.58
N HIS S 138 88.96 1.42 26.74
CA HIS S 138 90.34 1.06 26.42
C HIS S 138 91.10 2.22 25.76
N PHE S 139 92.43 2.22 25.90
CA PHE S 139 93.30 3.23 25.28
C PHE S 139 93.80 2.73 23.93
N VAL S 140 94.05 3.67 23.04
CA VAL S 140 94.67 3.38 21.75
C VAL S 140 95.88 4.29 21.67
N ARG S 141 97.07 3.69 21.66
CA ARG S 141 98.32 4.46 21.54
C ARG S 141 98.65 4.68 20.07
N THR S 142 98.49 5.93 19.63
CA THR S 142 99.06 6.36 18.35
C THR S 142 100.57 6.46 18.56
N ASN S 143 101.22 5.30 18.55
CA ASN S 143 102.63 5.20 18.98
C ASN S 143 103.60 5.93 18.06
N GLY S 144 103.96 7.15 18.45
CA GLY S 144 104.88 7.98 17.69
C GLY S 144 104.20 8.60 16.49
N LYS S 145 104.06 7.82 15.43
CA LYS S 145 103.43 8.27 14.19
C LYS S 145 102.01 8.78 14.41
N GLU S 146 101.68 9.91 13.76
CA GLU S 146 100.37 10.52 13.88
C GLU S 146 99.34 9.77 13.00
N PRO S 147 98.05 10.16 13.07
CA PRO S 147 97.06 9.60 12.17
C PRO S 147 97.29 9.91 10.67
N GLU S 148 96.77 9.03 9.82
CA GLU S 148 96.90 9.10 8.36
C GLU S 148 95.67 9.79 7.78
N LEU S 149 95.87 10.91 7.09
CA LEU S 149 94.74 11.67 6.52
C LEU S 149 94.17 11.00 5.27
N LEU S 150 92.84 10.96 5.18
CA LEU S 150 92.14 10.39 4.03
C LEU S 150 91.24 11.41 3.33
N GLU S 151 91.78 12.02 2.28
CA GLU S 151 90.98 12.84 1.38
C GLU S 151 90.18 11.87 0.52
N PRO S 152 88.90 12.18 0.26
CA PRO S 152 88.17 11.45 -0.78
C PRO S 152 88.73 11.77 -2.14
N ILE S 153 88.74 10.78 -3.04
CA ILE S 153 89.45 10.92 -4.30
C ILE S 153 88.57 11.56 -5.38
N PRO S 154 89.17 12.40 -6.24
CA PRO S 154 88.42 13.07 -7.29
C PRO S 154 87.92 12.08 -8.32
N TYR S 155 86.66 12.24 -8.70
CA TYR S 155 86.03 11.42 -9.72
C TYR S 155 86.77 11.50 -11.05
N GLU S 156 86.79 10.37 -11.75
CA GLU S 156 87.09 10.34 -13.19
C GLU S 156 86.34 9.18 -13.84
N PHE S 157 86.10 9.31 -15.13
CA PHE S 157 85.29 8.36 -15.88
C PHE S 157 86.21 7.36 -16.57
N MET S 158 86.09 6.09 -16.21
CA MET S 158 87.04 5.05 -16.62
C MET S 158 86.71 4.40 -17.96
N ALA S 159 85.45 4.00 -18.14
CA ALA S 159 85.05 3.21 -19.31
C ALA S 159 85.01 4.03 -20.59
N GLN T 1 -72.98 29.46 -77.94
CA GLN T 1 -72.87 29.67 -76.46
C GLN T 1 -72.91 31.16 -76.08
N VAL T 2 -73.21 31.41 -74.80
CA VAL T 2 -73.25 32.75 -74.22
C VAL T 2 -72.68 32.71 -72.80
N LEU T 3 -71.42 33.13 -72.65
CA LEU T 3 -70.74 33.11 -71.34
C LEU T 3 -70.97 34.43 -70.61
N LYS T 4 -71.78 34.39 -69.56
CA LYS T 4 -72.27 35.57 -68.86
C LYS T 4 -71.78 35.57 -67.42
N PHE T 5 -70.76 36.38 -67.14
CA PHE T 5 -70.14 36.45 -65.81
C PHE T 5 -70.39 37.80 -65.15
N THR T 6 -71.06 37.78 -63.99
CA THR T 6 -71.25 38.99 -63.21
C THR T 6 -70.00 39.24 -62.39
N LEU T 7 -69.95 40.41 -61.75
CA LEU T 7 -68.81 40.81 -60.94
C LEU T 7 -69.27 41.88 -59.95
N ASP T 8 -70.32 41.56 -59.20
CA ASP T 8 -71.05 42.56 -58.42
C ASP T 8 -70.21 43.12 -57.26
N CYS T 9 -70.22 44.45 -57.14
CA CYS T 9 -69.52 45.16 -56.09
C CYS T 9 -70.53 46.06 -55.40
N THR T 10 -71.37 45.42 -54.59
CA THR T 10 -72.49 46.09 -53.95
C THR T 10 -72.04 47.05 -52.86
N HIS T 11 -71.50 46.51 -51.76
CA HIS T 11 -71.18 47.32 -50.57
C HIS T 11 -69.70 47.78 -50.41
N PRO T 12 -68.90 47.76 -51.49
CA PRO T 12 -67.81 48.75 -51.58
C PRO T 12 -68.26 50.08 -52.22
N VAL T 13 -69.21 50.02 -53.16
CA VAL T 13 -69.75 51.20 -53.82
C VAL T 13 -70.70 51.97 -52.90
N GLU T 14 -71.53 51.25 -52.15
CA GLU T 14 -72.47 51.89 -51.21
C GLU T 14 -71.76 52.61 -50.05
N ASP T 15 -70.59 52.10 -49.65
CA ASP T 15 -69.71 52.80 -48.71
C ASP T 15 -68.89 53.90 -49.39
N GLY T 16 -68.82 53.85 -50.73
CA GLY T 16 -68.25 54.91 -51.54
C GLY T 16 -66.74 54.82 -51.66
N ILE T 17 -66.23 53.58 -51.62
CA ILE T 17 -64.79 53.35 -51.57
C ILE T 17 -64.21 53.35 -52.99
N MET T 18 -64.97 52.80 -53.95
CA MET T 18 -64.60 52.81 -55.37
C MET T 18 -65.80 53.26 -56.21
N ASP T 19 -65.55 53.48 -57.50
CA ASP T 19 -66.60 53.89 -58.46
C ASP T 19 -66.70 52.87 -59.58
N ALA T 20 -67.92 52.38 -59.81
CA ALA T 20 -68.16 51.27 -60.75
C ALA T 20 -67.97 51.67 -62.22
N ALA T 21 -68.19 52.95 -62.53
CA ALA T 21 -67.99 53.47 -63.88
C ALA T 21 -66.52 53.44 -64.28
N ASN T 22 -65.63 53.83 -63.37
CA ASN T 22 -64.18 53.77 -63.59
C ASN T 22 -63.67 52.34 -63.72
N PHE T 23 -64.27 51.43 -62.95
CA PHE T 23 -63.95 50.00 -62.99
C PHE T 23 -64.37 49.36 -64.32
N GLU T 24 -65.57 49.71 -64.80
CA GLU T 24 -66.03 49.36 -66.15
C GLU T 24 -65.06 49.83 -67.23
N GLN T 25 -64.68 51.10 -67.15
CA GLN T 25 -63.73 51.73 -68.09
C GLN T 25 -62.38 51.00 -68.13
N PHE T 26 -61.86 50.69 -66.95
CA PHE T 26 -60.64 49.88 -66.78
C PHE T 26 -60.78 48.48 -67.40
N LEU T 27 -61.95 47.86 -67.20
CA LEU T 27 -62.23 46.53 -67.78
C LEU T 27 -62.38 46.55 -69.30
N GLN T 28 -63.01 47.60 -69.83
CA GLN T 28 -63.08 47.80 -71.29
C GLN T 28 -61.70 48.03 -71.90
N GLU T 29 -60.81 48.65 -71.13
CA GLU T 29 -59.43 48.87 -71.56
C GLU T 29 -58.68 47.55 -71.64
N ARG T 30 -58.62 46.85 -70.50
CA ARG T 30 -57.73 45.69 -70.35
C ARG T 30 -58.25 44.45 -71.05
N ILE T 31 -59.36 43.89 -70.54
CA ILE T 31 -59.81 42.54 -70.90
C ILE T 31 -59.34 42.14 -72.30
N LYS T 32 -58.28 41.36 -72.32
CA LYS T 32 -57.59 40.96 -73.53
C LYS T 32 -58.39 39.86 -74.21
N VAL T 33 -58.33 39.83 -75.54
CA VAL T 33 -58.93 38.74 -76.33
C VAL T 33 -57.93 38.33 -77.39
N ASN T 34 -57.53 37.05 -77.39
CA ASN T 34 -56.58 36.51 -78.36
C ASN T 34 -55.25 37.26 -78.39
N GLY T 35 -54.85 37.80 -77.23
CA GLY T 35 -53.63 38.61 -77.13
C GLY T 35 -53.72 40.00 -77.75
N LYS T 36 -54.86 40.65 -77.61
CA LYS T 36 -55.03 42.05 -78.00
C LYS T 36 -55.84 42.76 -76.92
N ALA T 37 -55.28 43.82 -76.35
CA ALA T 37 -55.81 44.44 -75.14
C ALA T 37 -57.02 45.32 -75.42
N GLY T 38 -56.85 46.26 -76.33
CA GLY T 38 -57.89 47.25 -76.65
C GLY T 38 -58.97 46.73 -77.58
N ASN T 39 -60.12 47.40 -77.55
CA ASN T 39 -61.25 47.16 -78.47
C ASN T 39 -62.01 45.84 -78.26
N LEU T 40 -61.79 45.17 -77.13
CA LEU T 40 -62.48 43.91 -76.81
C LEU T 40 -62.40 42.82 -77.91
N GLY T 41 -61.30 42.84 -78.66
CA GLY T 41 -61.13 41.97 -79.85
C GLY T 41 -62.22 42.15 -80.90
N GLY T 42 -62.70 43.39 -81.06
CA GLY T 42 -63.89 43.68 -81.85
C GLY T 42 -65.15 43.54 -81.01
N GLY T 43 -66.29 43.36 -81.66
CA GLY T 43 -67.56 43.14 -80.99
C GLY T 43 -67.72 41.70 -80.54
N VAL T 44 -66.93 41.30 -79.54
CA VAL T 44 -66.90 39.91 -79.07
C VAL T 44 -67.45 39.87 -77.66
N VAL T 45 -66.69 40.36 -76.67
CA VAL T 45 -67.19 40.45 -75.29
C VAL T 45 -67.91 41.77 -75.13
N THR T 46 -68.80 41.83 -74.14
CA THR T 46 -69.61 43.03 -73.88
C THR T 46 -69.73 43.26 -72.39
N ILE T 47 -69.45 44.49 -71.96
CA ILE T 47 -69.40 44.87 -70.56
C ILE T 47 -70.65 45.70 -70.24
N GLU T 48 -71.32 45.38 -69.14
CA GLU T 48 -72.54 46.09 -68.72
C GLU T 48 -72.35 46.81 -67.39
N ARG T 49 -73.26 47.75 -67.13
CA ARG T 49 -73.21 48.63 -65.97
C ARG T 49 -74.62 48.68 -65.38
N SER T 50 -74.74 48.44 -64.07
CA SER T 50 -76.02 48.49 -63.36
C SER T 50 -75.82 49.01 -61.93
N LYS T 51 -75.26 50.23 -61.86
CA LYS T 51 -74.85 50.89 -60.61
C LYS T 51 -73.74 50.14 -59.87
N SER T 52 -74.07 49.00 -59.25
CA SER T 52 -73.09 48.18 -58.53
C SER T 52 -72.61 47.00 -59.38
N LYS T 53 -73.56 46.25 -59.93
CA LYS T 53 -73.25 45.02 -60.67
C LYS T 53 -72.59 45.32 -62.02
N ILE T 54 -71.44 44.69 -62.27
CA ILE T 54 -70.89 44.58 -63.63
C ILE T 54 -71.23 43.20 -64.16
N THR T 55 -71.53 43.14 -65.46
CA THR T 55 -71.70 41.89 -66.18
C THR T 55 -70.79 41.91 -67.41
N VAL T 56 -70.06 40.80 -67.61
CA VAL T 56 -69.29 40.58 -68.83
C VAL T 56 -69.97 39.45 -69.59
N THR T 57 -70.24 39.67 -70.87
CA THR T 57 -70.97 38.72 -71.71
C THR T 57 -70.21 38.40 -73.00
N SER T 58 -69.61 37.21 -73.04
CA SER T 58 -68.79 36.77 -74.16
C SER T 58 -69.54 35.81 -75.08
N GLU T 59 -69.07 35.74 -76.32
CA GLU T 59 -69.52 34.73 -77.29
C GLU T 59 -68.45 33.66 -77.43
N VAL T 60 -67.20 34.09 -77.60
CA VAL T 60 -66.05 33.17 -77.65
C VAL T 60 -65.75 32.56 -76.27
N PRO T 61 -64.92 31.50 -76.23
CA PRO T 61 -64.39 31.00 -74.96
C PRO T 61 -63.66 32.07 -74.15
N PHE T 62 -63.99 32.13 -72.86
CA PHE T 62 -63.61 33.22 -71.99
C PHE T 62 -63.58 32.71 -70.55
N SER T 63 -62.43 32.78 -69.89
CA SER T 63 -62.32 32.30 -68.51
C SER T 63 -63.00 33.25 -67.54
N LYS T 64 -63.50 32.66 -66.48
CA LYS T 64 -64.24 33.35 -65.46
C LYS T 64 -63.23 34.09 -64.60
N ARG T 65 -62.23 33.34 -64.14
CA ARG T 65 -61.26 33.88 -63.18
C ARG T 65 -60.24 34.85 -63.76
N TYR T 66 -60.31 35.11 -65.07
CA TYR T 66 -59.62 36.27 -65.65
C TYR T 66 -60.24 37.57 -65.11
N LEU T 67 -61.54 37.57 -64.85
CA LEU T 67 -62.19 38.70 -64.18
C LEU T 67 -61.74 38.90 -62.75
N LYS T 68 -61.41 37.79 -62.06
CA LYS T 68 -60.83 37.87 -60.71
C LYS T 68 -59.46 38.50 -60.70
N TYR T 69 -58.65 38.12 -61.69
CA TYR T 69 -57.33 38.69 -61.89
C TYR T 69 -57.40 40.19 -62.08
N LEU T 70 -58.20 40.61 -63.04
CA LEU T 70 -58.30 42.01 -63.39
C LEU T 70 -58.96 42.83 -62.28
N THR T 71 -59.92 42.27 -61.56
CA THR T 71 -60.43 42.99 -60.38
C THR T 71 -59.30 43.13 -59.35
N LYS T 72 -58.54 42.06 -59.13
CA LYS T 72 -57.43 42.09 -58.19
C LYS T 72 -56.35 43.11 -58.59
N LYS T 73 -56.13 43.22 -59.89
CA LYS T 73 -55.20 44.21 -60.46
C LYS T 73 -55.73 45.64 -60.28
N TYR T 74 -57.03 45.81 -60.52
CA TYR T 74 -57.71 47.10 -60.36
C TYR T 74 -57.74 47.51 -58.90
N LEU T 75 -58.01 46.56 -58.02
CA LEU T 75 -58.04 46.82 -56.58
C LEU T 75 -56.66 47.18 -56.03
N LYS T 76 -55.61 46.61 -56.61
CA LYS T 76 -54.23 46.97 -56.24
C LYS T 76 -53.90 48.39 -56.67
N LYS T 77 -54.31 48.76 -57.88
CA LYS T 77 -54.06 50.10 -58.40
C LYS T 77 -54.69 51.17 -57.52
N ASN T 78 -55.92 50.92 -57.08
CA ASN T 78 -56.65 51.82 -56.17
C ASN T 78 -56.30 51.67 -54.67
N ASN T 79 -55.32 50.81 -54.36
CA ASN T 79 -54.89 50.55 -52.98
C ASN T 79 -56.01 50.02 -52.07
N LEU T 80 -56.84 49.16 -52.65
CA LEU T 80 -57.97 48.58 -51.94
C LEU T 80 -57.70 47.15 -51.47
N ARG T 81 -56.76 46.45 -52.12
CA ARG T 81 -56.37 45.11 -51.67
C ARG T 81 -55.66 45.21 -50.32
N ASP T 82 -56.49 45.17 -49.29
CA ASP T 82 -56.12 45.41 -47.89
C ASP T 82 -57.39 45.25 -47.07
N TRP T 83 -58.42 46.02 -47.44
CA TRP T 83 -59.78 45.81 -46.97
C TRP T 83 -60.78 45.76 -48.14
N LEU T 84 -60.50 44.87 -49.07
CA LEU T 84 -61.45 44.41 -50.07
C LEU T 84 -60.98 43.05 -50.58
N ARG T 85 -61.92 42.12 -50.72
CA ARG T 85 -61.60 40.73 -51.01
C ARG T 85 -62.56 40.19 -52.05
N VAL T 86 -62.03 39.62 -53.13
CA VAL T 86 -62.86 39.06 -54.18
C VAL T 86 -63.16 37.62 -53.83
N VAL T 87 -64.41 37.23 -54.02
CA VAL T 87 -64.87 35.88 -53.72
C VAL T 87 -65.89 35.47 -54.75
N ALA T 88 -65.98 34.17 -55.00
CA ALA T 88 -67.07 33.62 -55.80
C ALA T 88 -68.29 33.49 -54.91
N ASN T 89 -69.24 34.40 -55.12
CA ASN T 89 -70.53 34.35 -54.45
C ASN T 89 -71.26 33.08 -54.89
N SER T 90 -71.40 32.94 -56.20
CA SER T 90 -71.97 31.76 -56.84
C SER T 90 -71.21 31.54 -58.13
N LYS T 91 -71.59 30.53 -58.90
CA LYS T 91 -71.02 30.36 -60.23
C LYS T 91 -71.54 31.46 -61.16
N GLU T 92 -70.74 31.79 -62.18
CA GLU T 92 -70.99 32.93 -63.07
C GLU T 92 -70.91 34.28 -62.35
N SER T 93 -70.22 34.32 -61.21
CA SER T 93 -70.24 35.49 -60.32
C SER T 93 -69.01 35.61 -59.43
N TYR T 94 -68.59 36.85 -59.21
CA TYR T 94 -67.67 37.21 -58.13
C TYR T 94 -68.34 38.27 -57.29
N GLU T 95 -67.68 38.71 -56.22
CA GLU T 95 -68.33 39.52 -55.20
C GLU T 95 -67.29 40.17 -54.30
N LEU T 96 -67.21 41.50 -54.34
CA LEU T 96 -66.25 42.22 -53.52
C LEU T 96 -66.86 42.38 -52.13
N ARG T 97 -66.07 42.06 -51.11
CA ARG T 97 -66.51 42.04 -49.71
C ARG T 97 -65.39 42.54 -48.82
N TYR T 98 -65.71 42.91 -47.60
CA TYR T 98 -64.70 43.29 -46.59
C TYR T 98 -64.23 42.05 -45.84
N PHE T 99 -63.33 42.23 -44.87
CA PHE T 99 -62.84 41.14 -44.03
C PHE T 99 -63.56 41.12 -42.67
N SER U 1 34.52 51.20 -69.91
CA SER U 1 34.75 52.18 -68.80
C SER U 1 33.61 52.18 -67.78
N GLY U 2 32.42 52.62 -68.22
CA GLY U 2 31.23 52.68 -67.37
C GLY U 2 30.67 51.29 -67.17
N ALA U 3 30.44 50.92 -65.91
CA ALA U 3 30.11 49.54 -65.54
C ALA U 3 28.60 49.30 -65.46
N LYS U 4 28.24 48.02 -65.32
CA LYS U 4 26.95 47.49 -65.79
C LYS U 4 25.66 47.91 -65.05
N PHE U 5 25.72 48.03 -63.72
CA PHE U 5 24.52 48.10 -62.84
C PHE U 5 23.71 46.80 -62.86
N ARG U 6 23.26 46.36 -61.69
CA ARG U 6 22.52 45.09 -61.62
C ARG U 6 21.12 45.23 -62.20
N ILE U 7 20.63 44.13 -62.77
CA ILE U 7 19.28 44.08 -63.35
C ILE U 7 18.61 42.75 -63.04
N SER U 8 17.30 42.81 -62.78
CA SER U 8 16.53 41.65 -62.31
C SER U 8 16.71 40.48 -63.24
N LEU U 9 17.38 39.45 -62.72
CA LEU U 9 17.98 38.41 -63.55
C LEU U 9 17.15 37.15 -63.46
N GLY U 10 16.37 36.91 -64.52
CA GLY U 10 15.37 35.85 -64.54
C GLY U 10 15.74 34.70 -65.45
N LEU U 11 16.98 34.24 -65.34
CA LEU U 11 17.38 32.98 -65.94
C LEU U 11 18.28 32.27 -64.96
N PRO U 12 17.67 31.47 -64.08
CA PRO U 12 18.43 30.53 -63.26
C PRO U 12 19.01 29.40 -64.10
N VAL U 13 19.96 28.69 -63.50
CA VAL U 13 20.55 27.56 -64.16
C VAL U 13 19.49 26.49 -64.30
N GLY U 14 19.24 26.07 -65.54
CA GLY U 14 18.11 25.24 -65.87
C GLY U 14 17.21 25.80 -66.96
N ALA U 15 17.49 27.02 -67.43
CA ALA U 15 16.67 27.65 -68.46
C ALA U 15 17.10 27.14 -69.82
N VAL U 16 16.17 27.17 -70.78
CA VAL U 16 16.50 26.90 -72.18
C VAL U 16 16.06 28.08 -73.03
N ILE U 17 16.82 29.16 -72.90
CA ILE U 17 16.63 30.34 -73.71
C ILE U 17 16.89 29.97 -75.17
N ASN U 18 16.11 30.54 -76.09
CA ASN U 18 16.27 30.18 -77.50
C ASN U 18 17.44 30.96 -78.13
N CYS U 19 18.36 30.21 -78.73
CA CYS U 19 19.46 30.76 -79.52
C CYS U 19 18.92 31.61 -80.66
N ALA U 20 19.29 32.90 -80.63
CA ALA U 20 18.80 33.86 -81.60
C ALA U 20 19.89 34.27 -82.60
N ASP U 21 20.85 33.38 -82.86
CA ASP U 21 21.78 33.60 -83.99
C ASP U 21 21.70 32.43 -84.96
N ASN U 22 22.32 32.65 -86.12
CA ASN U 22 22.17 31.77 -87.26
C ASN U 22 22.96 30.45 -87.24
N THR U 23 23.63 30.13 -86.13
CA THR U 23 24.38 28.89 -86.00
C THR U 23 23.67 27.69 -86.61
N GLY U 24 22.47 27.41 -86.11
CA GLY U 24 21.78 26.14 -86.35
C GLY U 24 21.26 25.51 -85.08
N ALA U 25 21.77 25.99 -83.94
CA ALA U 25 21.14 25.75 -82.64
C ALA U 25 19.77 26.43 -82.59
N LYS U 26 18.87 25.83 -81.83
CA LYS U 26 17.56 26.40 -81.56
C LYS U 26 17.46 26.85 -80.10
N ASN U 27 17.90 25.98 -79.19
CA ASN U 27 17.89 26.23 -77.76
C ASN U 27 19.27 26.42 -77.17
N LEU U 28 19.31 26.87 -75.92
CA LEU U 28 20.55 27.05 -75.17
C LEU U 28 20.32 26.73 -73.70
N TYR U 29 20.52 25.47 -73.34
CA TYR U 29 20.36 25.06 -71.96
C TYR U 29 21.44 25.66 -71.05
N ILE U 30 21.11 26.73 -70.34
CA ILE U 30 22.08 27.38 -69.46
C ILE U 30 22.45 26.42 -68.33
N ILE U 31 23.66 25.89 -68.38
CA ILE U 31 24.16 25.02 -67.32
C ILE U 31 24.90 25.79 -66.24
N SER U 32 25.28 27.04 -66.50
CA SER U 32 25.95 27.88 -65.52
C SER U 32 26.15 29.32 -65.98
N VAL U 33 26.23 30.22 -65.01
CA VAL U 33 26.37 31.64 -65.25
C VAL U 33 27.76 32.08 -64.82
N LYS U 34 28.43 32.82 -65.69
CA LYS U 34 29.83 33.13 -65.51
C LYS U 34 29.95 34.32 -64.58
N GLY U 35 30.85 34.19 -63.61
CA GLY U 35 31.14 35.25 -62.66
C GLY U 35 30.13 35.29 -61.54
N ILE U 36 29.89 34.12 -60.94
CA ILE U 36 28.99 33.99 -59.81
C ILE U 36 29.68 33.24 -58.69
N LYS U 37 29.87 33.91 -57.56
CA LYS U 37 30.43 33.26 -56.39
C LYS U 37 29.33 32.44 -55.74
N GLY U 38 28.25 33.12 -55.40
CA GLY U 38 27.04 32.43 -54.96
C GLY U 38 27.07 31.93 -53.54
N ARG U 39 25.88 31.56 -53.07
CA ARG U 39 25.64 31.18 -51.70
C ARG U 39 24.97 29.80 -51.70
N LEU U 40 25.02 29.14 -50.55
CA LEU U 40 24.34 27.87 -50.30
C LEU U 40 22.90 27.85 -50.82
N ASN U 41 22.57 26.76 -51.52
CA ASN U 41 21.24 26.50 -52.08
C ASN U 41 20.79 27.38 -53.24
N ARG U 42 21.57 28.43 -53.58
CA ARG U 42 21.10 29.45 -54.49
C ARG U 42 21.51 29.17 -55.94
N LEU U 43 20.55 29.28 -56.84
CA LEU U 43 20.78 29.03 -58.25
C LEU U 43 21.50 30.23 -58.87
N PRO U 44 22.59 30.00 -59.66
CA PRO U 44 23.25 31.07 -60.42
C PRO U 44 22.34 31.61 -61.51
N ALA U 45 22.17 32.93 -61.58
CA ALA U 45 21.16 33.51 -62.45
C ALA U 45 21.70 34.59 -63.38
N ALA U 46 21.34 34.49 -64.65
CA ALA U 46 21.85 35.36 -65.69
C ALA U 46 20.72 36.19 -66.27
N GLY U 47 20.78 37.50 -66.04
CA GLY U 47 19.88 38.41 -66.74
C GLY U 47 20.38 38.64 -68.15
N VAL U 48 19.95 39.74 -68.73
CA VAL U 48 20.47 40.18 -70.01
C VAL U 48 21.87 40.74 -69.88
N GLY U 49 22.65 40.60 -70.94
CA GLY U 49 24.04 41.06 -70.94
C GLY U 49 25.00 40.14 -70.20
N ASP U 50 24.48 39.06 -69.62
CA ASP U 50 25.29 38.17 -68.81
C ASP U 50 25.90 37.12 -69.71
N MET U 51 27.17 36.81 -69.45
CA MET U 51 27.80 35.62 -70.01
C MET U 51 27.20 34.39 -69.35
N VAL U 52 27.36 33.26 -70.01
CA VAL U 52 26.68 32.04 -69.61
C VAL U 52 27.29 30.86 -70.34
N MET U 53 27.40 29.73 -69.64
CA MET U 53 27.69 28.47 -70.31
C MET U 53 26.37 27.88 -70.70
N ALA U 54 26.38 27.20 -71.84
CA ALA U 54 25.14 26.81 -72.48
C ALA U 54 25.33 25.58 -73.32
N THR U 55 24.68 24.52 -72.89
CA THR U 55 24.53 23.35 -73.73
C THR U 55 23.41 23.66 -74.72
N VAL U 56 23.54 23.14 -75.93
CA VAL U 56 22.48 23.17 -76.93
C VAL U 56 21.70 21.88 -76.77
N LYS U 57 20.39 22.02 -76.65
CA LYS U 57 19.51 20.86 -76.48
C LYS U 57 18.89 20.41 -77.80
N LYS U 58 18.61 21.34 -78.71
CA LYS U 58 18.16 20.97 -80.05
C LYS U 58 18.75 21.90 -81.10
N GLY U 59 19.03 21.33 -82.27
CA GLY U 59 19.73 22.03 -83.36
C GLY U 59 20.62 21.09 -84.14
N LYS U 60 21.69 21.63 -84.72
CA LYS U 60 22.62 20.83 -85.50
C LYS U 60 23.42 19.88 -84.61
N PRO U 61 23.76 18.67 -85.11
CA PRO U 61 24.54 17.74 -84.29
C PRO U 61 26.04 18.04 -84.15
N GLU U 62 26.55 19.03 -84.87
CA GLU U 62 27.89 19.59 -84.57
C GLU U 62 27.92 20.19 -83.18
N LEU U 63 26.91 20.99 -82.88
CA LEU U 63 26.83 21.77 -81.65
C LEU U 63 26.34 20.93 -80.49
N ARG U 64 25.38 20.04 -80.75
CA ARG U 64 24.80 19.22 -79.68
C ARG U 64 25.86 18.38 -78.99
N LYS U 65 25.59 18.07 -77.72
CA LYS U 65 26.46 17.25 -76.88
C LYS U 65 27.84 17.88 -76.61
N LYS U 66 27.83 19.19 -76.34
CA LYS U 66 28.99 19.88 -75.78
C LYS U 66 28.59 21.24 -75.23
N VAL U 67 29.52 21.87 -74.52
CA VAL U 67 29.30 23.15 -73.85
C VAL U 67 29.88 24.27 -74.68
N HIS U 68 29.14 25.38 -74.75
CA HIS U 68 29.63 26.61 -75.35
C HIS U 68 29.37 27.77 -74.41
N PRO U 69 30.19 28.85 -74.51
CA PRO U 69 29.79 30.09 -73.88
C PRO U 69 28.64 30.65 -74.64
N ALA U 70 27.90 31.55 -74.00
CA ALA U 70 26.82 32.25 -74.64
C ALA U 70 26.48 33.53 -73.91
N VAL U 71 25.68 34.36 -74.57
CA VAL U 71 25.30 35.64 -74.03
C VAL U 71 23.79 35.72 -74.10
N VAL U 72 23.20 36.28 -73.05
CA VAL U 72 21.77 36.53 -73.01
C VAL U 72 21.51 37.91 -73.56
N ILE U 73 20.53 37.98 -74.45
CA ILE U 73 20.33 39.07 -75.38
C ILE U 73 18.99 39.77 -75.16
N ARG U 74 17.94 38.97 -74.98
CA ARG U 74 16.68 39.42 -74.45
C ARG U 74 16.37 38.59 -73.23
N GLN U 75 15.42 39.06 -72.44
CA GLN U 75 14.89 38.22 -71.38
C GLN U 75 13.52 38.69 -70.95
N ARG U 76 12.67 37.74 -70.62
CA ARG U 76 11.27 38.00 -70.38
C ARG U 76 11.03 38.61 -69.00
N LYS U 77 11.97 38.40 -68.07
CA LYS U 77 11.91 39.01 -66.75
C LYS U 77 12.21 40.48 -66.87
N SER U 78 11.29 41.30 -66.34
CA SER U 78 11.36 42.72 -66.53
C SER U 78 12.39 43.34 -65.60
N TYR U 79 13.44 43.88 -66.19
CA TYR U 79 14.43 44.62 -65.42
C TYR U 79 14.06 46.09 -65.41
N ARG U 80 14.73 46.84 -64.54
CA ARG U 80 14.58 48.28 -64.41
C ARG U 80 15.84 48.96 -64.90
N ARG U 81 15.67 49.91 -65.82
CA ARG U 81 16.76 50.75 -66.30
C ARG U 81 16.97 51.91 -65.34
N LYS U 82 18.15 52.52 -65.37
CA LYS U 82 18.48 53.64 -64.46
C LYS U 82 17.58 54.87 -64.64
N ASP U 83 17.05 55.03 -65.85
CA ASP U 83 16.05 56.08 -66.13
C ASP U 83 14.62 55.75 -65.67
N GLY U 84 14.45 54.69 -64.88
CA GLY U 84 13.18 54.40 -64.24
C GLY U 84 12.12 53.84 -65.17
N VAL U 85 12.56 53.22 -66.27
CA VAL U 85 11.64 52.49 -67.15
C VAL U 85 11.93 51.01 -67.00
N PHE U 86 10.90 50.26 -66.66
CA PHE U 86 11.00 48.82 -66.66
C PHE U 86 10.80 48.39 -68.09
N LEU U 87 11.33 47.21 -68.39
CA LEU U 87 11.43 46.74 -69.75
C LEU U 87 11.47 45.24 -69.73
N TYR U 88 10.70 44.63 -70.62
CA TYR U 88 10.74 43.20 -70.78
C TYR U 88 10.57 42.89 -72.23
N PHE U 89 10.71 41.63 -72.60
CA PHE U 89 11.09 41.33 -73.96
C PHE U 89 10.31 40.31 -74.76
N GLU U 90 9.28 39.70 -74.20
CA GLU U 90 8.49 38.70 -74.94
C GLU U 90 9.16 37.32 -75.02
N ASP U 91 10.47 37.25 -75.24
CA ASP U 91 11.17 35.98 -75.15
C ASP U 91 12.56 36.07 -74.54
N ASN U 92 12.95 35.01 -73.83
CA ASN U 92 14.32 34.84 -73.39
C ASN U 92 15.09 34.37 -74.59
N ALA U 93 16.34 34.80 -74.71
CA ALA U 93 17.07 34.55 -75.93
C ALA U 93 18.53 34.84 -75.74
N GLY U 94 19.38 34.12 -76.48
CA GLY U 94 20.81 34.34 -76.40
C GLY U 94 21.56 34.04 -77.68
N VAL U 95 22.89 34.08 -77.60
CA VAL U 95 23.77 33.77 -78.74
C VAL U 95 24.98 32.97 -78.29
N ILE U 96 25.34 31.95 -79.07
CA ILE U 96 26.55 31.18 -78.81
C ILE U 96 27.73 32.07 -79.20
N VAL U 97 28.76 32.03 -78.38
CA VAL U 97 29.83 33.01 -78.37
C VAL U 97 31.13 32.32 -77.95
N ASN U 98 32.28 32.92 -78.27
CA ASN U 98 33.57 32.43 -77.75
C ASN U 98 34.06 33.22 -76.54
N ASN U 99 34.93 32.59 -75.77
CA ASN U 99 35.56 33.21 -74.59
C ASN U 99 35.82 34.72 -74.65
N LYS U 100 36.37 35.19 -75.77
CA LYS U 100 36.72 36.61 -75.93
C LYS U 100 35.58 37.51 -76.47
N GLY U 101 34.34 37.03 -76.43
CA GLY U 101 33.18 37.86 -76.76
C GLY U 101 32.72 37.88 -78.21
N GLU U 102 33.48 37.28 -79.11
CA GLU U 102 33.06 37.17 -80.51
C GLU U 102 31.95 36.16 -80.66
N MET U 103 31.06 36.41 -81.61
CA MET U 103 30.04 35.45 -82.01
C MET U 103 30.70 34.36 -82.82
N LYS U 104 30.14 33.16 -82.74
CA LYS U 104 30.49 32.08 -83.65
C LYS U 104 29.48 31.99 -84.80
N GLY U 105 28.29 32.55 -84.58
CA GLY U 105 27.33 32.77 -85.66
C GLY U 105 27.73 33.96 -86.52
N SER U 106 26.73 34.75 -86.93
CA SER U 106 26.96 35.91 -87.81
C SER U 106 25.87 36.99 -87.82
N ALA U 107 24.61 36.62 -87.52
CA ALA U 107 23.49 37.55 -87.59
C ALA U 107 22.50 37.24 -86.49
N ILE U 108 22.01 38.27 -85.81
CA ILE U 108 21.12 38.09 -84.67
C ILE U 108 19.68 38.39 -85.05
N THR U 109 18.85 37.34 -85.09
CA THR U 109 17.41 37.51 -85.24
C THR U 109 16.84 38.17 -83.98
N GLY U 110 15.92 39.10 -84.18
CA GLY U 110 15.30 39.81 -83.08
C GLY U 110 16.17 40.94 -82.51
N PRO U 111 15.61 41.69 -81.54
CA PRO U 111 16.30 42.81 -80.91
C PRO U 111 17.18 42.36 -79.77
N VAL U 112 18.25 43.10 -79.53
CA VAL U 112 19.14 42.86 -78.41
C VAL U 112 18.85 43.96 -77.43
N ALA U 113 18.93 43.65 -76.14
CA ALA U 113 18.78 44.68 -75.11
C ALA U 113 20.07 45.49 -75.07
N LYS U 114 19.94 46.81 -74.93
CA LYS U 114 21.12 47.68 -74.95
C LYS U 114 22.07 47.48 -73.76
N GLU U 115 21.57 46.86 -72.69
CA GLU U 115 22.43 46.43 -71.56
C GLU U 115 23.45 45.39 -72.05
N CYS U 116 22.98 44.54 -72.94
CA CYS U 116 23.83 43.55 -73.63
C CYS U 116 24.67 44.17 -74.75
N ALA U 117 24.08 45.12 -75.50
CA ALA U 117 24.76 45.74 -76.63
C ALA U 117 25.98 46.54 -76.22
N ASP U 118 25.82 47.47 -75.30
CA ASP U 118 26.93 48.30 -74.81
C ASP U 118 28.08 47.45 -74.23
N LEU U 119 27.72 46.38 -73.53
CA LEU U 119 28.68 45.50 -72.86
C LEU U 119 29.33 44.45 -73.77
N TRP U 120 28.68 44.12 -74.89
CA TRP U 120 29.20 43.17 -75.88
C TRP U 120 29.18 43.83 -77.26
N PRO U 121 30.34 44.30 -77.76
CA PRO U 121 30.35 45.09 -79.00
C PRO U 121 30.13 44.29 -80.28
N ARG U 122 30.62 43.05 -80.32
CA ARG U 122 30.56 42.21 -81.52
C ARG U 122 29.16 41.66 -81.70
N ILE U 123 28.52 41.32 -80.58
CA ILE U 123 27.08 41.10 -80.57
C ILE U 123 26.36 42.35 -81.10
N ALA U 124 26.70 43.51 -80.54
CA ALA U 124 26.03 44.76 -80.94
C ALA U 124 26.16 45.04 -82.42
N SER U 125 27.32 44.75 -83.00
CA SER U 125 27.55 44.94 -84.43
C SER U 125 26.63 44.08 -85.30
N ASN U 126 26.38 42.85 -84.86
CA ASN U 126 25.50 41.93 -85.58
C ASN U 126 24.01 42.06 -85.21
N ALA U 127 23.71 42.83 -84.16
CA ALA U 127 22.33 43.13 -83.78
C ALA U 127 21.70 44.16 -84.71
N GLY U 128 20.56 43.81 -85.30
CA GLY U 128 19.80 44.75 -86.14
C GLY U 128 19.13 45.83 -85.33
N SER U 129 18.26 45.42 -84.40
CA SER U 129 17.54 46.33 -83.50
C SER U 129 18.13 46.27 -82.10
N ILE U 130 18.08 47.40 -81.39
CA ILE U 130 18.52 47.48 -80.00
C ILE U 130 17.42 48.09 -79.13
N ALA U 131 17.16 47.44 -77.99
CA ALA U 131 16.10 47.78 -77.04
C ALA U 131 14.68 47.64 -77.60
N MET V 1 13.20 64.53 -70.33
CA MET V 1 12.23 63.47 -69.90
C MET V 1 11.08 63.37 -70.91
N LYS V 2 11.33 62.64 -71.99
CA LYS V 2 10.34 62.51 -73.07
C LYS V 2 9.16 61.66 -72.63
N VAL V 3 8.08 62.34 -72.22
CA VAL V 3 6.82 61.67 -71.92
C VAL V 3 6.32 60.91 -73.15
N GLU V 4 5.98 59.64 -72.94
CA GLU V 4 5.58 58.74 -74.01
C GLU V 4 4.08 58.52 -73.89
N LEU V 5 3.50 57.86 -74.89
CA LEU V 5 2.06 57.59 -74.90
C LEU V 5 1.80 56.08 -74.85
N CYS V 6 0.80 55.71 -74.05
CA CYS V 6 0.44 54.30 -73.86
C CYS V 6 -0.12 53.70 -75.14
N SER V 7 0.54 52.65 -75.61
CA SER V 7 0.19 52.01 -76.88
C SER V 7 -1.18 51.32 -76.91
N PHE V 8 -1.87 51.30 -75.77
CA PHE V 8 -3.25 50.82 -75.71
C PHE V 8 -4.25 51.94 -75.50
N SER V 9 -4.10 52.64 -74.39
CA SER V 9 -5.10 53.57 -73.91
C SER V 9 -5.00 54.91 -74.60
N GLY V 10 -3.80 55.47 -74.61
CA GLY V 10 -3.55 56.79 -75.21
C GLY V 10 -3.06 57.83 -74.22
N TYR V 11 -3.17 57.54 -72.92
CA TYR V 11 -2.71 58.46 -71.90
C TYR V 11 -1.19 58.62 -71.96
N LYS V 12 -0.72 59.77 -71.47
CA LYS V 12 0.71 60.02 -71.33
C LYS V 12 1.27 59.17 -70.20
N ILE V 13 2.58 58.90 -70.26
CA ILE V 13 3.24 58.08 -69.25
C ILE V 13 4.43 58.84 -68.70
N TYR V 14 4.27 59.35 -67.48
CA TYR V 14 5.32 60.15 -66.86
C TYR V 14 6.49 59.27 -66.43
N PRO V 15 7.72 59.78 -66.59
CA PRO V 15 8.99 59.09 -66.41
C PRO V 15 8.99 57.87 -65.50
N GLY V 16 8.43 58.03 -64.31
CA GLY V 16 8.43 56.97 -63.33
C GLY V 16 7.65 55.73 -63.74
N HIS V 17 6.44 55.93 -64.24
CA HIS V 17 5.43 54.86 -64.17
C HIS V 17 5.40 54.00 -65.39
N GLY V 18 4.70 52.88 -65.26
CA GLY V 18 4.46 51.99 -66.35
C GLY V 18 5.67 51.18 -66.79
N ARG V 19 5.49 50.49 -67.92
CA ARG V 19 6.34 49.36 -68.30
C ARG V 19 6.53 49.32 -69.80
N ARG V 20 7.68 48.83 -70.25
CA ARG V 20 8.05 48.86 -71.68
C ARG V 20 8.27 47.47 -72.29
N TYR V 21 7.53 47.19 -73.36
CA TYR V 21 7.48 45.87 -73.94
C TYR V 21 8.20 45.88 -75.25
N ALA V 22 9.00 44.85 -75.51
CA ALA V 22 9.82 44.78 -76.70
C ALA V 22 9.59 43.46 -77.44
N ARG V 23 8.64 43.47 -78.36
CA ARG V 23 8.27 42.26 -79.10
C ARG V 23 9.34 41.87 -80.11
N THR V 24 9.44 40.57 -80.39
CA THR V 24 10.53 40.01 -81.21
C THR V 24 10.46 40.37 -82.69
N ASP V 25 9.29 40.79 -83.16
CA ASP V 25 9.17 41.44 -84.47
C ASP V 25 10.14 42.63 -84.56
N GLY V 26 10.39 43.26 -83.41
CA GLY V 26 11.31 44.36 -83.28
C GLY V 26 10.57 45.68 -83.29
N LYS V 27 9.50 45.75 -82.49
CA LYS V 27 8.81 46.99 -82.21
C LYS V 27 8.34 46.96 -80.76
N VAL V 28 8.19 48.14 -80.20
CA VAL V 28 8.11 48.32 -78.77
C VAL V 28 6.78 48.99 -78.43
N PHE V 29 6.27 48.69 -77.24
CA PHE V 29 5.07 49.32 -76.73
C PHE V 29 5.27 49.78 -75.31
N GLN V 30 4.60 50.87 -74.98
CA GLN V 30 4.61 51.44 -73.66
C GLN V 30 3.23 51.26 -73.09
N PHE V 31 3.18 50.85 -71.83
CA PHE V 31 1.92 50.72 -71.15
C PHE V 31 1.95 51.54 -69.89
N LEU V 32 0.92 52.38 -69.78
CA LEU V 32 0.65 53.21 -68.61
C LEU V 32 0.65 52.39 -67.34
N ASN V 33 -0.12 51.29 -67.37
CA ASN V 33 -0.24 50.37 -66.26
C ASN V 33 -0.49 48.94 -66.77
N ALA V 34 -0.72 47.99 -65.86
CA ALA V 34 -0.98 46.59 -66.22
C ALA V 34 -2.33 46.38 -66.89
N LYS V 35 -3.33 47.14 -66.44
CA LYS V 35 -4.68 47.14 -67.02
C LYS V 35 -4.66 47.31 -68.54
N CYS V 36 -3.87 48.26 -69.02
CA CYS V 36 -3.65 48.45 -70.45
C CYS V 36 -2.97 47.21 -71.03
N GLU V 37 -1.82 46.88 -70.45
CA GLU V 37 -0.95 45.81 -70.91
C GLU V 37 -1.66 44.46 -71.01
N SER V 38 -2.59 44.19 -70.09
CA SER V 38 -3.35 42.93 -70.09
C SER V 38 -4.31 42.84 -71.27
N ALA V 39 -5.01 43.95 -71.53
CA ALA V 39 -5.89 44.08 -72.69
C ALA V 39 -5.12 43.99 -74.00
N PHE V 40 -3.91 44.54 -74.01
CA PHE V 40 -3.00 44.44 -75.15
C PHE V 40 -2.59 43.00 -75.43
N LEU V 41 -2.21 42.28 -74.38
CA LEU V 41 -1.72 40.91 -74.50
C LEU V 41 -2.86 39.90 -74.79
N SER V 42 -4.07 40.20 -74.29
CA SER V 42 -5.29 39.46 -74.65
C SER V 42 -5.92 39.93 -75.96
N LYS V 43 -5.27 40.87 -76.63
CA LYS V 43 -5.52 41.23 -78.02
C LYS V 43 -6.76 42.11 -78.19
N ARG V 44 -7.14 42.83 -77.13
CA ARG V 44 -8.32 43.69 -77.17
C ARG V 44 -8.06 44.91 -78.03
N ASN V 45 -8.94 45.12 -78.99
CA ASN V 45 -8.79 46.19 -79.95
C ASN V 45 -9.22 47.46 -79.25
N PRO V 46 -8.26 48.33 -78.89
CA PRO V 46 -8.54 49.43 -77.97
C PRO V 46 -9.62 50.39 -78.45
N ARG V 47 -9.88 50.42 -79.75
CA ARG V 47 -11.00 51.20 -80.31
C ARG V 47 -12.37 50.68 -79.88
N GLN V 48 -12.45 49.40 -79.50
CA GLN V 48 -13.68 48.82 -78.94
C GLN V 48 -13.90 49.14 -77.45
N ILE V 49 -12.84 49.57 -76.75
CA ILE V 49 -12.87 49.73 -75.29
C ILE V 49 -13.05 51.19 -74.87
N ASN V 50 -14.15 51.46 -74.16
CA ASN V 50 -14.68 52.82 -74.01
C ASN V 50 -13.67 53.82 -73.48
N TRP V 51 -13.06 53.46 -72.37
CA TRP V 51 -12.21 54.39 -71.64
C TRP V 51 -10.94 54.81 -72.35
N THR V 52 -10.51 54.10 -73.39
CA THR V 52 -9.34 54.52 -74.17
C THR V 52 -9.59 55.78 -74.97
N VAL V 53 -8.50 56.39 -75.40
CA VAL V 53 -8.53 57.56 -76.27
C VAL V 53 -9.01 57.13 -77.65
N LEU V 54 -8.49 56.01 -78.13
CA LEU V 54 -8.84 55.52 -79.47
C LEU V 54 -10.32 55.28 -79.67
N TYR V 55 -11.01 54.80 -78.63
CA TYR V 55 -12.46 54.68 -78.68
C TYR V 55 -13.09 56.04 -78.81
N ARG V 56 -12.78 56.92 -77.88
CA ARG V 56 -13.45 58.21 -77.82
C ARG V 56 -13.22 59.05 -79.08
N ARG V 57 -12.02 58.96 -79.67
CA ARG V 57 -11.80 59.53 -81.02
C ARG V 57 -12.78 58.92 -82.01
N LYS V 58 -12.84 57.59 -82.04
CA LYS V 58 -13.73 56.87 -82.95
C LYS V 58 -15.20 57.27 -82.80
N HIS V 59 -15.66 57.44 -81.56
CA HIS V 59 -17.05 57.78 -81.27
C HIS V 59 -17.31 59.28 -81.13
N LYS V 60 -16.32 60.11 -81.44
CA LYS V 60 -16.46 61.57 -81.55
C LYS V 60 -16.92 62.20 -80.23
N LYS V 61 -16.35 61.73 -79.12
CA LYS V 61 -16.76 62.19 -77.80
C LYS V 61 -15.96 63.39 -77.35
N GLY V 62 -16.61 64.25 -76.57
CA GLY V 62 -16.18 65.63 -76.41
C GLY V 62 -16.44 66.39 -77.70
N GLN V 63 -16.02 67.65 -77.73
CA GLN V 63 -16.08 68.49 -78.94
C GLN V 63 -17.51 68.67 -79.47
N LYS W 1 -54.74 -73.64 -41.69
CA LYS W 1 -55.02 -73.26 -43.11
C LYS W 1 -55.51 -71.80 -43.20
N LYS W 2 -54.65 -70.88 -42.75
CA LYS W 2 -54.82 -69.46 -43.00
C LYS W 2 -53.49 -68.95 -43.57
N ILE W 3 -53.50 -68.67 -44.87
CA ILE W 3 -52.27 -68.38 -45.63
C ILE W 3 -51.78 -66.94 -45.45
N ARG W 4 -50.45 -66.78 -45.46
CA ARG W 4 -49.84 -65.45 -45.45
C ARG W 4 -49.84 -64.89 -46.85
N THR W 5 -50.71 -63.92 -47.08
CA THR W 5 -50.77 -63.22 -48.36
C THR W 5 -49.56 -62.30 -48.56
N SER W 6 -49.17 -61.59 -47.50
CA SER W 6 -48.10 -60.58 -47.56
C SER W 6 -46.82 -61.07 -46.87
N PRO W 7 -45.65 -60.69 -47.39
CA PRO W 7 -44.37 -61.12 -46.85
C PRO W 7 -43.94 -60.42 -45.53
N THR W 8 -44.67 -59.40 -45.13
CA THR W 8 -44.47 -58.81 -43.82
C THR W 8 -45.07 -59.72 -42.75
N PHE W 9 -44.61 -59.54 -41.50
CA PHE W 9 -45.35 -60.06 -40.35
C PHE W 9 -45.48 -58.98 -39.28
N ARG W 10 -46.51 -58.16 -39.46
CA ARG W 10 -46.85 -57.10 -38.53
C ARG W 10 -47.45 -57.66 -37.24
N ARG W 11 -47.21 -56.94 -36.14
CA ARG W 11 -47.60 -57.36 -34.78
C ARG W 11 -49.12 -57.43 -34.67
N PRO W 12 -49.63 -58.52 -34.07
CA PRO W 12 -51.08 -58.72 -34.02
C PRO W 12 -51.80 -57.80 -33.04
N LYS W 13 -53.01 -57.42 -33.41
CA LYS W 13 -53.79 -56.44 -32.67
C LYS W 13 -54.46 -57.10 -31.47
N THR W 14 -53.79 -57.08 -30.33
CA THR W 14 -54.28 -57.73 -29.12
C THR W 14 -55.39 -56.91 -28.47
N LEU W 15 -56.18 -57.57 -27.63
CA LEU W 15 -57.12 -56.85 -26.76
C LEU W 15 -56.32 -55.96 -25.82
N ARG W 16 -56.79 -54.74 -25.62
CA ARG W 16 -56.31 -53.93 -24.50
C ARG W 16 -57.42 -53.19 -23.76
N LEU W 17 -57.34 -53.26 -22.42
CA LEU W 17 -58.42 -52.88 -21.50
C LEU W 17 -58.29 -51.46 -20.98
N ARG W 18 -59.43 -50.92 -20.51
CA ARG W 18 -59.46 -49.65 -19.79
C ARG W 18 -58.92 -49.85 -18.38
N ARG W 19 -58.51 -48.75 -17.77
CA ARG W 19 -58.13 -48.75 -16.35
C ARG W 19 -59.34 -49.02 -15.46
N GLN W 20 -59.15 -49.89 -14.46
CA GLN W 20 -60.19 -50.20 -13.49
C GLN W 20 -59.58 -50.09 -12.10
N PRO W 21 -59.20 -48.87 -11.71
CA PRO W 21 -58.34 -48.68 -10.54
C PRO W 21 -58.98 -49.17 -9.26
N LYS W 22 -58.31 -50.12 -8.62
CA LYS W 22 -58.64 -50.61 -7.30
C LYS W 22 -58.83 -49.50 -6.26
N TYR W 23 -58.28 -48.31 -6.51
CA TYR W 23 -58.58 -47.12 -5.71
C TYR W 23 -58.20 -45.84 -6.46
N PRO W 24 -58.85 -44.71 -6.11
CA PRO W 24 -58.47 -43.43 -6.70
C PRO W 24 -57.23 -42.85 -6.04
N ARG W 25 -56.27 -42.41 -6.85
CA ARG W 25 -54.98 -41.92 -6.35
C ARG W 25 -55.14 -40.67 -5.50
N LYS W 26 -55.86 -39.70 -6.03
CA LYS W 26 -56.13 -38.46 -5.31
C LYS W 26 -57.53 -38.53 -4.70
N SER W 27 -57.64 -38.10 -3.45
CA SER W 27 -58.79 -38.38 -2.60
C SER W 27 -60.09 -37.85 -3.19
N ALA W 28 -60.06 -36.58 -3.54
CA ALA W 28 -61.21 -35.89 -4.12
C ALA W 28 -60.69 -34.75 -5.00
N PRO W 29 -61.49 -34.34 -6.00
CA PRO W 29 -60.95 -33.49 -7.06
C PRO W 29 -60.56 -32.11 -6.57
N ARG W 30 -59.54 -31.56 -7.23
CA ARG W 30 -59.05 -30.21 -6.94
C ARG W 30 -60.15 -29.20 -7.25
N ARG W 31 -60.51 -28.39 -6.25
CA ARG W 31 -61.48 -27.31 -6.45
C ARG W 31 -60.92 -26.29 -7.41
N ASN W 32 -61.81 -25.74 -8.25
CA ASN W 32 -61.42 -24.76 -9.25
C ASN W 32 -61.00 -23.49 -8.54
N LYS W 33 -59.80 -23.00 -8.83
CA LYS W 33 -59.28 -21.79 -8.19
C LYS W 33 -59.18 -20.67 -9.21
N LEU W 34 -60.20 -20.58 -10.05
CA LEU W 34 -60.32 -19.54 -11.05
C LEU W 34 -61.81 -19.39 -11.34
N ASP W 35 -62.50 -18.96 -10.29
CA ASP W 35 -63.94 -18.81 -10.29
C ASP W 35 -64.36 -17.46 -10.83
N HIS W 36 -65.68 -17.30 -10.97
CA HIS W 36 -66.30 -16.03 -11.38
C HIS W 36 -65.69 -14.83 -10.70
N TYR W 37 -65.33 -15.01 -9.42
CA TYR W 37 -64.68 -13.99 -8.65
C TYR W 37 -63.21 -13.85 -9.05
N ALA W 38 -62.42 -14.89 -8.78
CA ALA W 38 -60.95 -14.84 -8.96
C ALA W 38 -60.46 -14.49 -10.37
N ILE W 39 -61.35 -14.64 -11.34
CA ILE W 39 -61.10 -14.18 -12.70
C ILE W 39 -61.18 -12.66 -12.90
N ILE W 40 -62.10 -11.98 -12.22
CA ILE W 40 -62.23 -10.52 -12.34
C ILE W 40 -61.73 -9.89 -11.05
N LYS W 41 -60.54 -9.30 -11.13
CA LYS W 41 -59.91 -8.68 -9.96
C LYS W 41 -60.63 -7.40 -9.59
N PHE W 42 -60.66 -6.45 -10.52
CA PHE W 42 -61.35 -5.18 -10.29
C PHE W 42 -61.55 -4.41 -11.59
N PRO W 43 -62.44 -3.39 -11.56
CA PRO W 43 -62.57 -2.48 -12.67
C PRO W 43 -61.54 -1.36 -12.64
N LEU W 44 -61.01 -1.00 -13.80
CA LEU W 44 -60.32 0.27 -13.98
C LEU W 44 -61.32 1.40 -13.86
N THR W 45 -60.85 2.55 -13.38
CA THR W 45 -61.66 3.75 -13.33
C THR W 45 -60.90 4.92 -13.94
N THR W 46 -59.96 4.59 -14.81
CA THR W 46 -59.03 5.54 -15.39
C THR W 46 -59.76 6.42 -16.39
N GLU W 47 -59.25 7.62 -16.64
CA GLU W 47 -59.88 8.56 -17.57
C GLU W 47 -60.18 7.90 -18.91
N SER W 48 -59.19 7.23 -19.47
CA SER W 48 -59.38 6.45 -20.69
C SER W 48 -60.42 5.32 -20.52
N ALA W 49 -60.44 4.70 -19.35
CA ALA W 49 -61.42 3.65 -19.02
C ALA W 49 -62.85 4.15 -18.87
N MET W 50 -63.02 5.37 -18.37
CA MET W 50 -64.35 5.96 -18.26
C MET W 50 -64.85 6.46 -19.59
N LYS W 51 -63.94 6.94 -20.43
CA LYS W 51 -64.26 7.39 -21.78
C LYS W 51 -64.70 6.23 -22.66
N LYS W 52 -64.09 5.06 -22.44
CA LYS W 52 -64.50 3.82 -23.08
C LYS W 52 -65.92 3.44 -22.65
N ILE W 53 -66.20 3.55 -21.36
CA ILE W 53 -67.51 3.22 -20.79
C ILE W 53 -68.60 4.14 -21.33
N GLU W 54 -68.32 5.44 -21.34
CA GLU W 54 -69.36 6.42 -21.65
C GLU W 54 -69.73 6.44 -23.14
N ASP W 55 -68.76 6.15 -24.00
CA ASP W 55 -68.90 6.32 -25.44
C ASP W 55 -69.07 5.02 -26.24
N ASN W 56 -68.35 3.97 -25.84
CA ASN W 56 -68.32 2.68 -26.56
C ASN W 56 -69.22 1.57 -26.03
N ASN W 57 -69.91 1.80 -24.91
CA ASN W 57 -70.77 0.77 -24.27
C ASN W 57 -69.93 -0.42 -23.72
N THR W 58 -68.80 -0.12 -23.09
CA THR W 58 -67.92 -1.17 -22.53
C THR W 58 -67.70 -1.00 -21.03
N LEU W 59 -67.06 -2.00 -20.41
CA LEU W 59 -66.55 -1.90 -19.03
C LEU W 59 -65.15 -2.46 -19.06
N VAL W 60 -64.21 -1.75 -18.43
CA VAL W 60 -62.80 -2.09 -18.56
C VAL W 60 -62.26 -2.59 -17.24
N PHE W 61 -61.89 -3.87 -17.24
CA PHE W 61 -61.48 -4.60 -16.06
C PHE W 61 -60.03 -4.96 -16.08
N ILE W 62 -59.55 -5.34 -14.91
CA ILE W 62 -58.35 -6.12 -14.78
C ILE W 62 -58.80 -7.53 -14.44
N VAL W 63 -58.11 -8.50 -15.04
CA VAL W 63 -58.55 -9.88 -15.10
C VAL W 63 -57.37 -10.77 -14.73
N ASP W 64 -57.63 -12.00 -14.28
CA ASP W 64 -56.54 -12.94 -14.01
C ASP W 64 -55.92 -13.44 -15.31
N VAL W 65 -54.60 -13.42 -15.35
CA VAL W 65 -53.82 -13.66 -16.58
C VAL W 65 -54.08 -15.00 -17.26
N LYS W 66 -54.49 -16.01 -16.48
CA LYS W 66 -54.79 -17.33 -17.01
C LYS W 66 -56.11 -17.42 -17.82
N ALA W 67 -56.93 -16.36 -17.79
CA ALA W 67 -58.29 -16.42 -18.31
C ALA W 67 -58.38 -16.34 -19.83
N ASN W 68 -59.35 -17.07 -20.38
CA ASN W 68 -59.72 -16.97 -21.78
C ASN W 68 -60.76 -15.88 -21.84
N LYS W 69 -61.01 -15.38 -23.05
CA LYS W 69 -62.13 -14.48 -23.28
C LYS W 69 -63.41 -15.19 -22.93
N HIS W 70 -63.49 -16.48 -23.27
CA HIS W 70 -64.67 -17.29 -22.95
C HIS W 70 -64.98 -17.28 -21.47
N GLN W 71 -63.94 -17.41 -20.65
CA GLN W 71 -64.10 -17.42 -19.21
C GLN W 71 -64.55 -16.05 -18.72
N ILE W 72 -63.87 -15.00 -19.18
CA ILE W 72 -64.22 -13.62 -18.81
C ILE W 72 -65.67 -13.32 -19.12
N LYS W 73 -66.05 -13.57 -20.36
CA LYS W 73 -67.44 -13.43 -20.80
C LYS W 73 -68.38 -14.10 -19.81
N GLN W 74 -68.11 -15.37 -19.52
CA GLN W 74 -68.90 -16.15 -18.55
C GLN W 74 -68.88 -15.58 -17.15
N ALA W 75 -67.74 -15.04 -16.72
CA ALA W 75 -67.67 -14.40 -15.41
C ALA W 75 -68.47 -13.11 -15.37
N VAL W 76 -68.23 -12.23 -16.34
CA VAL W 76 -68.92 -10.95 -16.42
C VAL W 76 -70.45 -11.13 -16.42
N LYS W 77 -70.91 -12.15 -17.14
CA LYS W 77 -72.32 -12.50 -17.20
C LYS W 77 -72.85 -13.01 -15.86
N LYS W 78 -72.03 -13.80 -15.18
CA LYS W 78 -72.42 -14.41 -13.91
C LYS W 78 -72.46 -13.39 -12.78
N LEU W 79 -71.39 -12.62 -12.63
CA LEU W 79 -71.29 -11.66 -11.53
C LEU W 79 -72.31 -10.55 -11.62
N TYR W 80 -72.37 -9.89 -12.77
CA TYR W 80 -73.19 -8.69 -12.92
C TYR W 80 -74.54 -8.95 -13.62
N ASP W 81 -74.94 -10.22 -13.73
CA ASP W 81 -76.25 -10.63 -14.28
C ASP W 81 -76.50 -10.05 -15.67
N ILE W 82 -75.40 -9.76 -16.36
CA ILE W 82 -75.39 -8.87 -17.50
C ILE W 82 -75.43 -9.75 -18.76
N ASP W 83 -75.03 -9.22 -19.91
CA ASP W 83 -74.75 -10.04 -21.08
C ASP W 83 -73.85 -9.28 -22.04
N VAL W 84 -72.91 -10.03 -22.61
CA VAL W 84 -71.77 -9.44 -23.30
C VAL W 84 -71.96 -9.56 -24.81
N ALA W 85 -71.45 -8.56 -25.52
CA ALA W 85 -71.29 -8.62 -26.96
C ALA W 85 -69.97 -9.31 -27.29
N LYS W 86 -68.88 -8.75 -26.76
CA LYS W 86 -67.55 -9.31 -26.99
C LYS W 86 -66.52 -8.85 -25.95
N VAL W 87 -65.53 -9.69 -25.74
CA VAL W 87 -64.43 -9.43 -24.83
C VAL W 87 -63.22 -9.24 -25.71
N ASN W 88 -62.27 -8.44 -25.23
CA ASN W 88 -61.20 -7.95 -26.08
C ASN W 88 -59.90 -7.73 -25.29
N THR W 89 -59.29 -8.82 -24.84
CA THR W 89 -58.20 -8.74 -23.86
C THR W 89 -56.86 -8.33 -24.44
N LEU W 90 -56.03 -7.79 -23.53
CA LEU W 90 -54.61 -7.56 -23.77
C LEU W 90 -53.86 -7.81 -22.46
N ILE W 91 -52.53 -7.67 -22.48
CA ILE W 91 -51.73 -7.81 -21.27
C ILE W 91 -50.93 -6.54 -21.00
N ARG W 92 -51.11 -5.96 -19.83
CA ARG W 92 -50.40 -4.74 -19.44
C ARG W 92 -48.93 -5.04 -19.13
N PRO W 93 -48.03 -4.09 -19.44
CA PRO W 93 -46.60 -4.23 -19.17
C PRO W 93 -46.32 -3.89 -17.72
N ASP W 94 -46.60 -4.84 -16.85
CA ASP W 94 -46.98 -4.63 -15.45
C ASP W 94 -47.40 -5.98 -14.94
N GLY W 95 -48.22 -6.64 -15.77
CA GLY W 95 -48.49 -8.06 -15.68
C GLY W 95 -49.96 -8.42 -15.65
N GLU W 96 -50.83 -7.42 -15.56
CA GLU W 96 -52.22 -7.63 -15.26
C GLU W 96 -53.01 -7.55 -16.54
N LYS W 97 -53.43 -8.72 -17.02
CA LYS W 97 -54.33 -8.82 -18.16
C LYS W 97 -55.53 -7.88 -18.02
N LYS W 98 -55.58 -6.87 -18.88
CA LYS W 98 -56.72 -5.97 -18.93
C LYS W 98 -57.73 -6.59 -19.86
N ALA W 99 -58.99 -6.21 -19.68
CA ALA W 99 -60.06 -6.70 -20.54
C ALA W 99 -61.08 -5.59 -20.83
N TYR W 100 -61.23 -5.26 -22.10
CA TYR W 100 -62.30 -4.40 -22.58
C TYR W 100 -63.45 -5.33 -22.96
N VAL W 101 -64.64 -5.03 -22.45
CA VAL W 101 -65.80 -5.91 -22.57
C VAL W 101 -66.98 -5.11 -23.09
N ARG W 102 -67.32 -5.35 -24.35
CA ARG W 102 -68.43 -4.67 -25.00
C ARG W 102 -69.70 -5.35 -24.56
N LEU W 103 -70.59 -4.59 -23.93
CA LEU W 103 -71.91 -5.12 -23.54
C LEU W 103 -72.88 -4.98 -24.70
N ALA W 104 -73.83 -5.90 -24.76
CA ALA W 104 -74.83 -5.94 -25.83
C ALA W 104 -75.75 -4.72 -25.73
N PRO W 105 -76.29 -4.26 -26.87
CA PRO W 105 -76.90 -2.92 -26.97
C PRO W 105 -78.23 -2.72 -26.23
N ASP W 106 -78.87 -3.80 -25.75
CA ASP W 106 -79.98 -3.71 -24.79
C ASP W 106 -79.54 -3.09 -23.45
N TYR W 107 -78.25 -3.24 -23.13
CA TYR W 107 -77.68 -2.73 -21.88
C TYR W 107 -76.85 -1.47 -22.08
N ASP W 108 -76.97 -0.56 -21.12
CA ASP W 108 -76.13 0.64 -21.03
C ASP W 108 -74.99 0.38 -20.06
N ALA W 109 -73.78 0.81 -20.46
CA ALA W 109 -72.58 0.59 -19.68
C ALA W 109 -72.49 1.51 -18.48
N LEU W 110 -72.93 2.76 -18.64
CA LEU W 110 -72.91 3.73 -17.54
C LEU W 110 -73.87 3.34 -16.42
N ASP W 111 -74.95 2.64 -16.76
CA ASP W 111 -75.93 2.18 -15.79
C ASP W 111 -75.36 1.08 -14.90
N VAL W 112 -74.80 0.05 -15.53
CA VAL W 112 -74.06 -0.98 -14.80
C VAL W 112 -72.84 -0.39 -14.06
N ALA W 113 -72.14 0.54 -14.70
CA ALA W 113 -71.01 1.20 -14.06
C ALA W 113 -71.41 1.79 -12.70
N ASN W 114 -72.56 2.47 -12.68
CA ASN W 114 -73.12 3.00 -11.43
C ASN W 114 -73.52 1.92 -10.42
N LYS W 115 -74.00 0.78 -10.93
CA LYS W 115 -74.35 -0.35 -10.08
C LYS W 115 -73.14 -0.95 -9.36
N ILE W 116 -72.06 -1.20 -10.10
CA ILE W 116 -70.86 -1.82 -9.54
C ILE W 116 -70.01 -0.89 -8.65
N GLY W 117 -70.24 0.42 -8.74
CA GLY W 117 -69.58 1.41 -7.88
C GLY W 117 -68.86 2.49 -8.63
N ILE W 118 -68.22 2.12 -9.73
CA ILE W 118 -67.32 3.02 -10.49
C ILE W 118 -68.08 4.11 -11.26
N ILE W 119 -67.48 5.30 -11.35
CA ILE W 119 -67.97 6.38 -12.23
C ILE W 119 -67.01 7.57 -12.16
N MET X 1 -22.34 -19.32 40.53
CA MET X 1 -22.11 -19.72 39.10
C MET X 1 -23.34 -20.33 38.52
N LYS X 2 -23.30 -20.61 37.22
CA LYS X 2 -24.33 -21.42 36.58
C LYS X 2 -23.65 -22.70 36.10
N PHE X 3 -24.32 -23.80 36.37
CA PHE X 3 -23.73 -25.13 36.23
C PHE X 3 -24.45 -25.93 35.15
N ASN X 4 -25.75 -25.69 34.99
CA ASN X 4 -26.51 -26.14 33.83
C ASN X 4 -25.70 -25.92 32.56
N PRO X 5 -25.34 -27.01 31.85
CA PRO X 5 -24.49 -26.89 30.69
C PRO X 5 -25.26 -26.65 29.39
N PHE X 6 -26.49 -26.16 29.47
CA PHE X 6 -27.24 -25.75 28.31
C PHE X 6 -27.67 -24.29 28.36
N VAL X 7 -27.19 -23.54 29.35
CA VAL X 7 -27.38 -22.10 29.36
C VAL X 7 -26.03 -21.51 29.00
N THR X 8 -25.94 -20.19 28.92
CA THR X 8 -25.09 -19.59 27.91
C THR X 8 -24.03 -18.65 28.41
N SER X 9 -24.38 -17.70 29.28
CA SER X 9 -23.37 -16.86 29.93
C SER X 9 -22.35 -16.28 28.92
N ASP X 10 -22.87 -15.86 27.77
CA ASP X 10 -22.04 -15.47 26.63
C ASP X 10 -22.61 -14.17 26.08
N ARG X 11 -22.01 -13.05 26.48
CA ARG X 11 -22.50 -11.71 26.10
C ARG X 11 -23.27 -11.68 24.80
N SER X 12 -22.60 -12.02 23.71
CA SER X 12 -23.19 -12.00 22.37
C SER X 12 -24.46 -12.84 22.28
N LYS X 13 -24.45 -14.02 22.91
CA LYS X 13 -25.61 -14.89 22.89
C LYS X 13 -26.74 -14.33 23.69
N ASN X 14 -26.46 -13.78 24.88
CA ASN X 14 -27.52 -13.22 25.73
C ASN X 14 -28.12 -11.97 25.13
N ARG X 15 -27.27 -11.06 24.66
CA ARG X 15 -27.78 -9.86 23.98
C ARG X 15 -28.58 -10.20 22.74
N LYS X 16 -28.09 -11.11 21.90
CA LYS X 16 -28.86 -11.47 20.70
C LYS X 16 -30.21 -12.04 21.08
N ARG X 17 -30.20 -12.90 22.09
CA ARG X 17 -31.41 -13.48 22.66
C ARG X 17 -32.37 -12.38 23.10
N HIS X 18 -31.81 -11.36 23.76
CA HIS X 18 -32.60 -10.25 24.26
C HIS X 18 -33.23 -9.40 23.19
N PHE X 19 -32.41 -8.84 22.32
CA PHE X 19 -32.88 -7.85 21.36
C PHE X 19 -33.77 -8.44 20.28
N ASN X 20 -33.53 -9.69 19.95
CA ASN X 20 -34.36 -10.38 18.99
C ASN X 20 -35.36 -11.26 19.72
N ALA X 21 -35.93 -10.77 20.82
CA ALA X 21 -36.87 -11.55 21.60
C ALA X 21 -38.28 -11.37 21.03
N PRO X 22 -39.08 -12.46 21.03
CA PRO X 22 -40.46 -12.48 20.53
C PRO X 22 -41.48 -12.00 21.57
N SER X 23 -42.52 -11.33 21.09
CA SER X 23 -43.44 -10.55 21.94
C SER X 23 -43.76 -11.19 23.29
N HIS X 24 -44.25 -12.42 23.25
CA HIS X 24 -44.65 -13.14 24.46
C HIS X 24 -43.51 -13.30 25.45
N ILE X 25 -42.28 -13.41 24.95
CA ILE X 25 -41.09 -13.48 25.78
C ILE X 25 -40.73 -12.12 26.34
N ARG X 26 -40.91 -11.08 25.52
CA ARG X 26 -40.69 -9.73 26.00
C ARG X 26 -41.62 -9.36 27.15
N ARG X 27 -42.85 -9.86 27.12
CA ARG X 27 -43.78 -9.64 28.23
C ARG X 27 -43.11 -9.91 29.56
N LYS X 28 -42.42 -11.04 29.64
CA LYS X 28 -41.75 -11.48 30.85
C LYS X 28 -40.58 -10.56 31.19
N ILE X 29 -39.82 -10.16 30.17
CA ILE X 29 -38.65 -9.28 30.34
C ILE X 29 -39.09 -7.92 30.87
N MET X 30 -40.19 -7.42 30.33
CA MET X 30 -40.72 -6.13 30.73
C MET X 30 -41.47 -6.14 32.08
N SER X 31 -41.08 -7.00 33.01
CA SER X 31 -41.77 -7.09 34.28
C SER X 31 -41.32 -5.96 35.18
N SER X 32 -42.07 -5.76 36.25
CA SER X 32 -41.83 -4.65 37.15
C SER X 32 -42.30 -4.98 38.55
N PRO X 33 -41.63 -4.42 39.56
CA PRO X 33 -41.96 -4.76 40.93
C PRO X 33 -43.29 -4.21 41.41
N LEU X 34 -43.85 -4.91 42.39
CA LEU X 34 -45.04 -4.47 43.09
C LEU X 34 -44.57 -3.52 44.15
N SER X 35 -45.48 -2.70 44.67
CA SER X 35 -45.18 -1.85 45.82
C SER X 35 -45.10 -2.73 47.05
N LYS X 36 -44.25 -2.34 48.01
CA LYS X 36 -44.14 -3.10 49.26
C LYS X 36 -45.50 -3.48 49.84
N GLU X 37 -46.46 -2.55 49.73
CA GLU X 37 -47.86 -2.76 50.09
C GLU X 37 -48.44 -4.04 49.47
N LEU X 38 -48.34 -4.16 48.15
CA LEU X 38 -48.85 -5.34 47.43
C LEU X 38 -47.97 -6.56 47.65
N ARG X 39 -46.67 -6.33 47.74
CA ARG X 39 -45.70 -7.38 48.06
C ARG X 39 -46.08 -8.15 49.33
N GLN X 40 -46.58 -7.41 50.32
CA GLN X 40 -47.14 -7.97 51.55
C GLN X 40 -48.42 -8.78 51.29
N LYS X 41 -49.32 -8.22 50.48
CA LYS X 41 -50.66 -8.77 50.26
C LYS X 41 -50.70 -10.03 49.42
N TYR X 42 -50.06 -10.00 48.25
CA TYR X 42 -50.14 -11.11 47.29
C TYR X 42 -49.07 -12.19 47.42
N ASN X 43 -47.97 -11.89 48.12
CA ASN X 43 -46.85 -12.81 48.28
C ASN X 43 -46.11 -12.99 46.95
N VAL X 44 -45.87 -11.87 46.27
CA VAL X 44 -45.30 -11.84 44.93
C VAL X 44 -44.36 -10.65 44.84
N ARG X 45 -43.15 -10.89 44.32
CA ARG X 45 -42.17 -9.82 44.16
C ARG X 45 -42.60 -8.83 43.09
N SER X 46 -42.95 -9.37 41.92
CA SER X 46 -43.11 -8.56 40.72
C SER X 46 -44.02 -9.24 39.71
N MET X 47 -44.47 -8.44 38.74
CA MET X 47 -45.46 -8.83 37.78
C MET X 47 -45.16 -8.22 36.41
N PRO X 48 -45.46 -8.95 35.32
CA PRO X 48 -45.45 -8.43 33.96
C PRO X 48 -46.38 -7.25 33.80
N ILE X 49 -45.82 -6.10 33.46
CA ILE X 49 -46.58 -4.85 33.40
C ILE X 49 -47.52 -4.84 32.19
N ARG X 50 -48.56 -4.03 32.26
CA ARG X 50 -49.68 -4.17 31.34
C ARG X 50 -50.34 -2.82 31.04
N LYS X 51 -51.12 -2.79 29.96
CA LYS X 51 -51.70 -1.56 29.39
C LYS X 51 -52.21 -0.48 30.36
N ASP X 52 -52.86 -0.87 31.46
CA ASP X 52 -53.51 0.13 32.33
C ASP X 52 -53.42 -0.19 33.83
N ASP X 53 -52.20 -0.50 34.25
CA ASP X 53 -51.83 -0.52 35.64
C ASP X 53 -51.60 0.91 36.13
N GLU X 54 -51.63 1.09 37.44
CA GLU X 54 -51.21 2.35 38.08
C GLU X 54 -49.84 2.12 38.68
N VAL X 55 -49.02 3.15 38.60
CA VAL X 55 -47.57 3.00 38.54
C VAL X 55 -46.88 4.26 39.05
N GLN X 56 -45.76 4.08 39.73
CA GLN X 56 -44.83 5.18 39.99
C GLN X 56 -43.56 4.94 39.20
N VAL X 57 -42.95 6.04 38.74
CA VAL X 57 -41.62 6.01 38.17
C VAL X 57 -40.70 6.22 39.36
N VAL X 58 -39.68 5.37 39.48
CA VAL X 58 -38.81 5.41 40.64
C VAL X 58 -37.53 6.17 40.38
N ARG X 59 -36.96 6.01 39.18
CA ARG X 59 -35.67 6.66 38.86
C ARG X 59 -35.73 7.48 37.58
N GLY X 60 -34.79 8.42 37.49
CA GLY X 60 -34.60 9.26 36.33
C GLY X 60 -34.94 10.71 36.62
N HIS X 61 -35.44 11.38 35.59
CA HIS X 61 -35.93 12.75 35.67
C HIS X 61 -37.35 12.76 36.23
N TYR X 62 -38.15 11.83 35.74
CA TYR X 62 -39.57 11.73 36.10
C TYR X 62 -39.82 11.00 37.40
N LYS X 63 -38.76 10.41 37.98
CA LYS X 63 -38.72 10.01 39.38
C LYS X 63 -39.61 10.93 40.20
N GLY X 64 -40.65 10.36 40.81
CA GLY X 64 -41.58 11.13 41.61
C GLY X 64 -42.63 10.24 42.28
N GLN X 65 -43.27 10.80 43.31
CA GLN X 65 -44.22 10.04 44.14
C GLN X 65 -45.66 10.09 43.61
N GLN X 66 -45.85 10.56 42.37
CA GLN X 66 -47.16 10.58 41.72
C GLN X 66 -47.45 9.19 41.19
N ILE X 67 -48.73 8.87 41.06
CA ILE X 67 -49.18 7.54 40.64
C ILE X 67 -49.94 7.64 39.32
N GLY X 68 -49.19 7.54 38.23
CA GLY X 68 -49.73 7.63 36.87
C GLY X 68 -50.18 6.29 36.33
N LYS X 69 -51.29 6.30 35.61
CA LYS X 69 -51.82 5.12 34.98
C LYS X 69 -51.03 4.84 33.71
N VAL X 70 -50.75 3.55 33.43
CA VAL X 70 -50.00 3.17 32.23
C VAL X 70 -50.85 3.45 30.99
N VAL X 71 -50.17 3.83 29.92
CA VAL X 71 -50.82 4.35 28.72
C VAL X 71 -50.69 3.36 27.56
N GLN X 72 -49.47 2.94 27.26
CA GLN X 72 -49.24 1.74 26.42
C GLN X 72 -47.88 1.09 26.65
N VAL X 73 -47.75 -0.12 26.12
CA VAL X 73 -46.59 -0.96 26.31
C VAL X 73 -45.99 -1.20 24.93
N TYR X 74 -44.82 -0.62 24.67
CA TYR X 74 -44.20 -0.70 23.36
C TYR X 74 -43.12 -1.76 23.45
N ARG X 75 -43.54 -3.02 23.33
CA ARG X 75 -42.64 -4.15 23.53
C ARG X 75 -41.49 -4.17 22.52
N LYS X 76 -41.69 -3.62 21.33
CA LYS X 76 -40.61 -3.44 20.37
C LYS X 76 -39.51 -2.54 20.94
N LYS X 77 -39.90 -1.41 21.52
CA LYS X 77 -38.98 -0.44 22.09
C LYS X 77 -38.57 -0.72 23.55
N TYR X 78 -38.97 -1.88 24.11
CA TYR X 78 -38.74 -2.19 25.53
C TYR X 78 -39.06 -0.99 26.40
N VAL X 79 -40.34 -0.63 26.44
CA VAL X 79 -40.74 0.59 27.12
C VAL X 79 -42.24 0.69 27.33
N ILE X 80 -42.61 1.47 28.33
CA ILE X 80 -44.01 1.74 28.60
C ILE X 80 -44.18 3.24 28.68
N TYR X 81 -45.34 3.71 28.25
CA TYR X 81 -45.70 5.10 28.33
C TYR X 81 -46.68 5.23 29.46
N ILE X 82 -46.56 6.34 30.19
CA ILE X 82 -47.29 6.56 31.43
C ILE X 82 -47.98 7.92 31.37
N GLU X 83 -49.15 8.01 32.00
CA GLU X 83 -50.07 9.18 31.93
C GLU X 83 -49.42 10.57 31.76
N ARG X 84 -48.81 11.11 32.81
CA ARG X 84 -48.26 12.47 32.79
C ARG X 84 -46.74 12.49 32.59
N VAL X 85 -46.13 11.33 32.41
CA VAL X 85 -44.73 11.23 31.99
C VAL X 85 -44.66 11.58 30.52
N GLN X 86 -44.48 12.86 30.24
CA GLN X 86 -44.42 13.37 28.86
C GLN X 86 -43.65 14.67 28.75
N ARG X 87 -43.31 15.02 27.51
CA ARG X 87 -42.50 16.19 27.24
C ARG X 87 -42.98 16.94 26.00
N GLU X 88 -42.99 18.26 26.11
CA GLU X 88 -43.43 19.13 25.04
C GLU X 88 -42.35 19.16 23.96
N LYS X 89 -42.74 18.82 22.73
CA LYS X 89 -41.84 18.87 21.57
C LYS X 89 -41.69 20.33 21.14
N ALA X 90 -40.87 20.58 20.11
CA ALA X 90 -40.61 21.95 19.60
C ALA X 90 -41.90 22.74 19.38
N ASN X 91 -42.86 22.11 18.73
CA ASN X 91 -44.12 22.74 18.33
C ASN X 91 -45.27 22.46 19.30
N GLY X 92 -44.97 22.43 20.60
CA GLY X 92 -46.02 22.32 21.62
C GLY X 92 -46.63 20.96 21.89
N THR X 93 -46.60 20.08 20.89
CA THR X 93 -47.25 18.77 20.99
C THR X 93 -46.61 17.94 22.07
N THR X 94 -47.41 17.42 23.00
CA THR X 94 -46.92 16.50 24.02
C THR X 94 -46.55 15.17 23.38
N VAL X 95 -45.53 14.55 23.95
CA VAL X 95 -45.01 13.29 23.46
C VAL X 95 -44.77 12.39 24.67
N HIS X 96 -45.36 11.20 24.64
CA HIS X 96 -45.24 10.28 25.75
C HIS X 96 -43.82 9.74 25.82
N VAL X 97 -43.12 10.13 26.87
CA VAL X 97 -41.74 9.72 27.07
C VAL X 97 -41.72 8.30 27.60
N GLY X 98 -40.85 7.49 27.02
CA GLY X 98 -40.68 6.12 27.44
C GLY X 98 -39.97 6.01 28.77
N ILE X 99 -40.48 5.10 29.59
CA ILE X 99 -39.84 4.65 30.81
C ILE X 99 -39.70 3.14 30.70
N HIS X 100 -38.55 2.62 31.10
CA HIS X 100 -38.36 1.18 31.12
C HIS X 100 -39.12 0.59 32.31
N PRO X 101 -39.85 -0.52 32.10
CA PRO X 101 -40.74 -1.08 33.15
C PRO X 101 -40.08 -1.31 34.48
N SER X 102 -38.85 -1.84 34.46
CA SER X 102 -38.12 -2.13 35.69
C SER X 102 -37.75 -0.92 36.53
N LYS X 103 -37.84 0.29 35.99
CA LYS X 103 -37.58 1.51 36.78
C LYS X 103 -38.88 2.21 37.14
N VAL X 104 -39.80 1.40 37.63
CA VAL X 104 -41.16 1.82 37.84
C VAL X 104 -41.67 0.88 38.93
N VAL X 105 -42.69 1.29 39.68
CA VAL X 105 -43.31 0.38 40.62
C VAL X 105 -44.83 0.39 40.54
N ILE X 106 -45.39 -0.81 40.43
CA ILE X 106 -46.82 -1.00 40.32
C ILE X 106 -47.43 -0.84 41.70
N THR X 107 -48.25 0.20 41.85
CA THR X 107 -49.04 0.41 43.06
C THR X 107 -50.41 -0.24 42.94
N ARG X 108 -51.05 -0.10 41.78
CA ARG X 108 -52.34 -0.76 41.54
C ARG X 108 -52.31 -1.58 40.24
N LEU X 109 -52.62 -2.86 40.37
CA LEU X 109 -52.72 -3.78 39.25
C LEU X 109 -54.06 -3.66 38.56
N LYS X 110 -54.09 -4.02 37.28
CA LYS X 110 -55.35 -4.23 36.57
C LYS X 110 -55.66 -5.73 36.63
N LEU X 111 -56.54 -6.11 37.55
CA LEU X 111 -56.86 -7.50 37.79
C LEU X 111 -57.97 -8.01 36.85
N ASP X 112 -57.58 -8.89 35.94
CA ASP X 112 -58.51 -9.75 35.19
C ASP X 112 -58.44 -11.14 35.79
N LYS X 113 -59.18 -12.08 35.21
CA LYS X 113 -59.14 -13.48 35.64
C LYS X 113 -57.74 -14.08 35.53
N ASP X 114 -57.10 -13.84 34.40
CA ASP X 114 -55.80 -14.46 34.09
C ASP X 114 -54.69 -13.91 34.97
N ARG X 115 -54.67 -12.59 35.11
CA ARG X 115 -53.79 -11.95 36.10
C ARG X 115 -54.05 -12.50 37.50
N LYS X 116 -55.31 -12.75 37.85
CA LYS X 116 -55.63 -13.37 39.14
C LYS X 116 -55.02 -14.77 39.27
N LYS X 117 -55.15 -15.59 38.23
CA LYS X 117 -54.58 -16.94 38.28
C LYS X 117 -53.05 -16.95 38.28
N ILE X 118 -52.42 -16.00 37.58
CA ILE X 118 -50.96 -15.83 37.61
C ILE X 118 -50.48 -15.59 39.03
N LEU X 119 -51.06 -14.59 39.70
CA LEU X 119 -50.66 -14.26 41.06
C LEU X 119 -50.84 -15.44 42.01
N GLU X 120 -51.88 -16.23 41.79
CA GLU X 120 -52.11 -17.44 42.57
C GLU X 120 -51.03 -18.50 42.35
N ARG X 121 -50.48 -18.57 41.14
CA ARG X 121 -49.43 -19.53 40.81
C ARG X 121 -48.07 -19.14 41.37
N LYS X 122 -47.76 -17.84 41.35
CA LYS X 122 -46.48 -17.33 41.85
C LYS X 122 -46.38 -17.36 43.36
N ALA X 123 -47.47 -16.97 44.01
CA ALA X 123 -47.56 -17.02 45.47
C ALA X 123 -47.42 -18.45 45.98
N LYS X 124 -48.04 -19.40 45.30
CA LYS X 124 -47.99 -20.81 45.70
C LYS X 124 -46.59 -21.37 45.61
N SER X 125 -45.88 -21.07 44.53
CA SER X 125 -44.50 -21.55 44.37
C SER X 125 -43.56 -20.95 45.43
N ARG X 126 -43.72 -19.67 45.72
CA ARG X 126 -42.99 -18.98 46.78
C ARG X 126 -43.13 -19.68 48.14
N GLN X 127 -44.36 -20.10 48.47
CA GLN X 127 -44.65 -20.73 49.77
C GLN X 127 -44.21 -22.19 49.80
N VAL X 128 -44.17 -22.86 48.66
CA VAL X 128 -43.58 -24.20 48.54
C VAL X 128 -42.07 -24.16 48.88
N GLY X 129 -41.37 -23.17 48.35
CA GLY X 129 -39.94 -22.99 48.61
C GLY X 129 -39.62 -22.66 50.06
N LYS X 130 -40.46 -21.84 50.69
CA LYS X 130 -40.34 -21.54 52.12
C LYS X 130 -40.60 -22.78 52.99
N GLU X 131 -41.55 -23.61 52.57
CA GLU X 131 -41.81 -24.91 53.22
C GLU X 131 -40.66 -25.90 53.03
N LYS X 132 -40.04 -25.89 51.85
CA LYS X 132 -38.88 -26.73 51.56
C LYS X 132 -37.64 -26.27 52.33
N GLY X 133 -37.44 -24.96 52.42
CA GLY X 133 -36.35 -24.37 53.21
C GLY X 133 -36.48 -24.62 54.70
N LYS X 134 -37.71 -24.55 55.21
CA LYS X 134 -38.01 -24.85 56.61
C LYS X 134 -37.89 -26.34 56.89
N GLY Y 1 -62.71 -47.78 -101.48
CA GLY Y 1 -63.72 -46.72 -101.73
C GLY Y 1 -64.32 -46.12 -100.46
N LYS Y 2 -65.48 -45.50 -100.61
CA LYS Y 2 -66.16 -44.83 -99.50
C LYS Y 2 -66.64 -45.87 -98.48
N PHE Y 3 -66.45 -45.58 -97.19
CA PHE Y 3 -66.68 -46.58 -96.13
C PHE Y 3 -67.37 -46.06 -94.87
N MET Y 4 -67.97 -44.89 -94.95
CA MET Y 4 -68.50 -44.21 -93.78
C MET Y 4 -70.01 -44.34 -93.80
N LYS Y 5 -70.47 -45.58 -93.65
CA LYS Y 5 -71.85 -45.96 -93.98
C LYS Y 5 -72.73 -46.30 -92.78
N PRO Y 6 -74.06 -46.30 -92.95
CA PRO Y 6 -74.96 -46.31 -91.79
C PRO Y 6 -75.05 -47.59 -90.93
N GLY Y 7 -74.16 -48.54 -91.13
CA GLY Y 7 -73.96 -49.63 -90.17
C GLY Y 7 -72.75 -49.44 -89.27
N LYS Y 8 -71.82 -48.57 -89.68
CA LYS Y 8 -70.53 -48.42 -89.02
C LYS Y 8 -70.63 -48.23 -87.52
N VAL Y 9 -69.74 -48.90 -86.80
CA VAL Y 9 -69.40 -48.52 -85.44
C VAL Y 9 -68.27 -47.51 -85.56
N VAL Y 10 -68.25 -46.56 -84.65
CA VAL Y 10 -67.33 -45.44 -84.69
C VAL Y 10 -66.95 -45.07 -83.26
N LEU Y 11 -65.71 -44.66 -83.05
CA LEU Y 11 -65.33 -44.11 -81.77
C LEU Y 11 -65.38 -42.59 -81.84
N VAL Y 12 -66.28 -41.99 -81.08
CA VAL Y 12 -66.30 -40.55 -80.92
C VAL Y 12 -64.99 -40.11 -80.26
N LEU Y 13 -64.42 -39.08 -80.85
CA LEU Y 13 -63.04 -38.69 -80.62
C LEU Y 13 -62.90 -37.29 -80.05
N ALA Y 14 -64.02 -36.62 -79.76
CA ALA Y 14 -63.99 -35.22 -79.37
C ALA Y 14 -65.24 -34.79 -78.61
N GLY Y 15 -65.03 -33.74 -77.81
CA GLY Y 15 -66.09 -33.16 -77.01
C GLY Y 15 -66.49 -34.07 -75.87
N ARG Y 16 -67.68 -33.81 -75.37
CA ARG Y 16 -68.23 -34.48 -74.19
C ARG Y 16 -67.94 -35.95 -74.30
N TYR Y 17 -68.51 -36.60 -75.32
CA TYR Y 17 -68.55 -38.06 -75.36
C TYR Y 17 -67.29 -38.66 -76.03
N SER Y 18 -66.12 -38.06 -75.80
CA SER Y 18 -64.89 -38.65 -76.31
C SER Y 18 -64.71 -40.01 -75.66
N GLY Y 19 -64.39 -41.00 -76.48
CA GLY Y 19 -64.15 -42.37 -75.99
C GLY Y 19 -65.39 -43.24 -75.93
N ARG Y 20 -66.51 -42.76 -76.47
CA ARG Y 20 -67.73 -43.55 -76.56
C ARG Y 20 -67.88 -44.12 -77.95
N LYS Y 21 -68.48 -45.30 -78.01
CA LYS Y 21 -68.73 -45.98 -79.27
C LYS Y 21 -70.11 -45.63 -79.79
N ALA Y 22 -70.20 -45.33 -81.08
CA ALA Y 22 -71.43 -44.80 -81.66
C ALA Y 22 -71.69 -45.38 -83.03
N VAL Y 23 -72.97 -45.58 -83.35
CA VAL Y 23 -73.38 -46.15 -84.63
C VAL Y 23 -73.83 -45.05 -85.54
N ILE Y 24 -73.21 -44.97 -86.72
CA ILE Y 24 -73.60 -44.00 -87.72
C ILE Y 24 -74.99 -44.38 -88.19
N VAL Y 25 -75.90 -43.44 -88.10
CA VAL Y 25 -77.23 -43.57 -88.67
C VAL Y 25 -77.32 -42.87 -90.02
N LYS Y 26 -76.64 -41.73 -90.16
CA LYS Y 26 -76.69 -40.93 -91.37
C LYS Y 26 -75.30 -40.38 -91.68
N ASN Y 27 -74.89 -40.51 -92.93
CA ASN Y 27 -73.62 -39.98 -93.39
C ASN Y 27 -73.86 -38.99 -94.53
N ILE Y 28 -73.27 -37.81 -94.38
CA ILE Y 28 -73.54 -36.68 -95.26
C ILE Y 28 -72.40 -36.44 -96.27
N ASP Y 29 -71.17 -36.80 -95.89
CA ASP Y 29 -70.05 -37.01 -96.84
C ASP Y 29 -69.91 -35.99 -97.97
N ASP Y 30 -70.22 -34.73 -97.65
CA ASP Y 30 -70.18 -33.64 -98.61
C ASP Y 30 -70.26 -32.31 -97.89
N GLY Y 31 -71.40 -32.06 -97.25
CA GLY Y 31 -71.71 -30.79 -96.61
C GLY Y 31 -73.18 -30.46 -96.74
N THR Y 32 -73.50 -29.18 -96.63
CA THR Y 32 -74.87 -28.71 -96.71
C THR Y 32 -74.90 -27.22 -97.06
N SER Y 33 -74.37 -26.40 -96.15
CA SER Y 33 -74.50 -24.93 -96.11
C SER Y 33 -74.55 -24.54 -94.65
N ASP Y 34 -75.49 -25.17 -93.95
CA ASP Y 34 -75.63 -25.02 -92.50
C ASP Y 34 -74.48 -25.67 -91.75
N ARG Y 35 -73.88 -26.69 -92.38
CA ARG Y 35 -72.88 -27.54 -91.76
C ARG Y 35 -71.86 -27.98 -92.80
N PRO Y 36 -71.24 -27.01 -93.50
CA PRO Y 36 -70.60 -27.17 -94.80
C PRO Y 36 -69.47 -28.20 -94.89
N TYR Y 37 -68.83 -28.47 -93.76
CA TYR Y 37 -67.93 -29.62 -93.66
C TYR Y 37 -68.67 -30.92 -93.87
N SER Y 38 -67.93 -31.97 -94.20
CA SER Y 38 -68.49 -33.31 -94.25
C SER Y 38 -68.73 -33.79 -92.82
N HIS Y 39 -69.92 -34.34 -92.57
CA HIS Y 39 -70.34 -34.74 -91.22
C HIS Y 39 -71.22 -35.98 -91.25
N ALA Y 40 -71.60 -36.44 -90.06
CA ALA Y 40 -72.40 -37.65 -89.94
C ALA Y 40 -73.18 -37.67 -88.64
N LEU Y 41 -74.46 -37.97 -88.75
CA LEU Y 41 -75.31 -38.20 -87.60
C LEU Y 41 -74.95 -39.58 -87.06
N VAL Y 42 -74.73 -39.66 -85.76
CA VAL Y 42 -74.54 -40.93 -85.09
C VAL Y 42 -75.47 -41.03 -83.90
N ALA Y 43 -75.59 -42.25 -83.40
CA ALA Y 43 -76.21 -42.49 -82.12
C ALA Y 43 -75.31 -43.41 -81.38
N GLY Y 44 -74.96 -43.03 -80.16
CA GLY Y 44 -74.07 -43.80 -79.33
C GLY Y 44 -74.58 -43.96 -77.92
N ILE Y 45 -73.64 -44.24 -77.03
CA ILE Y 45 -73.95 -44.58 -75.67
C ILE Y 45 -73.11 -43.75 -74.70
N ASP Y 46 -73.77 -42.83 -74.00
CA ASP Y 46 -73.16 -42.01 -72.98
C ASP Y 46 -72.61 -42.89 -71.86
N ARG Y 47 -73.42 -43.86 -71.45
CA ARG Y 47 -73.11 -44.75 -70.35
C ARG Y 47 -73.37 -46.18 -70.76
N TYR Y 48 -72.43 -47.06 -70.43
CA TYR Y 48 -72.44 -48.43 -70.89
C TYR Y 48 -73.09 -49.30 -69.83
N PRO Y 49 -73.57 -50.50 -70.22
CA PRO Y 49 -74.07 -51.40 -69.20
C PRO Y 49 -72.91 -51.90 -68.37
N ARG Y 50 -73.12 -52.06 -67.07
CA ARG Y 50 -72.08 -52.55 -66.18
C ARG Y 50 -71.80 -54.03 -66.44
N LYS Y 51 -70.78 -54.54 -65.78
CA LYS Y 51 -70.55 -55.98 -65.71
C LYS Y 51 -71.77 -56.61 -65.04
N VAL Y 52 -71.92 -57.92 -65.20
CA VAL Y 52 -73.17 -58.59 -64.84
C VAL Y 52 -72.94 -59.88 -63.99
N THR Y 53 -71.88 -60.63 -64.29
CA THR Y 53 -71.31 -61.65 -63.38
C THR Y 53 -72.23 -62.75 -62.81
N ALA Y 54 -73.35 -63.02 -63.45
CA ALA Y 54 -74.21 -64.18 -63.12
C ALA Y 54 -74.69 -64.23 -61.67
N ALA Y 55 -73.80 -64.60 -60.75
CA ALA Y 55 -74.14 -64.71 -59.33
C ALA Y 55 -74.46 -63.32 -58.80
N MET Y 56 -75.61 -62.82 -59.22
CA MET Y 56 -75.91 -61.39 -59.19
C MET Y 56 -77.33 -61.14 -58.75
N GLY Y 57 -78.29 -61.61 -59.56
CA GLY Y 57 -79.70 -61.40 -59.27
C GLY Y 57 -80.54 -61.38 -60.54
N LYS Y 58 -81.73 -60.82 -60.41
CA LYS Y 58 -82.58 -60.53 -61.55
C LYS Y 58 -82.88 -59.04 -61.58
N LYS Y 59 -83.39 -58.52 -60.45
CA LYS Y 59 -83.54 -57.08 -60.25
C LYS Y 59 -82.20 -56.36 -60.40
N LYS Y 60 -81.14 -56.93 -59.82
CA LYS Y 60 -79.81 -56.33 -59.88
C LYS Y 60 -79.26 -56.29 -61.30
N ILE Y 61 -79.28 -57.44 -61.99
CA ILE Y 61 -78.86 -57.49 -63.39
C ILE Y 61 -79.70 -56.53 -64.22
N ALA Y 62 -81.01 -56.59 -64.05
CA ALA Y 62 -81.91 -55.67 -64.76
C ALA Y 62 -81.47 -54.21 -64.60
N LYS Y 63 -81.13 -53.82 -63.37
CA LYS Y 63 -80.65 -52.47 -63.08
C LYS Y 63 -79.33 -52.22 -63.79
N ARG Y 64 -78.43 -53.20 -63.73
CA ARG Y 64 -77.11 -53.10 -64.36
C ARG Y 64 -77.20 -52.99 -65.88
N SER Y 65 -78.06 -53.81 -66.47
CA SER Y 65 -78.22 -53.87 -67.93
C SER Y 65 -79.11 -52.75 -68.43
N LYS Y 66 -78.56 -51.54 -68.43
CA LYS Y 66 -79.22 -50.35 -68.92
C LYS Y 66 -78.23 -49.60 -69.77
N ILE Y 67 -78.72 -48.64 -70.55
CA ILE Y 67 -77.85 -47.75 -71.30
C ILE Y 67 -78.41 -46.34 -71.19
N LYS Y 68 -77.53 -45.38 -70.93
CA LYS Y 68 -77.81 -43.99 -71.25
C LYS Y 68 -77.29 -43.78 -72.67
N SER Y 69 -78.21 -43.46 -73.59
CA SER Y 69 -77.88 -43.26 -75.01
C SER Y 69 -77.57 -41.80 -75.30
N PHE Y 70 -77.09 -41.54 -76.51
CA PHE Y 70 -76.96 -40.17 -77.00
C PHE Y 70 -76.94 -40.10 -78.53
N VAL Y 71 -77.40 -38.96 -79.05
CA VAL Y 71 -77.51 -38.72 -80.48
C VAL Y 71 -76.84 -37.39 -80.80
N LYS Y 72 -76.15 -37.34 -81.94
CA LYS Y 72 -75.22 -36.26 -82.22
C LYS Y 72 -74.88 -36.14 -83.70
N VAL Y 73 -74.69 -34.90 -84.16
CA VAL Y 73 -74.04 -34.63 -85.42
C VAL Y 73 -72.56 -34.45 -85.10
N TYR Y 74 -71.69 -34.77 -86.06
CA TYR Y 74 -70.25 -34.81 -85.81
C TYR Y 74 -69.46 -34.54 -87.07
N ASN Y 75 -68.46 -33.66 -87.00
CA ASN Y 75 -67.41 -33.62 -88.02
C ASN Y 75 -66.86 -35.03 -88.13
N TYR Y 76 -66.66 -35.49 -89.35
CA TYR Y 76 -66.02 -36.79 -89.55
C TYR Y 76 -64.69 -36.90 -88.82
N ASN Y 77 -63.93 -35.81 -88.84
CA ASN Y 77 -62.64 -35.80 -88.19
C ASN Y 77 -62.70 -35.66 -86.66
N HIS Y 78 -63.89 -35.81 -86.06
CA HIS Y 78 -64.00 -36.14 -84.62
C HIS Y 78 -64.66 -37.51 -84.40
N LEU Y 79 -64.48 -38.39 -85.37
CA LEU Y 79 -64.94 -39.76 -85.32
C LEU Y 79 -63.82 -40.65 -85.83
N MET Y 80 -63.49 -41.69 -85.06
CA MET Y 80 -62.55 -42.69 -85.48
C MET Y 80 -63.34 -43.92 -85.93
N PRO Y 81 -63.39 -44.19 -87.25
CA PRO Y 81 -64.14 -45.30 -87.81
C PRO Y 81 -63.41 -46.61 -87.66
N THR Y 82 -64.18 -47.69 -87.74
CA THR Y 82 -63.68 -48.99 -87.37
C THR Y 82 -64.42 -50.14 -88.01
N ARG Y 83 -63.65 -51.15 -88.41
CA ARG Y 83 -64.11 -52.48 -88.74
C ARG Y 83 -65.59 -52.78 -88.49
N TYR Y 84 -65.98 -52.67 -87.23
CA TYR Y 84 -67.20 -53.27 -86.71
C TYR Y 84 -68.46 -52.62 -87.25
N SER Y 85 -69.52 -53.42 -87.38
CA SER Y 85 -70.81 -52.96 -87.84
C SER Y 85 -71.92 -53.46 -86.92
N VAL Y 86 -72.92 -52.62 -86.70
CA VAL Y 86 -74.06 -52.94 -85.87
C VAL Y 86 -75.31 -52.76 -86.72
N ASP Y 87 -75.98 -53.87 -87.05
CA ASP Y 87 -77.21 -53.86 -87.82
C ASP Y 87 -78.40 -53.75 -86.86
N ILE Y 88 -78.50 -52.56 -86.27
CA ILE Y 88 -79.58 -52.20 -85.38
C ILE Y 88 -80.54 -51.31 -86.20
N PRO Y 89 -81.86 -51.41 -85.97
CA PRO Y 89 -82.78 -50.71 -86.89
C PRO Y 89 -82.73 -49.17 -86.82
N LEU Y 90 -83.06 -48.59 -85.67
CA LEU Y 90 -83.11 -47.13 -85.47
C LEU Y 90 -83.99 -46.40 -86.48
N ASP Y 91 -85.30 -46.30 -86.19
CA ASP Y 91 -86.25 -45.69 -87.14
C ASP Y 91 -85.89 -44.25 -87.54
N LYS Y 92 -85.93 -43.99 -88.83
CA LYS Y 92 -85.41 -42.75 -89.41
C LYS Y 92 -86.36 -41.58 -89.18
N THR Y 93 -87.63 -41.89 -88.93
CA THR Y 93 -88.62 -40.87 -88.55
C THR Y 93 -88.22 -40.13 -87.28
N VAL Y 94 -87.66 -40.87 -86.31
CA VAL Y 94 -87.34 -40.32 -85.00
C VAL Y 94 -85.92 -39.77 -84.96
N VAL Y 95 -84.94 -40.61 -85.30
CA VAL Y 95 -83.52 -40.22 -85.26
C VAL Y 95 -83.10 -39.60 -86.60
N ASN Y 96 -83.52 -38.36 -86.79
CA ASN Y 96 -83.19 -37.56 -87.97
C ASN Y 96 -82.48 -36.28 -87.54
N LYS Y 97 -82.07 -35.47 -88.51
CA LYS Y 97 -81.37 -34.20 -88.23
C LYS Y 97 -82.30 -33.07 -87.75
N ASP Y 98 -83.58 -33.16 -88.08
CA ASP Y 98 -84.60 -32.22 -87.56
C ASP Y 98 -84.65 -32.12 -86.02
N VAL Y 99 -84.37 -33.25 -85.35
CA VAL Y 99 -84.22 -33.35 -83.89
C VAL Y 99 -83.45 -32.20 -83.22
N PHE Y 100 -82.39 -31.73 -83.86
CA PHE Y 100 -81.44 -30.81 -83.22
C PHE Y 100 -81.92 -29.35 -83.10
N ARG Y 101 -83.13 -29.06 -83.58
CA ARG Y 101 -83.80 -27.77 -83.34
C ARG Y 101 -84.77 -27.81 -82.14
N ASP Y 102 -85.36 -28.98 -81.86
CA ASP Y 102 -86.34 -29.15 -80.78
C ASP Y 102 -85.82 -30.07 -79.68
N PRO Y 103 -86.02 -29.69 -78.39
CA PRO Y 103 -85.56 -30.55 -77.31
C PRO Y 103 -86.40 -31.82 -77.09
N ALA Y 104 -87.71 -31.73 -77.27
CA ALA Y 104 -88.62 -32.87 -77.06
C ALA Y 104 -88.44 -33.99 -78.10
N LEU Y 105 -88.18 -33.60 -79.34
CA LEU Y 105 -87.85 -34.56 -80.40
C LEU Y 105 -86.60 -35.35 -80.06
N LYS Y 106 -85.56 -34.64 -79.62
CA LYS Y 106 -84.30 -35.27 -79.24
C LYS Y 106 -84.52 -36.24 -78.10
N ARG Y 107 -85.29 -35.79 -77.12
CA ARG Y 107 -85.68 -36.59 -75.95
C ARG Y 107 -86.37 -37.89 -76.35
N LYS Y 108 -87.16 -37.82 -77.43
CA LYS Y 108 -87.80 -38.99 -78.02
C LYS Y 108 -86.74 -39.88 -78.67
N ALA Y 109 -85.94 -39.26 -79.54
CA ALA Y 109 -84.89 -39.95 -80.31
C ALA Y 109 -83.86 -40.64 -79.44
N ARG Y 110 -83.39 -39.91 -78.43
CA ARG Y 110 -82.44 -40.46 -77.48
C ARG Y 110 -83.06 -41.70 -76.79
N ARG Y 111 -84.33 -41.63 -76.41
CA ARG Y 111 -85.04 -42.76 -75.76
C ARG Y 111 -85.12 -43.96 -76.72
N GLU Y 112 -85.44 -43.67 -77.98
CA GLU Y 112 -85.50 -44.69 -79.03
C GLU Y 112 -84.19 -45.47 -79.15
N ALA Y 113 -83.06 -44.80 -79.05
CA ALA Y 113 -81.75 -45.47 -79.17
C ALA Y 113 -81.43 -46.31 -77.93
N LYS Y 114 -81.70 -45.77 -76.74
CA LYS Y 114 -81.61 -46.53 -75.48
C LYS Y 114 -82.35 -47.88 -75.58
N VAL Y 115 -83.59 -47.83 -76.05
CA VAL Y 115 -84.43 -49.02 -76.23
C VAL Y 115 -83.75 -50.08 -77.07
N LYS Y 116 -83.33 -49.66 -78.27
CA LYS Y 116 -82.82 -50.59 -79.27
C LYS Y 116 -81.46 -51.13 -78.86
N PHE Y 117 -80.64 -50.28 -78.24
CA PHE Y 117 -79.36 -50.72 -77.67
C PHE Y 117 -79.56 -51.72 -76.54
N GLU Y 118 -80.46 -51.39 -75.60
CA GLU Y 118 -80.77 -52.29 -74.48
C GLU Y 118 -81.23 -53.66 -74.97
N GLU Y 119 -82.20 -53.66 -75.89
CA GLU Y 119 -82.80 -54.90 -76.38
C GLU Y 119 -81.79 -55.80 -77.13
N ARG Y 120 -80.78 -55.19 -77.73
CA ARG Y 120 -79.72 -55.94 -78.42
C ARG Y 120 -78.44 -56.10 -77.58
N TYR Y 121 -78.33 -55.39 -76.46
CA TYR Y 121 -77.25 -55.65 -75.51
C TYR Y 121 -77.51 -56.98 -74.84
N LYS Y 122 -78.74 -57.14 -74.33
CA LYS Y 122 -79.28 -58.47 -74.04
C LYS Y 122 -79.34 -59.16 -75.39
N THR Y 123 -79.08 -60.46 -75.42
CA THR Y 123 -78.79 -61.26 -76.64
C THR Y 123 -77.29 -61.54 -76.82
N GLY Y 124 -76.43 -60.71 -76.24
CA GLY Y 124 -74.98 -60.90 -76.35
C GLY Y 124 -74.49 -60.95 -77.79
N LYS Y 125 -75.02 -60.04 -78.61
CA LYS Y 125 -74.58 -59.84 -80.00
C LYS Y 125 -74.08 -58.42 -80.12
N ASN Y 126 -73.05 -58.23 -80.95
CA ASN Y 126 -72.34 -56.96 -81.01
C ASN Y 126 -71.87 -56.55 -79.61
N LYS Y 127 -71.31 -57.51 -78.85
CA LYS Y 127 -70.97 -57.25 -77.45
C LYS Y 127 -69.69 -56.43 -77.28
N TRP Y 128 -68.91 -56.27 -78.35
CA TRP Y 128 -67.82 -55.28 -78.37
C TRP Y 128 -68.38 -53.87 -78.30
N PHE Y 129 -69.48 -53.64 -79.03
CA PHE Y 129 -70.11 -52.34 -79.08
C PHE Y 129 -70.53 -51.84 -77.70
N PHE Y 130 -70.81 -52.76 -76.77
CA PHE Y 130 -71.23 -52.39 -75.42
C PHE Y 130 -70.15 -52.52 -74.34
N GLN Y 131 -68.87 -52.64 -74.72
CA GLN Y 131 -67.78 -52.55 -73.74
C GLN Y 131 -67.17 -51.17 -73.85
N LYS Y 132 -66.93 -50.53 -72.71
CA LYS Y 132 -66.27 -49.22 -72.71
C LYS Y 132 -64.82 -49.38 -73.17
N LEU Y 133 -64.37 -48.49 -74.04
CA LEU Y 133 -62.98 -48.47 -74.47
C LEU Y 133 -62.15 -48.06 -73.29
N ARG Y 134 -61.15 -48.87 -72.95
CA ARG Y 134 -60.31 -48.65 -71.78
C ARG Y 134 -59.02 -47.95 -72.20
N PHE Y 135 -59.11 -46.62 -72.22
CA PHE Y 135 -58.03 -45.74 -72.63
C PHE Y 135 -57.77 -44.72 -71.53
N PRO Z 1 8.21 -19.61 23.36
CA PRO Z 1 8.48 -18.22 23.77
C PRO Z 1 9.22 -17.43 22.68
N SER Z 2 8.43 -16.85 21.79
CA SER Z 2 8.91 -15.90 20.79
C SER Z 2 9.71 -14.79 21.42
N ARG Z 3 9.17 -14.24 22.50
CA ARG Z 3 9.85 -13.28 23.37
C ARG Z 3 11.36 -13.44 23.46
N LEU Z 4 11.78 -14.69 23.64
CA LEU Z 4 13.19 -15.04 23.83
C LEU Z 4 13.96 -15.25 22.53
N ARG Z 5 13.28 -15.71 21.47
CA ARG Z 5 13.92 -16.03 20.19
C ARG Z 5 14.66 -14.86 19.51
N LYS Z 6 15.34 -15.19 18.42
CA LYS Z 6 16.32 -14.31 17.77
C LYS Z 6 15.74 -13.26 16.84
N THR Z 7 14.58 -13.55 16.24
CA THR Z 7 13.97 -12.62 15.28
C THR Z 7 13.50 -11.33 15.93
N ARG Z 8 13.29 -11.34 17.24
CA ARG Z 8 12.93 -10.14 17.97
C ARG Z 8 14.13 -9.18 17.98
N LYS Z 9 15.31 -9.71 18.25
CA LYS Z 9 16.53 -8.92 18.19
C LYS Z 9 17.04 -8.50 16.78
N LEU Z 10 16.53 -9.13 15.72
CA LEU Z 10 16.92 -8.81 14.33
C LEU Z 10 16.08 -7.70 13.71
N ARG Z 11 14.85 -7.53 14.20
CA ARG Z 11 14.04 -6.36 13.86
C ARG Z 11 14.89 -5.10 13.69
N GLY Z 12 14.69 -4.40 12.58
CA GLY Z 12 15.46 -3.18 12.29
C GLY Z 12 16.56 -3.39 11.30
N HIS Z 13 17.18 -4.56 11.33
CA HIS Z 13 18.36 -4.82 10.52
C HIS Z 13 17.88 -5.47 9.25
N VAL Z 14 18.55 -5.18 8.16
CA VAL Z 14 17.96 -5.35 6.86
C VAL Z 14 17.86 -6.82 6.48
N SER Z 15 18.98 -7.50 6.66
CA SER Z 15 19.21 -8.77 6.03
C SER Z 15 18.63 -9.91 6.85
N HIS Z 16 18.31 -9.61 8.11
CA HIS Z 16 17.77 -10.58 9.05
C HIS Z 16 18.77 -11.69 9.32
N GLY Z 17 20.04 -11.32 9.43
CA GLY Z 17 21.07 -12.26 9.81
C GLY Z 17 21.48 -13.23 8.73
N HIS Z 18 21.05 -12.99 7.50
CA HIS Z 18 21.40 -13.88 6.40
C HIS Z 18 22.37 -13.25 5.42
N GLY Z 19 22.85 -12.06 5.75
CA GLY Z 19 23.82 -11.41 4.93
C GLY Z 19 23.20 -10.80 3.70
N ARG Z 20 23.96 -9.89 3.12
CA ARG Z 20 23.49 -9.13 1.98
C ARG Z 20 24.30 -9.34 0.71
N ILE Z 21 25.43 -10.02 0.77
CA ILE Z 21 26.13 -10.37 -0.46
C ILE Z 21 25.29 -11.49 -1.01
N GLY Z 22 25.43 -12.65 -0.39
CA GLY Z 22 24.53 -13.76 -0.59
C GLY Z 22 23.39 -13.55 0.37
N LYS Z 23 22.25 -14.12 0.00
CA LYS Z 23 20.98 -13.75 0.57
C LYS Z 23 20.36 -14.95 1.29
N HIS Z 24 19.06 -14.95 1.57
CA HIS Z 24 18.41 -16.21 1.92
C HIS Z 24 17.50 -16.61 0.80
N ARG Z 25 18.08 -17.26 -0.18
CA ARG Z 25 17.36 -17.84 -1.29
C ARG Z 25 16.77 -19.19 -0.86
N LYS Z 26 15.99 -19.79 -1.74
CA LYS Z 26 15.12 -20.91 -1.35
C LYS Z 26 15.85 -22.22 -1.06
N HIS Z 27 16.48 -22.80 -2.07
CA HIS Z 27 17.18 -24.08 -1.94
C HIS Z 27 18.45 -24.06 -2.77
N PRO Z 28 19.47 -23.35 -2.29
CA PRO Z 28 20.69 -23.27 -3.05
C PRO Z 28 21.52 -24.54 -3.21
N GLY Z 29 21.36 -25.52 -2.33
CA GLY Z 29 22.10 -26.78 -2.47
C GLY Z 29 21.40 -27.79 -3.34
N GLY Z 30 20.08 -27.69 -3.37
CA GLY Z 30 19.20 -28.76 -3.80
C GLY Z 30 18.44 -29.16 -2.56
N ARG Z 31 17.29 -29.78 -2.74
CA ARG Z 31 16.51 -30.21 -1.59
C ARG Z 31 17.02 -31.48 -0.94
N GLY Z 32 17.30 -31.37 0.35
CA GLY Z 32 17.59 -32.50 1.20
C GLY Z 32 18.94 -33.12 0.92
N ASN Z 33 18.93 -34.44 0.73
CA ASN Z 33 20.15 -35.22 0.62
C ASN Z 33 20.66 -35.33 -0.81
N ALA Z 34 20.09 -34.49 -1.68
CA ALA Z 34 20.62 -34.14 -2.98
C ALA Z 34 22.12 -33.95 -2.99
N GLY Z 35 22.76 -34.45 -4.05
CA GLY Z 35 24.19 -34.30 -4.24
C GLY Z 35 25.09 -35.17 -3.38
N GLY Z 36 24.54 -36.20 -2.75
CA GLY Z 36 25.34 -37.14 -1.98
C GLY Z 36 26.59 -37.62 -2.72
N MET Z 37 26.46 -37.83 -4.02
CA MET Z 37 27.59 -38.18 -4.88
C MET Z 37 28.30 -36.98 -5.47
N HIS Z 38 27.54 -35.97 -5.87
CA HIS Z 38 28.09 -34.84 -6.63
C HIS Z 38 27.75 -33.58 -5.92
N HIS Z 39 28.75 -32.80 -5.56
CA HIS Z 39 28.52 -31.44 -5.07
C HIS Z 39 28.13 -31.32 -3.59
N HIS Z 40 27.82 -32.43 -2.93
CA HIS Z 40 27.81 -32.50 -1.48
C HIS Z 40 28.67 -33.66 -0.98
N ARG Z 41 29.49 -34.23 -1.86
CA ARG Z 41 30.15 -35.51 -1.59
C ARG Z 41 31.05 -35.49 -0.37
N ILE Z 42 31.77 -34.40 -0.19
CA ILE Z 42 32.79 -34.32 0.85
C ILE Z 42 32.16 -34.45 2.23
N ASN Z 43 31.03 -33.78 2.44
CA ASN Z 43 30.35 -33.90 3.71
C ASN Z 43 29.90 -35.33 3.96
N PHE Z 44 29.40 -35.97 2.90
CA PHE Z 44 28.92 -37.34 3.04
C PHE Z 44 30.02 -38.31 3.36
N ASP Z 45 31.17 -38.15 2.72
CA ASP Z 45 32.25 -39.08 2.93
C ASP Z 45 33.33 -38.58 3.90
N LYS Z 46 33.00 -37.55 4.68
CA LYS Z 46 33.75 -37.27 5.91
C LYS Z 46 32.90 -37.15 7.16
N TYR Z 47 31.60 -37.40 7.07
CA TYR Z 47 30.79 -37.61 8.27
C TYR Z 47 29.86 -38.82 8.19
N HIS Z 48 29.84 -39.52 7.05
CA HIS Z 48 29.00 -40.69 6.88
C HIS Z 48 29.74 -41.69 6.05
N PRO Z 49 30.89 -42.13 6.55
CA PRO Z 49 31.65 -43.10 5.79
C PRO Z 49 30.83 -44.33 5.63
N GLY Z 50 30.54 -44.67 4.37
CA GLY Z 50 29.84 -45.89 4.06
C GLY Z 50 28.37 -45.74 3.78
N TYR Z 51 27.89 -44.53 3.51
CA TYR Z 51 26.50 -44.35 3.11
C TYR Z 51 26.23 -45.20 1.87
N PHE Z 52 26.96 -44.93 0.81
CA PHE Z 52 26.62 -45.51 -0.49
C PHE Z 52 27.14 -46.92 -0.67
N GLY Z 53 26.28 -47.77 -1.20
CA GLY Z 53 26.64 -49.14 -1.54
C GLY Z 53 25.82 -50.15 -0.79
N LYS Z 54 25.64 -51.31 -1.42
CA LYS Z 54 25.02 -52.46 -0.77
C LYS Z 54 26.05 -53.18 0.09
N VAL Z 55 25.58 -54.17 0.84
CA VAL Z 55 26.44 -55.04 1.64
C VAL Z 55 25.62 -56.11 2.35
N GLY Z 56 26.18 -57.31 2.48
CA GLY Z 56 25.53 -58.39 3.20
C GLY Z 56 24.30 -58.95 2.54
N MET Z 57 23.65 -59.88 3.23
CA MET Z 57 22.53 -60.65 2.69
C MET Z 57 21.18 -60.02 2.99
N ARG Z 58 20.29 -60.10 2.01
CA ARG Z 58 18.90 -59.74 2.22
C ARG Z 58 18.23 -60.79 3.14
N HIS Z 59 17.11 -60.43 3.74
CA HIS Z 59 16.37 -61.31 4.65
C HIS Z 59 14.93 -60.85 4.61
N TYR Z 60 14.06 -61.61 3.93
CA TYR Z 60 12.79 -61.07 3.44
C TYR Z 60 11.72 -60.81 4.46
N HIS Z 61 11.37 -61.83 5.21
CA HIS Z 61 10.28 -61.69 6.15
C HIS Z 61 10.93 -61.77 7.50
N LEU Z 62 11.64 -60.70 7.85
CA LEU Z 62 12.27 -60.62 9.15
C LEU Z 62 11.16 -60.46 10.18
N LYS Z 63 11.27 -61.26 11.24
CA LYS Z 63 10.44 -61.14 12.43
C LYS Z 63 11.36 -61.16 13.62
N ARG Z 64 11.37 -60.05 14.35
CA ARG Z 64 12.39 -59.80 15.38
C ARG Z 64 12.30 -60.73 16.60
N ASN Z 65 11.10 -61.19 16.93
CA ASN Z 65 10.88 -61.97 18.13
C ASN Z 65 11.58 -63.33 18.10
N GLN Z 66 11.83 -63.88 16.92
CA GLN Z 66 12.63 -65.12 16.77
C GLN Z 66 14.03 -64.98 17.33
N SER Z 67 14.64 -63.83 17.08
CA SER Z 67 16.01 -63.55 17.52
C SER Z 67 16.07 -62.87 18.91
N PHE Z 68 14.99 -62.95 19.67
CA PHE Z 68 14.93 -62.31 20.97
C PHE Z 68 15.81 -63.07 21.95
N CYS Z 69 16.76 -62.37 22.55
CA CYS Z 69 17.72 -62.99 23.47
C CYS Z 69 18.42 -61.92 24.31
N PRO Z 70 17.68 -61.34 25.27
CA PRO Z 70 18.21 -60.29 26.15
C PRO Z 70 19.23 -60.84 27.13
N THR Z 71 20.38 -60.18 27.24
CA THR Z 71 21.49 -60.71 28.01
C THR Z 71 21.61 -60.05 29.35
N VAL Z 72 22.35 -60.70 30.23
CA VAL Z 72 22.67 -60.18 31.53
C VAL Z 72 24.07 -60.64 31.90
N ASN Z 73 24.82 -59.77 32.57
CA ASN Z 73 26.18 -60.07 32.97
C ASN Z 73 26.24 -60.53 34.40
N LEU Z 74 27.24 -61.35 34.69
CA LEU Z 74 27.47 -61.85 36.03
C LEU Z 74 27.64 -60.67 36.98
N ASP Z 75 28.35 -59.65 36.48
CA ASP Z 75 28.41 -58.31 37.07
C ASP Z 75 27.28 -58.04 38.08
N LYS Z 76 26.05 -58.16 37.59
CA LYS Z 76 24.86 -57.91 38.40
C LYS Z 76 23.84 -59.00 38.22
N LEU Z 77 24.21 -60.18 38.68
CA LEU Z 77 23.34 -61.34 38.65
C LEU Z 77 22.57 -61.42 39.95
N TRP Z 78 23.29 -61.23 41.04
CA TRP Z 78 22.68 -61.16 42.36
C TRP Z 78 21.61 -60.07 42.49
N THR Z 79 21.65 -59.07 41.61
CA THR Z 79 20.60 -58.04 41.56
C THR Z 79 19.22 -58.58 41.27
N LEU Z 80 19.17 -59.71 40.56
CA LEU Z 80 17.90 -60.30 40.19
C LEU Z 80 17.10 -60.73 41.42
N VAL Z 81 17.80 -61.16 42.47
CA VAL Z 81 17.16 -61.73 43.66
C VAL Z 81 17.23 -60.76 44.83
N SER Z 82 16.32 -60.95 45.79
CA SER Z 82 16.32 -60.19 47.05
C SER Z 82 17.62 -60.39 47.83
N GLU Z 83 18.21 -59.29 48.28
CA GLU Z 83 19.42 -59.31 49.12
C GLU Z 83 19.47 -60.44 50.15
N GLN Z 84 18.31 -60.79 50.74
CA GLN Z 84 18.26 -61.80 51.78
C GLN Z 84 18.34 -63.26 51.28
N THR Z 85 18.45 -63.47 49.97
CA THR Z 85 18.93 -64.75 49.44
C THR Z 85 20.45 -64.76 49.44
N ARG Z 86 21.06 -63.64 49.03
CA ARG Z 86 22.51 -63.49 49.05
C ARG Z 86 23.05 -63.37 50.49
N VAL Z 87 22.19 -63.06 51.45
CA VAL Z 87 22.56 -62.97 52.86
C VAL Z 87 22.34 -64.29 53.58
N ASN Z 88 21.18 -64.91 53.40
CA ASN Z 88 20.91 -66.25 53.93
C ASN Z 88 21.63 -67.28 53.07
N ALA Z 89 22.96 -67.24 53.17
CA ALA Z 89 23.92 -67.75 52.19
C ALA Z 89 25.11 -66.84 52.40
N ALA Z 90 26.28 -67.42 52.67
CA ALA Z 90 27.34 -66.77 53.47
C ALA Z 90 26.85 -66.72 54.93
N LYS Z 91 26.24 -67.84 55.30
CA LYS Z 91 25.50 -68.04 56.53
C LYS Z 91 25.00 -69.49 56.35
N ASN Z 92 23.91 -69.88 57.01
CA ASN Z 92 23.21 -71.16 56.74
C ASN Z 92 24.02 -72.41 57.12
N LYS Z 93 25.24 -72.54 56.58
CA LYS Z 93 26.20 -73.58 56.97
C LYS Z 93 25.87 -74.97 56.42
N THR Z 94 24.90 -75.04 55.51
CA THR Z 94 24.54 -76.27 54.80
C THR Z 94 25.34 -76.36 53.50
N GLY Z 95 25.88 -75.24 53.03
CA GLY Z 95 26.49 -75.15 51.70
C GLY Z 95 25.40 -75.25 50.65
N ALA Z 96 24.32 -74.51 50.85
CA ALA Z 96 23.09 -74.70 50.08
C ALA Z 96 23.21 -74.17 48.65
N ALA Z 97 23.44 -72.87 48.52
CA ALA Z 97 23.45 -72.17 47.23
C ALA Z 97 22.02 -71.96 46.72
N PRO Z 98 21.58 -70.69 46.64
CA PRO Z 98 20.23 -70.41 46.21
C PRO Z 98 20.14 -70.36 44.70
N ILE Z 99 18.96 -70.67 44.17
CA ILE Z 99 18.75 -70.66 42.74
C ILE Z 99 18.53 -69.23 42.26
N ILE Z 100 18.99 -68.97 41.03
CA ILE Z 100 18.71 -67.74 40.31
C ILE Z 100 18.17 -68.11 38.94
N ASP Z 101 16.84 -68.07 38.80
CA ASP Z 101 16.21 -68.23 37.51
C ASP Z 101 16.30 -66.88 36.81
N VAL Z 102 17.21 -66.81 35.84
CA VAL Z 102 17.46 -65.60 35.09
C VAL Z 102 16.34 -65.34 34.07
N VAL Z 103 15.77 -66.42 33.52
CA VAL Z 103 14.69 -66.32 32.52
C VAL Z 103 13.40 -65.74 33.12
N ARG Z 104 13.20 -65.96 34.42
CA ARG Z 104 12.10 -65.32 35.15
C ARG Z 104 12.24 -63.80 35.14
N SER Z 105 13.44 -63.31 35.38
CA SER Z 105 13.70 -61.88 35.41
C SER Z 105 13.77 -61.21 34.02
N GLY Z 106 13.76 -62.01 32.95
CA GLY Z 106 13.61 -61.49 31.58
C GLY Z 106 14.87 -61.45 30.74
N TYR Z 107 15.89 -62.21 31.13
CA TYR Z 107 17.10 -62.36 30.34
C TYR Z 107 17.23 -63.81 29.96
N TYR Z 108 17.58 -64.05 28.72
CA TYR Z 108 17.71 -65.40 28.22
C TYR Z 108 19.17 -65.81 28.33
N LYS Z 109 20.07 -65.01 27.79
CA LYS Z 109 21.48 -65.36 27.84
C LYS Z 109 22.12 -64.83 29.10
N VAL Z 110 23.13 -65.54 29.58
CA VAL Z 110 24.00 -65.10 30.66
C VAL Z 110 25.43 -65.02 30.11
N LEU Z 111 25.90 -63.79 29.90
CA LEU Z 111 27.26 -63.53 29.47
C LEU Z 111 28.07 -63.23 30.70
N GLY Z 112 29.38 -63.07 30.54
CA GLY Z 112 30.32 -63.19 31.65
C GLY Z 112 31.12 -62.00 32.13
N LYS Z 113 30.68 -60.77 31.88
CA LYS Z 113 31.40 -59.59 32.39
C LYS Z 113 31.35 -59.57 33.89
N GLY Z 114 32.51 -59.31 34.51
CA GLY Z 114 32.52 -58.97 35.91
C GLY Z 114 32.89 -60.06 36.91
N LYS Z 115 33.26 -59.60 38.09
CA LYS Z 115 33.62 -60.44 39.23
C LYS Z 115 32.34 -60.89 39.93
N LEU Z 116 32.25 -62.19 40.17
CA LEU Z 116 31.14 -62.81 40.87
C LEU Z 116 31.62 -63.11 42.30
N PRO Z 117 30.85 -62.71 43.34
CA PRO Z 117 31.35 -62.84 44.71
C PRO Z 117 31.40 -64.30 45.16
N LYS Z 118 32.41 -64.64 45.98
CA LYS Z 118 32.70 -66.04 46.33
C LYS Z 118 31.58 -66.60 47.19
N GLN Z 119 30.58 -67.15 46.51
CA GLN Z 119 29.30 -67.45 47.12
C GLN Z 119 28.49 -68.24 46.08
N PRO Z 120 28.42 -69.58 46.24
CA PRO Z 120 27.80 -70.52 45.31
C PRO Z 120 26.42 -70.12 44.78
N VAL Z 121 26.15 -70.52 43.54
CA VAL Z 121 24.85 -70.31 42.91
C VAL Z 121 24.48 -71.43 41.98
N ILE Z 122 23.17 -71.47 41.71
CA ILE Z 122 22.63 -72.28 40.66
C ILE Z 122 21.93 -71.30 39.73
N VAL Z 123 22.53 -71.06 38.58
CA VAL Z 123 21.98 -70.14 37.59
C VAL Z 123 21.23 -70.95 36.54
N LYS Z 124 19.91 -70.79 36.48
CA LYS Z 124 19.09 -71.38 35.42
C LYS Z 124 19.01 -70.37 34.30
N ALA Z 125 19.38 -70.77 33.10
CA ALA Z 125 19.26 -69.89 31.94
C ALA Z 125 19.25 -70.62 30.61
N LYS Z 126 18.67 -69.94 29.63
CA LYS Z 126 18.45 -70.48 28.30
C LYS Z 126 19.77 -70.69 27.60
N PHE Z 127 20.66 -69.69 27.71
CA PHE Z 127 22.02 -69.73 27.14
C PHE Z 127 23.06 -69.16 28.06
N PHE Z 128 24.29 -69.64 27.92
CA PHE Z 128 25.43 -69.15 28.68
C PHE Z 128 26.60 -68.83 27.78
N SER Z 129 27.46 -67.93 28.23
CA SER Z 129 28.77 -67.76 27.62
C SER Z 129 29.69 -68.88 28.11
N ARG Z 130 30.85 -68.97 27.47
CA ARG Z 130 31.91 -69.84 27.96
C ARG Z 130 32.49 -69.29 29.25
N ARG Z 131 32.80 -68.00 29.25
CA ARG Z 131 33.41 -67.37 30.41
C ARG Z 131 32.44 -67.30 31.58
N ALA Z 132 31.19 -67.01 31.28
CA ALA Z 132 30.12 -66.94 32.29
C ALA Z 132 29.94 -68.26 32.99
N GLU Z 133 30.02 -69.34 32.22
CA GLU Z 133 30.06 -70.67 32.76
C GLU Z 133 31.26 -70.81 33.69
N GLU Z 134 32.44 -70.56 33.16
CA GLU Z 134 33.69 -70.77 33.92
C GLU Z 134 33.69 -70.03 35.26
N LYS Z 135 33.32 -68.75 35.23
CA LYS Z 135 33.28 -67.92 36.45
C LYS Z 135 32.36 -68.54 37.47
N ILE Z 136 31.16 -68.91 37.02
CA ILE Z 136 30.14 -69.56 37.85
C ILE Z 136 30.68 -70.82 38.54
N LYS Z 137 31.43 -71.64 37.80
CA LYS Z 137 32.02 -72.85 38.36
C LYS Z 137 33.06 -72.49 39.41
N GLY Z 138 33.90 -71.50 39.10
CA GLY Z 138 34.95 -71.02 40.01
C GLY Z 138 34.46 -70.49 41.35
N VAL Z 139 33.26 -69.91 41.34
CA VAL Z 139 32.55 -69.53 42.58
C VAL Z 139 32.14 -70.77 43.39
N GLY Z 140 31.91 -71.88 42.70
CA GLY Z 140 31.51 -73.13 43.32
C GLY Z 140 30.02 -73.32 43.13
N GLY Z 141 29.60 -73.23 41.87
CA GLY Z 141 28.20 -73.27 41.49
C GLY Z 141 28.00 -74.15 40.28
N ALA Z 142 26.80 -74.06 39.72
CA ALA Z 142 26.36 -74.95 38.68
C ALA Z 142 25.46 -74.21 37.70
N CYS Z 143 25.87 -74.17 36.43
CA CYS Z 143 25.00 -73.61 35.39
C CYS Z 143 23.96 -74.65 35.05
N VAL Z 144 22.77 -74.19 34.67
CA VAL Z 144 21.63 -75.07 34.40
C VAL Z 144 20.86 -74.61 33.17
N LEU Z 145 20.86 -75.44 32.14
CA LEU Z 145 20.11 -75.14 30.92
C LEU Z 145 18.62 -75.35 31.10
N VAL Z 146 17.84 -74.42 30.53
CA VAL Z 146 16.38 -74.48 30.53
C VAL Z 146 15.86 -74.17 29.13
N ALA Z 147 14.71 -74.76 28.80
CA ALA Z 147 14.11 -74.58 27.47
C ALA Z 147 13.41 -73.24 27.33
N ALA AA 1 32.89 -13.33 -18.80
CA ALA AA 1 33.00 -13.04 -17.33
C ALA AA 1 34.07 -13.91 -16.69
N LYS AA 2 35.32 -13.52 -16.89
CA LYS AA 2 36.46 -14.20 -16.31
C LYS AA 2 36.72 -13.66 -14.91
N SER AA 3 37.25 -14.54 -14.07
CA SER AA 3 37.49 -14.26 -12.65
C SER AA 3 38.94 -13.86 -12.40
N LYS AA 4 39.26 -13.70 -11.12
CA LYS AA 4 40.60 -13.93 -10.62
C LYS AA 4 40.80 -15.44 -10.52
N ASN AA 5 42.00 -15.91 -10.86
CA ASN AA 5 42.26 -17.34 -11.05
C ASN AA 5 42.79 -18.04 -9.82
N HIS AA 6 43.65 -17.35 -9.08
CA HIS AA 6 44.20 -17.90 -7.84
C HIS AA 6 44.96 -16.85 -7.08
N THR AA 7 44.94 -16.93 -5.75
CA THR AA 7 45.88 -16.14 -4.95
C THR AA 7 46.14 -16.63 -3.54
N THR AA 8 47.06 -15.93 -2.90
CA THR AA 8 47.54 -16.22 -1.57
C THR AA 8 47.64 -14.90 -0.80
N HIS AA 9 46.75 -13.96 -1.08
CA HIS AA 9 47.01 -12.58 -0.71
C HIS AA 9 46.85 -12.29 0.77
N ASN AA 10 45.69 -12.65 1.30
CA ASN AA 10 45.34 -12.36 2.67
C ASN AA 10 45.60 -13.55 3.59
N GLN AA 11 46.32 -14.55 3.09
CA GLN AA 11 46.36 -15.85 3.74
C GLN AA 11 47.32 -15.90 4.92
N SER AA 12 48.50 -15.30 4.78
CA SER AA 12 49.45 -15.28 5.90
C SER AA 12 48.84 -14.64 7.12
N ARG AA 13 48.23 -13.47 6.92
CA ARG AA 13 47.44 -12.79 7.93
C ARG AA 13 46.41 -13.73 8.57
N LYS AA 14 45.57 -14.32 7.73
CA LYS AA 14 44.57 -15.28 8.21
C LYS AA 14 45.17 -16.36 9.08
N TRP AA 15 46.31 -16.90 8.68
CA TRP AA 15 46.94 -17.99 9.44
C TRP AA 15 47.38 -17.53 10.81
N HIS AA 16 47.97 -16.33 10.85
CA HIS AA 16 48.57 -15.82 12.07
C HIS AA 16 47.60 -15.15 13.04
N ARG AA 17 46.32 -15.03 12.67
CA ARG AA 17 45.34 -14.60 13.67
C ARG AA 17 45.41 -15.56 14.84
N ASN AA 18 45.25 -16.84 14.54
CA ASN AA 18 45.32 -17.87 15.55
C ASN AA 18 46.65 -18.63 15.50
N GLY AA 19 47.75 -17.88 15.42
CA GLY AA 19 49.08 -18.37 15.79
C GLY AA 19 50.02 -18.88 14.71
N ILE AA 20 49.67 -20.03 14.15
CA ILE AA 20 50.63 -21.00 13.58
C ILE AA 20 51.31 -21.66 14.77
N LYS AA 21 50.55 -22.54 15.42
CA LYS AA 21 51.00 -23.21 16.62
C LYS AA 21 51.90 -24.37 16.23
N LYS AA 22 52.98 -24.55 16.98
CA LYS AA 22 53.86 -25.71 16.82
C LYS AA 22 53.14 -26.97 17.28
N PRO AA 23 53.50 -28.14 16.71
CA PRO AA 23 52.70 -29.34 16.93
C PRO AA 23 52.95 -29.89 18.33
N ARG AA 24 51.90 -29.99 19.13
CA ARG AA 24 52.03 -30.14 20.60
C ARG AA 24 52.83 -31.38 21.01
N SER AA 25 54.07 -31.14 21.42
CA SER AA 25 55.00 -32.20 21.79
C SER AA 25 54.65 -32.73 23.17
N GLN AA 26 54.48 -34.05 23.24
CA GLN AA 26 54.34 -34.76 24.49
C GLN AA 26 55.64 -35.50 24.73
N ARG AA 27 55.84 -35.97 25.97
CA ARG AA 27 56.74 -37.09 26.21
C ARG AA 27 55.88 -38.32 26.02
N TYR AA 28 56.51 -39.45 25.74
CA TYR AA 28 55.83 -40.73 25.53
C TYR AA 28 54.92 -40.65 24.32
N GLU AA 29 55.54 -40.65 23.14
CA GLU AA 29 54.81 -40.76 21.86
C GLU AA 29 54.57 -42.22 21.56
N SER AA 30 53.65 -42.48 20.64
CA SER AA 30 53.23 -43.86 20.36
C SER AA 30 54.29 -44.62 19.59
N LEU AA 31 54.16 -45.94 19.62
CA LEU AA 31 54.99 -46.82 18.82
C LEU AA 31 54.20 -47.29 17.60
N LYS AA 32 53.36 -46.42 17.06
CA LYS AA 32 52.68 -46.71 15.81
C LYS AA 32 53.69 -46.52 14.68
N GLY AA 33 53.78 -47.52 13.80
CA GLY AA 33 54.65 -47.47 12.63
C GLY AA 33 56.11 -47.78 12.88
N VAL AA 34 56.38 -48.55 13.93
CA VAL AA 34 57.74 -48.95 14.28
C VAL AA 34 57.91 -50.35 13.73
N ASP AA 35 59.11 -50.67 13.27
CA ASP AA 35 59.40 -51.96 12.61
C ASP AA 35 58.84 -53.16 13.40
N PRO AA 36 57.83 -53.83 12.85
CA PRO AA 36 57.11 -54.90 13.55
C PRO AA 36 57.98 -55.85 14.37
N LYS AA 37 59.09 -56.32 13.80
CA LYS AA 37 59.92 -57.32 14.47
C LYS AA 37 60.48 -56.81 15.80
N PHE AA 38 60.84 -55.54 15.81
CA PHE AA 38 61.16 -54.82 17.04
C PHE AA 38 60.02 -54.98 18.03
N LEU AA 39 58.84 -54.48 17.63
CA LEU AA 39 57.72 -54.31 18.55
C LEU AA 39 57.28 -55.60 19.20
N ARG AA 40 57.32 -56.69 18.44
CA ARG AA 40 57.13 -58.01 19.03
C ARG AA 40 58.10 -58.18 20.19
N ASN AA 41 59.39 -58.02 19.91
CA ASN AA 41 60.42 -58.30 20.92
C ASN AA 41 60.42 -57.38 22.13
N MET AA 42 60.12 -56.09 21.96
CA MET AA 42 59.95 -55.24 23.14
C MET AA 42 58.67 -55.60 23.90
N ARG AA 43 57.65 -56.07 23.19
CA ARG AA 43 56.42 -56.57 23.84
C ARG AA 43 56.70 -57.79 24.69
N PHE AA 44 57.50 -58.70 24.16
CA PHE AA 44 57.87 -59.90 24.90
C PHE AA 44 58.75 -59.57 26.08
N ALA AA 45 59.71 -58.67 25.86
CA ALA AA 45 60.53 -58.19 26.96
C ALA AA 45 59.68 -57.60 28.07
N LYS AA 46 58.68 -56.80 27.69
CA LYS AA 46 57.76 -56.23 28.67
C LYS AA 46 56.94 -57.29 29.38
N LYS AA 47 56.55 -58.32 28.65
CA LYS AA 47 55.80 -59.47 29.21
C LYS AA 47 56.47 -60.10 30.42
N HIS AA 48 57.79 -60.28 30.34
CA HIS AA 48 58.53 -61.02 31.34
C HIS AA 48 59.35 -60.17 32.30
N ASN AA 49 59.05 -58.89 32.42
CA ASN AA 49 59.70 -58.04 33.43
C ASN AA 49 59.38 -58.46 34.87
N LYS AA 50 58.14 -58.92 35.08
CA LYS AA 50 57.71 -59.47 36.37
C LYS AA 50 58.47 -60.75 36.74
N LYS AA 51 58.87 -61.53 35.73
CA LYS AA 51 59.89 -62.56 35.92
C LYS AA 51 61.19 -61.79 36.14
N GLY AA 52 61.95 -62.17 37.17
CA GLY AA 52 63.14 -61.40 37.56
C GLY AA 52 62.78 -60.14 38.33
N LEU AA 53 61.81 -60.26 39.23
CA LEU AA 53 61.39 -59.19 40.13
C LEU AA 53 62.07 -59.35 41.48
N LYS AA 54 61.92 -60.54 42.06
CA LYS AA 54 62.47 -60.86 43.38
C LYS AA 54 63.97 -60.63 43.46
N LYS AA 55 64.67 -60.89 42.36
CA LYS AA 55 66.10 -60.61 42.24
C LYS AA 55 66.35 -59.11 42.28
N MET AA 56 65.56 -58.38 41.49
CA MET AA 56 65.71 -56.94 41.34
C MET AA 56 65.46 -56.17 42.63
N GLN AA 57 64.39 -56.52 43.33
CA GLN AA 57 64.04 -55.91 44.62
C GLN AA 57 65.15 -56.07 45.66
N ALA AA 58 65.70 -57.27 45.75
CA ALA AA 58 66.81 -57.57 46.66
C ALA AA 58 68.03 -56.73 46.34
N ASN AA 59 68.36 -56.64 45.05
CA ASN AA 59 69.48 -55.83 44.56
C ASN AA 59 69.38 -54.36 44.97
N ASN AA 60 68.17 -53.79 44.91
CA ASN AA 60 67.93 -52.41 45.38
C ASN AA 60 68.04 -52.26 46.88
N ALA AA 61 67.57 -53.26 47.64
CA ALA AA 61 67.72 -53.26 49.10
C ALA AA 61 69.19 -53.33 49.52
N LYS AA 62 69.96 -54.16 48.81
CA LYS AA 62 71.43 -54.23 48.98
C LYS AA 62 72.11 -52.90 48.61
N ALA AA 63 71.60 -52.24 47.57
CA ALA AA 63 72.06 -50.91 47.18
C ALA AA 63 71.71 -49.87 48.25
N MET AA 64 70.46 -49.88 48.70
CA MET AA 64 69.98 -48.96 49.75
C MET AA 64 70.75 -49.11 51.07
N ALA AA 65 71.08 -50.36 51.42
CA ALA AA 65 71.91 -50.63 52.59
C ALA AA 65 73.34 -50.11 52.42
N ALA AA 66 73.89 -50.26 51.22
CA ALA AA 66 75.21 -49.73 50.88
C ALA AA 66 75.24 -48.20 50.89
N ARG AA 67 74.14 -47.57 50.47
CA ARG AA 67 73.98 -46.11 50.55
C ARG AA 67 73.92 -45.64 52.00
N ALA AA 68 73.15 -46.37 52.82
CA ALA AA 68 73.00 -46.06 54.25
C ALA AA 68 74.30 -46.24 55.03
N GLU AA 69 75.11 -47.23 54.64
CA GLU AA 69 76.46 -47.42 55.21
C GLU AA 69 77.42 -46.32 54.78
N ALA AA 70 77.31 -45.87 53.53
CA ALA AA 70 78.14 -44.79 52.99
C ALA AA 70 77.83 -43.43 53.65
N ILE AA 71 76.55 -43.15 53.86
CA ILE AA 71 76.12 -41.90 54.50
C ILE AA 71 76.45 -41.86 56.00
N LYS AA 72 76.47 -43.04 56.64
CA LYS AA 72 76.88 -43.16 58.05
C LYS AA 72 78.39 -42.95 58.20
N ALA AA 73 79.17 -43.49 57.26
CA ALA AA 73 80.62 -43.28 57.22
C ALA AA 73 81.00 -41.82 56.96
N LEU AA 74 80.20 -41.13 56.14
CA LEU AA 74 80.40 -39.70 55.87
C LEU AA 74 80.11 -38.87 57.11
N VAL AA 75 78.97 -39.13 57.75
CA VAL AA 75 78.58 -38.47 59.00
C VAL AA 75 79.32 -39.10 60.17
N SER BA 1 -37.09 -47.82 -108.78
CA SER BA 1 -37.14 -46.82 -107.66
C SER BA 1 -38.45 -46.00 -107.66
N ILE BA 2 -38.82 -45.52 -106.47
CA ILE BA 2 -40.10 -44.83 -106.25
C ILE BA 2 -39.99 -43.34 -106.52
N ASN BA 3 -38.81 -42.78 -106.32
CA ASN BA 3 -38.59 -41.33 -106.53
C ASN BA 3 -38.86 -40.92 -107.98
N SER BA 4 -38.46 -41.78 -108.91
CA SER BA 4 -38.67 -41.58 -110.34
C SER BA 4 -40.15 -41.57 -110.73
N ARG BA 5 -40.88 -42.55 -110.23
CA ARG BA 5 -42.30 -42.72 -110.55
C ARG BA 5 -43.13 -41.60 -109.93
N LEU BA 6 -42.75 -41.19 -108.72
CA LEU BA 6 -43.38 -40.03 -108.05
C LEU BA 6 -43.24 -38.76 -108.87
N GLN BA 7 -42.00 -38.48 -109.30
CA GLN BA 7 -41.67 -37.29 -110.11
C GLN BA 7 -42.71 -37.03 -111.20
N LEU BA 8 -43.01 -38.10 -111.92
CA LEU BA 8 -44.03 -38.09 -112.96
C LEU BA 8 -45.43 -37.82 -112.40
N VAL BA 9 -45.78 -38.46 -111.29
CA VAL BA 9 -47.07 -38.26 -110.62
C VAL BA 9 -47.27 -36.81 -110.21
N MET BA 10 -46.26 -36.24 -109.56
CA MET BA 10 -46.30 -34.84 -109.12
C MET BA 10 -46.45 -33.89 -110.30
N LYS BA 11 -45.77 -34.21 -111.41
CA LYS BA 11 -45.86 -33.40 -112.61
C LYS BA 11 -47.26 -33.46 -113.22
N SER BA 12 -47.71 -34.67 -113.52
CA SER BA 12 -48.90 -34.88 -114.34
C SER BA 12 -50.15 -35.29 -113.55
N GLY BA 13 -49.98 -36.17 -112.58
CA GLY BA 13 -51.10 -36.66 -111.78
C GLY BA 13 -51.66 -35.69 -110.77
N LYS BA 14 -52.80 -36.07 -110.18
CA LYS BA 14 -53.41 -35.36 -109.05
C LYS BA 14 -52.98 -36.07 -107.77
N TYR BA 15 -52.77 -35.27 -106.73
CA TYR BA 15 -52.22 -35.78 -105.46
C TYR BA 15 -52.50 -34.80 -104.35
N VAL BA 16 -52.14 -35.19 -103.14
CA VAL BA 16 -52.36 -34.38 -101.96
C VAL BA 16 -51.28 -34.70 -100.91
N LEU BA 17 -50.71 -33.65 -100.31
CA LEU BA 17 -49.61 -33.79 -99.34
C LEU BA 17 -50.09 -33.44 -97.95
N GLY BA 18 -49.79 -34.30 -96.99
CA GLY BA 18 -50.05 -34.04 -95.58
C GLY BA 18 -51.21 -34.82 -95.00
N TYR BA 19 -51.17 -34.98 -93.68
CA TYR BA 19 -52.03 -35.92 -92.94
C TYR BA 19 -53.47 -35.46 -92.82
N LYS BA 20 -53.67 -34.19 -92.51
CA LYS BA 20 -55.01 -33.62 -92.42
C LYS BA 20 -55.80 -33.76 -93.74
N GLN BA 21 -55.09 -33.72 -94.86
CA GLN BA 21 -55.67 -33.66 -96.20
C GLN BA 21 -55.83 -35.05 -96.83
N THR BA 22 -54.81 -35.89 -96.66
CA THR BA 22 -54.82 -37.28 -97.15
C THR BA 22 -55.82 -38.19 -96.42
N LEU BA 23 -56.04 -37.94 -95.14
CA LEU BA 23 -57.02 -38.69 -94.38
C LEU BA 23 -58.41 -38.31 -94.87
N LYS BA 24 -58.58 -37.04 -95.28
CA LYS BA 24 -59.80 -36.60 -95.94
C LYS BA 24 -59.96 -37.17 -97.34
N MET BA 25 -58.85 -37.36 -98.06
CA MET BA 25 -58.86 -38.01 -99.38
C MET BA 25 -59.21 -39.50 -99.32
N ILE BA 26 -58.65 -40.21 -98.35
CA ILE BA 26 -58.98 -41.62 -98.11
C ILE BA 26 -60.44 -41.73 -97.67
N ARG BA 27 -60.81 -40.91 -96.70
CA ARG BA 27 -62.18 -40.94 -96.19
C ARG BA 27 -63.23 -40.68 -97.28
N GLN BA 28 -62.87 -39.91 -98.31
CA GLN BA 28 -63.75 -39.75 -99.49
C GLN BA 28 -63.75 -41.00 -100.38
N GLY BA 29 -62.66 -41.75 -100.35
CA GLY BA 29 -62.49 -42.95 -101.16
C GLY BA 29 -61.91 -42.64 -102.54
N LYS BA 30 -61.28 -41.48 -102.68
CA LYS BA 30 -60.63 -41.06 -103.92
C LYS BA 30 -59.19 -41.53 -103.98
N ALA BA 31 -58.49 -41.45 -102.84
CA ALA BA 31 -57.08 -41.82 -102.72
C ALA BA 31 -56.81 -43.26 -103.12
N LYS BA 32 -55.91 -43.42 -104.08
CA LYS BA 32 -55.53 -44.73 -104.62
C LYS BA 32 -54.24 -45.27 -104.00
N LEU BA 33 -53.48 -44.41 -103.34
CA LEU BA 33 -52.24 -44.82 -102.69
C LEU BA 33 -51.90 -43.84 -101.57
N VAL BA 34 -51.14 -44.30 -100.59
CA VAL BA 34 -50.69 -43.47 -99.45
C VAL BA 34 -49.22 -43.73 -99.16
N ILE BA 35 -48.39 -42.71 -99.36
CA ILE BA 35 -46.96 -42.78 -99.05
C ILE BA 35 -46.72 -42.25 -97.65
N LEU BA 36 -45.93 -42.99 -96.88
CA LEU BA 36 -45.54 -42.60 -95.55
C LEU BA 36 -44.04 -42.51 -95.46
N ALA BA 37 -43.56 -41.38 -94.96
CA ALA BA 37 -42.17 -41.25 -94.58
C ALA BA 37 -41.90 -42.22 -93.44
N ASN BA 38 -40.62 -42.53 -93.25
CA ASN BA 38 -40.24 -43.49 -92.22
C ASN BA 38 -40.26 -42.87 -90.82
N ASN BA 39 -40.01 -41.57 -90.72
CA ASN BA 39 -39.95 -40.92 -89.41
C ASN BA 39 -41.30 -40.55 -88.85
N CYS BA 40 -42.35 -40.69 -89.66
CA CYS BA 40 -43.73 -40.40 -89.24
C CYS BA 40 -44.01 -40.90 -87.84
N PRO BA 41 -44.82 -40.15 -87.07
CA PRO BA 41 -45.16 -40.64 -85.73
C PRO BA 41 -45.89 -41.99 -85.77
N ALA BA 42 -45.56 -42.88 -84.83
CA ALA BA 42 -46.02 -44.26 -84.84
C ALA BA 42 -47.53 -44.39 -84.71
N LEU BA 43 -48.12 -43.53 -83.89
CA LEU BA 43 -49.57 -43.50 -83.77
C LEU BA 43 -50.18 -43.11 -85.11
N ARG BA 44 -49.69 -42.02 -85.67
CA ARG BA 44 -50.16 -41.52 -86.99
C ARG BA 44 -50.18 -42.59 -88.05
N LYS BA 45 -49.04 -43.26 -88.20
CA LYS BA 45 -48.88 -44.31 -89.21
C LYS BA 45 -49.97 -45.36 -89.05
N SER BA 46 -50.05 -45.96 -87.86
CA SER BA 46 -51.01 -47.03 -87.57
C SER BA 46 -52.47 -46.61 -87.79
N GLU BA 47 -52.76 -45.35 -87.48
CA GLU BA 47 -54.06 -44.76 -87.77
C GLU BA 47 -54.30 -44.77 -89.28
N ILE BA 48 -53.36 -44.20 -90.04
CA ILE BA 48 -53.47 -44.20 -91.49
C ILE BA 48 -53.56 -45.60 -92.07
N GLU BA 49 -52.70 -46.48 -91.57
CA GLU BA 49 -52.67 -47.88 -92.02
C GLU BA 49 -54.04 -48.57 -91.87
N TYR BA 50 -54.77 -48.19 -90.81
CA TYR BA 50 -56.11 -48.71 -90.56
C TYR BA 50 -57.14 -48.10 -91.50
N TYR BA 51 -57.01 -46.79 -91.75
CA TYR BA 51 -57.89 -46.09 -92.70
C TYR BA 51 -57.80 -46.62 -94.12
N ALA BA 52 -56.61 -47.02 -94.55
CA ALA BA 52 -56.44 -47.66 -95.85
C ALA BA 52 -57.08 -49.05 -95.87
N MET BA 53 -56.87 -49.82 -94.80
CA MET BA 53 -57.48 -51.15 -94.63
C MET BA 53 -59.02 -51.10 -94.73
N LEU BA 54 -59.62 -50.06 -94.17
CA LEU BA 54 -61.07 -49.88 -94.25
C LEU BA 54 -61.51 -49.44 -95.64
N ALA BA 55 -60.69 -48.64 -96.31
CA ALA BA 55 -60.97 -48.15 -97.66
C ALA BA 55 -60.28 -48.94 -98.77
N LYS BA 56 -59.72 -50.11 -98.46
CA LYS BA 56 -59.08 -50.97 -99.46
C LYS BA 56 -58.16 -50.18 -100.39
N THR BA 57 -57.14 -49.58 -99.78
CA THR BA 57 -56.22 -48.67 -100.46
C THR BA 57 -54.79 -49.07 -100.19
N GLY BA 58 -53.93 -48.87 -101.18
CA GLY BA 58 -52.50 -49.17 -101.04
C GLY BA 58 -51.81 -48.25 -100.03
N VAL BA 59 -50.85 -48.83 -99.30
CA VAL BA 59 -50.01 -48.08 -98.38
C VAL BA 59 -48.57 -48.44 -98.65
N HIS BA 60 -47.82 -47.47 -99.16
CA HIS BA 60 -46.41 -47.67 -99.45
C HIS BA 60 -45.56 -46.94 -98.45
N HIS BA 61 -44.81 -47.70 -97.63
CA HIS BA 61 -43.82 -47.08 -96.76
C HIS BA 61 -42.62 -46.62 -97.58
N TYR BA 62 -42.40 -45.31 -97.58
CA TYR BA 62 -41.28 -44.72 -98.29
C TYR BA 62 -39.99 -45.10 -97.61
N SER BA 63 -38.93 -45.18 -98.40
CA SER BA 63 -37.60 -45.56 -97.90
C SER BA 63 -37.00 -44.48 -97.00
N GLY BA 64 -37.32 -43.23 -97.30
CA GLY BA 64 -36.78 -42.07 -96.59
C GLY BA 64 -37.63 -41.37 -95.55
N ASN BA 65 -36.93 -40.53 -94.80
CA ASN BA 65 -37.48 -39.66 -93.76
C ASN BA 65 -38.22 -38.50 -94.40
N ASN BA 66 -39.17 -37.92 -93.66
CA ASN BA 66 -40.10 -36.92 -94.22
C ASN BA 66 -39.49 -35.76 -94.98
N ILE BA 67 -38.24 -35.44 -94.69
CA ILE BA 67 -37.53 -34.42 -95.44
C ILE BA 67 -37.21 -34.95 -96.83
N GLU BA 68 -36.77 -36.21 -96.89
CA GLU BA 68 -36.45 -36.86 -98.16
C GLU BA 68 -37.68 -37.01 -99.04
N LEU BA 69 -38.82 -37.32 -98.44
CA LEU BA 69 -40.03 -37.52 -99.21
C LEU BA 69 -40.51 -36.22 -99.82
N GLY BA 70 -40.44 -35.14 -99.04
CA GLY BA 70 -40.82 -33.82 -99.52
C GLY BA 70 -39.89 -33.32 -100.57
N THR BA 71 -38.60 -33.53 -100.34
CA THR BA 71 -37.62 -33.33 -101.39
C THR BA 71 -38.09 -34.15 -102.58
N ALA BA 72 -38.40 -35.44 -102.38
CA ALA BA 72 -38.93 -36.36 -103.41
C ALA BA 72 -40.32 -36.05 -104.01
N CYS BA 73 -41.04 -35.08 -103.47
CA CYS BA 73 -42.25 -34.54 -104.11
C CYS BA 73 -41.97 -33.28 -104.92
N GLY BA 74 -40.75 -32.74 -104.78
CA GLY BA 74 -40.33 -31.56 -105.51
C GLY BA 74 -40.80 -30.31 -104.82
N LYS BA 75 -40.79 -30.36 -103.50
CA LYS BA 75 -41.19 -29.23 -102.66
C LYS BA 75 -40.01 -28.99 -101.72
N TYR BA 76 -39.82 -27.73 -101.39
CA TYR BA 76 -38.76 -27.35 -100.47
C TYR BA 76 -39.17 -27.58 -99.02
N TYR BA 77 -40.46 -27.80 -98.80
CA TYR BA 77 -40.95 -28.22 -97.49
C TYR BA 77 -40.89 -29.74 -97.38
N ARG BA 78 -41.27 -30.24 -96.21
CA ARG BA 78 -41.11 -31.64 -95.88
C ARG BA 78 -42.47 -32.26 -95.66
N VAL BA 79 -42.69 -33.41 -96.27
CA VAL BA 79 -43.97 -34.10 -96.19
C VAL BA 79 -43.76 -35.51 -95.66
N CYS BA 80 -44.55 -35.83 -94.63
CA CYS BA 80 -44.52 -37.12 -93.97
C CYS BA 80 -45.53 -38.06 -94.59
N THR BA 81 -46.76 -37.59 -94.81
CA THR BA 81 -47.81 -38.40 -95.47
C THR BA 81 -48.24 -37.77 -96.79
N LEU BA 82 -48.39 -38.60 -97.83
CA LEU BA 82 -48.83 -38.11 -99.13
C LEU BA 82 -49.72 -39.14 -99.84
N ALA BA 83 -50.89 -38.69 -100.29
CA ALA BA 83 -51.83 -39.53 -101.04
C ALA BA 83 -51.74 -39.23 -102.53
N ILE BA 84 -51.89 -40.27 -103.33
CA ILE BA 84 -51.88 -40.15 -104.78
C ILE BA 84 -53.29 -40.45 -105.28
N ILE BA 85 -54.00 -39.40 -105.68
CA ILE BA 85 -55.40 -39.51 -106.06
C ILE BA 85 -55.50 -40.15 -107.45
N ASP BA 86 -54.91 -39.48 -108.43
CA ASP BA 86 -54.91 -39.95 -109.82
C ASP BA 86 -53.49 -39.81 -110.32
N PRO BA 87 -52.84 -40.94 -110.67
CA PRO BA 87 -51.56 -40.77 -111.34
C PRO BA 87 -51.79 -40.32 -112.77
N GLY BA 88 -50.86 -39.53 -113.28
CA GLY BA 88 -51.02 -38.88 -114.58
C GLY BA 88 -50.87 -39.88 -115.69
N ASP BA 89 -49.64 -40.35 -115.87
CA ASP BA 89 -49.36 -41.44 -116.79
C ASP BA 89 -48.28 -42.39 -116.25
N SER BA 90 -48.08 -42.37 -114.92
CA SER BA 90 -47.05 -43.14 -114.27
C SER BA 90 -47.58 -44.52 -113.92
N ASP BA 91 -46.66 -45.41 -113.54
CA ASP BA 91 -47.00 -46.72 -113.02
C ASP BA 91 -46.54 -46.79 -111.55
N ILE BA 92 -46.79 -45.71 -110.80
CA ILE BA 92 -46.60 -45.70 -109.35
C ILE BA 92 -47.55 -46.73 -108.76
N ILE BA 93 -48.79 -46.73 -109.21
CA ILE BA 93 -49.75 -47.79 -108.93
C ILE BA 93 -49.51 -48.84 -110.01
N ARG BA 94 -49.42 -50.09 -109.59
CA ARG BA 94 -48.85 -51.15 -110.44
C ARG BA 94 -49.88 -51.67 -111.44
N ASN CA 1 -37.76 67.60 -24.42
CA ASN CA 1 -36.31 67.64 -24.07
C ASN CA 1 -35.60 66.29 -24.25
N GLU CA 2 -36.27 65.20 -23.89
CA GLU CA 2 -35.65 63.87 -23.88
C GLU CA 2 -36.62 62.71 -24.19
N VAL CA 3 -37.54 62.95 -25.12
CA VAL CA 3 -38.35 61.89 -25.74
C VAL CA 3 -38.28 62.13 -27.25
N VAL CA 4 -37.06 62.41 -27.71
CA VAL CA 4 -36.82 62.96 -29.03
C VAL CA 4 -36.68 61.82 -30.03
N THR CA 5 -37.06 62.10 -31.26
CA THR CA 5 -36.97 61.16 -32.36
C THR CA 5 -36.23 61.83 -33.51
N ARG CA 6 -35.33 61.09 -34.17
CA ARG CA 6 -34.54 61.66 -35.27
C ARG CA 6 -33.93 60.60 -36.19
N GLU CA 7 -33.89 60.91 -37.49
CA GLU CA 7 -33.39 59.99 -38.51
C GLU CA 7 -31.88 60.04 -38.54
N TYR CA 8 -31.27 58.92 -38.89
CA TYR CA 8 -29.84 58.85 -39.15
C TYR CA 8 -29.64 57.92 -40.33
N THR CA 9 -28.57 58.12 -41.09
CA THR CA 9 -28.18 57.15 -42.12
C THR CA 9 -26.92 56.46 -41.64
N ILE CA 10 -27.09 55.35 -40.92
CA ILE CA 10 -25.97 54.59 -40.41
C ILE CA 10 -25.29 53.91 -41.60
N ASN CA 11 -24.08 54.38 -41.92
CA ASN CA 11 -23.24 53.68 -42.88
C ASN CA 11 -22.62 52.50 -42.15
N ILE CA 12 -23.07 51.33 -42.56
CA ILE CA 12 -22.68 50.05 -42.00
C ILE CA 12 -21.40 49.62 -42.63
N HIS CA 13 -21.30 49.82 -43.93
CA HIS CA 13 -20.14 49.41 -44.73
C HIS CA 13 -18.77 49.69 -44.10
N LYS CA 14 -18.67 50.81 -43.39
CA LYS CA 14 -17.43 51.20 -42.72
C LYS CA 14 -17.36 50.81 -41.23
N ARG CA 15 -18.44 50.23 -40.73
CA ARG CA 15 -18.49 49.62 -39.40
C ARG CA 15 -18.19 48.14 -39.55
N ILE CA 16 -18.99 47.50 -40.39
CA ILE CA 16 -18.91 46.09 -40.67
C ILE CA 16 -17.70 45.70 -41.56
N HIS CA 17 -16.82 46.66 -41.86
CA HIS CA 17 -15.67 46.41 -42.72
C HIS CA 17 -14.70 45.42 -42.09
N GLY CA 18 -14.14 44.55 -42.93
CA GLY CA 18 -13.12 43.63 -42.49
C GLY CA 18 -13.60 42.50 -41.61
N VAL CA 19 -14.90 42.19 -41.63
CA VAL CA 19 -15.40 41.07 -40.83
C VAL CA 19 -15.74 39.88 -41.70
N GLY CA 20 -15.82 38.73 -41.05
CA GLY CA 20 -15.99 37.48 -41.76
C GLY CA 20 -17.37 37.32 -42.33
N PHE CA 21 -17.41 36.71 -43.51
CA PHE CA 21 -18.63 36.48 -44.27
C PHE CA 21 -19.81 36.03 -43.41
N LYS CA 22 -19.58 35.01 -42.58
CA LYS CA 22 -20.64 34.47 -41.73
C LYS CA 22 -20.98 35.31 -40.50
N LYS CA 23 -20.15 36.30 -40.19
CA LYS CA 23 -20.41 37.21 -39.07
C LYS CA 23 -20.62 38.66 -39.53
N ARG CA 24 -21.34 38.86 -40.63
CA ARG CA 24 -21.60 40.21 -41.14
C ARG CA 24 -22.97 40.76 -40.72
N ALA CA 25 -24.04 40.18 -41.24
CA ALA CA 25 -25.38 40.63 -40.87
C ALA CA 25 -25.61 40.64 -39.36
N PRO CA 26 -24.95 39.75 -38.61
CA PRO CA 26 -24.95 39.89 -37.16
C PRO CA 26 -24.18 41.11 -36.64
N ARG CA 27 -22.93 41.25 -37.08
CA ARG CA 27 -22.09 42.41 -36.71
C ARG CA 27 -22.81 43.73 -37.03
N ALA CA 28 -23.45 43.78 -38.18
CA ALA CA 28 -24.26 44.94 -38.57
C ALA CA 28 -25.28 45.32 -37.50
N LEU CA 29 -25.96 44.34 -36.92
CA LEU CA 29 -26.92 44.62 -35.84
C LEU CA 29 -26.30 44.90 -34.50
N LYS CA 30 -25.08 44.43 -34.27
CA LYS CA 30 -24.30 44.91 -33.13
C LYS CA 30 -23.94 46.37 -33.33
N GLU CA 31 -23.47 46.71 -34.51
CA GLU CA 31 -23.04 48.08 -34.80
C GLU CA 31 -24.17 49.09 -34.91
N ILE CA 32 -25.39 48.65 -35.24
CA ILE CA 32 -26.56 49.51 -35.15
C ILE CA 32 -26.80 49.83 -33.68
N ARG CA 33 -26.76 48.81 -32.84
CA ARG CA 33 -27.14 48.96 -31.44
C ARG CA 33 -26.14 49.81 -30.68
N LYS CA 34 -24.85 49.58 -30.92
CA LYS CA 34 -23.80 50.51 -30.48
C LYS CA 34 -24.08 51.94 -30.89
N PHE CA 35 -24.44 52.13 -32.15
CA PHE CA 35 -24.73 53.45 -32.69
C PHE CA 35 -25.88 54.11 -31.96
N ALA CA 36 -26.90 53.32 -31.66
CA ALA CA 36 -28.05 53.84 -30.92
C ALA CA 36 -27.66 54.34 -29.55
N MET CA 37 -26.84 53.56 -28.83
CA MET CA 37 -26.39 53.94 -27.48
C MET CA 37 -25.57 55.22 -27.50
N LYS CA 38 -24.82 55.43 -28.59
CA LYS CA 38 -23.99 56.61 -28.73
C LYS CA 38 -24.82 57.86 -28.95
N GLU CA 39 -25.83 57.77 -29.83
CA GLU CA 39 -26.69 58.90 -30.14
C GLU CA 39 -27.66 59.22 -29.00
N MET CA 40 -28.29 58.17 -28.47
CA MET CA 40 -29.22 58.31 -27.35
C MET CA 40 -28.59 57.59 -26.18
N GLY CA 41 -28.38 58.32 -25.07
CA GLY CA 41 -27.73 57.74 -23.89
C GLY CA 41 -28.57 56.68 -23.21
N THR CA 42 -28.71 55.54 -23.86
CA THR CA 42 -29.58 54.46 -23.42
C THR CA 42 -28.91 53.14 -23.73
N PRO CA 43 -28.79 52.24 -22.74
CA PRO CA 43 -28.33 50.89 -23.04
C PRO CA 43 -29.45 49.94 -23.48
N ASP CA 44 -30.69 50.19 -23.03
CA ASP CA 44 -31.85 49.40 -23.47
C ASP CA 44 -32.27 49.90 -24.84
N VAL CA 45 -31.56 49.43 -25.87
CA VAL CA 45 -31.89 49.75 -27.25
C VAL CA 45 -32.75 48.61 -27.75
N ARG CA 46 -33.81 48.95 -28.48
CA ARG CA 46 -34.86 48.00 -28.80
C ARG CA 46 -35.09 48.03 -30.30
N ILE CA 47 -34.10 47.52 -31.02
CA ILE CA 47 -34.10 47.48 -32.48
C ILE CA 47 -35.29 46.70 -33.07
N ASP CA 48 -36.07 47.36 -33.94
CA ASP CA 48 -37.34 46.83 -34.45
C ASP CA 48 -37.13 45.67 -35.43
N THR CA 49 -38.10 44.77 -35.47
CA THR CA 49 -38.06 43.59 -36.34
C THR CA 49 -37.88 43.92 -37.82
N ARG CA 50 -38.68 44.85 -38.33
CA ARG CA 50 -38.58 45.20 -39.76
C ARG CA 50 -37.19 45.70 -40.12
N LEU CA 51 -36.49 46.32 -39.16
CA LEU CA 51 -35.10 46.75 -39.41
C LEU CA 51 -34.18 45.55 -39.54
N ASN CA 52 -34.30 44.62 -38.60
CA ASN CA 52 -33.59 43.35 -38.67
C ASN CA 52 -33.76 42.76 -40.06
N LYS CA 53 -35.02 42.66 -40.49
CA LYS CA 53 -35.34 42.15 -41.82
C LYS CA 53 -34.66 42.93 -42.94
N ALA CA 54 -34.66 44.25 -42.81
CA ALA CA 54 -33.94 45.10 -43.76
C ALA CA 54 -32.46 44.71 -43.85
N VAL CA 55 -31.83 44.55 -42.70
CA VAL CA 55 -30.41 44.24 -42.66
C VAL CA 55 -30.16 42.90 -43.30
N TRP CA 56 -30.78 41.86 -42.78
CA TRP CA 56 -30.59 40.51 -43.34
C TRP CA 56 -31.10 40.28 -44.78
N ALA CA 57 -31.76 41.27 -45.38
CA ALA CA 57 -32.47 41.11 -46.66
C ALA CA 57 -31.67 40.49 -47.81
N LYS CA 58 -30.38 40.84 -47.91
CA LYS CA 58 -29.50 40.22 -48.90
C LYS CA 58 -28.56 39.22 -48.22
N GLY CA 59 -29.11 38.45 -47.29
CA GLY CA 59 -28.37 37.36 -46.67
C GLY CA 59 -27.33 37.82 -45.68
N ILE CA 60 -26.58 36.83 -45.20
CA ILE CA 60 -25.64 37.05 -44.11
C ILE CA 60 -24.32 37.69 -44.56
N ARG CA 61 -23.90 37.45 -45.80
CA ARG CA 61 -22.62 37.98 -46.32
C ARG CA 61 -22.71 39.45 -46.67
N ASN CA 62 -23.70 39.78 -47.49
CA ASN CA 62 -23.75 41.06 -48.15
C ASN CA 62 -24.85 41.84 -47.45
N VAL CA 63 -24.45 42.63 -46.47
CA VAL CA 63 -25.37 43.51 -45.76
C VAL CA 63 -25.59 44.70 -46.71
N PRO CA 64 -26.67 45.47 -46.51
CA PRO CA 64 -26.74 46.75 -47.21
C PRO CA 64 -25.70 47.73 -46.68
N TYR CA 65 -25.23 48.61 -47.56
CA TYR CA 65 -24.14 49.51 -47.21
C TYR CA 65 -24.55 50.61 -46.26
N ARG CA 66 -25.57 51.37 -46.65
CA ARG CA 66 -26.15 52.39 -45.77
C ARG CA 66 -27.54 51.94 -45.38
N ILE CA 67 -28.00 52.44 -44.25
CA ILE CA 67 -29.35 52.13 -43.79
C ILE CA 67 -29.94 53.36 -43.08
N ARG CA 68 -31.03 53.86 -43.62
CA ARG CA 68 -31.67 55.04 -43.07
C ARG CA 68 -32.53 54.53 -41.93
N VAL CA 69 -32.38 55.16 -40.79
CA VAL CA 69 -32.92 54.64 -39.55
C VAL CA 69 -33.66 55.76 -38.84
N ARG CA 70 -34.73 55.40 -38.13
CA ARG CA 70 -35.32 56.31 -37.15
C ARG CA 70 -34.89 55.80 -35.79
N LEU CA 71 -34.74 56.73 -34.85
CA LEU CA 71 -34.21 56.46 -33.53
C LEU CA 71 -35.09 57.25 -32.56
N SER CA 72 -36.11 56.60 -32.03
CA SER CA 72 -37.05 57.24 -31.11
C SER CA 72 -36.67 56.89 -29.68
N ARG CA 73 -36.46 57.92 -28.85
CA ARG CA 73 -36.22 57.73 -27.43
C ARG CA 73 -37.56 57.75 -26.70
N LYS CA 74 -37.68 56.92 -25.65
CA LYS CA 74 -38.98 56.62 -25.03
C LYS CA 74 -38.98 56.67 -23.50
N ARG CA 75 -40.16 56.38 -22.94
CA ARG CA 75 -40.44 56.50 -21.51
C ARG CA 75 -40.34 55.19 -20.73
N ASN CA 76 -40.51 54.05 -21.42
CA ASN CA 76 -40.57 52.73 -20.79
C ASN CA 76 -41.76 52.59 -19.83
N GLU CA 77 -42.92 53.02 -20.32
CA GLU CA 77 -44.23 52.96 -19.63
C GLU CA 77 -44.26 52.64 -18.11
N ASP CA 78 -44.47 51.37 -17.73
CA ASP CA 78 -44.78 50.98 -16.35
C ASP CA 78 -43.66 50.23 -15.64
N GLU CA 79 -42.51 50.07 -16.30
CA GLU CA 79 -41.41 49.27 -15.77
C GLU CA 79 -40.65 50.03 -14.68
N ASP CA 80 -40.34 49.33 -13.59
CA ASP CA 80 -39.51 49.86 -12.51
C ASP CA 80 -38.10 49.28 -12.69
N SER CA 81 -37.50 49.64 -13.82
CA SER CA 81 -36.18 49.16 -14.24
C SER CA 81 -35.14 50.24 -13.93
N PRO CA 82 -33.84 49.85 -13.84
CA PRO CA 82 -32.76 50.84 -13.76
C PRO CA 82 -32.71 51.84 -14.92
N ASN CA 83 -33.14 51.41 -16.11
CA ASN CA 83 -33.24 52.26 -17.28
C ASN CA 83 -34.61 52.94 -17.34
N LYS CA 84 -34.63 54.27 -17.23
CA LYS CA 84 -35.85 55.04 -17.36
C LYS CA 84 -36.32 55.03 -18.79
N LEU CA 85 -35.44 55.45 -19.71
CA LEU CA 85 -35.75 55.62 -21.12
C LEU CA 85 -35.19 54.48 -21.94
N TYR CA 86 -35.96 54.05 -22.94
CA TYR CA 86 -35.42 53.18 -23.98
C TYR CA 86 -35.32 53.91 -25.32
N THR CA 87 -34.66 53.26 -26.27
CA THR CA 87 -34.48 53.75 -27.61
C THR CA 87 -34.96 52.71 -28.59
N LEU CA 88 -35.89 53.08 -29.45
CA LEU CA 88 -36.41 52.16 -30.43
C LEU CA 88 -35.94 52.53 -31.82
N VAL CA 89 -35.12 51.67 -32.42
CA VAL CA 89 -34.64 51.90 -33.77
C VAL CA 89 -35.73 51.43 -34.70
N THR CA 90 -35.88 52.09 -35.83
CA THR CA 90 -36.88 51.73 -36.85
C THR CA 90 -36.29 51.81 -38.23
N TYR CA 91 -36.97 51.18 -39.18
CA TYR CA 91 -36.55 51.21 -40.57
C TYR CA 91 -37.19 52.34 -41.35
N VAL CA 92 -36.36 53.08 -42.08
CA VAL CA 92 -36.79 54.15 -42.95
C VAL CA 92 -36.35 53.75 -44.36
N PRO CA 93 -37.29 53.26 -45.19
CA PRO CA 93 -36.91 52.86 -46.55
C PRO CA 93 -36.71 54.07 -47.46
N VAL CA 94 -35.70 53.97 -48.33
CA VAL CA 94 -35.23 55.10 -49.15
C VAL CA 94 -34.81 54.63 -50.55
N THR CA 95 -35.03 55.49 -51.55
CA THR CA 95 -34.51 55.27 -52.89
C THR CA 95 -33.00 55.50 -52.90
N THR CA 96 -32.60 56.73 -52.57
CA THR CA 96 -31.21 57.16 -52.63
C THR CA 96 -30.75 57.79 -51.33
N PHE CA 97 -29.53 57.47 -50.92
CA PHE CA 97 -28.92 58.12 -49.79
C PHE CA 97 -28.14 59.38 -50.17
N LYS CA 98 -28.17 59.79 -51.44
CA LYS CA 98 -27.49 61.01 -51.86
C LYS CA 98 -28.02 62.24 -51.11
N ASN CA 99 -27.11 62.91 -50.41
CA ASN CA 99 -27.38 64.06 -49.53
C ASN CA 99 -28.61 63.95 -48.62
N LEU CA 100 -28.65 62.85 -47.87
CA LEU CA 100 -29.57 62.69 -46.72
C LEU CA 100 -28.79 63.07 -45.46
N GLN CA 101 -29.42 63.88 -44.61
CA GLN CA 101 -28.77 64.38 -43.40
C GLN CA 101 -29.39 63.72 -42.19
N THR CA 102 -28.92 64.06 -41.00
CA THR CA 102 -29.64 63.71 -39.77
C THR CA 102 -30.75 64.72 -39.58
N VAL CA 103 -31.96 64.31 -39.98
CA VAL CA 103 -33.13 65.12 -39.77
C VAL CA 103 -33.72 64.78 -38.41
N ASN CA 104 -34.01 65.83 -37.64
CA ASN CA 104 -34.75 65.70 -36.39
C ASN CA 104 -36.22 65.88 -36.73
N VAL CA 105 -36.96 64.76 -36.78
CA VAL CA 105 -38.42 64.84 -37.00
C VAL CA 105 -39.11 65.42 -35.77
N ASP CA 106 -39.51 66.69 -35.88
CA ASP CA 106 -40.15 67.42 -34.78
C ASP CA 106 -41.52 66.84 -34.47
N GLU CA 107 -41.72 66.48 -33.21
CA GLU CA 107 -42.93 65.78 -32.76
C GLU CA 107 -43.99 66.79 -32.33
N ALA DA 1 10.02 29.46 50.27
CA ALA DA 1 10.36 28.43 51.31
C ALA DA 1 9.80 27.05 50.97
N ALA DA 2 10.37 26.45 49.92
CA ALA DA 2 10.02 25.11 49.47
C ALA DA 2 10.96 24.08 50.11
N LEU DA 3 10.59 22.80 49.99
CA LEU DA 3 11.38 21.71 50.59
C LEU DA 3 12.71 21.55 49.89
N ARG DA 4 13.79 21.91 50.59
CA ARG DA 4 15.15 21.75 50.09
C ARG DA 4 15.52 20.28 50.08
N PRO DA 5 16.22 19.80 49.04
CA PRO DA 5 16.77 18.46 49.12
C PRO DA 5 18.05 18.41 49.95
N LEU DA 6 18.37 17.22 50.42
CA LEU DA 6 19.51 16.98 51.34
C LEU DA 6 20.81 17.53 50.81
N VAL DA 7 21.07 17.23 49.55
CA VAL DA 7 22.27 17.68 48.89
C VAL DA 7 21.86 18.14 47.48
N LYS DA 8 22.31 19.34 47.13
CA LYS DA 8 21.90 20.02 45.91
C LYS DA 8 23.18 20.34 45.15
N PRO DA 9 23.78 19.30 44.52
CA PRO DA 9 25.02 19.50 43.80
C PRO DA 9 24.76 20.09 42.42
N LYS DA 10 25.84 20.40 41.72
CA LYS DA 10 25.74 20.85 40.35
C LYS DA 10 25.55 19.64 39.46
N ILE DA 11 24.36 19.51 38.90
CA ILE DA 11 24.12 18.59 37.79
C ILE DA 11 24.87 19.18 36.62
N VAL DA 12 25.52 18.32 35.83
CA VAL DA 12 26.28 18.75 34.68
C VAL DA 12 26.07 17.80 33.51
N LYS DA 13 25.43 18.31 32.47
CA LYS DA 13 24.94 17.47 31.40
C LYS DA 13 25.89 17.53 30.20
N LYS DA 14 26.12 16.38 29.60
CA LYS DA 14 27.05 16.27 28.48
C LYS DA 14 26.43 16.76 27.18
N ARG DA 15 25.15 16.49 27.01
CA ARG DA 15 24.47 16.91 25.82
C ARG DA 15 23.05 17.24 26.17
N THR DA 16 22.57 18.35 25.65
CA THR DA 16 21.26 18.85 26.00
C THR DA 16 20.23 18.64 24.91
N LYS DA 17 20.60 18.85 23.65
CA LYS DA 17 19.68 18.64 22.54
C LYS DA 17 19.30 17.17 22.42
N LYS DA 18 18.12 16.93 21.88
CA LYS DA 18 17.70 15.57 21.58
C LYS DA 18 18.54 15.10 20.39
N PHE DA 19 19.00 13.86 20.45
CA PHE DA 19 19.45 13.17 19.25
C PHE DA 19 18.19 12.97 18.45
N ILE DA 20 18.21 13.36 17.18
CA ILE DA 20 17.07 13.13 16.31
C ILE DA 20 17.49 12.22 15.21
N ARG DA 21 16.48 11.69 14.56
CA ARG DA 21 16.63 10.61 13.63
C ARG DA 21 16.92 11.18 12.26
N HIS DA 22 17.82 10.51 11.55
CA HIS DA 22 18.26 10.94 10.24
C HIS DA 22 17.12 11.04 9.22
N GLN DA 23 17.00 12.24 8.64
CA GLN DA 23 15.97 12.57 7.66
C GLN DA 23 14.57 12.63 8.27
N SER DA 24 14.48 12.89 9.58
CA SER DA 24 13.19 13.13 10.23
C SER DA 24 12.70 14.54 9.92
N ASP DA 25 13.65 15.43 9.69
CA ASP DA 25 13.42 16.77 9.15
C ASP DA 25 12.73 16.79 7.79
N ARG DA 26 13.20 15.95 6.86
CA ARG DA 26 12.75 16.00 5.47
C ARG DA 26 11.37 15.41 5.28
N TYR DA 27 11.01 14.45 6.13
CA TYR DA 27 9.80 13.67 5.94
C TYR DA 27 8.90 13.71 7.18
N VAL DA 28 7.61 13.78 6.92
CA VAL DA 28 6.61 13.76 7.98
C VAL DA 28 6.41 12.30 8.41
N LYS DA 29 6.65 11.35 7.51
CA LYS DA 29 6.57 9.93 7.85
C LYS DA 29 7.63 9.46 8.83
N ILE DA 30 8.83 10.02 8.75
CA ILE DA 30 9.85 9.72 9.74
C ILE DA 30 9.59 10.58 10.98
N LYS DA 31 9.68 9.95 12.15
CA LYS DA 31 9.54 10.64 13.44
C LYS DA 31 10.91 10.93 14.03
N ARG DA 32 10.98 11.99 14.83
CA ARG DA 32 12.20 12.37 15.55
C ARG DA 32 12.86 11.23 16.31
N ASN DA 33 12.04 10.31 16.85
CA ASN DA 33 12.53 9.18 17.65
C ASN DA 33 13.77 8.53 17.06
N TRP DA 34 14.83 8.47 17.87
CA TRP DA 34 16.12 8.03 17.37
C TRP DA 34 16.02 6.64 16.81
N ARG DA 35 16.73 6.42 15.71
CA ARG DA 35 16.91 5.11 15.16
C ARG DA 35 18.32 5.10 14.68
N LYS DA 36 19.04 4.02 14.93
CA LYS DA 36 20.38 3.91 14.39
C LYS DA 36 20.21 3.62 12.91
N PRO DA 37 21.03 4.26 12.06
CA PRO DA 37 20.94 3.92 10.65
C PRO DA 37 21.66 2.63 10.38
N ARG DA 38 21.15 1.84 9.45
CA ARG DA 38 21.83 0.61 9.07
C ARG DA 38 22.15 0.58 7.57
N GLY DA 39 22.10 1.75 6.93
CA GLY DA 39 22.34 1.87 5.50
C GLY DA 39 23.79 1.72 5.13
N ILE DA 40 24.01 1.12 3.97
CA ILE DA 40 25.35 0.65 3.59
C ILE DA 40 26.31 1.80 3.34
N ASP DA 41 25.79 2.84 2.69
CA ASP DA 41 26.39 4.15 2.66
C ASP DA 41 25.47 4.83 3.63
N ASN DA 42 25.99 5.58 4.58
CA ASN DA 42 25.16 6.51 5.35
C ASN DA 42 26.01 7.51 6.11
N ARG DA 43 26.18 8.68 5.50
CA ARG DA 43 26.80 9.84 6.11
C ARG DA 43 26.86 9.79 7.62
N VAL DA 44 25.69 9.54 8.21
CA VAL DA 44 25.53 9.52 9.66
C VAL DA 44 26.18 8.29 10.27
N ARG DA 45 25.80 7.10 9.81
CA ARG DA 45 26.18 5.85 10.48
C ARG DA 45 27.67 5.60 10.36
N ARG DA 46 28.32 6.21 9.38
CA ARG DA 46 29.77 6.19 9.30
C ARG DA 46 30.43 7.52 9.69
N ARG DA 47 29.77 8.24 10.58
CA ARG DA 47 30.38 9.31 11.34
C ARG DA 47 31.12 10.41 10.55
N PHE DA 48 30.56 10.86 9.43
CA PHE DA 48 31.19 11.98 8.71
C PHE DA 48 31.15 13.27 9.50
N LYS DA 49 31.95 14.22 9.04
CA LYS DA 49 32.03 15.56 9.58
C LYS DA 49 30.82 16.37 9.10
N GLY DA 50 30.14 17.04 10.04
CA GLY DA 50 28.99 17.89 9.73
C GLY DA 50 27.61 17.25 9.79
N GLN DA 51 27.49 16.05 10.34
CA GLN DA 51 26.23 15.30 10.31
C GLN DA 51 25.56 15.21 11.67
N ILE DA 52 24.37 14.63 11.68
CA ILE DA 52 23.65 14.42 12.93
C ILE DA 52 24.39 13.39 13.75
N LEU DA 53 24.35 13.57 15.05
CA LEU DA 53 25.17 12.77 15.94
C LEU DA 53 24.48 11.49 16.29
N MET DA 54 25.29 10.50 16.62
CA MET DA 54 24.79 9.22 17.02
C MET DA 54 25.00 9.13 18.52
N PRO DA 55 23.96 8.71 19.26
CA PRO DA 55 24.07 8.48 20.69
C PRO DA 55 24.97 7.30 21.04
N ASN DA 56 25.90 7.52 21.96
CA ASN DA 56 26.67 6.47 22.60
C ASN DA 56 26.48 6.49 24.09
N ILE DA 57 26.98 5.44 24.72
CA ILE DA 57 27.11 5.40 26.16
C ILE DA 57 28.13 6.43 26.67
N GLY DA 58 29.00 6.92 25.78
CA GLY DA 58 29.80 8.11 26.05
C GLY DA 58 29.07 9.32 26.61
N TYR DA 59 27.88 9.64 26.08
CA TYR DA 59 27.12 10.80 26.58
C TYR DA 59 26.52 10.61 27.97
N GLY DA 60 26.73 9.44 28.58
CA GLY DA 60 26.03 9.06 29.79
C GLY DA 60 26.15 10.03 30.94
N SER DA 61 25.10 10.05 31.75
CA SER DA 61 25.03 10.94 32.88
C SER DA 61 25.92 10.43 34.00
N ASN DA 62 26.37 11.35 34.83
CA ASN DA 62 27.08 11.04 36.05
C ASN DA 62 26.12 10.38 37.04
N LYS DA 63 26.59 9.30 37.65
CA LYS DA 63 25.72 8.47 38.47
C LYS DA 63 25.15 9.16 39.71
N LYS DA 64 25.86 10.15 40.25
CA LYS DA 64 25.37 10.90 41.40
C LYS DA 64 24.09 11.66 41.05
N THR DA 65 24.08 12.29 39.88
CA THR DA 65 23.01 13.18 39.46
C THR DA 65 22.17 12.64 38.29
N LYS DA 66 22.27 11.34 38.00
CA LYS DA 66 21.40 10.72 37.02
C LYS DA 66 19.98 10.63 37.59
N HIS DA 67 19.00 11.02 36.77
CA HIS DA 67 17.59 11.12 37.17
C HIS DA 67 17.27 12.23 38.17
N MET DA 68 18.26 13.07 38.45
CA MET DA 68 18.10 14.17 39.37
C MET DA 68 17.37 15.27 38.64
N LEU DA 69 16.24 15.69 39.19
CA LEU DA 69 15.49 16.82 38.66
C LEU DA 69 16.31 18.10 38.90
N PRO DA 70 15.96 19.21 38.23
CA PRO DA 70 16.66 20.48 38.49
C PRO DA 70 16.66 20.86 39.98
N SER DA 71 15.48 20.71 40.60
CA SER DA 71 15.28 20.96 42.03
C SER DA 71 16.21 20.17 42.96
N GLY DA 72 16.69 19.01 42.50
CA GLY DA 72 17.64 18.18 43.24
C GLY DA 72 17.08 16.82 43.58
N PHE DA 73 15.76 16.69 43.52
CA PHE DA 73 15.11 15.42 43.84
C PHE DA 73 15.13 14.47 42.66
N ARG DA 74 14.70 13.24 42.91
CA ARG DA 74 14.28 12.34 41.86
C ARG DA 74 12.78 12.25 42.03
N LYS DA 75 12.06 12.12 40.92
CA LYS DA 75 10.63 11.80 40.94
C LYS DA 75 10.37 10.46 41.62
N PHE DA 76 9.15 10.29 42.12
CA PHE DA 76 8.60 8.96 42.34
C PHE DA 76 7.10 9.11 42.16
N LEU DA 77 6.57 8.40 41.18
CA LEU DA 77 5.20 8.61 40.76
C LEU DA 77 4.23 7.94 41.75
N VAL DA 78 3.75 8.75 42.69
CA VAL DA 78 2.72 8.34 43.63
C VAL DA 78 1.38 8.20 42.90
N HIS DA 79 0.62 7.18 43.29
CA HIS DA 79 -0.67 6.82 42.67
C HIS DA 79 -1.87 7.02 43.60
N ASN DA 80 -1.72 6.79 44.91
CA ASN DA 80 -2.70 7.18 45.93
C ASN DA 80 -1.99 7.57 47.23
N VAL DA 81 -2.73 7.81 48.32
CA VAL DA 81 -2.10 8.25 49.58
C VAL DA 81 -1.19 7.21 50.21
N LYS DA 82 -1.71 6.01 50.42
CA LYS DA 82 -0.95 4.89 50.96
C LYS DA 82 0.43 4.74 50.31
N GLU DA 83 0.48 4.95 49.00
CA GLU DA 83 1.71 4.85 48.23
C GLU DA 83 2.74 5.93 48.58
N LEU DA 84 2.28 7.09 49.05
CA LEU DA 84 3.18 8.17 49.54
C LEU DA 84 4.04 7.77 50.72
N GLU DA 85 3.40 7.18 51.73
CA GLU DA 85 4.03 6.94 53.03
C GLU DA 85 5.36 6.19 52.94
N VAL DA 86 5.57 5.52 51.82
CA VAL DA 86 6.90 5.05 51.40
C VAL DA 86 7.98 6.12 51.57
N LEU DA 87 7.76 7.25 50.91
CA LEU DA 87 8.76 8.32 50.82
C LEU DA 87 9.08 8.99 52.15
N LEU DA 88 8.19 8.87 53.14
CA LEU DA 88 8.41 9.33 54.52
C LEU DA 88 9.86 9.42 54.99
N MET DA 89 10.61 8.34 54.79
CA MET DA 89 12.00 8.25 55.26
C MET DA 89 13.05 8.66 54.21
N CYS DA 90 12.62 9.07 53.01
CA CYS DA 90 13.50 9.67 52.01
C CYS DA 90 13.34 11.18 52.04
N ASN DA 91 12.12 11.63 51.74
CA ASN DA 91 11.77 13.05 51.55
C ASN DA 91 12.85 14.06 51.15
N LYS DA 92 13.98 14.05 51.83
CA LYS DA 92 15.14 14.88 51.46
C LYS DA 92 15.83 14.49 50.14
N SER DA 93 15.52 13.31 49.59
CA SER DA 93 16.13 12.88 48.33
C SER DA 93 15.14 12.54 47.22
N TYR DA 94 13.90 12.17 47.56
CA TYR DA 94 12.88 11.89 46.55
C TYR DA 94 11.67 12.74 46.82
N CYS DA 95 11.01 13.13 45.73
CA CYS DA 95 9.78 13.88 45.79
C CYS DA 95 8.68 13.00 45.25
N ALA DA 96 7.46 13.52 45.31
CA ALA DA 96 6.30 12.80 44.84
C ALA DA 96 5.70 13.51 43.63
N GLU DA 97 5.62 12.79 42.51
CA GLU DA 97 4.73 13.16 41.42
C GLU DA 97 3.42 12.48 41.69
N ILE DA 98 2.32 13.17 41.39
CA ILE DA 98 1.00 12.57 41.44
C ILE DA 98 0.64 12.24 39.98
N ALA DA 99 -0.14 11.18 39.77
CA ALA DA 99 -0.43 10.71 38.42
C ALA DA 99 -1.48 11.55 37.69
N HIS DA 100 -1.44 11.54 36.36
CA HIS DA 100 -2.39 12.28 35.51
C HIS DA 100 -3.77 11.76 35.80
N ASN DA 101 -3.93 10.44 35.76
CA ASN DA 101 -5.26 9.83 35.89
C ASN DA 101 -5.96 9.92 37.27
N VAL DA 102 -5.32 10.52 38.28
CA VAL DA 102 -5.87 10.62 39.65
C VAL DA 102 -6.89 11.75 39.74
N SER DA 103 -8.00 11.53 40.43
CA SER DA 103 -9.11 12.51 40.45
C SER DA 103 -8.83 13.74 41.29
N SER DA 104 -9.44 14.85 40.90
CA SER DA 104 -9.19 16.15 41.54
C SER DA 104 -9.67 16.26 43.00
N LYS DA 105 -10.46 15.29 43.48
CA LYS DA 105 -10.78 15.20 44.91
C LYS DA 105 -9.63 14.61 45.71
N ASN DA 106 -9.10 13.48 45.24
CA ASN DA 106 -8.10 12.72 46.00
C ASN DA 106 -6.67 13.11 45.62
N ARG DA 107 -6.53 13.88 44.54
CA ARG DA 107 -5.31 14.66 44.29
C ARG DA 107 -5.08 15.54 45.50
N LYS DA 108 -6.16 16.18 45.97
CA LYS DA 108 -6.11 17.07 47.12
C LYS DA 108 -5.72 16.33 48.40
N ALA DA 109 -6.35 15.19 48.62
CA ALA DA 109 -6.08 14.31 49.76
C ALA DA 109 -4.62 13.86 49.89
N ILE DA 110 -3.99 13.57 48.75
CA ILE DA 110 -2.57 13.28 48.70
C ILE DA 110 -1.78 14.50 49.10
N VAL DA 111 -2.02 15.62 48.43
CA VAL DA 111 -1.16 16.80 48.60
C VAL DA 111 -1.03 17.20 50.07
N GLU DA 112 -2.14 17.27 50.82
CA GLU DA 112 -2.07 17.71 52.23
C GLU DA 112 -1.33 16.70 53.13
N ARG DA 113 -1.46 15.41 52.80
CA ARG DA 113 -0.74 14.37 53.52
C ARG DA 113 0.76 14.49 53.31
N ALA DA 114 1.17 14.76 52.08
CA ALA DA 114 2.58 14.95 51.76
C ALA DA 114 3.13 16.16 52.47
N ALA DA 115 2.26 17.15 52.67
CA ALA DA 115 2.59 18.36 53.41
C ALA DA 115 2.80 18.13 54.90
N GLN DA 116 2.07 17.17 55.49
CA GLN DA 116 2.37 16.73 56.86
C GLN DA 116 3.77 16.12 56.92
N LEU DA 117 4.00 15.13 56.06
CA LEU DA 117 5.24 14.34 56.06
C LEU DA 117 6.43 15.08 55.46
N ALA DA 118 6.22 16.30 54.97
CA ALA DA 118 7.26 17.13 54.33
C ALA DA 118 7.88 16.53 53.07
N ILE DA 119 7.10 15.70 52.36
CA ILE DA 119 7.53 15.19 51.07
C ILE DA 119 7.13 16.25 50.05
N ARG DA 120 8.09 16.68 49.23
CA ARG DA 120 7.83 17.70 48.21
C ARG DA 120 7.04 17.09 47.05
N VAL DA 121 6.03 17.80 46.58
CA VAL DA 121 5.20 17.33 45.48
C VAL DA 121 5.59 18.09 44.22
N THR DA 122 5.67 17.38 43.11
CA THR DA 122 6.15 17.95 41.84
C THR DA 122 5.04 18.42 40.89
N ASN DA 123 3.77 18.19 41.23
CA ASN DA 123 2.67 18.79 40.49
C ASN DA 123 1.45 19.09 41.36
N PRO DA 124 1.65 19.85 42.43
CA PRO DA 124 0.56 20.04 43.37
C PRO DA 124 -0.42 21.11 42.90
N ASN DA 125 0.02 22.36 42.81
CA ASN DA 125 -0.79 23.45 42.28
C ASN DA 125 -1.15 23.14 40.83
N ALA DA 126 -2.27 22.43 40.64
CA ALA DA 126 -2.65 21.98 39.29
C ALA DA 126 -4.14 21.74 39.07
N ARG DA 127 -4.70 20.65 39.57
CA ARG DA 127 -6.01 20.18 39.08
C ARG DA 127 -7.14 21.15 39.44
N LEU DA 128 -7.31 21.43 40.73
CA LEU DA 128 -8.18 22.52 41.22
C LEU DA 128 -9.62 22.41 40.69
N SER EA 1 36.88 60.37 33.21
CA SER EA 1 36.13 61.22 32.22
C SER EA 1 36.43 60.90 30.75
N GLY EA 2 37.35 59.96 30.48
CA GLY EA 2 37.58 59.43 29.15
C GLY EA 2 37.54 57.91 29.14
N ARG EA 3 38.34 57.32 28.25
CA ARG EA 3 38.31 55.91 27.93
C ARG EA 3 39.34 55.16 28.75
N LEU EA 4 38.89 54.19 29.55
CA LEU EA 4 39.79 53.35 30.36
C LEU EA 4 39.87 51.92 29.83
N TRP EA 5 39.86 51.79 28.51
CA TRP EA 5 40.02 50.49 27.88
C TRP EA 5 40.65 50.60 26.51
N CYS EA 6 41.58 49.67 26.26
CA CYS EA 6 42.31 49.64 25.02
C CYS EA 6 41.42 48.93 24.01
N LYS EA 7 41.41 49.46 22.80
CA LYS EA 7 40.56 48.97 21.72
C LYS EA 7 41.07 47.65 21.19
N ALA EA 8 40.15 46.80 20.75
CA ALA EA 8 40.53 45.58 20.07
C ALA EA 8 39.40 45.08 19.20
N ILE EA 9 39.77 44.42 18.12
CA ILE EA 9 38.83 43.88 17.17
C ILE EA 9 38.77 42.40 17.37
N PHE EA 10 37.57 41.87 17.25
CA PHE EA 10 37.34 40.45 17.29
C PHE EA 10 37.68 39.88 15.94
N ALA EA 11 38.83 39.21 15.85
CA ALA EA 11 39.31 38.69 14.58
C ALA EA 11 38.40 37.59 14.07
N GLY EA 12 37.96 36.74 15.00
CA GLY EA 12 37.23 35.53 14.68
C GLY EA 12 37.65 34.44 15.63
N TYR EA 13 37.08 33.26 15.48
CA TYR EA 13 37.35 32.19 16.43
C TYR EA 13 38.71 31.56 16.15
N LYS EA 14 39.33 31.01 17.20
CA LYS EA 14 40.40 30.05 17.03
C LYS EA 14 39.84 28.95 16.16
N ARG EA 15 40.58 28.63 15.12
CA ARG EA 15 40.09 27.70 14.12
C ARG EA 15 41.26 27.15 13.38
N GLY EA 16 41.16 25.89 12.99
CA GLY EA 16 41.95 25.38 11.87
C GLY EA 16 41.28 25.91 10.64
N LEU EA 17 41.88 25.67 9.48
CA LEU EA 17 41.26 26.04 8.22
C LEU EA 17 39.77 25.70 8.17
N ARG EA 18 39.46 24.43 8.43
CA ARG EA 18 38.13 23.86 8.18
C ARG EA 18 37.44 23.31 9.44
N ASN EA 19 37.92 23.67 10.63
CA ASN EA 19 37.22 23.38 11.89
C ASN EA 19 37.40 24.55 12.83
N GLN EA 20 36.35 25.37 12.94
CA GLN EA 20 36.43 26.50 13.84
C GLN EA 20 36.04 26.04 15.23
N ARG EA 21 36.84 26.45 16.20
CA ARG EA 21 36.68 26.04 17.59
C ARG EA 21 36.14 27.23 18.35
N GLU EA 22 34.82 27.28 18.42
CA GLU EA 22 34.08 28.51 18.71
C GLU EA 22 34.34 29.05 20.10
N HIS EA 23 34.69 28.16 21.02
CA HIS EA 23 34.96 28.51 22.43
C HIS EA 23 36.19 29.38 22.71
N THR EA 24 36.95 29.76 21.69
CA THR EA 24 38.13 30.60 21.85
C THR EA 24 38.18 31.72 20.81
N ALA EA 25 37.90 32.95 21.24
CA ALA EA 25 38.04 34.11 20.36
C ALA EA 25 39.49 34.43 20.07
N LEU EA 26 39.72 35.08 18.93
CA LEU EA 26 41.02 35.72 18.65
C LEU EA 26 40.85 37.22 18.55
N LEU EA 27 41.80 37.94 19.12
CA LEU EA 27 41.65 39.35 19.40
C LEU EA 27 42.83 40.14 18.89
N LYS EA 28 42.56 41.00 17.91
CA LYS EA 28 43.57 41.89 17.33
C LYS EA 28 43.59 43.18 18.12
N ILE EA 29 44.49 43.25 19.11
CA ILE EA 29 44.50 44.37 20.01
C ILE EA 29 45.17 45.50 19.28
N GLU EA 30 44.56 46.68 19.34
CA GLU EA 30 44.99 47.81 18.52
C GLU EA 30 46.34 48.33 19.00
N GLY EA 31 47.27 48.42 18.06
CA GLY EA 31 48.58 48.97 18.31
C GLY EA 31 49.65 47.97 18.69
N VAL EA 32 49.30 46.68 18.75
CA VAL EA 32 50.25 45.64 19.18
C VAL EA 32 50.32 44.57 18.10
N TYR EA 33 51.53 44.30 17.61
CA TYR EA 33 51.73 43.39 16.48
C TYR EA 33 53.00 42.53 16.60
N ALA EA 34 53.29 42.05 17.80
CA ALA EA 34 54.45 41.21 18.04
C ALA EA 34 54.25 40.34 19.28
N ARG EA 35 54.54 39.04 19.19
CA ARG EA 35 54.38 38.12 20.34
C ARG EA 35 55.45 38.45 21.38
N ASP EA 36 55.31 39.67 21.90
CA ASP EA 36 56.42 40.46 22.46
C ASP EA 36 55.81 41.69 23.12
N GLU EA 37 55.02 42.40 22.32
CA GLU EA 37 54.26 43.56 22.76
C GLU EA 37 53.04 43.17 23.61
N THR EA 38 52.85 41.87 23.86
CA THR EA 38 51.56 41.32 24.26
C THR EA 38 51.57 40.64 25.63
N GLU EA 39 52.67 40.78 26.38
CA GLU EA 39 52.73 40.27 27.77
C GLU EA 39 52.04 41.24 28.71
N PHE EA 40 51.84 42.48 28.25
CA PHE EA 40 50.96 43.42 28.94
C PHE EA 40 49.57 42.84 29.08
N TYR EA 41 49.03 42.37 27.97
CA TYR EA 41 47.62 42.07 27.89
C TYR EA 41 47.20 40.70 28.39
N LEU EA 42 48.16 39.85 28.74
CA LEU EA 42 47.81 38.53 29.25
C LEU EA 42 47.10 38.56 30.60
N GLY EA 43 45.87 38.04 30.59
CA GLY EA 43 45.05 37.93 31.77
C GLY EA 43 44.24 39.18 32.08
N LYS EA 44 43.95 39.98 31.07
CA LYS EA 44 43.16 41.18 31.26
C LYS EA 44 41.70 40.88 30.97
N ARG EA 45 40.81 41.63 31.62
CA ARG EA 45 39.37 41.42 31.52
C ARG EA 45 38.99 42.05 30.21
N CYS EA 46 38.02 41.45 29.52
CA CYS EA 46 37.58 42.01 28.23
C CYS EA 46 36.10 41.81 27.96
N ALA EA 47 35.51 42.82 27.34
CA ALA EA 47 34.07 42.93 27.20
C ALA EA 47 33.66 43.05 25.75
N TYR EA 48 32.81 42.12 25.32
CA TYR EA 48 31.99 42.31 24.13
C TYR EA 48 30.75 43.04 24.63
N VAL EA 49 30.57 44.27 24.16
CA VAL EA 49 29.58 45.17 24.73
C VAL EA 49 28.62 45.63 23.67
N TYR EA 50 27.36 45.27 23.83
CA TYR EA 50 26.39 45.32 22.76
C TYR EA 50 25.04 45.59 23.36
N LYS EA 51 24.15 46.17 22.56
CA LYS EA 51 22.83 46.52 23.05
C LYS EA 51 21.74 45.82 22.28
N ALA EA 52 20.62 45.65 22.96
CA ALA EA 52 19.54 44.80 22.48
C ALA EA 52 18.17 45.34 22.87
N LYS EA 53 17.18 44.90 22.12
CA LYS EA 53 15.83 45.43 22.21
C LYS EA 53 15.34 45.59 23.66
N ASN EA 54 15.17 44.47 24.37
CA ASN EA 54 14.57 44.51 25.69
C ASN EA 54 15.55 45.09 26.70
N ASN EA 55 14.99 45.66 27.76
CA ASN EA 55 15.80 46.26 28.82
C ASN EA 55 16.39 45.19 29.74
N THR EA 56 17.44 45.59 30.44
CA THR EA 56 18.16 44.70 31.34
C THR EA 56 18.30 45.39 32.66
N VAL EA 57 19.03 44.77 33.59
CA VAL EA 57 19.47 45.47 34.79
C VAL EA 57 20.81 46.13 34.48
N THR EA 58 21.43 46.72 35.48
CA THR EA 58 22.76 47.30 35.34
C THR EA 58 23.37 47.50 36.72
N PRO EA 59 24.53 46.86 37.01
CA PRO EA 59 25.22 47.07 38.27
C PRO EA 59 25.45 48.55 38.58
N GLY EA 60 24.96 48.99 39.74
CA GLY EA 60 25.05 50.37 40.15
C GLY EA 60 24.48 51.33 39.12
N GLY EA 61 23.27 51.01 38.65
CA GLY EA 61 22.63 51.81 37.61
C GLY EA 61 21.21 51.40 37.35
N LYS EA 62 20.46 52.30 36.71
CA LYS EA 62 19.10 51.98 36.30
C LYS EA 62 19.14 51.06 35.08
N PRO EA 63 18.07 50.27 34.86
CA PRO EA 63 17.87 49.41 33.71
C PRO EA 63 18.18 50.00 32.33
N ASN EA 64 18.95 49.24 31.54
CA ASN EA 64 19.55 49.68 30.29
C ASN EA 64 19.20 48.75 29.14
N LYS EA 65 19.59 49.14 27.93
CA LYS EA 65 19.51 48.27 26.75
C LYS EA 65 20.84 47.62 26.38
N THR EA 66 21.95 48.09 26.95
CA THR EA 66 23.26 47.48 26.71
C THR EA 66 23.50 46.24 27.59
N ARG EA 67 24.19 45.27 27.00
CA ARG EA 67 24.52 43.98 27.61
C ARG EA 67 25.97 43.68 27.34
N VAL EA 68 26.62 42.89 28.19
CA VAL EA 68 27.96 42.42 27.84
C VAL EA 68 28.25 40.97 28.16
N ILE EA 69 29.21 40.45 27.41
CA ILE EA 69 29.73 39.11 27.58
C ILE EA 69 31.15 39.33 28.03
N TRP EA 70 31.45 38.90 29.25
CA TRP EA 70 32.79 39.09 29.80
C TRP EA 70 33.71 37.97 29.40
N GLY EA 71 34.98 38.30 29.30
CA GLY EA 71 36.01 37.32 29.01
C GLY EA 71 37.37 37.77 29.47
N LYS EA 72 38.37 37.04 29.01
CA LYS EA 72 39.70 37.14 29.54
C LYS EA 72 40.71 36.75 28.46
N VAL EA 73 41.65 37.65 28.18
CA VAL EA 73 42.76 37.35 27.29
C VAL EA 73 43.67 36.35 27.97
N THR EA 74 43.88 35.21 27.31
CA THR EA 74 44.61 34.10 27.92
C THR EA 74 46.06 34.07 27.50
N ARG EA 75 46.29 34.08 26.20
CA ARG EA 75 47.64 33.92 25.66
C ARG EA 75 47.80 34.51 24.28
N ALA EA 76 49.05 34.66 23.89
CA ALA EA 76 49.38 35.32 22.64
C ALA EA 76 49.28 34.35 21.50
N HIS EA 77 48.65 34.79 20.41
CA HIS EA 77 48.34 33.94 19.27
C HIS EA 77 49.15 34.35 18.06
N GLY EA 78 50.25 33.65 17.82
CA GLY EA 78 51.01 33.81 16.59
C GLY EA 78 51.71 35.12 16.34
N ASN EA 79 53.01 35.15 16.57
CA ASN EA 79 53.95 36.17 16.09
C ASN EA 79 53.50 37.62 15.98
N SER EA 80 52.53 37.88 15.10
CA SER EA 80 52.08 39.24 14.81
C SER EA 80 51.07 39.81 15.82
N GLY EA 81 51.23 39.48 17.10
CA GLY EA 81 50.51 40.20 18.16
C GLY EA 81 49.00 40.13 18.16
N MET EA 82 48.47 39.05 17.59
CA MET EA 82 47.10 38.67 17.83
C MET EA 82 47.11 38.06 19.23
N VAL EA 83 45.95 37.95 19.85
CA VAL EA 83 45.87 37.39 21.19
C VAL EA 83 44.65 36.50 21.28
N ARG EA 84 44.74 35.42 22.05
CA ARG EA 84 43.60 34.56 22.33
C ARG EA 84 42.82 35.09 23.50
N ALA EA 85 41.51 35.02 23.40
CA ALA EA 85 40.62 35.29 24.49
C ALA EA 85 39.75 34.08 24.75
N LYS EA 86 39.03 34.13 25.87
CA LYS EA 86 38.05 33.12 26.19
C LYS EA 86 36.98 33.79 27.01
N PHE EA 87 35.74 33.64 26.59
CA PHE EA 87 34.63 34.42 27.13
C PHE EA 87 33.64 33.55 27.88
N ARG EA 88 32.97 34.16 28.86
CA ARG EA 88 32.11 33.43 29.77
C ARG EA 88 30.94 32.75 29.05
N SER EA 89 30.57 33.30 27.91
CA SER EA 89 29.88 32.57 26.85
C SER EA 89 30.71 32.76 25.59
N ASN EA 90 30.49 31.94 24.57
CA ASN EA 90 31.18 32.14 23.27
C ASN EA 90 30.65 33.40 22.60
N LEU EA 91 31.49 34.06 21.81
CA LEU EA 91 31.06 35.28 21.14
C LEU EA 91 30.13 34.93 19.96
N PRO EA 92 29.17 35.83 19.64
CA PRO EA 92 28.08 35.61 18.69
C PRO EA 92 28.33 35.30 17.22
N ALA EA 93 29.44 35.76 16.65
CA ALA EA 93 29.73 35.73 15.19
C ALA EA 93 29.14 36.94 14.46
N LYS EA 94 27.92 37.32 14.83
CA LYS EA 94 27.45 38.69 14.61
C LYS EA 94 28.58 39.67 14.96
N ALA EA 95 29.31 39.34 16.02
CA ALA EA 95 30.41 40.14 16.55
C ALA EA 95 31.65 40.31 15.67
N ILE EA 96 31.80 39.53 14.61
CA ILE EA 96 33.06 39.54 13.87
C ILE EA 96 33.32 40.92 13.28
N GLY EA 97 34.56 41.37 13.42
CA GLY EA 97 34.99 42.66 12.92
C GLY EA 97 34.42 43.84 13.68
N HIS EA 98 34.04 43.61 14.95
CA HIS EA 98 33.54 44.68 15.82
C HIS EA 98 34.43 44.86 17.03
N ARG EA 99 34.17 45.94 17.75
CA ARG EA 99 34.91 46.29 18.96
C ARG EA 99 34.69 45.25 20.05
N ILE EA 100 35.77 44.88 20.73
CA ILE EA 100 35.67 44.39 22.12
C ILE EA 100 36.75 45.12 22.94
N ARG EA 101 36.39 45.45 24.16
CA ARG EA 101 37.16 46.35 24.99
C ARG EA 101 38.07 45.49 25.81
N VAL EA 102 39.38 45.72 25.72
CA VAL EA 102 40.32 45.02 26.61
C VAL EA 102 40.64 46.03 27.71
N MET EA 103 40.32 45.66 28.94
CA MET EA 103 40.38 46.58 30.07
C MET EA 103 41.83 46.65 30.50
N LEU EA 104 42.11 47.35 31.60
CA LEU EA 104 43.44 47.34 32.20
C LEU EA 104 43.48 46.52 33.49
N TYR EA 105 42.32 46.06 33.95
CA TYR EA 105 42.12 45.98 35.40
C TYR EA 105 42.27 44.67 36.16
N PRO EA 106 42.94 43.69 35.58
CA PRO EA 106 43.60 42.69 36.44
C PRO EA 106 45.11 42.96 36.52
N SER EA 107 45.46 44.24 36.71
CA SER EA 107 46.80 44.74 36.43
C SER EA 107 47.90 44.06 37.23
N ARG EA 108 49.07 43.97 36.61
CA ARG EA 108 50.28 43.49 37.23
C ARG EA 108 51.36 44.59 37.18
N ILE EA 109 50.91 45.83 37.05
CA ILE EA 109 51.76 46.96 36.69
C ILE EA 109 51.97 47.84 37.94
N VAL FA 1 -44.40 14.67 -53.61
CA VAL FA 1 -45.08 13.37 -53.89
C VAL FA 1 -45.28 12.55 -52.62
N GLN FA 2 -46.46 11.94 -52.50
CA GLN FA 2 -46.78 11.05 -51.40
C GLN FA 2 -45.93 9.79 -51.51
N ARG FA 3 -44.91 9.70 -50.66
CA ARG FA 3 -44.20 8.43 -50.44
C ARG FA 3 -45.04 7.63 -49.48
N LEU FA 4 -44.70 6.36 -49.28
CA LEU FA 4 -45.51 5.47 -48.45
C LEU FA 4 -44.72 4.37 -47.78
N THR FA 5 -45.38 3.70 -46.84
CA THR FA 5 -44.76 2.67 -46.03
C THR FA 5 -45.51 1.38 -46.21
N TYR FA 6 -44.83 0.28 -45.91
CA TYR FA 6 -45.48 -1.00 -45.75
C TYR FA 6 -46.45 -0.95 -44.58
N ARG FA 7 -47.46 -1.80 -44.66
CA ARG FA 7 -48.56 -1.82 -43.70
C ARG FA 7 -48.44 -2.93 -42.67
N ARG FA 8 -47.44 -3.78 -42.83
CA ARG FA 8 -47.22 -4.93 -41.98
C ARG FA 8 -45.80 -4.83 -41.44
N ARG FA 9 -45.50 -5.58 -40.38
CA ARG FA 9 -44.14 -5.59 -39.80
C ARG FA 9 -43.09 -6.30 -40.68
N LEU FA 10 -43.47 -6.83 -41.85
CA LEU FA 10 -42.48 -7.41 -42.76
C LEU FA 10 -41.88 -6.27 -43.57
N SER FA 11 -40.61 -6.00 -43.29
CA SER FA 11 -39.91 -4.90 -43.88
C SER FA 11 -39.36 -5.25 -45.25
N TYR FA 12 -38.91 -6.49 -45.38
CA TYR FA 12 -38.16 -6.96 -46.55
C TYR FA 12 -39.09 -7.20 -47.72
N ASN FA 13 -38.62 -6.87 -48.92
CA ASN FA 13 -39.38 -7.07 -50.14
C ASN FA 13 -39.18 -8.51 -50.65
N THR FA 14 -40.20 -9.33 -50.50
CA THR FA 14 -40.06 -10.77 -50.62
C THR FA 14 -41.19 -11.29 -51.47
N ALA FA 15 -41.23 -12.61 -51.67
CA ALA FA 15 -42.37 -13.27 -52.34
C ALA FA 15 -43.68 -13.06 -51.56
N SER FA 16 -43.54 -13.05 -50.25
CA SER FA 16 -44.67 -12.86 -49.37
C SER FA 16 -45.16 -11.40 -49.29
N ASN FA 17 -44.27 -10.43 -49.47
CA ASN FA 17 -44.57 -9.03 -49.15
C ASN FA 17 -44.86 -8.14 -50.36
N LYS FA 18 -45.50 -8.71 -51.39
CA LYS FA 18 -45.75 -7.98 -52.62
C LYS FA 18 -47.01 -7.15 -52.54
N THR FA 19 -47.00 -6.03 -53.25
CA THR FA 19 -47.92 -4.93 -53.02
C THR FA 19 -48.54 -4.43 -54.29
N ARG FA 20 -49.39 -3.43 -54.15
CA ARG FA 20 -49.74 -2.54 -55.23
C ARG FA 20 -50.27 -1.21 -54.70
N LEU FA 21 -50.15 -0.16 -55.52
CA LEU FA 21 -50.65 1.15 -55.14
C LEU FA 21 -52.14 1.22 -55.40
N SER FA 22 -52.87 1.86 -54.48
CA SER FA 22 -54.29 2.12 -54.66
C SER FA 22 -54.69 3.47 -54.10
N ARG FA 23 -55.51 4.22 -54.84
CA ARG FA 23 -56.09 5.45 -54.32
C ARG FA 23 -57.37 5.10 -53.62
N THR FA 24 -57.50 5.55 -52.39
CA THR FA 24 -58.70 5.29 -51.60
C THR FA 24 -59.73 6.37 -51.89
N PRO FA 25 -60.94 6.22 -51.33
CA PRO FA 25 -61.88 7.32 -51.26
C PRO FA 25 -61.43 8.49 -50.40
N GLY FA 26 -60.57 8.23 -49.42
CA GLY FA 26 -59.96 9.31 -48.66
C GLY FA 26 -58.93 10.14 -49.41
N ASN FA 27 -58.58 9.72 -50.63
CA ASN FA 27 -57.66 10.44 -51.49
C ASN FA 27 -56.27 10.40 -50.85
N ARG FA 28 -55.81 9.18 -50.58
CA ARG FA 28 -54.43 8.93 -50.18
C ARG FA 28 -53.98 7.63 -50.81
N ILE FA 29 -52.83 7.65 -51.46
CA ILE FA 29 -52.28 6.45 -52.05
C ILE FA 29 -51.84 5.57 -50.90
N VAL FA 30 -52.26 4.31 -50.97
CA VAL FA 30 -52.04 3.36 -49.91
C VAL FA 30 -51.61 2.04 -50.55
N TYR FA 31 -50.72 1.33 -49.87
CA TYR FA 31 -50.37 0.00 -50.31
C TYR FA 31 -51.50 -0.95 -49.97
N LEU FA 32 -51.86 -1.78 -50.96
CA LEU FA 32 -52.61 -2.99 -50.73
C LEU FA 32 -51.68 -4.14 -51.01
N TYR FA 33 -51.69 -5.14 -50.14
CA TYR FA 33 -50.91 -6.34 -50.38
C TYR FA 33 -51.62 -7.28 -51.32
N THR FA 34 -50.85 -7.86 -52.23
CA THR FA 34 -51.37 -8.60 -53.38
C THR FA 34 -51.26 -10.11 -53.22
N LYS FA 35 -52.23 -10.82 -53.79
CA LYS FA 35 -52.31 -12.27 -53.73
C LYS FA 35 -51.43 -12.86 -54.83
N LYS FA 36 -50.75 -13.97 -54.54
CA LYS FA 36 -49.85 -14.61 -55.52
C LYS FA 36 -50.60 -15.08 -56.77
N VAL FA 37 -49.87 -15.19 -57.87
CA VAL FA 37 -50.46 -15.53 -59.17
C VAL FA 37 -50.61 -17.05 -59.29
N GLY FA 38 -51.85 -17.49 -59.41
CA GLY FA 38 -52.16 -18.90 -59.59
C GLY FA 38 -51.88 -19.37 -60.99
N LYS FA 39 -51.59 -20.66 -61.13
CA LYS FA 39 -51.32 -21.28 -62.41
C LYS FA 39 -52.41 -22.28 -62.76
N ALA FA 40 -52.71 -22.37 -64.05
CA ALA FA 40 -53.57 -23.41 -64.56
C ALA FA 40 -52.79 -24.72 -64.47
N PRO FA 41 -53.50 -25.85 -64.33
CA PRO FA 41 -52.79 -27.11 -64.22
C PRO FA 41 -52.20 -27.52 -65.56
N LYS FA 42 -51.03 -28.11 -65.54
CA LYS FA 42 -50.41 -28.64 -66.76
C LYS FA 42 -50.97 -30.06 -67.00
N SER FA 43 -50.79 -30.58 -68.21
CA SER FA 43 -51.39 -31.88 -68.60
C SER FA 43 -50.76 -33.10 -67.96
N ALA FA 44 -51.60 -34.14 -67.79
CA ALA FA 44 -51.15 -35.45 -67.32
C ALA FA 44 -50.32 -36.20 -68.36
N CYS FA 45 -50.46 -35.82 -69.62
CA CYS FA 45 -49.60 -36.36 -70.69
C CYS FA 45 -48.12 -36.11 -70.38
N GLY FA 46 -47.79 -34.85 -70.10
CA GLY FA 46 -46.43 -34.45 -69.75
C GLY FA 46 -45.50 -34.05 -70.89
N VAL FA 47 -45.99 -34.13 -72.12
CA VAL FA 47 -45.24 -33.63 -73.28
C VAL FA 47 -45.77 -32.26 -73.70
N CYS FA 48 -47.09 -32.08 -73.73
CA CYS FA 48 -47.69 -30.80 -74.10
C CYS FA 48 -47.31 -29.74 -73.07
N PRO FA 49 -46.46 -28.76 -73.47
CA PRO FA 49 -45.96 -27.78 -72.52
C PRO FA 49 -47.03 -26.78 -72.07
N GLY FA 50 -48.03 -26.53 -72.92
CA GLY FA 50 -49.08 -25.57 -72.64
C GLY FA 50 -50.04 -26.03 -71.56
N ARG FA 51 -50.43 -25.09 -70.70
CA ARG FA 51 -51.32 -25.38 -69.57
C ARG FA 51 -52.76 -25.51 -70.04
N LEU FA 52 -53.60 -26.07 -69.19
CA LEU FA 52 -54.96 -26.47 -69.56
C LEU FA 52 -55.96 -25.30 -69.68
N ARG FA 53 -56.93 -25.47 -70.58
CA ARG FA 53 -58.00 -24.51 -70.79
C ARG FA 53 -59.18 -24.77 -69.86
N GLY FA 54 -60.04 -23.77 -69.74
CA GLY FA 54 -61.30 -23.88 -69.02
C GLY FA 54 -61.17 -24.21 -67.54
N VAL FA 55 -60.05 -23.79 -66.94
CA VAL FA 55 -59.81 -23.98 -65.51
C VAL FA 55 -59.36 -22.65 -64.94
N ARG FA 56 -59.91 -22.27 -63.79
CA ARG FA 56 -59.53 -21.02 -63.13
C ARG FA 56 -58.17 -21.21 -62.48
N ALA FA 57 -57.15 -20.67 -63.14
CA ALA FA 57 -55.80 -20.62 -62.62
C ALA FA 57 -55.77 -19.75 -61.36
N VAL FA 58 -55.74 -20.42 -60.21
CA VAL FA 58 -55.83 -19.77 -58.91
C VAL FA 58 -55.02 -20.58 -57.90
N ARG FA 59 -54.61 -19.92 -56.82
CA ARG FA 59 -53.74 -20.53 -55.81
C ARG FA 59 -54.41 -21.75 -55.18
N PRO FA 60 -53.72 -22.92 -55.13
CA PRO FA 60 -54.41 -24.21 -55.04
C PRO FA 60 -55.34 -24.38 -53.85
N LYS FA 61 -55.04 -23.71 -52.75
CA LYS FA 61 -55.85 -23.80 -51.54
C LYS FA 61 -57.19 -23.06 -51.70
N VAL FA 62 -57.31 -22.21 -52.71
CA VAL FA 62 -58.59 -21.66 -53.12
C VAL FA 62 -59.52 -22.73 -53.70
N LEU FA 63 -59.03 -23.59 -54.58
CA LEU FA 63 -59.88 -24.57 -55.28
C LEU FA 63 -61.02 -25.12 -54.42
N MET FA 64 -60.68 -25.50 -53.19
CA MET FA 64 -61.62 -25.62 -52.08
C MET FA 64 -62.93 -24.84 -52.27
N ARG FA 65 -62.81 -23.50 -52.37
CA ARG FA 65 -63.97 -22.60 -52.50
C ARG FA 65 -64.71 -22.83 -53.79
N LEU FA 66 -63.96 -22.83 -54.88
CA LEU FA 66 -64.53 -22.91 -56.24
C LEU FA 66 -65.54 -24.01 -56.50
N SER FA 67 -66.45 -23.71 -57.42
CA SER FA 67 -67.39 -24.71 -57.93
C SER FA 67 -66.69 -25.71 -58.85
N LYS FA 68 -67.27 -26.90 -58.93
CA LYS FA 68 -66.73 -28.00 -59.70
C LYS FA 68 -66.49 -27.61 -61.15
N THR FA 69 -67.41 -26.85 -61.73
CA THR FA 69 -67.34 -26.49 -63.14
C THR FA 69 -66.12 -25.65 -63.47
N LYS FA 70 -65.77 -24.71 -62.59
CA LYS FA 70 -64.54 -23.92 -62.74
C LYS FA 70 -63.29 -24.80 -62.75
N LYS FA 71 -63.27 -25.78 -61.86
CA LYS FA 71 -62.11 -26.62 -61.67
C LYS FA 71 -61.83 -27.66 -62.74
N HIS FA 72 -62.74 -27.87 -63.70
CA HIS FA 72 -62.52 -28.94 -64.69
C HIS FA 72 -63.14 -28.62 -66.06
N VAL FA 73 -63.37 -29.64 -66.87
CA VAL FA 73 -64.08 -29.48 -68.14
C VAL FA 73 -64.81 -30.76 -68.48
N SER FA 74 -65.94 -30.60 -69.18
CA SER FA 74 -66.78 -31.73 -69.56
C SER FA 74 -66.15 -32.53 -70.70
N ARG FA 75 -65.33 -33.49 -70.30
CA ARG FA 75 -64.75 -34.48 -71.19
C ARG FA 75 -64.23 -35.64 -70.35
N ALA FA 76 -63.92 -36.76 -70.98
CA ALA FA 76 -63.18 -37.81 -70.30
C ALA FA 76 -61.77 -37.27 -70.12
N TYR FA 77 -61.20 -37.46 -68.93
CA TYR FA 77 -59.93 -36.83 -68.53
C TYR FA 77 -60.03 -35.29 -68.50
N GLY FA 78 -61.13 -34.80 -67.93
CA GLY FA 78 -61.46 -33.37 -67.95
C GLY FA 78 -60.76 -32.50 -66.93
N GLY FA 79 -59.91 -31.61 -67.41
CA GLY FA 79 -59.16 -30.72 -66.53
C GLY FA 79 -57.98 -31.41 -65.87
N SER FA 80 -57.71 -32.65 -66.28
CA SER FA 80 -56.52 -33.37 -65.90
C SER FA 80 -55.55 -33.43 -67.08
N MET FA 81 -56.10 -33.51 -68.30
CA MET FA 81 -55.34 -33.85 -69.49
C MET FA 81 -55.87 -33.06 -70.68
N CYS FA 82 -54.98 -32.58 -71.55
CA CYS FA 82 -55.38 -31.82 -72.74
C CYS FA 82 -56.11 -32.72 -73.73
N ALA FA 83 -57.03 -32.14 -74.49
CA ALA FA 83 -57.80 -32.89 -75.47
C ALA FA 83 -56.91 -33.68 -76.43
N LYS FA 84 -56.03 -33.01 -77.16
CA LYS FA 84 -55.14 -33.68 -78.12
C LYS FA 84 -54.63 -35.03 -77.60
N CYS FA 85 -54.13 -35.03 -76.37
CA CYS FA 85 -53.58 -36.25 -75.76
C CYS FA 85 -54.63 -37.29 -75.38
N VAL FA 86 -55.88 -36.86 -75.19
CA VAL FA 86 -57.00 -37.78 -75.06
C VAL FA 86 -57.35 -38.44 -76.38
N ARG FA 87 -57.56 -37.65 -77.43
CA ARG FA 87 -57.97 -38.21 -78.73
C ARG FA 87 -56.85 -38.98 -79.44
N ASP FA 88 -55.61 -38.81 -78.97
CA ASP FA 88 -54.53 -39.70 -79.36
C ASP FA 88 -54.50 -40.95 -78.49
N ARG FA 89 -54.62 -40.78 -77.17
CA ARG FA 89 -54.83 -41.93 -76.26
C ARG FA 89 -55.96 -42.82 -76.74
N ILE FA 90 -57.11 -42.21 -77.05
CA ILE FA 90 -58.26 -42.97 -77.52
C ILE FA 90 -57.92 -43.83 -78.71
N LYS FA 91 -57.51 -43.19 -79.80
CA LYS FA 91 -57.31 -43.96 -81.02
C LYS FA 91 -56.10 -44.88 -80.91
N ARG FA 92 -55.05 -44.45 -80.20
CA ARG FA 92 -53.95 -45.35 -79.84
C ARG FA 92 -54.52 -46.60 -79.14
N ALA FA 93 -55.16 -46.42 -77.99
CA ALA FA 93 -55.70 -47.53 -77.20
C ALA FA 93 -56.62 -48.45 -78.00
N PHE FA 94 -57.34 -47.87 -78.96
CA PHE FA 94 -58.14 -48.65 -79.88
C PHE FA 94 -57.30 -49.42 -80.90
N LEU FA 95 -56.43 -48.71 -81.62
CA LEU FA 95 -55.64 -49.31 -82.69
C LEU FA 95 -54.72 -50.41 -82.18
N ILE FA 96 -54.16 -50.20 -80.99
CA ILE FA 96 -53.34 -51.20 -80.30
C ILE FA 96 -54.15 -52.49 -80.09
N GLU FA 97 -55.32 -52.34 -79.49
CA GLU FA 97 -56.21 -53.48 -79.24
C GLU FA 97 -56.68 -54.20 -80.50
N GLU FA 98 -56.78 -53.49 -81.62
CA GLU FA 98 -57.10 -54.14 -82.91
C GLU FA 98 -55.95 -55.01 -83.40
N GLN FA 99 -54.71 -54.57 -83.18
CA GLN FA 99 -53.53 -55.35 -83.58
C GLN FA 99 -53.32 -56.55 -82.66
N LYS FA 100 -53.51 -56.35 -81.36
CA LYS FA 100 -53.50 -57.47 -80.39
C LYS FA 100 -54.48 -58.58 -80.80
N ILE FA 101 -55.64 -58.17 -81.30
CA ILE FA 101 -56.62 -59.10 -81.85
C ILE FA 101 -56.10 -59.77 -83.12
N VAL FA 102 -55.47 -59.00 -84.01
CA VAL FA 102 -54.87 -59.56 -85.24
C VAL FA 102 -53.77 -60.58 -84.94
N VAL FA 103 -52.91 -60.29 -83.96
CA VAL FA 103 -51.87 -61.24 -83.54
C VAL FA 103 -52.50 -62.49 -82.89
N LYS FA 104 -53.57 -62.31 -82.12
CA LYS FA 104 -54.34 -63.42 -81.55
C LYS FA 104 -54.89 -64.32 -82.66
N VAL FA 105 -55.39 -63.71 -83.73
CA VAL FA 105 -55.92 -64.43 -84.89
C VAL FA 105 -54.81 -65.18 -85.63
N LEU FA 106 -53.67 -64.53 -85.84
CA LEU FA 106 -52.50 -65.19 -86.46
C LEU FA 106 -51.92 -66.30 -85.60
N LYS FA 107 -52.03 -66.17 -84.27
CA LYS FA 107 -51.61 -67.23 -83.35
C LYS FA 107 -52.54 -68.43 -83.47
N ALA FA 108 -53.86 -68.18 -83.42
CA ALA FA 108 -54.88 -69.23 -83.52
C ALA FA 108 -54.85 -70.00 -84.84
N GLN FA 109 -54.57 -69.31 -85.95
CA GLN FA 109 -54.37 -69.95 -87.26
C GLN FA 109 -53.14 -70.85 -87.28
N ALA FA 110 -52.06 -70.39 -86.65
CA ALA FA 110 -50.82 -71.17 -86.53
C ALA FA 110 -50.98 -72.43 -85.67
N GLN FA 111 -51.84 -72.37 -84.64
CA GLN FA 111 -52.15 -73.55 -83.81
C GLN FA 111 -52.95 -74.57 -84.63
N SER FA 112 -53.96 -74.08 -85.35
CA SER FA 112 -54.79 -74.92 -86.22
C SER FA 112 -54.00 -75.52 -87.39
N GLN FA 113 -53.02 -74.79 -87.90
CA GLN FA 113 -52.12 -75.28 -88.95
C GLN FA 113 -51.23 -76.42 -88.43
N LYS FA 114 -50.62 -76.20 -87.27
CA LYS FA 114 -49.71 -77.17 -86.65
C LYS FA 114 -50.51 -78.19 -85.85
N ALA GA 1 -69.65 -9.32 13.87
CA ALA GA 1 -68.79 -9.20 12.67
C ALA GA 1 -67.85 -10.39 12.47
N LYS GA 2 -67.26 -10.88 13.56
CA LYS GA 2 -66.19 -11.91 13.49
C LYS GA 2 -66.69 -13.29 13.10
N ILE GA 3 -66.07 -13.85 12.06
CA ILE GA 3 -66.26 -15.25 11.66
C ILE GA 3 -65.16 -16.08 12.31
N LYS GA 4 -65.57 -17.01 13.16
CA LYS GA 4 -64.67 -17.88 13.91
C LYS GA 4 -64.71 -19.26 13.29
N ALA GA 5 -63.68 -20.06 13.58
CA ALA GA 5 -63.70 -21.47 13.22
C ALA GA 5 -64.71 -22.19 14.10
N ARG GA 6 -64.55 -22.00 15.41
CA ARG GA 6 -65.53 -22.40 16.43
C ARG GA 6 -66.87 -22.89 15.91
N ASP GA 7 -67.65 -21.96 15.35
CA ASP GA 7 -69.04 -22.22 15.00
C ASP GA 7 -69.19 -22.99 13.69
N LEU GA 8 -68.36 -22.63 12.70
CA LEU GA 8 -68.43 -23.20 11.36
C LEU GA 8 -68.34 -24.72 11.35
N ARG GA 9 -67.56 -25.28 12.25
CA ARG GA 9 -67.38 -26.73 12.38
C ARG GA 9 -68.69 -27.53 12.27
N GLY GA 10 -69.68 -27.13 13.03
CA GLY GA 10 -70.97 -27.82 13.07
C GLY GA 10 -71.87 -27.59 11.87
N LYS GA 11 -71.71 -26.45 11.19
CA LYS GA 11 -72.64 -26.02 10.14
C LYS GA 11 -72.71 -26.96 8.95
N LYS GA 12 -73.84 -26.89 8.25
CA LYS GA 12 -74.13 -27.75 7.11
C LYS GA 12 -73.31 -27.30 5.91
N LYS GA 13 -73.12 -28.21 4.96
CA LYS GA 13 -72.20 -27.97 3.84
C LYS GA 13 -72.68 -26.84 2.93
N GLU GA 14 -73.95 -26.90 2.52
CA GLU GA 14 -74.56 -25.82 1.73
C GLU GA 14 -74.51 -24.46 2.44
N GLU GA 15 -74.66 -24.47 3.76
CA GLU GA 15 -74.62 -23.24 4.56
C GLU GA 15 -73.22 -22.62 4.54
N LEU GA 16 -72.19 -23.47 4.60
CA LEU GA 16 -70.80 -22.98 4.51
C LEU GA 16 -70.48 -22.32 3.18
N LEU GA 17 -71.02 -22.86 2.09
CA LEU GA 17 -70.78 -22.31 0.77
C LEU GA 17 -71.38 -20.93 0.59
N LYS GA 18 -72.65 -20.78 0.96
CA LYS GA 18 -73.33 -19.48 0.90
C LYS GA 18 -72.51 -18.42 1.64
N GLN GA 19 -72.00 -18.78 2.81
CA GLN GA 19 -71.18 -17.87 3.60
C GLN GA 19 -69.91 -17.45 2.86
N LEU GA 20 -69.24 -18.41 2.22
CA LEU GA 20 -68.04 -18.12 1.44
C LEU GA 20 -68.36 -17.18 0.29
N ASP GA 21 -69.39 -17.53 -0.47
CA ASP GA 21 -69.89 -16.68 -1.56
C ASP GA 21 -70.15 -15.25 -1.09
N ASP GA 22 -70.83 -15.12 0.05
CA ASP GA 22 -71.21 -13.80 0.56
C ASP GA 22 -69.98 -12.99 0.98
N LEU GA 23 -68.94 -13.67 1.46
CA LEU GA 23 -67.65 -13.02 1.70
C LEU GA 23 -66.93 -12.68 0.39
N LYS GA 24 -66.96 -13.58 -0.58
CA LYS GA 24 -66.35 -13.33 -1.88
C LYS GA 24 -66.95 -12.10 -2.56
N VAL GA 25 -68.26 -11.93 -2.40
CA VAL GA 25 -68.97 -10.72 -2.84
C VAL GA 25 -68.46 -9.48 -2.10
N GLU GA 26 -68.43 -9.56 -0.77
CA GLU GA 26 -67.96 -8.47 0.07
C GLU GA 26 -66.52 -8.09 -0.22
N LEU GA 27 -65.68 -9.07 -0.55
CA LEU GA 27 -64.29 -8.79 -0.95
C LEU GA 27 -64.23 -8.01 -2.26
N SER GA 28 -65.08 -8.39 -3.20
CA SER GA 28 -65.13 -7.73 -4.49
C SER GA 28 -65.35 -6.23 -4.33
N GLN GA 29 -66.41 -5.88 -3.61
CA GLN GA 29 -66.80 -4.47 -3.41
C GLN GA 29 -65.72 -3.61 -2.76
N LEU GA 30 -64.92 -4.21 -1.88
CA LEU GA 30 -63.84 -3.49 -1.22
C LEU GA 30 -62.71 -3.26 -2.20
N ARG GA 31 -62.44 -4.29 -3.01
CA ARG GA 31 -61.44 -4.18 -4.06
C ARG GA 31 -61.83 -3.10 -5.06
N VAL GA 32 -63.11 -3.05 -5.39
CA VAL GA 32 -63.66 -1.96 -6.21
C VAL GA 32 -63.43 -0.62 -5.52
N ALA GA 33 -63.78 -0.57 -4.24
CA ALA GA 33 -63.63 0.64 -3.43
C ALA GA 33 -62.18 1.07 -3.24
N LYS GA 34 -61.23 0.14 -3.21
CA LYS GA 34 -59.82 0.51 -3.11
C LYS GA 34 -59.35 1.29 -4.34
N VAL GA 35 -59.91 0.97 -5.50
CA VAL GA 35 -59.57 1.66 -6.74
C VAL GA 35 -60.09 3.09 -6.70
N THR GA 36 -61.36 3.23 -6.30
CA THR GA 36 -62.06 4.52 -6.27
C THR GA 36 -61.89 5.28 -4.94
N GLY GA 37 -60.70 5.25 -4.36
CA GLY GA 37 -60.46 5.81 -3.03
C GLY GA 37 -61.11 4.99 -1.93
N GLY GA 38 -62.43 5.04 -1.87
CA GLY GA 38 -63.21 4.31 -0.89
C GLY GA 38 -63.09 5.01 0.44
N ALA GA 39 -62.30 4.42 1.34
CA ALA GA 39 -62.03 4.98 2.66
C ALA GA 39 -61.22 3.97 3.47
N ALA GA 40 -60.30 4.46 4.27
CA ALA GA 40 -59.51 3.61 5.18
C ALA GA 40 -60.39 2.61 5.93
N SER GA 41 -61.55 3.09 6.37
CA SER GA 41 -62.57 2.27 7.02
C SER GA 41 -63.01 1.06 6.19
N LYS GA 42 -63.12 1.23 4.88
CA LYS GA 42 -63.33 0.10 3.97
C LYS GA 42 -62.06 -0.72 3.79
N LEU GA 43 -60.93 -0.05 3.59
CA LEU GA 43 -59.70 -0.77 3.26
C LEU GA 43 -59.11 -1.56 4.43
N SER GA 44 -59.70 -1.47 5.62
CA SER GA 44 -59.43 -2.46 6.66
C SER GA 44 -60.05 -3.76 6.22
N LYS GA 45 -61.37 -3.74 6.06
CA LYS GA 45 -62.19 -4.95 5.85
C LYS GA 45 -61.55 -5.95 4.91
N ILE GA 46 -60.98 -5.43 3.82
CA ILE GA 46 -60.35 -6.22 2.78
C ILE GA 46 -59.41 -7.29 3.35
N ARG GA 47 -58.65 -6.95 4.40
CA ARG GA 47 -57.77 -7.93 5.05
C ARG GA 47 -58.57 -8.90 5.89
N VAL GA 48 -59.53 -8.36 6.63
CA VAL GA 48 -60.44 -9.14 7.47
C VAL GA 48 -61.24 -10.16 6.67
N VAL GA 49 -61.86 -9.69 5.58
CA VAL GA 49 -62.68 -10.52 4.73
C VAL GA 49 -61.83 -11.65 4.14
N ARG GA 50 -60.62 -11.32 3.67
CA ARG GA 50 -59.68 -12.33 3.16
C ARG GA 50 -59.44 -13.49 4.11
N LYS GA 51 -59.17 -13.16 5.37
CA LYS GA 51 -58.87 -14.15 6.39
C LYS GA 51 -60.11 -14.92 6.84
N SER GA 52 -61.24 -14.25 6.93
CA SER GA 52 -62.50 -14.93 7.16
C SER GA 52 -62.83 -15.88 6.00
N ILE GA 53 -62.61 -15.44 4.76
CA ILE GA 53 -62.74 -16.33 3.58
C ILE GA 53 -61.90 -17.59 3.77
N ALA GA 54 -60.64 -17.41 4.15
CA ALA GA 54 -59.74 -18.55 4.38
C ALA GA 54 -60.26 -19.44 5.50
N ARG GA 55 -60.66 -18.82 6.61
CA ARG GA 55 -61.29 -19.54 7.72
C ARG GA 55 -62.46 -20.44 7.31
N VAL GA 56 -63.23 -19.98 6.33
CA VAL GA 56 -64.34 -20.75 5.78
C VAL GA 56 -63.84 -21.91 4.94
N LEU GA 57 -63.05 -21.59 3.92
CA LEU GA 57 -62.48 -22.60 3.03
C LEU GA 57 -61.72 -23.67 3.77
N THR GA 58 -61.02 -23.27 4.82
CA THR GA 58 -60.26 -24.20 5.62
C THR GA 58 -61.17 -25.20 6.29
N VAL GA 59 -62.19 -24.71 7.01
CA VAL GA 59 -63.20 -25.58 7.65
C VAL GA 59 -63.78 -26.60 6.67
N ILE GA 60 -64.08 -26.17 5.46
CA ILE GA 60 -64.66 -27.03 4.44
C ILE GA 60 -63.70 -28.18 4.11
N ASN GA 61 -62.44 -27.85 3.83
CA ASN GA 61 -61.47 -28.87 3.44
C ASN GA 61 -61.18 -29.85 4.57
N GLN GA 62 -61.15 -29.34 5.80
CA GLN GA 62 -60.99 -30.19 6.99
C GLN GA 62 -62.17 -31.15 7.10
N THR GA 63 -63.38 -30.67 6.81
CA THR GA 63 -64.58 -31.52 6.89
C THR GA 63 -64.63 -32.57 5.80
N GLN GA 64 -64.31 -32.14 4.58
CA GLN GA 64 -64.26 -33.06 3.44
C GLN GA 64 -63.20 -34.14 3.63
N LYS GA 65 -62.04 -33.78 4.19
CA LYS GA 65 -60.95 -34.75 4.36
C LYS GA 65 -61.13 -35.66 5.56
N GLU GA 66 -61.79 -35.17 6.61
CA GLU GA 66 -62.13 -36.01 7.77
C GLU GA 66 -63.13 -37.10 7.39
N ASN GA 67 -64.22 -36.69 6.76
CA ASN GA 67 -65.18 -37.64 6.17
C ASN GA 67 -64.54 -38.66 5.24
N LEU GA 68 -63.60 -38.20 4.41
CA LEU GA 68 -62.91 -39.08 3.47
C LEU GA 68 -62.11 -40.16 4.14
N ARG GA 69 -61.33 -39.80 5.15
CA ARG GA 69 -60.53 -40.83 5.83
C ARG GA 69 -61.33 -41.68 6.82
N LYS GA 70 -62.55 -41.27 7.15
CA LYS GA 70 -63.50 -42.18 7.81
C LYS GA 70 -63.90 -43.27 6.82
N PHE GA 71 -64.21 -42.85 5.60
CA PHE GA 71 -64.70 -43.74 4.54
C PHE GA 71 -63.71 -44.83 4.14
N TYR GA 72 -62.41 -44.53 4.22
CA TYR GA 72 -61.36 -45.52 3.90
C TYR GA 72 -60.74 -46.24 5.10
N LYS GA 73 -60.93 -45.72 6.32
CA LYS GA 73 -60.38 -46.36 7.52
C LYS GA 73 -60.99 -47.76 7.67
N GLY GA 74 -60.23 -48.77 7.23
CA GLY GA 74 -60.70 -50.14 7.10
C GLY GA 74 -60.25 -50.76 5.79
N LYS GA 75 -60.47 -50.03 4.70
CA LYS GA 75 -60.06 -50.48 3.37
C LYS GA 75 -58.54 -50.52 3.26
N LYS GA 76 -58.05 -51.47 2.46
CA LYS GA 76 -56.61 -51.76 2.37
C LYS GA 76 -55.91 -50.78 1.44
N TYR GA 77 -56.46 -50.64 0.25
CA TYR GA 77 -55.98 -49.67 -0.71
C TYR GA 77 -56.70 -48.37 -0.46
N LYS GA 78 -55.94 -47.31 -0.19
CA LYS GA 78 -56.54 -45.99 0.00
C LYS GA 78 -55.73 -44.90 -0.69
N PRO GA 79 -56.39 -43.78 -1.05
CA PRO GA 79 -55.72 -42.69 -1.75
C PRO GA 79 -54.40 -42.24 -1.10
N LEU GA 80 -53.44 -41.86 -1.94
CA LEU GA 80 -52.11 -41.41 -1.50
C LEU GA 80 -52.16 -40.24 -0.54
N ASP GA 81 -53.11 -39.34 -0.77
CA ASP GA 81 -53.41 -38.23 0.15
C ASP GA 81 -53.68 -38.70 1.58
N LEU GA 82 -54.47 -39.77 1.70
CA LEU GA 82 -54.93 -40.29 2.98
C LEU GA 82 -53.96 -41.29 3.60
N ARG GA 83 -53.02 -41.77 2.80
CA ARG GA 83 -51.92 -42.59 3.29
C ARG GA 83 -50.94 -41.73 4.10
N PRO GA 84 -50.24 -42.33 5.06
CA PRO GA 84 -49.42 -41.55 5.98
C PRO GA 84 -48.03 -41.27 5.42
N LYS GA 85 -47.76 -40.00 5.17
CA LYS GA 85 -46.49 -39.52 4.65
C LYS GA 85 -45.62 -39.33 5.85
N LYS GA 86 -44.48 -40.02 5.89
CA LYS GA 86 -43.49 -39.76 6.93
C LYS GA 86 -42.24 -39.22 6.24
N THR GA 87 -41.59 -40.08 5.47
CA THR GA 87 -40.37 -39.71 4.75
C THR GA 87 -40.07 -40.85 3.80
N ARG GA 88 -39.91 -40.52 2.52
CA ARG GA 88 -39.66 -41.48 1.46
C ARG GA 88 -39.10 -42.80 1.94
N ALA GA 89 -37.96 -42.74 2.62
CA ALA GA 89 -37.27 -43.94 3.08
C ALA GA 89 -38.08 -44.69 4.13
N MET GA 90 -38.64 -43.92 5.05
CA MET GA 90 -39.45 -44.42 6.16
C MET GA 90 -40.73 -45.15 5.71
N ARG GA 91 -41.20 -44.87 4.48
CA ARG GA 91 -42.31 -45.62 3.85
C ARG GA 91 -41.84 -46.85 3.11
N ARG GA 92 -40.55 -47.17 3.21
CA ARG GA 92 -40.00 -48.41 2.71
C ARG GA 92 -39.30 -49.22 3.79
N ARG GA 93 -39.44 -48.82 5.06
CA ARG GA 93 -38.96 -49.66 6.15
C ARG GA 93 -39.70 -50.98 6.07
N LEU GA 94 -39.18 -51.97 6.78
CA LEU GA 94 -39.89 -53.21 6.96
C LEU GA 94 -41.08 -53.00 7.90
N ASN GA 95 -42.08 -53.83 7.69
CA ASN GA 95 -43.50 -53.56 7.99
C ASN GA 95 -43.93 -53.31 9.44
N LYS GA 96 -43.05 -53.56 10.42
CA LYS GA 96 -43.35 -53.54 11.88
C LYS GA 96 -43.73 -54.94 12.39
N HIS GA 97 -44.44 -55.73 11.57
CA HIS GA 97 -44.57 -57.16 11.84
C HIS GA 97 -43.52 -57.96 11.07
N GLU GA 98 -43.12 -57.50 9.89
CA GLU GA 98 -42.19 -58.25 9.05
C GLU GA 98 -40.77 -58.29 9.61
N GLU GA 99 -40.33 -57.26 10.32
CA GLU GA 99 -38.96 -57.21 10.87
C GLU GA 99 -38.77 -57.91 12.22
N SER GA 100 -39.85 -58.42 12.82
CA SER GA 100 -39.71 -59.33 13.98
C SER GA 100 -40.23 -60.74 13.66
N LEU GA 101 -40.00 -61.18 12.42
CA LEU GA 101 -40.22 -62.56 12.02
C LEU GA 101 -38.94 -63.35 12.24
N LYS GA 102 -38.98 -64.23 13.23
CA LYS GA 102 -37.87 -65.10 13.56
C LYS GA 102 -37.99 -66.29 12.62
N THR GA 103 -36.87 -66.82 12.14
CA THR GA 103 -36.87 -68.13 11.49
C THR GA 103 -37.11 -69.19 12.56
N LYS GA 104 -37.84 -70.24 12.22
CA LYS GA 104 -38.13 -71.34 13.16
C LYS GA 104 -36.86 -71.86 13.83
N LYS GA 105 -35.78 -71.91 13.05
CA LYS GA 105 -34.45 -72.26 13.55
C LYS GA 105 -33.99 -71.30 14.66
N GLN GA 106 -34.17 -70.00 14.43
CA GLN GA 106 -33.84 -68.97 15.43
C GLN GA 106 -34.76 -69.03 16.65
N GLN GA 107 -36.04 -69.37 16.45
CA GLN GA 107 -36.99 -69.48 17.56
C GLN GA 107 -36.61 -70.62 18.48
N ARG GA 108 -36.40 -71.80 17.88
CA ARG GA 108 -35.89 -72.98 18.58
C ARG GA 108 -34.65 -72.67 19.41
N LYS GA 109 -33.74 -71.89 18.84
CA LYS GA 109 -32.54 -71.44 19.57
C LYS GA 109 -32.87 -70.67 20.84
N GLU GA 110 -33.81 -69.73 20.72
CA GLU GA 110 -34.21 -68.92 21.87
C GLU GA 110 -34.94 -69.76 22.93
N ARG GA 111 -35.62 -70.83 22.50
CA ARG GA 111 -36.31 -71.74 23.42
C ARG GA 111 -35.34 -72.59 24.22
N LEU GA 112 -34.37 -73.18 23.54
CA LEU GA 112 -33.45 -74.12 24.17
C LEU GA 112 -32.37 -73.43 25.00
N TYR GA 113 -31.83 -72.34 24.46
CA TYR GA 113 -30.63 -71.72 24.99
C TYR GA 113 -30.89 -70.25 25.27
N PRO GA 114 -31.74 -69.96 26.26
CA PRO GA 114 -31.96 -68.58 26.64
C PRO GA 114 -30.81 -68.03 27.47
N LEU GA 115 -30.42 -66.79 27.18
CA LEU GA 115 -29.50 -66.08 28.04
C LEU GA 115 -30.06 -66.06 29.45
N ARG GA 116 -29.21 -66.40 30.42
CA ARG GA 116 -29.61 -66.46 31.82
C ARG GA 116 -29.04 -65.30 32.62
N LYS GA 117 -29.86 -64.77 33.51
CA LYS GA 117 -29.38 -63.85 34.53
C LYS GA 117 -28.50 -64.65 35.49
N TYR GA 118 -27.25 -64.22 35.62
CA TYR GA 118 -26.28 -64.82 36.54
C TYR GA 118 -25.38 -63.76 37.18
N ALA GA 119 -24.77 -64.08 38.31
CA ALA GA 119 -23.75 -63.25 38.94
C ALA GA 119 -22.59 -64.14 39.31
N VAL GA 120 -21.47 -63.55 39.77
CA VAL GA 120 -20.35 -64.37 40.26
C VAL GA 120 -19.80 -63.94 41.62
N LYS GA 121 -18.96 -64.81 42.19
CA LYS GA 121 -18.34 -64.70 43.51
C LYS GA 121 -19.33 -64.99 44.66
N ALA GA 122 -19.87 -66.21 44.65
CA ALA GA 122 -20.57 -66.81 45.81
C ALA GA 122 -20.93 -68.27 45.55
N ALA HA 1 23.93 -88.69 31.39
CA ALA HA 1 24.60 -87.93 32.49
C ALA HA 1 24.16 -86.48 32.51
N LEU HA 2 23.05 -86.21 33.21
CA LEU HA 2 22.39 -84.90 33.24
C LEU HA 2 21.93 -84.44 31.85
N ARG HA 3 20.63 -84.56 31.61
CA ARG HA 3 20.05 -84.19 30.33
C ARG HA 3 19.09 -83.02 30.54
N TYR HA 4 19.66 -81.83 30.70
CA TYR HA 4 18.85 -80.62 30.82
C TYR HA 4 18.14 -80.36 29.50
N PRO HA 5 16.90 -79.87 29.57
CA PRO HA 5 16.22 -79.49 28.34
C PRO HA 5 16.82 -78.19 27.84
N MET HA 6 17.04 -78.13 26.53
CA MET HA 6 17.71 -77.00 25.91
C MET HA 6 16.76 -76.26 25.01
N ALA HA 7 17.09 -75.00 24.77
CA ALA HA 7 16.32 -74.15 23.88
C ALA HA 7 16.82 -74.22 22.44
N VAL HA 8 17.74 -75.14 22.16
CA VAL HA 8 18.39 -75.15 20.86
C VAL HA 8 19.06 -76.52 20.59
N GLY HA 9 18.64 -77.19 19.50
CA GLY HA 9 19.25 -78.45 19.06
C GLY HA 9 18.33 -79.66 19.03
N LEU HA 10 17.87 -80.01 17.83
CA LEU HA 10 17.17 -81.29 17.54
C LEU HA 10 15.97 -81.62 18.43
N ASN HA 11 16.22 -82.21 19.60
CA ASN HA 11 15.16 -82.52 20.57
C ASN HA 11 15.12 -81.38 21.58
N LYS HA 12 14.77 -80.21 21.06
CA LYS HA 12 14.83 -78.95 21.80
C LYS HA 12 13.47 -78.60 22.36
N GLY HA 13 13.39 -77.43 23.00
CA GLY HA 13 12.13 -76.89 23.46
C GLY HA 13 11.67 -77.43 24.79
N HIS HA 14 10.58 -76.85 25.27
CA HIS HA 14 10.03 -77.16 26.59
C HIS HA 14 9.35 -78.52 26.54
N LYS HA 15 9.70 -79.39 27.49
CA LYS HA 15 9.19 -80.73 27.49
C LYS HA 15 7.82 -80.75 28.16
N VAL HA 16 6.80 -81.06 27.36
CA VAL HA 16 5.40 -81.05 27.80
C VAL HA 16 4.72 -82.30 27.26
N THR HA 17 3.76 -82.83 28.02
CA THR HA 17 3.02 -84.02 27.59
C THR HA 17 1.94 -83.63 26.58
N LYS HA 18 1.79 -84.47 25.57
CA LYS HA 18 0.94 -84.20 24.43
C LYS HA 18 -0.37 -84.95 24.59
N ASN HA 19 -1.50 -84.24 24.48
CA ASN HA 19 -2.78 -84.92 24.29
C ASN HA 19 -2.96 -85.25 22.83
N VAL HA 20 -3.72 -86.31 22.58
CA VAL HA 20 -3.89 -86.89 21.26
C VAL HA 20 -5.38 -86.83 20.93
N SER HA 21 -5.83 -85.61 20.65
CA SER HA 21 -7.25 -85.33 20.46
C SER HA 21 -7.79 -85.89 19.15
N LYS HA 22 -9.12 -85.90 19.07
CA LYS HA 22 -9.83 -86.20 17.83
C LYS HA 22 -9.46 -85.12 16.79
N PRO HA 23 -9.06 -85.54 15.57
CA PRO HA 23 -8.69 -84.55 14.57
C PRO HA 23 -9.94 -83.85 14.04
N ARG HA 24 -9.86 -82.53 13.92
CA ARG HA 24 -11.00 -81.69 13.49
C ARG HA 24 -11.67 -82.24 12.24
N HIS HA 25 -12.98 -82.03 12.14
CA HIS HA 25 -13.75 -82.54 11.01
C HIS HA 25 -13.42 -81.79 9.72
N SER HA 26 -13.03 -80.52 9.85
CA SER HA 26 -12.52 -79.72 8.73
C SER HA 26 -11.37 -80.38 7.96
N ARG HA 27 -10.55 -81.17 8.66
CA ARG HA 27 -9.36 -81.77 8.05
C ARG HA 27 -9.65 -82.89 7.06
N ARG HA 28 -10.86 -83.44 7.05
CA ARG HA 28 -11.18 -84.57 6.16
C ARG HA 28 -11.72 -84.18 4.79
N ARG HA 29 -11.52 -82.94 4.38
CA ARG HA 29 -12.14 -82.46 3.16
C ARG HA 29 -11.35 -82.91 1.96
N GLY HA 30 -12.09 -83.29 0.92
CA GLY HA 30 -11.52 -83.86 -0.27
C GLY HA 30 -11.37 -85.37 -0.20
N ARG HA 31 -11.77 -85.99 0.91
CA ARG HA 31 -11.68 -87.44 1.00
C ARG HA 31 -12.79 -88.02 0.14
N LEU HA 32 -12.39 -88.91 -0.77
CA LEU HA 32 -13.27 -89.42 -1.80
C LEU HA 32 -14.27 -90.38 -1.16
N THR HA 33 -15.56 -90.07 -1.36
CA THR HA 33 -16.66 -90.82 -0.77
C THR HA 33 -17.16 -91.84 -1.76
N LYS HA 34 -17.69 -92.95 -1.24
CA LYS HA 34 -18.20 -94.04 -2.07
C LYS HA 34 -19.22 -93.54 -3.09
N HIS HA 35 -20.19 -92.77 -2.62
CA HIS HA 35 -21.25 -92.23 -3.47
C HIS HA 35 -20.74 -91.16 -4.43
N THR HA 36 -19.78 -90.33 -4.00
CA THR HA 36 -19.21 -89.32 -4.89
C THR HA 36 -18.36 -89.94 -5.98
N LYS HA 37 -17.62 -91.00 -5.63
CA LYS HA 37 -16.83 -91.78 -6.60
C LYS HA 37 -17.70 -92.34 -7.70
N PHE HA 38 -18.79 -92.96 -7.29
CA PHE HA 38 -19.78 -93.47 -8.23
C PHE HA 38 -20.29 -92.39 -9.17
N VAL HA 39 -20.61 -91.21 -8.63
CA VAL HA 39 -21.08 -90.08 -9.46
C VAL HA 39 -20.00 -89.65 -10.42
N ARG HA 40 -18.76 -89.58 -9.93
CA ARG HA 40 -17.64 -89.09 -10.70
C ARG HA 40 -17.39 -89.94 -11.94
N ASP HA 41 -17.26 -91.25 -11.74
CA ASP HA 41 -17.03 -92.19 -12.85
C ASP HA 41 -18.30 -92.52 -13.68
N MET HA 42 -19.47 -92.30 -13.11
CA MET HA 42 -20.74 -92.37 -13.85
C MET HA 42 -20.75 -91.33 -14.96
N ILE HA 43 -20.11 -90.19 -14.69
CA ILE HA 43 -20.06 -89.06 -15.61
C ILE HA 43 -18.91 -89.17 -16.59
N ARG HA 44 -17.82 -89.85 -16.19
CA ARG HA 44 -16.70 -90.11 -17.12
C ARG HA 44 -17.04 -91.12 -18.23
N GLU HA 45 -18.16 -91.82 -18.14
CA GLU HA 45 -18.67 -92.63 -19.25
C GLU HA 45 -19.80 -91.94 -20.03
N VAL HA 46 -20.39 -90.87 -19.48
CA VAL HA 46 -21.29 -89.98 -20.26
C VAL HA 46 -20.42 -89.03 -21.06
N CYS HA 47 -19.68 -88.19 -20.34
CA CYS HA 47 -18.97 -87.06 -20.93
C CYS HA 47 -17.70 -87.49 -21.63
N GLY HA 48 -17.05 -88.51 -21.08
CA GLY HA 48 -15.81 -88.98 -21.65
C GLY HA 48 -14.68 -88.01 -21.39
N PHE HA 49 -13.66 -88.09 -22.24
CA PHE HA 49 -12.36 -87.48 -21.97
C PHE HA 49 -12.19 -86.19 -22.75
N ALA HA 50 -11.24 -85.39 -22.30
CA ALA HA 50 -10.91 -84.14 -22.96
C ALA HA 50 -9.95 -84.40 -24.10
N PRO HA 51 -9.69 -83.39 -24.93
CA PRO HA 51 -8.73 -83.56 -26.03
C PRO HA 51 -7.28 -83.76 -25.62
N TYR HA 52 -6.78 -82.97 -24.67
CA TYR HA 52 -5.39 -83.11 -24.24
C TYR HA 52 -5.16 -84.43 -23.52
N GLU HA 53 -6.16 -84.84 -22.75
CA GLU HA 53 -6.15 -86.13 -22.08
C GLU HA 53 -5.97 -87.23 -23.12
N ARG HA 54 -6.84 -87.22 -24.11
CA ARG HA 54 -6.79 -88.20 -25.20
C ARG HA 54 -5.44 -88.25 -25.89
N ARG HA 55 -4.84 -87.08 -26.13
CA ARG HA 55 -3.54 -87.02 -26.79
C ARG HA 55 -2.48 -87.65 -25.91
N ALA HA 56 -2.58 -87.42 -24.60
CA ALA HA 56 -1.64 -88.02 -23.65
C ALA HA 56 -1.77 -89.53 -23.56
N MET HA 57 -2.99 -90.05 -23.64
CA MET HA 57 -3.23 -91.51 -23.68
C MET HA 57 -2.48 -92.14 -24.84
N GLU HA 58 -2.57 -91.48 -26.00
CA GLU HA 58 -1.87 -91.93 -27.21
C GLU HA 58 -0.35 -91.92 -27.05
N LEU HA 59 0.18 -90.94 -26.34
CA LEU HA 59 1.61 -90.96 -26.00
C LEU HA 59 1.94 -92.11 -25.07
N LEU HA 60 1.13 -92.28 -24.02
CA LEU HA 60 1.38 -93.31 -23.03
C LEU HA 60 1.34 -94.72 -23.65
N LYS HA 61 0.39 -94.95 -24.56
CA LYS HA 61 0.32 -96.19 -25.35
C LYS HA 61 1.64 -96.52 -26.01
N VAL HA 62 2.26 -95.51 -26.61
CA VAL HA 62 3.52 -95.66 -27.33
C VAL HA 62 4.71 -95.95 -26.39
N SER HA 63 4.50 -95.78 -25.07
CA SER HA 63 5.55 -95.94 -24.04
C SER HA 63 6.62 -94.85 -24.21
N LYS HA 64 6.13 -93.63 -24.41
CA LYS HA 64 6.95 -92.45 -24.57
C LYS HA 64 6.58 -91.53 -23.42
N ASP HA 65 6.60 -92.11 -22.21
CA ASP HA 65 5.91 -91.57 -21.05
C ASP HA 65 6.51 -90.31 -20.42
N LYS HA 66 7.76 -89.97 -20.76
CA LYS HA 66 8.33 -88.69 -20.34
C LYS HA 66 7.73 -87.57 -21.17
N ARG HA 67 7.72 -87.77 -22.49
CA ARG HA 67 7.08 -86.83 -23.40
C ARG HA 67 5.60 -86.62 -23.05
N ALA HA 68 4.93 -87.67 -22.56
CA ALA HA 68 3.57 -87.55 -22.03
C ALA HA 68 3.49 -86.56 -20.88
N LEU HA 69 4.42 -86.67 -19.94
CA LEU HA 69 4.42 -85.81 -18.77
C LEU HA 69 4.78 -84.38 -19.13
N LYS HA 70 5.84 -84.22 -19.94
CA LYS HA 70 6.23 -82.91 -20.49
C LYS HA 70 5.07 -82.18 -21.14
N PHE HA 71 4.24 -82.95 -21.85
CA PHE HA 71 3.02 -82.43 -22.44
C PHE HA 71 2.00 -82.04 -21.37
N ILE HA 72 1.75 -82.94 -20.41
CA ILE HA 72 0.71 -82.66 -19.40
C ILE HA 72 1.09 -81.47 -18.51
N LYS HA 73 2.37 -81.33 -18.18
CA LYS HA 73 2.80 -80.19 -17.36
C LYS HA 73 2.54 -78.85 -18.03
N LYS HA 74 2.90 -78.75 -19.31
CA LYS HA 74 2.65 -77.56 -20.11
C LYS HA 74 1.17 -77.27 -20.24
N ARG HA 75 0.36 -78.32 -20.21
CA ARG HA 75 -1.08 -78.25 -20.36
C ARG HA 75 -1.82 -77.92 -19.06
N VAL HA 76 -1.50 -78.66 -18.01
CA VAL HA 76 -2.18 -78.52 -16.72
C VAL HA 76 -1.55 -77.37 -15.94
N GLY HA 77 -0.24 -77.42 -15.76
CA GLY HA 77 0.49 -76.31 -15.13
C GLY HA 77 1.65 -76.75 -14.27
N THR HA 78 1.35 -77.40 -13.14
CA THR HA 78 2.38 -77.84 -12.21
C THR HA 78 2.88 -79.21 -12.60
N HIS HA 79 3.96 -79.61 -11.95
CA HIS HA 79 4.51 -80.94 -12.08
C HIS HA 79 3.61 -81.93 -11.35
N ILE HA 80 3.25 -81.60 -10.11
CA ILE HA 80 2.55 -82.53 -9.23
C ILE HA 80 1.16 -82.87 -9.75
N ARG HA 81 0.46 -81.88 -10.31
CA ARG HA 81 -0.80 -82.12 -10.99
C ARG HA 81 -0.62 -82.92 -12.25
N ALA HA 82 0.44 -82.64 -12.99
CA ALA HA 82 0.73 -83.37 -14.21
C ALA HA 82 1.05 -84.83 -13.94
N LYS HA 83 1.77 -85.10 -12.86
CA LYS HA 83 2.16 -86.45 -12.50
C LYS HA 83 0.96 -87.28 -12.06
N ARG HA 84 0.16 -86.69 -11.16
CA ARG HA 84 -1.10 -87.27 -10.71
C ARG HA 84 -2.10 -87.54 -11.86
N LYS HA 85 -2.09 -86.71 -12.91
CA LYS HA 85 -2.94 -86.92 -14.09
C LYS HA 85 -2.41 -88.10 -14.93
N ARG HA 86 -1.10 -88.13 -15.15
CA ARG HA 86 -0.44 -89.21 -15.89
C ARG HA 86 -0.66 -90.61 -15.28
N GLU HA 87 -0.76 -90.70 -13.96
CA GLU HA 87 -1.08 -91.96 -13.28
C GLU HA 87 -2.51 -92.38 -13.52
N GLU HA 88 -3.43 -91.42 -13.43
CA GLU HA 88 -4.84 -91.68 -13.74
C GLU HA 88 -4.97 -92.18 -15.18
N LEU HA 89 -4.34 -91.48 -16.12
CA LEU HA 89 -4.38 -91.87 -17.53
C LEU HA 89 -3.79 -93.26 -17.76
N SER HA 90 -2.69 -93.58 -17.09
CA SER HA 90 -2.08 -94.91 -17.14
C SER HA 90 -2.96 -95.99 -16.50
N SER HA 91 -3.68 -95.64 -15.44
CA SER HA 91 -4.67 -96.56 -14.85
C SER HA 91 -5.83 -96.83 -15.78
N VAL HA 92 -6.37 -95.77 -16.40
CA VAL HA 92 -7.46 -95.88 -17.38
C VAL HA 92 -7.06 -96.78 -18.52
N LEU HA 93 -5.87 -96.51 -19.04
CA LEU HA 93 -5.33 -97.25 -20.16
C LEU HA 93 -5.16 -98.74 -19.83
N ALA HA 94 -4.76 -99.02 -18.59
CA ALA HA 94 -4.62 -100.39 -18.10
C ALA HA 94 -5.95 -101.13 -17.97
N ALA HA 95 -6.97 -100.46 -17.44
CA ALA HA 95 -8.30 -101.06 -17.27
C ALA HA 95 -9.04 -101.26 -18.60
N MET HA 96 -8.68 -100.49 -19.63
CA MET HA 96 -9.08 -100.77 -21.01
C MET HA 96 -8.41 -102.04 -21.51
N ARG HA 97 -7.09 -102.12 -21.28
CA ARG HA 97 -6.27 -103.25 -21.69
C ARG HA 97 -6.69 -104.57 -21.03
N LYS HA 98 -7.06 -104.50 -19.75
CA LYS HA 98 -7.64 -105.65 -19.03
C LYS HA 98 -9.02 -106.01 -19.59
N ALA HA 99 -9.83 -104.99 -19.87
CA ALA HA 99 -11.18 -105.19 -20.42
C ALA HA 99 -11.17 -105.81 -21.82
N ALA HA 100 -10.21 -105.41 -22.65
CA ALA HA 100 -10.04 -105.97 -23.99
C ALA HA 100 -9.67 -107.46 -23.94
N ALA HA 101 -8.73 -107.80 -23.05
CA ALA HA 101 -8.30 -109.18 -22.87
C ALA HA 101 -9.34 -110.00 -22.09
N LYS HA 102 -10.23 -110.67 -22.81
CA LYS HA 102 -11.25 -111.54 -22.21
C LYS HA 102 -11.73 -112.59 -23.21
N THR IA 1 -10.30 -2.75 -37.08
CA THR IA 1 -11.67 -3.31 -37.19
C THR IA 1 -11.97 -4.37 -36.13
N LYS IA 2 -10.98 -5.20 -35.82
CA LYS IA 2 -11.15 -6.26 -34.80
C LYS IA 2 -11.89 -5.80 -33.54
N GLY IA 3 -11.67 -4.55 -33.11
CA GLY IA 3 -12.33 -4.02 -31.92
C GLY IA 3 -13.61 -3.24 -32.17
N THR IA 4 -13.58 -1.96 -31.82
CA THR IA 4 -14.76 -1.09 -31.62
C THR IA 4 -15.82 -1.14 -32.73
N SER IA 5 -15.38 -1.13 -33.97
CA SER IA 5 -16.30 -1.22 -35.11
C SER IA 5 -17.03 -2.57 -35.16
N SER IA 6 -16.32 -3.62 -34.78
CA SER IA 6 -16.87 -4.96 -34.76
C SER IA 6 -17.83 -5.22 -33.58
N PHE IA 7 -17.66 -4.48 -32.48
CA PHE IA 7 -18.67 -4.49 -31.41
C PHE IA 7 -20.02 -3.99 -31.91
N GLY IA 8 -19.97 -3.18 -32.96
CA GLY IA 8 -21.13 -2.76 -33.70
C GLY IA 8 -22.16 -3.77 -34.12
N LYS IA 9 -21.70 -4.95 -34.54
CA LYS IA 9 -22.59 -5.95 -35.11
C LYS IA 9 -22.84 -7.16 -34.19
N ARG IA 10 -22.97 -6.87 -32.89
CA ARG IA 10 -23.45 -7.83 -31.90
C ARG IA 10 -24.96 -7.67 -31.82
N ARG IA 11 -25.63 -8.06 -32.91
CA ARG IA 11 -27.08 -7.86 -33.08
C ARG IA 11 -27.91 -8.99 -32.50
N ASN IA 12 -27.31 -10.17 -32.27
CA ASN IA 12 -28.09 -11.38 -31.92
C ASN IA 12 -27.40 -12.29 -30.90
N LYS IA 13 -28.21 -13.13 -30.24
CA LYS IA 13 -27.87 -13.72 -28.93
C LYS IA 13 -27.62 -15.23 -28.99
N THR IA 14 -26.73 -15.69 -28.10
CA THR IA 14 -26.39 -17.13 -27.96
C THR IA 14 -27.27 -17.83 -26.95
N HIS IA 15 -27.31 -17.23 -25.77
CA HIS IA 15 -27.95 -17.83 -24.64
C HIS IA 15 -29.23 -17.11 -24.31
N THR IA 16 -30.13 -17.82 -23.64
CA THR IA 16 -31.32 -17.22 -23.06
C THR IA 16 -31.53 -17.80 -21.70
N LEU IA 17 -32.69 -17.50 -21.12
CA LEU IA 17 -33.04 -17.99 -19.81
C LEU IA 17 -33.30 -19.47 -19.86
N CYS IA 18 -32.46 -20.21 -19.13
CA CYS IA 18 -32.66 -21.63 -18.88
C CYS IA 18 -33.84 -21.78 -17.93
N ARG IA 19 -34.58 -22.87 -18.12
CA ARG IA 19 -35.87 -23.05 -17.43
C ARG IA 19 -35.79 -24.01 -16.28
N ARG IA 20 -34.62 -24.60 -16.05
CA ARG IA 20 -34.34 -25.35 -14.84
C ARG IA 20 -33.61 -24.45 -13.86
N CYS IA 21 -32.43 -23.99 -14.23
CA CYS IA 21 -31.58 -23.25 -13.31
C CYS IA 21 -31.95 -21.79 -13.24
N GLY IA 22 -32.59 -21.27 -14.28
CA GLY IA 22 -32.99 -19.87 -14.30
C GLY IA 22 -31.95 -18.95 -14.90
N SER IA 23 -30.71 -19.41 -15.03
CA SER IA 23 -29.64 -18.57 -15.55
C SER IA 23 -29.86 -18.25 -17.01
N LYS IA 24 -29.31 -17.12 -17.43
CA LYS IA 24 -29.24 -16.73 -18.83
C LYS IA 24 -28.04 -17.47 -19.41
N ALA IA 25 -28.14 -18.79 -19.53
CA ALA IA 25 -27.05 -19.60 -20.10
C ALA IA 25 -27.52 -20.79 -20.91
N TYR IA 26 -28.76 -20.76 -21.35
CA TYR IA 26 -29.29 -21.80 -22.18
C TYR IA 26 -28.88 -21.45 -23.59
N HIS IA 27 -27.95 -22.22 -24.14
CA HIS IA 27 -27.42 -21.97 -25.47
C HIS IA 27 -28.45 -22.44 -26.49
N LEU IA 28 -28.88 -21.55 -27.37
CA LEU IA 28 -30.06 -21.83 -28.18
C LEU IA 28 -29.76 -22.87 -29.26
N GLN IA 29 -28.60 -22.75 -29.90
CA GLN IA 29 -28.25 -23.70 -30.96
C GLN IA 29 -27.98 -25.08 -30.36
N LYS IA 30 -27.07 -25.15 -29.38
CA LYS IA 30 -26.82 -26.41 -28.67
C LYS IA 30 -28.06 -26.99 -27.96
N SER IA 31 -28.99 -26.11 -27.59
CA SER IA 31 -30.20 -26.49 -26.85
C SER IA 31 -29.85 -27.21 -25.56
N THR IA 32 -28.76 -26.76 -24.93
CA THR IA 32 -28.39 -27.16 -23.59
C THR IA 32 -28.08 -25.90 -22.83
N CYS IA 33 -27.92 -26.05 -21.52
CA CYS IA 33 -27.53 -24.93 -20.69
C CYS IA 33 -26.00 -24.75 -20.74
N GLY IA 34 -25.29 -25.27 -19.74
CA GLY IA 34 -23.93 -24.82 -19.46
C GLY IA 34 -24.01 -23.97 -18.22
N LYS IA 35 -24.43 -24.62 -17.14
CA LYS IA 35 -24.71 -24.03 -15.83
C LYS IA 35 -25.35 -25.14 -15.03
N CYS IA 36 -26.45 -25.70 -15.56
CA CYS IA 36 -27.03 -26.95 -15.05
C CYS IA 36 -27.12 -28.09 -16.07
N GLY IA 37 -26.72 -27.81 -17.32
CA GLY IA 37 -26.85 -28.74 -18.44
C GLY IA 37 -28.27 -29.09 -18.84
N TYR IA 38 -29.23 -28.20 -18.56
CA TYR IA 38 -30.65 -28.51 -18.49
C TYR IA 38 -31.16 -29.82 -19.04
N PRO IA 39 -31.18 -30.00 -20.37
CA PRO IA 39 -31.76 -31.24 -20.86
C PRO IA 39 -31.23 -32.46 -20.11
N ALA IA 40 -29.94 -32.43 -19.76
CA ALA IA 40 -29.29 -33.45 -18.91
C ALA IA 40 -30.06 -33.77 -17.63
N LYS IA 41 -30.38 -35.05 -17.42
CA LYS IA 41 -31.22 -35.43 -16.29
C LYS IA 41 -30.63 -34.93 -14.99
N ARG IA 42 -29.35 -35.17 -14.79
CA ARG IA 42 -28.65 -34.71 -13.58
C ARG IA 42 -28.13 -33.29 -13.72
N LYS IA 43 -28.04 -32.62 -12.58
CA LYS IA 43 -27.50 -31.27 -12.48
C LYS IA 43 -26.02 -31.32 -12.77
N ARG IA 44 -25.53 -30.22 -13.32
CA ARG IA 44 -24.12 -30.02 -13.56
C ARG IA 44 -23.51 -29.40 -12.34
N LYS IA 45 -22.60 -30.12 -11.70
CA LYS IA 45 -21.71 -29.48 -10.76
C LYS IA 45 -20.33 -30.09 -10.90
N TYR IA 46 -19.34 -29.24 -10.65
CA TYR IA 46 -17.97 -29.63 -10.74
C TYR IA 46 -17.25 -29.24 -9.48
N ASN IA 47 -16.27 -30.05 -9.16
CA ASN IA 47 -15.60 -30.03 -7.88
C ASN IA 47 -14.51 -28.98 -7.86
N TRP IA 48 -14.14 -28.48 -9.04
CA TRP IA 48 -13.13 -27.44 -9.17
C TRP IA 48 -13.64 -26.08 -8.73
N SER IA 49 -14.87 -25.74 -9.10
CA SER IA 49 -15.49 -24.48 -8.66
C SER IA 49 -16.24 -24.70 -7.36
N ALA IA 50 -15.50 -24.62 -6.26
CA ALA IA 50 -16.08 -24.69 -4.93
C ALA IA 50 -16.92 -23.44 -4.61
N LYS IA 51 -16.51 -22.30 -5.17
CA LYS IA 51 -17.31 -21.08 -5.10
C LYS IA 51 -18.61 -21.27 -5.86
N ALA IA 52 -18.55 -21.82 -7.06
CA ALA IA 52 -19.77 -22.10 -7.81
C ALA IA 52 -20.66 -23.11 -7.11
N LYS IA 53 -20.04 -24.13 -6.53
CA LYS IA 53 -20.77 -25.16 -5.80
C LYS IA 53 -21.63 -24.49 -4.75
N ARG IA 54 -21.05 -23.59 -3.97
CA ARG IA 54 -21.77 -22.93 -2.88
C ARG IA 54 -22.89 -21.97 -3.32
N ARG IA 55 -22.84 -21.49 -4.55
CA ARG IA 55 -23.80 -20.48 -4.99
C ARG IA 55 -25.21 -21.01 -5.17
N ASN IA 56 -25.37 -22.33 -5.37
CA ASN IA 56 -26.70 -22.95 -5.32
C ASN IA 56 -26.64 -24.37 -4.80
N THR IA 57 -26.15 -24.47 -3.58
CA THR IA 57 -26.29 -25.65 -2.74
C THR IA 57 -27.73 -25.69 -2.28
N THR IA 58 -28.06 -26.62 -1.38
CA THR IA 58 -29.39 -26.65 -0.80
C THR IA 58 -29.64 -25.35 -0.06
N GLY IA 59 -29.06 -25.17 1.11
CA GLY IA 59 -29.39 -24.00 1.95
C GLY IA 59 -29.93 -22.80 1.18
N THR IA 60 -29.14 -22.36 0.21
CA THR IA 60 -29.40 -21.24 -0.69
C THR IA 60 -30.86 -20.79 -0.92
N GLY IA 61 -31.71 -21.70 -1.40
CA GLY IA 61 -33.08 -21.36 -1.79
C GLY IA 61 -34.07 -21.35 -0.63
N ARG IA 62 -35.34 -21.61 -0.95
CA ARG IA 62 -36.42 -21.60 0.03
C ARG IA 62 -36.33 -22.77 1.01
N MET IA 63 -36.02 -23.95 0.47
CA MET IA 63 -36.07 -25.21 1.22
C MET IA 63 -37.46 -25.37 1.81
N ARG IA 64 -38.47 -25.05 1.01
CA ARG IA 64 -39.83 -25.05 1.50
C ARG IA 64 -40.34 -26.42 1.95
N HIS IA 65 -39.92 -27.51 1.32
CA HIS IA 65 -40.24 -28.82 1.89
C HIS IA 65 -39.28 -29.16 3.00
N LEU IA 66 -38.01 -29.05 2.68
CA LEU IA 66 -36.93 -29.49 3.54
C LEU IA 66 -36.86 -28.78 4.90
N LYS IA 67 -37.33 -27.54 4.98
CA LYS IA 67 -37.32 -26.77 6.24
C LYS IA 67 -38.39 -27.22 7.22
N ILE IA 68 -39.53 -27.69 6.70
CA ILE IA 68 -40.56 -28.25 7.58
C ILE IA 68 -40.32 -29.72 7.89
N VAL IA 69 -39.52 -30.42 7.08
CA VAL IA 69 -39.09 -31.78 7.43
C VAL IA 69 -38.24 -31.73 8.67
N TYR IA 70 -37.31 -30.78 8.71
CA TYR IA 70 -36.43 -30.69 9.86
C TYR IA 70 -37.24 -30.51 11.14
N ARG IA 71 -38.28 -29.67 11.07
CA ARG IA 71 -39.20 -29.46 12.20
C ARG IA 71 -39.95 -30.73 12.54
N ARG IA 72 -40.45 -31.38 11.51
CA ARG IA 72 -41.27 -32.57 11.68
C ARG IA 72 -40.49 -33.62 12.45
N PHE IA 73 -39.29 -33.89 11.98
CA PHE IA 73 -38.35 -34.81 12.62
C PHE IA 73 -38.10 -34.51 14.09
N ARG IA 74 -37.76 -33.26 14.36
CA ARG IA 74 -37.41 -32.76 15.69
C ARG IA 74 -38.36 -33.35 16.72
N HIS IA 75 -39.64 -33.07 16.51
CA HIS IA 75 -40.67 -33.37 17.46
C HIS IA 75 -41.14 -34.84 17.32
N GLY IA 76 -40.80 -35.49 16.21
CA GLY IA 76 -40.80 -36.98 16.10
C GLY IA 76 -41.52 -37.68 14.96
N PHE IA 77 -41.74 -36.98 13.84
CA PHE IA 77 -42.53 -37.46 12.71
C PHE IA 77 -43.92 -38.01 13.09
N ARG IA 78 -44.60 -37.32 14.00
CA ARG IA 78 -45.97 -37.70 14.35
C ARG IA 78 -46.89 -37.31 13.20
N GLU IA 79 -47.87 -38.16 12.93
CA GLU IA 79 -48.82 -37.96 11.85
C GLU IA 79 -50.22 -38.19 12.36
N GLY IA 80 -51.16 -37.51 11.71
CA GLY IA 80 -52.59 -37.73 11.94
C GLY IA 80 -52.98 -37.81 13.39
N THR IA 81 -52.75 -36.72 14.10
CA THR IA 81 -53.21 -36.58 15.47
C THR IA 81 -53.35 -35.08 15.72
N THR IA 82 -53.92 -34.70 16.87
CA THR IA 82 -53.92 -33.31 17.31
C THR IA 82 -53.43 -33.24 18.73
N PRO IA 83 -53.17 -32.03 19.23
CA PRO IA 83 -53.05 -31.86 20.68
C PRO IA 83 -54.41 -32.01 21.36
N LYS IA 84 -54.38 -32.40 22.64
CA LYS IA 84 -55.58 -32.54 23.46
C LYS IA 84 -56.36 -31.24 23.39
N PRO IA 85 -57.63 -31.29 22.95
CA PRO IA 85 -58.40 -30.06 22.75
C PRO IA 85 -58.94 -29.43 24.03
N LYS IA 86 -59.55 -28.27 23.88
CA LYS IA 86 -60.12 -27.50 24.99
C LYS IA 86 -61.59 -27.83 25.16
N PRO JA 1 -71.61 -5.97 -51.95
CA PRO JA 1 -72.99 -5.58 -52.22
C PRO JA 1 -73.50 -6.16 -53.54
N ARG JA 2 -74.79 -5.96 -53.79
CA ARG JA 2 -75.44 -6.53 -54.96
C ARG JA 2 -76.46 -5.58 -55.54
N LYS JA 3 -76.33 -5.29 -56.83
CA LYS JA 3 -77.36 -4.54 -57.52
C LYS JA 3 -78.45 -5.48 -58.00
N ILE JA 4 -79.68 -4.95 -58.06
CA ILE JA 4 -80.86 -5.68 -58.48
C ILE JA 4 -81.51 -4.94 -59.64
N GLU JA 5 -82.15 -5.69 -60.55
CA GLU JA 5 -82.74 -5.13 -61.78
C GLU JA 5 -84.28 -5.18 -61.89
N GLU JA 6 -84.95 -5.92 -61.01
CA GLU JA 6 -86.40 -6.07 -61.06
C GLU JA 6 -87.00 -5.57 -59.76
N ILE JA 7 -87.94 -4.64 -59.88
CA ILE JA 7 -88.66 -4.10 -58.72
C ILE JA 7 -89.30 -5.18 -57.84
N LYS JA 8 -89.76 -6.26 -58.48
CA LYS JA 8 -90.30 -7.44 -57.79
C LYS JA 8 -89.24 -8.15 -56.93
N ASP JA 9 -88.05 -8.30 -57.51
CA ASP JA 9 -86.94 -9.01 -56.89
C ASP JA 9 -86.49 -8.36 -55.57
N PHE JA 10 -86.35 -7.04 -55.59
CA PHE JA 10 -86.06 -6.23 -54.40
C PHE JA 10 -87.20 -6.31 -53.37
N LEU JA 11 -88.45 -6.33 -53.83
CA LEU JA 11 -89.59 -6.55 -52.95
C LEU JA 11 -89.55 -7.92 -52.26
N LEU JA 12 -89.13 -8.95 -53.00
CA LEU JA 12 -88.96 -10.30 -52.42
C LEU JA 12 -87.81 -10.37 -51.40
N THR JA 13 -86.70 -9.72 -51.73
CA THR JA 13 -85.54 -9.63 -50.84
C THR JA 13 -85.89 -8.84 -49.55
N ALA JA 14 -86.65 -7.76 -49.70
CA ALA JA 14 -87.15 -6.98 -48.55
C ALA JA 14 -88.09 -7.76 -47.64
N ARG JA 15 -88.81 -8.72 -48.21
CA ARG JA 15 -89.80 -9.52 -47.48
C ARG JA 15 -89.21 -10.69 -46.68
N ARG JA 16 -87.88 -10.88 -46.70
CA ARG JA 16 -87.26 -11.97 -45.94
C ARG JA 16 -87.28 -11.72 -44.43
N LYS JA 17 -87.01 -12.79 -43.68
CA LYS JA 17 -86.92 -12.74 -42.22
C LYS JA 17 -85.63 -12.02 -41.79
N ASP JA 18 -84.52 -12.31 -42.48
CA ASP JA 18 -83.21 -11.75 -42.12
C ASP JA 18 -83.07 -10.25 -42.32
N ALA JA 19 -83.89 -9.67 -43.21
CA ALA JA 19 -83.76 -8.27 -43.59
C ALA JA 19 -84.09 -7.31 -42.45
N LYS JA 20 -83.76 -6.05 -42.69
CA LYS JA 20 -84.02 -4.98 -41.73
C LYS JA 20 -84.05 -3.65 -42.51
N SER JA 21 -83.38 -2.59 -42.03
CA SER JA 21 -83.33 -1.29 -42.72
C SER JA 21 -83.46 -1.33 -44.24
N VAL JA 22 -84.40 -0.58 -44.77
CA VAL JA 22 -84.55 -0.43 -46.21
C VAL JA 22 -84.47 1.07 -46.53
N LYS JA 23 -83.30 1.62 -46.22
CA LYS JA 23 -83.00 3.04 -46.51
C LYS JA 23 -83.06 3.39 -47.99
N ILE JA 24 -83.37 4.66 -48.26
CA ILE JA 24 -83.76 5.12 -49.59
C ILE JA 24 -83.02 6.42 -49.95
N LYS JA 25 -82.08 6.33 -50.87
CA LYS JA 25 -81.25 7.48 -51.24
C LYS JA 25 -81.75 8.18 -52.50
N LYS JA 26 -82.46 9.29 -52.31
CA LYS JA 26 -82.81 10.18 -53.41
C LYS JA 26 -81.57 10.97 -53.83
N ASN JA 27 -80.88 10.45 -54.86
CA ASN JA 27 -79.68 11.10 -55.41
C ASN JA 27 -79.94 12.30 -56.30
N LYS JA 28 -81.21 12.53 -56.67
CA LYS JA 28 -81.59 13.22 -57.90
C LYS JA 28 -81.22 12.30 -59.07
N ASP JA 29 -82.12 12.18 -60.03
CA ASP JA 29 -81.93 11.37 -61.26
C ASP JA 29 -81.68 9.86 -61.06
N ASN JA 30 -82.05 9.31 -59.90
CA ASN JA 30 -81.66 7.95 -59.55
C ASN JA 30 -82.55 7.23 -58.54
N VAL JA 31 -82.70 7.79 -57.36
CA VAL JA 31 -83.45 7.19 -56.24
C VAL JA 31 -83.15 5.69 -56.02
N LYS JA 32 -82.09 5.41 -55.28
CA LYS JA 32 -81.75 4.04 -54.91
C LYS JA 32 -82.68 3.51 -53.83
N PHE JA 33 -82.58 2.20 -53.60
CA PHE JA 33 -83.29 1.54 -52.50
C PHE JA 33 -82.39 0.48 -51.89
N LYS JA 34 -81.67 0.85 -50.84
CA LYS JA 34 -80.71 -0.03 -50.20
C LYS JA 34 -81.36 -0.82 -49.07
N VAL JA 35 -81.44 -2.13 -49.23
CA VAL JA 35 -82.02 -3.02 -48.22
C VAL JA 35 -80.95 -3.98 -47.72
N ARG JA 36 -80.56 -3.79 -46.47
CA ARG JA 36 -79.59 -4.62 -45.80
C ARG JA 36 -80.17 -6.00 -45.53
N CYS JA 37 -79.32 -7.01 -45.59
CA CYS JA 37 -79.64 -8.36 -45.17
C CYS JA 37 -78.49 -8.87 -44.30
N SER JA 38 -78.61 -10.11 -43.83
CA SER JA 38 -77.52 -10.82 -43.16
C SER JA 38 -76.17 -10.69 -43.86
N ARG JA 39 -76.13 -11.17 -45.11
CA ARG JA 39 -74.90 -11.28 -45.84
C ARG JA 39 -74.64 -10.00 -46.64
N TYR JA 40 -75.59 -9.62 -47.48
CA TYR JA 40 -75.40 -8.60 -48.50
C TYR JA 40 -76.23 -7.36 -48.28
N LEU JA 41 -75.78 -6.26 -48.87
CA LEU JA 41 -76.54 -5.01 -48.94
C LEU JA 41 -77.06 -4.89 -50.34
N TYR JA 42 -78.32 -5.24 -50.51
CA TYR JA 42 -78.93 -5.19 -51.82
C TYR JA 42 -79.30 -3.76 -52.09
N THR JA 43 -79.03 -3.30 -53.32
CA THR JA 43 -79.50 -2.00 -53.79
C THR JA 43 -80.25 -2.20 -55.09
N LEU JA 44 -81.10 -1.23 -55.40
CA LEU JA 44 -81.91 -1.24 -56.59
C LEU JA 44 -82.04 0.18 -57.09
N VAL JA 45 -81.65 0.41 -58.33
CA VAL JA 45 -81.68 1.75 -58.92
C VAL JA 45 -83.02 1.91 -59.68
N ILE JA 46 -83.80 2.90 -59.26
CA ILE JA 46 -85.13 3.17 -59.85
C ILE JA 46 -85.12 4.58 -60.41
N THR JA 47 -84.79 4.69 -61.70
CA THR JA 47 -84.61 5.99 -62.37
C THR JA 47 -85.80 6.97 -62.26
N ASP JA 48 -87.03 6.46 -62.29
CA ASP JA 48 -88.22 7.31 -62.18
C ASP JA 48 -88.48 7.72 -60.72
N LYS JA 49 -89.01 8.93 -60.54
CA LYS JA 49 -89.30 9.48 -59.21
C LYS JA 49 -90.68 9.08 -58.69
N GLU JA 50 -91.67 9.08 -59.58
CA GLU JA 50 -93.05 8.71 -59.21
C GLU JA 50 -93.16 7.20 -58.92
N LYS JA 51 -92.38 6.42 -59.66
CA LYS JA 51 -92.29 4.96 -59.48
C LYS JA 51 -91.59 4.62 -58.16
N ALA JA 52 -90.60 5.43 -57.80
CA ALA JA 52 -89.95 5.34 -56.49
C ALA JA 52 -90.91 5.75 -55.37
N GLU JA 53 -91.69 6.80 -55.60
CA GLU JA 53 -92.71 7.24 -54.64
C GLU JA 53 -93.81 6.19 -54.45
N LYS JA 54 -94.16 5.49 -55.53
CA LYS JA 54 -95.11 4.37 -55.48
C LYS JA 54 -94.56 3.19 -54.68
N LEU JA 55 -93.31 2.81 -54.96
CA LEU JA 55 -92.66 1.68 -54.27
C LEU JA 55 -92.55 1.94 -52.77
N LYS JA 56 -92.15 3.16 -52.40
CA LYS JA 56 -92.12 3.63 -51.00
C LYS JA 56 -93.27 3.07 -50.13
N GLN JA 57 -94.48 3.07 -50.70
CA GLN JA 57 -95.67 2.54 -50.03
C GLN JA 57 -95.71 1.00 -49.95
N SER JA 58 -95.11 0.33 -50.93
CA SER JA 58 -95.20 -1.13 -51.10
C SER JA 58 -94.29 -2.00 -50.21
N LEU JA 59 -93.49 -1.40 -49.32
CA LEU JA 59 -92.70 -2.17 -48.35
C LEU JA 59 -93.63 -2.59 -47.18
N PRO JA 60 -93.46 -3.80 -46.64
CA PRO JA 60 -94.60 -4.45 -45.99
C PRO JA 60 -94.94 -4.08 -44.51
N PRO JA 61 -94.36 -4.79 -43.50
CA PRO JA 61 -95.06 -4.87 -42.22
C PRO JA 61 -94.80 -3.76 -41.20
N GLY JA 62 -93.88 -2.85 -41.52
CA GLY JA 62 -93.25 -1.98 -40.52
C GLY JA 62 -91.78 -2.30 -40.43
N LEU JA 63 -91.09 -2.13 -41.56
CA LEU JA 63 -89.63 -2.22 -41.62
C LEU JA 63 -89.12 -0.80 -41.35
N ALA JA 64 -87.81 -0.62 -41.25
CA ALA JA 64 -87.26 0.68 -40.85
C ALA JA 64 -87.57 1.80 -41.83
N VAL JA 65 -87.40 1.52 -43.12
CA VAL JA 65 -87.59 2.51 -44.20
C VAL JA 65 -86.92 3.84 -43.85
N LYS JA 66 -85.69 3.72 -43.34
CA LYS JA 66 -84.95 4.86 -42.80
C LYS JA 66 -84.45 5.73 -43.96
N GLU JA 67 -85.29 6.66 -44.40
CA GLU JA 67 -84.94 7.49 -45.55
C GLU JA 67 -83.74 8.36 -45.20
N LEU JA 68 -82.86 8.53 -46.18
CA LEU JA 68 -81.50 9.02 -45.96
C LEU JA 68 -81.37 10.51 -46.30
N LYS JA 69 -80.93 11.28 -45.31
CA LYS JA 69 -80.49 12.67 -45.54
C LYS JA 69 -79.58 13.13 -44.39
N SER KA 1 -38.39 -5.28 -28.05
CA SER KA 1 -38.25 -5.63 -29.50
C SER KA 1 -39.52 -5.41 -30.31
N SER KA 2 -40.69 -5.54 -29.67
CA SER KA 2 -42.00 -5.52 -30.34
C SER KA 2 -42.39 -6.89 -30.93
N HIS KA 3 -41.50 -7.88 -30.81
CA HIS KA 3 -41.86 -9.28 -30.98
C HIS KA 3 -41.33 -9.97 -29.74
N LYS KA 4 -42.15 -10.00 -28.70
CA LYS KA 4 -41.75 -10.64 -27.48
C LYS KA 4 -42.42 -11.98 -27.37
N THR KA 5 -41.78 -12.87 -26.63
CA THR KA 5 -42.41 -14.06 -26.10
C THR KA 5 -43.19 -13.62 -24.88
N PHE KA 6 -43.96 -14.53 -24.32
CA PHE KA 6 -44.68 -14.24 -23.09
C PHE KA 6 -43.73 -14.38 -21.90
N ARG KA 7 -42.89 -15.41 -21.92
CA ARG KA 7 -41.83 -15.59 -20.92
C ARG KA 7 -41.07 -14.29 -20.66
N ILE KA 8 -40.58 -13.68 -21.73
CA ILE KA 8 -39.78 -12.46 -21.66
C ILE KA 8 -40.62 -11.30 -21.19
N LYS KA 9 -41.83 -11.15 -21.74
CA LYS KA 9 -42.68 -10.04 -21.33
C LYS KA 9 -42.92 -10.00 -19.83
N ARG KA 10 -43.22 -11.15 -19.24
CA ARG KA 10 -43.47 -11.26 -17.81
C ARG KA 10 -42.24 -10.90 -16.99
N PHE KA 11 -41.09 -11.39 -17.42
CA PHE KA 11 -39.78 -11.04 -16.86
C PHE KA 11 -39.59 -9.53 -16.80
N LEU KA 12 -39.83 -8.86 -17.94
CA LEU KA 12 -39.72 -7.39 -18.01
C LEU KA 12 -40.66 -6.73 -17.03
N ALA KA 13 -41.89 -7.23 -16.93
CA ALA KA 13 -42.90 -6.63 -16.05
C ALA KA 13 -42.45 -6.56 -14.61
N LYS KA 14 -41.95 -7.69 -14.09
CA LYS KA 14 -41.42 -7.73 -12.74
C LYS KA 14 -40.27 -6.74 -12.59
N LYS KA 15 -39.33 -6.75 -13.54
CA LYS KA 15 -38.23 -5.78 -13.53
C LYS KA 15 -38.73 -4.35 -13.46
N GLN KA 16 -39.80 -4.08 -14.20
CA GLN KA 16 -40.43 -2.75 -14.24
C GLN KA 16 -41.08 -2.37 -12.87
N LYS KA 17 -41.67 -3.36 -12.21
CA LYS KA 17 -42.21 -3.18 -10.86
C LYS KA 17 -41.13 -2.97 -9.77
N GLN KA 18 -39.99 -3.63 -9.91
CA GLN KA 18 -38.92 -3.52 -8.91
C GLN KA 18 -38.27 -2.15 -8.84
N ASN KA 19 -38.35 -1.38 -9.93
CA ASN KA 19 -37.64 -0.12 -10.03
C ASN KA 19 -38.07 0.97 -9.07
N ARG KA 20 -39.34 0.99 -8.67
CA ARG KA 20 -39.88 2.10 -7.88
C ARG KA 20 -39.03 2.43 -6.62
N PRO KA 21 -38.98 3.71 -6.23
CA PRO KA 21 -38.23 4.11 -5.07
C PRO KA 21 -38.97 3.84 -3.77
N ILE KA 22 -38.21 3.73 -2.70
CA ILE KA 22 -38.73 3.45 -1.35
C ILE KA 22 -39.96 4.28 -0.99
N PRO KA 23 -40.91 3.68 -0.23
CA PRO KA 23 -41.98 4.47 0.37
C PRO KA 23 -41.48 5.19 1.61
N GLN KA 24 -41.70 6.50 1.68
CA GLN KA 24 -41.06 7.34 2.72
C GLN KA 24 -41.47 6.99 4.16
N TRP KA 25 -42.65 6.43 4.35
CA TRP KA 25 -43.04 5.89 5.66
C TRP KA 25 -42.13 4.77 6.18
N ILE KA 26 -41.43 4.08 5.28
CA ILE KA 26 -40.41 3.10 5.67
C ILE KA 26 -39.28 3.72 6.48
N ARG KA 27 -38.90 4.94 6.12
CA ARG KA 27 -37.84 5.65 6.83
C ARG KA 27 -38.18 5.86 8.31
N MET KA 28 -39.47 6.08 8.61
CA MET KA 28 -39.93 6.31 9.97
C MET KA 28 -40.11 5.05 10.85
N LYS KA 29 -39.96 3.86 10.28
CA LYS KA 29 -40.02 2.61 11.08
C LYS KA 29 -38.98 2.58 12.19
N THR KA 30 -39.17 1.68 13.13
CA THR KA 30 -38.36 1.64 14.33
C THR KA 30 -36.87 1.44 14.05
N GLY KA 31 -36.48 0.25 13.60
CA GLY KA 31 -35.06 -0.09 13.43
C GLY KA 31 -34.62 0.05 11.98
N ASN KA 32 -34.72 1.26 11.43
CA ASN KA 32 -34.51 1.47 10.01
C ASN KA 32 -33.11 1.95 9.63
N LYS KA 33 -32.46 1.17 8.78
CA LYS KA 33 -31.15 1.48 8.26
C LYS KA 33 -31.22 1.90 6.79
N ILE KA 34 -32.43 1.89 6.20
CA ILE KA 34 -32.58 2.08 4.76
C ILE KA 34 -32.93 3.53 4.47
N ARG KA 35 -32.12 4.18 3.62
CA ARG KA 35 -32.38 5.57 3.20
C ARG KA 35 -32.80 5.70 1.74
N TYR KA 36 -32.33 4.81 0.87
CA TYR KA 36 -32.73 4.85 -0.54
C TYR KA 36 -32.59 3.45 -1.17
N ASN KA 37 -33.33 3.22 -2.25
CA ASN KA 37 -33.54 1.87 -2.76
C ASN KA 37 -32.28 1.15 -3.24
N SER KA 38 -31.30 1.87 -3.77
CA SER KA 38 -29.99 1.28 -4.13
C SER KA 38 -30.00 0.05 -5.07
N LYS KA 39 -31.17 -0.32 -5.60
CA LYS KA 39 -31.29 -1.37 -6.59
C LYS KA 39 -32.10 -0.81 -7.77
N ARG KA 40 -31.87 0.46 -8.06
CA ARG KA 40 -32.62 1.17 -9.09
C ARG KA 40 -31.86 1.12 -10.38
N ARG KA 41 -32.57 0.75 -11.43
CA ARG KA 41 -31.96 0.40 -12.69
C ARG KA 41 -32.48 1.34 -13.75
N HIS KA 42 -31.56 2.14 -14.28
CA HIS KA 42 -31.90 3.03 -15.39
C HIS KA 42 -31.55 2.38 -16.72
N TRP KA 43 -32.56 2.21 -17.55
CA TRP KA 43 -32.43 1.60 -18.90
C TRP KA 43 -31.23 2.06 -19.73
N ARG KA 44 -30.89 3.35 -19.68
CA ARG KA 44 -29.79 3.87 -20.50
C ARG KA 44 -28.42 3.37 -20.04
N ARG KA 45 -28.26 3.10 -18.74
CA ARG KA 45 -27.02 2.52 -18.20
C ARG KA 45 -27.30 1.34 -17.26
N THR KA 46 -26.86 0.15 -17.67
CA THR KA 46 -27.12 -1.17 -17.04
C THR KA 46 -28.32 -1.84 -17.68
N LYS KA 47 -28.07 -3.02 -18.24
CA LYS KA 47 -28.90 -3.55 -19.31
C LYS KA 47 -29.47 -4.96 -19.07
N LEU KA 48 -30.15 -5.14 -17.94
CA LEU KA 48 -31.00 -6.33 -17.69
C LEU KA 48 -30.27 -7.67 -17.66
N GLY KA 49 -30.98 -8.68 -17.14
CA GLY KA 49 -30.50 -10.08 -17.16
C GLY KA 49 -30.71 -10.68 -18.54
N LEU KA 50 -30.10 -10.05 -19.53
CA LEU KA 50 -30.37 -10.29 -20.94
C LEU KA 50 -29.32 -9.54 -21.76
N ILE LA 1 72.13 51.90 -67.80
CA ILE LA 1 71.15 51.19 -66.91
C ILE LA 1 71.17 51.72 -65.47
N ILE LA 2 72.31 51.58 -64.79
CA ILE LA 2 72.42 51.92 -63.37
C ILE LA 2 73.91 52.03 -63.00
N GLU LA 3 74.26 53.09 -62.28
CA GLU LA 3 75.66 53.42 -61.98
C GLU LA 3 76.21 52.41 -60.96
N PRO LA 4 77.36 51.77 -61.25
CA PRO LA 4 77.86 50.63 -60.45
C PRO LA 4 78.01 50.87 -58.95
N SER LA 5 78.65 51.97 -58.56
CA SER LA 5 78.79 52.31 -57.13
C SER LA 5 77.44 52.55 -56.49
N LEU LA 6 76.51 53.15 -57.26
CA LEU LA 6 75.13 53.34 -56.82
C LEU LA 6 74.40 52.02 -56.62
N ARG LA 7 74.67 51.06 -57.50
CA ARG LA 7 74.11 49.71 -57.41
C ARG LA 7 74.56 48.98 -56.16
N GLN LA 8 75.87 49.00 -55.93
CA GLN LA 8 76.46 48.25 -54.81
C GLN LA 8 75.99 48.83 -53.47
N LEU LA 9 75.74 50.12 -53.44
CA LEU LA 9 75.10 50.80 -52.32
C LEU LA 9 73.70 50.23 -52.00
N ALA LA 10 72.89 50.01 -53.04
CA ALA LA 10 71.54 49.43 -52.87
C ALA LA 10 71.56 47.92 -52.64
N GLN LA 11 72.60 47.24 -53.11
CA GLN LA 11 72.84 45.84 -52.76
C GLN LA 11 73.06 45.75 -51.25
N LYS LA 12 74.05 46.50 -50.75
CA LYS LA 12 74.36 46.59 -49.32
C LYS LA 12 73.12 46.55 -48.44
N TYR LA 13 72.11 47.32 -48.83
CA TYR LA 13 70.86 47.34 -48.10
C TYR LA 13 69.92 46.17 -48.37
N ASN LA 14 69.91 45.65 -49.59
CA ASN LA 14 68.96 44.59 -49.99
C ASN LA 14 69.48 43.16 -50.04
N CYS LA 15 70.76 42.98 -50.39
CA CYS LA 15 71.31 41.67 -50.80
C CYS LA 15 72.57 41.17 -50.08
N ASP LA 16 73.23 42.02 -49.30
CA ASP LA 16 74.45 41.67 -48.59
C ASP LA 16 74.06 41.31 -47.15
N LYS LA 17 73.41 40.15 -47.02
CA LYS LA 17 72.70 39.77 -45.80
C LYS LA 17 72.86 38.28 -45.53
N MET LA 18 72.76 37.89 -44.26
CA MET LA 18 72.59 36.48 -43.86
C MET LA 18 71.12 36.18 -43.65
N ILE LA 19 70.79 34.91 -43.78
CA ILE LA 19 69.43 34.44 -43.65
C ILE LA 19 69.38 33.23 -42.72
N CYS LA 20 68.40 33.22 -41.83
CA CYS LA 20 68.25 32.13 -40.87
C CYS LA 20 67.64 30.91 -41.54
N ARG LA 21 68.20 29.75 -41.22
CA ARG LA 21 67.82 28.48 -41.85
C ARG LA 21 66.54 27.92 -41.23
N LYS LA 22 66.20 28.39 -40.04
CA LYS LA 22 65.00 27.96 -39.34
C LYS LA 22 63.85 28.89 -39.77
N CYS LA 23 64.01 30.20 -39.54
CA CYS LA 23 62.89 31.16 -39.59
C CYS LA 23 62.89 32.15 -40.76
N TYR LA 24 63.85 32.01 -41.68
CA TYR LA 24 64.02 32.92 -42.82
C TYR LA 24 64.26 34.38 -42.48
N ALA LA 25 64.63 34.69 -41.24
CA ALA LA 25 64.90 36.07 -40.89
C ALA LA 25 66.05 36.58 -41.73
N ARG LA 26 65.91 37.82 -42.20
CA ARG LA 26 66.92 38.50 -42.98
C ARG LA 26 67.82 39.19 -41.98
N LEU LA 27 69.12 38.90 -42.06
CA LEU LA 27 70.09 39.31 -41.04
C LEU LA 27 71.28 39.99 -41.67
N HIS LA 28 71.93 40.86 -40.90
CA HIS LA 28 73.22 41.44 -41.32
C HIS LA 28 74.27 40.35 -41.61
N PRO LA 29 75.13 40.57 -42.62
CA PRO LA 29 75.99 39.52 -43.13
C PRO LA 29 77.10 39.05 -42.18
N ARG LA 30 77.45 39.86 -41.19
CA ARG LA 30 78.40 39.46 -40.15
C ARG LA 30 77.79 38.41 -39.20
N ALA LA 31 76.46 38.39 -39.09
CA ALA LA 31 75.72 37.46 -38.21
C ALA LA 31 76.30 36.06 -38.10
N VAL LA 32 76.45 35.61 -36.86
CA VAL LA 32 76.65 34.19 -36.56
C VAL LA 32 75.36 33.55 -36.05
N ASN LA 33 74.61 34.28 -35.22
CA ASN LA 33 73.31 33.82 -34.73
C ASN LA 33 72.17 34.65 -35.24
N CYS LA 34 70.98 34.06 -35.19
CA CYS LA 34 69.78 34.75 -35.63
C CYS LA 34 69.36 35.78 -34.60
N ARG LA 35 68.43 36.63 -35.03
CA ARG LA 35 67.79 37.60 -34.16
C ARG LA 35 66.73 36.91 -33.33
N LYS LA 36 66.02 36.02 -34.02
CA LYS LA 36 64.65 35.70 -33.70
C LYS LA 36 64.51 34.74 -32.54
N LYS LA 37 63.82 35.20 -31.50
CA LYS LA 37 63.46 34.37 -30.38
C LYS LA 37 62.58 33.19 -30.82
N LYS LA 38 61.83 33.34 -31.91
CA LYS LA 38 61.01 32.26 -32.44
C LYS LA 38 61.79 31.01 -32.83
N CYS LA 39 63.01 31.18 -33.32
CA CYS LA 39 63.87 30.06 -33.70
C CYS LA 39 65.06 29.87 -32.76
N GLY LA 40 65.06 30.59 -31.65
CA GLY LA 40 66.06 30.43 -30.60
C GLY LA 40 67.47 30.72 -31.05
N HIS LA 41 67.64 31.86 -31.73
CA HIS LA 41 68.96 32.34 -32.15
C HIS LA 41 69.75 31.23 -32.88
N THR LA 42 69.04 30.55 -33.77
CA THR LA 42 69.43 29.27 -34.37
C THR LA 42 70.91 29.02 -34.60
N ASN LA 43 71.55 29.97 -35.27
CA ASN LA 43 72.92 29.85 -35.78
C ASN LA 43 73.08 29.02 -37.07
N ASN LA 44 72.16 28.11 -37.37
CA ASN LA 44 72.03 27.63 -38.74
C ASN LA 44 71.61 28.82 -39.58
N LEU LA 45 72.58 29.43 -40.25
CA LEU LA 45 72.30 30.51 -41.17
C LEU LA 45 72.88 30.17 -42.54
N ARG LA 46 72.37 30.86 -43.55
CA ARG LA 46 72.94 30.79 -44.88
C ARG LA 46 72.95 32.20 -45.48
N PRO LA 47 73.77 32.40 -46.50
CA PRO LA 47 73.72 33.68 -47.20
C PRO LA 47 72.48 33.79 -48.06
N LYS LA 48 72.03 35.02 -48.30
CA LYS LA 48 70.98 35.30 -49.27
C LYS LA 48 71.52 35.03 -50.67
N LYS LA 49 70.79 34.24 -51.45
CA LYS LA 49 71.26 33.79 -52.77
C LYS LA 49 71.38 34.98 -53.71
N LYS LA 50 72.49 35.08 -54.43
CA LYS LA 50 72.73 36.21 -55.32
C LYS LA 50 71.96 36.02 -56.62
N VAL LA 51 71.50 37.12 -57.19
CA VAL LA 51 70.87 37.08 -58.52
C VAL LA 51 71.94 36.82 -59.58
N LYS LA 52 71.70 35.82 -60.43
CA LYS LA 52 72.65 35.42 -61.46
C LYS LA 52 72.56 36.35 -62.68
N ARG MA 1 28.19 -30.43 -99.38
CA ARG MA 1 27.02 -31.08 -100.06
C ARG MA 1 25.83 -30.12 -100.09
N ALA MA 2 25.10 -30.12 -101.21
CA ALA MA 2 23.98 -29.19 -101.40
C ALA MA 2 22.93 -29.29 -100.31
N LYS MA 3 22.38 -30.49 -100.15
CA LYS MA 3 21.38 -30.77 -99.11
C LYS MA 3 21.80 -30.23 -97.76
N TRP MA 4 23.04 -30.48 -97.36
CA TRP MA 4 23.51 -30.02 -96.05
C TRP MA 4 23.73 -28.53 -95.99
N ARG MA 5 24.12 -27.93 -97.11
CA ARG MA 5 24.23 -26.48 -97.22
C ARG MA 5 22.87 -25.78 -97.08
N LYS MA 6 21.81 -26.48 -97.44
CA LYS MA 6 20.45 -26.00 -97.23
C LYS MA 6 20.09 -26.04 -95.75
N LYS MA 7 20.44 -27.14 -95.08
CA LYS MA 7 20.26 -27.29 -93.63
C LYS MA 7 21.04 -26.23 -92.87
N ARG MA 8 22.31 -26.09 -93.22
CA ARG MA 8 23.14 -25.00 -92.73
C ARG MA 8 22.38 -23.69 -92.85
N MET MA 9 21.94 -23.37 -94.07
CA MET MA 9 21.27 -22.08 -94.33
C MET MA 9 19.96 -21.91 -93.60
N ARG MA 10 19.22 -23.00 -93.44
CA ARG MA 10 17.95 -22.94 -92.71
C ARG MA 10 18.13 -22.81 -91.21
N ARG MA 11 19.24 -23.33 -90.69
CA ARG MA 11 19.59 -23.14 -89.27
C ARG MA 11 20.07 -21.71 -89.00
N LEU MA 12 20.88 -21.19 -89.92
CA LEU MA 12 21.41 -19.86 -89.78
C LEU MA 12 20.31 -18.83 -89.94
N LYS MA 13 19.41 -19.01 -90.91
CA LYS MA 13 18.18 -18.18 -91.01
C LYS MA 13 17.40 -18.19 -89.69
N ARG MA 14 17.26 -19.39 -89.11
CA ARG MA 14 16.61 -19.57 -87.82
C ARG MA 14 17.28 -18.74 -86.72
N LYS MA 15 18.61 -18.67 -86.75
CA LYS MA 15 19.36 -17.83 -85.81
C LYS MA 15 19.14 -16.34 -86.05
N ARG MA 16 18.98 -15.96 -87.33
CA ARG MA 16 18.70 -14.59 -87.70
C ARG MA 16 17.30 -14.14 -87.31
N ARG MA 17 16.31 -15.02 -87.52
CA ARG MA 17 14.95 -14.76 -87.03
C ARG MA 17 15.01 -14.48 -85.53
N LYS MA 18 15.79 -15.28 -84.82
CA LYS MA 18 15.88 -15.22 -83.36
C LYS MA 18 16.57 -13.97 -82.83
N MET MA 19 17.61 -13.51 -83.55
CA MET MA 19 18.30 -12.27 -83.19
C MET MA 19 17.43 -11.06 -83.35
N ARG MA 20 16.64 -11.05 -84.41
CA ARG MA 20 15.89 -9.86 -84.75
C ARG MA 20 14.65 -9.71 -83.87
N GLN MA 21 14.10 -10.83 -83.40
CA GLN MA 21 12.97 -10.82 -82.48
C GLN MA 21 13.33 -10.27 -81.08
N ARG MA 22 14.63 -10.06 -80.82
CA ARG MA 22 15.07 -9.29 -79.64
C ARG MA 22 14.84 -7.76 -79.77
N SER MA 23 14.39 -7.30 -80.95
CA SER MA 23 14.01 -5.90 -81.16
C SER MA 23 12.72 -5.79 -82.01
N VAL NA 1 52.23 -57.08 -26.34
CA VAL NA 1 53.13 -57.87 -25.45
C VAL NA 1 53.08 -59.36 -25.79
N ASN NA 2 54.01 -60.08 -25.17
CA ASN NA 2 54.11 -61.52 -25.27
C ASN NA 2 54.29 -62.06 -23.87
N VAL NA 3 53.63 -63.16 -23.56
CA VAL NA 3 53.92 -63.91 -22.34
C VAL NA 3 53.98 -65.40 -22.66
N PRO NA 4 54.77 -66.17 -21.89
CA PRO NA 4 54.86 -67.59 -22.16
C PRO NA 4 53.69 -68.33 -21.51
N LYS NA 5 53.40 -69.52 -22.01
CA LYS NA 5 52.24 -70.29 -21.58
C LYS NA 5 52.41 -71.04 -20.27
N THR NA 6 53.65 -71.17 -19.81
CA THR NA 6 53.95 -71.76 -18.51
C THR NA 6 54.56 -70.74 -17.58
N ARG NA 7 54.26 -70.90 -16.30
CA ARG NA 7 54.62 -69.94 -15.29
C ARG NA 7 54.76 -70.69 -13.99
N ARG NA 8 55.96 -70.68 -13.41
CA ARG NA 8 56.17 -71.23 -12.09
C ARG NA 8 56.04 -70.10 -11.08
N THR NA 9 54.81 -69.90 -10.60
CA THR NA 9 54.49 -68.84 -9.67
C THR NA 9 53.83 -69.47 -8.43
N PHE NA 10 53.35 -68.64 -7.52
CA PHE NA 10 52.76 -69.14 -6.28
C PHE NA 10 51.47 -69.89 -6.55
N CYS NA 11 51.22 -70.93 -5.76
CA CYS NA 11 49.92 -71.62 -5.73
C CYS NA 11 49.40 -71.58 -4.31
N LYS NA 12 48.35 -70.78 -4.09
CA LYS NA 12 47.71 -70.68 -2.78
C LYS NA 12 47.31 -72.03 -2.18
N LYS NA 13 46.67 -72.87 -2.99
CA LYS NA 13 46.09 -74.11 -2.47
C LYS NA 13 47.18 -75.00 -1.92
N CYS NA 14 48.22 -75.19 -2.71
CA CYS NA 14 49.37 -76.01 -2.30
C CYS NA 14 50.23 -75.32 -1.23
N GLY NA 15 50.33 -73.99 -1.30
CA GLY NA 15 51.17 -73.22 -0.38
C GLY NA 15 52.57 -72.93 -0.88
N LYS NA 16 53.00 -73.65 -1.91
CA LYS NA 16 54.32 -73.48 -2.51
C LYS NA 16 54.22 -72.57 -3.71
N HIS NA 17 55.37 -72.39 -4.35
CA HIS NA 17 55.44 -72.08 -5.77
C HIS NA 17 55.19 -73.35 -6.54
N GLN NA 18 54.57 -73.22 -7.70
CA GLN NA 18 54.27 -74.36 -8.57
C GLN NA 18 54.01 -73.91 -9.99
N PRO NA 19 54.24 -74.81 -10.96
CA PRO NA 19 53.98 -74.45 -12.34
C PRO NA 19 52.48 -74.28 -12.59
N HIS NA 20 52.14 -73.29 -13.40
CA HIS NA 20 50.77 -73.03 -13.78
C HIS NA 20 50.71 -72.85 -15.28
N LYS NA 21 49.65 -73.40 -15.87
CA LYS NA 21 49.32 -73.15 -17.25
C LYS NA 21 48.68 -71.77 -17.27
N VAL NA 22 48.90 -71.01 -18.35
CA VAL NA 22 48.38 -69.65 -18.49
C VAL NA 22 47.44 -69.58 -19.68
N THR NA 23 46.41 -68.75 -19.57
CA THR NA 23 45.44 -68.53 -20.65
C THR NA 23 44.70 -67.23 -20.43
N GLN NA 24 44.42 -66.48 -21.49
CA GLN NA 24 43.75 -65.19 -21.32
C GLN NA 24 42.24 -65.33 -21.14
N TYR NA 25 41.74 -64.59 -20.14
CA TYR NA 25 40.43 -64.82 -19.53
C TYR NA 25 39.32 -64.11 -20.31
N LYS NA 26 38.12 -64.67 -20.23
CA LYS NA 26 36.97 -64.15 -20.95
C LYS NA 26 35.77 -63.98 -20.02
N LYS NA 27 34.97 -62.96 -20.30
CA LYS NA 27 33.66 -62.82 -19.69
C LYS NA 27 32.80 -64.00 -20.10
N GLY NA 28 32.09 -64.60 -19.14
CA GLY NA 28 31.12 -65.65 -19.42
C GLY NA 28 29.82 -65.11 -19.98
N LYS NA 29 28.94 -66.00 -20.40
CA LYS NA 29 27.56 -65.62 -20.77
C LYS NA 29 26.83 -65.18 -19.51
N ASP NA 30 25.85 -64.30 -19.69
CA ASP NA 30 25.34 -63.50 -18.59
C ASP NA 30 24.06 -64.08 -17.94
N SER NA 31 24.26 -65.13 -17.15
CA SER NA 31 23.26 -65.78 -16.27
C SER NA 31 21.76 -65.76 -16.62
N LEU NA 32 21.17 -64.57 -16.68
CA LEU NA 32 19.73 -64.36 -16.94
C LEU NA 32 18.91 -64.46 -15.65
N TYR NA 33 19.28 -65.36 -14.74
CA TYR NA 33 18.63 -65.43 -13.43
C TYR NA 33 19.52 -64.94 -12.30
N ALA NA 34 20.37 -63.96 -12.58
CA ALA NA 34 21.05 -63.21 -11.54
C ALA NA 34 20.08 -62.17 -11.04
N GLN NA 35 20.19 -61.82 -9.77
CA GLN NA 35 19.29 -60.84 -9.18
C GLN NA 35 19.32 -59.58 -10.01
N GLY NA 36 20.50 -59.16 -10.41
CA GLY NA 36 20.63 -58.01 -11.28
C GLY NA 36 19.76 -58.11 -12.51
N LYS NA 37 19.95 -59.19 -13.27
CA LYS NA 37 19.23 -59.36 -14.52
C LYS NA 37 17.75 -59.58 -14.32
N ARG NA 38 17.41 -60.28 -13.25
CA ARG NA 38 16.01 -60.43 -12.84
C ARG NA 38 15.40 -59.09 -12.45
N ARG NA 39 16.20 -58.24 -11.81
CA ARG NA 39 15.72 -56.92 -11.41
C ARG NA 39 15.50 -56.05 -12.63
N TYR NA 40 16.51 -55.96 -13.49
CA TYR NA 40 16.40 -55.16 -14.70
C TYR NA 40 15.28 -55.65 -15.57
N ASP NA 41 15.08 -56.96 -15.63
CA ASP NA 41 13.99 -57.49 -16.42
C ASP NA 41 12.67 -56.90 -15.98
N ARG NA 42 12.33 -57.02 -14.70
CA ARG NA 42 11.01 -56.59 -14.25
C ARG NA 42 10.87 -55.08 -14.09
N LYS NA 43 11.98 -54.35 -14.11
CA LYS NA 43 11.92 -52.89 -14.18
C LYS NA 43 11.66 -52.51 -15.63
N GLN NA 44 12.55 -52.93 -16.51
CA GLN NA 44 12.54 -52.60 -17.93
C GLN NA 44 11.24 -53.01 -18.65
N SER NA 45 10.48 -53.93 -18.03
CA SER NA 45 9.16 -54.31 -18.54
C SER NA 45 8.11 -53.20 -18.41
N GLY NA 46 6.95 -53.45 -19.01
CA GLY NA 46 5.85 -52.50 -19.06
C GLY NA 46 6.14 -51.39 -20.04
N TYR NA 47 5.52 -50.24 -19.79
CA TYR NA 47 5.91 -48.99 -20.41
C TYR NA 47 6.94 -48.28 -19.50
N GLY NA 48 7.31 -47.06 -19.87
CA GLY NA 48 8.37 -46.31 -19.17
C GLY NA 48 9.58 -46.10 -20.06
N GLY NA 49 9.66 -46.86 -21.15
CA GLY NA 49 10.83 -46.83 -22.01
C GLY NA 49 11.98 -47.48 -21.28
N GLN NA 50 13.20 -47.02 -21.58
CA GLN NA 50 14.37 -47.54 -20.91
C GLN NA 50 14.57 -46.84 -19.58
N THR NA 51 14.97 -47.63 -18.59
CA THR NA 51 14.89 -47.28 -17.20
C THR NA 51 16.23 -47.01 -16.53
N LYS NA 52 17.25 -47.79 -16.89
CA LYS NA 52 18.60 -47.53 -16.41
C LYS NA 52 19.42 -46.97 -17.58
N PRO NA 53 20.58 -46.34 -17.29
CA PRO NA 53 21.35 -45.66 -18.34
C PRO NA 53 22.06 -46.59 -19.31
N ILE NA 54 22.47 -46.04 -20.45
CA ILE NA 54 23.16 -46.79 -21.50
C ILE NA 54 24.41 -46.04 -21.88
N PHE NA 55 25.55 -46.71 -21.78
CA PHE NA 55 26.84 -46.06 -21.92
C PHE NA 55 27.15 -45.89 -23.39
N ARG NA 56 27.28 -44.64 -23.84
CA ARG NA 56 27.50 -44.34 -25.24
C ARG NA 56 28.61 -43.28 -25.39
N LYS NA 57 29.77 -43.54 -24.77
CA LYS NA 57 30.83 -42.52 -24.71
C LYS NA 57 32.22 -43.15 -24.42
N LYS NA 58 32.57 -44.16 -25.22
CA LYS NA 58 33.79 -44.96 -25.04
C LYS NA 58 35.08 -44.16 -25.22
N ALA NA 59 35.90 -44.17 -24.17
CA ALA NA 59 37.09 -43.37 -24.11
C ALA NA 59 38.32 -44.19 -24.43
N LYS NA 60 38.50 -45.31 -23.74
CA LYS NA 60 39.68 -46.15 -23.99
C LYS NA 60 39.48 -47.11 -25.15
N THR NA 61 40.63 -47.61 -25.62
CA THR NA 61 40.73 -48.47 -26.78
C THR NA 61 41.59 -49.70 -26.45
N THR NA 62 41.47 -50.19 -25.21
CA THR NA 62 42.16 -51.41 -24.77
C THR NA 62 41.74 -51.84 -23.37
N LYS NA 63 41.77 -53.14 -23.14
CA LYS NA 63 41.43 -53.74 -21.85
C LYS NA 63 42.71 -54.07 -21.09
N LYS NA 64 42.64 -54.05 -19.75
CA LYS NA 64 43.69 -54.66 -18.93
C LYS NA 64 43.62 -56.14 -19.21
N ILE NA 65 44.69 -56.72 -19.76
CA ILE NA 65 44.66 -58.15 -20.04
C ILE NA 65 44.83 -58.94 -18.75
N VAL NA 66 44.09 -60.03 -18.67
CA VAL NA 66 44.07 -60.90 -17.52
C VAL NA 66 44.49 -62.26 -18.01
N LEU NA 67 45.25 -62.95 -17.18
CA LEU NA 67 45.65 -64.30 -17.44
C LEU NA 67 44.90 -65.15 -16.45
N ARG NA 68 44.65 -66.39 -16.80
CA ARG NA 68 43.97 -67.35 -15.95
C ARG NA 68 44.95 -68.47 -15.59
N LEU NA 69 45.65 -68.27 -14.48
CA LEU NA 69 46.71 -69.16 -14.06
C LEU NA 69 46.14 -70.39 -13.36
N GLU NA 70 46.29 -71.56 -13.99
CA GLU NA 70 45.74 -72.81 -13.50
C GLU NA 70 46.87 -73.71 -13.03
N CYS NA 71 46.73 -74.28 -11.84
CA CYS NA 71 47.81 -75.04 -11.22
C CYS NA 71 48.00 -76.38 -11.91
N VAL NA 72 49.27 -76.73 -12.14
CA VAL NA 72 49.60 -77.93 -12.91
C VAL NA 72 49.48 -79.18 -12.08
N GLU NA 73 49.97 -79.16 -10.83
CA GLU NA 73 49.87 -80.34 -9.98
C GLU NA 73 48.40 -80.75 -9.86
N PRO NA 74 48.07 -82.00 -10.26
CA PRO NA 74 46.71 -82.49 -10.06
C PRO NA 74 46.45 -82.74 -8.58
N ASN NA 75 45.19 -83.00 -8.24
CA ASN NA 75 44.71 -82.92 -6.85
C ASN NA 75 44.79 -81.47 -6.33
N CYS NA 76 44.57 -80.51 -7.23
CA CYS NA 76 44.59 -79.07 -6.90
C CYS NA 76 43.95 -78.29 -8.03
N ARG NA 77 44.65 -78.22 -9.17
CA ARG NA 77 44.14 -77.64 -10.42
C ARG NA 77 43.62 -76.20 -10.28
N SER NA 78 44.05 -75.52 -9.23
CA SER NA 78 43.42 -74.28 -8.79
C SER NA 78 43.67 -73.16 -9.78
N LYS NA 79 42.58 -72.58 -10.27
CA LYS NA 79 42.64 -71.47 -11.20
C LYS NA 79 42.79 -70.17 -10.42
N ARG NA 80 43.24 -69.13 -11.11
CA ARG NA 80 43.60 -67.86 -10.46
C ARG NA 80 43.68 -66.73 -11.48
N MET NA 81 43.10 -65.57 -11.16
CA MET NA 81 43.15 -64.40 -12.05
C MET NA 81 44.40 -63.58 -11.76
N LEU NA 82 45.03 -63.12 -12.82
CA LEU NA 82 46.30 -62.44 -12.74
C LEU NA 82 46.32 -61.37 -13.82
N ALA NA 83 46.16 -60.11 -13.41
CA ALA NA 83 46.10 -58.99 -14.35
C ALA NA 83 47.48 -58.47 -14.71
N ILE NA 84 47.54 -57.78 -15.83
CA ILE NA 84 48.76 -57.21 -16.38
C ILE NA 84 48.38 -55.83 -16.91
N LYS NA 85 49.35 -54.96 -17.10
CA LYS NA 85 49.12 -53.62 -17.66
C LYS NA 85 48.49 -53.66 -19.06
N ARG NA 86 47.67 -52.66 -19.35
CA ARG NA 86 46.94 -52.54 -20.63
C ARG NA 86 47.86 -52.60 -21.83
N CYS NA 87 47.46 -53.30 -22.89
CA CYS NA 87 48.24 -53.28 -24.12
C CYS NA 87 47.43 -53.68 -25.36
N LYS NA 88 47.55 -52.88 -26.42
CA LYS NA 88 46.79 -53.14 -27.64
C LYS NA 88 47.50 -54.12 -28.58
N HIS NA 89 48.33 -54.98 -28.00
CA HIS NA 89 48.75 -56.21 -28.64
C HIS NA 89 49.05 -57.18 -27.51
N PHE NA 90 48.61 -58.43 -27.67
CA PHE NA 90 48.88 -59.47 -26.70
C PHE NA 90 48.96 -60.83 -27.38
N GLU NA 91 49.80 -61.71 -26.85
CA GLU NA 91 49.90 -63.08 -27.35
C GLU NA 91 50.56 -64.01 -26.33
N LEU NA 92 50.39 -65.32 -26.53
CA LEU NA 92 51.00 -66.32 -25.65
C LEU NA 92 51.94 -67.28 -26.40
N GLY NA 93 53.20 -67.28 -26.00
CA GLY NA 93 54.22 -68.13 -26.60
C GLY NA 93 54.57 -67.74 -28.02
N GLY NA 94 54.71 -66.44 -28.27
CA GLY NA 94 54.98 -65.91 -29.60
C GLY NA 94 56.46 -65.64 -29.88
N ASP NA 95 57.26 -66.71 -29.93
CA ASP NA 95 58.72 -66.66 -30.14
C ASP NA 95 59.48 -65.95 -29.02
N LYS NA 96 60.81 -66.07 -29.07
CA LYS NA 96 61.68 -65.47 -28.05
C LYS NA 96 62.53 -64.30 -28.59
N LYS NA 97 62.03 -63.64 -29.64
CA LYS NA 97 62.64 -62.42 -30.24
C LYS NA 97 64.08 -62.48 -30.80
N ARG NA 98 65.00 -63.12 -30.08
CA ARG NA 98 66.37 -63.43 -30.54
C ARG NA 98 67.28 -62.20 -30.67
N LYS NA 99 68.22 -62.05 -29.73
CA LYS NA 99 69.23 -61.00 -29.79
C LYS NA 99 70.27 -61.32 -30.87
N GLY NA 100 70.78 -60.26 -31.51
CA GLY NA 100 71.95 -60.36 -32.39
C GLY NA 100 71.73 -61.13 -33.68
N GLN NA 101 70.70 -60.75 -34.42
CA GLN NA 101 70.31 -61.46 -35.65
C GLN NA 101 70.03 -60.50 -36.80
N VAL NA 102 69.93 -61.07 -37.99
CA VAL NA 102 69.72 -60.30 -39.21
C VAL NA 102 68.24 -60.05 -39.40
N ILE NA 103 67.88 -58.78 -39.61
CA ILE NA 103 66.52 -58.40 -39.98
C ILE NA 103 66.54 -58.23 -41.50
N GLN NA 104 65.43 -58.62 -42.16
CA GLN NA 104 65.38 -58.69 -43.62
C GLN NA 104 64.03 -58.25 -44.18
N ALA OA 1 -16.13 -13.92 -92.68
CA ALA OA 1 -15.19 -13.06 -91.88
C ALA OA 1 -15.55 -11.57 -91.97
N LYS OA 2 -16.82 -11.27 -91.67
CA LYS OA 2 -17.35 -9.90 -91.73
C LYS OA 2 -16.79 -9.03 -90.62
N ARG OA 3 -16.93 -9.51 -89.39
CA ARG OA 3 -16.53 -8.76 -88.21
C ARG OA 3 -15.16 -9.20 -87.69
N THR OA 4 -14.93 -10.51 -87.61
CA THR OA 4 -13.62 -11.04 -87.21
C THR OA 4 -13.01 -11.96 -88.26
N LYS OA 5 -11.69 -11.88 -88.40
CA LYS OA 5 -10.93 -12.78 -89.27
C LYS OA 5 -10.99 -14.20 -88.76
N LYS OA 6 -10.58 -14.41 -87.51
CA LYS OA 6 -10.39 -15.74 -86.96
C LYS OA 6 -10.57 -15.86 -85.45
N VAL OA 7 -11.70 -15.40 -84.95
CA VAL OA 7 -12.14 -15.79 -83.60
C VAL OA 7 -13.59 -16.24 -83.54
N GLY OA 8 -14.49 -15.52 -84.21
CA GLY OA 8 -15.89 -15.92 -84.23
C GLY OA 8 -16.47 -16.10 -82.83
N ILE OA 9 -17.18 -17.21 -82.62
CA ILE OA 9 -17.80 -17.52 -81.32
C ILE OA 9 -16.91 -17.16 -80.13
N VAL OA 10 -15.60 -17.45 -80.23
CA VAL OA 10 -14.68 -17.20 -79.11
C VAL OA 10 -14.07 -15.79 -79.07
N GLY OA 11 -14.64 -14.86 -79.82
CA GLY OA 11 -14.34 -13.44 -79.68
C GLY OA 11 -14.88 -12.86 -78.39
N LYS OA 12 -15.90 -13.50 -77.83
CA LYS OA 12 -16.43 -13.10 -76.52
C LYS OA 12 -15.32 -13.01 -75.47
N TYR OA 13 -14.45 -14.02 -75.46
CA TYR OA 13 -13.42 -14.15 -74.45
C TYR OA 13 -12.33 -13.07 -74.50
N GLY OA 14 -12.29 -12.30 -75.58
CA GLY OA 14 -11.36 -11.19 -75.69
C GLY OA 14 -9.96 -11.73 -75.87
N THR OA 15 -9.00 -11.06 -75.24
CA THR OA 15 -7.63 -11.57 -75.22
C THR OA 15 -7.42 -12.82 -74.37
N ARG OA 16 -8.25 -13.01 -73.36
CA ARG OA 16 -7.96 -13.96 -72.26
C ARG OA 16 -7.73 -15.42 -72.67
N TYR OA 17 -7.03 -16.14 -71.79
CA TYR OA 17 -6.99 -17.61 -71.74
C TYR OA 17 -5.99 -18.23 -72.71
N GLY OA 18 -5.43 -17.45 -73.62
CA GLY OA 18 -4.44 -17.99 -74.55
C GLY OA 18 -5.05 -18.43 -75.86
N ALA OA 19 -4.22 -18.41 -76.89
CA ALA OA 19 -4.67 -18.65 -78.25
C ALA OA 19 -5.11 -20.08 -78.47
N SER OA 20 -4.33 -21.02 -77.95
CA SER OA 20 -4.59 -22.43 -78.13
C SER OA 20 -5.88 -22.85 -77.47
N LEU OA 21 -6.07 -22.43 -76.22
CA LEU OA 21 -7.30 -22.75 -75.51
C LEU OA 21 -8.51 -22.21 -76.25
N ARG OA 22 -8.45 -20.94 -76.65
CA ARG OA 22 -9.55 -20.31 -77.38
C ARG OA 22 -9.85 -20.95 -78.74
N LYS OA 23 -8.81 -21.40 -79.43
CA LYS OA 23 -8.96 -22.21 -80.63
C LYS OA 23 -9.63 -23.53 -80.30
N MET OA 24 -9.19 -24.14 -79.20
CA MET OA 24 -9.73 -25.42 -78.75
C MET OA 24 -11.19 -25.34 -78.33
N VAL OA 25 -11.57 -24.22 -77.72
CA VAL OA 25 -12.94 -23.97 -77.33
C VAL OA 25 -13.82 -23.72 -78.54
N LYS OA 26 -13.31 -23.05 -79.58
CA LYS OA 26 -14.14 -22.72 -80.75
C LYS OA 26 -14.85 -23.91 -81.39
N LYS OA 27 -14.21 -25.06 -81.40
CA LYS OA 27 -14.83 -26.26 -81.97
C LYS OA 27 -16.08 -26.62 -81.17
N ILE OA 28 -15.91 -26.87 -79.88
CA ILE OA 28 -17.01 -27.24 -78.99
C ILE OA 28 -18.02 -26.12 -78.96
N GLU OA 29 -17.55 -24.93 -78.60
CA GLU OA 29 -18.40 -23.74 -78.42
C GLU OA 29 -19.38 -23.54 -79.57
N ILE OA 30 -18.95 -23.88 -80.78
CA ILE OA 30 -19.85 -23.95 -81.92
C ILE OA 30 -20.83 -25.11 -81.79
N SER OA 31 -20.30 -26.34 -81.80
CA SER OA 31 -21.16 -27.52 -81.82
C SER OA 31 -22.23 -27.52 -80.74
N GLN OA 32 -21.84 -27.11 -79.52
CA GLN OA 32 -22.74 -27.17 -78.39
C GLN OA 32 -23.93 -26.22 -78.54
N HIS OA 33 -23.71 -25.09 -79.21
CA HIS OA 33 -24.77 -24.12 -79.45
C HIS OA 33 -25.50 -24.34 -80.78
N ALA OA 34 -25.06 -25.32 -81.56
CA ALA OA 34 -25.68 -25.65 -82.83
C ALA OA 34 -27.11 -26.13 -82.61
N LYS OA 35 -27.99 -25.82 -83.56
CA LYS OA 35 -29.32 -26.40 -83.58
C LYS OA 35 -29.26 -27.52 -84.61
N TYR OA 36 -29.51 -28.74 -84.14
CA TYR OA 36 -29.44 -29.93 -84.99
C TYR OA 36 -30.83 -30.28 -85.49
N THR OA 37 -30.94 -31.37 -86.26
CA THR OA 37 -32.22 -31.84 -86.78
C THR OA 37 -32.81 -33.00 -85.98
N CYS OA 38 -34.02 -32.77 -85.46
CA CYS OA 38 -34.78 -33.77 -84.72
C CYS OA 38 -35.19 -34.92 -85.62
N SER OA 39 -34.41 -36.00 -85.60
CA SER OA 39 -34.74 -37.24 -86.33
C SER OA 39 -35.97 -37.93 -85.72
N PHE OA 40 -37.10 -37.24 -85.79
CA PHE OA 40 -38.30 -37.64 -85.08
C PHE OA 40 -39.46 -36.88 -85.70
N CYS OA 41 -39.28 -35.57 -85.88
CA CYS OA 41 -40.10 -34.76 -86.78
C CYS OA 41 -39.37 -34.35 -88.05
N GLY OA 42 -38.09 -34.00 -87.90
CA GLY OA 42 -37.28 -33.51 -89.01
C GLY OA 42 -37.16 -32.00 -89.05
N LYS OA 43 -37.55 -31.31 -87.98
CA LYS OA 43 -37.32 -29.88 -87.85
C LYS OA 43 -35.93 -29.69 -87.31
N THR OA 44 -35.37 -28.50 -87.53
CA THR OA 44 -34.03 -28.19 -87.05
C THR OA 44 -34.11 -27.52 -85.69
N LYS OA 45 -34.42 -28.32 -84.69
CA LYS OA 45 -34.71 -27.84 -83.35
C LYS OA 45 -34.03 -28.60 -82.22
N MET OA 46 -33.24 -29.64 -82.50
CA MET OA 46 -32.49 -30.33 -81.45
C MET OA 46 -31.44 -29.39 -80.88
N LYS OA 47 -31.64 -29.02 -79.62
CA LYS OA 47 -30.85 -28.00 -78.97
C LYS OA 47 -30.44 -28.52 -77.63
N ARG OA 48 -29.16 -28.45 -77.32
CA ARG OA 48 -28.66 -28.96 -76.05
C ARG OA 48 -29.34 -28.18 -74.93
N ARG OA 49 -29.86 -28.90 -73.96
CA ARG OA 49 -30.54 -28.32 -72.80
C ARG OA 49 -29.56 -28.17 -71.66
N ALA OA 50 -28.93 -29.29 -71.32
CA ALA OA 50 -27.81 -29.33 -70.40
C ALA OA 50 -26.91 -30.44 -70.89
N VAL OA 51 -25.78 -30.63 -70.24
CA VAL OA 51 -24.76 -31.58 -70.75
C VAL OA 51 -25.41 -32.94 -70.97
N GLY OA 52 -25.16 -33.52 -72.13
CA GLY OA 52 -25.61 -34.88 -72.39
C GLY OA 52 -27.11 -35.02 -72.62
N ILE OA 53 -27.84 -33.91 -72.68
CA ILE OA 53 -29.29 -33.95 -72.84
C ILE OA 53 -29.73 -32.85 -73.81
N TRP OA 54 -30.32 -33.30 -74.91
CA TRP OA 54 -30.72 -32.50 -76.05
C TRP OA 54 -32.20 -32.63 -76.22
N HIS OA 55 -32.85 -31.52 -76.48
CA HIS OA 55 -34.28 -31.47 -76.49
C HIS OA 55 -34.75 -30.90 -77.83
N CYS OA 56 -35.71 -31.57 -78.46
CA CYS OA 56 -36.38 -30.98 -79.60
C CYS OA 56 -37.48 -30.13 -79.00
N GLY OA 57 -37.57 -28.89 -79.44
CA GLY OA 57 -38.63 -27.98 -79.03
C GLY OA 57 -40.01 -28.31 -79.59
N SER OA 58 -40.04 -28.88 -80.79
CA SER OA 58 -41.29 -29.21 -81.45
C SER OA 58 -41.71 -30.61 -81.03
N CYS OA 59 -40.81 -31.56 -81.31
CA CYS OA 59 -41.01 -32.97 -81.02
C CYS OA 59 -41.26 -33.21 -79.53
N MET OA 60 -40.69 -32.34 -78.68
CA MET OA 60 -40.68 -32.52 -77.22
C MET OA 60 -39.99 -33.82 -76.79
N LYS OA 61 -39.03 -34.25 -77.62
CA LYS OA 61 -38.30 -35.49 -77.43
C LYS OA 61 -36.98 -35.14 -76.81
N THR OA 62 -36.85 -35.34 -75.50
CA THR OA 62 -35.56 -35.12 -74.85
C THR OA 62 -34.73 -36.36 -75.14
N VAL OA 63 -33.45 -36.16 -75.42
CA VAL OA 63 -32.59 -37.21 -75.96
C VAL OA 63 -31.20 -37.20 -75.35
N ALA OA 64 -30.88 -38.28 -74.64
CA ALA OA 64 -29.58 -38.41 -74.02
C ALA OA 64 -28.57 -38.61 -75.13
N GLY OA 65 -27.73 -37.60 -75.31
CA GLY OA 65 -26.66 -37.61 -76.30
C GLY OA 65 -25.35 -37.25 -75.65
N GLY OA 66 -24.46 -36.68 -76.47
CA GLY OA 66 -23.13 -36.31 -76.03
C GLY OA 66 -23.11 -35.02 -75.23
N ALA OA 67 -21.94 -34.69 -74.73
CA ALA OA 67 -21.74 -33.49 -73.93
C ALA OA 67 -21.79 -32.21 -74.76
N TRP OA 68 -21.21 -32.27 -75.96
CA TRP OA 68 -21.16 -31.12 -76.86
C TRP OA 68 -21.71 -31.41 -78.25
N THR OA 69 -22.22 -32.61 -78.46
CA THR OA 69 -22.81 -33.01 -79.74
C THR OA 69 -23.97 -33.94 -79.49
N TYR OA 70 -25.02 -33.79 -80.28
CA TYR OA 70 -26.16 -34.68 -80.23
C TYR OA 70 -25.74 -36.16 -80.32
N ASN OA 71 -24.66 -36.45 -81.06
CA ASN OA 71 -24.06 -37.79 -81.13
C ASN OA 71 -22.57 -37.72 -80.88
N THR OA 72 -22.05 -38.57 -79.98
CA THR OA 72 -20.61 -38.84 -79.98
C THR OA 72 -20.34 -39.86 -81.05
N THR OA 73 -19.09 -39.95 -81.49
CA THR OA 73 -18.69 -40.99 -82.43
C THR OA 73 -18.77 -42.33 -81.72
N SER OA 74 -18.16 -42.40 -80.52
CA SER OA 74 -18.22 -43.57 -79.65
C SER OA 74 -19.59 -44.21 -79.54
N ALA OA 75 -20.59 -43.40 -79.22
CA ALA OA 75 -21.98 -43.86 -79.17
C ALA OA 75 -22.39 -44.50 -80.49
N VAL OA 76 -22.07 -43.84 -81.61
CA VAL OA 76 -22.46 -44.32 -82.93
C VAL OA 76 -21.83 -45.66 -83.24
N THR OA 77 -20.53 -45.77 -82.99
CA THR OA 77 -19.83 -47.01 -83.25
C THR OA 77 -20.33 -48.15 -82.37
N VAL OA 78 -20.67 -47.80 -81.12
CA VAL OA 78 -21.24 -48.76 -80.17
C VAL OA 78 -22.62 -49.21 -80.65
N LYS OA 79 -23.39 -48.29 -81.19
CA LYS OA 79 -24.72 -48.63 -81.68
C LYS OA 79 -24.67 -49.72 -82.75
N SER OA 80 -23.84 -49.51 -83.75
CA SER OA 80 -23.74 -50.44 -84.88
C SER OA 80 -23.25 -51.82 -84.46
N ALA OA 81 -22.23 -51.88 -83.60
CA ALA OA 81 -21.73 -53.14 -83.06
C ALA OA 81 -22.82 -53.95 -82.37
N ILE OA 82 -23.60 -53.29 -81.51
CA ILE OA 82 -24.68 -53.93 -80.77
C ILE OA 82 -25.72 -54.46 -81.74
N ARG OA 83 -26.02 -53.68 -82.78
CA ARG OA 83 -26.96 -54.12 -83.81
C ARG OA 83 -26.45 -55.35 -84.56
N ARG OA 84 -25.16 -55.37 -84.86
CA ARG OA 84 -24.52 -56.50 -85.54
C ARG OA 84 -24.61 -57.78 -84.70
N LEU OA 85 -24.26 -57.67 -83.42
CA LEU OA 85 -24.23 -58.81 -82.48
C LEU OA 85 -25.61 -59.36 -82.19
N LYS OA 86 -26.56 -58.45 -81.97
CA LYS OA 86 -27.99 -58.77 -81.89
C LYS OA 86 -28.44 -59.71 -83.00
N GLU OA 87 -28.05 -59.36 -84.23
CA GLU OA 87 -28.39 -60.16 -85.41
C GLU OA 87 -27.62 -61.48 -85.43
N LEU OA 88 -26.35 -61.45 -85.03
CA LEU OA 88 -25.53 -62.66 -84.88
C LEU OA 88 -26.09 -63.66 -83.86
N LYS OA 89 -26.66 -63.15 -82.77
CA LYS OA 89 -27.20 -64.02 -81.70
C LYS OA 89 -28.49 -64.70 -82.14
N ASP OA 90 -29.48 -63.90 -82.54
CA ASP OA 90 -30.85 -64.39 -82.81
C ASP OA 90 -30.97 -65.12 -84.15
N GLN OA 91 -30.34 -64.58 -85.19
CA GLN OA 91 -30.41 -65.09 -86.58
C GLN OA 91 -31.83 -65.01 -87.15
N SER PA 1 13.83 -20.58 57.06
CA SER PA 1 14.75 -19.59 57.68
C SER PA 1 14.31 -18.16 57.37
N ALA PA 2 15.18 -17.21 57.69
CA ALA PA 2 15.05 -15.84 57.20
C ALA PA 2 15.52 -15.77 55.77
N HIS PA 3 16.75 -16.22 55.54
CA HIS PA 3 17.35 -16.16 54.21
C HIS PA 3 16.62 -16.94 53.16
N LEU PA 4 16.17 -18.14 53.48
CA LEU PA 4 15.46 -18.95 52.51
C LEU PA 4 14.24 -18.21 51.99
N GLN PA 5 13.41 -17.71 52.91
CA GLN PA 5 12.17 -17.06 52.51
C GLN PA 5 12.40 -15.69 51.88
N TRP PA 6 13.53 -15.05 52.18
CA TRP PA 6 13.97 -13.89 51.40
C TRP PA 6 14.28 -14.24 49.95
N MET PA 7 14.85 -15.41 49.71
CA MET PA 7 15.07 -15.91 48.35
C MET PA 7 13.76 -16.10 47.59
N VAL PA 8 12.75 -16.61 48.29
CA VAL PA 8 11.43 -16.80 47.70
C VAL PA 8 10.80 -15.46 47.32
N VAL PA 9 11.01 -14.46 48.17
CA VAL PA 9 10.25 -13.22 48.18
C VAL PA 9 10.90 -12.02 47.46
N ARG PA 10 12.23 -11.91 47.54
CA ARG PA 10 12.99 -10.70 47.13
C ARG PA 10 12.45 -9.85 45.97
N ASN PA 11 11.94 -10.50 44.93
CA ASN PA 11 11.47 -9.82 43.73
C ASN PA 11 9.97 -9.92 43.45
N CYS PA 12 9.26 -10.78 44.19
CA CYS PA 12 7.88 -11.15 43.87
C CYS PA 12 6.79 -10.63 44.82
N SER PA 13 7.15 -10.18 46.02
CA SER PA 13 6.13 -9.93 47.05
C SER PA 13 5.12 -8.89 46.61
N SER PA 14 3.88 -9.05 47.06
CA SER PA 14 2.83 -8.05 46.82
C SER PA 14 3.19 -6.70 47.43
N PHE PA 15 3.90 -6.73 48.55
CA PHE PA 15 4.30 -5.51 49.25
C PHE PA 15 5.31 -4.66 48.51
N LEU PA 16 6.10 -5.26 47.63
CA LEU PA 16 7.13 -4.55 46.86
C LEU PA 16 6.48 -3.64 45.83
N ILE PA 17 7.25 -2.64 45.42
CA ILE PA 17 6.80 -1.64 44.47
C ILE PA 17 8.05 -1.06 43.83
N LYS PA 18 8.28 -1.42 42.56
CA LYS PA 18 9.40 -0.87 41.79
C LYS PA 18 8.97 0.48 41.22
N ARG PA 19 9.09 0.70 39.91
CA ARG PA 19 8.66 1.94 39.24
C ARG PA 19 9.61 3.12 39.51
N ASN PA 20 9.82 3.89 38.46
CA ASN PA 20 10.51 5.17 38.52
C ASN PA 20 11.94 5.05 39.05
N LYS PA 21 12.61 3.97 38.65
CA LYS PA 21 13.99 3.67 39.02
C LYS PA 21 14.28 3.38 40.49
N GLN PA 22 13.35 3.68 41.39
CA GLN PA 22 13.51 3.24 42.78
C GLN PA 22 12.84 1.90 42.93
N THR PA 23 12.95 1.37 44.13
CA THR PA 23 12.15 0.24 44.60
C THR PA 23 11.76 0.59 46.00
N TYR PA 24 10.69 -0.03 46.48
CA TYR PA 24 10.25 0.19 47.85
C TYR PA 24 9.61 -1.07 48.38
N SER PA 25 9.04 -1.00 49.58
CA SER PA 25 8.32 -2.15 50.13
C SER PA 25 7.32 -1.64 51.15
N THR PA 26 6.12 -2.21 51.11
CA THR PA 26 5.01 -1.74 51.92
C THR PA 26 4.63 -2.68 53.07
N GLU PA 27 5.45 -3.71 53.32
CA GLU PA 27 5.13 -4.68 54.36
C GLU PA 27 5.28 -4.05 55.73
N PRO PA 28 4.44 -4.49 56.68
CA PRO PA 28 4.36 -3.78 57.94
C PRO PA 28 5.53 -4.16 58.83
N ASN PA 29 5.96 -3.21 59.64
CA ASN PA 29 7.14 -3.36 60.49
C ASN PA 29 8.41 -3.42 59.63
N ASN PA 30 8.40 -2.60 58.56
CA ASN PA 30 9.60 -2.25 57.83
C ASN PA 30 9.77 -0.76 57.97
N LEU PA 31 10.62 -0.38 58.91
CA LEU PA 31 11.07 1.00 59.00
C LEU PA 31 12.10 1.19 57.89
N LYS PA 32 11.93 2.27 57.14
CA LYS PA 32 12.78 2.64 55.98
C LYS PA 32 12.22 2.16 54.62
N ALA PA 33 11.11 1.41 54.63
CA ALA PA 33 10.36 1.02 53.42
C ALA PA 33 11.21 0.39 52.32
N ARG PA 34 12.31 -0.21 52.72
CA ARG PA 34 13.30 -0.72 51.80
C ARG PA 34 12.94 -2.15 51.45
N ASN PA 35 13.23 -2.55 50.22
CA ASN PA 35 13.16 -3.96 49.87
C ASN PA 35 14.53 -4.52 50.12
N SER PA 36 14.85 -4.63 51.41
CA SER PA 36 16.14 -5.08 51.83
C SER PA 36 15.93 -6.38 52.55
N PHE PA 37 17.02 -7.08 52.79
CA PHE PA 37 17.01 -8.18 53.72
C PHE PA 37 16.87 -7.58 55.12
N ARG PA 38 17.85 -6.79 55.55
CA ARG PA 38 17.83 -6.13 56.86
C ARG PA 38 16.44 -5.63 57.23
N TYR PA 39 15.94 -4.71 56.42
CA TYR PA 39 14.74 -3.97 56.73
C TYR PA 39 13.51 -4.65 56.14
N ASN PA 40 13.14 -5.79 56.69
CA ASN PA 40 11.97 -6.53 56.25
C ASN PA 40 11.22 -7.11 57.44
N GLY PA 41 9.97 -6.72 57.61
CA GLY PA 41 9.19 -7.11 58.78
C GLY PA 41 8.82 -8.58 58.88
N LEU PA 42 8.49 -9.15 57.73
CA LEU PA 42 7.90 -10.49 57.67
C LEU PA 42 8.90 -11.62 57.86
N ILE PA 43 10.15 -11.37 57.51
CA ILE PA 43 11.15 -12.42 57.35
C ILE PA 43 11.81 -12.80 58.67
N HIS PA 44 12.10 -11.80 59.50
CA HIS PA 44 13.00 -11.97 60.63
C HIS PA 44 12.35 -12.44 61.92
N ARG PA 45 13.10 -13.25 62.66
CA ARG PA 45 12.62 -13.82 63.90
C ARG PA 45 12.34 -12.70 64.90
N LYS PA 46 13.21 -11.70 64.91
CA LYS PA 46 12.97 -10.51 65.72
C LYS PA 46 12.83 -9.29 64.82
N THR PA 47 11.81 -8.47 65.07
CA THR PA 47 11.36 -7.42 64.16
C THR PA 47 11.09 -6.12 64.91
N VAL PA 48 11.36 -4.98 64.28
CA VAL PA 48 10.93 -3.70 64.83
C VAL PA 48 10.01 -3.00 63.84
N GLY PA 49 9.06 -2.22 64.36
CA GLY PA 49 8.14 -1.45 63.53
C GLY PA 49 7.59 -0.25 64.28
N VAL PA 50 7.84 0.96 63.77
CA VAL PA 50 7.44 2.18 64.45
C VAL PA 50 6.37 2.90 63.61
N GLU PA 51 5.12 2.68 63.96
CA GLU PA 51 3.99 3.29 63.25
C GLU PA 51 3.54 4.49 64.08
N PRO PA 52 2.74 5.39 63.49
CA PRO PA 52 2.11 6.41 64.32
C PRO PA 52 0.94 5.85 65.10
N ALA PA 53 0.52 6.57 66.13
CA ALA PA 53 -0.64 6.17 66.91
C ALA PA 53 -1.90 6.56 66.15
N ALA PA 54 -2.94 5.74 66.26
CA ALA PA 54 -4.24 5.99 65.63
C ALA PA 54 -4.94 7.23 66.19
N ASP PA 55 -4.65 7.55 67.46
CA ASP PA 55 -5.07 8.81 68.09
C ASP PA 55 -4.74 10.01 67.21
N GLY PA 56 -3.54 10.01 66.65
CA GLY PA 56 -3.00 11.16 65.93
C GLY PA 56 -1.89 11.82 66.74
N LYS PA 57 -1.95 11.65 68.06
CA LYS PA 57 -0.87 12.02 68.95
C LYS PA 57 -0.06 10.77 69.24
N GLY PA 58 1.25 10.89 69.05
CA GLY PA 58 2.18 9.84 69.47
C GLY PA 58 2.52 8.75 68.48
N VAL PA 59 3.27 7.78 68.99
CA VAL PA 59 3.97 6.79 68.21
C VAL PA 59 3.70 5.42 68.83
N VAL PA 60 3.65 4.38 68.00
CA VAL PA 60 3.62 3.01 68.51
C VAL PA 60 4.86 2.26 68.05
N VAL PA 61 5.54 1.61 68.98
CA VAL PA 61 6.57 0.65 68.64
C VAL PA 61 5.90 -0.71 68.56
N VAL PA 62 6.41 -1.56 67.66
CA VAL PA 62 5.84 -2.88 67.42
C VAL PA 62 6.97 -3.90 67.37
N MET PA 63 7.21 -4.52 68.52
CA MET PA 63 8.09 -5.68 68.68
C MET PA 63 7.46 -6.95 68.16
N LYS PA 64 8.29 -7.95 67.89
CA LYS PA 64 7.81 -9.31 67.60
C LYS PA 64 8.41 -10.26 68.62
N ARG PA 65 7.60 -11.20 69.10
CA ARG PA 65 7.95 -11.97 70.30
C ARG PA 65 9.17 -12.88 70.16
N ARG PA 66 9.04 -13.93 69.35
CA ARG PA 66 9.94 -15.11 69.28
C ARG PA 66 9.26 -16.31 69.93
N SER PA 67 8.48 -16.05 70.98
CA SER PA 67 7.60 -17.03 71.62
C SER PA 67 7.01 -18.02 70.61
N GLY PA 68 6.30 -17.47 69.62
CA GLY PA 68 5.61 -18.29 68.65
C GLY PA 68 5.11 -17.54 67.44
N GLN PA 69 5.97 -17.47 66.42
CA GLN PA 69 5.56 -17.12 65.05
C GLN PA 69 5.26 -18.44 64.35
N ARG PA 70 4.20 -18.43 63.56
CA ARG PA 70 3.31 -19.58 63.27
C ARG PA 70 1.92 -19.12 63.71
N LYS PA 71 1.88 -18.37 64.81
CA LYS PA 71 0.66 -17.84 65.36
C LYS PA 71 0.70 -16.33 65.28
N PRO PA 72 0.48 -15.77 64.08
CA PRO PA 72 0.59 -14.32 63.88
C PRO PA 72 -0.32 -13.48 64.78
N ALA PA 73 -1.48 -14.02 65.15
CA ALA PA 73 -2.41 -13.38 66.09
C ALA PA 73 -1.72 -12.89 67.36
N THR PA 74 -0.76 -13.67 67.83
CA THR PA 74 -0.09 -13.43 69.10
C THR PA 74 1.33 -12.89 68.94
N SER PA 75 1.78 -12.71 67.70
CA SER PA 75 3.21 -12.61 67.41
C SER PA 75 3.76 -11.22 67.67
N TYR PA 76 3.06 -10.21 67.16
CA TYR PA 76 3.51 -8.84 67.36
C TYR PA 76 2.93 -8.34 68.66
N VAL PA 77 3.61 -7.38 69.26
CA VAL PA 77 3.20 -6.81 70.53
C VAL PA 77 3.44 -5.28 70.50
N ARG PA 78 2.34 -4.54 70.51
CA ARG PA 78 2.36 -3.12 70.22
C ARG PA 78 2.46 -2.35 71.51
N THR PA 79 2.94 -1.11 71.41
CA THR PA 79 3.13 -0.28 72.60
C THR PA 79 3.22 1.20 72.24
N THR PA 80 2.18 1.93 72.60
CA THR PA 80 2.09 3.35 72.38
C THR PA 80 3.10 4.10 73.24
N ILE PA 81 3.76 5.10 72.65
CA ILE PA 81 4.57 6.08 73.39
C ILE PA 81 4.17 7.46 72.93
N ASN PA 82 3.60 8.23 73.84
CA ASN PA 82 2.93 9.48 73.51
C ASN PA 82 3.56 10.64 74.29
N LYS PA 83 4.88 10.62 74.40
CA LYS PA 83 5.63 11.43 75.37
C LYS PA 83 6.38 12.59 74.69
N ASN PA 84 7.02 13.43 75.51
CA ASN PA 84 7.72 14.64 75.05
C ASN PA 84 8.92 14.40 74.12
N ALA PA 85 8.61 14.09 72.85
CA ALA PA 85 9.57 13.94 71.75
C ALA PA 85 10.93 13.31 72.13
N ARG PA 86 11.76 14.09 72.82
CA ARG PA 86 13.07 13.67 73.30
C ARG PA 86 13.00 12.40 74.15
N ALA PA 87 11.97 12.31 74.97
CA ALA PA 87 11.70 11.11 75.77
C ALA PA 87 11.33 9.93 74.88
N THR PA 88 10.39 10.15 73.98
CA THR PA 88 9.91 9.12 73.07
C THR PA 88 11.07 8.39 72.43
N LEU PA 89 11.99 9.15 71.85
CA LEU PA 89 13.18 8.57 71.22
C LEU PA 89 13.95 7.66 72.18
N SER PA 90 14.20 8.17 73.38
CA SER PA 90 14.99 7.44 74.37
C SER PA 90 14.32 6.13 74.76
N SER PA 91 13.01 6.14 74.95
CA SER PA 91 12.27 4.90 75.25
C SER PA 91 12.44 3.85 74.15
N ILE PA 92 12.32 4.30 72.90
CA ILE PA 92 12.59 3.45 71.74
C ILE PA 92 14.04 2.99 71.75
N ARG PA 93 14.97 3.90 72.02
CA ARG PA 93 16.40 3.59 72.09
C ARG PA 93 16.66 2.41 73.02
N HIS PA 94 16.16 2.53 74.24
CA HIS PA 94 16.34 1.51 75.26
C HIS PA 94 15.68 0.21 74.88
N MET PA 95 14.42 0.28 74.43
CA MET PA 95 13.72 -0.89 73.90
C MET PA 95 14.62 -1.69 72.97
N ILE PA 96 15.32 -0.97 72.10
CA ILE PA 96 16.13 -1.61 71.08
C ILE PA 96 17.50 -2.00 71.62
N ARG PA 97 18.20 -1.04 72.21
CA ARG PA 97 19.61 -1.22 72.58
C ARG PA 97 19.83 -2.07 73.85
N LYS PA 98 19.07 -1.77 74.89
CA LYS PA 98 19.27 -2.39 76.19
C LYS PA 98 18.58 -3.75 76.33
N ASN PA 99 17.68 -4.07 75.39
CA ASN PA 99 17.14 -5.43 75.24
C ASN PA 99 17.94 -6.30 74.27
N LYS PA 100 18.94 -5.71 73.64
CA LYS PA 100 19.77 -6.42 72.68
C LYS PA 100 18.92 -6.97 71.55
N TYR PA 101 17.89 -6.22 71.16
CA TYR PA 101 16.92 -6.73 70.20
C TYR PA 101 17.02 -5.97 68.89
N HIS PA 102 17.33 -6.69 67.82
CA HIS PA 102 17.52 -6.04 66.52
C HIS PA 102 18.49 -4.87 66.57
N PRO PA 103 19.72 -5.13 67.14
CA PRO PA 103 20.53 -3.93 67.40
C PRO PA 103 20.85 -3.21 66.09
N ASP PA 104 20.80 -3.94 64.98
CA ASP PA 104 21.18 -3.39 63.70
C ASP PA 104 20.27 -2.21 63.40
N LEU PA 105 19.00 -2.35 63.76
CA LEU PA 105 17.97 -1.43 63.29
C LEU PA 105 18.22 0.00 63.74
N ARG PA 106 18.69 0.15 64.99
CA ARG PA 106 17.98 0.97 65.96
C ARG PA 106 17.88 2.42 65.50
N MET PA 107 18.96 2.95 64.93
CA MET PA 107 18.99 4.35 64.57
C MET PA 107 17.96 4.74 63.54
N ALA PA 108 17.70 3.81 62.63
CA ALA PA 108 16.58 3.89 61.71
C ALA PA 108 15.25 3.99 62.46
N ALA PA 109 15.11 3.24 63.56
CA ALA PA 109 13.88 3.26 64.36
C ALA PA 109 13.66 4.59 65.07
N ILE PA 110 14.77 5.22 65.44
CA ILE PA 110 14.73 6.52 66.06
C ILE PA 110 14.32 7.58 65.03
N ARG PA 111 15.00 7.61 63.89
CA ARG PA 111 14.64 8.55 62.81
C ARG PA 111 13.20 8.43 62.34
N ARG PA 112 12.64 7.22 62.37
CA ARG PA 112 11.26 7.00 61.96
C ARG PA 112 10.34 7.68 62.95
N ALA PA 113 10.49 7.31 64.21
CA ALA PA 113 9.75 7.94 65.31
C ALA PA 113 9.85 9.45 65.24
N SER PA 114 11.08 9.94 65.02
CA SER PA 114 11.33 11.36 64.87
C SER PA 114 10.47 11.98 63.76
N ALA PA 115 10.53 11.38 62.58
CA ALA PA 115 9.72 11.81 61.43
C ALA PA 115 8.22 11.73 61.69
N ILE PA 116 7.79 10.74 62.46
CA ILE PA 116 6.40 10.61 62.81
C ILE PA 116 5.98 11.75 63.73
N LEU PA 117 6.83 12.05 64.71
CA LEU PA 117 6.57 13.18 65.62
C LEU PA 117 6.67 14.55 64.92
N ARG PA 118 7.47 14.62 63.84
CA ARG PA 118 7.43 15.75 62.91
C ARG PA 118 6.04 15.84 62.26
N SER PA 119 5.54 14.72 61.76
CA SER PA 119 4.25 14.68 61.06
C SER PA 119 3.12 15.30 61.85
N GLN PA 120 3.01 14.90 63.11
CA GLN PA 120 1.96 15.39 64.00
C GLN PA 120 2.15 16.87 64.31
N LYS PA 121 4.45 17.77 62.67
CA LYS PA 121 4.45 19.23 62.74
C LYS PA 121 3.02 19.77 62.69
N PRO PA 122 2.89 21.10 62.65
CA PRO PA 122 1.60 21.80 62.60
C PRO PA 122 1.25 22.19 61.17
N VAL PA 123 0.13 21.69 60.66
CA VAL PA 123 -0.29 21.99 59.30
C VAL PA 123 -0.59 23.48 59.10
N MET PA 124 -1.23 24.10 60.09
CA MET PA 124 -1.57 25.51 60.01
C MET PA 124 -0.34 26.41 59.93
N VAL PA 125 0.71 26.06 60.69
CA VAL PA 125 1.94 26.83 60.70
C VAL PA 125 2.60 26.83 59.33
N LYS PA 126 2.59 25.68 58.67
CA LYS PA 126 3.18 25.55 57.35
C LYS PA 126 2.52 26.44 56.32
N ARG PA 127 1.20 26.53 56.39
CA ARG PA 127 0.43 27.37 55.47
C ARG PA 127 0.81 28.83 55.62
N LYS PA 128 0.98 29.27 56.86
CA LYS PA 128 1.35 30.65 57.14
C LYS PA 128 2.73 31.01 56.58
N ARG PA 129 3.67 30.08 56.73
CA ARG PA 129 5.05 30.29 56.27
C ARG PA 129 5.23 30.46 54.75
N THR PA 130 4.53 29.66 53.96
CA THR PA 130 4.67 29.71 52.50
C THR PA 130 4.24 31.02 51.84
N ARG PA 131 3.14 31.62 52.29
CA ARG PA 131 2.65 32.86 51.70
C ARG PA 131 2.73 34.05 52.66
N PRO PA 132 3.35 35.14 52.22
CA PRO PA 132 3.51 36.36 53.03
C PRO PA 132 2.15 36.98 53.37
N THR PA 133 1.23 36.99 52.40
CA THR PA 133 -0.11 37.55 52.58
C THR PA 133 -0.10 39.00 53.05
N LYS PA 134 0.81 39.81 52.49
CA LYS PA 134 0.91 41.21 52.86
C LYS PA 134 0.66 42.13 51.66
N SER PA 135 -0.20 43.12 51.87
CA SER PA 135 -0.55 44.10 50.83
C SER PA 135 -1.08 43.46 49.55
N SER PA 136 -1.92 42.43 49.71
CA SER PA 136 -2.51 41.71 48.59
C SER PA 136 -1.46 41.30 47.55
N ASP QA 1 106.12 24.35 -33.56
CA ASP QA 1 106.14 25.48 -34.54
C ASP QA 1 106.01 26.83 -33.83
N ARG QA 2 106.68 27.84 -34.38
CA ARG QA 2 106.66 29.22 -33.88
C ARG QA 2 107.34 29.46 -32.51
N ALA QA 3 108.10 28.46 -32.05
CA ALA QA 3 109.11 28.65 -31.01
C ALA QA 3 110.49 28.35 -31.59
N THR QA 4 110.60 27.20 -32.25
CA THR QA 4 111.79 26.83 -33.02
C THR QA 4 111.99 27.71 -34.26
N TRP QA 5 110.90 28.09 -34.91
CA TRP QA 5 110.97 29.03 -36.05
C TRP QA 5 111.40 30.43 -35.60
N LYS QA 6 110.82 30.92 -34.50
CA LYS QA 6 111.21 32.21 -33.91
C LYS QA 6 112.69 32.27 -33.54
N SER QA 7 113.21 31.17 -32.98
CA SER QA 7 114.64 31.04 -32.69
C SER QA 7 115.47 30.97 -33.97
N ASN QA 8 114.96 30.27 -34.98
CA ASN QA 8 115.60 30.19 -36.29
C ASN QA 8 115.64 31.55 -37.00
N TYR QA 9 114.60 32.37 -36.81
CA TYR QA 9 114.57 33.74 -37.35
C TYR QA 9 115.59 34.66 -36.66
N PHE QA 10 115.78 34.49 -35.35
CA PHE QA 10 116.83 35.24 -34.67
C PHE QA 10 118.20 34.88 -35.22
N LEU QA 11 118.41 33.60 -35.47
CA LEU QA 11 119.67 33.12 -36.07
C LEU QA 11 119.91 33.65 -37.50
N LYS QA 12 118.84 33.84 -38.26
CA LYS QA 12 118.95 34.40 -39.62
C LYS QA 12 119.43 35.86 -39.60
N ILE QA 13 118.78 36.69 -38.78
CA ILE QA 13 119.10 38.13 -38.71
C ILE QA 13 120.48 38.41 -38.09
N ILE QA 14 120.86 37.66 -37.05
CA ILE QA 14 122.20 37.81 -36.43
C ILE QA 14 123.33 37.40 -37.37
N GLN QA 15 123.15 36.32 -38.13
CA GLN QA 15 124.14 35.85 -39.09
C GLN QA 15 124.34 36.85 -40.24
N LEU QA 16 123.24 37.42 -40.73
CA LEU QA 16 123.28 38.49 -41.74
C LEU QA 16 123.97 39.75 -41.23
N LEU QA 17 123.75 40.08 -39.95
CA LEU QA 17 124.44 41.22 -39.31
C LEU QA 17 125.93 40.96 -39.10
N ASP QA 18 126.30 39.72 -38.75
CA ASP QA 18 127.70 39.33 -38.60
C ASP QA 18 128.46 39.28 -39.93
N ASP QA 19 127.78 38.79 -40.98
CA ASP QA 19 128.38 38.66 -42.31
C ASP QA 19 128.64 40.02 -42.95
N TYR QA 20 127.59 40.84 -43.03
CA TYR QA 20 127.62 42.13 -43.72
C TYR QA 20 127.72 43.29 -42.74
N PRO QA 21 128.69 44.21 -42.94
CA PRO QA 21 128.78 45.42 -42.13
C PRO QA 21 127.96 46.61 -42.66
N LYS QA 22 127.09 46.36 -43.65
CA LYS QA 22 126.34 47.40 -44.33
C LYS QA 22 124.94 46.90 -44.66
N CYS QA 23 123.93 47.70 -44.32
CA CYS QA 23 122.52 47.34 -44.53
C CYS QA 23 121.74 48.50 -45.12
N PHE QA 24 120.74 48.18 -45.95
CA PHE QA 24 119.91 49.17 -46.61
C PHE QA 24 118.43 48.97 -46.25
N ILE QA 25 117.89 49.90 -45.47
CA ILE QA 25 116.51 49.84 -45.01
C ILE QA 25 115.62 50.35 -46.14
N VAL QA 26 114.74 49.49 -46.65
CA VAL QA 26 113.84 49.83 -47.76
C VAL QA 26 112.39 49.64 -47.34
N GLY QA 27 111.55 50.63 -47.65
CA GLY QA 27 110.12 50.55 -47.39
C GLY QA 27 109.45 49.65 -48.41
N ALA QA 28 108.67 48.67 -47.94
CA ALA QA 28 108.01 47.71 -48.82
C ALA QA 28 106.88 48.37 -49.60
N ASP QA 29 105.95 49.01 -48.86
CA ASP QA 29 104.79 49.70 -49.45
C ASP QA 29 103.86 48.73 -50.20
N ASN QA 30 102.93 49.25 -51.01
CA ASN QA 30 102.08 48.41 -51.86
C ASN QA 30 102.92 47.64 -52.87
N VAL QA 31 103.32 46.41 -52.49
CA VAL QA 31 104.26 45.60 -53.25
C VAL QA 31 103.73 44.18 -53.46
N GLY QA 32 104.08 43.59 -54.60
CA GLY QA 32 103.67 42.23 -54.96
C GLY QA 32 104.73 41.20 -54.60
N SER QA 33 104.33 39.92 -54.58
CA SER QA 33 105.29 38.81 -54.48
C SER QA 33 106.11 38.70 -55.77
N LYS QA 34 105.47 38.97 -56.90
CA LYS QA 34 106.13 39.01 -58.21
C LYS QA 34 107.24 40.05 -58.24
N GLN QA 35 106.99 41.23 -57.66
CA GLN QA 35 108.02 42.27 -57.49
C GLN QA 35 109.22 41.78 -56.68
N MET QA 36 108.94 41.17 -55.52
CA MET QA 36 109.98 40.67 -54.63
C MET QA 36 110.83 39.57 -55.26
N GLN QA 37 110.21 38.73 -56.08
CA GLN QA 37 110.93 37.70 -56.85
C GLN QA 37 111.83 38.32 -57.92
N GLN QA 38 111.31 39.30 -58.67
CA GLN QA 38 112.09 40.05 -59.66
C GLN QA 38 113.31 40.75 -59.04
N ILE QA 39 113.13 41.31 -57.85
CA ILE QA 39 114.23 41.95 -57.10
C ILE QA 39 115.25 40.91 -56.64
N ARG QA 40 114.75 39.76 -56.18
CA ARG QA 40 115.61 38.61 -55.82
C ARG QA 40 116.47 38.13 -57.00
N MET QA 41 115.86 38.02 -58.18
CA MET QA 41 116.58 37.60 -59.40
C MET QA 41 117.64 38.62 -59.85
N SER QA 42 117.31 39.91 -59.74
CA SER QA 42 118.24 40.97 -60.10
C SER QA 42 119.40 41.07 -59.10
N LEU QA 43 119.06 41.17 -57.82
CA LEU QA 43 120.04 41.24 -56.74
C LEU QA 43 120.24 39.87 -56.10
N ARG QA 44 120.77 38.93 -56.88
CA ARG QA 44 121.01 37.55 -56.45
C ARG QA 44 122.44 37.35 -55.96
N GLY QA 45 123.41 37.75 -56.80
CA GLY QA 45 124.83 37.51 -56.52
C GLY QA 45 125.36 38.24 -55.30
N LYS QA 46 125.10 39.54 -55.22
CA LYS QA 46 125.66 40.39 -54.16
C LYS QA 46 124.73 40.48 -52.94
N ALA QA 47 123.61 41.18 -53.08
CA ALA QA 47 122.76 41.54 -51.94
C ALA QA 47 121.83 40.40 -51.53
N VAL QA 48 121.35 40.47 -50.28
CA VAL QA 48 120.38 39.53 -49.72
C VAL QA 48 119.25 40.34 -49.07
N VAL QA 49 118.05 40.21 -49.61
CA VAL QA 49 116.90 40.97 -49.14
C VAL QA 49 116.17 40.21 -48.02
N LEU QA 50 115.62 40.96 -47.07
CA LEU QA 50 114.88 40.40 -45.93
C LEU QA 50 113.69 41.31 -45.59
N MET QA 51 112.66 40.72 -44.98
CA MET QA 51 111.45 41.44 -44.59
C MET QA 51 111.04 41.00 -43.18
N GLY QA 52 111.08 41.94 -42.23
CA GLY QA 52 110.93 41.63 -40.82
C GLY QA 52 109.79 42.36 -40.11
N LYS QA 53 109.91 42.42 -38.79
CA LYS QA 53 108.82 42.77 -37.89
C LYS QA 53 109.39 43.42 -36.61
N ASN QA 54 108.73 43.25 -35.46
CA ASN QA 54 109.32 43.64 -34.16
C ASN QA 54 110.21 42.56 -33.50
N THR QA 55 110.70 41.61 -34.29
CA THR QA 55 111.89 40.82 -33.95
C THR QA 55 113.11 41.28 -34.78
N MET QA 56 112.91 42.31 -35.61
CA MET QA 56 114.02 43.18 -36.02
C MET QA 56 114.28 44.18 -34.90
N MET QA 57 113.25 44.50 -34.11
CA MET QA 57 113.42 45.13 -32.78
C MET QA 57 114.10 44.10 -31.88
N ARG QA 58 115.42 43.98 -32.09
CA ARG QA 58 116.23 42.85 -31.61
C ARG QA 58 117.71 43.01 -32.00
N LYS QA 59 118.01 43.87 -32.98
CA LYS QA 59 119.33 44.53 -33.11
C LYS QA 59 119.92 44.97 -31.76
N ALA QA 60 119.06 45.30 -30.79
CA ALA QA 60 119.46 45.46 -29.39
C ALA QA 60 120.23 44.24 -28.85
N ILE QA 61 119.69 43.04 -29.07
CA ILE QA 61 120.33 41.78 -28.64
C ILE QA 61 121.67 41.52 -29.39
N ARG QA 62 121.77 41.97 -30.64
CA ARG QA 62 123.05 41.97 -31.37
C ARG QA 62 124.03 42.96 -30.72
N GLY QA 63 123.55 44.16 -30.40
CA GLY QA 63 124.34 45.17 -29.68
C GLY QA 63 124.73 44.75 -28.26
N HIS QA 64 123.88 43.95 -27.63
CA HIS QA 64 124.17 43.34 -26.32
C HIS QA 64 125.37 42.38 -26.38
N LEU QA 65 125.47 41.62 -27.47
CA LEU QA 65 126.45 40.52 -27.62
C LEU QA 65 127.91 40.99 -27.58
N GLU QA 66 128.39 41.30 -26.37
CA GLU QA 66 129.79 41.61 -26.07
C GLU QA 66 130.62 42.32 -27.17
N ASN QA 67 130.01 43.26 -27.88
CA ASN QA 67 130.69 43.90 -29.03
C ASN QA 67 130.10 45.25 -29.48
N ASN QA 68 128.98 45.21 -30.20
CA ASN QA 68 128.57 46.33 -31.07
C ASN QA 68 127.85 47.51 -30.40
N PRO QA 69 128.31 48.75 -30.71
CA PRO QA 69 127.48 49.96 -30.64
C PRO QA 69 126.99 50.28 -32.06
N ALA QA 70 126.51 51.50 -32.29
CA ALA QA 70 126.11 51.98 -33.64
C ALA QA 70 124.76 51.45 -34.15
N LEU QA 71 124.44 50.18 -33.83
CA LEU QA 71 123.12 49.60 -34.10
C LEU QA 71 122.00 50.23 -33.24
N GLU QA 72 122.38 50.94 -32.18
CA GLU QA 72 121.42 51.73 -31.37
C GLU QA 72 120.75 52.87 -32.15
N LYS QA 73 121.45 53.39 -33.17
CA LYS QA 73 120.91 54.46 -34.04
C LYS QA 73 119.79 53.95 -34.97
N LEU QA 74 119.77 52.64 -35.24
CA LEU QA 74 118.85 52.03 -36.22
C LEU QA 74 117.48 51.62 -35.65
N LEU QA 75 117.29 51.74 -34.33
CA LEU QA 75 116.07 51.26 -33.67
C LEU QA 75 114.79 52.05 -33.97
N PRO QA 76 114.84 53.40 -34.00
CA PRO QA 76 113.64 54.17 -34.35
C PRO QA 76 113.17 54.03 -35.80
N HIS QA 77 114.09 53.75 -36.72
CA HIS QA 77 113.78 53.67 -38.16
C HIS QA 77 113.20 52.32 -38.64
N ILE QA 78 113.00 51.37 -37.73
CA ILE QA 78 112.25 50.13 -38.02
C ILE QA 78 110.77 50.38 -37.66
N ARG QA 79 110.12 51.23 -38.44
CA ARG QA 79 108.70 51.55 -38.30
C ARG QA 79 108.10 51.81 -39.68
N GLY QA 80 106.79 51.57 -39.79
CA GLY QA 80 106.13 51.42 -41.08
C GLY QA 80 106.31 50.00 -41.60
N ASN QA 81 105.99 49.79 -42.89
CA ASN QA 81 106.20 48.48 -43.53
C ASN QA 81 107.64 48.38 -44.03
N VAL QA 82 108.50 47.77 -43.20
CA VAL QA 82 109.96 47.81 -43.38
C VAL QA 82 110.55 46.43 -43.70
N GLY QA 83 111.54 46.43 -44.60
CA GLY QA 83 112.38 45.26 -44.89
C GLY QA 83 113.82 45.69 -45.13
N PHE QA 84 114.78 44.80 -44.84
CA PHE QA 84 116.21 45.09 -44.99
C PHE QA 84 116.83 44.54 -46.27
N VAL QA 85 117.98 45.10 -46.63
CA VAL QA 85 118.78 44.66 -47.78
C VAL QA 85 120.26 44.60 -47.35
N PHE QA 86 120.70 43.43 -46.92
CA PHE QA 86 122.10 43.22 -46.48
C PHE QA 86 123.00 42.98 -47.68
N THR QA 87 124.19 43.59 -47.66
CA THR QA 87 125.09 43.61 -48.81
C THR QA 87 126.49 44.16 -48.46
N LYS QA 88 127.48 43.87 -49.31
CA LYS QA 88 128.89 44.24 -49.07
C LYS QA 88 129.55 45.10 -50.17
N GLU QA 89 128.83 45.42 -51.25
CA GLU QA 89 129.42 46.12 -52.41
C GLU QA 89 129.74 47.59 -52.11
N ASP QA 90 128.71 48.45 -52.13
CA ASP QA 90 128.88 49.90 -51.94
C ASP QA 90 127.54 50.49 -51.47
N LEU QA 91 127.44 51.82 -51.42
CA LEU QA 91 126.23 52.50 -50.92
C LEU QA 91 125.49 53.30 -52.01
N THR QA 92 126.18 54.22 -52.68
CA THR QA 92 125.57 55.08 -53.70
C THR QA 92 125.21 54.30 -54.97
N GLU QA 93 126.01 53.27 -55.29
CA GLU QA 93 125.74 52.39 -56.43
C GLU QA 93 124.48 51.56 -56.20
N ILE QA 94 124.37 50.96 -55.00
CA ILE QA 94 123.20 50.14 -54.64
C ILE QA 94 121.91 50.96 -54.58
N ARG QA 95 122.02 52.21 -54.10
CA ARG QA 95 120.90 53.16 -54.13
C ARG QA 95 120.40 53.39 -55.56
N ASP QA 96 121.32 53.54 -56.50
CA ASP QA 96 120.97 53.68 -57.93
C ASP QA 96 120.37 52.40 -58.53
N MET QA 97 120.84 51.23 -58.10
CA MET QA 97 120.27 49.95 -58.54
C MET QA 97 118.84 49.75 -58.04
N LEU QA 98 118.59 50.14 -56.80
CA LEU QA 98 117.24 50.08 -56.21
C LEU QA 98 116.27 51.04 -56.90
N LEU QA 99 116.74 52.26 -57.17
CA LEU QA 99 115.95 53.28 -57.89
C LEU QA 99 115.67 52.86 -59.35
N ALA QA 100 116.65 52.20 -59.98
CA ALA QA 100 116.54 51.81 -61.39
C ALA QA 100 115.60 50.64 -61.66
N ASN QA 101 115.45 49.73 -60.70
CA ASN QA 101 114.62 48.53 -60.89
C ASN QA 101 113.12 48.86 -60.99
N LYS QA 102 112.47 49.15 -59.85
CA LYS QA 102 111.05 49.54 -59.77
C LYS QA 102 110.02 48.68 -60.56
N VAL QA 103 108.76 49.10 -60.57
CA VAL QA 103 107.69 48.41 -61.32
C VAL QA 103 106.53 49.39 -61.59
N PRO QA 104 105.72 49.13 -62.64
CA PRO QA 104 104.57 50.00 -62.91
C PRO QA 104 103.49 50.00 -61.82
N ALA QA 105 102.70 48.92 -61.71
CA ALA QA 105 101.57 48.80 -60.77
C ALA QA 105 100.51 49.90 -60.92
N ALA QA 106 99.34 49.53 -61.44
CA ALA QA 106 98.32 50.49 -61.89
C ALA QA 106 97.69 51.33 -60.76
N ALA QA 107 96.89 52.32 -61.17
CA ALA QA 107 96.31 53.35 -60.28
C ALA QA 107 95.67 52.84 -58.98
N ARG QA 108 96.04 53.46 -57.86
CA ARG QA 108 95.38 53.27 -56.58
C ARG QA 108 94.30 54.35 -56.46
N ALA QA 109 93.04 53.93 -56.41
CA ALA QA 109 91.91 54.85 -56.30
C ALA QA 109 91.78 55.40 -54.88
N GLY QA 110 92.04 56.70 -54.72
CA GLY QA 110 91.96 57.38 -53.42
C GLY QA 110 93.28 58.00 -52.96
N ALA QA 111 94.38 57.31 -53.23
CA ALA QA 111 95.72 57.76 -52.80
C ALA QA 111 96.22 58.97 -53.58
N ILE QA 112 97.29 59.59 -53.08
CA ILE QA 112 97.89 60.78 -53.69
C ILE QA 112 98.57 60.50 -55.03
N ALA QA 113 98.76 61.56 -55.82
CA ALA QA 113 99.42 61.49 -57.12
C ALA QA 113 100.84 62.06 -57.02
N PRO QA 114 101.87 61.25 -57.35
CA PRO QA 114 103.24 61.72 -57.25
C PRO QA 114 103.69 62.69 -58.37
N CYS QA 115 103.25 62.42 -59.60
CA CYS QA 115 103.59 63.26 -60.77
C CYS QA 115 102.33 63.69 -61.52
N GLU QA 116 102.50 64.66 -62.42
CA GLU QA 116 101.40 65.17 -63.24
C GLU QA 116 101.04 64.16 -64.34
N VAL QA 117 99.99 63.37 -64.09
CA VAL QA 117 99.57 62.31 -65.01
C VAL QA 117 98.79 62.89 -66.19
N THR QA 118 99.04 62.34 -67.38
CA THR QA 118 98.44 62.81 -68.63
C THR QA 118 97.70 61.69 -69.36
N VAL QA 119 96.92 62.08 -70.36
CA VAL QA 119 96.23 61.14 -71.27
C VAL QA 119 96.53 61.57 -72.71
N PRO QA 120 97.55 60.93 -73.34
CA PRO QA 120 97.90 61.23 -74.75
C PRO QA 120 96.77 60.94 -75.74
N ALA QA 121 96.74 61.69 -76.84
CA ALA QA 121 95.72 61.55 -77.87
C ALA QA 121 95.94 60.27 -78.69
N GLN QA 122 95.16 59.23 -78.38
CA GLN QA 122 95.31 57.91 -79.01
C GLN QA 122 94.05 57.06 -78.84
N ASN QA 123 93.86 56.09 -79.74
CA ASN QA 123 92.76 55.11 -79.63
C ASN QA 123 92.86 54.23 -78.37
N THR QA 124 91.71 53.82 -77.86
CA THR QA 124 91.63 52.92 -76.70
C THR QA 124 92.04 51.50 -77.08
N GLY QA 125 91.53 51.02 -78.21
CA GLY QA 125 91.71 49.63 -78.65
C GLY QA 125 90.47 48.81 -78.36
N LEU QA 126 89.32 49.30 -78.84
CA LEU QA 126 88.02 48.70 -78.58
C LEU QA 126 87.08 48.94 -79.77
N GLY QA 127 85.88 48.38 -79.71
CA GLY QA 127 84.82 48.65 -80.68
C GLY QA 127 83.99 49.87 -80.27
N PRO QA 128 82.75 49.98 -80.80
CA PRO QA 128 81.81 51.00 -80.32
C PRO QA 128 81.37 50.75 -78.86
N GLU QA 129 82.23 51.17 -77.93
CA GLU QA 129 82.03 50.98 -76.49
C GLU QA 129 81.67 52.29 -75.80
N LYS QA 130 81.45 52.23 -74.48
CA LYS QA 130 81.07 53.40 -73.67
C LYS QA 130 82.10 54.54 -73.73
N THR QA 131 81.76 55.58 -74.50
CA THR QA 131 82.46 56.87 -74.45
C THR QA 131 82.02 57.71 -73.25
N SER QA 132 80.86 57.38 -72.66
CA SER QA 132 80.31 58.12 -71.52
C SER QA 132 81.15 58.05 -70.24
N PHE QA 133 81.91 56.97 -70.05
CA PHE QA 133 82.85 56.86 -68.92
C PHE QA 133 83.98 57.91 -69.01
N PHE QA 134 84.47 58.14 -70.24
CA PHE QA 134 85.55 59.10 -70.48
C PHE QA 134 85.06 60.55 -70.40
N GLN QA 135 83.92 60.82 -71.04
CA GLN QA 135 83.35 62.17 -71.12
C GLN QA 135 82.60 62.67 -69.87
N ALA QA 136 82.43 61.81 -68.85
CA ALA QA 136 81.71 62.19 -67.61
C ALA QA 136 82.41 63.29 -66.82
N LEU QA 137 83.74 63.17 -66.68
CA LEU QA 137 84.53 64.14 -65.91
C LEU QA 137 84.80 65.40 -66.74
N GLY QA 138 85.50 65.22 -67.86
CA GLY QA 138 85.86 66.33 -68.75
C GLY QA 138 86.97 65.98 -69.72
N ILE QA 139 86.71 65.01 -70.59
CA ILE QA 139 87.67 64.56 -71.62
C ILE QA 139 86.97 64.59 -72.97
N THR QA 140 87.71 65.00 -74.00
CA THR QA 140 87.21 65.06 -75.37
C THR QA 140 87.55 63.76 -76.11
N THR QA 141 86.55 62.89 -76.27
CA THR QA 141 86.72 61.60 -76.94
C THR QA 141 85.67 61.41 -78.05
N LYS QA 142 86.12 60.96 -79.22
CA LYS QA 142 85.25 60.68 -80.37
C LYS QA 142 85.33 59.20 -80.77
N ILE QA 143 84.26 58.74 -81.44
CA ILE QA 143 84.23 57.41 -82.05
C ILE QA 143 84.65 57.58 -83.51
N SER QA 144 85.97 57.74 -83.71
CA SER QA 144 86.54 57.91 -85.05
C SER QA 144 86.66 56.55 -85.74
N ARG QA 145 85.56 56.12 -86.36
CA ARG QA 145 85.43 54.80 -87.00
C ARG QA 145 85.74 53.64 -86.05
N GLY QA 146 84.75 53.28 -85.24
CA GLY QA 146 84.85 52.13 -84.32
C GLY QA 146 85.57 52.45 -83.02
N THR QA 147 86.88 52.66 -83.11
CA THR QA 147 87.73 52.88 -81.94
C THR QA 147 87.47 54.21 -81.25
N ILE QA 148 87.48 54.20 -79.92
CA ILE QA 148 87.29 55.40 -79.11
C ILE QA 148 88.61 56.15 -79.03
N GLU QA 149 88.74 57.22 -79.82
CA GLU QA 149 89.96 58.04 -79.86
C GLU QA 149 89.83 59.25 -78.94
N ILE QA 150 90.86 59.50 -78.13
CA ILE QA 150 90.95 60.71 -77.32
C ILE QA 150 91.59 61.78 -78.21
N LEU QA 151 90.97 62.95 -78.28
CA LEU QA 151 91.30 63.97 -79.30
C LEU QA 151 92.26 65.09 -78.82
N SER QA 152 92.79 64.99 -77.61
CA SER QA 152 93.70 66.01 -77.08
C SER QA 152 94.56 65.50 -75.92
N ASP QA 153 95.78 66.01 -75.82
CA ASP QA 153 96.69 65.70 -74.72
C ASP QA 153 96.34 66.57 -73.52
N VAL QA 154 95.67 65.97 -72.52
CA VAL QA 154 95.11 66.70 -71.38
C VAL QA 154 95.60 66.07 -70.05
N GLN QA 155 95.84 66.93 -69.07
CA GLN QA 155 96.24 66.51 -67.72
C GLN QA 155 95.00 66.29 -66.86
N LEU QA 156 94.79 65.04 -66.42
CA LEU QA 156 93.68 64.71 -65.52
C LEU QA 156 94.03 65.06 -64.08
N ILE QA 157 95.14 64.48 -63.60
CA ILE QA 157 95.54 64.53 -62.20
C ILE QA 157 96.90 65.23 -62.06
N LYS QA 158 96.99 66.16 -61.10
CA LYS QA 158 98.21 66.95 -60.84
C LYS QA 158 98.94 66.43 -59.59
N THR QA 159 100.10 67.01 -59.29
CA THR QA 159 100.91 66.61 -58.13
C THR QA 159 100.22 66.91 -56.80
N GLY QA 160 100.21 65.92 -55.91
CA GLY QA 160 99.55 66.04 -54.61
C GLY QA 160 98.03 66.08 -54.66
N ASP QA 161 97.46 65.50 -55.72
CA ASP QA 161 96.01 65.45 -55.91
C ASP QA 161 95.49 64.03 -55.67
N LYS QA 162 94.25 63.93 -55.18
CA LYS QA 162 93.62 62.65 -54.91
C LYS QA 162 93.06 62.08 -56.22
N VAL QA 163 93.32 60.79 -56.45
CA VAL QA 163 92.89 60.11 -57.68
C VAL QA 163 91.47 59.57 -57.48
N GLY QA 164 90.52 60.04 -58.30
CA GLY QA 164 89.15 59.54 -58.30
C GLY QA 164 89.02 58.11 -58.80
N ALA QA 165 87.88 57.49 -58.52
CA ALA QA 165 87.64 56.08 -58.83
C ALA QA 165 87.41 55.82 -60.31
N SER QA 166 86.53 56.62 -60.93
CA SER QA 166 86.18 56.47 -62.34
C SER QA 166 87.35 56.78 -63.29
N GLU QA 167 88.13 57.82 -62.95
CA GLU QA 167 89.34 58.15 -63.70
C GLU QA 167 90.46 57.13 -63.52
N ALA QA 168 90.53 56.49 -62.35
CA ALA QA 168 91.49 55.41 -62.10
C ALA QA 168 91.18 54.17 -62.94
N THR QA 169 89.91 53.81 -63.03
CA THR QA 169 89.46 52.67 -63.84
C THR QA 169 89.70 52.88 -65.35
N LEU QA 170 89.49 54.12 -65.82
CA LEU QA 170 89.72 54.45 -67.24
C LEU QA 170 91.20 54.34 -67.60
N LEU QA 171 92.08 54.80 -66.70
CA LEU QA 171 93.53 54.65 -66.86
C LEU QA 171 93.97 53.18 -66.85
N ASN QA 172 93.32 52.36 -66.03
CA ASN QA 172 93.56 50.90 -66.01
C ASN QA 172 93.11 50.20 -67.30
N MET QA 173 92.00 50.66 -67.89
CA MET QA 173 91.55 50.15 -69.19
C MET QA 173 92.48 50.58 -70.34
N LEU QA 174 93.00 51.80 -70.27
CA LEU QA 174 93.97 52.31 -71.26
C LEU QA 174 95.39 51.73 -71.10
N ASN QA 175 95.67 51.07 -69.97
CA ASN QA 175 97.00 50.57 -69.62
C ASN QA 175 98.01 51.70 -69.40
N ILE QA 176 97.59 52.69 -68.61
CA ILE QA 176 98.40 53.84 -68.23
C ILE QA 176 98.71 53.67 -66.74
N SER QA 177 99.98 53.46 -66.41
CA SER QA 177 100.40 53.13 -65.04
C SER QA 177 101.58 54.00 -64.56
N PRO QA 178 101.31 55.27 -64.23
CA PRO QA 178 102.29 56.16 -63.58
C PRO QA 178 102.30 56.07 -62.04
N PHE QA 179 101.18 55.65 -61.44
CA PHE QA 179 101.04 55.61 -59.98
C PHE QA 179 101.78 54.41 -59.38
N SER QA 180 101.82 54.36 -58.05
CA SER QA 180 102.65 53.41 -57.28
C SER QA 180 104.13 53.76 -57.50
N PHE QA 181 105.03 52.84 -57.16
CA PHE QA 181 106.48 53.08 -57.34
C PHE QA 181 107.25 51.75 -57.38
N GLY QA 182 107.20 50.99 -56.29
CA GLY QA 182 107.91 49.72 -56.18
C GLY QA 182 108.40 49.53 -54.75
N LEU QA 183 109.49 50.22 -54.43
CA LEU QA 183 109.97 50.35 -53.05
C LEU QA 183 110.83 51.60 -52.87
N ILE QA 184 110.75 52.18 -51.67
CA ILE QA 184 111.40 53.45 -51.35
C ILE QA 184 112.53 53.20 -50.35
N ILE QA 185 113.54 54.07 -50.36
CA ILE QA 185 114.67 54.01 -49.43
C ILE QA 185 114.52 55.16 -48.42
N GLN QA 186 114.41 54.82 -47.13
CA GLN QA 186 114.25 55.80 -46.05
C GLN QA 186 115.58 56.16 -45.39
N GLN QA 187 116.33 55.13 -44.96
CA GLN QA 187 117.59 55.31 -44.26
C GLN QA 187 118.62 54.23 -44.64
N VAL QA 188 119.88 54.48 -44.29
CA VAL QA 188 121.01 53.62 -44.67
C VAL QA 188 121.90 53.33 -43.46
N PHE QA 189 122.56 52.17 -43.49
CA PHE QA 189 123.58 51.79 -42.50
C PHE QA 189 124.85 51.36 -43.24
N ASP QA 190 125.94 52.09 -43.04
CA ASP QA 190 127.21 51.84 -43.75
C ASP QA 190 128.40 51.82 -42.78
N ASN QA 191 128.72 50.62 -42.27
CA ASN QA 191 129.86 50.40 -41.36
C ASN QA 191 129.85 51.28 -40.11
N GLY QA 192 128.67 51.53 -39.57
CA GLY QA 192 128.48 52.40 -38.39
C GLY QA 192 127.83 53.74 -38.71
N SER QA 193 128.23 54.35 -39.83
CA SER QA 193 127.69 55.66 -40.23
C SER QA 193 126.29 55.54 -40.84
N ILE QA 194 125.44 56.53 -40.52
CA ILE QA 194 124.08 56.60 -41.03
C ILE QA 194 123.98 57.73 -42.08
N TYR QA 195 123.29 57.45 -43.18
CA TYR QA 195 122.98 58.46 -44.21
C TYR QA 195 121.47 58.51 -44.44
N ASN QA 196 121.02 59.64 -45.00
CA ASN QA 196 119.62 59.84 -45.39
C ASN QA 196 119.59 60.18 -46.89
N PRO QA 197 119.22 59.19 -47.75
CA PRO QA 197 119.51 59.11 -49.18
C PRO QA 197 120.33 60.27 -49.79
N GLU QA 198 121.56 60.43 -49.30
CA GLU QA 198 122.47 61.49 -49.73
C GLU QA 198 123.92 60.98 -49.68
N MET RA 1 97.72 40.60 -89.07
CA MET RA 1 96.79 40.04 -88.04
C MET RA 1 95.84 41.01 -87.30
N PRO RA 2 96.17 42.33 -87.21
CA PRO RA 2 95.16 43.21 -86.59
C PRO RA 2 93.93 43.58 -87.47
N PRO RA 3 94.13 44.29 -88.61
CA PRO RA 3 92.95 44.87 -89.28
C PRO RA 3 92.12 43.90 -90.13
N LYS RA 4 92.76 43.11 -91.00
CA LYS RA 4 92.06 42.26 -91.97
C LYS RA 4 92.72 40.88 -92.16
N PHE RA 5 93.96 40.86 -92.64
CA PHE RA 5 94.67 39.64 -93.04
C PHE RA 5 96.05 40.03 -93.58
N ASP RA 6 97.04 40.10 -92.68
CA ASP RA 6 98.39 40.55 -93.00
C ASP RA 6 99.46 39.84 -92.16
N PRO RA 7 100.45 39.18 -92.82
CA PRO RA 7 101.64 38.71 -92.11
C PRO RA 7 102.85 39.62 -92.35
N ASN RA 8 103.19 40.42 -91.33
CA ASN RA 8 104.40 41.26 -91.38
C ASN RA 8 105.66 40.41 -91.10
N GLU RA 9 105.55 39.50 -90.13
CA GLU RA 9 106.60 38.51 -89.86
C GLU RA 9 106.03 37.17 -89.36
N ILE RA 10 105.21 37.22 -88.30
CA ILE RA 10 104.56 36.04 -87.71
C ILE RA 10 105.57 35.01 -87.18
N LYS RA 11 105.98 35.21 -85.93
CA LYS RA 11 106.70 34.20 -85.15
C LYS RA 11 105.91 33.99 -83.86
N VAL RA 12 104.63 33.67 -84.03
CA VAL RA 12 103.65 33.68 -82.95
C VAL RA 12 103.67 32.37 -82.18
N VAL RA 13 103.79 32.45 -80.85
CA VAL RA 13 103.87 31.30 -79.97
C VAL RA 13 102.58 31.16 -79.15
N TYR RA 14 102.13 29.91 -78.94
CA TYR RA 14 101.09 29.61 -77.96
C TYR RA 14 101.30 28.20 -77.38
N LEU RA 15 100.98 28.04 -76.10
CA LEU RA 15 101.31 26.84 -75.34
C LEU RA 15 100.15 25.86 -75.24
N ARG RA 16 100.27 24.75 -75.97
CA ARG RA 16 99.43 23.56 -75.76
C ARG RA 16 100.23 22.56 -74.93
N CYS RA 17 99.53 21.74 -74.15
CA CYS RA 17 100.16 20.61 -73.47
C CYS RA 17 99.38 19.33 -73.75
N THR RA 18 100.03 18.20 -73.44
CA THR RA 18 99.53 16.84 -73.72
C THR RA 18 99.49 16.49 -75.22
N GLY RA 19 100.09 15.36 -75.57
CA GLY RA 19 100.18 14.93 -76.96
C GLY RA 19 101.03 13.68 -77.15
N GLY RA 20 100.53 12.56 -76.65
CA GLY RA 20 101.19 11.26 -76.82
C GLY RA 20 101.08 10.79 -78.26
N GLU RA 21 99.85 10.75 -78.75
CA GLU RA 21 99.55 10.44 -80.16
C GLU RA 21 98.50 11.40 -80.69
N VAL RA 22 98.19 11.29 -81.99
CA VAL RA 22 97.17 12.12 -82.67
C VAL RA 22 96.00 12.61 -81.80
N GLY RA 23 95.38 11.71 -81.05
CA GLY RA 23 94.20 12.01 -80.25
C GLY RA 23 92.94 12.16 -81.09
N ALA RA 24 91.93 11.34 -80.80
CA ALA RA 24 90.63 11.45 -81.46
C ALA RA 24 89.95 12.77 -81.06
N THR RA 25 89.87 13.00 -79.75
CA THR RA 25 89.28 14.23 -79.19
C THR RA 25 90.09 15.51 -79.48
N SER RA 26 91.34 15.36 -79.92
CA SER RA 26 92.15 16.44 -80.50
C SER RA 26 92.13 17.78 -79.72
N ALA RA 27 91.16 18.64 -80.05
CA ALA RA 27 91.10 20.03 -79.55
C ALA RA 27 92.39 20.84 -79.83
N LEU RA 28 93.08 20.52 -80.93
CA LEU RA 28 94.40 21.08 -81.23
C LEU RA 28 94.29 22.48 -81.80
N ALA RA 29 93.64 22.59 -82.97
CA ALA RA 29 93.54 23.87 -83.67
C ALA RA 29 92.46 24.77 -83.07
N PRO RA 30 91.25 24.85 -83.69
CA PRO RA 30 90.26 25.94 -83.60
C PRO RA 30 90.74 27.28 -83.00
N LYS RA 31 89.82 28.10 -82.48
CA LYS RA 31 90.13 29.38 -81.80
C LYS RA 31 91.41 30.11 -82.29
N ILE RA 32 92.57 29.56 -81.93
CA ILE RA 32 93.88 30.12 -82.28
C ILE RA 32 94.34 29.67 -83.68
N GLY RA 33 94.06 28.41 -84.02
CA GLY RA 33 94.51 27.78 -85.27
C GLY RA 33 94.17 28.47 -86.59
N PRO RA 34 92.90 28.36 -87.04
CA PRO RA 34 92.52 28.74 -88.41
C PRO RA 34 92.77 30.21 -88.77
N LEU RA 35 92.42 31.12 -87.86
CA LEU RA 35 92.76 32.53 -88.01
C LEU RA 35 94.22 32.70 -87.58
N GLY RA 36 95.09 32.96 -88.56
CA GLY RA 36 96.55 32.82 -88.40
C GLY RA 36 97.17 31.80 -89.34
N LEU RA 37 96.37 31.21 -90.23
CA LEU RA 37 96.82 30.38 -91.37
C LEU RA 37 97.31 28.94 -91.06
N SER RA 38 97.39 28.56 -89.79
CA SER RA 38 97.66 27.16 -89.44
C SER RA 38 96.35 26.37 -89.59
N PRO RA 39 96.41 25.19 -90.26
CA PRO RA 39 95.18 24.47 -90.56
C PRO RA 39 94.67 23.62 -89.36
N LYS RA 40 94.52 22.30 -89.51
CA LYS RA 40 93.90 21.45 -88.47
C LYS RA 40 94.46 20.01 -88.48
N LYS RA 41 94.21 19.29 -89.57
CA LYS RA 41 94.67 17.90 -89.72
C LYS RA 41 96.17 17.84 -89.98
N VAL RA 42 96.68 18.74 -90.82
CA VAL RA 42 98.11 18.84 -91.12
C VAL RA 42 98.89 19.27 -89.87
N GLY RA 43 98.35 20.24 -89.13
CA GLY RA 43 98.92 20.68 -87.86
C GLY RA 43 98.97 19.59 -86.79
N ASP RA 44 97.95 18.73 -86.79
CA ASP RA 44 97.90 17.56 -85.90
C ASP RA 44 98.95 16.51 -86.29
N ASP RA 45 99.15 16.31 -87.60
CA ASP RA 45 100.17 15.38 -88.12
C ASP RA 45 101.59 15.86 -87.81
N ILE RA 46 101.83 17.17 -87.91
CA ILE RA 46 103.12 17.77 -87.57
C ILE RA 46 103.38 17.67 -86.06
N ALA RA 47 102.32 17.87 -85.26
CA ALA RA 47 102.40 17.71 -83.80
C ALA RA 47 102.68 16.26 -83.39
N LYS RA 48 102.15 15.30 -84.13
CA LYS RA 48 102.44 13.88 -83.91
C LYS RA 48 103.89 13.54 -84.26
N ALA RA 49 104.39 14.11 -85.35
CA ALA RA 49 105.76 13.84 -85.85
C ALA RA 49 106.86 14.27 -84.87
N THR RA 50 106.69 15.44 -84.26
CA THR RA 50 107.65 15.96 -83.27
C THR RA 50 107.56 15.19 -81.96
N GLY RA 51 106.33 15.01 -81.45
CA GLY RA 51 106.08 14.24 -80.23
C GLY RA 51 105.70 12.80 -80.53
N ASP RA 52 106.56 12.12 -81.29
CA ASP RA 52 106.35 10.73 -81.69
C ASP RA 52 107.13 9.84 -80.69
N TRP RA 53 107.80 8.78 -81.17
CA TRP RA 53 108.85 8.06 -80.42
C TRP RA 53 109.47 8.84 -79.25
N LYS RA 54 108.84 8.71 -78.08
CA LYS RA 54 109.18 9.45 -76.84
C LYS RA 54 109.01 10.97 -76.97
N GLY RA 55 108.11 11.61 -76.21
CA GLY RA 55 107.28 11.00 -75.18
C GLY RA 55 105.94 10.48 -75.71
N LEU RA 56 105.57 9.26 -75.31
CA LEU RA 56 104.23 8.72 -75.53
C LEU RA 56 103.41 8.62 -74.24
N ARG RA 57 103.95 9.16 -73.14
CA ARG RA 57 103.26 9.24 -71.86
C ARG RA 57 103.14 10.70 -71.46
N ILE RA 58 102.36 11.45 -72.25
CA ILE RA 58 102.12 12.89 -72.08
C ILE RA 58 103.36 13.73 -72.44
N THR RA 59 103.13 14.86 -73.11
CA THR RA 59 104.18 15.78 -73.57
C THR RA 59 103.70 17.23 -73.48
N VAL RA 60 104.60 18.17 -73.77
CA VAL RA 60 104.28 19.60 -73.82
C VAL RA 60 104.50 20.12 -75.25
N LYS RA 61 103.70 21.10 -75.66
CA LYS RA 61 103.66 21.55 -77.07
C LYS RA 61 103.62 23.07 -77.21
N LEU RA 62 104.78 23.71 -77.20
CA LEU RA 62 104.88 25.12 -77.59
C LEU RA 62 104.87 25.17 -79.12
N THR RA 63 103.97 25.98 -79.69
CA THR RA 63 103.73 26.01 -81.13
C THR RA 63 104.10 27.37 -81.74
N ILE RA 64 105.34 27.48 -82.21
CA ILE RA 64 105.84 28.69 -82.85
C ILE RA 64 105.43 28.69 -84.32
N GLN RA 65 104.39 29.46 -84.65
CA GLN RA 65 103.90 29.56 -86.04
C GLN RA 65 104.78 30.50 -86.87
N ASN RA 66 105.47 29.94 -87.86
CA ASN RA 66 106.13 30.73 -88.90
C ASN RA 66 105.21 30.83 -90.13
N ARG RA 67 104.32 31.82 -90.08
CA ARG RA 67 103.27 32.04 -91.10
C ARG RA 67 102.32 30.83 -91.23
N GLN RA 68 102.75 29.77 -91.92
CA GLN RA 68 102.00 28.51 -92.02
C GLN RA 68 102.74 27.27 -91.46
N ALA RA 69 104.03 27.40 -91.15
CA ALA RA 69 104.83 26.27 -90.64
C ALA RA 69 104.98 26.37 -89.12
N GLN RA 70 104.39 25.41 -88.40
CA GLN RA 70 104.49 25.37 -86.94
C GLN RA 70 105.74 24.59 -86.52
N ILE RA 71 106.45 25.11 -85.51
CA ILE RA 71 107.64 24.47 -84.96
C ILE RA 71 107.31 23.95 -83.56
N GLU RA 72 106.89 22.68 -83.49
CA GLU RA 72 106.58 22.03 -82.21
C GLU RA 72 107.86 21.60 -81.51
N VAL RA 73 107.93 21.86 -80.20
CA VAL RA 73 109.09 21.53 -79.36
C VAL RA 73 108.59 20.85 -78.08
N VAL RA 74 109.46 20.07 -77.44
CA VAL RA 74 109.17 19.40 -76.17
C VAL RA 74 109.91 20.11 -75.03
N PRO RA 75 109.30 21.17 -74.43
CA PRO RA 75 109.90 21.77 -73.23
C PRO RA 75 109.67 20.88 -72.01
N SER RA 76 110.74 20.64 -71.25
CA SER RA 76 110.73 19.61 -70.22
C SER RA 76 109.96 20.02 -68.95
N ALA RA 77 109.05 19.14 -68.53
CA ALA RA 77 108.49 19.15 -67.18
C ALA RA 77 109.15 18.02 -66.41
N SER RA 78 109.34 18.22 -65.10
CA SER RA 78 110.11 17.29 -64.26
C SER RA 78 109.51 15.89 -64.18
N ALA RA 79 108.21 15.83 -63.93
CA ALA RA 79 107.50 14.55 -63.83
C ALA RA 79 107.40 13.80 -65.17
N LEU RA 80 107.34 14.54 -66.28
CA LEU RA 80 107.30 13.94 -67.62
C LEU RA 80 108.60 13.21 -67.96
N ILE RA 81 109.73 13.85 -67.72
CA ILE RA 81 111.04 13.24 -67.96
C ILE RA 81 111.35 12.06 -67.01
N ILE RA 82 110.80 12.09 -65.79
CA ILE RA 82 110.85 10.95 -64.87
C ILE RA 82 110.05 9.77 -65.43
N LYS RA 83 108.86 10.05 -65.94
CA LYS RA 83 108.00 9.03 -66.58
C LYS RA 83 108.56 8.54 -67.93
N ALA RA 84 109.34 9.39 -68.61
CA ALA RA 84 110.10 8.99 -69.79
C ALA RA 84 111.26 8.03 -69.43
N LEU RA 85 111.91 8.30 -68.30
CA LEU RA 85 113.02 7.49 -67.79
C LEU RA 85 112.52 6.48 -66.73
N LYS RA 86 111.49 5.72 -67.08
CA LYS RA 86 110.85 4.76 -66.19
C LYS RA 86 111.28 3.35 -66.65
N GLU RA 87 110.36 2.37 -66.70
CA GLU RA 87 110.62 1.07 -67.32
C GLU RA 87 109.82 0.97 -68.62
N PRO RA 88 110.31 1.59 -69.71
CA PRO RA 88 109.48 1.73 -70.91
C PRO RA 88 109.50 0.48 -71.80
N PRO RA 89 108.62 0.37 -72.81
CA PRO RA 89 107.44 1.23 -72.98
C PRO RA 89 106.19 0.41 -73.33
N ARG RA 90 105.28 0.27 -72.36
CA ARG RA 90 103.93 -0.24 -72.63
C ARG RA 90 103.01 0.98 -72.80
N ASP RA 91 102.79 1.37 -74.05
CA ASP RA 91 102.25 2.70 -74.39
C ASP RA 91 100.78 2.89 -74.00
N ARG RA 92 99.87 2.26 -74.74
CA ARG RA 92 98.43 2.49 -74.59
C ARG RA 92 97.66 1.19 -74.74
N LYS RA 93 96.49 1.13 -74.10
CA LYS RA 93 95.64 -0.07 -74.04
C LYS RA 93 96.37 -1.23 -73.35
N LYS RA 94 96.28 -1.23 -72.02
CA LYS RA 94 96.97 -2.18 -71.14
C LYS RA 94 98.51 -2.13 -71.24
N GLN RA 95 99.22 -1.23 -70.51
CA GLN RA 95 98.69 -0.12 -69.69
C GLN RA 95 97.76 -0.56 -68.55
N LYS RA 96 96.80 0.29 -68.15
CA LYS RA 96 95.59 -0.13 -67.40
C LYS RA 96 95.75 -0.39 -65.89
N ASN RA 97 96.95 -0.79 -65.44
CA ASN RA 97 97.17 -1.10 -64.01
C ASN RA 97 98.54 -0.65 -63.42
N ILE RA 98 98.89 0.65 -63.43
CA ILE RA 98 98.27 1.72 -64.24
C ILE RA 98 99.45 2.41 -64.95
N LYS RA 99 100.04 3.43 -64.31
CA LYS RA 99 101.32 4.01 -64.72
C LYS RA 99 102.16 4.35 -63.48
N HIS RA 100 101.95 3.63 -62.37
CA HIS RA 100 102.53 3.98 -61.07
C HIS RA 100 103.32 2.81 -60.44
N SER RA 101 104.24 2.24 -61.21
CA SER RA 101 105.14 1.20 -60.70
C SER RA 101 106.15 1.84 -59.74
N GLY RA 102 106.97 2.74 -60.27
CA GLY RA 102 107.77 3.66 -59.45
C GLY RA 102 108.87 3.06 -58.60
N ASN RA 103 109.74 2.27 -59.23
CA ASN RA 103 110.97 1.75 -58.60
C ASN RA 103 112.09 1.68 -59.64
N ILE RA 104 112.50 2.86 -60.14
CA ILE RA 104 113.42 2.95 -61.29
C ILE RA 104 114.66 3.81 -61.00
N THR RA 105 115.14 3.77 -59.75
CA THR RA 105 116.46 4.31 -59.36
C THR RA 105 116.71 5.81 -59.63
N PHE RA 106 117.07 6.16 -60.87
CA PHE RA 106 117.63 7.47 -61.27
C PHE RA 106 118.35 8.28 -60.17
N ASP RA 107 119.68 8.10 -60.09
CA ASP RA 107 120.54 8.83 -59.15
C ASP RA 107 121.29 9.94 -59.87
N GLU RA 108 122.10 9.56 -60.86
CA GLU RA 108 122.85 10.51 -61.69
C GLU RA 108 122.09 10.98 -62.94
N ILE RA 109 120.92 10.40 -63.19
CA ILE RA 109 120.09 10.80 -64.32
C ILE RA 109 119.32 12.08 -63.98
N VAL RA 110 119.03 12.29 -62.70
CA VAL RA 110 118.31 13.48 -62.24
C VAL RA 110 119.26 14.70 -62.24
N ASN RA 111 120.57 14.48 -62.10
CA ASN RA 111 121.57 15.54 -62.34
C ASN RA 111 121.41 16.22 -63.70
N ILE RA 112 121.06 15.46 -64.72
CA ILE RA 112 120.77 16.00 -66.06
C ILE RA 112 119.45 16.77 -66.02
N ALA RA 113 118.46 16.25 -65.29
CA ALA RA 113 117.17 16.92 -65.09
C ALA RA 113 117.31 18.30 -64.45
N ARG RA 114 118.05 18.40 -63.35
CA ARG RA 114 118.32 19.73 -62.72
C ARG RA 114 119.17 20.66 -63.61
N GLN RA 115 120.04 20.10 -64.44
CA GLN RA 115 120.81 20.89 -65.42
C GLN RA 115 119.91 21.47 -66.53
N MET RA 116 118.98 20.66 -67.03
CA MET RA 116 118.10 21.10 -68.13
C MET RA 116 116.98 22.06 -67.72
N ARG RA 117 116.80 22.30 -66.41
CA ARG RA 117 115.87 23.33 -65.93
C ARG RA 117 116.28 24.68 -66.50
N HIS RA 118 115.33 25.40 -67.10
CA HIS RA 118 115.60 26.71 -67.73
C HIS RA 118 115.92 27.79 -66.68
N ARG RA 119 117.10 27.68 -66.09
CA ARG RA 119 117.53 28.47 -64.93
C ARG RA 119 116.49 28.34 -63.80
N SER RA 120 115.56 29.30 -63.67
CA SER RA 120 114.37 29.18 -62.80
C SER RA 120 114.67 28.98 -61.30
N LEU RA 121 113.61 28.85 -60.50
CA LEU RA 121 113.69 28.39 -59.10
C LEU RA 121 114.24 29.39 -58.06
N ALA RA 122 114.88 30.47 -58.50
CA ALA RA 122 115.57 31.42 -57.61
C ALA RA 122 116.57 30.72 -56.68
N ARG RA 123 117.33 29.78 -57.25
CA ARG RA 123 118.10 28.81 -56.47
C ARG RA 123 119.46 29.34 -55.96
N GLU RA 124 120.03 28.60 -55.00
CA GLU RA 124 121.45 28.70 -54.68
C GLU RA 124 122.14 27.44 -55.20
N LEU RA 125 122.12 27.32 -56.53
CA LEU RA 125 122.65 26.17 -57.28
C LEU RA 125 122.00 24.80 -56.96
N SER RA 126 122.45 23.77 -57.68
CA SER RA 126 121.90 22.40 -57.60
C SER RA 126 121.66 21.81 -56.20
N GLY RA 127 122.47 22.20 -55.22
CA GLY RA 127 122.28 21.78 -53.83
C GLY RA 127 120.83 21.85 -53.33
N THR RA 128 120.12 22.87 -53.76
CA THR RA 128 118.68 23.03 -53.48
C THR RA 128 117.77 22.43 -54.57
N ILE RA 129 118.24 22.42 -55.82
CA ILE RA 129 117.47 21.88 -56.96
C ILE RA 129 117.34 20.35 -56.85
N LYS RA 130 118.40 19.70 -56.36
CA LYS RA 130 118.38 18.26 -56.04
C LYS RA 130 117.24 17.88 -55.10
N GLU RA 131 116.99 18.74 -54.11
CA GLU RA 131 115.92 18.55 -53.14
C GLU RA 131 114.54 18.68 -53.80
N ILE RA 132 114.42 19.59 -54.76
CA ILE RA 132 113.16 19.87 -55.45
C ILE RA 132 112.75 18.71 -56.37
N LEU RA 133 113.63 18.34 -57.29
CA LEU RA 133 113.34 17.29 -58.27
C LEU RA 133 113.33 15.87 -57.68
N GLY RA 134 114.04 15.68 -56.57
CA GLY RA 134 113.94 14.45 -55.79
C GLY RA 134 112.59 14.24 -55.09
N THR RA 135 111.78 15.31 -55.00
CA THR RA 135 110.42 15.26 -54.46
C THR RA 135 109.31 15.47 -55.50
N ALA RA 136 109.66 16.01 -56.68
CA ALA RA 136 108.69 16.17 -57.78
C ALA RA 136 108.09 14.82 -58.18
N GLN RA 137 108.97 13.82 -58.29
CA GLN RA 137 108.58 12.41 -58.38
C GLN RA 137 107.46 11.99 -57.42
N SER RA 138 106.24 11.91 -57.93
CA SER RA 138 105.13 11.27 -57.24
C SER RA 138 105.24 9.75 -57.31
N VAL RA 139 105.81 9.26 -58.42
CA VAL RA 139 105.86 7.84 -58.74
C VAL RA 139 107.20 7.20 -58.32
N GLY RA 140 108.30 7.77 -58.83
CA GLY RA 140 109.63 7.15 -58.81
C GLY RA 140 110.19 6.55 -57.52
N CYS RA 141 109.96 7.22 -56.39
CA CYS RA 141 110.46 6.80 -55.06
C CYS RA 141 112.00 6.68 -54.94
N ASN RA 142 112.73 7.51 -55.69
CA ASN RA 142 114.18 7.72 -55.50
C ASN RA 142 115.03 6.44 -55.79
N VAL RA 143 116.11 6.22 -55.03
CA VAL RA 143 117.15 5.25 -55.41
C VAL RA 143 116.75 3.84 -55.00
N ASP RA 144 117.08 2.86 -55.84
CA ASP RA 144 116.85 1.42 -55.63
C ASP RA 144 115.57 1.03 -54.86
N GLY RA 145 115.58 1.24 -53.54
CA GLY RA 145 114.41 0.99 -52.68
C GLY RA 145 114.37 1.95 -51.51
N ARG RA 146 114.49 3.25 -51.82
CA ARG RA 146 114.53 4.32 -50.82
C ARG RA 146 113.20 5.06 -50.73
N HIS RA 147 113.13 5.98 -49.77
CA HIS RA 147 112.06 6.97 -49.67
C HIS RA 147 112.58 8.29 -50.25
N PRO RA 148 111.71 9.32 -50.38
CA PRO RA 148 112.21 10.65 -50.71
C PRO RA 148 112.53 11.50 -49.46
N HIS RA 149 111.50 12.02 -48.79
CA HIS RA 149 111.59 12.87 -47.58
C HIS RA 149 112.98 13.36 -47.11
N ASP RA 150 113.60 12.66 -46.14
CA ASP RA 150 114.73 13.19 -45.37
C ASP RA 150 116.12 12.66 -45.77
N ILE RA 151 116.17 11.74 -46.73
CA ILE RA 151 117.45 11.25 -47.30
C ILE RA 151 118.10 12.36 -48.13
N ILE RA 152 117.25 13.21 -48.72
CA ILE RA 152 117.64 14.44 -49.43
C ILE RA 152 118.58 15.36 -48.62
N ASP RA 153 118.40 15.44 -47.30
CA ASP RA 153 119.21 16.33 -46.44
C ASP RA 153 120.72 16.06 -46.53
N ASP RA 154 121.10 14.78 -46.62
CA ASP RA 154 122.51 14.36 -46.67
C ASP RA 154 122.96 14.04 -48.09
N ILE RA 155 123.00 15.07 -48.93
CA ILE RA 155 123.54 14.95 -50.30
C ILE RA 155 125.05 15.23 -50.27
N ASN RA 156 125.81 14.42 -51.01
CA ASN RA 156 127.27 14.52 -51.06
C ASN RA 156 127.78 14.43 -52.50
N SER RA 157 127.15 15.18 -53.41
CA SER RA 157 127.49 15.10 -54.84
C SER RA 157 126.94 16.27 -55.67
N GLY RA 158 127.62 16.55 -56.78
CA GLY RA 158 127.14 17.45 -57.84
C GLY RA 158 126.80 18.88 -57.45
N ALA RA 159 127.52 19.43 -56.49
CA ALA RA 159 127.33 20.83 -56.08
C ALA RA 159 127.96 21.80 -57.08
N VAL RA 160 129.15 21.46 -57.57
CA VAL RA 160 129.96 22.32 -58.45
C VAL RA 160 129.88 21.93 -59.94
N GLU RA 161 129.28 20.79 -60.25
CA GLU RA 161 129.21 20.27 -61.63
C GLU RA 161 128.00 20.79 -62.45
N CYS RA 162 126.92 21.18 -61.78
CA CYS RA 162 125.66 21.57 -62.43
C CYS RA 162 125.55 22.98 -63.05
N PRO RA 163 126.43 23.94 -62.68
CA PRO RA 163 126.36 25.25 -63.35
C PRO RA 163 126.65 25.19 -64.86
N PHE VA 1 -70.75 53.36 -10.50
CA PHE VA 1 -71.40 52.15 -10.04
C PHE VA 1 -70.59 51.52 -8.91
N LEU VA 2 -69.27 51.55 -9.06
CA LEU VA 2 -68.35 51.20 -7.99
C LEU VA 2 -67.27 52.23 -7.80
N GLU VA 3 -66.91 52.96 -8.84
CA GLU VA 3 -65.68 53.72 -8.80
C GLU VA 3 -65.86 55.05 -8.08
N VAL VA 4 -67.10 55.46 -7.78
CA VAL VA 4 -67.35 56.77 -7.18
C VAL VA 4 -67.77 56.74 -5.72
N ILE VA 5 -68.79 55.97 -5.36
CA ILE VA 5 -69.35 55.98 -4.01
C ILE VA 5 -68.43 55.26 -3.05
N LYS VA 6 -67.82 54.17 -3.53
CA LYS VA 6 -66.91 53.39 -2.70
C LYS VA 6 -65.68 54.17 -2.23
N PRO VA 7 -65.00 55.02 -3.02
CA PRO VA 7 -63.88 55.78 -2.43
C PRO VA 7 -64.29 56.81 -1.38
N PHE VA 8 -65.52 57.33 -1.41
CA PHE VA 8 -65.85 58.31 -0.38
C PHE VA 8 -66.36 57.64 0.89
N CYS VA 9 -67.03 56.52 0.77
CA CYS VA 9 -67.72 55.92 1.91
C CYS VA 9 -66.77 54.95 2.61
N VAL VA 10 -66.01 55.47 3.55
CA VAL VA 10 -64.96 54.73 4.23
C VAL VA 10 -65.10 54.98 5.73
N ILE VA 11 -66.23 55.57 6.12
CA ILE VA 11 -66.40 56.11 7.46
C ILE VA 11 -66.48 54.98 8.48
N LEU VA 12 -65.55 55.00 9.43
CA LEU VA 12 -65.46 54.15 10.62
C LEU VA 12 -65.37 52.66 10.28
N PRO VA 13 -64.23 52.18 9.77
CA PRO VA 13 -64.10 50.76 9.40
C PRO VA 13 -63.70 49.88 10.58
N GLU VA 14 -63.36 48.63 10.28
CA GLU VA 14 -62.92 47.68 11.28
C GLU VA 14 -61.42 47.43 11.16
N ILE VA 15 -60.83 46.95 12.26
CA ILE VA 15 -59.39 46.71 12.33
C ILE VA 15 -59.12 45.25 11.99
N GLN VA 16 -58.26 45.05 11.00
CA GLN VA 16 -57.85 43.73 10.50
C GLN VA 16 -57.02 43.00 11.55
N LYS VA 17 -56.96 41.66 11.41
CA LYS VA 17 -56.45 40.81 12.48
C LYS VA 17 -54.94 40.99 12.68
N PRO VA 18 -54.46 40.79 13.93
CA PRO VA 18 -53.04 41.04 14.22
C PRO VA 18 -52.10 39.93 13.80
N GLU VA 19 -50.86 40.06 14.29
CA GLU VA 19 -49.78 39.13 14.03
C GLU VA 19 -49.63 38.12 15.16
N ARG VA 20 -50.75 37.67 15.71
CA ARG VA 20 -50.73 36.64 16.75
C ARG VA 20 -51.36 35.39 16.15
N LYS VA 21 -50.90 35.07 14.93
CA LYS VA 21 -51.58 34.23 13.95
C LYS VA 21 -52.07 32.87 14.43
N ILE VA 22 -51.15 31.99 14.80
CA ILE VA 22 -51.48 30.62 15.17
C ILE VA 22 -51.82 30.56 16.65
N GLN VA 23 -53.01 30.04 16.96
CA GLN VA 23 -53.40 29.77 18.33
C GLN VA 23 -54.55 28.76 18.31
N PHE VA 24 -54.67 28.02 19.40
CA PHE VA 24 -55.80 27.11 19.56
C PHE VA 24 -56.99 27.75 20.21
N LYS VA 25 -56.83 28.25 21.43
CA LYS VA 25 -57.98 28.43 22.29
C LYS VA 25 -58.33 29.88 22.55
N GLU VA 26 -57.45 30.83 22.21
CA GLU VA 26 -57.90 32.21 22.30
C GLU VA 26 -58.79 32.56 21.12
N LYS VA 27 -58.69 31.77 20.04
CA LYS VA 27 -59.75 31.67 19.04
C LYS VA 27 -61.13 31.50 19.68
N VAL VA 28 -61.24 30.52 20.57
CA VAL VA 28 -62.51 30.22 21.21
C VAL VA 28 -62.89 31.32 22.19
N LEU VA 29 -61.90 32.03 22.72
CA LEU VA 29 -62.21 33.20 23.54
C LEU VA 29 -62.88 34.30 22.73
N TRP VA 30 -62.38 34.54 21.51
CA TRP VA 30 -63.06 35.52 20.67
C TRP VA 30 -64.43 35.05 20.23
N THR VA 31 -64.67 33.74 20.19
CA THR VA 31 -66.05 33.29 20.01
C THR VA 31 -66.90 33.63 21.22
N ALA VA 32 -66.41 33.24 22.39
CA ALA VA 32 -67.24 33.20 23.58
C ALA VA 32 -67.62 34.59 24.01
N ILE VA 33 -66.78 35.58 23.73
CA ILE VA 33 -67.14 36.95 24.09
C ILE VA 33 -68.33 37.43 23.28
N THR VA 34 -68.38 37.07 22.00
CA THR VA 34 -69.56 37.36 21.19
C THR VA 34 -70.76 36.59 21.68
N LEU VA 35 -70.54 35.38 22.19
CA LEU VA 35 -71.66 34.67 22.78
C LEU VA 35 -72.11 35.27 24.11
N PHE VA 36 -71.22 35.98 24.82
CA PHE VA 36 -71.67 36.79 25.94
C PHE VA 36 -72.51 37.96 25.46
N ILE VA 37 -72.14 38.49 24.29
CA ILE VA 37 -72.90 39.61 23.75
C ILE VA 37 -74.29 39.18 23.35
N PHE VA 38 -74.43 37.96 22.86
CA PHE VA 38 -75.76 37.50 22.53
C PHE VA 38 -76.38 36.60 23.57
N LEU VA 39 -75.74 36.50 24.73
CA LEU VA 39 -76.53 36.54 25.94
C LEU VA 39 -77.19 37.90 26.06
N VAL VA 40 -76.39 38.96 25.99
CA VAL VA 40 -76.85 40.28 26.40
C VAL VA 40 -77.74 40.91 25.34
N CYS VA 41 -77.33 40.79 24.09
CA CYS VA 41 -78.03 41.42 22.99
C CYS VA 41 -79.51 41.09 22.91
N CYS VA 42 -79.89 39.87 23.26
CA CYS VA 42 -81.33 39.60 23.38
C CYS VA 42 -81.84 40.06 24.73
N GLN VA 43 -82.09 41.36 24.82
CA GLN VA 43 -82.58 42.01 26.02
C GLN VA 43 -83.54 43.13 25.63
N ILE VA 44 -84.35 43.58 26.57
CA ILE VA 44 -85.39 44.59 26.32
C ILE VA 44 -84.97 46.00 25.89
N PRO VA 45 -85.73 46.59 24.95
CA PRO VA 45 -85.63 47.93 24.36
C PRO VA 45 -86.14 48.99 25.34
N LEU VA 46 -85.82 50.26 25.08
CA LEU VA 46 -86.18 51.37 25.98
C LEU VA 46 -87.44 52.21 25.65
N PHE VA 47 -88.28 51.80 24.72
CA PHE VA 47 -89.40 52.65 24.37
C PHE VA 47 -90.72 51.98 24.66
N GLY VA 48 -91.62 52.75 25.24
CA GLY VA 48 -92.85 52.26 25.82
C GLY VA 48 -94.05 52.24 24.90
N ILE VA 49 -93.86 52.38 23.60
CA ILE VA 49 -94.97 52.13 22.69
C ILE VA 49 -95.16 50.62 22.65
N MET VA 50 -96.20 50.13 23.33
CA MET VA 50 -96.42 48.71 23.52
C MET VA 50 -97.45 48.24 22.49
N SER VA 51 -96.99 47.96 21.27
CA SER VA 51 -97.88 47.62 20.18
C SER VA 51 -98.34 46.17 20.31
N SER VA 52 -99.50 45.88 19.74
CA SER VA 52 -100.22 44.67 20.15
C SER VA 52 -99.61 43.40 19.58
N ASP VA 53 -99.66 43.25 18.26
CA ASP VA 53 -98.86 42.22 17.61
C ASP VA 53 -97.41 42.56 17.81
N SER VA 54 -96.60 41.53 18.08
CA SER VA 54 -95.20 41.76 18.40
C SER VA 54 -94.43 42.17 17.15
N ALA VA 55 -94.35 41.27 16.18
CA ALA VA 55 -93.85 41.60 14.86
C ALA VA 55 -94.84 41.05 13.84
N ASP VA 56 -94.83 41.63 12.67
CA ASP VA 56 -95.68 41.06 11.66
C ASP VA 56 -95.03 39.83 11.02
N PRO VA 57 -93.70 39.83 10.59
CA PRO VA 57 -93.09 38.57 10.16
C PRO VA 57 -92.54 37.74 11.30
N PHE VA 58 -93.31 37.63 12.39
CA PHE VA 58 -92.78 37.19 13.67
C PHE VA 58 -92.41 35.72 13.66
N TYR VA 59 -93.22 34.89 13.00
CA TYR VA 59 -92.92 33.46 12.91
C TYR VA 59 -91.77 33.03 11.98
N TRP VA 60 -91.83 33.46 10.72
CA TRP VA 60 -90.76 33.16 9.77
C TRP VA 60 -89.56 34.04 10.16
N MET VA 61 -89.94 35.27 10.49
CA MET VA 61 -89.05 36.31 10.94
C MET VA 61 -88.44 35.86 12.25
N ARG VA 62 -89.27 35.30 13.11
CA ARG VA 62 -88.84 34.78 14.40
C ARG VA 62 -87.87 33.62 14.18
N VAL VA 63 -88.16 32.77 13.20
CA VAL VA 63 -87.28 31.66 12.91
C VAL VA 63 -85.89 32.20 12.58
N ILE VA 64 -85.81 33.24 11.75
CA ILE VA 64 -84.47 33.77 11.53
C ILE VA 64 -83.83 34.40 12.78
N LEU VA 65 -84.57 35.22 13.53
CA LEU VA 65 -84.01 35.83 14.74
C LEU VA 65 -85.19 36.00 15.66
N ALA VA 66 -85.12 35.63 16.93
CA ALA VA 66 -86.42 35.64 17.58
C ALA VA 66 -86.65 36.77 18.59
N SER VA 67 -86.07 37.95 18.43
CA SER VA 67 -86.38 39.00 19.40
C SER VA 67 -87.43 39.93 18.81
N ASN VA 68 -88.60 39.37 18.50
CA ASN VA 68 -89.67 40.09 17.84
C ASN VA 68 -90.33 41.06 18.82
N ARG VA 69 -90.31 42.35 18.46
CA ARG VA 69 -90.60 43.47 19.37
C ARG VA 69 -89.80 43.32 20.65
N GLY VA 70 -88.56 42.88 20.48
CA GLY VA 70 -87.77 42.56 21.61
C GLY VA 70 -86.49 43.34 21.48
N THR VA 71 -85.40 42.63 21.64
CA THR VA 71 -84.18 43.20 22.15
C THR VA 71 -83.36 43.82 21.03
N LEU VA 72 -82.08 44.05 21.32
CA LEU VA 72 -81.11 44.60 20.38
C LEU VA 72 -80.69 43.61 19.31
N MET VA 73 -81.32 42.43 19.25
CA MET VA 73 -81.14 41.50 18.15
C MET VA 73 -81.75 42.03 16.87
N GLU VA 74 -82.60 43.05 16.98
CA GLU VA 74 -82.99 43.93 15.89
C GLU VA 74 -83.79 43.19 14.85
N LEU VA 75 -84.63 42.29 15.34
CA LEU VA 75 -85.61 41.54 14.57
C LEU VA 75 -84.96 40.65 13.51
N GLY VA 76 -83.65 40.41 13.61
CA GLY VA 76 -82.94 39.71 12.56
C GLY VA 76 -81.54 40.21 12.28
N ILE VA 77 -80.71 39.32 11.71
CA ILE VA 77 -79.41 39.68 11.18
C ILE VA 77 -79.62 39.88 9.69
N SER VA 78 -80.90 39.82 9.29
CA SER VA 78 -81.45 40.13 7.99
C SER VA 78 -80.83 41.34 7.29
N PRO VA 79 -80.44 42.43 7.97
CA PRO VA 79 -79.53 43.38 7.32
C PRO VA 79 -78.24 42.75 6.81
N ILE VA 80 -77.47 42.10 7.67
CA ILE VA 80 -76.17 41.58 7.25
C ILE VA 80 -76.33 40.42 6.29
N VAL VA 81 -77.34 39.58 6.53
CA VAL VA 81 -77.55 38.43 5.67
C VAL VA 81 -77.99 38.84 4.28
N THR VA 82 -79.08 39.63 4.17
CA THR VA 82 -79.58 40.03 2.87
C THR VA 82 -78.58 40.90 2.13
N SER VA 83 -77.94 41.81 2.85
CA SER VA 83 -76.95 42.66 2.24
C SER VA 83 -75.71 41.90 1.85
N GLY VA 84 -75.42 40.76 2.47
CA GLY VA 84 -74.27 40.00 2.07
C GLY VA 84 -74.61 39.22 0.84
N LEU VA 85 -75.81 38.66 0.84
CA LEU VA 85 -76.25 37.77 -0.23
C LEU VA 85 -76.39 38.49 -1.55
N ILE VA 86 -77.07 39.63 -1.58
CA ILE VA 86 -77.23 40.28 -2.88
C ILE VA 86 -75.92 40.92 -3.32
N MET VA 87 -75.03 41.21 -2.38
CA MET VA 87 -73.70 41.67 -2.74
C MET VA 87 -72.91 40.58 -3.44
N GLN VA 88 -72.95 39.37 -2.89
CA GLN VA 88 -72.26 38.26 -3.53
C GLN VA 88 -72.93 37.87 -4.84
N LEU VA 89 -74.25 38.08 -4.93
CA LEU VA 89 -74.96 37.94 -6.19
C LEU VA 89 -74.39 38.90 -7.24
N LEU VA 90 -74.46 40.19 -6.96
CA LEU VA 90 -74.09 41.21 -7.94
C LEU VA 90 -72.59 41.30 -8.14
N ALA VA 91 -71.79 40.62 -7.33
CA ALA VA 91 -70.41 40.33 -7.69
C ALA VA 91 -70.33 39.14 -8.63
N GLY VA 92 -71.06 38.06 -8.32
CA GLY VA 92 -71.01 36.86 -9.13
C GLY VA 92 -71.79 37.00 -10.42
N ALA VA 93 -73.04 37.42 -10.30
CA ALA VA 93 -73.76 37.86 -11.49
C ALA VA 93 -73.10 39.13 -11.98
N LYS VA 94 -72.82 39.19 -13.27
CA LYS VA 94 -72.00 40.25 -13.81
C LYS VA 94 -72.82 41.45 -14.24
N ILE VA 95 -73.93 41.70 -13.54
CA ILE VA 95 -74.56 43.01 -13.61
C ILE VA 95 -73.58 44.07 -13.14
N ILE VA 96 -72.81 43.75 -12.11
CA ILE VA 96 -71.70 44.57 -11.66
C ILE VA 96 -70.44 43.72 -11.72
N GLU VA 97 -69.35 44.35 -12.14
CA GLU VA 97 -68.05 43.72 -12.34
C GLU VA 97 -67.46 43.20 -11.03
N VAL VA 98 -66.37 42.47 -11.18
CA VAL VA 98 -65.66 41.85 -10.07
C VAL VA 98 -64.47 42.72 -9.69
N GLY VA 99 -64.31 42.98 -8.40
CA GLY VA 99 -63.12 43.61 -7.87
C GLY VA 99 -62.22 42.59 -7.20
N ASP VA 100 -60.99 42.47 -7.73
CA ASP VA 100 -59.99 41.57 -7.16
C ASP VA 100 -58.69 42.28 -6.81
N THR VA 101 -58.63 43.61 -6.90
CA THR VA 101 -57.56 44.30 -6.23
C THR VA 101 -57.91 44.42 -4.75
N PRO VA 102 -56.92 44.44 -3.85
CA PRO VA 102 -57.23 44.50 -2.42
C PRO VA 102 -57.89 45.80 -1.98
N LYS VA 103 -57.64 46.90 -2.71
CA LYS VA 103 -58.46 48.10 -2.53
C LYS VA 103 -59.92 47.82 -2.86
N ASP VA 104 -60.19 47.06 -3.92
CA ASP VA 104 -61.56 46.76 -4.30
C ASP VA 104 -62.23 45.78 -3.35
N ARG VA 105 -61.49 44.82 -2.80
CA ARG VA 105 -62.11 43.93 -1.82
C ARG VA 105 -62.34 44.66 -0.49
N ALA VA 106 -61.45 45.59 -0.13
CA ALA VA 106 -61.66 46.38 1.08
C ALA VA 106 -62.86 47.30 0.93
N LEU VA 107 -62.95 48.01 -0.20
CA LEU VA 107 -64.12 48.83 -0.45
C LEU VA 107 -65.36 47.99 -0.75
N PHE VA 108 -65.17 46.73 -1.13
CA PHE VA 108 -66.28 45.80 -1.24
C PHE VA 108 -66.88 45.50 0.13
N ASN VA 109 -66.01 45.30 1.13
CA ASN VA 109 -66.48 45.26 2.52
C ASN VA 109 -67.11 46.56 2.94
N GLY VA 110 -66.59 47.69 2.45
CA GLY VA 110 -67.18 48.97 2.77
C GLY VA 110 -68.59 49.12 2.24
N ALA VA 111 -68.81 48.71 0.99
CA ALA VA 111 -70.14 48.78 0.42
C ALA VA 111 -71.05 47.73 1.05
N GLN VA 112 -70.48 46.63 1.50
CA GLN VA 112 -71.21 45.65 2.31
C GLN VA 112 -71.76 46.30 3.57
N LYS VA 113 -70.91 47.01 4.30
CA LYS VA 113 -71.33 47.83 5.43
C LYS VA 113 -72.39 48.85 5.02
N LEU VA 114 -72.24 49.44 3.83
CA LEU VA 114 -73.16 50.48 3.38
C LEU VA 114 -74.56 49.95 3.20
N PHE VA 115 -74.73 48.92 2.37
CA PHE VA 115 -76.04 48.34 2.17
C PHE VA 115 -76.59 47.74 3.45
N GLY VA 116 -75.72 47.20 4.31
CA GLY VA 116 -76.20 46.66 5.59
C GLY VA 116 -76.81 47.72 6.48
N MET VA 117 -76.12 48.85 6.66
CA MET VA 117 -76.63 49.91 7.51
C MET VA 117 -77.86 50.57 6.90
N ILE VA 118 -77.89 50.72 5.57
CA ILE VA 118 -79.06 51.31 4.92
C ILE VA 118 -80.27 50.42 5.12
N ILE VA 119 -80.07 49.10 5.06
CA ILE VA 119 -81.18 48.18 5.29
C ILE VA 119 -81.61 48.17 6.75
N THR VA 120 -80.68 48.40 7.69
CA THR VA 120 -81.07 48.57 9.09
C THR VA 120 -81.96 49.79 9.25
N ILE VA 121 -81.59 50.88 8.59
CA ILE VA 121 -82.39 52.09 8.63
C ILE VA 121 -83.77 51.85 8.01
N GLY VA 122 -83.80 51.06 6.95
CA GLY VA 122 -85.06 50.72 6.32
C GLY VA 122 -85.97 49.91 7.23
N GLN VA 123 -85.40 48.93 7.93
CA GLN VA 123 -86.20 48.16 8.87
C GLN VA 123 -86.67 49.00 10.05
N SER VA 124 -85.84 49.93 10.51
CA SER VA 124 -86.21 50.80 11.61
C SER VA 124 -87.40 51.66 11.24
N ILE VA 125 -87.30 52.32 10.08
CA ILE VA 125 -88.38 53.17 9.59
C ILE VA 125 -89.64 52.35 9.36
N VAL VA 126 -89.49 51.13 8.86
CA VAL VA 126 -90.68 50.39 8.50
C VAL VA 126 -91.32 49.70 9.70
N TYR VA 127 -90.58 49.50 10.79
CA TYR VA 127 -91.30 49.00 11.96
C TYR VA 127 -91.95 50.14 12.72
N VAL VA 128 -91.27 51.29 12.82
CA VAL VA 128 -91.88 52.38 13.56
C VAL VA 128 -93.04 53.03 12.82
N MET VA 129 -93.28 52.66 11.57
CA MET VA 129 -94.40 53.20 10.83
C MET VA 129 -95.28 52.04 10.38
N SER VA 130 -95.85 57.16 17.00
CA SER VA 130 -96.41 58.30 17.70
C SER VA 130 -95.39 59.41 17.77
N GLY VA 131 -95.50 60.25 18.79
CA GLY VA 131 -94.59 61.35 19.04
C GLY VA 131 -93.37 61.00 19.85
N ILE VA 132 -93.18 59.71 20.17
CA ILE VA 132 -92.08 59.28 21.02
C ILE VA 132 -90.92 58.74 20.17
N CYS VA 133 -90.87 59.13 18.89
CA CYS VA 133 -90.05 58.49 17.86
C CYS VA 133 -88.56 58.78 18.01
N LEU VA 134 -88.15 59.56 19.01
CA LEU VA 134 -86.76 59.93 19.16
C LEU VA 134 -85.95 58.73 19.63
N LEU VA 135 -84.67 58.70 19.26
CA LEU VA 135 -83.63 57.88 19.88
C LEU VA 135 -83.77 56.37 19.64
N ILE VA 136 -84.89 55.94 19.07
CA ILE VA 136 -85.03 54.56 18.61
C ILE VA 136 -84.04 54.31 17.50
N THR VA 137 -83.97 55.25 16.58
CA THR VA 137 -83.09 55.18 15.43
C THR VA 137 -81.64 55.15 15.86
N ILE VA 138 -81.31 55.89 16.92
CA ILE VA 138 -79.94 55.93 17.41
C ILE VA 138 -79.55 54.58 17.99
N GLN VA 139 -80.45 54.02 18.79
CA GLN VA 139 -80.28 52.68 19.34
C GLN VA 139 -80.12 51.65 18.25
N LEU VA 140 -80.99 51.66 17.25
CA LEU VA 140 -80.89 50.59 16.27
C LEU VA 140 -79.59 50.55 15.49
N PHE VA 141 -79.12 51.70 15.01
CA PHE VA 141 -77.87 51.72 14.28
C PHE VA 141 -76.69 51.33 15.17
N VAL VA 142 -76.72 51.77 16.42
CA VAL VA 142 -75.66 51.43 17.34
C VAL VA 142 -75.66 49.92 17.46
N ALA VA 143 -76.84 49.34 17.57
CA ALA VA 143 -76.96 47.90 17.64
C ALA VA 143 -76.98 47.24 16.27
N GLY VA 144 -76.98 48.01 15.18
CA GLY VA 144 -76.71 47.43 13.89
C GLY VA 144 -75.22 47.38 13.66
N LEU VA 145 -74.55 48.48 14.00
CA LEU VA 145 -73.10 48.56 13.85
C LEU VA 145 -72.38 47.54 14.71
N ILE VA 146 -72.97 47.21 15.86
CA ILE VA 146 -72.36 46.21 16.73
C ILE VA 146 -72.40 44.83 16.10
N VAL VA 147 -73.55 44.45 15.52
CA VAL VA 147 -73.64 43.13 14.88
C VAL VA 147 -72.75 43.09 13.64
N LEU VA 148 -72.61 44.23 12.96
CA LEU VA 148 -71.66 44.36 11.86
C LEU VA 148 -70.25 44.06 12.29
N LEU VA 149 -69.80 44.72 13.36
CA LEU VA 149 -68.43 44.55 13.80
C LEU VA 149 -68.21 43.15 14.33
N LEU VA 150 -69.20 42.57 14.99
CA LEU VA 150 -69.02 41.24 15.54
C LEU VA 150 -68.99 40.20 14.45
N ASP VA 151 -69.71 40.43 13.36
CA ASP VA 151 -69.64 39.47 12.27
C ASP VA 151 -68.35 39.61 11.48
N GLU VA 152 -67.92 40.83 11.18
CA GLU VA 152 -66.69 40.97 10.42
C GLU VA 152 -65.44 40.79 11.26
N LEU VA 153 -65.55 40.74 12.57
CA LEU VA 153 -64.44 40.29 13.39
C LEU VA 153 -64.53 38.81 13.70
N LEU VA 154 -65.49 38.13 13.09
CA LEU VA 154 -65.54 36.69 13.06
C LEU VA 154 -65.65 36.20 11.62
N GLN VA 155 -65.02 36.91 10.70
CA GLN VA 155 -64.63 36.29 9.44
C GLN VA 155 -63.14 36.42 9.24
N LYS VA 156 -62.61 37.64 9.29
CA LYS VA 156 -61.17 37.87 9.39
C LYS VA 156 -60.90 38.14 10.87
N GLY VA 157 -60.59 37.08 11.60
CA GLY VA 157 -60.46 37.12 13.03
C GLY VA 157 -60.36 35.69 13.50
N TYR VA 158 -61.20 35.31 14.46
CA TYR VA 158 -61.42 33.89 14.70
C TYR VA 158 -61.97 33.18 13.47
N GLY VA 159 -62.95 33.79 12.80
CA GLY VA 159 -64.09 33.12 12.20
C GLY VA 159 -64.00 31.75 11.57
N LEU VA 160 -64.74 30.79 12.14
CA LEU VA 160 -64.82 29.44 11.61
C LEU VA 160 -66.20 29.11 11.04
N GLY VA 161 -67.26 29.23 11.84
CA GLY VA 161 -68.56 29.02 11.24
C GLY VA 161 -68.90 30.24 10.43
N SER VA 162 -69.15 31.32 11.15
CA SER VA 162 -69.24 32.69 10.68
C SER VA 162 -69.39 33.48 11.97
N GLY VA 163 -69.65 34.76 11.87
CA GLY VA 163 -70.27 35.37 13.02
C GLY VA 163 -71.74 35.01 12.96
N ILE VA 164 -72.26 35.00 11.73
CA ILE VA 164 -73.69 35.03 11.48
C ILE VA 164 -74.33 33.71 11.87
N SER VA 165 -73.85 32.63 11.28
CA SER VA 165 -74.52 31.35 11.34
C SER VA 165 -74.49 30.78 12.74
N LEU VA 166 -73.46 31.05 13.51
CA LEU VA 166 -73.45 30.55 14.87
C LEU VA 166 -74.31 31.40 15.79
N PHE VA 167 -74.53 32.67 15.46
CA PHE VA 167 -75.55 33.46 16.14
C PHE VA 167 -76.91 32.86 15.95
N ILE VA 168 -77.22 32.52 14.69
CA ILE VA 168 -78.50 31.90 14.38
C ILE VA 168 -78.63 30.58 15.09
N ALA VA 169 -77.53 29.83 15.16
CA ALA VA 169 -77.57 28.51 15.78
C ALA VA 169 -77.82 28.60 17.28
N THR VA 170 -77.07 29.46 17.97
CA THR VA 170 -77.25 29.60 19.41
C THR VA 170 -78.60 30.19 19.76
N ASN VA 171 -79.10 31.13 18.96
CA ASN VA 171 -80.43 31.65 19.23
C ASN VA 171 -81.48 30.63 18.93
N ILE VA 172 -81.18 29.69 18.05
CA ILE VA 172 -82.11 28.60 17.86
C ILE VA 172 -82.03 27.58 18.98
N CYS VA 173 -80.85 27.39 19.56
CA CYS VA 173 -80.72 26.59 20.78
C CYS VA 173 -81.58 27.16 21.89
N GLU VA 174 -81.57 28.49 22.02
CA GLU VA 174 -82.40 29.15 23.01
C GLU VA 174 -83.88 28.97 22.71
N THR VA 175 -84.29 29.08 21.44
CA THR VA 175 -85.70 28.96 21.13
C THR VA 175 -86.21 27.53 21.31
N ILE VA 176 -85.32 26.55 21.27
CA ILE VA 176 -85.75 25.24 21.76
C ILE VA 176 -85.77 25.24 23.28
N VAL VA 177 -84.85 25.99 23.88
CA VAL VA 177 -84.61 25.87 25.31
C VAL VA 177 -85.70 26.55 26.14
N TRP VA 178 -86.28 27.65 25.63
CA TRP VA 178 -87.47 28.21 26.29
C TRP VA 178 -88.62 27.24 26.20
N LYS VA 179 -88.67 26.45 25.14
CA LYS VA 179 -89.60 25.34 25.10
C LYS VA 179 -89.13 24.16 25.92
N ALA VA 180 -87.88 24.11 26.33
CA ALA VA 180 -87.41 22.98 27.12
C ALA VA 180 -87.79 23.10 28.59
N PHE VA 181 -87.42 24.18 29.26
CA PHE VA 181 -87.99 24.49 30.57
C PHE VA 181 -88.78 25.79 30.38
N SER VA 182 -90.00 25.82 30.88
CA SER VA 182 -90.90 26.94 30.66
C SER VA 182 -91.51 27.36 31.97
N PRO VA 183 -91.04 28.41 32.60
CA PRO VA 183 -91.51 28.75 33.93
C PRO VA 183 -92.91 29.32 33.99
N THR VA 184 -93.26 30.27 33.13
CA THR VA 184 -94.55 30.92 33.27
C THR VA 184 -95.57 30.39 32.27
N THR VA 185 -96.83 30.55 32.66
CA THR VA 185 -97.98 30.42 31.79
C THR VA 185 -99.01 31.39 32.36
N VAL VA 186 -99.57 32.24 31.52
CA VAL VA 186 -100.73 32.99 31.96
C VAL VA 186 -101.88 32.00 32.09
N ASN VA 187 -102.64 32.11 33.18
CA ASN VA 187 -103.57 31.05 33.52
C ASN VA 187 -104.75 31.09 32.56
N THR VA 188 -105.00 29.95 31.95
CA THR VA 188 -106.17 29.67 31.15
C THR VA 188 -107.28 29.21 32.07
N GLY VA 189 -108.28 28.54 31.48
CA GLY VA 189 -109.40 27.96 32.21
C GLY VA 189 -109.05 27.02 33.35
N ARG VA 190 -107.83 26.50 33.34
CA ARG VA 190 -107.25 25.71 34.43
C ARG VA 190 -105.75 25.61 34.16
N GLY VA 191 -104.97 25.44 35.23
CA GLY VA 191 -103.59 25.03 35.08
C GLY VA 191 -102.57 26.11 34.79
N MET VA 192 -102.33 26.98 35.76
CA MET VA 192 -101.28 27.99 35.60
C MET VA 192 -99.89 27.37 35.60
N GLU VA 193 -98.97 28.09 34.97
CA GLU VA 193 -97.51 27.98 35.16
C GLU VA 193 -96.93 26.65 34.66
N PHE VA 194 -97.40 26.22 33.48
CA PHE VA 194 -96.88 24.99 32.89
C PHE VA 194 -97.13 25.01 31.37
N GLU VA 195 -96.12 25.38 30.59
CA GLU VA 195 -96.29 25.60 29.15
C GLU VA 195 -95.27 24.82 28.32
N GLY VA 196 -95.51 23.53 28.13
CA GLY VA 196 -94.70 22.76 27.20
C GLY VA 196 -93.29 22.45 27.63
N ALA VA 197 -93.00 22.58 28.91
CA ALA VA 197 -91.74 22.09 29.45
C ALA VA 197 -91.89 20.63 29.83
N ILE VA 198 -90.76 19.97 30.01
CA ILE VA 198 -90.82 18.66 30.65
C ILE VA 198 -91.01 18.83 32.14
N ILE VA 199 -90.51 19.94 32.71
CA ILE VA 199 -90.83 20.26 34.09
C ILE VA 199 -92.31 20.51 34.23
N ALA VA 200 -92.90 21.20 33.25
CA ALA VA 200 -94.34 21.36 33.16
C ALA VA 200 -95.05 20.01 33.13
N LEU VA 201 -94.52 19.07 32.37
CA LEU VA 201 -95.09 17.73 32.34
C LEU VA 201 -94.43 16.83 33.36
N PHE VA 202 -93.84 17.42 34.39
CA PHE VA 202 -93.52 16.73 35.62
C PHE VA 202 -94.15 17.40 36.83
N HIS VA 203 -94.40 18.71 36.78
CA HIS VA 203 -95.22 19.36 37.79
C HIS VA 203 -96.68 19.02 37.63
N LEU VA 204 -97.07 18.76 36.39
CA LEU VA 204 -98.44 18.38 36.08
C LEU VA 204 -98.80 17.04 36.70
N LEU VA 205 -97.82 16.16 36.85
CA LEU VA 205 -98.11 14.91 37.56
C LEU VA 205 -98.20 15.13 39.06
N ALA VA 206 -97.56 16.17 39.57
CA ALA VA 206 -97.65 16.42 41.00
C ALA VA 206 -98.96 17.09 41.40
N THR VA 207 -99.53 17.91 40.51
CA THR VA 207 -100.78 18.57 40.89
C THR VA 207 -101.96 17.64 40.74
N ARG VA 208 -102.27 17.22 39.52
CA ARG VA 208 -103.58 16.69 39.20
C ARG VA 208 -103.65 15.19 39.39
N THR VA 209 -104.80 14.74 39.87
CA THR VA 209 -105.14 13.33 39.87
C THR VA 209 -105.74 12.96 38.52
N ASP VA 210 -106.18 11.70 38.42
CA ASP VA 210 -106.63 11.07 37.17
C ASP VA 210 -105.56 11.21 36.09
N LYS VA 211 -104.49 10.42 36.30
CA LYS VA 211 -103.28 10.48 35.49
C LYS VA 211 -103.49 10.15 34.01
N VAL VA 212 -104.63 9.57 33.62
CA VAL VA 212 -104.94 9.42 32.20
C VAL VA 212 -105.12 10.78 31.55
N ARG VA 213 -105.94 11.64 32.15
CA ARG VA 213 -106.06 13.00 31.68
C ARG VA 213 -104.92 13.88 32.13
N ALA VA 214 -103.92 13.31 32.82
CA ALA VA 214 -102.61 13.97 32.90
C ALA VA 214 -101.71 13.55 31.75
N LEU VA 215 -101.88 12.33 31.24
CA LEU VA 215 -101.14 11.96 30.04
C LEU VA 215 -101.66 12.69 28.83
N ARG VA 216 -102.98 12.89 28.76
CA ARG VA 216 -103.57 13.44 27.55
C ARG VA 216 -103.17 14.89 27.34
N GLU VA 217 -103.12 15.66 28.42
CA GLU VA 217 -102.63 17.03 28.33
C GLU VA 217 -101.12 17.09 28.12
N ALA VA 218 -100.40 16.04 28.48
CA ALA VA 218 -98.97 16.04 28.27
C ALA VA 218 -98.60 15.74 26.83
N PHE VA 219 -99.37 14.87 26.19
CA PHE VA 219 -98.97 14.44 24.85
C PHE VA 219 -99.76 15.09 23.73
N TYR VA 220 -100.95 15.59 23.99
CA TYR VA 220 -101.71 16.27 22.95
C TYR VA 220 -102.01 17.69 23.39
N ARG VA 221 -101.00 18.42 23.81
CA ARG VA 221 -101.14 19.84 24.15
C ARG VA 221 -101.03 20.68 22.89
N GLN VA 222 -102.02 21.53 22.62
CA GLN VA 222 -102.05 22.24 21.36
C GLN VA 222 -101.53 23.68 21.44
N ASN VA 223 -102.11 24.50 22.29
CA ASN VA 223 -101.83 25.93 22.24
C ASN VA 223 -100.44 26.28 22.75
N LEU VA 224 -99.92 25.48 23.64
CA LEU VA 224 -98.59 25.65 24.20
C LEU VA 224 -97.73 24.62 23.48
N PRO VA 225 -96.42 24.60 23.65
CA PRO VA 225 -95.64 23.48 23.13
C PRO VA 225 -96.02 22.14 23.73
N ASN VA 226 -95.66 21.09 23.01
CA ASN VA 226 -96.15 19.75 23.26
C ASN VA 226 -94.95 18.84 23.41
N LEU VA 227 -95.15 17.69 24.02
CA LEU VA 227 -94.06 16.75 24.16
C LEU VA 227 -94.06 15.74 23.02
N MET VA 228 -95.22 15.51 22.38
CA MET VA 228 -95.21 14.88 21.08
C MET VA 228 -94.47 15.73 20.07
N ASN VA 229 -94.65 17.05 20.17
CA ASN VA 229 -93.85 18.00 19.42
C ASN VA 229 -92.37 17.80 19.71
N LEU VA 230 -92.01 17.56 20.97
CA LEU VA 230 -90.61 17.39 21.26
C LEU VA 230 -90.05 16.07 20.76
N ILE VA 231 -90.88 15.02 20.73
CA ILE VA 231 -90.44 13.75 20.13
C ILE VA 231 -90.19 13.94 18.64
N ALA VA 232 -91.09 14.64 17.96
CA ALA VA 232 -90.90 14.89 16.54
C ALA VA 232 -89.70 15.80 16.29
N THR VA 233 -89.47 16.76 17.19
CA THR VA 233 -88.29 17.60 17.13
C THR VA 233 -87.02 16.78 17.26
N ILE VA 234 -86.99 15.84 18.20
CA ILE VA 234 -85.81 15.01 18.32
C ILE VA 234 -85.61 14.13 17.10
N PHE VA 235 -86.72 13.61 16.60
CA PHE VA 235 -86.73 12.70 15.46
C PHE VA 235 -86.14 13.37 14.24
N VAL VA 236 -86.50 14.63 14.02
CA VAL VA 236 -85.97 15.37 12.89
C VAL VA 236 -84.47 15.54 13.03
N PHE VA 237 -84.00 15.80 14.25
CA PHE VA 237 -82.57 15.93 14.46
C PHE VA 237 -81.87 14.64 14.09
N ALA VA 238 -82.43 13.51 14.51
CA ALA VA 238 -81.79 12.27 14.15
C ALA VA 238 -81.77 12.07 12.65
N VAL VA 239 -82.88 12.31 11.95
CA VAL VA 239 -82.83 12.08 10.50
C VAL VA 239 -81.89 12.98 9.72
N VAL VA 240 -81.83 14.25 10.12
CA VAL VA 240 -80.97 15.20 9.43
C VAL VA 240 -79.50 14.85 9.64
N ILE VA 241 -79.11 14.29 10.79
CA ILE VA 241 -77.73 13.84 10.86
C ILE VA 241 -77.56 12.51 10.16
N TYR VA 242 -78.65 11.79 9.91
CA TYR VA 242 -78.56 10.68 8.99
C TYR VA 242 -78.25 11.16 7.60
N PHE VA 243 -78.80 12.29 7.22
CA PHE VA 243 -78.54 12.77 5.86
C PHE VA 243 -77.32 13.66 5.76
N GLN VA 244 -76.70 14.09 6.85
CA GLN VA 244 -75.47 14.84 6.66
C GLN VA 244 -74.35 13.91 6.22
N GLY VA 245 -74.35 12.69 6.74
CA GLY VA 245 -73.32 11.76 6.36
C GLY VA 245 -73.44 11.25 4.94
N PHE VA 246 -74.48 11.63 4.21
CA PHE VA 246 -74.45 11.36 2.79
C PHE VA 246 -73.36 12.14 2.10
N ARG VA 247 -72.35 11.41 1.65
CA ARG VA 247 -71.21 12.02 1.01
C ARG VA 247 -70.72 11.10 -0.09
N VAL VA 248 -70.14 11.74 -1.10
CA VAL VA 248 -69.53 11.08 -2.24
C VAL VA 248 -68.04 11.07 -1.99
N ASP VA 249 -67.42 9.90 -2.08
CA ASP VA 249 -65.98 9.81 -1.90
C ASP VA 249 -65.27 9.80 -3.24
N LEU VA 250 -64.16 10.54 -3.32
CA LEU VA 250 -63.29 10.53 -4.47
C LEU VA 250 -61.86 10.38 -4.00
N PRO VA 251 -61.21 9.24 -4.23
CA PRO VA 251 -59.83 9.08 -3.83
C PRO VA 251 -58.91 9.85 -4.75
N ILE VA 252 -57.75 10.24 -4.23
CA ILE VA 252 -56.81 11.07 -4.97
C ILE VA 252 -55.37 10.61 -4.72
N LYS VA 253 -54.70 10.04 -5.74
CA LYS VA 253 -53.24 10.08 -5.76
C LYS VA 253 -52.84 11.53 -5.65
N SER VA 254 -52.15 11.89 -4.58
CA SER VA 254 -51.53 13.19 -4.62
C SER VA 254 -50.46 13.20 -5.70
N ALA VA 255 -50.23 14.37 -6.25
CA ALA VA 255 -49.09 14.50 -7.15
C ALA VA 255 -47.80 14.34 -6.37
N ARG VA 256 -46.78 13.86 -7.05
CA ARG VA 256 -45.38 13.74 -6.61
C ARG VA 256 -45.19 13.02 -5.27
N TYR VA 257 -46.16 12.25 -4.79
CA TYR VA 257 -45.94 11.41 -3.61
C TYR VA 257 -46.64 10.10 -3.81
N ARG VA 258 -45.95 9.03 -3.44
CA ARG VA 258 -46.42 7.68 -3.75
C ARG VA 258 -47.59 7.33 -2.86
N GLY VA 259 -48.79 7.42 -3.42
CA GLY VA 259 -49.94 6.71 -2.92
C GLY VA 259 -50.45 7.10 -1.56
N GLN VA 260 -50.60 8.39 -1.30
CA GLN VA 260 -51.38 8.80 -0.15
C GLN VA 260 -52.79 9.13 -0.63
N TYR VA 261 -53.79 8.66 0.11
CA TYR VA 261 -55.15 8.67 -0.40
C TYR VA 261 -56.03 9.46 0.55
N ASN VA 262 -55.96 10.77 0.47
CA ASN VA 262 -56.80 11.62 1.27
C ASN VA 262 -58.01 11.98 0.42
N THR VA 263 -59.03 11.15 0.49
CA THR VA 263 -60.12 11.15 -0.49
C THR VA 263 -60.96 12.40 -0.28
N TYR VA 264 -61.12 13.17 -1.32
CA TYR VA 264 -61.95 14.35 -1.25
C TYR VA 264 -63.41 13.95 -1.22
N PRO VA 265 -64.18 14.44 -0.27
CA PRO VA 265 -65.60 14.09 -0.22
C PRO VA 265 -66.46 15.21 -0.78
N ILE VA 266 -67.69 14.87 -1.12
CA ILE VA 266 -68.71 15.85 -1.46
C ILE VA 266 -69.96 15.47 -0.69
N LYS VA 267 -70.25 16.18 0.37
CA LYS VA 267 -71.46 15.94 1.14
C LYS VA 267 -72.64 16.57 0.42
N LEU VA 268 -73.81 15.97 0.64
CA LEU VA 268 -75.00 16.39 -0.10
C LEU VA 268 -75.49 17.75 0.36
N PHE VA 269 -75.26 18.07 1.63
CA PHE VA 269 -75.84 19.30 2.18
C PHE VA 269 -75.15 20.51 1.61
N TYR VA 270 -73.87 20.36 1.29
CA TYR VA 270 -73.20 21.13 0.27
C TYR VA 270 -73.16 22.62 0.62
N THR VA 271 -72.37 22.88 1.67
CA THR VA 271 -72.21 24.07 2.53
C THR VA 271 -73.38 24.17 3.49
N SER VA 272 -74.22 23.13 3.59
CA SER VA 272 -75.40 23.04 4.46
C SER VA 272 -76.41 24.15 4.19
N ASN VA 273 -76.28 24.76 3.02
CA ASN VA 273 -77.31 25.55 2.38
C ASN VA 273 -77.65 26.80 3.15
N ILE VA 274 -76.74 27.21 4.03
CA ILE VA 274 -76.79 28.48 4.75
C ILE VA 274 -76.99 29.62 3.76
N PRO VA 275 -76.46 29.59 2.54
CA PRO VA 275 -77.16 30.35 1.49
C PRO VA 275 -78.59 29.91 1.30
N ILE VA 276 -78.79 28.67 0.90
CA ILE VA 276 -79.98 28.26 0.16
C ILE VA 276 -81.23 28.26 1.02
N ILE VA 277 -81.11 27.95 2.29
CA ILE VA 277 -82.27 28.11 3.16
C ILE VA 277 -82.50 29.56 3.44
N LEU VA 278 -81.43 30.32 3.65
CA LEU VA 278 -81.65 31.72 3.91
C LEU VA 278 -82.01 32.45 2.62
N GLN VA 279 -81.62 31.88 1.49
CA GLN VA 279 -82.26 32.23 0.23
C GLN VA 279 -83.76 31.97 0.28
N SER VA 280 -84.17 30.83 0.83
CA SER VA 280 -85.60 30.55 0.94
C SER VA 280 -86.30 31.42 1.96
N ALA VA 281 -85.57 31.94 2.93
CA ALA VA 281 -86.17 32.66 4.03
C ALA VA 281 -86.26 34.15 3.77
N LEU VA 282 -85.22 34.73 3.23
CA LEU VA 282 -85.16 36.17 3.33
C LEU VA 282 -85.91 36.87 2.23
N VAL VA 283 -86.22 36.18 1.13
CA VAL VA 283 -87.13 36.78 0.18
C VAL VA 283 -88.54 36.83 0.77
N SER VA 284 -88.95 35.81 1.50
CA SER VA 284 -90.22 35.85 2.17
C SER VA 284 -90.16 36.63 3.46
N ASN VA 285 -88.99 37.14 3.81
CA ASN VA 285 -88.91 38.14 4.85
C ASN VA 285 -88.95 39.56 4.31
N LEU VA 286 -88.41 39.79 3.13
CA LEU VA 286 -88.37 41.17 2.64
C LEU VA 286 -89.74 41.65 2.19
N TYR VA 287 -90.62 40.76 1.71
CA TYR VA 287 -91.95 41.28 1.43
C TYR VA 287 -92.76 41.49 2.70
N VAL VA 288 -92.61 40.61 3.68
CA VAL VA 288 -93.36 40.82 4.90
C VAL VA 288 -92.74 41.97 5.70
N ILE VA 289 -91.54 42.42 5.33
CA ILE VA 289 -91.14 43.80 5.60
C ILE VA 289 -91.98 44.76 4.78
N SER VA 290 -92.02 44.58 3.47
CA SER VA 290 -92.61 45.62 2.66
C SER VA 290 -94.11 45.46 2.43
N GLN VA 291 -94.81 44.64 3.23
CA GLN VA 291 -96.27 44.77 3.23
C GLN VA 291 -96.70 45.98 4.04
N MET VA 292 -95.77 46.54 4.82
CA MET VA 292 -96.08 47.75 5.57
C MET VA 292 -96.29 48.92 4.63
N LEU VA 293 -95.58 48.94 3.50
CA LEU VA 293 -95.89 49.87 2.43
C LEU VA 293 -97.10 49.45 1.63
N SER VA 294 -97.70 48.29 1.92
CA SER VA 294 -98.94 47.94 1.24
C SER VA 294 -100.16 48.36 2.05
N ALA VA 295 -99.97 48.74 3.31
CA ALA VA 295 -101.09 49.22 4.10
C ALA VA 295 -101.59 50.57 3.61
N ARG VA 296 -100.71 51.39 3.09
CA ARG VA 296 -101.14 52.68 2.58
C ARG VA 296 -101.66 52.59 1.15
N PHE VA 297 -100.75 52.30 0.23
CA PHE VA 297 -100.90 52.72 -1.16
C PHE VA 297 -101.62 51.68 -1.99
N PRO VA 298 -100.82 43.24 2.54
CA PRO VA 298 -101.82 42.91 3.55
C PRO VA 298 -101.64 41.50 4.08
N VAL VA 299 -102.24 41.21 5.22
CA VAL VA 299 -102.14 39.89 5.80
C VAL VA 299 -103.24 38.97 5.27
N GLY VA 300 -103.98 39.40 4.27
CA GLY VA 300 -105.04 38.58 3.74
C GLY VA 300 -104.70 37.98 2.40
N GLY VA 301 -105.14 38.66 1.34
CA GLY VA 301 -105.05 38.13 -0.01
C GLY VA 301 -103.65 37.92 -0.52
N LEU VA 302 -102.69 38.69 -0.02
CA LEU VA 302 -101.30 38.45 -0.39
C LEU VA 302 -100.72 37.24 0.34
N CYS VA 303 -101.34 36.79 1.43
CA CYS VA 303 -100.77 35.69 2.21
C CYS VA 303 -100.96 34.34 1.55
N HIS VA 304 -101.91 34.21 0.62
CA HIS VA 304 -102.24 32.90 0.08
C HIS VA 304 -101.15 32.34 -0.81
N TYR VA 305 -100.21 33.17 -1.23
CA TYR VA 305 -99.01 32.67 -1.86
C TYR VA 305 -97.80 33.23 -1.12
N LEU VA 306 -97.89 33.32 0.18
CA LEU VA 306 -96.77 33.95 0.84
C LEU VA 306 -96.12 33.06 1.89
N SER VA 307 -96.88 32.15 2.47
CA SER VA 307 -96.51 31.58 3.77
C SER VA 307 -96.89 30.10 3.79
N PRO VA 308 -96.53 29.33 4.82
CA PRO VA 308 -97.11 28.00 4.97
C PRO VA 308 -98.54 28.12 5.44
N PRO VA 309 -99.34 27.06 5.30
CA PRO VA 309 -100.73 27.10 5.79
C PRO VA 309 -100.91 26.75 7.27
N GLU VA 310 -99.83 26.48 8.01
CA GLU VA 310 -99.79 26.50 9.48
C GLU VA 310 -100.64 25.46 10.20
N SER VA 311 -101.36 24.61 9.47
CA SER VA 311 -102.37 23.75 10.07
C SER VA 311 -101.90 22.30 10.12
N PHE VA 312 -102.05 21.67 11.28
CA PHE VA 312 -101.73 20.26 11.44
C PHE VA 312 -102.70 19.39 10.64
N GLY VA 313 -103.91 19.90 10.42
CA GLY VA 313 -104.83 19.26 9.52
C GLY VA 313 -104.30 19.34 8.12
N SER VA 314 -103.88 18.19 7.57
CA SER VA 314 -103.30 18.12 6.24
C SER VA 314 -104.31 18.43 5.14
N VAL VA 315 -105.60 18.37 5.45
CA VAL VA 315 -106.64 18.61 4.46
C VAL VA 315 -107.30 19.89 4.95
N LEU VA 316 -106.50 20.84 5.44
CA LEU VA 316 -107.05 22.12 5.83
C LEU VA 316 -107.61 22.84 4.61
N GLU VA 317 -108.38 23.89 4.89
CA GLU VA 317 -109.39 24.44 3.98
C GLU VA 317 -108.84 25.05 2.70
N ASP VA 318 -107.54 24.97 2.43
CA ASP VA 318 -107.11 25.37 1.10
C ASP VA 318 -105.95 24.49 0.64
N PRO VA 319 -106.18 23.61 -0.34
CA PRO VA 319 -105.06 22.89 -0.94
C PRO VA 319 -104.20 23.72 -1.87
N VAL VA 320 -104.71 24.86 -2.36
CA VAL VA 320 -103.92 25.73 -3.23
C VAL VA 320 -102.71 26.25 -2.49
N HIS VA 321 -102.94 26.73 -1.27
CA HIS VA 321 -101.86 27.28 -0.48
C HIS VA 321 -100.83 26.23 -0.13
N ALA VA 322 -101.30 25.03 0.21
CA ALA VA 322 -100.39 23.94 0.57
C ALA VA 322 -99.53 23.52 -0.61
N VAL VA 323 -100.16 23.31 -1.78
CA VAL VA 323 -99.44 22.85 -2.96
C VAL VA 323 -98.43 23.89 -3.40
N VAL VA 324 -98.86 25.15 -3.50
CA VAL VA 324 -97.96 26.19 -3.96
C VAL VA 324 -96.87 26.44 -2.94
N TYR VA 325 -97.17 26.31 -1.65
CA TYR VA 325 -96.13 26.53 -0.66
C TYR VA 325 -95.07 25.44 -0.74
N ILE VA 326 -95.48 24.18 -0.87
CA ILE VA 326 -94.49 23.11 -0.90
C ILE VA 326 -93.69 23.14 -2.20
N VAL VA 327 -94.37 23.40 -3.32
CA VAL VA 327 -93.69 23.44 -4.61
C VAL VA 327 -92.73 24.62 -4.66
N PHE VA 328 -93.12 25.75 -4.08
CA PHE VA 328 -92.19 26.86 -4.01
C PHE VA 328 -91.02 26.55 -3.12
N MET VA 329 -91.24 25.82 -2.03
CA MET VA 329 -90.12 25.51 -1.15
C MET VA 329 -89.09 24.63 -1.84
N LEU VA 330 -89.57 23.54 -2.45
CA LEU VA 330 -88.70 22.62 -3.17
C LEU VA 330 -87.99 23.29 -4.32
N GLY VA 331 -88.76 23.98 -5.17
CA GLY VA 331 -88.17 24.63 -6.31
C GLY VA 331 -87.24 25.76 -5.93
N SER VA 332 -87.51 26.42 -4.82
CA SER VA 332 -86.70 27.55 -4.43
C SER VA 332 -85.34 27.09 -3.95
N CYS VA 333 -85.32 26.05 -3.11
CA CYS VA 333 -84.02 25.57 -2.68
C CYS VA 333 -83.23 24.90 -3.80
N ALA VA 334 -83.90 24.19 -4.72
CA ALA VA 334 -83.18 23.57 -5.84
C ALA VA 334 -82.63 24.63 -6.79
N PHE VA 335 -83.45 25.62 -7.12
CA PHE VA 335 -83.03 26.67 -8.04
C PHE VA 335 -81.93 27.52 -7.44
N PHE VA 336 -81.98 27.73 -6.13
CA PHE VA 336 -80.93 28.54 -5.54
C PHE VA 336 -79.69 27.75 -5.26
N SER VA 337 -79.78 26.43 -5.27
CA SER VA 337 -78.55 25.65 -5.40
C SER VA 337 -77.92 25.89 -6.75
N LYS VA 338 -78.62 25.52 -7.82
CA LYS VA 338 -78.09 25.59 -9.18
C LYS VA 338 -77.71 26.99 -9.60
N THR VA 339 -78.17 28.01 -8.90
CA THR VA 339 -77.59 29.33 -9.05
C THR VA 339 -76.58 29.65 -7.98
N TRP VA 340 -76.56 28.94 -6.86
CA TRP VA 340 -75.69 29.44 -5.82
C TRP VA 340 -74.25 29.02 -5.99
N ILE VA 341 -74.02 27.79 -6.44
CA ILE VA 341 -72.71 27.15 -6.44
C ILE VA 341 -71.70 27.90 -7.28
N GLU VA 342 -72.17 28.70 -8.23
CA GLU VA 342 -71.30 29.42 -9.12
C GLU VA 342 -70.60 30.59 -8.47
N VAL VA 343 -70.93 30.92 -7.22
CA VAL VA 343 -70.34 32.12 -6.66
C VAL VA 343 -69.51 31.80 -5.42
N SER VA 344 -70.11 31.15 -4.43
CA SER VA 344 -69.37 30.77 -3.23
C SER VA 344 -68.79 29.39 -3.44
N GLY VA 345 -67.88 29.31 -4.39
CA GLY VA 345 -66.95 28.20 -4.47
C GLY VA 345 -67.61 26.89 -4.82
N SER VA 346 -66.76 25.89 -4.90
CA SER VA 346 -67.12 24.49 -5.03
C SER VA 346 -67.98 24.20 -6.25
N SER VA 347 -67.93 25.04 -7.28
CA SER VA 347 -68.41 24.64 -8.59
C SER VA 347 -67.27 23.89 -9.28
N ALA VA 348 -67.50 23.50 -10.54
CA ALA VA 348 -66.61 22.56 -11.21
C ALA VA 348 -65.20 23.14 -11.37
N LYS VA 349 -65.10 24.35 -11.93
CA LYS VA 349 -63.81 25.02 -12.05
C LYS VA 349 -63.23 25.37 -10.69
N ASP VA 350 -64.08 25.65 -9.70
CA ASP VA 350 -63.60 25.98 -8.37
C ASP VA 350 -62.85 24.82 -7.76
N VAL VA 351 -63.46 23.65 -7.80
CA VAL VA 351 -62.85 22.46 -7.24
C VAL VA 351 -61.59 22.10 -8.01
N ALA VA 352 -61.64 22.25 -9.33
CA ALA VA 352 -60.48 21.90 -10.15
C ALA VA 352 -59.29 22.77 -9.82
N LYS VA 353 -59.49 24.07 -9.75
CA LYS VA 353 -58.37 24.94 -9.46
C LYS VA 353 -57.93 24.87 -8.02
N GLN VA 354 -58.81 24.48 -7.10
CA GLN VA 354 -58.30 24.26 -5.75
C GLN VA 354 -57.46 23.01 -5.68
N LEU VA 355 -57.82 21.97 -6.42
CA LEU VA 355 -57.06 20.73 -6.31
C LEU VA 355 -55.72 20.80 -7.03
N LYS VA 356 -55.71 21.39 -8.22
CA LYS VA 356 -54.44 21.72 -8.86
C LYS VA 356 -53.64 22.66 -7.99
N GLU VA 357 -54.30 23.59 -7.33
CA GLU VA 357 -53.64 24.52 -6.45
C GLU VA 357 -53.12 23.85 -5.20
N GLN VA 358 -53.64 22.68 -4.83
CA GLN VA 358 -53.07 21.93 -3.72
C GLN VA 358 -52.59 20.55 -4.16
N GLN VA 359 -52.33 20.36 -5.45
CA GLN VA 359 -51.51 19.28 -5.98
C GLN VA 359 -52.14 17.92 -5.70
N MET VA 360 -53.37 17.77 -6.18
CA MET VA 360 -54.14 16.57 -5.95
C MET VA 360 -54.82 16.21 -7.27
N VAL VA 361 -54.49 15.05 -7.81
CA VAL VA 361 -54.92 14.69 -9.16
C VAL VA 361 -55.64 13.35 -9.12
N MET VA 362 -56.80 13.30 -9.77
CA MET VA 362 -57.54 12.05 -9.87
C MET VA 362 -56.76 11.03 -10.69
N ARG VA 363 -56.79 9.81 -10.17
CA ARG VA 363 -56.11 8.65 -10.73
C ARG VA 363 -56.59 8.18 -12.08
N GLY VA 364 -57.90 8.22 -12.27
CA GLY VA 364 -58.50 7.70 -13.49
C GLY VA 364 -58.07 8.34 -14.78
N HIS VA 365 -57.90 9.65 -14.77
CA HIS VA 365 -57.54 10.40 -15.98
C HIS VA 365 -56.62 11.59 -15.73
N ARG VA 366 -56.41 12.37 -16.79
CA ARG VA 366 -55.55 13.56 -16.81
C ARG VA 366 -56.08 14.67 -15.90
N GLU VA 367 -55.21 15.57 -15.48
CA GLU VA 367 -55.60 16.59 -14.51
C GLU VA 367 -56.78 17.48 -14.89
N THR VA 368 -56.81 18.01 -16.10
CA THR VA 368 -57.96 18.83 -16.45
C THR VA 368 -59.03 18.04 -17.18
N SER VA 369 -59.13 16.75 -16.92
CA SER VA 369 -60.34 16.01 -17.13
C SER VA 369 -61.05 15.77 -15.82
N MET VA 370 -60.44 16.20 -14.72
CA MET VA 370 -61.06 16.11 -13.39
C MET VA 370 -62.40 16.83 -13.35
N VAL VA 371 -62.46 17.96 -14.05
CA VAL VA 371 -63.71 18.65 -14.33
C VAL VA 371 -64.74 17.67 -14.84
N HIS VA 372 -64.46 17.00 -15.94
CA HIS VA 372 -65.42 16.05 -16.44
C HIS VA 372 -65.47 14.78 -15.59
N GLU VA 373 -64.51 14.59 -14.70
CA GLU VA 373 -64.66 13.52 -13.72
C GLU VA 373 -65.77 13.87 -12.74
N LEU VA 374 -65.84 15.12 -12.28
CA LEU VA 374 -66.77 15.46 -11.21
C LEU VA 374 -67.85 16.44 -11.61
N ASN VA 375 -67.86 16.94 -12.85
CA ASN VA 375 -68.97 17.78 -13.27
C ASN VA 375 -70.28 17.01 -13.33
N ARG VA 376 -70.22 15.70 -13.38
CA ARG VA 376 -71.41 14.89 -13.27
C ARG VA 376 -71.73 14.53 -11.83
N TYR VA 377 -71.23 15.29 -10.87
CA TYR VA 377 -71.75 15.17 -9.52
C TYR VA 377 -72.22 16.48 -8.94
N ILE VA 378 -71.42 17.53 -9.08
CA ILE VA 378 -71.64 18.74 -8.31
C ILE VA 378 -72.96 19.46 -8.58
N PRO VA 379 -73.43 19.62 -9.84
CA PRO VA 379 -74.75 20.24 -10.00
C PRO VA 379 -75.89 19.45 -9.41
N THR VA 380 -75.91 18.14 -9.62
CA THR VA 380 -76.95 17.34 -9.01
C THR VA 380 -76.81 17.33 -7.50
N ALA VA 381 -75.58 17.25 -7.00
CA ALA VA 381 -75.38 17.37 -5.56
C ALA VA 381 -75.41 18.82 -5.11
N ALA VA 382 -75.60 19.74 -6.04
CA ALA VA 382 -76.24 20.98 -5.66
C ALA VA 382 -77.74 20.79 -5.58
N ALA VA 383 -78.33 20.35 -6.69
CA ALA VA 383 -79.76 20.51 -6.92
C ALA VA 383 -80.57 19.61 -6.01
N PHE VA 384 -80.31 18.31 -6.07
CA PHE VA 384 -80.81 17.39 -5.07
C PHE VA 384 -80.40 17.82 -3.68
N GLY VA 385 -79.18 18.33 -3.55
CA GLY VA 385 -78.73 18.86 -2.29
C GLY VA 385 -79.49 20.10 -1.88
N GLY VA 386 -79.97 20.85 -2.85
CA GLY VA 386 -80.99 21.82 -2.53
C GLY VA 386 -82.28 21.13 -2.14
N LEU VA 387 -82.76 20.25 -3.02
CA LEU VA 387 -84.16 19.85 -3.05
C LEU VA 387 -84.56 19.12 -1.80
N CYS VA 388 -83.84 18.03 -1.50
CA CYS VA 388 -84.16 17.27 -0.32
C CYS VA 388 -83.57 17.88 0.94
N ILE VA 389 -83.38 19.19 0.97
CA ILE VA 389 -83.46 19.88 2.24
C ILE VA 389 -84.83 20.49 2.44
N GLY VA 390 -85.35 21.15 1.41
CA GLY VA 390 -86.59 21.87 1.55
C GLY VA 390 -87.77 20.95 1.80
N ALA VA 391 -87.85 19.84 1.04
CA ALA VA 391 -88.81 18.79 1.33
C ALA VA 391 -88.57 18.22 2.71
N LEU VA 392 -87.32 18.15 3.14
CA LEU VA 392 -86.99 17.79 4.50
C LEU VA 392 -87.59 18.79 5.48
N SER VA 393 -87.51 20.08 5.16
CA SER VA 393 -88.18 21.04 6.01
C SER VA 393 -89.69 20.98 5.88
N VAL VA 394 -90.18 20.42 4.78
CA VAL VA 394 -91.58 20.02 4.72
C VAL VA 394 -91.89 19.05 5.84
N LEU VA 395 -91.04 18.05 6.01
CA LEU VA 395 -91.19 17.15 7.14
C LEU VA 395 -90.87 17.80 8.47
N ALA VA 396 -90.37 19.02 8.46
CA ALA VA 396 -90.23 19.76 9.69
C ALA VA 396 -91.48 20.53 10.07
N ASP VA 397 -92.33 20.77 9.06
CA ASP VA 397 -93.61 21.45 9.22
C ASP VA 397 -94.81 20.51 9.20
N PHE VA 398 -94.76 19.50 8.33
CA PHE VA 398 -95.88 18.57 8.17
C PHE VA 398 -96.15 17.85 9.47
N LEU VA 399 -95.07 17.61 10.20
CA LEU VA 399 -95.16 17.04 11.52
C LEU VA 399 -94.53 18.10 12.42
N GLY VA 400 -95.22 18.47 13.49
CA GLY VA 400 -94.69 19.48 14.39
C GLY VA 400 -93.76 18.95 15.47
N ALA VA 401 -92.65 18.36 15.06
CA ALA VA 401 -91.66 17.84 15.98
C ALA VA 401 -90.48 18.80 16.11
N ILE VA 402 -90.67 20.00 15.56
CA ILE VA 402 -89.68 21.03 15.51
C ILE VA 402 -89.95 22.12 16.51
N GLY VA 403 -88.94 22.48 17.29
CA GLY VA 403 -89.14 23.55 18.24
C GLY VA 403 -89.43 24.84 17.49
N SER VA 404 -88.67 25.11 16.44
CA SER VA 404 -88.88 26.31 15.63
C SER VA 404 -89.08 26.05 14.14
N GLY VA 405 -88.87 24.81 13.71
CA GLY VA 405 -89.02 24.46 12.31
C GLY VA 405 -87.83 24.69 11.40
N THR VA 406 -88.07 24.39 10.13
CA THR VA 406 -87.07 24.56 9.07
C THR VA 406 -85.80 25.17 9.61
N GLY VA 407 -85.93 26.36 10.19
CA GLY VA 407 -84.76 27.11 10.60
C GLY VA 407 -83.96 26.41 11.66
N ILE VA 408 -84.62 25.65 12.52
CA ILE VA 408 -83.90 24.99 13.59
C ILE VA 408 -83.17 23.78 13.06
N LEU VA 409 -83.83 23.00 12.19
CA LEU VA 409 -83.18 21.94 11.40
C LEU VA 409 -81.91 22.45 10.76
N LEU VA 410 -81.97 23.64 10.23
CA LEU VA 410 -80.86 24.08 9.43
C LEU VA 410 -79.80 24.84 10.19
N ALA VA 411 -80.14 25.45 11.30
CA ALA VA 411 -79.10 26.02 12.14
C ALA VA 411 -78.39 24.94 12.93
N VAL VA 412 -79.07 23.85 13.25
CA VAL VA 412 -78.27 22.79 13.84
C VAL VA 412 -77.48 22.08 12.77
N THR VA 413 -77.91 22.13 11.51
CA THR VA 413 -77.07 21.66 10.42
C THR VA 413 -75.81 22.49 10.28
N ILE VA 414 -75.95 23.80 10.47
CA ILE VA 414 -74.80 24.69 10.62
C ILE VA 414 -73.88 24.17 11.72
N ILE VA 415 -74.45 23.87 12.89
CA ILE VA 415 -73.63 23.34 13.99
C ILE VA 415 -72.93 22.05 13.60
N TYR VA 416 -73.60 21.21 12.83
CA TYR VA 416 -73.03 19.89 12.55
C TYR VA 416 -71.85 20.00 11.59
N GLN VA 417 -71.98 20.86 10.60
CA GLN VA 417 -70.85 21.17 9.73
C GLN VA 417 -69.80 21.89 10.60
N TYR VA 418 -70.26 22.69 11.56
CA TYR VA 418 -69.39 23.48 12.42
C TYR VA 418 -68.47 22.62 13.25
N PHE VA 419 -69.00 21.49 13.73
CA PHE VA 419 -68.20 20.55 14.48
C PHE VA 419 -67.09 19.99 13.58
N GLU VA 420 -67.39 19.71 12.32
CA GLU VA 420 -66.39 19.21 11.42
C GLU VA 420 -65.31 20.26 11.26
N ILE VA 421 -65.70 21.52 11.09
CA ILE VA 421 -64.71 22.56 10.92
C ILE VA 421 -63.80 22.67 12.13
N PHE VA 422 -64.38 22.64 13.32
CA PHE VA 422 -63.52 22.75 14.50
C PHE VA 422 -62.59 21.56 14.67
N VAL VA 423 -63.13 20.37 14.41
CA VAL VA 423 -62.39 19.13 14.56
C VAL VA 423 -61.23 19.12 13.60
N LYS VA 424 -61.46 19.66 12.42
CA LYS VA 424 -60.42 19.66 11.39
C LYS VA 424 -59.04 20.01 11.95
N GLU VA 425 -58.94 21.07 12.71
CA GLU VA 425 -57.64 21.44 13.27
C GLU VA 425 -57.30 20.66 14.53
N GLN VA 426 -58.23 19.82 15.00
CA GLN VA 426 -58.03 18.86 16.09
C GLN VA 426 -57.57 19.53 17.40
N PHE WA 1 -90.08 19.37 -24.21
CA PHE WA 1 -90.25 20.23 -23.04
C PHE WA 1 -90.45 19.38 -21.79
N VAL WA 2 -90.68 18.09 -22.00
CA VAL WA 2 -90.97 17.17 -20.92
C VAL WA 2 -89.72 16.41 -20.44
N GLU WA 3 -88.73 16.21 -21.30
CA GLU WA 3 -87.58 15.36 -21.01
C GLU WA 3 -86.54 15.83 -19.99
N PRO WA 4 -86.27 17.12 -19.78
CA PRO WA 4 -85.40 17.48 -18.64
C PRO WA 4 -85.94 17.07 -17.29
N SER WA 5 -87.25 16.90 -17.16
CA SER WA 5 -87.79 16.26 -15.98
C SER WA 5 -87.29 14.83 -15.83
N ARG WA 6 -87.34 14.07 -16.93
CA ARG WA 6 -86.80 12.72 -16.93
C ARG WA 6 -85.32 12.71 -16.62
N GLN WA 7 -84.61 13.71 -17.14
CA GLN WA 7 -83.18 13.82 -16.90
C GLN WA 7 -82.87 14.04 -15.44
N PHE WA 8 -83.59 14.94 -14.80
CA PHE WA 8 -83.25 15.17 -13.40
C PHE WA 8 -83.72 14.05 -12.52
N VAL WA 9 -84.85 13.42 -12.85
CA VAL WA 9 -85.32 12.36 -11.98
C VAL WA 9 -84.45 11.12 -12.12
N LYS WA 10 -83.85 10.90 -13.27
CA LYS WA 10 -82.92 9.79 -13.37
C LYS WA 10 -81.57 10.22 -12.83
N ASP WA 11 -81.32 11.52 -12.87
CA ASP WA 11 -80.05 12.05 -12.43
C ASP WA 11 -79.93 11.97 -10.92
N SER WA 12 -81.05 12.10 -10.23
CA SER WA 12 -81.06 11.92 -8.78
C SER WA 12 -80.72 10.50 -8.40
N ILE WA 13 -81.38 9.55 -9.06
CA ILE WA 13 -81.25 8.15 -8.70
C ILE WA 13 -79.88 7.63 -9.08
N ARG WA 14 -79.17 8.35 -9.94
CA ARG WA 14 -77.74 8.10 -10.05
C ARG WA 14 -77.03 8.37 -8.74
N LEU WA 15 -76.98 9.62 -8.29
CA LEU WA 15 -76.07 9.95 -7.22
C LEU WA 15 -76.58 9.54 -5.86
N VAL WA 16 -77.79 8.99 -5.75
CA VAL WA 16 -78.13 8.45 -4.44
C VAL WA 16 -77.30 7.23 -4.13
N LYS WA 17 -76.98 6.42 -5.13
CA LYS WA 17 -76.30 5.17 -4.85
C LYS WA 17 -74.81 5.38 -4.71
N ARG WA 18 -74.28 6.43 -5.32
CA ARG WA 18 -72.86 6.69 -5.27
C ARG WA 18 -72.43 7.17 -3.90
N CYS WA 19 -73.37 7.70 -3.12
CA CYS WA 19 -73.03 8.15 -1.79
C CYS WA 19 -72.80 6.97 -0.88
N THR WA 20 -72.11 7.23 0.22
CA THR WA 20 -71.55 6.13 1.00
C THR WA 20 -72.50 5.55 2.04
N LYS WA 21 -73.59 6.25 2.43
CA LYS WA 21 -74.63 5.78 3.36
C LYS WA 21 -74.09 5.30 4.70
N PRO WA 22 -73.80 6.19 5.66
CA PRO WA 22 -73.04 5.82 6.87
C PRO WA 22 -73.72 4.77 7.71
N ASP WA 23 -72.93 4.10 8.55
CA ASP WA 23 -73.41 2.98 9.34
C ASP WA 23 -73.30 3.33 10.82
N ARG WA 24 -73.49 2.34 11.69
CA ARG WA 24 -73.76 2.51 13.12
C ARG WA 24 -72.63 3.18 13.90
N LYS WA 25 -71.54 3.57 13.25
CA LYS WA 25 -70.34 4.05 13.91
C LYS WA 25 -70.14 5.55 13.79
N GLU WA 26 -70.19 6.07 12.58
CA GLU WA 26 -69.93 7.49 12.37
C GLU WA 26 -71.15 8.30 12.72
N PHE WA 27 -72.32 7.73 12.38
CA PHE WA 27 -73.60 8.22 12.87
C PHE WA 27 -73.59 8.35 14.37
N GLN WA 28 -73.06 7.34 15.06
CA GLN WA 28 -72.96 7.37 16.51
C GLN WA 28 -72.11 8.52 16.99
N LYS WA 29 -70.96 8.73 16.33
CA LYS WA 29 -70.02 9.75 16.79
C LYS WA 29 -70.57 11.14 16.60
N ILE WA 30 -71.01 11.47 15.39
CA ILE WA 30 -71.52 12.82 15.20
C ILE WA 30 -72.86 12.99 15.92
N ALA WA 31 -73.61 11.90 16.12
CA ALA WA 31 -74.87 11.94 16.82
C ALA WA 31 -74.70 12.40 18.25
N MET WA 32 -74.02 11.59 19.06
CA MET WA 32 -73.89 11.93 20.47
C MET WA 32 -72.99 13.15 20.68
N ALA WA 33 -71.86 13.20 19.95
CA ALA WA 33 -70.94 14.31 20.11
C ALA WA 33 -71.54 15.62 19.67
N THR WA 34 -72.48 15.61 18.72
CA THR WA 34 -72.96 16.90 18.29
C THR WA 34 -74.27 17.29 18.94
N ALA WA 35 -75.00 16.35 19.54
CA ALA WA 35 -76.00 16.77 20.50
C ALA WA 35 -75.33 17.40 21.72
N ILE WA 36 -74.17 16.85 22.12
CA ILE WA 36 -73.38 17.47 23.19
C ILE WA 36 -72.93 18.87 22.77
N GLY WA 37 -72.45 19.00 21.54
CA GLY WA 37 -72.09 20.30 21.03
C GLY WA 37 -73.27 21.26 20.94
N PHE WA 38 -74.46 20.72 20.67
CA PHE WA 38 -75.67 21.53 20.70
C PHE WA 38 -75.92 22.08 22.09
N ALA WA 39 -75.90 21.22 23.10
CA ALA WA 39 -76.22 21.65 24.44
C ALA WA 39 -75.12 22.51 25.03
N ILE WA 40 -73.92 22.47 24.44
CA ILE WA 40 -72.93 23.50 24.73
C ILE WA 40 -73.46 24.87 24.35
N MET WA 41 -74.08 24.97 23.19
CA MET WA 41 -74.73 26.23 22.86
C MET WA 41 -76.09 26.36 23.49
N GLY WA 42 -76.55 25.33 24.18
CA GLY WA 42 -77.95 25.23 24.54
C GLY WA 42 -78.34 25.83 25.87
N PHE WA 43 -77.63 25.51 26.95
CA PHE WA 43 -78.04 25.94 28.29
C PHE WA 43 -77.95 27.44 28.48
N ILE WA 44 -77.17 28.10 27.62
CA ILE WA 44 -77.14 29.55 27.44
C ILE WA 44 -78.53 30.19 27.41
N GLY WA 45 -79.50 29.52 26.80
CA GLY WA 45 -80.88 29.97 26.92
C GLY WA 45 -81.43 29.84 28.32
N PHE WA 46 -81.02 28.81 29.05
CA PHE WA 46 -81.47 28.76 30.43
C PHE WA 46 -80.77 29.80 31.29
N PHE WA 47 -79.69 30.35 30.79
CA PHE WA 47 -79.09 31.40 31.61
C PHE WA 47 -79.54 32.79 31.21
N VAL WA 48 -79.99 32.98 29.97
CA VAL WA 48 -80.77 34.19 29.76
C VAL WA 48 -82.17 34.06 30.38
N LYS WA 49 -82.65 32.83 30.58
CA LYS WA 49 -83.81 32.57 31.42
C LYS WA 49 -83.55 33.05 32.85
N LEU WA 50 -82.47 32.56 33.46
CA LEU WA 50 -82.18 32.88 34.85
C LEU WA 50 -81.82 34.34 35.05
N ILE WA 51 -81.45 35.06 33.99
CA ILE WA 51 -81.00 36.43 34.18
C ILE WA 51 -81.98 37.46 33.65
N HIS WA 52 -82.32 37.41 32.36
CA HIS WA 52 -82.72 38.64 31.69
C HIS WA 52 -84.21 38.95 31.84
N ILE WA 53 -85.01 38.00 32.31
CA ILE WA 53 -86.35 38.32 32.79
C ILE WA 53 -86.36 38.89 34.21
N PRO WA 54 -85.63 38.36 35.20
CA PRO WA 54 -85.58 39.07 36.48
C PRO WA 54 -84.90 40.42 36.44
N ILE WA 55 -83.92 40.62 35.57
CA ILE WA 55 -83.39 41.98 35.50
C ILE WA 55 -84.30 42.86 34.66
N ASN WA 56 -85.18 42.26 33.86
CA ASN WA 56 -86.22 43.06 33.25
C ASN WA 56 -87.27 43.47 34.26
N ASN WA 57 -87.46 42.66 35.30
CA ASN WA 57 -88.24 43.11 36.45
C ASN WA 57 -87.56 44.29 37.14
N ILE WA 58 -86.23 44.23 37.24
CA ILE WA 58 -85.47 45.38 37.76
C ILE WA 58 -85.64 46.58 36.85
N ILE WA 59 -85.70 46.34 35.55
CA ILE WA 59 -85.85 47.40 34.57
C ILE WA 59 -87.21 48.09 34.69
N VAL WA 60 -88.30 47.33 34.65
CA VAL WA 60 -89.61 47.95 34.60
C VAL WA 60 -90.01 48.47 35.98
N GLY WA 61 -89.57 47.79 37.04
CA GLY WA 61 -89.98 48.19 38.38
C GLY WA 61 -89.34 49.49 38.83
N GLY WA 62 -88.20 49.84 38.26
CA GLY WA 62 -87.52 51.07 38.61
C GLY WA 62 -87.35 52.03 37.45
N VAL XA 1 -59.35 42.17 15.55
CA VAL XA 1 -59.23 42.84 16.83
C VAL XA 1 -57.78 42.74 17.24
N GLY XA 2 -56.96 43.64 16.72
CA GLY XA 2 -55.59 43.72 17.16
C GLY XA 2 -55.69 44.08 18.65
N PRO XA 3 -56.66 44.97 18.96
CA PRO XA 3 -57.12 45.58 20.20
C PRO XA 3 -58.46 45.01 20.66
N VAL XA 4 -58.69 45.11 21.97
CA VAL XA 4 -59.91 44.65 22.62
C VAL XA 4 -60.98 45.72 22.88
N PRO XA 5 -60.72 47.00 22.53
CA PRO XA 5 -61.70 48.07 22.70
C PRO XA 5 -63.02 47.88 21.96
N VAL XA 6 -63.00 47.19 20.82
CA VAL XA 6 -64.23 46.96 20.08
C VAL XA 6 -65.17 46.23 21.02
N LEU XA 7 -64.65 45.28 21.78
CA LEU XA 7 -65.49 44.61 22.76
C LEU XA 7 -65.92 45.57 23.84
N VAL XA 8 -64.94 46.32 24.33
CA VAL XA 8 -65.15 47.30 25.37
C VAL XA 8 -66.14 48.30 24.80
N MET XA 9 -66.02 48.57 23.51
CA MET XA 9 -66.92 49.50 22.85
C MET XA 9 -68.36 48.96 22.95
N SER XA 10 -68.53 47.66 22.72
CA SER XA 10 -69.84 47.03 22.81
C SER XA 10 -70.38 47.12 24.22
N LEU XA 11 -69.50 46.93 25.20
CA LEU XA 11 -69.87 47.01 26.61
C LEU XA 11 -70.34 48.42 26.95
N LEU XA 12 -69.65 49.41 26.40
CA LEU XA 12 -70.00 50.80 26.59
C LEU XA 12 -71.37 51.05 26.01
N PHE XA 13 -71.63 50.49 24.83
CA PHE XA 13 -72.92 50.65 24.21
C PHE XA 13 -74.01 50.03 25.08
N ILE XA 14 -73.78 48.85 25.63
CA ILE XA 14 -74.81 48.25 26.49
C ILE XA 14 -75.04 49.09 27.74
N ALA XA 15 -73.97 49.64 28.29
CA ALA XA 15 -74.08 50.48 29.49
C ALA XA 15 -74.89 51.72 29.16
N SER XA 16 -74.65 52.29 27.98
CA SER XA 16 -75.37 53.46 27.54
C SER XA 16 -76.82 53.04 27.48
N VAL XA 17 -77.09 51.83 27.00
CA VAL XA 17 -78.47 51.40 26.97
C VAL XA 17 -78.97 51.10 28.38
N PHE XA 18 -78.18 50.36 29.14
CA PHE XA 18 -78.42 49.94 30.51
C PHE XA 18 -78.73 51.12 31.42
N MET XA 19 -77.83 52.10 31.43
CA MET XA 19 -77.98 53.24 32.31
C MET XA 19 -79.03 54.20 31.79
N LEU XA 20 -79.05 54.43 30.48
CA LEU XA 20 -79.94 55.40 29.88
C LEU XA 20 -81.36 54.87 29.87
N HIS XA 21 -81.51 53.56 30.06
CA HIS XA 21 -82.83 52.98 30.15
C HIS XA 21 -83.50 53.38 31.45
N ILE XA 22 -82.80 53.20 32.57
CA ILE XA 22 -83.36 53.57 33.85
C ILE XA 22 -83.18 55.05 34.14
N TRP XA 23 -82.35 55.75 33.37
CA TRP XA 23 -82.05 57.15 33.67
C TRP XA 23 -83.26 58.03 33.43
N GLY XA 24 -83.97 57.81 32.33
CA GLY XA 24 -85.24 58.50 32.14
C GLY XA 24 -86.31 57.96 33.07
N LYS XA 25 -86.17 56.69 33.47
CA LYS XA 25 -87.16 56.09 34.35
C LYS XA 25 -86.95 56.54 35.80
N TYR XA 26 -85.84 57.24 36.06
CA TYR XA 26 -85.62 57.86 37.35
C TYR XA 26 -86.72 58.84 37.71
N THR XA 27 -87.07 59.73 36.78
CA THR XA 27 -88.07 60.75 37.11
C THR XA 27 -89.48 60.16 37.11
N ARG XA 28 -89.65 58.99 36.51
CA ARG XA 28 -90.95 58.32 36.51
C ARG XA 28 -91.03 57.30 37.62
N SER XA 29 -92.24 56.76 37.81
CA SER XA 29 -92.45 55.66 38.75
C SER XA 29 -93.74 54.93 38.38
N GLU YA 1 -61.43 31.37 103.11
CA GLU YA 1 -62.18 30.94 101.93
C GLU YA 1 -61.46 31.01 100.57
N PRO YA 2 -60.56 31.97 100.31
CA PRO YA 2 -59.67 31.78 99.15
C PRO YA 2 -58.75 30.58 99.32
N LEU YA 3 -58.43 30.23 100.57
CA LEU YA 3 -57.73 28.99 100.85
C LEU YA 3 -58.52 27.78 100.37
N LEU YA 4 -59.85 27.81 100.56
CA LEU YA 4 -60.72 26.75 100.10
C LEU YA 4 -60.65 26.58 98.59
N VAL YA 5 -60.62 27.69 97.87
CA VAL YA 5 -60.68 27.65 96.41
C VAL YA 5 -59.34 27.20 95.84
N VAL YA 6 -58.24 27.73 96.40
CA VAL YA 6 -56.92 27.33 95.94
C VAL YA 6 -56.66 25.86 96.26
N ALA YA 7 -57.11 25.40 97.42
CA ALA YA 7 -56.97 23.99 97.76
C ALA YA 7 -57.83 23.11 96.84
N ALA YA 8 -59.01 23.61 96.47
CA ALA YA 8 -59.89 22.85 95.57
C ALA YA 8 -59.27 22.72 94.19
N PHE YA 9 -58.72 23.80 93.65
CA PHE YA 9 -58.13 23.67 92.32
C PHE YA 9 -56.80 22.90 92.38
N TYR YA 10 -56.10 22.97 93.51
CA TYR YA 10 -54.85 22.22 93.59
C TYR YA 10 -55.11 20.73 93.68
N ILE YA 11 -56.19 20.31 94.35
CA ILE YA 11 -56.50 18.89 94.35
C ILE YA 11 -57.11 18.47 93.02
N LEU YA 12 -57.72 19.43 92.29
CA LEU YA 12 -58.10 19.17 90.90
C LEU YA 12 -56.89 18.83 90.03
N PHE YA 13 -55.85 19.66 90.10
CA PHE YA 13 -54.69 19.34 89.28
C PHE YA 13 -53.89 18.19 89.88
N PHE YA 14 -54.10 17.91 91.17
CA PHE YA 14 -53.51 16.71 91.76
C PHE YA 14 -54.15 15.45 91.17
N THR YA 15 -55.44 15.50 90.90
CA THR YA 15 -56.10 14.39 90.20
C THR YA 15 -55.60 14.30 88.76
N VAL YA 16 -55.30 15.45 88.16
CA VAL YA 16 -54.65 15.43 86.83
C VAL YA 16 -53.29 14.75 86.89
N ILE YA 17 -52.52 15.04 87.94
CA ILE YA 17 -51.20 14.44 88.17
C ILE YA 17 -51.33 12.93 88.33
N ILE YA 18 -52.35 12.50 89.07
CA ILE YA 18 -52.64 11.08 89.22
C ILE YA 18 -52.94 10.46 87.86
N TYR YA 19 -53.68 11.17 87.02
CA TYR YA 19 -54.08 10.60 85.74
C TYR YA 19 -52.91 10.51 84.77
N VAL YA 20 -51.93 11.40 84.89
CA VAL YA 20 -50.84 11.37 83.91
C VAL YA 20 -49.73 10.44 84.35
N ARG YA 21 -49.58 10.23 85.66
CA ARG YA 21 -48.50 9.41 86.20
C ARG YA 21 -48.85 7.93 86.19
N LEU YA 22 -50.14 7.60 86.28
CA LEU YA 22 -50.62 6.24 86.40
C LEU YA 22 -50.36 5.46 85.11
N ASP YA 23 -49.56 4.41 85.25
CA ASP YA 23 -49.29 3.48 84.14
C ASP YA 23 -50.43 2.48 84.11
N PHE YA 24 -51.57 2.90 83.58
CA PHE YA 24 -52.72 2.03 83.42
C PHE YA 24 -52.85 1.77 81.94
N SER YA 25 -52.13 0.77 81.47
CA SER YA 25 -52.27 0.31 80.10
C SER YA 25 -52.76 -1.12 80.13
N ILE YA 26 -52.87 -1.70 78.94
CA ILE YA 26 -53.36 -3.06 78.85
C ILE YA 26 -52.23 -3.99 78.42
N THR YA 27 -51.70 -3.74 77.22
CA THR YA 27 -50.54 -4.46 76.69
C THR YA 27 -49.43 -3.44 76.51
N LYS YA 28 -48.32 -3.89 75.95
CA LYS YA 28 -47.10 -3.11 76.09
C LYS YA 28 -46.25 -2.96 74.83
N ASP YA 29 -46.44 -3.79 73.81
CA ASP YA 29 -45.43 -3.86 72.74
C ASP YA 29 -45.38 -2.68 71.76
N PRO YA 30 -46.48 -2.05 71.32
CA PRO YA 30 -46.28 -0.77 70.64
C PRO YA 30 -45.93 0.33 71.61
N ALA YA 31 -46.34 0.19 72.87
CA ALA YA 31 -45.85 1.08 73.91
C ALA YA 31 -44.37 0.85 74.13
N ALA YA 32 -43.90 -0.38 73.89
CA ALA YA 32 -42.48 -0.66 73.87
C ALA YA 32 -41.84 -0.12 72.60
N GLU YA 33 -42.62 0.33 71.66
CA GLU YA 33 -42.12 1.05 70.50
C GLU YA 33 -42.34 2.54 70.62
N ALA YA 34 -43.57 2.96 70.95
CA ALA YA 34 -43.90 4.36 71.07
C ALA YA 34 -43.11 5.02 72.19
N ARG YA 35 -43.01 4.35 73.34
CA ARG YA 35 -42.37 4.98 74.49
C ARG YA 35 -40.85 4.99 74.35
N MET YA 36 -40.29 3.98 73.70
CA MET YA 36 -38.87 4.04 73.32
C MET YA 36 -38.61 5.21 72.38
N LYS YA 37 -39.44 5.35 71.35
CA LYS YA 37 -39.23 6.44 70.39
C LYS YA 37 -39.58 7.78 71.03
N VAL YA 38 -40.42 7.75 72.07
CA VAL YA 38 -40.69 8.96 72.84
C VAL YA 38 -39.46 9.35 73.65
N ALA YA 39 -38.80 8.37 74.25
CA ALA YA 39 -37.52 8.60 74.90
C ALA YA 39 -36.49 9.08 73.90
N CYS YA 40 -36.53 8.54 72.68
CA CYS YA 40 -35.69 9.01 71.59
C CYS YA 40 -35.95 10.49 71.30
N ILE YA 41 -37.21 10.88 71.32
CA ILE YA 41 -37.57 12.28 71.09
C ILE YA 41 -37.06 13.17 72.22
N THR YA 42 -37.16 12.70 73.47
CA THR YA 42 -36.56 13.41 74.61
C THR YA 42 -35.08 13.60 74.40
N GLU YA 43 -34.43 12.55 73.92
CA GLU YA 43 -32.99 12.59 73.71
C GLU YA 43 -32.64 13.53 72.57
N GLN YA 44 -33.49 13.62 71.56
CA GLN YA 44 -33.27 14.52 70.43
C GLN YA 44 -33.38 15.98 70.87
N VAL YA 45 -34.36 16.25 71.70
CA VAL YA 45 -34.54 17.59 72.27
C VAL YA 45 -33.34 17.90 73.15
N LEU YA 46 -32.85 16.88 73.87
CA LEU YA 46 -31.63 17.05 74.66
C LEU YA 46 -30.44 17.37 73.77
N THR YA 47 -30.38 16.78 72.58
CA THR YA 47 -29.26 17.06 71.68
C THR YA 47 -29.30 18.49 71.18
N LEU YA 48 -30.49 18.97 70.81
CA LEU YA 48 -30.58 20.38 70.42
C LEU YA 48 -30.31 21.30 71.59
N VAL YA 49 -30.69 20.87 72.80
CA VAL YA 49 -30.35 21.60 74.02
C VAL YA 49 -28.84 21.67 74.20
N ASN YA 50 -28.15 20.57 73.95
CA ASN YA 50 -26.71 20.52 74.12
C ASN YA 50 -25.99 21.33 73.06
N LYS YA 51 -26.51 21.33 71.83
CA LYS YA 51 -26.04 22.24 70.79
C LYS YA 51 -26.13 23.67 71.24
N ARG YA 52 -27.30 24.07 71.72
CA ARG YA 52 -27.55 25.45 72.14
C ARG YA 52 -26.63 25.85 73.29
N ILE YA 53 -26.46 24.96 74.26
CA ILE YA 53 -25.64 25.26 75.44
C ILE YA 53 -24.18 25.41 75.04
N GLY YA 54 -23.68 24.47 74.22
CA GLY YA 54 -22.31 24.57 73.75
C GLY YA 54 -22.07 25.83 72.93
N LEU YA 55 -23.03 26.16 72.07
CA LEU YA 55 -22.86 27.31 71.19
C LEU YA 55 -22.96 28.64 71.92
N TYR YA 56 -23.83 28.74 72.93
CA TYR YA 56 -23.84 29.97 73.71
C TYR YA 56 -22.62 30.07 74.60
N ARG YA 57 -22.01 28.95 74.98
CA ARG YA 57 -20.73 29.07 75.66
C ARG YA 57 -19.61 29.43 74.70
N HIS YA 58 -19.74 29.05 73.42
CA HIS YA 58 -18.80 29.55 72.41
C HIS YA 58 -18.91 31.06 72.26
N PHE YA 59 -20.13 31.56 72.25
CA PHE YA 59 -20.27 33.01 72.24
C PHE YA 59 -19.92 33.66 73.57
N ASP YA 60 -19.97 32.92 74.68
CA ASP YA 60 -19.42 33.44 75.93
C ASP YA 60 -17.91 33.59 75.84
N GLU YA 61 -17.25 32.68 75.13
CA GLU YA 61 -15.83 32.85 74.89
C GLU YA 61 -15.56 33.99 73.93
N THR YA 62 -16.51 34.29 73.04
CA THR YA 62 -16.36 35.52 72.28
C THR YA 62 -16.65 36.75 73.13
N ILE YA 63 -17.35 36.58 74.25
CA ILE YA 63 -17.56 37.70 75.16
C ILE YA 63 -16.29 37.98 75.96
N ASN YA 64 -15.68 36.93 76.52
CA ASN YA 64 -14.56 37.10 77.45
C ASN YA 64 -13.26 37.54 76.79
N ARG YA 65 -13.24 37.81 75.48
CA ARG YA 65 -11.97 38.03 74.81
C ARG YA 65 -11.63 39.50 74.63
N TYR YA 66 -12.58 40.34 74.24
CA TYR YA 66 -12.25 41.71 73.89
C TYR YA 66 -12.82 42.72 74.86
N LYS YA 67 -13.79 42.34 75.69
CA LYS YA 67 -14.26 43.25 76.71
C LYS YA 67 -13.26 43.35 77.85
N GLN YA 68 -12.50 42.28 78.07
CA GLN YA 68 -11.30 42.36 78.90
C GLN YA 68 -10.15 43.03 78.18
N SER YA 69 -10.27 43.21 76.85
CA SER YA 69 -9.20 43.62 75.94
C SER YA 69 -8.02 42.65 75.97
N ARG YA 70 -8.27 41.42 76.40
CA ARG YA 70 -7.26 40.39 76.63
C ARG YA 70 -7.98 39.09 76.92
N ASP YA 71 -7.23 38.00 76.82
CA ASP YA 71 -7.76 36.66 77.04
C ASP YA 71 -7.27 36.15 78.37
N VAL YA 72 -8.17 36.01 79.34
CA VAL YA 72 -7.80 35.31 80.57
C VAL YA 72 -7.66 33.83 80.25
N SER YA 73 -6.51 33.27 80.61
CA SER YA 73 -6.08 31.98 80.08
C SER YA 73 -6.68 30.81 80.85
N THR YA 74 -6.75 30.93 82.18
CA THR YA 74 -7.37 29.90 83.00
C THR YA 74 -8.84 29.73 82.67
N LEU YA 75 -9.53 30.82 82.36
CA LEU YA 75 -10.96 30.76 82.12
C LEU YA 75 -11.24 30.26 80.71
N ASN YA 76 -10.40 30.65 79.73
CA ASN YA 76 -10.51 30.11 78.38
C ASN YA 76 -10.25 28.61 78.36
N SER YA 77 -9.18 28.16 79.03
CA SER YA 77 -8.89 26.74 79.11
C SER YA 77 -10.00 25.98 79.84
N GLY YA 78 -10.56 26.59 80.89
CA GLY YA 78 -11.66 25.94 81.59
C GLY YA 78 -12.91 25.80 80.75
N LYS YA 79 -13.26 26.86 80.01
CA LYS YA 79 -14.47 26.79 79.18
C LYS YA 79 -14.29 25.83 78.01
N LYS YA 80 -13.10 25.82 77.41
CA LYS YA 80 -12.86 24.88 76.32
C LYS YA 80 -12.81 23.45 76.83
N SER YA 81 -12.34 23.26 78.07
CA SER YA 81 -12.35 21.94 78.69
C SER YA 81 -13.78 21.48 78.95
N LEU YA 82 -14.62 22.37 79.49
CA LEU YA 82 -16.01 22.05 79.75
C LEU YA 82 -16.76 21.77 78.45
N GLU YA 83 -16.43 22.51 77.39
CA GLU YA 83 -17.07 22.27 76.10
C GLU YA 83 -16.66 20.93 75.53
N THR YA 84 -15.39 20.54 75.71
CA THR YA 84 -14.99 19.20 75.30
C THR YA 84 -15.68 18.12 76.11
N GLU YA 85 -15.87 18.35 77.42
CA GLU YA 85 -16.55 17.38 78.28
C GLU YA 85 -17.99 17.17 77.87
N HIS YA 86 -18.70 18.25 77.61
CA HIS YA 86 -20.09 18.11 77.21
C HIS YA 86 -20.24 17.64 75.76
N LYS YA 87 -19.27 17.91 74.89
CA LYS YA 87 -19.33 17.29 73.58
C LYS YA 87 -19.05 15.80 73.66
N ALA YA 88 -18.23 15.39 74.62
CA ALA YA 88 -18.08 13.97 74.92
C ALA YA 88 -19.41 13.39 75.40
N LEU YA 89 -20.16 14.17 76.17
CA LEU YA 89 -21.49 13.73 76.60
C LEU YA 89 -22.45 13.60 75.43
N THR YA 90 -22.38 14.52 74.47
CA THR YA 90 -23.22 14.42 73.27
C THR YA 90 -22.87 13.20 72.47
N SER YA 91 -21.58 12.90 72.37
CA SER YA 91 -21.14 11.69 71.68
C SER YA 91 -21.63 10.45 72.39
N GLU YA 92 -21.60 10.46 73.73
CA GLU YA 92 -22.12 9.36 74.53
C GLU YA 92 -23.58 9.09 74.21
N ILE YA 93 -24.40 10.12 74.38
CA ILE YA 93 -25.84 10.01 74.15
C ILE YA 93 -26.12 9.63 72.71
N ALA YA 94 -25.40 10.25 71.78
CA ALA YA 94 -25.62 10.05 70.36
C ALA YA 94 -25.31 8.62 69.94
N SER YA 95 -24.13 8.13 70.28
CA SER YA 95 -23.71 6.80 69.89
C SER YA 95 -24.55 5.73 70.57
N LEU YA 96 -24.61 5.80 71.91
CA LEU YA 96 -25.33 4.80 72.69
C LEU YA 96 -26.78 4.73 72.30
N GLN YA 97 -27.40 5.86 72.01
CA GLN YA 97 -28.82 5.86 71.77
C GLN YA 97 -29.13 6.00 70.30
N SER YA 98 -28.11 5.87 69.45
CA SER YA 98 -28.32 5.49 68.07
C SER YA 98 -28.42 3.99 67.95
N ARG YA 99 -27.37 3.28 68.38
CA ARG YA 99 -27.41 1.82 68.27
C ARG YA 99 -28.36 1.20 69.29
N LEU YA 100 -28.66 1.92 70.38
CA LEU YA 100 -29.58 1.46 71.40
C LEU YA 100 -31.01 1.39 70.88
N LYS YA 101 -31.29 2.11 69.80
CA LYS YA 101 -32.56 1.97 69.11
C LYS YA 101 -32.66 0.57 68.51
N THR YA 102 -33.87 0.19 68.18
CA THR YA 102 -34.03 -0.90 67.23
C THR YA 102 -34.12 -0.40 65.81
N GLU YA 103 -33.96 0.90 65.57
CA GLU YA 103 -33.97 1.48 64.23
C GLU YA 103 -32.62 2.03 63.79
N GLY YA 104 -32.04 2.94 64.55
CA GLY YA 104 -30.87 3.64 64.05
C GLY YA 104 -31.27 4.95 63.40
N SER YA 105 -31.25 5.02 62.06
CA SER YA 105 -31.72 6.17 61.28
C SER YA 105 -31.01 7.47 61.65
N ASP YA 106 -29.76 7.36 62.08
CA ASP YA 106 -29.02 8.55 62.46
C ASP YA 106 -27.52 8.47 62.18
N LEU YA 107 -27.10 7.81 61.10
CA LEU YA 107 -25.70 7.89 60.67
C LEU YA 107 -25.32 9.35 60.38
N CYS YA 108 -25.90 9.92 59.30
CA CYS YA 108 -25.53 11.27 58.84
C CYS YA 108 -25.93 12.34 59.86
N ASP YA 109 -26.97 12.05 60.65
CA ASP YA 109 -27.35 12.90 61.77
C ASP YA 109 -26.18 13.13 62.69
N LYS YA 110 -25.75 12.07 63.38
CA LYS YA 110 -24.74 12.20 64.40
C LYS YA 110 -23.37 12.46 63.83
N VAL YA 111 -23.13 12.09 62.57
CA VAL YA 111 -21.88 12.46 61.91
C VAL YA 111 -21.81 13.97 61.73
N SER YA 112 -22.86 14.58 61.16
CA SER YA 112 -22.86 16.02 60.97
C SER YA 112 -22.85 16.76 62.31
N GLU YA 113 -23.53 16.18 63.32
CA GLU YA 113 -23.50 16.68 64.70
C GLU YA 113 -22.09 16.83 65.20
N MET YA 114 -21.39 15.71 65.32
CA MET YA 114 -20.11 15.73 66.00
C MET YA 114 -19.04 16.41 65.14
N GLN YA 115 -19.14 16.32 63.81
CA GLN YA 115 -18.19 17.01 62.95
C GLN YA 115 -18.32 18.51 63.04
N LYS YA 116 -19.55 19.01 63.20
CA LYS YA 116 -19.63 20.45 63.30
C LYS YA 116 -19.37 20.92 64.72
N LEU YA 117 -19.52 20.05 65.74
CA LEU YA 117 -19.00 20.38 67.06
C LEU YA 117 -17.47 20.44 67.03
N ASP YA 118 -16.85 19.56 66.22
CA ASP YA 118 -15.42 19.64 65.99
C ASP YA 118 -15.06 20.96 65.33
N ALA YA 119 -15.89 21.40 64.38
CA ALA YA 119 -15.72 22.70 63.75
C ALA YA 119 -15.83 23.83 64.76
N GLN YA 120 -16.73 23.69 65.75
CA GLN YA 120 -16.87 24.68 66.82
C GLN YA 120 -15.58 24.82 67.62
N VAL YA 121 -15.03 23.69 68.09
CA VAL YA 121 -13.80 23.71 68.90
C VAL YA 121 -12.63 24.27 68.09
N LYS YA 122 -12.46 23.77 66.87
CA LYS YA 122 -11.31 24.15 66.07
C LYS YA 122 -11.40 25.60 65.58
N GLU YA 123 -12.60 26.11 65.36
CA GLU YA 123 -12.74 27.48 64.93
C GLU YA 123 -12.64 28.45 66.12
N LEU YA 124 -12.99 27.99 67.33
CA LEU YA 124 -12.59 28.73 68.52
C LEU YA 124 -11.08 28.84 68.62
N VAL YA 125 -10.38 27.75 68.33
CA VAL YA 125 -8.93 27.80 68.36
C VAL YA 125 -8.38 28.73 67.29
N LEU YA 126 -9.06 28.78 66.13
CA LEU YA 126 -8.70 29.73 65.07
C LEU YA 126 -8.84 31.17 65.55
N LYS YA 127 -9.97 31.48 66.17
CA LYS YA 127 -10.19 32.82 66.70
C LYS YA 127 -9.21 33.16 67.82
N SER YA 128 -8.89 32.17 68.66
CA SER YA 128 -7.95 32.36 69.75
C SER YA 128 -6.55 32.64 69.20
N ALA YA 129 -6.17 31.96 68.13
CA ALA YA 129 -4.85 32.17 67.56
C ALA YA 129 -4.76 33.50 66.82
N VAL YA 130 -5.87 33.93 66.22
CA VAL YA 130 -5.89 35.26 65.59
C VAL YA 130 -5.77 36.36 66.64
N GLU YA 131 -6.53 36.25 67.72
CA GLU YA 131 -6.35 37.22 68.79
C GLU YA 131 -5.11 36.98 69.63
N ALA YA 132 -4.39 35.88 69.43
CA ALA YA 132 -3.09 35.73 70.07
C ALA YA 132 -2.07 36.66 69.44
N GLU YA 133 -1.90 36.58 68.12
CA GLU YA 133 -1.03 37.49 67.41
C GLU YA 133 -1.57 38.91 67.37
N ARG YA 134 -2.88 39.09 67.56
CA ARG YA 134 -3.40 40.45 67.75
C ARG YA 134 -3.04 40.98 69.12
N LEU YA 135 -3.24 40.17 70.15
CA LEU YA 135 -3.01 40.61 71.52
C LEU YA 135 -1.53 40.67 71.82
N VAL YA 136 -0.73 39.88 71.10
CA VAL YA 136 0.73 39.75 71.21
C VAL YA 136 1.16 39.29 72.60
N UNK YA 137 -8.90 43.93 62.12
CA UNK YA 137 -9.31 44.60 60.89
C UNK YA 137 -9.57 43.58 59.80
N UNK YA 138 -8.55 43.31 58.99
CA UNK YA 138 -8.63 42.21 58.03
C UNK YA 138 -8.62 40.88 58.79
N UNK YA 139 -7.97 40.85 59.96
CA UNK YA 139 -8.11 39.71 60.85
C UNK YA 139 -9.54 39.57 61.34
N UNK YA 140 -10.22 40.70 61.56
CA UNK YA 140 -11.65 40.67 61.88
C UNK YA 140 -12.49 40.24 60.69
N UNK YA 141 -12.04 40.53 59.46
CA UNK YA 141 -12.70 39.98 58.27
C UNK YA 141 -12.60 38.47 58.24
N UNK YA 142 -11.46 37.92 58.67
CA UNK YA 142 -11.33 36.47 58.72
C UNK YA 142 -12.10 35.87 59.88
N UNK YA 143 -12.24 36.62 60.98
CA UNK YA 143 -13.13 36.21 62.06
C UNK YA 143 -14.58 36.14 61.58
N UNK YA 144 -14.97 37.09 60.73
CA UNK YA 144 -16.26 37.05 60.05
C UNK YA 144 -16.37 35.81 59.18
N UNK YA 145 -15.30 35.48 58.45
CA UNK YA 145 -15.33 34.29 57.59
C UNK YA 145 -15.46 33.00 58.41
N UNK YA 146 -14.91 32.98 59.63
CA UNK YA 146 -15.12 31.83 60.49
C UNK YA 146 -16.54 31.74 61.01
N UNK YA 147 -17.09 32.87 61.46
CA UNK YA 147 -18.47 32.87 61.95
C UNK YA 147 -19.49 32.61 60.84
N UNK YA 148 -19.13 32.88 59.58
CA UNK YA 148 -20.04 32.56 58.49
C UNK YA 148 -20.16 31.06 58.27
N UNK YA 149 -19.03 30.33 58.33
CA UNK YA 149 -19.11 28.88 58.27
C UNK YA 149 -19.84 28.32 59.46
N UNK YA 150 -19.68 28.94 60.64
CA UNK YA 150 -20.47 28.56 61.81
C UNK YA 150 -21.96 28.68 61.54
N UNK YA 151 -22.37 29.82 60.98
CA UNK YA 151 -23.78 30.05 60.70
C UNK YA 151 -24.32 29.10 59.63
N UNK YA 152 -23.52 28.78 58.62
CA UNK YA 152 -23.93 27.83 57.59
C UNK YA 152 -24.12 26.44 58.19
N UNK YA 153 -23.23 26.04 59.10
CA UNK YA 153 -23.39 24.76 59.79
C UNK YA 153 -24.64 24.73 60.65
N UNK YA 154 -24.94 25.83 61.34
CA UNK YA 154 -26.12 25.86 62.20
C UNK YA 154 -27.41 25.85 61.38
N UNK YA 155 -27.38 26.49 60.21
CA UNK YA 155 -28.41 26.33 59.19
C UNK YA 155 -28.62 24.87 58.84
N UNK YA 156 -27.52 24.14 58.63
CA UNK YA 156 -27.67 22.75 58.23
C UNK YA 156 -28.12 21.88 59.40
N UNK YA 157 -27.80 22.29 60.63
CA UNK YA 157 -28.32 21.62 61.82
C UNK YA 157 -29.83 21.76 61.90
N UNK YA 158 -30.33 22.95 61.56
CA UNK YA 158 -31.76 23.14 61.41
C UNK YA 158 -32.31 22.22 60.34
N UNK YA 159 -31.58 22.11 59.22
CA UNK YA 159 -32.01 21.31 58.09
C UNK YA 159 -32.12 19.84 58.44
N UNK YA 160 -31.26 19.35 59.31
CA UNK YA 160 -31.08 17.91 59.46
C UNK YA 160 -31.53 17.35 60.80
N UNK YA 161 -31.01 17.86 61.91
CA UNK YA 161 -31.36 17.29 63.21
C UNK YA 161 -32.69 17.83 63.73
N UNK YA 162 -33.22 18.89 63.11
CA UNK YA 162 -34.59 19.37 63.27
C UNK YA 162 -34.90 19.83 64.69
N UNK ZA 1 -62.98 45.88 107.58
CA UNK ZA 1 -63.03 46.49 106.26
C UNK ZA 1 -61.83 46.06 105.41
N UNK ZA 2 -62.09 45.74 104.14
CA UNK ZA 2 -60.99 45.41 103.24
C UNK ZA 2 -60.34 46.67 102.68
N UNK ZA 3 -59.47 46.47 101.69
CA UNK ZA 3 -58.92 47.61 100.97
C UNK ZA 3 -60.00 48.24 100.12
N UNK ZA 4 -59.67 49.41 99.56
CA UNK ZA 4 -60.56 50.03 98.61
C UNK ZA 4 -60.67 49.18 97.35
N UNK ZA 5 -61.84 49.09 96.75
CA UNK ZA 5 -62.01 48.20 95.60
C UNK ZA 5 -61.32 48.68 94.33
N UNK ZA 6 -61.54 49.94 93.93
CA UNK ZA 6 -61.69 50.37 92.53
C UNK ZA 6 -60.64 49.82 91.55
N UNK ZA 7 -59.47 49.39 92.05
CA UNK ZA 7 -58.47 48.76 91.19
C UNK ZA 7 -58.72 47.27 90.99
N UNK ZA 8 -59.69 46.72 91.69
CA UNK ZA 8 -59.96 45.30 91.58
C UNK ZA 8 -60.44 44.76 90.22
N UNK ZA 9 -61.03 45.55 89.23
CA UNK ZA 9 -61.16 44.96 87.89
C UNK ZA 9 -59.80 44.74 87.27
N UNK ZA 10 -58.88 45.68 87.51
CA UNK ZA 10 -57.51 45.52 87.01
C UNK ZA 10 -56.85 44.32 87.65
N UNK ZA 11 -57.03 44.15 88.96
CA UNK ZA 11 -56.48 43.00 89.67
C UNK ZA 11 -57.13 41.70 89.20
N UNK ZA 12 -58.43 41.77 88.89
CA UNK ZA 12 -59.16 40.62 88.36
C UNK ZA 12 -58.58 40.17 87.04
N UNK ZA 13 -58.40 41.13 86.11
CA UNK ZA 13 -57.86 40.83 84.80
C UNK ZA 13 -56.44 40.29 84.91
N UNK ZA 14 -55.64 40.87 85.81
CA UNK ZA 14 -54.25 40.44 85.96
C UNK ZA 14 -54.17 39.03 86.52
N UNK ZA 15 -54.96 38.74 87.56
CA UNK ZA 15 -54.88 37.41 88.17
C UNK ZA 15 -55.44 36.34 87.26
N UNK ZA 16 -56.56 36.62 86.58
CA UNK ZA 16 -57.10 35.63 85.66
C UNK ZA 16 -56.20 35.45 84.45
N UNK ZA 17 -55.57 36.53 83.98
CA UNK ZA 17 -54.72 36.43 82.80
C UNK ZA 17 -53.48 35.63 83.09
N UNK ZA 18 -52.86 35.87 84.25
CA UNK ZA 18 -51.69 35.13 84.64
C UNK ZA 18 -52.04 33.67 84.91
N UNK ZA 19 -53.21 33.44 85.51
CA UNK ZA 19 -53.65 32.07 85.73
C UNK ZA 19 -53.86 31.30 84.44
N UNK ZA 20 -54.61 31.89 83.49
CA UNK ZA 20 -54.85 31.28 82.18
C UNK ZA 20 -53.54 31.05 81.43
N UNK ZA 21 -52.66 32.05 81.45
CA UNK ZA 21 -51.38 32.04 80.75
C UNK ZA 21 -50.48 30.91 81.22
N UNK ZA 22 -50.22 30.85 82.53
CA UNK ZA 22 -49.31 29.86 83.06
C UNK ZA 22 -49.94 28.47 83.07
N UNK ZA 23 -51.27 28.37 83.28
CA UNK ZA 23 -51.90 27.06 83.16
C UNK ZA 23 -51.91 26.58 81.72
N UNK ZA 24 -51.89 27.50 80.76
CA UNK ZA 24 -51.81 27.11 79.36
C UNK ZA 24 -50.47 26.47 79.05
N UNK ZA 25 -49.38 27.27 79.21
CA UNK ZA 25 -48.00 26.77 79.03
C UNK ZA 25 -47.76 25.48 79.81
N UNK ZA 26 -48.14 25.54 81.07
CA UNK ZA 26 -47.94 24.49 82.03
C UNK ZA 26 -48.69 23.21 81.67
N UNK ZA 27 -50.01 23.32 81.47
CA UNK ZA 27 -50.88 22.18 81.23
C UNK ZA 27 -50.51 21.47 79.95
N UNK ZA 28 -50.16 22.23 78.91
CA UNK ZA 28 -49.73 21.63 77.65
C UNK ZA 28 -48.43 20.86 77.86
N UNK ZA 29 -47.45 21.51 78.52
CA UNK ZA 29 -46.14 20.90 78.76
C UNK ZA 29 -46.26 19.61 79.56
N UNK ZA 30 -47.20 19.55 80.49
CA UNK ZA 30 -47.24 18.38 81.35
C UNK ZA 30 -48.05 17.24 80.72
N UNK ZA 31 -49.28 17.52 80.29
CA UNK ZA 31 -50.18 16.45 79.86
C UNK ZA 31 -49.89 16.00 78.43
N UNK ZA 32 -49.20 16.82 77.65
CA UNK ZA 32 -49.09 16.54 76.23
C UNK ZA 32 -48.16 15.35 75.94
N UNK ZA 33 -42.90 15.70 87.08
CA UNK ZA 33 -43.34 15.94 88.46
C UNK ZA 33 -42.63 17.14 89.06
N UNK ZA 34 -41.31 17.24 88.83
CA UNK ZA 34 -40.50 18.20 89.55
C UNK ZA 34 -40.82 19.63 89.12
N UNK ZA 35 -41.38 19.81 87.93
CA UNK ZA 35 -41.89 21.13 87.65
C UNK ZA 35 -43.38 21.25 87.87
N UNK ZA 36 -44.14 20.14 87.73
CA UNK ZA 36 -45.59 20.27 87.68
C UNK ZA 36 -46.16 20.58 89.04
N UNK ZA 37 -45.55 20.06 90.12
CA UNK ZA 37 -46.09 20.32 91.44
C UNK ZA 37 -45.96 21.79 91.81
N UNK ZA 38 -44.77 22.36 91.58
CA UNK ZA 38 -44.50 23.73 91.98
C UNK ZA 38 -45.27 24.72 91.11
N UNK ZA 39 -45.24 24.54 89.79
CA UNK ZA 39 -45.92 25.50 88.92
C UNK ZA 39 -47.43 25.31 89.01
N UNK ZA 40 -47.88 24.10 89.39
CA UNK ZA 40 -49.30 23.90 89.63
C UNK ZA 40 -49.77 24.64 90.86
N UNK ZA 41 -48.98 24.59 91.94
CA UNK ZA 41 -49.35 25.30 93.15
C UNK ZA 41 -49.40 26.80 92.90
N UNK ZA 42 -48.43 27.31 92.14
CA UNK ZA 42 -48.40 28.74 91.84
C UNK ZA 42 -49.59 29.14 90.96
N UNK ZA 43 -49.80 28.41 89.86
CA UNK ZA 43 -50.89 28.73 88.96
C UNK ZA 43 -52.25 28.48 89.62
N UNK ZA 44 -52.29 27.59 90.60
CA UNK ZA 44 -53.54 27.29 91.28
C UNK ZA 44 -53.90 28.39 92.27
N UNK ZA 45 -52.89 29.03 92.87
CA UNK ZA 45 -53.22 30.21 93.67
C UNK ZA 45 -53.65 31.36 92.77
N UNK ZA 46 -53.07 31.44 91.57
CA UNK ZA 46 -53.59 32.41 90.59
C UNK ZA 46 -55.02 32.10 90.21
N UNK ZA 47 -55.37 30.81 90.12
CA UNK ZA 47 -56.75 30.40 89.88
C UNK ZA 47 -57.68 30.88 90.99
N UNK ZA 48 -57.34 30.56 92.25
CA UNK ZA 48 -58.22 30.90 93.35
C UNK ZA 48 -58.43 32.38 93.51
N UNK ZA 49 -57.34 33.17 93.45
CA UNK ZA 49 -57.50 34.59 93.66
C UNK ZA 49 -58.06 35.28 92.40
N UNK ZA 50 -57.83 34.70 91.22
CA UNK ZA 50 -58.46 35.24 90.03
C UNK ZA 50 -59.96 35.04 90.03
N UNK ZA 51 -60.44 33.88 90.47
CA UNK ZA 51 -61.88 33.67 90.47
C UNK ZA 51 -62.53 34.38 91.65
N UNK ZA 52 -61.77 34.66 92.71
CA UNK ZA 52 -62.32 35.52 93.75
C UNK ZA 52 -62.48 36.95 93.27
N UNK ZA 53 -61.52 37.44 92.48
CA UNK ZA 53 -61.67 38.80 92.00
C UNK ZA 53 -62.68 38.87 90.87
N UNK ZA 54 -62.87 37.77 90.15
CA UNK ZA 54 -63.97 37.72 89.19
C UNK ZA 54 -65.31 37.63 89.91
N UNK ZA 55 -65.33 36.99 91.08
CA UNK ZA 55 -66.52 36.98 91.90
C UNK ZA 55 -66.86 38.39 92.33
N UNK ZA 56 -65.85 39.16 92.73
CA UNK ZA 56 -66.14 40.50 93.21
C UNK ZA 56 -66.41 41.46 92.07
N UNK ZA 57 -65.90 41.18 90.86
CA UNK ZA 57 -65.99 42.19 89.81
C UNK ZA 57 -67.23 42.04 88.94
N UNK ZA 58 -67.84 40.86 88.88
CA UNK ZA 58 -69.11 40.78 88.18
C UNK ZA 58 -70.20 41.42 89.04
N UNK ZA 59 -69.91 41.62 90.32
CA UNK ZA 59 -70.72 42.40 91.20
C UNK ZA 59 -70.95 41.77 92.55
N UNK ZA 60 -70.98 40.44 92.62
CA UNK ZA 60 -71.41 39.80 93.84
C UNK ZA 60 -70.26 39.82 94.85
N ALA AB 1 -71.04 6.43 42.71
CA ALA AB 1 -70.44 7.09 41.56
C ALA AB 1 -70.56 8.60 41.69
N MET AB 2 -69.88 9.32 40.81
CA MET AB 2 -69.99 10.77 40.78
C MET AB 2 -71.31 11.26 40.25
N THR AB 3 -72.04 10.40 39.54
CA THR AB 3 -73.40 10.74 39.16
C THR AB 3 -74.31 10.90 40.37
N VAL AB 4 -74.00 10.22 41.48
CA VAL AB 4 -74.74 10.46 42.71
C VAL AB 4 -74.48 11.86 43.22
N TYR AB 5 -73.24 12.34 43.08
CA TYR AB 5 -72.93 13.72 43.42
C TYR AB 5 -73.68 14.68 42.53
N ALA AB 6 -73.79 14.32 41.25
CA ALA AB 6 -74.58 15.14 40.34
C ALA AB 6 -76.03 15.18 40.76
N LEU AB 7 -76.57 14.03 41.17
CA LEU AB 7 -77.94 13.96 41.67
C LEU AB 7 -78.13 14.84 42.90
N VAL AB 8 -77.15 14.85 43.80
CA VAL AB 8 -77.31 15.58 45.05
C VAL AB 8 -77.24 17.08 44.79
N VAL AB 9 -76.30 17.52 43.96
CA VAL AB 9 -76.19 18.95 43.70
C VAL AB 9 -77.35 19.42 42.83
N VAL AB 10 -77.92 18.53 42.02
CA VAL AB 10 -79.19 18.80 41.37
C VAL AB 10 -80.29 19.00 42.39
N SER AB 11 -80.33 18.15 43.41
CA SER AB 11 -81.35 18.27 44.43
C SER AB 11 -81.14 19.50 45.30
N TYR AB 12 -79.92 20.03 45.30
CA TYR AB 12 -79.55 21.06 46.27
C TYR AB 12 -80.37 22.31 46.09
N PHE AB 13 -80.23 22.99 44.96
CA PHE AB 13 -80.98 24.21 44.75
C PHE AB 13 -82.44 23.93 44.49
N LEU AB 14 -82.76 22.72 44.05
CA LEU AB 14 -84.14 22.28 43.92
C LEU AB 14 -84.90 22.31 45.22
N ILE AB 15 -84.30 21.89 46.34
CA ILE AB 15 -84.96 22.01 47.64
C ILE AB 15 -84.44 23.18 48.46
N THR AB 16 -83.50 23.95 47.96
CA THR AB 16 -83.29 25.28 48.48
C THR AB 16 -84.27 26.25 47.87
N GLY AB 17 -84.64 26.03 46.62
CA GLY AB 17 -85.51 26.97 45.94
C GLY AB 17 -86.96 26.94 46.33
N GLY AB 18 -87.70 25.89 45.98
CA GLY AB 18 -89.14 26.03 45.98
C GLY AB 18 -90.00 24.82 46.28
N ILE AB 19 -89.43 23.76 46.84
CA ILE AB 19 -90.26 22.64 47.27
C ILE AB 19 -91.07 23.03 48.50
N ILE AB 20 -90.49 23.89 49.34
CA ILE AB 20 -91.23 24.50 50.43
C ILE AB 20 -92.39 25.33 49.89
N TYR AB 21 -92.17 26.05 48.79
CA TYR AB 21 -93.23 26.84 48.19
C TYR AB 21 -93.78 26.20 46.93
N ASP AB 22 -93.82 24.88 46.90
CA ASP AB 22 -94.66 24.21 45.92
C ASP AB 22 -96.13 24.27 46.30
N VAL AB 23 -96.45 23.91 47.53
CA VAL AB 23 -97.83 23.93 47.98
C VAL AB 23 -98.25 25.34 48.43
N ILE AB 24 -97.31 26.17 48.83
CA ILE AB 24 -97.58 27.52 49.28
C ILE AB 24 -97.27 28.53 48.18
N VAL AB 25 -97.36 28.10 46.92
CA VAL AB 25 -96.87 28.80 45.73
C VAL AB 25 -97.40 30.22 45.59
N GLU AB 26 -96.49 31.17 45.41
CA GLU AB 26 -96.88 32.57 45.29
C GLU AB 26 -96.34 33.17 44.01
N PRO AB 27 -97.21 33.75 43.19
CA PRO AB 27 -96.92 33.99 41.76
C PRO AB 27 -95.92 35.13 41.54
N PRO AB 28 -95.16 35.12 40.38
CA PRO AB 28 -93.81 35.70 40.33
C PRO AB 28 -93.48 37.10 40.85
N SER AB 29 -93.97 38.25 40.33
CA SER AB 29 -93.36 39.47 40.88
C SER AB 29 -94.17 40.74 41.02
N VAL AB 30 -95.46 40.80 40.68
CA VAL AB 30 -96.11 42.09 40.53
C VAL AB 30 -96.83 42.49 41.81
N GLY AB 31 -96.49 43.65 42.34
CA GLY AB 31 -97.17 44.16 43.52
C GLY AB 31 -97.27 45.67 43.66
N SER AB 32 -96.87 46.42 42.65
CA SER AB 32 -96.93 47.87 42.74
C SER AB 32 -98.36 48.35 42.53
N MET AB 33 -98.78 49.31 43.34
CA MET AB 33 -100.08 49.94 43.19
C MET AB 33 -99.85 51.39 42.79
N THR AB 34 -99.52 51.58 41.51
CA THR AB 34 -99.43 52.79 40.70
C THR AB 34 -98.32 53.76 41.13
N ASP AB 35 -97.88 53.67 42.39
CA ASP AB 35 -96.75 54.29 43.08
C ASP AB 35 -96.69 55.81 43.01
N GLU AB 36 -97.07 56.40 41.88
CA GLU AB 36 -97.90 57.59 41.78
C GLU AB 36 -98.73 57.59 40.50
N HIS AB 37 -98.19 57.04 39.40
CA HIS AB 37 -98.84 57.10 38.10
C HIS AB 37 -99.02 55.73 37.46
N GLY AB 38 -97.96 54.93 37.41
CA GLY AB 38 -97.90 53.76 36.56
C GLY AB 38 -98.25 52.48 37.29
N HIS AB 39 -99.24 51.77 36.77
CA HIS AB 39 -100.14 50.98 37.60
C HIS AB 39 -99.47 49.76 38.21
N GLN AB 40 -99.05 48.80 37.39
CA GLN AB 40 -98.79 47.45 37.87
C GLN AB 40 -97.39 46.98 37.45
N ARG AB 41 -96.39 47.79 37.76
CA ARG AB 41 -95.00 47.41 37.51
C ARG AB 41 -94.64 46.24 38.42
N PRO AB 42 -94.08 45.16 37.90
CA PRO AB 42 -93.63 44.06 38.78
C PRO AB 42 -92.43 44.51 39.60
N VAL AB 43 -92.45 44.15 40.89
CA VAL AB 43 -91.60 44.85 41.85
C VAL AB 43 -90.21 44.22 41.90
N ALA AB 44 -90.12 43.02 42.49
CA ALA AB 44 -88.87 42.51 43.01
C ALA AB 44 -89.03 41.13 43.64
N PHE AB 45 -87.95 40.65 44.24
CA PHE AB 45 -87.96 39.74 45.39
C PHE AB 45 -88.82 40.37 46.49
N LEU AB 46 -89.54 39.52 47.24
CA LEU AB 46 -90.22 40.04 48.43
C LEU AB 46 -89.24 40.54 49.47
N ALA AB 47 -89.62 41.60 50.19
CA ALA AB 47 -88.71 42.26 51.11
C ALA AB 47 -89.26 42.44 52.50
N TYR AB 48 -90.56 42.71 52.63
CA TYR AB 48 -91.07 43.13 53.93
C TYR AB 48 -91.22 41.96 54.89
N ARG AB 49 -91.74 40.83 54.41
CA ARG AB 49 -91.79 39.61 55.19
C ARG AB 49 -90.64 38.73 54.75
N VAL AB 50 -90.03 38.03 55.71
CA VAL AB 50 -88.74 37.41 55.46
C VAL AB 50 -88.91 36.00 54.94
N ASN AB 51 -89.92 35.28 55.45
CA ASN AB 51 -90.02 33.86 55.18
C ASN AB 51 -90.59 33.59 53.80
N GLY AB 52 -91.33 34.56 53.25
CA GLY AB 52 -91.98 34.33 51.97
C GLY AB 52 -90.99 34.47 50.83
N GLN AB 53 -91.36 33.86 49.71
CA GLN AB 53 -90.67 34.06 48.45
C GLN AB 53 -91.69 33.93 47.34
N TYR AB 54 -91.27 34.19 46.13
CA TYR AB 54 -92.01 33.81 44.95
C TYR AB 54 -91.23 32.75 44.19
N ILE AB 55 -91.76 32.35 43.04
CA ILE AB 55 -91.03 31.42 42.18
C ILE AB 55 -89.77 32.08 41.64
N MET AB 56 -89.90 33.31 41.16
CA MET AB 56 -88.75 34.05 40.64
C MET AB 56 -87.76 34.35 41.75
N GLU AB 57 -88.17 34.54 43.00
CA GLU AB 57 -87.10 34.76 44.00
C GLU AB 57 -86.23 33.51 44.27
N GLY AB 58 -86.91 32.38 44.45
CA GLY AB 58 -86.28 31.13 44.81
C GLY AB 58 -85.32 30.57 43.79
N LEU AB 59 -85.72 30.63 42.53
CA LEU AB 59 -84.87 30.11 41.48
C LEU AB 59 -83.58 30.90 41.43
N ALA AB 60 -83.67 32.22 41.54
CA ALA AB 60 -82.49 33.04 41.52
C ALA AB 60 -81.58 32.68 42.68
N SER AB 61 -82.16 32.51 43.86
CA SER AB 61 -81.31 32.16 45.01
C SER AB 61 -80.58 30.83 44.79
N SER AB 62 -81.32 29.85 44.28
CA SER AB 62 -80.75 28.53 44.07
C SER AB 62 -79.63 28.60 43.04
N PHE AB 63 -79.84 29.37 41.98
CA PHE AB 63 -78.83 29.50 40.95
C PHE AB 63 -77.58 30.14 41.49
N LEU AB 64 -77.74 31.14 42.34
CA LEU AB 64 -76.57 31.77 42.93
C LEU AB 64 -75.78 30.77 43.76
N PHE AB 65 -76.47 29.94 44.54
CA PHE AB 65 -75.74 28.98 45.37
C PHE AB 65 -74.90 27.82 44.77
N THR AB 66 -75.42 27.16 43.74
CA THR AB 66 -74.79 26.01 43.12
C THR AB 66 -73.67 26.42 42.17
N MET AB 67 -73.74 27.62 41.59
CA MET AB 67 -72.62 28.09 40.78
C MET AB 67 -71.40 28.38 41.65
N GLY AB 68 -71.62 28.91 42.86
CA GLY AB 68 -70.49 29.13 43.76
C GLY AB 68 -69.83 27.82 44.19
N GLY AB 69 -70.65 26.85 44.57
CA GLY AB 69 -70.11 25.56 44.97
C GLY AB 69 -69.39 24.86 43.84
N LEU AB 70 -69.98 24.86 42.65
CA LEU AB 70 -69.31 24.18 41.55
C LEU AB 70 -68.13 24.99 41.04
N GLY AB 71 -68.07 26.29 41.33
CA GLY AB 71 -66.83 27.01 41.11
C GLY AB 71 -65.72 26.49 41.99
N PHE AB 72 -66.05 26.13 43.23
CA PHE AB 72 -65.03 25.53 44.07
C PHE AB 72 -64.66 24.13 43.62
N ILE AB 73 -65.63 23.43 43.05
CA ILE AB 73 -65.33 22.16 42.41
C ILE AB 73 -64.31 22.35 41.30
N ILE AB 74 -64.46 23.41 40.51
CA ILE AB 74 -63.55 23.65 39.39
C ILE AB 74 -62.17 24.04 39.89
N LEU AB 75 -62.12 24.76 41.01
CA LEU AB 75 -60.83 25.03 41.65
C LEU AB 75 -60.13 23.74 42.04
N ASP AB 76 -60.89 22.78 42.56
CA ASP AB 76 -60.26 21.52 42.95
C ASP AB 76 -59.86 20.69 41.75
N ARG AB 77 -60.77 20.52 40.79
CA ARG AB 77 -60.66 19.41 39.84
C ARG AB 77 -59.61 19.71 38.77
N SER AB 78 -59.37 20.97 38.50
CA SER AB 78 -58.41 21.30 37.44
C SER AB 78 -57.32 22.27 37.86
N ASN AB 79 -57.60 23.19 38.77
CA ASN AB 79 -56.64 24.27 39.00
C ASN AB 79 -55.49 23.82 39.87
N ALA AB 80 -55.76 22.95 40.83
CA ALA AB 80 -54.66 22.37 41.59
C ALA AB 80 -53.78 21.39 40.79
N PRO AB 81 -54.27 20.52 39.90
CA PRO AB 81 -53.33 19.74 39.09
C PRO AB 81 -52.68 20.58 37.99
N ASN AB 82 -51.65 20.00 37.37
CA ASN AB 82 -50.72 20.80 36.60
C ASN AB 82 -50.58 20.28 35.18
N ILE AB 83 -51.45 19.34 34.80
CA ILE AB 83 -51.23 18.60 33.54
C ILE AB 83 -51.55 19.41 32.29
N PRO AB 84 -52.71 20.08 32.11
CA PRO AB 84 -53.00 20.68 30.80
C PRO AB 84 -52.18 21.94 30.53
N LYS AB 85 -52.60 22.68 29.48
CA LYS AB 85 -51.90 23.86 28.97
C LYS AB 85 -51.62 24.91 30.04
N LEU AB 86 -50.33 25.09 30.27
CA LEU AB 86 -49.85 25.63 31.54
C LEU AB 86 -49.83 27.15 31.53
N ASN AB 87 -50.18 27.78 30.40
CA ASN AB 87 -50.26 29.23 30.34
C ASN AB 87 -51.60 29.73 29.80
N ARG AB 88 -52.23 29.01 28.87
CA ARG AB 88 -53.49 29.55 28.34
C ARG AB 88 -54.79 29.08 29.00
N PHE AB 89 -55.01 27.77 29.07
CA PHE AB 89 -56.24 27.26 29.68
C PHE AB 89 -56.38 27.46 31.19
N LEU AB 90 -55.29 27.26 31.91
CA LEU AB 90 -55.31 27.37 33.36
C LEU AB 90 -55.67 28.76 33.84
N LEU AB 91 -55.08 29.76 33.20
CA LEU AB 91 -55.29 31.16 33.57
C LEU AB 91 -56.74 31.57 33.35
N LEU AB 92 -57.37 31.06 32.29
CA LEU AB 92 -58.80 31.24 32.08
C LEU AB 92 -59.59 30.65 33.23
N PHE AB 93 -59.14 29.51 33.74
CA PHE AB 93 -59.94 28.76 34.69
C PHE AB 93 -59.96 29.46 36.02
N ILE AB 94 -58.78 29.85 36.50
CA ILE AB 94 -58.71 30.62 37.73
C ILE AB 94 -59.37 31.98 37.54
N GLY AB 95 -59.30 32.54 36.31
CA GLY AB 95 -59.90 33.84 36.07
C GLY AB 95 -61.40 33.85 36.19
N PHE AB 96 -62.08 32.94 35.45
CA PHE AB 96 -63.53 32.98 35.47
C PHE AB 96 -64.06 32.42 36.79
N VAL AB 97 -63.31 31.52 37.44
CA VAL AB 97 -63.82 30.99 38.70
C VAL AB 97 -63.65 32.01 39.81
N CYS AB 98 -62.57 32.79 39.77
CA CYS AB 98 -62.46 33.87 40.75
C CYS AB 98 -63.50 34.94 40.50
N VAL AB 99 -63.86 35.16 39.23
CA VAL AB 99 -64.95 36.08 38.92
C VAL AB 99 -66.28 35.56 39.45
N LEU AB 100 -66.54 34.26 39.22
CA LEU AB 100 -67.68 33.56 39.82
C LEU AB 100 -67.74 33.78 41.32
N LEU AB 101 -66.64 33.49 42.00
CA LEU AB 101 -66.61 33.54 43.45
C LEU AB 101 -66.84 34.95 43.97
N SER AB 102 -66.10 35.92 43.47
CA SER AB 102 -66.20 37.27 44.00
C SER AB 102 -67.54 37.91 43.67
N PHE AB 103 -67.94 37.90 42.40
CA PHE AB 103 -69.16 38.61 42.03
C PHE AB 103 -70.39 37.88 42.54
N PHE AB 104 -70.33 36.56 42.64
CA PHE AB 104 -71.44 35.80 43.20
C PHE AB 104 -71.70 36.15 44.66
N MET AB 105 -70.65 36.13 45.48
CA MET AB 105 -70.82 36.46 46.88
C MET AB 105 -71.24 37.90 47.04
N ALA AB 106 -70.71 38.78 46.19
CA ALA AB 106 -71.08 40.19 46.22
C ALA AB 106 -72.56 40.38 45.92
N ARG AB 107 -73.07 39.70 44.88
CA ARG AB 107 -74.46 39.92 44.50
C ARG AB 107 -75.42 39.24 45.46
N VAL AB 108 -75.01 38.14 46.07
CA VAL AB 108 -75.89 37.52 47.03
C VAL AB 108 -75.92 38.32 48.31
N PHE AB 109 -74.80 38.96 48.64
CA PHE AB 109 -74.76 39.92 49.72
C PHE AB 109 -75.70 41.09 49.44
N MET AB 110 -75.73 41.55 48.18
CA MET AB 110 -76.69 42.57 47.78
C MET AB 110 -78.12 42.04 47.87
N ARG AB 111 -78.33 40.78 47.51
CA ARG AB 111 -79.69 40.27 47.48
C ARG AB 111 -80.13 39.78 48.83
N MET AB 112 -79.31 39.97 49.84
CA MET AB 112 -79.86 39.88 51.18
C MET AB 112 -80.00 41.27 51.78
N LYS AB 113 -79.14 42.21 51.38
CA LYS AB 113 -79.25 43.56 51.93
C LYS AB 113 -80.50 44.27 51.47
N LEU AB 114 -80.78 44.22 50.17
CA LEU AB 114 -81.92 44.99 49.68
C LEU AB 114 -83.28 44.36 50.00
N PRO AB 115 -83.49 43.03 49.97
CA PRO AB 115 -84.73 42.52 50.55
C PRO AB 115 -84.75 42.55 52.06
N GLY AB 116 -83.62 42.78 52.70
CA GLY AB 116 -83.57 42.58 54.12
C GLY AB 116 -83.47 43.84 54.93
N TYR AB 117 -82.96 44.91 54.30
CA TYR AB 117 -82.66 46.19 54.94
C TYR AB 117 -81.70 46.02 56.11
N LEU AB 118 -80.70 45.17 55.94
CA LEU AB 118 -79.77 44.98 57.03
C LEU AB 118 -78.67 46.04 56.95
N MET AB 119 -78.32 46.57 58.12
CA MET AB 119 -77.14 47.41 58.26
C MET AB 119 -75.89 46.67 57.80
N GLY AB 120 -75.28 47.16 56.73
CA GLY AB 120 -74.07 46.56 56.20
C GLY AB 120 -72.80 47.16 56.76
N MET BB 1 -71.81 46.51 84.74
CA MET BB 1 -72.17 45.52 83.74
C MET BB 1 -71.97 46.05 82.33
N ILE BB 2 -71.49 45.18 81.44
CA ILE BB 2 -71.20 45.57 80.07
C ILE BB 2 -72.50 45.70 79.27
N THR BB 3 -72.44 46.49 78.19
CA THR BB 3 -73.63 46.82 77.41
C THR BB 3 -73.79 45.87 76.24
N ASP BB 4 -74.80 46.15 75.41
CA ASP BB 4 -75.03 45.32 74.24
C ASP BB 4 -74.01 45.59 73.16
N VAL BB 5 -73.74 46.85 72.87
CA VAL BB 5 -72.92 47.18 71.71
C VAL BB 5 -71.45 46.90 72.00
N GLN BB 6 -71.05 47.11 73.26
CA GLN BB 6 -69.71 46.72 73.70
C GLN BB 6 -69.51 45.22 73.53
N LEU BB 7 -70.55 44.44 73.82
CA LEU BB 7 -70.49 43.01 73.62
C LEU BB 7 -70.48 42.65 72.14
N ALA BB 8 -71.13 43.46 71.32
CA ALA BB 8 -71.12 43.20 69.89
C ALA BB 8 -69.74 43.40 69.31
N ILE BB 9 -69.08 44.49 69.69
CA ILE BB 9 -67.71 44.76 69.24
C ILE BB 9 -66.76 43.70 69.78
N PHE BB 10 -67.03 43.25 71.00
CA PHE BB 10 -66.31 42.14 71.61
C PHE BB 10 -66.39 40.89 70.76
N ALA BB 11 -67.61 40.51 70.35
CA ALA BB 11 -67.79 39.30 69.56
C ALA BB 11 -67.16 39.43 68.19
N ASN BB 12 -67.20 40.65 67.64
CA ASN BB 12 -66.57 40.93 66.35
C ASN BB 12 -65.08 40.66 66.42
N MET BB 13 -64.39 41.31 67.36
CA MET BB 13 -62.94 41.17 67.42
C MET BB 13 -62.54 39.77 67.82
N LEU BB 14 -63.38 39.10 68.61
CA LEU BB 14 -63.05 37.74 69.02
C LEU BB 14 -63.14 36.81 67.83
N GLY BB 15 -64.18 36.96 67.00
CA GLY BB 15 -64.32 36.11 65.84
C GLY BB 15 -63.24 36.35 64.81
N VAL BB 16 -62.82 37.61 64.67
CA VAL BB 16 -61.74 37.94 63.74
C VAL BB 16 -60.42 37.34 64.19
N SER BB 17 -60.11 37.50 65.48
CA SER BB 17 -58.94 36.89 66.09
C SER BB 17 -58.96 35.38 65.92
N LEU BB 18 -60.16 34.81 66.09
CA LEU BB 18 -60.32 33.37 66.02
C LEU BB 18 -60.03 32.84 64.63
N PHE BB 19 -60.64 33.44 63.62
CA PHE BB 19 -60.51 32.90 62.28
C PHE BB 19 -59.12 33.14 61.71
N LEU BB 20 -58.53 34.31 61.97
CA LEU BB 20 -57.15 34.55 61.54
C LEU BB 20 -56.21 33.57 62.20
N LEU BB 21 -56.47 33.25 63.46
CA LEU BB 21 -55.60 32.34 64.16
C LEU BB 21 -55.82 30.90 63.70
N VAL BB 22 -57.02 30.61 63.18
CA VAL BB 22 -57.26 29.34 62.49
C VAL BB 22 -56.39 29.22 61.25
N VAL BB 23 -56.33 30.30 60.47
CA VAL BB 23 -55.48 30.31 59.28
C VAL BB 23 -54.02 30.11 59.65
N LEU BB 24 -53.61 30.70 60.77
CA LEU BB 24 -52.24 30.52 61.25
C LEU BB 24 -51.98 29.07 61.64
N TYR BB 25 -52.94 28.44 62.33
CA TYR BB 25 -52.85 27.02 62.63
C TYR BB 25 -52.71 26.22 61.37
N HIS BB 26 -53.48 26.59 60.37
CA HIS BB 26 -53.59 25.77 59.19
C HIS BB 26 -52.30 25.90 58.39
N TYR BB 27 -51.64 27.04 58.51
CA TYR BB 27 -50.31 27.19 57.94
C TYR BB 27 -49.27 26.35 58.67
N VAL BB 28 -49.25 26.42 60.01
CA VAL BB 28 -48.25 25.66 60.76
C VAL BB 28 -48.46 24.16 60.56
N ALA BB 29 -49.71 23.75 60.40
CA ALA BB 29 -50.00 22.35 60.20
C ALA BB 29 -49.66 21.91 58.78
N VAL BB 30 -49.78 22.80 57.80
CA VAL BB 30 -49.49 22.36 56.45
C VAL BB 30 -47.98 22.36 56.19
N ASN BB 31 -47.24 23.21 56.90
CA ASN BB 31 -45.85 23.39 56.53
C ASN BB 31 -44.97 22.29 57.11
N ASN BB 32 -44.89 22.23 58.45
CA ASN BB 32 -43.98 21.36 59.20
C ASN BB 32 -44.34 19.90 58.95
N PRO BB 33 -43.41 19.09 58.43
CA PRO BB 33 -43.76 17.72 58.06
C PRO BB 33 -44.08 16.79 59.23
N LYS BB 34 -44.36 15.53 58.89
CA LYS BB 34 -45.04 14.57 59.77
C LYS BB 34 -44.29 14.29 61.08
N MET CB 1 -40.18 41.28 73.59
CA MET CB 1 -39.56 40.54 74.69
C MET CB 1 -39.91 39.05 74.55
N THR CB 2 -38.93 38.18 74.86
CA THR CB 2 -39.03 36.72 74.76
C THR CB 2 -39.37 36.31 73.31
N LYS CB 3 -38.38 36.52 72.43
CA LYS CB 3 -38.45 36.27 70.98
C LYS CB 3 -38.54 34.80 70.60
N LEU CB 4 -38.73 33.84 71.50
CA LEU CB 4 -38.69 32.42 71.20
C LEU CB 4 -40.05 31.90 70.74
N GLY CB 5 -40.87 32.76 70.13
CA GLY CB 5 -42.22 32.39 69.77
C GLY CB 5 -42.38 31.29 68.73
N PHE CB 6 -42.13 31.60 67.45
CA PHE CB 6 -42.38 30.66 66.37
C PHE CB 6 -41.20 29.72 66.10
N LEU CB 7 -40.37 29.47 67.11
CA LEU CB 7 -39.32 28.47 67.03
C LEU CB 7 -39.40 27.45 68.17
N ARG CB 8 -40.50 27.45 68.93
CA ARG CB 8 -40.85 26.32 69.76
C ARG CB 8 -41.12 25.08 68.89
N LEU CB 9 -41.09 23.93 69.55
CA LEU CB 9 -41.23 22.64 68.87
C LEU CB 9 -42.67 22.42 68.39
N SER CB 10 -42.98 23.16 67.34
CA SER CB 10 -44.31 23.11 66.74
C SER CB 10 -44.41 21.91 65.82
N TYR CB 11 -45.67 21.54 65.54
CA TYR CB 11 -46.26 20.34 64.93
C TYR CB 11 -46.31 19.22 65.95
N GLU CB 12 -45.64 19.35 67.09
CA GLU CB 12 -45.70 18.37 68.16
C GLU CB 12 -46.25 19.02 69.42
N LYS CB 13 -45.63 20.13 69.81
CA LYS CB 13 -46.00 20.79 71.05
C LYS CB 13 -46.66 22.14 70.86
N GLN CB 14 -46.05 23.05 70.11
CA GLN CB 14 -46.67 24.35 69.90
C GLN CB 14 -47.91 24.25 69.03
N ASP CB 15 -47.98 23.18 68.23
CA ASP CB 15 -49.23 22.61 67.75
C ASP CB 15 -50.30 22.61 68.83
N THR CB 16 -49.99 22.03 69.98
CA THR CB 16 -51.00 21.92 71.02
C THR CB 16 -51.17 23.25 71.75
N LEU CB 17 -50.11 24.07 71.83
CA LEU CB 17 -50.22 25.44 72.30
C LEU CB 17 -51.23 26.26 71.51
N LEU CB 18 -51.36 25.99 70.23
CA LEU CB 18 -52.30 26.74 69.42
C LEU CB 18 -53.66 26.07 69.37
N LYS CB 19 -53.64 24.74 69.38
CA LYS CB 19 -54.81 23.89 69.53
C LYS CB 19 -55.68 24.34 70.70
N LEU CB 20 -55.14 24.23 71.91
CA LEU CB 20 -55.92 24.52 73.10
C LEU CB 20 -56.19 26.01 73.23
N LEU CB 21 -55.42 26.85 72.54
CA LEU CB 21 -55.74 28.26 72.44
C LEU CB 21 -57.07 28.45 71.71
N ILE CB 22 -57.22 27.81 70.56
CA ILE CB 22 -58.47 27.94 69.82
C ILE CB 22 -59.59 27.23 70.57
N LEU CB 23 -59.31 26.05 71.12
CA LEU CB 23 -60.32 25.36 71.92
C LEU CB 23 -60.68 26.09 73.20
N SER CB 24 -59.87 27.07 73.62
CA SER CB 24 -60.36 28.03 74.59
C SER CB 24 -61.25 29.05 73.93
N MET CB 25 -60.68 29.89 73.08
CA MET CB 25 -61.39 31.14 72.80
C MET CB 25 -62.49 30.97 71.75
N ALA CB 26 -62.46 29.91 70.95
CA ALA CB 26 -63.62 29.55 70.16
C ALA CB 26 -64.78 29.11 71.01
N ALA CB 27 -64.52 28.30 72.04
CA ALA CB 27 -65.60 27.88 72.93
C ALA CB 27 -66.10 29.04 73.78
N VAL CB 28 -65.25 30.04 73.96
CA VAL CB 28 -65.70 31.29 74.57
C VAL CB 28 -66.81 31.91 73.74
N LEU CB 29 -66.65 31.87 72.43
CA LEU CB 29 -67.58 32.52 71.53
C LEU CB 29 -69.01 32.03 71.57
N SER CB 30 -69.25 30.73 71.61
CA SER CB 30 -70.64 30.32 71.63
C SER CB 30 -71.38 30.80 72.86
N PHE CB 31 -70.81 30.57 74.03
CA PHE CB 31 -71.49 30.97 75.25
C PHE CB 31 -71.63 32.47 75.36
N SER CB 32 -70.57 33.16 74.98
CA SER CB 32 -70.58 34.61 75.03
C SER CB 32 -71.62 35.20 74.11
N THR CB 33 -71.74 34.65 72.91
CA THR CB 33 -72.67 35.19 71.93
C THR CB 33 -74.13 35.11 72.31
N ARG CB 34 -74.56 34.00 72.90
CA ARG CB 34 -75.97 33.88 73.21
C ARG CB 34 -76.43 34.98 74.14
N LEU CB 35 -75.49 35.68 74.77
CA LEU CB 35 -75.79 36.32 76.04
C LEU CB 35 -76.51 37.64 75.87
N PHE CB 36 -76.37 38.29 74.72
CA PHE CB 36 -76.86 39.67 74.69
C PHE CB 36 -78.36 39.75 74.45
N ALA CB 37 -79.01 38.62 74.20
CA ALA CB 37 -80.46 38.62 74.20
C ALA CB 37 -81.00 38.81 75.62
N VAL CB 38 -80.30 38.28 76.62
CA VAL CB 38 -80.72 38.49 78.00
C VAL CB 38 -79.93 39.61 78.67
N LEU CB 39 -78.77 39.98 78.13
CA LEU CB 39 -78.08 41.17 78.60
C LEU CB 39 -78.82 42.41 78.19
N ARG CB 40 -79.38 42.39 76.97
CA ARG CB 40 -80.10 43.52 76.43
C ARG CB 40 -81.35 43.80 77.26
N PHE CB 41 -82.23 42.82 77.40
CA PHE CB 41 -83.38 43.06 78.26
C PHE CB 41 -83.45 42.17 79.49
N GLU CB 42 -83.59 40.86 79.32
CA GLU CB 42 -84.27 40.04 80.33
C GLU CB 42 -83.38 39.68 81.52
N SER CB 43 -83.87 38.76 82.32
CA SER CB 43 -83.10 38.03 83.32
C SER CB 43 -83.29 36.52 83.22
N VAL CB 44 -84.49 36.04 82.88
CA VAL CB 44 -84.76 34.62 83.10
C VAL CB 44 -85.21 33.84 81.86
N ILE CB 45 -86.36 34.13 81.28
CA ILE CB 45 -86.92 33.24 80.24
C ILE CB 45 -87.55 34.09 79.15
N HIS CB 46 -87.15 33.83 77.90
CA HIS CB 46 -87.65 34.59 76.78
C HIS CB 46 -88.98 34.05 76.27
N GLU CB 47 -88.97 32.82 75.78
CA GLU CB 47 -90.14 32.29 75.11
C GLU CB 47 -91.18 31.82 76.11
N PHE CB 48 -92.35 31.50 75.59
CA PHE CB 48 -93.39 30.98 76.46
C PHE CB 48 -93.11 29.53 76.81
N ASP CB 49 -92.34 28.84 75.96
CA ASP CB 49 -92.11 27.42 76.14
C ASP CB 49 -91.33 27.03 77.41
N PRO CB 50 -90.26 27.72 77.86
CA PRO CB 50 -89.50 27.17 78.99
C PRO CB 50 -90.21 27.22 80.34
N TYR CB 51 -91.41 27.79 80.44
CA TYR CB 51 -92.09 27.89 81.72
C TYR CB 51 -92.56 26.52 82.20
N PHE CB 52 -93.24 25.78 81.32
CA PHE CB 52 -93.72 24.45 81.66
C PHE CB 52 -92.58 23.50 81.97
N ASN CB 53 -91.47 23.68 81.30
CA ASN CB 53 -90.27 22.95 81.67
C ASN CB 53 -89.69 23.40 82.98
N TYR CB 54 -89.68 24.71 83.23
CA TYR CB 54 -89.03 25.26 84.40
C TYR CB 54 -89.75 24.89 85.68
N ARG CB 55 -91.07 24.78 85.60
CA ARG CB 55 -91.88 24.40 86.75
C ARG CB 55 -91.49 23.03 87.26
N THR CB 56 -91.57 22.03 86.40
CA THR CB 56 -91.17 20.70 86.78
C THR CB 56 -89.67 20.59 87.00
N THR CB 57 -88.87 21.47 86.40
CA THR CB 57 -87.44 21.48 86.63
C THR CB 57 -87.12 21.81 88.07
N ARG CB 58 -87.72 22.89 88.57
CA ARG CB 58 -87.48 23.17 89.98
C ARG CB 58 -88.25 22.22 90.88
N PHE CB 59 -89.29 21.56 90.36
CA PHE CB 59 -89.94 20.53 91.16
C PHE CB 59 -89.00 19.37 91.42
N LEU CB 60 -88.40 18.81 90.37
CA LEU CB 60 -87.53 17.65 90.51
C LEU CB 60 -86.17 17.97 91.12
N ALA CB 61 -85.99 19.16 91.68
CA ALA CB 61 -84.96 19.37 92.68
C ALA CB 61 -85.53 19.75 94.04
N GLU CB 62 -86.78 20.20 94.07
CA GLU CB 62 -87.42 20.42 95.38
C GLU CB 62 -87.80 19.11 96.05
N GLU CB 63 -88.77 18.41 95.49
CA GLU CB 63 -89.36 17.27 96.17
C GLU CB 63 -89.30 15.99 95.37
N GLY CB 64 -89.49 16.08 94.05
CA GLY CB 64 -89.43 14.89 93.23
C GLY CB 64 -88.01 14.39 93.03
N PHE CB 65 -87.88 13.10 92.74
CA PHE CB 65 -86.56 12.50 92.50
C PHE CB 65 -86.75 11.23 91.68
N TYR CB 66 -86.28 11.26 90.43
CA TYR CB 66 -86.86 10.48 89.34
C TYR CB 66 -86.79 8.97 89.55
N LYS CB 67 -85.69 8.46 90.12
CA LYS CB 67 -85.54 7.02 90.32
C LYS CB 67 -86.48 6.52 91.39
N PHE CB 68 -86.79 7.37 92.36
CA PHE CB 68 -87.68 7.01 93.45
C PHE CB 68 -88.95 7.85 93.42
N HIS CB 69 -89.13 8.71 92.42
CA HIS CB 69 -90.32 9.56 92.34
C HIS CB 69 -90.49 10.03 90.90
N ASN CB 70 -91.37 9.38 90.17
CA ASN CB 70 -92.11 10.11 89.17
C ASN CB 70 -93.33 10.74 89.83
N TRP CB 71 -94.20 11.32 89.03
CA TRP CB 71 -95.01 12.40 89.57
C TRP CB 71 -96.35 12.51 88.85
N PHE CB 72 -97.38 12.91 89.60
CA PHE CB 72 -98.71 13.19 89.06
C PHE CB 72 -99.17 14.58 89.47
N ASP CB 73 -99.85 15.25 88.55
CA ASP CB 73 -100.46 16.55 88.82
C ASP CB 73 -101.93 16.57 88.46
N ASP CB 74 -102.70 17.23 89.31
CA ASP CB 74 -104.04 17.68 89.02
C ASP CB 74 -104.11 19.19 88.79
N ARG CB 75 -103.01 19.90 89.02
CA ARG CB 75 -102.93 21.33 88.80
C ARG CB 75 -103.13 21.70 87.33
N ALA CB 76 -102.69 20.86 86.41
CA ALA CB 76 -102.89 21.11 85.00
C ALA CB 76 -104.04 20.27 84.47
N TRP CB 77 -104.69 20.79 83.43
CA TRP CB 77 -105.71 20.09 82.64
C TRP CB 77 -106.88 19.63 83.51
N TYR CB 78 -107.59 20.61 84.03
CA TYR CB 78 -108.80 20.22 84.73
C TYR CB 78 -109.87 19.80 83.73
N PRO CB 79 -110.57 18.69 83.94
CA PRO CB 79 -110.40 17.73 85.05
C PRO CB 79 -109.57 16.51 84.69
N LEU CB 80 -108.83 16.58 83.58
CA LEU CB 80 -108.19 15.37 83.06
C LEU CB 80 -106.80 15.15 83.66
N GLY CB 81 -105.92 16.12 83.45
CA GLY CB 81 -104.57 16.06 83.98
C GLY CB 81 -103.59 15.38 83.05
N ARG CB 82 -102.32 15.76 83.15
CA ARG CB 82 -101.28 15.17 82.34
C ARG CB 82 -100.06 14.94 83.20
N ILE CB 83 -99.38 13.83 83.00
CA ILE CB 83 -98.20 13.55 83.81
C ILE CB 83 -97.12 12.77 83.07
N ILE CB 84 -95.89 12.93 83.55
CA ILE CB 84 -94.71 12.28 83.00
C ILE CB 84 -94.95 11.00 82.19
N GLY CB 85 -96.19 10.52 82.12
CA GLY CB 85 -96.58 9.69 80.99
C GLY CB 85 -96.43 10.41 79.66
N GLY CB 86 -96.77 11.70 79.62
CA GLY CB 86 -96.38 12.59 78.55
C GLY CB 86 -95.10 13.28 78.95
N THR CB 87 -94.79 14.40 78.29
CA THR CB 87 -93.51 15.12 78.35
C THR CB 87 -92.31 14.18 78.28
N LEU CB 88 -92.13 13.63 77.08
CA LEU CB 88 -90.92 12.93 76.65
C LEU CB 88 -89.67 13.71 77.00
N TYR CB 89 -88.86 13.15 77.89
CA TYR CB 89 -87.54 13.68 78.08
C TYR CB 89 -87.37 14.45 79.36
N PRO CB 90 -86.82 13.79 80.36
CA PRO CB 90 -86.25 14.49 81.52
C PRO CB 90 -84.78 14.82 81.36
N GLY CB 91 -84.23 14.57 80.16
CA GLY CB 91 -82.82 14.80 79.93
C GLY CB 91 -82.42 16.25 80.07
N LEU CB 92 -83.32 17.17 79.75
CA LEU CB 92 -83.14 18.55 80.19
C LEU CB 92 -83.16 18.64 81.69
N MET CB 93 -84.19 18.07 82.29
CA MET CB 93 -84.48 18.33 83.69
C MET CB 93 -83.50 17.65 84.60
N ILE CB 94 -83.12 16.42 84.28
CA ILE CB 94 -82.17 15.74 85.13
C ILE CB 94 -80.81 16.39 84.99
N THR CB 95 -80.52 16.96 83.83
CA THR CB 95 -79.29 17.71 83.66
C THR CB 95 -79.27 18.94 84.56
N SER CB 96 -80.34 19.72 84.53
CA SER CB 96 -80.39 20.95 85.32
C SER CB 96 -80.42 20.65 86.81
N ALA CB 97 -81.20 19.66 87.22
CA ALA CB 97 -81.28 19.30 88.62
C ALA CB 97 -80.00 18.61 89.08
N ALA CB 98 -79.25 18.02 88.17
CA ALA CB 98 -77.94 17.51 88.56
C ALA CB 98 -76.96 18.65 88.75
N ILE CB 99 -77.03 19.64 87.87
CA ILE CB 99 -76.11 20.78 87.95
C ILE CB 99 -76.35 21.56 89.23
N TYR CB 100 -77.60 21.70 89.66
CA TYR CB 100 -77.76 22.26 91.01
C TYR CB 100 -78.20 21.21 92.02
N HIS CB 101 -77.78 19.97 91.81
CA HIS CB 101 -77.31 19.19 92.95
C HIS CB 101 -75.88 19.55 93.26
N VAL CB 102 -75.05 19.64 92.23
CA VAL CB 102 -73.62 19.81 92.47
C VAL CB 102 -73.29 21.25 92.81
N LEU CB 103 -73.51 22.16 91.88
CA LEU CB 103 -73.11 23.56 92.07
C LEU CB 103 -73.92 24.26 93.14
N HIS CB 104 -75.08 23.71 93.48
CA HIS CB 104 -75.83 24.24 94.60
C HIS CB 104 -75.28 23.72 95.92
N PHE CB 105 -74.73 22.50 95.90
CA PHE CB 105 -73.91 22.04 97.02
C PHE CB 105 -72.66 22.87 97.14
N PHE CB 106 -72.17 23.40 96.03
CA PHE CB 106 -71.09 24.37 96.05
C PHE CB 106 -71.60 25.80 95.97
N HIS CB 107 -72.93 25.99 95.89
CA HIS CB 107 -73.60 27.22 96.33
C HIS CB 107 -73.23 28.49 95.55
N ASP CB 111 -79.82 31.37 92.44
CA ASP CB 111 -79.09 30.24 91.90
C ASP CB 111 -79.95 29.53 90.87
N ILE CB 112 -81.17 29.17 91.29
CA ILE CB 112 -82.10 28.41 90.45
C ILE CB 112 -82.56 29.25 89.27
N ARG CB 113 -82.54 30.57 89.46
CA ARG CB 113 -82.55 31.49 88.32
C ARG CB 113 -81.45 31.14 87.35
N ASN CB 114 -80.22 31.18 87.81
CA ASN CB 114 -79.04 31.03 86.99
C ASN CB 114 -78.85 29.61 86.48
N VAL CB 115 -79.74 28.63 86.59
CA VAL CB 115 -79.46 27.30 86.07
C VAL CB 115 -80.27 26.94 84.84
N CYS CB 116 -81.43 27.55 84.62
CA CYS CB 116 -82.14 27.29 83.39
C CYS CB 116 -81.88 28.36 82.35
N VAL CB 117 -81.38 29.51 82.76
CA VAL CB 117 -81.09 30.55 81.79
C VAL CB 117 -79.64 30.47 81.35
N PHE CB 118 -78.72 30.10 82.22
CA PHE CB 118 -77.32 30.01 81.83
C PHE CB 118 -76.99 28.72 81.13
N LEU CB 119 -77.94 27.80 81.08
CA LEU CB 119 -77.67 26.44 80.64
C LEU CB 119 -77.32 26.39 79.17
N ALA CB 120 -78.11 27.06 78.35
CA ALA CB 120 -77.94 26.97 76.90
C ALA CB 120 -76.58 27.45 76.39
N PRO CB 121 -76.04 28.52 76.98
CA PRO CB 121 -74.72 29.01 76.59
C PRO CB 121 -73.75 27.90 76.89
N LEU CB 122 -73.99 27.22 78.02
CA LEU CB 122 -73.17 26.10 78.44
C LEU CB 122 -73.25 24.97 77.43
N PHE CB 123 -74.45 24.73 76.93
CA PHE CB 123 -74.67 23.68 75.95
C PHE CB 123 -73.87 24.01 74.70
N SER CB 124 -73.93 25.27 74.27
CA SER CB 124 -73.22 25.67 73.08
C SER CB 124 -71.73 25.48 73.27
N SER CB 125 -71.22 25.87 74.43
CA SER CB 125 -69.79 25.73 74.65
C SER CB 125 -69.39 24.27 74.60
N PHE CB 126 -70.18 23.43 75.25
CA PHE CB 126 -69.87 22.01 75.26
C PHE CB 126 -69.96 21.40 73.88
N THR CB 127 -70.97 21.81 73.15
CA THR CB 127 -71.18 21.25 71.81
C THR CB 127 -70.09 21.70 70.85
N THR CB 128 -69.59 22.92 71.02
CA THR CB 128 -68.52 23.32 70.13
C THR CB 128 -67.20 22.67 70.49
N ILE CB 129 -67.11 21.96 71.61
CA ILE CB 129 -65.93 21.19 71.87
C ILE CB 129 -66.13 19.71 71.56
N VAL CB 130 -67.39 19.23 71.54
CA VAL CB 130 -67.57 17.86 71.06
C VAL CB 130 -67.55 17.80 69.55
N THR CB 131 -67.88 18.90 68.87
CA THR CB 131 -67.79 18.87 67.43
C THR CB 131 -66.33 18.85 66.97
N TYR CB 132 -65.41 19.33 67.81
CA TYR CB 132 -64.01 19.27 67.44
C TYR CB 132 -63.50 17.85 67.48
N HIS CB 133 -63.79 17.15 68.58
CA HIS CB 133 -63.39 15.75 68.68
C HIS CB 133 -64.13 14.89 67.67
N LEU CB 134 -65.30 15.31 67.23
CA LEU CB 134 -65.90 14.64 66.08
C LEU CB 134 -65.09 14.87 64.83
N THR CB 135 -64.91 16.12 64.47
CA THR CB 135 -64.28 16.46 63.21
C THR CB 135 -62.80 16.18 63.17
N LYS CB 136 -62.17 15.81 64.29
CA LYS CB 136 -60.83 15.27 64.21
C LYS CB 136 -60.83 13.98 63.41
N GLU CB 137 -61.86 13.17 63.60
CA GLU CB 137 -61.93 11.84 63.04
C GLU CB 137 -62.18 11.80 61.55
N LEU CB 138 -62.44 12.94 60.91
CA LEU CB 138 -63.01 12.88 59.56
C LEU CB 138 -61.97 13.16 58.50
N LYS CB 139 -61.42 14.37 58.53
CA LYS CB 139 -60.23 14.71 57.78
C LYS CB 139 -59.05 14.87 58.70
N ASP CB 140 -59.17 15.72 59.70
CA ASP CB 140 -57.99 16.18 60.38
C ASP CB 140 -58.42 16.81 61.68
N ALA CB 141 -57.49 16.82 62.63
CA ALA CB 141 -57.58 17.76 63.73
C ALA CB 141 -57.60 19.19 63.21
N GLY CB 142 -56.85 19.46 62.14
CA GLY CB 142 -56.92 20.73 61.44
C GLY CB 142 -58.24 21.00 60.76
N ALA CB 143 -59.03 19.97 60.49
CA ALA CB 143 -60.33 20.23 59.88
C ALA CB 143 -61.30 20.79 60.90
N GLY CB 144 -61.23 20.32 62.13
CA GLY CB 144 -62.18 20.78 63.11
C GLY CB 144 -61.89 22.13 63.68
N LEU CB 145 -60.64 22.59 63.59
CA LEU CB 145 -60.30 23.84 64.25
C LEU CB 145 -60.90 25.04 63.55
N LEU CB 146 -61.33 24.91 62.31
CA LEU CB 146 -62.24 25.89 61.77
C LEU CB 146 -63.69 25.44 61.86
N ALA CB 147 -63.92 24.15 62.03
CA ALA CB 147 -65.30 23.68 62.11
C ALA CB 147 -65.93 23.95 63.46
N ALA CB 148 -65.14 23.97 64.53
CA ALA CB 148 -65.70 24.18 65.85
C ALA CB 148 -66.23 25.58 66.01
N ALA CB 149 -65.53 26.56 65.45
CA ALA CB 149 -66.04 27.91 65.41
C ALA CB 149 -67.32 28.01 64.61
N MET CB 150 -67.49 27.14 63.61
CA MET CB 150 -68.67 27.22 62.77
C MET CB 150 -69.94 26.90 63.54
N ILE CB 151 -69.97 25.79 64.28
CA ILE CB 151 -71.16 25.60 65.11
C ILE CB 151 -71.11 26.44 66.37
N ALA CB 152 -69.97 27.03 66.69
CA ALA CB 152 -69.96 27.98 67.78
C ALA CB 152 -70.76 29.22 67.43
N VAL CB 153 -70.67 29.69 66.18
CA VAL CB 153 -71.44 30.86 65.80
C VAL CB 153 -72.29 30.67 64.56
N VAL CB 154 -72.84 29.48 64.32
CA VAL CB 154 -73.92 29.47 63.34
C VAL CB 154 -75.15 30.08 64.00
N PRO CB 155 -75.63 31.21 63.49
CA PRO CB 155 -76.55 32.03 64.30
C PRO CB 155 -77.93 31.43 64.45
N GLY CB 156 -78.36 30.50 63.60
CA GLY CB 156 -79.67 29.92 63.79
C GLY CB 156 -79.70 28.89 64.91
N TYR CB 157 -78.65 28.08 64.98
CA TYR CB 157 -78.45 27.21 66.13
C TYR CB 157 -78.28 28.01 67.41
N ILE CB 158 -77.67 29.20 67.32
CA ILE CB 158 -77.69 30.12 68.44
C ILE CB 158 -79.11 30.55 68.71
N SER CB 159 -79.88 30.75 67.67
CA SER CB 159 -81.15 31.44 67.78
C SER CB 159 -82.17 30.59 68.49
N ARG CB 160 -82.20 29.31 68.19
CA ARG CB 160 -83.20 28.48 68.81
C ARG CB 160 -82.73 27.93 70.15
N SER CB 161 -81.52 28.26 70.56
CA SER CB 161 -81.07 27.98 71.93
C SER CB 161 -80.24 29.17 72.41
N VAL CB 162 -80.92 30.19 72.91
CA VAL CB 162 -80.28 31.44 73.27
C VAL CB 162 -80.16 31.48 74.80
N ALA CB 163 -79.42 32.46 75.30
CA ALA CB 163 -79.31 32.63 76.74
C ALA CB 163 -80.66 33.08 77.30
N GLY CB 164 -81.40 32.14 77.87
CA GLY CB 164 -82.83 32.30 78.08
C GLY CB 164 -83.65 31.23 77.43
N SER CB 165 -83.04 30.26 76.77
CA SER CB 165 -83.77 29.16 76.20
C SER CB 165 -83.69 27.98 77.16
N TYR CB 166 -84.75 27.18 77.17
CA TYR CB 166 -84.75 25.92 77.89
C TYR CB 166 -85.63 24.92 77.16
N ASP CB 167 -85.55 24.87 75.83
CA ASP CB 167 -86.45 24.08 75.04
C ASP CB 167 -86.16 22.59 75.22
N ASN CB 168 -87.17 21.75 74.91
CA ASN CB 168 -87.03 20.31 75.03
C ASN CB 168 -86.00 19.74 74.07
N GLU CB 169 -85.75 20.44 72.98
CA GLU CB 169 -84.67 20.14 72.08
C GLU CB 169 -83.47 21.05 72.37
N GLY CB 170 -83.42 21.61 73.58
CA GLY CB 170 -82.35 22.53 73.90
C GLY CB 170 -81.00 21.86 74.04
N ILE CB 171 -80.97 20.56 74.34
CA ILE CB 171 -79.70 19.85 74.49
C ILE CB 171 -79.71 18.52 73.78
N ALA CB 172 -80.79 18.31 73.03
CA ALA CB 172 -80.98 17.15 72.21
C ALA CB 172 -79.91 17.24 71.15
N ILE CB 173 -79.63 18.44 70.67
CA ILE CB 173 -78.62 18.63 69.65
C ILE CB 173 -77.26 18.18 70.15
N PHE CB 174 -76.93 18.52 71.40
CA PHE CB 174 -75.65 18.11 71.92
C PHE CB 174 -75.58 16.60 71.96
N CYS CB 175 -76.63 15.95 72.43
CA CYS CB 175 -76.62 14.50 72.51
C CYS CB 175 -76.47 13.89 71.12
N MET CB 176 -77.19 14.45 70.16
CA MET CB 176 -77.15 13.92 68.81
C MET CB 176 -75.76 14.05 68.23
N LEU CB 177 -75.13 15.19 68.44
CA LEU CB 177 -73.79 15.38 67.92
C LEU CB 177 -72.83 14.44 68.60
N LEU CB 178 -73.00 14.32 69.90
CA LEU CB 178 -72.17 13.44 70.70
C LEU CB 178 -72.37 12.03 70.24
N THR CB 179 -73.61 11.61 70.01
CA THR CB 179 -73.69 10.23 69.57
C THR CB 179 -73.00 10.00 68.24
N TYR CB 180 -72.60 11.03 67.52
CA TYR CB 180 -71.87 10.72 66.31
C TYR CB 180 -70.37 10.58 66.58
N TYR CB 181 -69.85 11.36 67.54
CA TYR CB 181 -68.56 11.01 68.12
C TYR CB 181 -68.63 9.63 68.71
N MET CB 182 -69.74 9.31 69.35
CA MET CB 182 -70.02 7.96 69.79
C MET CB 182 -70.66 7.13 68.72
N TRP CB 183 -70.38 7.38 67.49
CA TRP CB 183 -70.57 6.28 66.55
C TRP CB 183 -69.43 6.11 65.59
N ILE CB 184 -68.68 7.17 65.31
CA ILE CB 184 -67.97 7.21 64.05
C ILE CB 184 -66.56 6.67 64.13
N LYS CB 185 -65.96 6.63 65.32
CA LYS CB 185 -64.76 5.83 65.47
C LYS CB 185 -65.04 4.53 66.20
N ALA CB 186 -66.32 4.20 66.38
CA ALA CB 186 -66.71 2.82 66.60
C ALA CB 186 -66.86 2.10 65.28
N VAL CB 187 -67.42 2.79 64.29
CA VAL CB 187 -67.41 2.25 62.94
C VAL CB 187 -65.99 2.17 62.40
N LYS CB 188 -65.19 3.20 62.67
CA LYS CB 188 -63.83 3.23 62.14
C LYS CB 188 -62.95 2.24 62.87
N THR CB 189 -63.25 1.97 64.12
CA THR CB 189 -62.50 1.01 64.92
C THR CB 189 -63.50 0.24 65.76
N GLY CB 190 -63.69 -1.04 65.46
CA GLY CB 190 -64.66 -1.81 66.20
C GLY CB 190 -64.24 -2.11 67.63
N SER CB 191 -64.20 -1.08 68.46
CA SER CB 191 -63.82 -1.17 69.86
C SER CB 191 -65.11 -1.12 70.67
N ILE CB 192 -65.38 -2.20 71.38
CA ILE CB 192 -66.75 -2.53 71.72
C ILE CB 192 -67.04 -2.20 73.17
N TYR CB 193 -66.00 -2.18 74.03
CA TYR CB 193 -66.04 -1.36 75.22
C TYR CB 193 -66.41 0.06 74.86
N TRP CB 194 -65.75 0.55 73.83
CA TRP CB 194 -65.96 1.92 73.42
C TRP CB 194 -67.33 2.08 72.76
N ALA CB 195 -67.80 1.02 72.07
CA ALA CB 195 -69.14 1.04 71.50
C ALA CB 195 -70.22 0.87 72.58
N ALA CB 196 -69.86 0.26 73.70
CA ALA CB 196 -70.77 0.24 74.83
C ALA CB 196 -70.91 1.62 75.42
N LYS CB 197 -69.78 2.34 75.47
CA LYS CB 197 -69.83 3.74 75.87
C LYS CB 197 -70.65 4.55 74.88
N CYS CB 198 -70.65 4.14 73.62
CA CYS CB 198 -71.48 4.77 72.61
C CYS CB 198 -72.97 4.62 72.89
N ALA CB 199 -73.42 3.39 73.13
CA ALA CB 199 -74.83 3.21 73.41
C ALA CB 199 -75.25 3.83 74.73
N LEU CB 200 -74.34 3.83 75.72
CA LEU CB 200 -74.61 4.50 76.98
C LEU CB 200 -74.74 6.00 76.78
N ALA CB 201 -74.02 6.54 75.81
CA ALA CB 201 -74.24 7.92 75.43
C ALA CB 201 -75.54 8.10 74.65
N TYR CB 202 -75.91 7.13 73.83
CA TYR CB 202 -77.15 7.20 73.05
C TYR CB 202 -78.37 7.32 73.94
N PHE CB 203 -78.31 6.69 75.11
CA PHE CB 203 -79.43 6.77 76.04
C PHE CB 203 -79.72 8.21 76.47
N TYR CB 204 -78.69 9.03 76.51
CA TYR CB 204 -78.85 10.42 76.89
C TYR CB 204 -79.61 11.20 75.83
N MET CB 205 -79.37 10.92 74.56
CA MET CB 205 -80.21 11.49 73.51
C MET CB 205 -81.62 10.95 73.60
N VAL CB 206 -81.75 9.63 73.75
CA VAL CB 206 -83.05 8.99 73.57
C VAL CB 206 -83.96 9.34 74.73
N SER CB 207 -83.40 9.85 75.81
CA SER CB 207 -84.18 10.61 76.76
C SER CB 207 -84.81 11.84 76.14
N SER CB 208 -83.98 12.83 75.79
CA SER CB 208 -84.39 14.22 75.75
C SER CB 208 -85.45 14.59 74.71
N TRP CB 209 -85.13 14.53 73.43
CA TRP CB 209 -86.09 14.92 72.41
C TRP CB 209 -86.28 13.80 71.41
N GLY CB 210 -87.51 13.63 70.96
CA GLY CB 210 -87.82 12.69 69.91
C GLY CB 210 -87.24 13.06 68.56
N GLY CB 211 -85.93 13.06 68.44
CA GLY CB 211 -85.29 13.03 67.15
C GLY CB 211 -84.61 11.72 66.93
N TYR CB 212 -84.66 10.87 67.95
CA TYR CB 212 -84.14 9.54 67.78
C TYR CB 212 -85.02 8.69 66.90
N VAL CB 213 -86.30 9.04 66.79
CA VAL CB 213 -87.10 8.48 65.72
C VAL CB 213 -86.51 8.88 64.37
N PHE CB 214 -85.95 10.08 64.29
CA PHE CB 214 -85.03 10.42 63.21
C PHE CB 214 -83.78 9.56 63.21
N LEU CB 215 -83.15 9.35 64.37
CA LEU CB 215 -81.81 8.77 64.39
C LEU CB 215 -81.83 7.32 63.98
N ILE CB 216 -82.86 6.59 64.40
CA ILE CB 216 -83.00 5.21 63.95
C ILE CB 216 -83.69 5.19 62.59
N ASN CB 217 -84.17 6.34 62.12
CA ASN CB 217 -84.38 6.48 60.69
C ASN CB 217 -83.05 6.66 59.98
N LEU CB 218 -82.04 7.15 60.69
CA LEU CB 218 -80.75 7.43 60.09
C LEU CB 218 -79.81 6.24 60.16
N ILE CB 219 -79.50 5.79 61.38
CA ILE CB 219 -78.37 4.89 61.61
C ILE CB 219 -78.47 3.57 60.87
N PRO CB 220 -79.58 2.80 60.95
CA PRO CB 220 -79.59 1.54 60.21
C PRO CB 220 -79.71 1.72 58.70
N LEU CB 221 -80.45 2.72 58.24
CA LEU CB 221 -80.63 2.84 56.80
C LEU CB 221 -79.35 3.32 56.12
N HIS CB 222 -78.54 4.10 56.84
CA HIS CB 222 -77.13 4.27 56.48
C HIS CB 222 -76.44 2.94 56.27
N VAL CB 223 -76.60 2.04 57.24
CA VAL CB 223 -76.14 0.67 57.16
C VAL CB 223 -76.70 -0.01 55.90
N LEU CB 224 -77.95 0.30 55.55
CA LEU CB 224 -78.54 -0.20 54.31
C LEU CB 224 -77.75 0.26 53.10
N VAL CB 225 -77.27 1.51 53.13
CA VAL CB 225 -76.39 2.04 52.11
C VAL CB 225 -75.13 1.21 52.00
N LEU CB 226 -74.60 0.77 53.14
CA LEU CB 226 -73.42 -0.07 53.11
C LEU CB 226 -73.69 -1.48 52.64
N MET CB 227 -74.94 -1.87 52.38
CA MET CB 227 -75.14 -3.03 51.52
C MET CB 227 -74.73 -2.71 50.11
N LEU CB 228 -75.29 -1.64 49.56
CA LEU CB 228 -75.23 -1.44 48.13
C LEU CB 228 -73.88 -0.95 47.67
N THR CB 229 -73.20 -0.16 48.49
CA THR CB 229 -71.81 0.14 48.20
C THR CB 229 -70.92 -1.05 48.52
N GLY CB 230 -71.43 -1.98 49.30
CA GLY CB 230 -70.73 -3.21 49.59
C GLY CB 230 -69.51 -3.04 50.47
N ARG CB 231 -69.51 -2.07 51.35
CA ARG CB 231 -68.31 -1.86 52.14
C ARG CB 231 -68.46 -2.34 53.57
N PHE CB 232 -69.11 -3.48 53.76
CA PHE CB 232 -69.16 -4.14 55.07
C PHE CB 232 -67.79 -4.50 55.61
N SER CB 233 -67.75 -4.73 56.91
CA SER CB 233 -66.65 -5.44 57.52
C SER CB 233 -67.22 -6.11 58.76
N HIS CB 234 -66.33 -6.68 59.55
CA HIS CB 234 -66.69 -6.88 60.95
C HIS CB 234 -66.83 -5.53 61.62
N ARG CB 235 -65.84 -4.65 61.45
CA ARG CB 235 -65.75 -3.45 62.27
C ARG CB 235 -66.81 -2.41 61.95
N ILE CB 236 -67.69 -2.67 60.98
CA ILE CB 236 -69.00 -2.04 60.98
C ILE CB 236 -69.94 -2.81 61.88
N TYR CB 237 -69.95 -4.13 61.74
CA TYR CB 237 -71.00 -4.98 62.28
C TYR CB 237 -70.90 -5.12 63.79
N VAL CB 238 -69.68 -5.33 64.27
CA VAL CB 238 -69.40 -5.59 65.66
C VAL CB 238 -69.70 -4.36 66.50
N ALA CB 239 -69.52 -3.16 65.93
CA ALA CB 239 -69.94 -1.95 66.62
C ALA CB 239 -71.42 -1.68 66.44
N TYR CB 240 -72.00 -2.05 65.30
CA TYR CB 240 -73.39 -1.71 65.04
C TYR CB 240 -74.37 -2.53 65.85
N CYS CB 241 -74.06 -3.78 66.14
CA CYS CB 241 -75.01 -4.61 66.87
C CYS CB 241 -75.22 -4.12 68.29
N THR CB 242 -74.17 -3.56 68.89
CA THR CB 242 -74.20 -3.13 70.28
C THR CB 242 -75.17 -1.99 70.48
N VAL CB 243 -74.92 -0.86 69.82
CA VAL CB 243 -75.71 0.33 70.03
C VAL CB 243 -77.11 0.15 69.46
N TYR CB 244 -77.28 -0.78 68.52
CA TYR CB 244 -78.63 -1.15 68.15
C TYR CB 244 -79.33 -1.85 69.31
N CYS CB 245 -78.88 -3.05 69.65
CA CYS CB 245 -79.69 -3.93 70.49
C CYS CB 245 -79.72 -3.49 71.93
N LEU CB 246 -78.59 -3.07 72.47
CA LEU CB 246 -78.58 -2.49 73.80
C LEU CB 246 -79.34 -1.17 73.85
N GLY CB 247 -79.23 -0.37 72.79
CA GLY CB 247 -79.95 0.90 72.74
C GLY CB 247 -81.45 0.72 72.71
N THR CB 248 -81.93 -0.37 72.09
CA THR CB 248 -83.36 -0.63 72.08
C THR CB 248 -83.89 -0.84 73.49
N ILE CB 249 -83.12 -1.53 74.33
CA ILE CB 249 -83.58 -1.76 75.68
C ILE CB 249 -83.43 -0.49 76.51
N LEU CB 250 -82.42 0.31 76.22
CA LEU CB 250 -82.32 1.57 76.94
C LEU CB 250 -83.44 2.52 76.56
N SER CB 251 -83.91 2.45 75.32
CA SER CB 251 -85.14 3.15 74.96
C SER CB 251 -86.34 2.53 75.65
N MET CB 252 -86.33 1.21 75.80
CA MET CB 252 -87.41 0.47 76.45
C MET CB 252 -87.58 0.87 77.91
N GLN CB 253 -86.51 1.34 78.56
CA GLN CB 253 -86.68 1.90 79.90
C GLN CB 253 -87.59 3.13 79.90
N ILE CB 254 -87.60 3.90 78.82
CA ILE CB 254 -88.29 5.17 78.84
C ILE CB 254 -89.73 4.96 78.40
N SER CB 255 -90.62 5.70 79.07
CA SER CB 255 -92.06 5.72 78.84
C SER CB 255 -92.58 6.32 77.52
N PHE CB 256 -92.03 7.44 77.07
CA PHE CB 256 -92.55 8.07 75.84
C PHE CB 256 -92.38 7.11 74.67
N VAL CB 257 -91.22 6.49 74.58
CA VAL CB 257 -90.97 5.44 73.62
C VAL CB 257 -91.14 4.34 74.65
N GLY CB 258 -92.12 3.48 74.50
CA GLY CB 258 -92.30 2.61 75.64
C GLY CB 258 -92.19 1.21 75.16
N PHE CB 259 -93.32 0.60 74.81
CA PHE CB 259 -93.31 -0.55 73.92
C PHE CB 259 -93.45 -0.14 72.47
N GLN CB 260 -93.38 1.17 72.20
CA GLN CB 260 -93.09 1.66 70.86
C GLN CB 260 -91.88 1.03 70.14
N PRO CB 261 -90.73 0.72 70.78
CA PRO CB 261 -89.65 0.10 69.99
C PRO CB 261 -89.97 -1.30 69.50
N VAL CB 262 -91.08 -1.88 69.95
CA VAL CB 262 -91.65 -3.00 69.21
C VAL CB 262 -92.40 -2.48 67.99
N LEU CB 263 -93.17 -1.40 68.14
CA LEU CB 263 -94.23 -1.05 67.17
C LEU CB 263 -94.26 0.45 66.88
N SER CB 264 -93.60 0.87 65.79
CA SER CB 264 -94.04 2.00 64.97
C SER CB 264 -93.28 1.89 63.67
N SER CB 265 -93.86 2.41 62.59
CA SER CB 265 -93.49 2.04 61.22
C SER CB 265 -92.06 2.40 60.86
N GLU CB 266 -91.45 3.30 61.63
CA GLU CB 266 -90.09 3.72 61.33
C GLU CB 266 -89.08 2.74 61.92
N HIS CB 267 -89.04 2.63 63.25
CA HIS CB 267 -88.00 1.80 63.83
C HIS CB 267 -88.32 0.32 63.72
N MET CB 268 -89.56 -0.03 63.35
CA MET CB 268 -89.83 -1.41 62.95
C MET CB 268 -89.07 -1.77 61.67
N ALA CB 269 -89.10 -0.87 60.68
CA ALA CB 269 -88.33 -1.10 59.47
C ALA CB 269 -86.84 -1.02 59.76
N ALA CB 270 -86.44 -0.21 60.75
CA ALA CB 270 -85.05 -0.20 61.19
C ALA CB 270 -84.65 -1.54 61.80
N PHE CB 271 -85.58 -2.19 62.50
CA PHE CB 271 -85.31 -3.53 63.03
C PHE CB 271 -85.19 -4.56 61.92
N GLY CB 272 -86.05 -4.46 60.90
CA GLY CB 272 -85.91 -5.33 59.74
C GLY CB 272 -84.58 -5.14 59.03
N VAL CB 273 -84.09 -3.90 59.00
CA VAL CB 273 -82.78 -3.63 58.42
C VAL CB 273 -81.66 -4.22 59.27
N PHE CB 274 -81.79 -4.14 60.61
CA PHE CB 274 -80.82 -4.81 61.49
C PHE CB 274 -80.78 -6.30 61.25
N GLY CB 275 -81.96 -6.92 61.05
CA GLY CB 275 -82.01 -8.34 60.78
C GLY CB 275 -81.39 -8.72 59.45
N LEU CB 276 -81.65 -7.92 58.42
CA LEU CB 276 -81.02 -8.21 57.13
C LEU CB 276 -79.52 -7.96 57.17
N CYS CB 277 -79.10 -6.99 57.98
CA CYS CB 277 -77.68 -6.74 58.13
C CYS CB 277 -76.99 -7.90 58.83
N GLN CB 278 -77.61 -8.44 59.87
CA GLN CB 278 -76.95 -9.52 60.60
C GLN CB 278 -77.00 -10.81 59.81
N ILE CB 279 -78.00 -10.98 58.96
CA ILE CB 279 -78.00 -12.10 58.03
C ILE CB 279 -76.88 -11.94 57.02
N HIS CB 280 -76.72 -10.75 56.45
CA HIS CB 280 -75.72 -10.54 55.41
C HIS CB 280 -74.32 -10.61 55.99
N ALA CB 281 -74.15 -10.39 57.28
CA ALA CB 281 -72.81 -10.64 57.83
C ALA CB 281 -72.51 -12.15 57.84
N PHE CB 282 -73.51 -12.90 58.31
CA PHE CB 282 -73.46 -14.36 58.46
C PHE CB 282 -73.31 -15.07 57.12
N VAL CB 283 -74.01 -14.53 56.13
CA VAL CB 283 -73.96 -15.06 54.79
C VAL CB 283 -72.54 -14.95 54.29
N ASP CB 284 -71.91 -13.80 54.52
CA ASP CB 284 -70.53 -13.56 54.12
C ASP CB 284 -69.62 -14.57 54.80
N TYR CB 285 -69.85 -14.83 56.09
CA TYR CB 285 -69.03 -15.81 56.79
C TYR CB 285 -69.11 -17.24 56.20
N LEU CB 286 -70.30 -17.74 55.87
CA LEU CB 286 -70.41 -19.12 55.32
C LEU CB 286 -70.17 -19.18 53.80
N ARG CB 287 -70.01 -20.32 53.12
CA ARG CB 287 -69.96 -20.00 51.69
C ARG CB 287 -68.68 -19.30 51.23
N SER CB 288 -67.81 -18.95 52.17
CA SER CB 288 -66.43 -18.53 51.95
C SER CB 288 -65.48 -19.59 52.43
N LYS CB 289 -65.99 -20.58 53.15
CA LYS CB 289 -65.27 -21.80 53.46
C LYS CB 289 -65.61 -22.83 52.41
N LEU CB 290 -66.88 -22.85 52.01
CA LEU CB 290 -67.35 -23.65 50.89
C LEU CB 290 -66.97 -22.95 49.58
N ASN CB 291 -67.07 -23.67 48.47
CA ASN CB 291 -66.79 -23.05 47.19
C ASN CB 291 -67.99 -22.22 46.74
N PRO CB 292 -67.87 -21.52 45.62
CA PRO CB 292 -69.08 -21.20 44.85
C PRO CB 292 -69.63 -22.36 44.02
N GLN CB 293 -69.90 -23.49 44.67
CA GLN CB 293 -70.63 -24.63 44.13
C GLN CB 293 -72.07 -24.36 43.68
N GLN CB 294 -72.68 -25.38 43.10
CA GLN CB 294 -74.11 -25.37 42.80
C GLN CB 294 -74.95 -25.44 44.08
N PHE CB 295 -74.44 -26.11 45.12
CA PHE CB 295 -75.35 -26.43 46.21
C PHE CB 295 -75.51 -25.24 47.15
N GLU CB 296 -74.59 -24.27 47.10
CA GLU CB 296 -74.86 -23.03 47.80
C GLU CB 296 -75.97 -22.26 47.11
N VAL CB 297 -76.14 -22.45 45.80
CA VAL CB 297 -77.32 -21.90 45.13
C VAL CB 297 -78.57 -22.66 45.56
N LEU CB 298 -78.42 -23.95 45.85
CA LEU CB 298 -79.58 -24.74 46.30
C LEU CB 298 -80.08 -24.32 47.69
N PHE CB 299 -79.20 -24.31 48.69
CA PHE CB 299 -79.71 -23.85 49.98
C PHE CB 299 -79.74 -22.32 50.05
N ARG CB 300 -79.20 -21.64 49.04
CA ARG CB 300 -79.50 -20.23 48.85
C ARG CB 300 -80.98 -20.05 48.52
N SER CB 301 -81.51 -20.90 47.65
CA SER CB 301 -82.96 -20.91 47.39
C SER CB 301 -83.74 -21.23 48.66
N VAL CB 302 -83.25 -22.21 49.44
CA VAL CB 302 -83.93 -22.61 50.67
C VAL CB 302 -83.98 -21.45 51.68
N ILE CB 303 -82.82 -20.85 51.96
CA ILE CB 303 -82.74 -19.79 52.98
C ILE CB 303 -83.40 -18.51 52.47
N SER CB 304 -83.41 -18.30 51.15
CA SER CB 304 -84.11 -17.14 50.62
C SER CB 304 -85.61 -17.29 50.78
N LEU CB 305 -86.14 -18.49 50.55
CA LEU CB 305 -87.59 -18.70 50.75
C LEU CB 305 -87.99 -18.59 52.22
N VAL CB 306 -87.12 -19.03 53.14
CA VAL CB 306 -87.42 -18.84 54.56
C VAL CB 306 -87.33 -17.37 54.95
N GLY CB 307 -86.39 -16.63 54.36
CA GLY CB 307 -86.29 -15.20 54.65
C GLY CB 307 -87.45 -14.41 54.07
N PHE CB 308 -87.88 -14.76 52.87
CA PHE CB 308 -89.02 -14.07 52.28
C PHE CB 308 -90.32 -14.44 52.99
N VAL CB 309 -90.43 -15.66 53.53
CA VAL CB 309 -91.66 -15.95 54.28
C VAL CB 309 -91.63 -15.27 55.64
N LEU CB 310 -90.43 -14.97 56.16
CA LEU CB 310 -90.34 -14.03 57.29
C LEU CB 310 -90.84 -12.65 56.89
N LEU CB 311 -90.52 -12.22 55.66
CA LEU CB 311 -90.98 -10.92 55.19
C LEU CB 311 -92.50 -10.89 55.00
N THR CB 312 -93.10 -12.01 54.57
CA THR CB 312 -94.56 -12.06 54.42
C THR CB 312 -95.27 -12.07 55.77
N VAL CB 313 -94.75 -12.87 56.72
CA VAL CB 313 -95.32 -12.90 58.08
C VAL CB 313 -95.19 -11.53 58.75
N GLY CB 314 -94.11 -10.81 58.46
CA GLY CB 314 -93.97 -9.47 59.01
C GLY CB 314 -94.89 -8.44 58.37
N ALA CB 315 -95.05 -8.51 57.03
CA ALA CB 315 -95.86 -7.52 56.34
C ALA CB 315 -97.35 -7.73 56.61
N LEU CB 316 -97.74 -8.97 56.90
CA LEU CB 316 -99.12 -9.23 57.30
C LEU CB 316 -99.42 -8.65 58.68
N LEU CB 317 -98.47 -8.73 59.59
CA LEU CB 317 -98.68 -8.30 60.97
C LEU CB 317 -97.95 -6.98 61.22
N MET CB 318 -98.69 -5.88 61.07
CA MET CB 318 -98.15 -4.54 61.18
C MET CB 318 -98.96 -3.78 62.23
N LEU CB 319 -98.56 -3.90 63.48
CA LEU CB 319 -99.26 -3.22 64.55
C LEU CB 319 -98.45 -2.00 65.01
N ILE CB 345 -103.71 23.92 65.37
CA ILE CB 345 -102.94 25.16 65.59
C ILE CB 345 -101.42 25.02 65.39
N ILE CB 346 -100.88 23.84 65.64
CA ILE CB 346 -99.46 23.61 65.48
C ILE CB 346 -99.00 23.91 64.06
N ALA CB 347 -99.77 23.52 63.05
CA ALA CB 347 -99.39 23.82 61.68
C ALA CB 347 -99.34 25.33 61.45
N SER CB 348 -100.32 26.05 62.01
CA SER CB 348 -100.43 27.50 61.89
C SER CB 348 -99.34 28.38 62.53
N VAL CB 349 -98.92 27.85 63.68
CA VAL CB 349 -97.91 28.49 64.44
C VAL CB 349 -96.97 28.66 63.30
N SER CB 350 -96.51 29.87 63.21
CA SER CB 350 -95.75 30.28 62.07
C SER CB 350 -94.49 29.52 61.90
N GLU CB 351 -94.07 28.65 62.81
CA GLU CB 351 -92.73 28.29 62.37
C GLU CB 351 -92.72 26.91 61.71
N HIS CB 352 -93.70 26.08 62.06
CA HIS CB 352 -93.74 24.73 61.49
C HIS CB 352 -94.10 24.76 60.02
N GLN CB 353 -94.51 25.92 59.51
CA GLN CB 353 -94.72 26.08 58.08
C GLN CB 353 -93.31 26.05 57.43
N PRO CB 354 -93.23 25.72 56.12
CA PRO CB 354 -91.97 25.61 55.36
C PRO CB 354 -91.24 26.93 55.16
N THR CB 355 -89.91 26.87 54.97
CA THR CB 355 -89.06 28.08 54.83
C THR CB 355 -88.14 28.12 53.61
N THR CB 356 -87.85 29.33 53.17
CA THR CB 356 -87.00 29.59 52.03
C THR CB 356 -85.58 29.82 52.48
N TRP CB 357 -84.76 30.45 51.63
CA TRP CB 357 -83.37 30.74 51.94
C TRP CB 357 -83.12 31.71 53.10
N SER CB 358 -84.11 32.54 53.44
CA SER CB 358 -83.96 33.48 54.52
C SER CB 358 -83.63 32.74 55.81
N SER CB 359 -84.33 31.64 56.11
CA SER CB 359 -83.99 30.81 57.27
C SER CB 359 -82.62 30.37 56.80
N TYR CB 360 -82.63 30.03 55.53
CA TYR CB 360 -81.45 29.69 54.76
C TYR CB 360 -80.73 31.02 54.73
N TYR CB 361 -79.90 31.27 53.72
CA TYR CB 361 -78.73 32.14 53.70
C TYR CB 361 -78.66 33.30 54.69
N PHE CB 362 -79.79 33.96 54.95
CA PHE CB 362 -79.93 34.80 56.14
C PHE CB 362 -79.54 34.04 57.39
N ASP CB 363 -79.86 32.76 57.44
CA ASP CB 363 -79.47 31.91 58.55
C ASP CB 363 -77.99 31.58 58.53
N LEU CB 364 -77.44 31.28 57.37
CA LEU CB 364 -76.24 30.45 57.37
C LEU CB 364 -75.25 30.89 56.29
N GLN CB 365 -74.92 32.19 56.29
CA GLN CB 365 -74.40 32.94 55.16
C GLN CB 365 -73.29 32.37 54.30
N LEU CB 366 -72.08 32.31 54.83
CA LEU CB 366 -70.98 31.81 54.03
C LEU CB 366 -71.04 30.32 53.96
N LEU CB 367 -71.68 29.74 54.94
CA LEU CB 367 -71.58 28.35 55.29
C LEU CB 367 -72.56 27.53 54.49
N VAL CB 368 -73.43 28.20 53.74
CA VAL CB 368 -74.10 27.55 52.64
C VAL CB 368 -73.15 27.25 51.50
N PHE CB 369 -72.31 28.25 51.14
CA PHE CB 369 -71.46 28.19 49.95
C PHE CB 369 -70.50 27.02 50.04
N MET CB 370 -69.86 26.88 51.17
CA MET CB 370 -68.89 25.83 51.38
C MET CB 370 -69.51 24.46 51.60
N PHE CB 371 -70.84 24.35 51.66
CA PHE CB 371 -71.43 23.04 51.93
C PHE CB 371 -71.17 21.97 50.89
N PRO CB 372 -71.25 22.20 49.57
CA PRO CB 372 -70.91 21.11 48.66
C PRO CB 372 -69.45 20.81 48.60
N VAL CB 373 -68.62 21.76 49.02
CA VAL CB 373 -67.18 21.71 48.78
C VAL CB 373 -66.58 20.48 49.43
N GLY CB 374 -66.64 20.43 50.76
CA GLY CB 374 -66.26 19.24 51.48
C GLY CB 374 -67.09 18.04 51.11
N LEU CB 375 -68.35 18.26 50.71
CA LEU CB 375 -69.18 17.16 50.26
C LEU CB 375 -68.61 16.58 48.99
N TYR CB 376 -68.13 17.43 48.08
CA TYR CB 376 -67.37 16.93 46.95
C TYR CB 376 -66.13 16.21 47.43
N TYR CB 377 -65.45 16.78 48.41
CA TYR CB 377 -64.32 16.08 49.01
C TYR CB 377 -64.79 14.80 49.68
N CYS CB 378 -65.98 14.80 50.25
CA CYS CB 378 -66.48 13.56 50.80
C CYS CB 378 -66.88 12.58 49.71
N PHE CB 379 -67.22 13.08 48.52
CA PHE CB 379 -67.36 12.15 47.40
C PHE CB 379 -66.07 12.04 46.63
N SER CB 380 -65.03 12.78 47.02
CA SER CB 380 -63.73 12.53 46.43
C SER CB 380 -63.04 11.38 47.13
N ASN CB 381 -62.69 11.58 48.40
CA ASN CB 381 -62.10 10.52 49.20
C ASN CB 381 -63.19 9.87 50.03
N LEU CB 382 -64.02 9.09 49.33
CA LEU CB 382 -65.18 8.47 49.93
C LEU CB 382 -64.70 7.38 50.86
N SER CB 383 -64.48 7.71 52.12
CA SER CB 383 -63.96 6.72 53.03
C SER CB 383 -65.14 5.98 53.66
N ASP CB 384 -64.84 5.15 54.65
CA ASP CB 384 -65.88 4.34 55.30
C ASP CB 384 -66.71 5.20 56.24
N ALA CB 385 -66.06 6.12 56.95
CA ALA CB 385 -66.79 6.91 57.92
C ALA CB 385 -67.59 8.02 57.27
N ARG CB 386 -67.03 8.63 56.23
CA ARG CB 386 -67.57 9.87 55.69
C ARG CB 386 -68.90 9.67 54.98
N ILE CB 387 -69.19 8.45 54.50
CA ILE CB 387 -70.45 8.20 53.81
C ILE CB 387 -71.64 8.38 54.74
N PHE CB 388 -71.43 8.14 56.02
CA PHE CB 388 -72.44 8.42 57.03
C PHE CB 388 -72.77 9.90 57.08
N ILE CB 389 -71.76 10.74 56.99
CA ILE CB 389 -71.98 12.18 57.03
C ILE CB 389 -72.60 12.63 55.72
N ILE CB 390 -72.33 11.93 54.64
CA ILE CB 390 -72.96 12.29 53.37
C ILE CB 390 -74.44 11.97 53.42
N MET CB 391 -74.78 10.83 54.01
CA MET CB 391 -76.19 10.48 54.18
C MET CB 391 -76.88 11.45 55.14
N TYR CB 392 -76.13 11.92 56.13
CA TYR CB 392 -76.59 12.92 57.06
C TYR CB 392 -76.67 14.30 56.44
N GLY CB 393 -75.93 14.53 55.36
CA GLY CB 393 -76.08 15.76 54.62
C GLY CB 393 -77.26 15.70 53.69
N VAL CB 394 -77.59 14.51 53.21
CA VAL CB 394 -78.78 14.37 52.39
C VAL CB 394 -80.03 14.55 53.22
N THR CB 395 -80.14 13.76 54.29
CA THR CB 395 -81.41 13.56 54.96
C THR CB 395 -81.89 14.84 55.62
N SER CB 396 -80.99 15.53 56.31
CA SER CB 396 -81.38 16.73 57.01
C SER CB 396 -81.66 17.88 56.07
N MET CB 397 -81.02 17.90 54.90
CA MET CB 397 -81.47 18.80 53.84
C MET CB 397 -82.90 18.49 53.43
N TYR CB 398 -83.23 17.22 53.28
CA TYR CB 398 -84.59 16.88 52.88
C TYR CB 398 -85.59 17.23 53.96
N PHE CB 399 -85.18 17.18 55.21
CA PHE CB 399 -86.10 17.40 56.30
C PHE CB 399 -86.20 18.85 56.73
N SER CB 400 -85.13 19.63 56.60
CA SER CB 400 -85.27 21.07 56.75
C SER CB 400 -85.69 21.74 55.46
N ALA CB 401 -86.37 21.02 54.59
CA ALA CB 401 -87.10 21.59 53.49
C ALA CB 401 -88.54 21.91 53.87
N VAL CB 402 -89.05 21.38 54.96
CA VAL CB 402 -90.47 21.51 55.28
C VAL CB 402 -90.74 22.21 56.59
N MET CB 403 -89.81 22.21 57.54
CA MET CB 403 -90.07 22.77 58.87
C MET CB 403 -88.85 23.62 59.20
N VAL CB 404 -89.05 24.92 59.41
CA VAL CB 404 -87.89 25.72 59.77
C VAL CB 404 -87.51 25.46 61.21
N ARG CB 405 -88.45 24.97 62.02
CA ARG CB 405 -88.16 24.53 63.37
C ARG CB 405 -87.19 23.37 63.37
N LEU CB 406 -87.25 22.55 62.34
CA LEU CB 406 -86.35 21.42 62.15
C LEU CB 406 -85.02 21.85 61.55
N MET CB 407 -84.87 23.16 61.27
CA MET CB 407 -83.62 23.73 60.75
C MET CB 407 -82.42 23.38 61.62
N LEU CB 408 -82.64 23.24 62.92
CA LEU CB 408 -81.59 22.89 63.86
C LEU CB 408 -80.92 21.58 63.53
N VAL CB 409 -81.64 20.65 62.90
CA VAL CB 409 -80.99 19.43 62.49
C VAL CB 409 -79.95 19.71 61.42
N LEU CB 410 -80.25 20.59 60.47
CA LEU CB 410 -79.21 21.07 59.56
C LEU CB 410 -78.29 22.10 60.17
N ALA CB 411 -78.46 22.45 61.44
CA ALA CB 411 -77.56 23.42 62.03
C ALA CB 411 -76.11 22.94 62.11
N PRO CB 412 -75.76 21.72 62.50
CA PRO CB 412 -74.34 21.40 62.48
C PRO CB 412 -73.88 20.75 61.20
N VAL CB 413 -74.81 20.19 60.40
CA VAL CB 413 -74.48 19.40 59.22
C VAL CB 413 -73.64 20.22 58.27
N MET CB 414 -74.17 21.38 57.91
CA MET CB 414 -73.50 22.36 57.08
C MET CB 414 -72.15 22.72 57.67
N CYS CB 415 -72.10 22.91 58.99
CA CYS CB 415 -70.85 23.28 59.64
C CYS CB 415 -69.85 22.14 59.64
N ILE CB 416 -70.34 20.90 59.51
CA ILE CB 416 -69.42 19.79 59.34
C ILE CB 416 -68.71 19.91 58.01
N LEU CB 417 -69.48 19.87 56.92
CA LEU CB 417 -68.89 19.68 55.62
C LEU CB 417 -68.20 20.94 55.13
N SER CB 418 -68.77 22.11 55.45
CA SER CB 418 -68.05 23.35 55.25
C SER CB 418 -66.79 23.40 56.10
N GLY CB 419 -66.87 22.82 57.30
CA GLY CB 419 -65.68 22.61 58.08
C GLY CB 419 -64.65 21.76 57.37
N ILE CB 420 -65.10 20.81 56.57
CA ILE CB 420 -64.19 20.11 55.70
C ILE CB 420 -63.77 21.02 54.55
N GLY CB 421 -64.73 21.75 53.98
CA GLY CB 421 -64.54 22.35 52.68
C GLY CB 421 -63.48 23.42 52.65
N VAL CB 422 -63.58 24.39 53.56
CA VAL CB 422 -62.50 25.34 53.78
C VAL CB 422 -61.21 24.62 54.11
N SER CB 423 -61.27 23.62 55.01
CA SER CB 423 -60.07 22.89 55.36
C SER CB 423 -59.59 22.00 54.24
N GLN CB 424 -60.38 21.84 53.20
CA GLN CB 424 -59.77 21.35 51.98
C GLN CB 424 -59.07 22.48 51.25
N VAL CB 425 -59.83 23.54 50.93
CA VAL CB 425 -59.36 24.63 50.08
C VAL CB 425 -58.17 25.32 50.69
N LEU CB 426 -58.17 25.47 52.01
CA LEU CB 426 -57.07 26.13 52.68
C LEU CB 426 -55.83 25.25 52.61
N SER CB 427 -56.03 23.94 52.83
CA SER CB 427 -54.91 23.00 52.90
C SER CB 427 -54.25 22.86 51.55
N THR CB 428 -55.05 22.81 50.48
CA THR CB 428 -54.49 22.73 49.16
C THR CB 428 -53.83 24.02 48.74
N TYR CB 429 -54.20 25.14 49.35
CA TYR CB 429 -53.68 26.39 48.83
C TYR CB 429 -52.83 27.19 49.78
N MET CB 430 -52.62 26.73 51.01
CA MET CB 430 -51.35 27.11 51.63
C MET CB 430 -50.30 26.05 51.38
N LYS CB 431 -50.63 25.05 50.59
CA LYS CB 431 -49.66 24.03 50.21
C LYS CB 431 -48.59 24.60 49.29
N ASN CB 432 -48.99 25.46 48.37
CA ASN CB 432 -48.25 25.57 47.12
C ASN CB 432 -47.02 26.47 47.25
N LEU CB 433 -47.00 27.37 48.21
CA LEU CB 433 -46.10 28.50 48.07
C LEU CB 433 -44.91 28.56 49.02
N ASP CB 434 -45.12 28.58 50.34
CA ASP CB 434 -44.04 28.97 51.23
C ASP CB 434 -43.08 27.82 51.49
N ILE CB 435 -43.43 26.60 51.06
CA ILE CB 435 -42.61 25.44 51.35
C ILE CB 435 -41.34 25.47 50.52
N GLU CB 455 -49.06 32.90 42.04
CA GLU CB 455 -49.74 34.06 42.60
C GLU CB 455 -51.22 33.76 42.85
N VAL CB 456 -51.68 32.60 42.38
CA VAL CB 456 -53.03 32.12 42.62
C VAL CB 456 -53.30 32.00 44.11
N ALA CB 457 -52.34 31.47 44.88
CA ALA CB 457 -52.52 31.41 46.32
C ALA CB 457 -52.31 32.78 46.94
N SER CB 458 -51.71 33.71 46.20
CA SER CB 458 -51.71 35.09 46.65
C SER CB 458 -53.06 35.76 46.47
N GLY CB 459 -54.03 35.08 45.85
CA GLY CB 459 -55.41 35.47 45.98
C GLY CB 459 -56.19 34.56 46.91
N MET CB 460 -56.00 33.26 46.74
CA MET CB 460 -56.99 32.29 47.19
C MET CB 460 -56.94 32.07 48.70
N ILE CB 461 -55.77 32.15 49.30
CA ILE CB 461 -55.71 32.30 50.74
C ILE CB 461 -56.33 33.62 51.13
N LEU CB 462 -55.93 34.67 50.42
CA LEU CB 462 -56.19 36.04 50.82
C LEU CB 462 -57.66 36.39 50.71
N VAL CB 463 -58.42 35.71 49.86
CA VAL CB 463 -59.85 35.95 49.88
C VAL CB 463 -60.48 35.32 51.11
N MET CB 464 -60.01 34.11 51.49
CA MET CB 464 -60.73 33.25 52.40
C MET CB 464 -60.82 33.80 53.81
N ALA CB 465 -59.91 34.68 54.19
CA ALA CB 465 -60.12 35.43 55.41
C ALA CB 465 -61.37 36.27 55.29
N PHE CB 466 -61.35 37.26 54.40
CA PHE CB 466 -62.45 38.21 54.30
C PHE CB 466 -63.68 37.58 53.68
N PHE CB 467 -63.49 36.49 52.93
CA PHE CB 467 -64.64 35.71 52.50
C PHE CB 467 -65.34 35.08 53.69
N LEU CB 468 -64.58 34.52 54.63
CA LEU CB 468 -65.22 33.79 55.71
C LEU CB 468 -65.54 34.68 56.89
N ILE CB 469 -64.64 35.60 57.25
CA ILE CB 469 -64.85 36.35 58.48
C ILE CB 469 -65.98 37.35 58.37
N THR CB 470 -66.47 37.63 57.15
CA THR CB 470 -67.66 38.44 57.02
C THR CB 470 -68.85 37.74 57.66
N TYR CB 471 -68.84 36.41 57.57
CA TYR CB 471 -69.62 35.51 58.40
C TYR CB 471 -69.71 35.96 59.85
N THR CB 472 -68.54 36.17 60.48
CA THR CB 472 -68.61 36.47 61.91
C THR CB 472 -69.08 37.89 62.17
N PHE CB 473 -69.12 38.74 61.15
CA PHE CB 473 -69.89 39.96 61.29
C PHE CB 473 -71.37 39.64 61.34
N HIS CB 474 -71.84 38.87 60.36
CA HIS CB 474 -73.23 38.47 60.26
C HIS CB 474 -73.72 37.74 61.48
N SER CB 475 -72.89 36.86 62.02
CA SER CB 475 -73.30 36.08 63.16
C SER CB 475 -73.37 36.95 64.40
N THR CB 476 -72.63 38.05 64.41
CA THR CB 476 -72.59 38.90 65.59
C THR CB 476 -73.93 39.60 65.78
N TRP CB 477 -74.62 39.84 64.69
CA TRP CB 477 -75.54 40.94 64.67
C TRP CB 477 -76.95 40.58 64.24
N VAL CB 478 -77.11 39.59 63.38
CA VAL CB 478 -78.42 39.00 63.11
C VAL CB 478 -79.01 38.39 64.35
N THR CB 479 -78.15 37.84 65.18
CA THR CB 479 -78.50 37.46 66.54
C THR CB 479 -79.05 38.63 67.36
N SER CB 480 -78.64 39.86 67.06
CA SER CB 480 -79.19 40.99 67.79
C SER CB 480 -80.49 41.48 67.17
N GLU CB 481 -80.65 41.30 65.86
CA GLU CB 481 -81.83 41.84 65.18
C GLU CB 481 -83.08 41.03 65.44
N ALA CB 482 -83.09 39.79 64.99
CA ALA CB 482 -84.34 39.03 64.98
C ALA CB 482 -84.62 38.36 66.30
N TYR CB 483 -83.58 37.87 66.98
CA TYR CB 483 -83.77 36.91 68.04
C TYR CB 483 -83.50 37.47 69.43
N SER CB 484 -83.21 38.76 69.55
CA SER CB 484 -82.95 39.36 70.85
C SER CB 484 -84.21 40.06 71.35
N SER CB 485 -85.25 39.26 71.53
CA SER CB 485 -86.55 39.76 71.94
C SER CB 485 -87.40 38.66 72.56
N PRO CB 486 -87.82 38.82 73.81
CA PRO CB 486 -88.56 37.77 74.51
C PRO CB 486 -90.01 37.70 74.06
N SER CB 487 -90.69 36.67 74.53
CA SER CB 487 -92.11 36.52 74.24
C SER CB 487 -93.00 37.20 75.24
N ILE CB 488 -92.56 37.34 76.50
CA ILE CB 488 -93.43 37.89 77.52
C ILE CB 488 -93.32 39.40 77.64
N VAL CB 489 -92.30 40.02 77.05
CA VAL CB 489 -92.12 41.47 77.11
C VAL CB 489 -91.98 41.99 75.70
N LEU CB 490 -92.90 42.86 75.31
CA LEU CB 490 -93.00 43.31 73.93
C LEU CB 490 -92.39 44.71 73.82
N SER CB 491 -91.48 44.88 72.86
CA SER CB 491 -90.85 46.17 72.63
C SER CB 491 -91.73 47.03 71.76
N ALA CB 492 -92.21 48.16 72.29
CA ALA CB 492 -93.14 49.01 71.57
C ALA CB 492 -92.42 50.19 70.91
N ARG CB 493 -93.19 51.00 70.21
CA ARG CB 493 -92.69 52.12 69.42
C ARG CB 493 -93.39 53.40 69.88
N GLY CB 494 -92.81 54.56 69.53
CA GLY CB 494 -93.50 55.83 69.75
C GLY CB 494 -92.66 57.05 70.07
N GLY CB 495 -91.43 56.86 70.52
CA GLY CB 495 -90.57 57.97 70.84
C GLY CB 495 -89.18 57.74 70.30
N ASP CB 496 -88.35 58.77 70.42
CA ASP CB 496 -86.95 58.61 70.03
C ASP CB 496 -86.03 58.63 71.24
N GLY CB 497 -86.41 59.36 72.27
CA GLY CB 497 -85.69 59.33 73.54
C GLY CB 497 -86.61 58.91 74.66
N SER CB 498 -86.19 57.90 75.44
CA SER CB 498 -87.01 57.24 76.46
C SER CB 498 -88.34 56.76 75.89
N ARG CB 499 -88.25 56.04 74.77
CA ARG CB 499 -89.44 55.61 74.06
C ARG CB 499 -90.16 54.51 74.84
N ILE CB 500 -91.42 54.30 74.49
CA ILE CB 500 -92.27 53.36 75.21
C ILE CB 500 -91.85 51.95 74.83
N ILE CB 501 -91.23 51.23 75.75
CA ILE CB 501 -90.88 49.83 75.53
C ILE CB 501 -91.22 49.02 76.79
N PHE CB 502 -92.46 48.56 76.89
CA PHE CB 502 -93.03 48.12 78.16
C PHE CB 502 -93.76 46.80 78.01
N ASP CB 503 -94.87 45.55 80.24
CA ASP CB 503 -94.87 44.34 81.05
C ASP CB 503 -96.28 44.03 81.52
N ASP CB 504 -97.24 44.08 80.59
CA ASP CB 504 -98.62 43.79 80.93
C ASP CB 504 -98.86 42.33 81.26
N PHE CB 505 -97.99 41.44 80.78
CA PHE CB 505 -98.14 40.03 81.10
C PHE CB 505 -97.75 39.74 82.54
N ARG CB 506 -96.66 40.33 83.04
CA ARG CB 506 -96.34 40.11 84.45
C ARG CB 506 -97.26 40.89 85.36
N GLU CB 507 -97.83 41.99 84.88
CA GLU CB 507 -98.81 42.74 85.65
C GLU CB 507 -100.08 41.93 85.83
N ALA CB 508 -100.59 41.33 84.76
CA ALA CB 508 -101.82 40.56 84.84
C ALA CB 508 -101.61 39.23 85.53
N TYR CB 509 -100.51 38.54 85.22
CA TYR CB 509 -100.24 37.24 85.84
C TYR CB 509 -99.92 37.40 87.31
N TYR CB 510 -99.30 38.52 87.69
CA TYR CB 510 -99.08 38.73 89.11
C TYR CB 510 -100.33 39.27 89.78
N TRP CB 511 -101.31 39.79 89.03
CA TRP CB 511 -102.62 40.00 89.62
C TRP CB 511 -103.28 38.67 89.97
N LEU CB 512 -103.21 37.70 89.04
CA LEU CB 512 -103.69 36.35 89.34
C LEU CB 512 -102.94 35.69 90.48
N ARG CB 513 -101.66 35.99 90.64
CA ARG CB 513 -100.94 35.37 91.73
C ARG CB 513 -101.28 36.03 93.06
N HIS CB 514 -101.92 37.44 93.35
CA HIS CB 514 -102.45 38.11 94.54
C HIS CB 514 -103.96 37.91 94.71
N ASN CB 515 -104.76 38.44 93.80
CA ASN CB 515 -106.15 38.76 94.11
C ASN CB 515 -107.15 37.75 93.53
N THR CB 516 -106.85 36.47 93.55
CA THR CB 516 -107.76 35.43 93.11
C THR CB 516 -107.80 34.34 94.15
N PRO CB 517 -108.84 33.51 94.17
CA PRO CB 517 -108.87 32.38 95.10
C PRO CB 517 -107.83 31.33 94.75
N GLU CB 518 -107.66 30.40 95.70
CA GLU CB 518 -106.67 29.34 95.53
C GLU CB 518 -107.10 28.38 94.44
N ASP CB 519 -108.20 27.66 94.67
CA ASP CB 519 -108.82 26.86 93.63
C ASP CB 519 -109.50 27.81 92.66
N ALA CB 520 -109.30 27.60 91.38
CA ALA CB 520 -109.78 28.55 90.40
C ALA CB 520 -110.03 27.84 89.08
N LYS CB 521 -110.24 28.62 88.05
CA LYS CB 521 -110.22 28.20 86.67
C LYS CB 521 -109.26 29.12 85.94
N VAL CB 522 -108.44 28.56 85.06
CA VAL CB 522 -107.78 29.35 84.03
C VAL CB 522 -108.13 28.71 82.70
N MET CB 523 -108.75 29.51 81.84
CA MET CB 523 -109.08 29.13 80.48
C MET CB 523 -109.06 30.37 79.58
N SER CB 524 -108.25 30.34 78.52
CA SER CB 524 -108.22 31.45 77.57
C SER CB 524 -108.06 30.82 76.19
N TRP CB 525 -106.88 30.28 75.98
CA TRP CB 525 -106.49 29.50 74.81
C TRP CB 525 -105.15 28.81 75.09
N TRP CB 526 -104.86 27.76 74.30
CA TRP CB 526 -103.91 26.75 74.76
C TRP CB 526 -102.46 27.21 74.69
N ASP CB 527 -102.13 28.09 73.74
CA ASP CB 527 -100.73 28.47 73.59
C ASP CB 527 -100.21 29.40 74.69
N TYR CB 528 -101.07 29.83 75.61
CA TYR CB 528 -100.67 30.54 76.81
C TYR CB 528 -100.85 29.67 78.06
N GLY CB 529 -100.88 28.35 77.90
CA GLY CB 529 -101.30 27.49 79.01
C GLY CB 529 -100.22 27.27 80.04
N TYR CB 530 -98.95 27.22 79.63
CA TYR CB 530 -97.88 27.00 80.58
C TYR CB 530 -97.61 28.24 81.43
N GLN CB 531 -97.53 29.41 80.77
CA GLN CB 531 -97.14 30.64 81.44
C GLN CB 531 -98.08 31.01 82.57
N ILE CB 532 -99.39 30.82 82.36
CA ILE CB 532 -100.38 30.97 83.44
C ILE CB 532 -100.02 30.08 84.61
N THR CB 533 -99.30 28.87 84.38
CA THR CB 533 -98.74 28.07 85.46
C THR CB 533 -97.31 28.48 85.86
N ALA CB 534 -96.74 29.53 85.27
CA ALA CB 534 -95.43 30.03 85.63
C ALA CB 534 -95.44 30.66 87.02
N MET CB 535 -96.04 31.84 87.15
CA MET CB 535 -96.06 32.54 88.44
C MET CB 535 -97.39 32.47 89.16
N ALA CB 536 -98.45 32.01 88.51
CA ALA CB 536 -99.77 32.18 89.11
C ALA CB 536 -100.14 31.05 90.07
N ASN CB 537 -99.58 29.85 89.87
CA ASN CB 537 -99.95 28.62 90.60
C ASN CB 537 -101.45 28.39 90.51
N ARG CB 538 -101.98 28.43 89.30
CA ARG CB 538 -103.42 28.37 89.09
C ARG CB 538 -103.81 27.21 88.20
N THR CB 539 -104.92 26.58 88.55
CA THR CB 539 -105.38 25.33 87.94
C THR CB 539 -106.03 25.68 86.61
N ILE CB 540 -105.90 24.79 85.62
CA ILE CB 540 -106.13 25.16 84.24
C ILE CB 540 -106.84 24.02 83.51
N LEU CB 541 -107.43 24.30 82.36
CA LEU CB 541 -108.05 23.28 81.53
C LEU CB 541 -107.17 22.82 80.38
N VAL CB 542 -106.60 23.75 79.62
CA VAL CB 542 -105.88 23.36 78.40
C VAL CB 542 -104.43 23.74 78.52
N ASP CB 543 -103.65 23.35 77.50
CA ASP CB 543 -102.22 23.54 77.42
C ASP CB 543 -101.87 23.19 75.99
N ASN CB 544 -100.59 23.38 75.61
CA ASN CB 544 -100.17 23.30 74.21
C ASN CB 544 -100.46 21.93 73.59
N ASN CB 545 -99.91 20.88 74.19
CA ASN CB 545 -99.66 19.66 73.45
C ASN CB 545 -100.93 18.86 73.19
N THR CB 546 -100.50 18.44 72.50
CA THR CB 546 -101.89 18.26 72.10
C THR CB 546 -102.26 16.78 72.04
N TRP CB 547 -102.19 16.10 73.20
CA TRP CB 547 -102.43 14.65 73.18
C TRP CB 547 -103.92 14.32 73.15
N ASN CB 548 -104.77 15.14 73.73
CA ASN CB 548 -106.21 14.97 73.60
C ASN CB 548 -106.75 16.16 72.80
N ASN CB 549 -107.18 15.89 71.58
CA ASN CB 549 -107.66 16.94 70.69
C ASN CB 549 -109.10 17.33 71.02
N THR CB 550 -109.88 16.41 71.56
CA THR CB 550 -111.28 16.71 71.88
C THR CB 550 -111.38 17.69 73.04
N HIS CB 551 -110.98 17.71 73.92
CA HIS CB 551 -110.86 18.61 75.05
C HIS CB 551 -110.49 20.02 74.65
N ILE CB 552 -109.67 20.15 73.62
CA ILE CB 552 -109.37 21.46 73.07
C ILE CB 552 -110.48 21.92 72.15
N SER CB 553 -111.18 20.98 71.51
CA SER CB 553 -112.20 21.35 70.52
C SER CB 553 -113.45 21.96 71.15
N ARG CB 554 -113.74 21.64 72.41
CA ARG CB 554 -114.89 22.32 73.02
C ARG CB 554 -114.51 23.65 73.65
N VAL CB 555 -113.25 24.07 73.52
CA VAL CB 555 -112.93 25.44 73.86
C VAL CB 555 -113.34 26.38 72.73
N GLY CB 556 -113.42 25.84 71.51
CA GLY CB 556 -113.98 26.59 70.40
C GLY CB 556 -115.45 26.89 70.58
N GLN CB 557 -116.20 25.99 71.21
CA GLN CB 557 -117.56 26.34 71.57
C GLN CB 557 -117.61 27.09 72.89
N ALA CB 558 -116.49 27.20 73.58
CA ALA CB 558 -116.41 28.16 74.68
C ALA CB 558 -116.07 29.55 74.16
N MET CB 559 -115.36 29.64 73.05
CA MET CB 559 -115.20 30.89 72.31
C MET CB 559 -116.11 30.90 71.08
N ALA CB 560 -117.41 31.01 71.32
CA ALA CB 560 -118.41 30.69 70.30
C ALA CB 560 -119.22 31.92 69.91
N SER CB 561 -120.29 31.66 69.15
CA SER CB 561 -121.22 32.71 68.76
C SER CB 561 -122.29 32.93 69.83
N THR CB 562 -123.05 31.89 70.13
CA THR CB 562 -124.10 31.94 71.12
C THR CB 562 -123.52 32.01 72.52
N GLU CB 563 -123.70 33.14 73.19
CA GLU CB 563 -123.27 33.30 74.56
C GLU CB 563 -124.07 32.42 75.50
N GLU CB 564 -125.33 32.15 75.17
CA GLU CB 564 -126.18 31.32 76.00
C GLU CB 564 -125.71 29.87 76.04
N LYS CB 565 -125.18 29.36 74.92
CA LYS CB 565 -124.63 28.02 74.90
C LYS CB 565 -123.18 27.97 75.32
N ALA CB 566 -122.40 28.97 74.93
CA ALA CB 566 -120.99 29.00 75.33
C ALA CB 566 -120.85 29.13 76.83
N TYR CB 567 -121.65 29.99 77.45
CA TYR CB 567 -121.64 30.12 78.89
C TYR CB 567 -122.22 28.88 79.57
N GLU CB 568 -123.05 28.12 78.87
CA GLU CB 568 -123.49 26.86 79.43
C GLU CB 568 -122.37 25.82 79.40
N ILE CB 569 -121.57 25.81 78.33
CA ILE CB 569 -120.41 24.93 78.27
C ILE CB 569 -119.38 25.36 79.31
N MET CB 570 -119.30 26.66 79.57
CA MET CB 570 -118.50 27.18 80.69
C MET CB 570 -118.99 26.62 82.00
N ARG CB 571 -120.29 26.80 82.29
CA ARG CB 571 -120.93 26.33 83.51
C ARG CB 571 -120.85 24.82 83.65
N GLU CB 572 -120.69 24.10 82.55
CA GLU CB 572 -120.34 22.70 82.60
C GLU CB 572 -118.97 22.48 83.20
N LEU CB 573 -118.02 23.37 82.95
CA LEU CB 573 -116.61 23.09 83.18
C LEU CB 573 -115.99 23.92 84.29
N ASP CB 574 -116.77 24.25 85.32
CA ASP CB 574 -116.29 24.74 86.62
C ASP CB 574 -115.51 26.05 86.51
N VAL CB 575 -116.23 27.09 86.15
CA VAL CB 575 -115.63 28.36 85.81
C VAL CB 575 -115.36 29.23 87.03
N SER CB 576 -114.26 29.97 86.98
CA SER CB 576 -114.06 31.09 87.89
C SER CB 576 -113.53 32.30 87.15
N TYR CB 577 -112.76 32.10 86.08
CA TYR CB 577 -112.03 33.20 85.45
C TYR CB 577 -111.76 32.86 83.99
N VAL CB 578 -111.89 33.86 83.11
CA VAL CB 578 -111.59 33.70 81.69
C VAL CB 578 -110.62 34.80 81.28
N LEU CB 579 -109.67 34.47 80.40
CA LEU CB 579 -108.74 35.44 79.84
C LEU CB 579 -108.81 35.43 78.32
N VAL CB 580 -108.54 36.58 77.72
CA VAL CB 580 -108.19 36.72 76.30
C VAL CB 580 -107.16 37.84 76.19
N ILE CB 581 -106.44 37.87 75.07
CA ILE CB 581 -105.39 38.86 74.84
C ILE CB 581 -105.80 39.75 73.67
N PHE CB 582 -105.48 41.05 73.78
CA PHE CB 582 -105.61 41.97 72.65
C PHE CB 582 -104.31 42.14 71.89
N GLY CB 583 -104.44 42.72 70.71
CA GLY CB 583 -103.31 43.23 69.95
C GLY CB 583 -103.71 44.44 69.13
N GLY CB 584 -104.93 44.94 69.37
CA GLY CB 584 -105.65 45.82 68.45
C GLY CB 584 -105.00 47.15 68.13
N LEU CB 585 -104.49 47.86 69.12
CA LEU CB 585 -104.10 49.25 68.94
C LEU CB 585 -102.60 49.44 68.75
N THR CB 586 -101.82 48.35 68.70
CA THR CB 586 -100.44 48.38 68.23
C THR CB 586 -100.12 47.31 67.21
N GLY CB 587 -101.02 46.35 66.99
CA GLY CB 587 -100.94 45.49 65.82
C GLY CB 587 -100.13 44.22 65.93
N TYR CB 588 -98.80 44.34 65.99
CA TYR CB 588 -97.91 43.21 65.76
C TYR CB 588 -97.83 42.24 66.93
N SER CB 589 -98.57 42.46 68.01
CA SER CB 589 -98.76 41.40 68.97
C SER CB 589 -99.82 40.43 68.46
N SER CB 590 -99.80 39.22 68.99
CA SER CB 590 -100.77 38.21 68.59
C SER CB 590 -102.15 38.61 69.12
N ASP CB 591 -102.44 36.43 69.88
CA ASP CB 591 -103.67 36.42 70.64
C ASP CB 591 -104.72 35.56 69.93
N ASP CB 592 -105.90 35.45 70.55
CA ASP CB 592 -106.95 34.62 69.98
C ASP CB 592 -107.86 35.42 69.07
N ILE CB 593 -107.32 36.22 68.15
CA ILE CB 593 -108.20 36.88 67.19
C ILE CB 593 -107.60 36.72 65.80
N ASN CB 594 -106.33 36.32 65.73
CA ASN CB 594 -105.72 36.02 64.45
C ASN CB 594 -105.43 34.54 64.26
N LYS CB 595 -105.43 33.76 65.34
CA LYS CB 595 -105.69 32.33 65.27
C LYS CB 595 -107.17 32.02 65.41
N PHE CB 596 -108.02 33.01 65.17
CA PHE CB 596 -109.46 32.84 65.24
C PHE CB 596 -110.01 32.12 64.03
N LEU CB 597 -109.30 32.22 62.92
CA LEU CB 597 -109.69 31.48 61.74
C LEU CB 597 -109.53 30.03 62.15
N TRP CB 598 -108.49 29.72 62.91
CA TRP CB 598 -108.24 28.35 63.34
C TRP CB 598 -109.42 27.89 64.19
N MET CB 599 -109.87 28.73 65.09
CA MET CB 599 -111.02 28.41 65.92
C MET CB 599 -112.26 28.29 65.06
N VAL CB 600 -112.37 29.16 64.05
CA VAL CB 600 -113.51 29.15 63.16
C VAL CB 600 -113.61 27.81 62.45
N ARG CB 601 -112.50 27.23 62.00
CA ARG CB 601 -112.63 25.93 61.32
C ARG CB 601 -112.35 24.71 62.20
N ILE CB 602 -112.07 24.95 63.49
CA ILE CB 602 -111.85 23.85 64.40
C ILE CB 602 -113.20 23.18 64.48
N GLY CB 603 -113.23 21.86 64.40
CA GLY CB 603 -114.53 21.21 64.36
C GLY CB 603 -114.46 19.79 64.87
N GLY CB 604 -115.25 19.51 65.90
CA GLY CB 604 -115.23 18.20 66.52
C GLY CB 604 -116.20 18.12 67.68
N SER CB 605 -116.90 16.99 67.78
CA SER CB 605 -118.00 16.76 68.74
C SER CB 605 -119.06 17.85 68.64
N THR CB 606 -119.34 18.26 67.42
CA THR CB 606 -120.23 19.38 67.19
C THR CB 606 -121.15 19.10 66.02
N ASP CB 607 -122.31 19.73 66.09
CA ASP CB 607 -123.29 19.69 65.02
C ASP CB 607 -123.86 21.06 64.73
N THR CB 608 -123.84 21.98 65.68
CA THR CB 608 -124.53 23.25 65.54
C THR CB 608 -123.51 24.37 65.50
N GLY CB 609 -123.61 25.22 64.49
CA GLY CB 609 -122.71 26.35 64.38
C GLY CB 609 -121.35 25.88 63.91
N LYS CB 610 -120.58 25.28 64.83
CA LYS CB 610 -119.22 24.84 64.57
C LYS CB 610 -119.12 23.70 63.57
N HIS CB 611 -120.25 23.17 63.12
CA HIS CB 611 -120.25 22.33 61.93
C HIS CB 611 -119.77 23.11 60.71
N ILE CB 612 -120.43 24.23 60.41
CA ILE CB 612 -120.27 24.91 59.14
C ILE CB 612 -119.20 25.98 59.31
N LYS CB 613 -118.09 25.83 58.57
CA LYS CB 613 -116.85 26.61 58.75
C LYS CB 613 -117.04 28.10 58.54
N GLU CB 614 -118.06 28.51 57.79
CA GLU CB 614 -118.30 29.92 57.57
C GLU CB 614 -118.80 30.60 58.84
N HIS CB 615 -119.88 30.06 59.39
CA HIS CB 615 -120.65 30.43 60.59
C HIS CB 615 -121.29 31.80 60.40
N ASP CB 616 -120.55 32.83 60.01
CA ASP CB 616 -121.06 34.16 59.76
C ASP CB 616 -120.05 34.97 58.96
N TYR CB 617 -118.78 34.61 59.14
CA TYR CB 617 -117.72 35.61 59.32
C TYR CB 617 -117.26 36.30 58.05
N TYR CB 618 -117.99 36.13 56.97
CA TYR CB 618 -117.58 36.70 55.71
C TYR CB 618 -118.66 37.72 55.36
N THR CB 619 -118.32 38.66 54.50
CA THR CB 619 -119.37 39.28 53.70
C THR CB 619 -120.00 38.16 52.88
N PRO CB 620 -121.34 38.14 52.74
CA PRO CB 620 -122.00 36.90 52.27
C PRO CB 620 -121.67 36.49 50.84
N THR CB 621 -120.90 37.29 50.10
CA THR CB 621 -120.23 36.81 48.92
C THR CB 621 -118.98 36.00 49.24
N GLY CB 622 -118.48 36.08 50.48
CA GLY CB 622 -117.32 35.29 50.85
C GLY CB 622 -116.03 36.06 51.09
N GLU CB 623 -116.11 37.24 51.72
CA GLU CB 623 -114.92 37.98 52.09
C GLU CB 623 -115.04 38.53 53.50
N PHE CB 624 -113.92 38.50 54.22
CA PHE CB 624 -113.88 38.87 55.65
C PHE CB 624 -114.08 40.36 55.82
N ARG CB 625 -115.14 40.71 56.57
CA ARG CB 625 -115.25 42.00 57.25
C ARG CB 625 -115.84 41.80 58.64
N VAL CB 626 -115.53 42.74 59.54
CA VAL CB 626 -115.85 42.58 60.96
C VAL CB 626 -116.68 43.78 61.42
N ASP CB 627 -116.49 44.93 60.77
CA ASP CB 627 -117.03 46.21 61.22
C ASP CB 627 -118.52 46.37 60.97
N ARG CB 628 -118.98 47.63 60.93
CA ARG CB 628 -120.32 47.94 60.43
C ARG CB 628 -120.59 47.30 59.08
N GLU CB 629 -119.59 47.26 58.19
CA GLU CB 629 -119.65 46.49 56.96
C GLU CB 629 -119.35 45.01 57.17
N GLY CB 630 -119.20 44.56 58.40
CA GLY CB 630 -118.98 43.16 58.68
C GLY CB 630 -120.28 42.38 58.81
N SER CB 631 -120.21 41.35 59.61
CA SER CB 631 -121.29 40.39 59.63
C SER CB 631 -121.90 40.28 61.03
N PRO CB 632 -123.23 40.22 61.13
CA PRO CB 632 -123.89 40.50 62.41
C PRO CB 632 -123.87 39.36 63.42
N VAL CB 633 -123.70 38.10 63.03
CA VAL CB 633 -123.59 37.09 64.06
C VAL CB 633 -122.18 37.13 64.67
N LEU CB 634 -121.21 37.63 63.90
CA LEU CB 634 -119.92 38.01 64.49
C LEU CB 634 -120.07 39.17 65.46
N LEU CB 635 -120.96 40.12 65.16
CA LEU CB 635 -121.36 41.11 66.15
C LEU CB 635 -121.99 40.47 67.38
N ASN CB 636 -122.73 39.39 67.19
CA ASN CB 636 -123.28 38.63 68.31
C ASN CB 636 -122.38 37.50 68.76
N CYS CB 637 -121.26 37.26 68.09
CA CYS CB 637 -120.27 36.32 68.59
C CYS CB 637 -119.62 36.83 69.86
N LEU CB 638 -118.85 35.94 70.49
CA LEU CB 638 -118.11 36.37 71.67
C LEU CB 638 -117.02 37.35 71.29
N MET CB 639 -116.03 36.93 70.51
CA MET CB 639 -114.73 37.58 70.45
C MET CB 639 -114.78 39.05 70.00
N TYR CB 640 -115.86 39.45 69.35
CA TYR CB 640 -116.13 40.84 69.05
C TYR CB 640 -116.81 41.58 70.20
N LYS CB 641 -117.25 40.87 71.24
CA LYS CB 641 -117.78 41.51 72.43
C LYS CB 641 -117.05 40.97 73.64
N MET CB 642 -116.54 39.73 73.51
CA MET CB 642 -115.69 39.14 74.55
C MET CB 642 -114.51 40.04 74.81
N CYS CB 643 -113.80 40.39 73.76
CA CYS CB 643 -112.74 41.38 73.84
C CYS CB 643 -113.31 42.76 74.07
N TYR CB 644 -114.16 43.22 73.16
CA TYR CB 644 -114.49 44.64 73.06
C TYR CB 644 -115.51 45.02 74.13
N TYR CB 645 -115.06 45.74 75.14
CA TYR CB 645 -115.94 46.54 75.98
C TYR CB 645 -115.35 47.93 76.12
N ARG CB 646 -116.21 48.93 75.99
CA ARG CB 646 -115.90 50.34 76.21
C ARG CB 646 -114.83 50.87 75.25
N PHE CB 647 -114.58 50.20 74.14
CA PHE CB 647 -113.57 50.68 73.21
C PHE CB 647 -114.06 51.70 72.22
N GLY CB 648 -115.38 51.83 72.05
CA GLY CB 648 -115.88 53.01 71.39
C GLY CB 648 -115.62 54.28 72.19
N GLN CB 649 -115.50 54.15 73.51
CA GLN CB 649 -115.47 55.26 74.43
C GLN CB 649 -114.06 55.75 74.73
N VAL CB 650 -113.02 55.07 74.24
CA VAL CB 650 -111.66 55.39 74.66
C VAL CB 650 -110.81 55.86 73.50
N TYR CB 651 -110.63 55.01 72.49
CA TYR CB 651 -109.80 55.48 71.41
C TYR CB 651 -110.64 56.24 70.37
N THR CB 652 -109.98 57.08 69.60
CA THR CB 652 -110.61 57.93 68.59
C THR CB 652 -110.05 57.59 67.21
N GLU CB 653 -110.51 58.35 66.22
CA GLU CB 653 -109.92 58.47 64.88
C GLU CB 653 -109.99 57.18 64.06
N ALA CB 654 -110.88 56.25 64.45
CA ALA CB 654 -111.21 55.03 63.68
C ALA CB 654 -109.99 54.12 63.48
N LYS CB 655 -109.61 53.44 64.57
CA LYS CB 655 -108.48 52.50 64.62
C LYS CB 655 -108.92 51.23 65.33
N ASP CB 661 -107.99 50.48 65.98
CA ASP CB 661 -107.77 49.01 66.00
C ASP CB 661 -106.96 48.52 64.82
N ARG CB 662 -105.70 48.95 64.79
CA ARG CB 662 -104.66 48.75 63.79
C ARG CB 662 -104.54 47.35 63.20
N VAL CB 663 -104.95 46.32 63.94
CA VAL CB 663 -105.04 44.98 63.37
C VAL CB 663 -106.07 44.96 62.25
N ARG CB 664 -107.27 45.45 62.53
CA ARG CB 664 -108.30 45.54 61.52
C ARG CB 664 -108.39 46.90 60.87
N ASN CB 665 -107.72 47.90 61.46
CA ASN CB 665 -107.98 49.32 61.21
C ASN CB 665 -109.46 49.62 61.34
N ALA CB 666 -110.04 49.11 62.44
CA ALA CB 666 -111.49 49.04 62.62
C ALA CB 666 -112.01 50.39 63.06
N GLU CB 667 -113.21 50.42 63.61
CA GLU CB 667 -113.83 51.69 63.97
C GLU CB 667 -114.51 51.59 65.34
N ILE CB 668 -114.56 52.74 66.01
CA ILE CB 668 -115.45 52.94 67.14
C ILE CB 668 -116.86 52.98 66.61
N GLY CB 669 -117.85 52.73 67.46
CA GLY CB 669 -119.22 52.94 67.02
C GLY CB 669 -120.21 51.89 67.45
N ASN CB 670 -119.73 50.69 67.73
CA ASN CB 670 -120.61 49.70 68.30
C ASN CB 670 -120.91 50.06 69.75
N LYS CB 671 -122.15 49.79 70.18
CA LYS CB 671 -122.53 49.95 71.58
C LYS CB 671 -121.71 48.98 72.39
N ASP CB 672 -121.90 47.68 72.12
CA ASP CB 672 -120.87 46.65 72.29
C ASP CB 672 -120.53 46.35 73.75
N PHE CB 673 -121.16 47.05 74.69
CA PHE CB 673 -120.93 46.82 76.10
C PHE CB 673 -122.11 46.02 76.61
N GLU CB 674 -121.95 44.70 76.67
CA GLU CB 674 -123.05 43.85 77.09
C GLU CB 674 -122.46 42.58 77.71
N LEU CB 675 -122.16 42.64 79.00
CA LEU CB 675 -121.68 41.50 79.78
C LEU CB 675 -122.88 40.72 80.28
N ASP CB 676 -123.41 39.87 79.39
CA ASP CB 676 -124.62 39.11 79.72
C ASP CB 676 -124.34 38.09 80.80
N VAL CB 677 -123.16 37.48 80.80
CA VAL CB 677 -122.88 36.38 81.69
C VAL CB 677 -121.64 36.60 82.55
N LEU CB 678 -120.93 37.71 82.41
CA LEU CB 678 -119.68 37.92 83.15
C LEU CB 678 -119.61 39.31 83.76
N GLU CB 679 -118.47 39.63 84.40
CA GLU CB 679 -118.08 41.00 84.69
C GLU CB 679 -116.61 41.18 84.36
N GLU CB 680 -116.16 42.43 84.37
CA GLU CB 680 -114.74 42.68 84.19
C GLU CB 680 -114.02 42.31 85.47
N ALA CB 681 -112.77 41.89 85.35
CA ALA CB 681 -111.96 41.68 86.54
C ALA CB 681 -110.72 42.55 86.52
N TYR CB 682 -110.28 42.95 85.33
CA TYR CB 682 -109.12 43.84 85.29
C TYR CB 682 -109.26 44.90 84.20
N THR CB 683 -109.49 46.14 84.64
CA THR CB 683 -109.40 47.33 83.80
C THR CB 683 -107.92 47.57 83.50
N THR CB 684 -107.61 47.77 82.23
CA THR CB 684 -106.27 47.48 81.74
C THR CB 684 -105.35 48.69 81.81
N GLU CB 685 -104.05 48.45 81.93
CA GLU CB 685 -103.08 49.52 81.85
C GLU CB 685 -102.74 49.86 80.40
N HIS CB 686 -102.47 48.86 79.59
CA HIS CB 686 -102.21 49.08 78.18
C HIS CB 686 -103.07 48.18 77.31
N TRP CB 687 -104.39 48.18 77.56
CA TRP CB 687 -105.41 47.41 76.83
C TRP CB 687 -105.04 45.94 76.66
N LEU CB 688 -104.33 45.40 77.65
CA LEU CB 688 -103.51 44.22 77.42
C LEU CB 688 -104.36 42.94 77.46
N VAL CB 689 -104.95 42.64 78.60
CA VAL CB 689 -105.78 41.46 78.82
C VAL CB 689 -106.94 41.86 79.70
N ARG CB 690 -108.15 41.66 79.22
CA ARG CB 690 -109.33 41.87 80.04
C ARG CB 690 -109.65 40.57 80.78
N ILE CB 691 -109.36 40.55 82.07
CA ILE CB 691 -109.64 39.41 82.93
C ILE CB 691 -111.14 39.42 83.23
N TYR CB 692 -111.75 38.24 83.23
CA TYR CB 692 -113.21 38.14 83.24
C TYR CB 692 -113.70 37.53 84.55
N LYS CB 693 -114.25 38.39 85.38
CA LYS CB 693 -115.00 38.04 86.58
C LYS CB 693 -116.21 37.23 86.12
N VAL CB 694 -116.14 35.91 86.25
CA VAL CB 694 -117.17 35.06 85.68
C VAL CB 694 -118.39 35.10 86.59
N LYS CB 695 -119.49 35.64 86.07
CA LYS CB 695 -120.71 35.88 86.83
C LYS CB 695 -121.64 34.68 86.72
N ASP CB 696 -122.37 34.43 87.81
CA ASP CB 696 -123.46 33.46 87.83
C ASP CB 696 -124.51 33.84 86.79
N UNK DB 1 -77.06 -36.08 47.90
CA UNK DB 1 -76.02 -35.47 47.08
C UNK DB 1 -75.54 -34.16 47.68
N UNK DB 2 -76.49 -33.30 48.03
CA UNK DB 2 -76.14 -32.07 48.72
C UNK DB 2 -76.03 -32.32 50.22
N UNK DB 3 -76.98 -33.06 50.79
CA UNK DB 3 -77.08 -33.21 52.25
C UNK DB 3 -75.93 -34.03 52.80
N UNK DB 4 -75.38 -34.92 51.98
CA UNK DB 4 -74.13 -35.59 52.36
C UNK DB 4 -73.02 -34.57 52.51
N UNK DB 5 -72.96 -33.59 51.62
CA UNK DB 5 -71.91 -32.57 51.71
C UNK DB 5 -72.27 -31.56 52.80
N UNK DB 6 -73.55 -31.48 53.17
CA UNK DB 6 -73.97 -30.66 54.30
C UNK DB 6 -73.45 -31.27 55.60
N UNK DB 7 -73.61 -32.59 55.76
CA UNK DB 7 -73.00 -33.28 56.90
C UNK DB 7 -71.49 -33.20 56.84
N UNK DB 8 -70.92 -33.21 55.62
CA UNK DB 8 -69.47 -33.05 55.46
C UNK DB 8 -68.99 -31.68 55.95
N UNK DB 9 -69.70 -30.63 55.56
CA UNK DB 9 -69.25 -29.30 55.93
C UNK DB 9 -69.59 -29.00 57.39
N UNK DB 10 -70.60 -29.67 57.92
CA UNK DB 10 -70.81 -29.73 59.36
C UNK DB 10 -69.61 -30.40 60.04
N UNK DB 11 -69.07 -31.44 59.41
CA UNK DB 11 -67.91 -32.10 59.99
C UNK DB 11 -66.66 -31.25 59.83
N UNK DB 12 -66.62 -30.40 58.81
CA UNK DB 12 -65.51 -29.47 58.67
C UNK DB 12 -65.63 -28.35 59.70
N UNK DB 13 -66.87 -27.96 60.02
CA UNK DB 13 -67.11 -27.08 61.15
C UNK DB 13 -66.61 -27.70 62.45
N UNK DB 14 -66.88 -28.99 62.65
CA UNK DB 14 -66.36 -29.70 63.81
C UNK DB 14 -64.84 -29.86 63.74
N UNK DB 15 -64.29 -29.81 62.53
CA UNK DB 15 -62.85 -29.80 62.36
C UNK DB 15 -62.31 -28.44 62.77
N UNK DB 16 -63.16 -27.42 62.70
CA UNK DB 16 -62.79 -26.06 63.06
C UNK DB 16 -63.26 -25.67 64.44
N UNK DB 17 -63.08 -26.55 65.44
CA UNK DB 17 -63.69 -26.32 66.75
C UNK DB 17 -62.98 -25.34 67.69
N UNK DB 18 -61.65 -25.13 67.62
CA UNK DB 18 -60.80 -25.26 68.82
C UNK DB 18 -61.13 -24.35 70.00
N UNK DB 19 -60.47 -24.67 71.11
CA UNK DB 19 -60.86 -24.53 72.54
C UNK DB 19 -61.66 -23.25 72.81
N UNK DB 20 -61.16 -22.08 72.44
CA UNK DB 20 -61.94 -20.87 72.72
C UNK DB 20 -63.19 -20.83 71.86
N UNK DB 21 -63.09 -21.26 70.61
CA UNK DB 21 -64.26 -21.24 69.74
C UNK DB 21 -65.23 -22.34 70.13
N UNK DB 22 -64.68 -23.45 70.65
CA UNK DB 22 -65.47 -24.47 71.33
C UNK DB 22 -66.29 -23.88 72.47
N UNK DB 23 -65.64 -23.09 73.32
CA UNK DB 23 -66.33 -22.42 74.41
C UNK DB 23 -67.41 -21.46 73.89
N UNK DB 24 -67.11 -20.73 72.82
CA UNK DB 24 -68.03 -19.68 72.38
C UNK DB 24 -69.27 -20.25 71.72
N UNK DB 25 -69.11 -21.19 70.79
CA UNK DB 25 -70.29 -21.73 70.14
C UNK DB 25 -71.05 -22.65 71.09
N UNK DB 26 -70.34 -23.19 72.09
CA UNK DB 26 -71.02 -23.82 73.22
C UNK DB 26 -72.01 -22.87 73.87
N UNK DB 27 -71.49 -21.73 74.38
CA UNK DB 27 -72.30 -20.66 75.00
C UNK DB 27 -73.49 -20.30 74.15
N UNK DB 28 -73.22 -20.05 72.87
CA UNK DB 28 -74.22 -19.62 71.90
C UNK DB 28 -75.35 -20.62 71.78
N UNK DB 29 -75.03 -21.91 71.61
CA UNK DB 29 -76.09 -22.90 71.42
C UNK DB 29 -76.90 -23.10 72.68
N UNK DB 30 -76.25 -22.94 73.85
CA UNK DB 30 -76.93 -23.05 75.13
C UNK DB 30 -78.05 -22.03 75.24
N UNK DB 31 -77.71 -20.76 75.06
CA UNK DB 31 -78.74 -19.76 75.33
C UNK DB 31 -79.50 -19.40 74.06
N UNK DB 32 -79.07 -19.95 72.92
CA UNK DB 32 -79.99 -20.08 71.80
C UNK DB 32 -81.17 -20.97 72.13
N UNK DB 33 -80.91 -22.13 72.77
CA UNK DB 33 -82.00 -22.97 73.23
C UNK DB 33 -82.85 -22.26 74.28
N UNK DB 34 -82.19 -21.53 75.19
CA UNK DB 34 -82.90 -20.77 76.21
C UNK DB 34 -83.85 -19.74 75.60
N UNK DB 35 -83.35 -18.94 74.67
CA UNK DB 35 -84.18 -17.89 74.09
C UNK DB 35 -85.23 -18.43 73.14
N UNK DB 36 -84.95 -19.58 72.50
CA UNK DB 36 -85.99 -20.22 71.68
C UNK DB 36 -87.16 -20.65 72.55
N UNK DB 37 -86.88 -21.17 73.74
CA UNK DB 37 -87.96 -21.51 74.66
C UNK DB 37 -88.65 -20.26 75.19
N UNK DB 38 -87.89 -19.17 75.35
CA UNK DB 38 -88.49 -17.92 75.80
C UNK DB 38 -89.47 -17.38 74.76
N UNK DB 39 -89.13 -17.50 73.50
CA UNK DB 39 -90.08 -17.18 72.44
C UNK DB 39 -91.24 -18.16 72.43
N UNK DB 40 -90.98 -19.40 72.81
CA UNK DB 40 -92.04 -20.40 72.79
C UNK DB 40 -93.09 -20.19 73.87
N UNK DB 41 -92.74 -19.54 74.97
CA UNK DB 41 -93.72 -19.44 76.06
C UNK DB 41 -94.81 -18.43 75.76
N UNK DB 42 -94.52 -17.36 75.02
CA UNK DB 42 -95.63 -16.52 74.56
C UNK DB 42 -96.19 -17.01 73.24
N UNK DB 43 -95.67 -18.10 72.70
CA UNK DB 43 -96.47 -18.90 71.81
C UNK DB 43 -97.38 -19.85 72.59
N UNK DB 44 -96.13 -8.73 79.77
CA UNK DB 44 -95.52 -8.15 78.57
C UNK DB 44 -94.36 -7.18 78.86
N UNK DB 45 -94.13 -6.83 80.14
CA UNK DB 45 -93.19 -5.77 80.46
C UNK DB 45 -91.92 -6.32 81.11
N UNK DB 46 -92.08 -7.30 81.98
CA UNK DB 46 -90.90 -8.00 82.48
C UNK DB 46 -90.57 -9.19 81.59
N UNK DB 47 -91.54 -9.65 80.81
CA UNK DB 47 -91.30 -10.87 80.06
C UNK DB 47 -90.54 -10.57 78.77
N UNK DB 48 -91.12 -9.71 77.94
CA UNK DB 48 -90.60 -9.51 76.61
C UNK DB 48 -89.29 -8.75 76.66
N UNK DB 49 -89.13 -7.92 77.69
CA UNK DB 49 -87.84 -7.36 78.04
C UNK DB 49 -86.83 -8.46 78.33
N UNK DB 50 -87.28 -9.51 79.01
CA UNK DB 50 -86.41 -10.64 79.27
C UNK DB 50 -85.98 -11.35 78.00
N UNK DB 51 -86.95 -11.59 77.10
CA UNK DB 51 -86.66 -12.27 75.83
C UNK DB 51 -85.66 -11.50 74.99
N UNK DB 52 -85.96 -10.22 74.75
CA UNK DB 52 -85.11 -9.39 73.92
C UNK DB 52 -83.73 -9.27 74.54
N UNK DB 53 -83.69 -9.09 75.87
CA UNK DB 53 -82.42 -8.91 76.59
C UNK DB 53 -81.54 -10.13 76.44
N UNK DB 54 -82.09 -11.31 76.77
CA UNK DB 54 -81.34 -12.57 76.70
C UNK DB 54 -80.84 -12.83 75.28
N UNK DB 55 -81.77 -12.88 74.32
CA UNK DB 55 -81.42 -13.33 72.97
C UNK DB 55 -80.46 -12.36 72.31
N UNK DB 56 -80.82 -11.08 72.29
CA UNK DB 56 -80.01 -10.11 71.59
C UNK DB 56 -78.67 -9.89 72.26
N UNK DB 57 -78.68 -9.72 73.60
CA UNK DB 57 -77.45 -9.43 74.32
C UNK DB 57 -76.50 -10.61 74.26
N UNK DB 58 -77.04 -11.82 74.22
CA UNK DB 58 -76.14 -12.95 74.30
C UNK DB 58 -75.60 -13.34 72.92
N UNK DB 59 -76.46 -13.31 71.89
CA UNK DB 59 -75.96 -13.57 70.54
C UNK DB 59 -74.99 -12.48 70.12
N UNK DB 60 -75.30 -11.24 70.50
CA UNK DB 60 -74.38 -10.11 70.50
C UNK DB 60 -73.05 -10.47 71.14
N UNK DB 61 -73.08 -10.90 72.40
CA UNK DB 61 -71.87 -11.10 73.18
C UNK DB 61 -71.02 -12.20 72.58
N UNK DB 62 -71.67 -13.28 72.17
CA UNK DB 62 -70.94 -14.41 71.62
C UNK DB 62 -70.30 -14.12 70.28
N UNK DB 63 -71.04 -13.46 69.38
CA UNK DB 63 -70.47 -13.27 68.06
C UNK DB 63 -69.48 -12.12 68.06
N UNK DB 64 -69.71 -11.10 68.90
CA UNK DB 64 -68.71 -10.07 69.09
C UNK DB 64 -67.44 -10.64 69.67
N UNK DB 65 -67.57 -11.60 70.58
CA UNK DB 65 -66.41 -12.30 71.11
C UNK DB 65 -65.72 -13.11 70.03
N UNK DB 66 -66.52 -13.79 69.21
CA UNK DB 66 -66.01 -14.67 68.17
C UNK DB 66 -65.16 -13.91 67.17
N UNK DB 67 -65.53 -12.68 66.87
CA UNK DB 67 -64.87 -11.99 65.76
C UNK DB 67 -63.89 -10.95 66.24
N UNK DB 68 -64.03 -10.48 67.48
CA UNK DB 68 -62.99 -9.64 68.03
C UNK DB 68 -61.82 -10.50 68.50
N UNK DB 69 -62.12 -11.67 69.03
CA UNK DB 69 -61.19 -12.42 69.86
C UNK DB 69 -60.53 -13.58 69.15
N UNK DB 70 -60.87 -13.83 67.89
CA UNK DB 70 -60.24 -14.91 67.15
C UNK DB 70 -58.87 -14.48 66.64
N UNK DB 71 -58.34 -15.26 65.70
CA UNK DB 71 -57.22 -14.75 64.92
C UNK DB 71 -57.70 -14.17 63.60
N UNK DB 72 -58.66 -14.82 62.89
CA UNK DB 72 -58.72 -14.80 61.38
C UNK DB 72 -59.22 -13.44 60.86
N UNK DB 73 -58.51 -12.40 61.30
CA UNK DB 73 -59.05 -11.06 61.51
C UNK DB 73 -57.85 -10.15 61.62
N UNK DB 74 -56.01 -8.46 71.51
CA UNK DB 74 -56.80 -9.18 72.49
C UNK DB 74 -56.18 -9.06 73.87
N UNK DB 75 -56.99 -9.45 74.89
CA UNK DB 75 -56.82 -9.31 76.34
C UNK DB 75 -57.00 -7.87 76.81
N UNK DB 76 -57.10 -6.93 75.88
CA UNK DB 76 -58.02 -5.81 76.02
C UNK DB 76 -59.40 -6.21 75.57
N UNK DB 77 -59.52 -7.45 75.10
CA UNK DB 77 -60.73 -7.96 74.51
C UNK DB 77 -61.82 -8.19 75.53
N UNK DB 78 -61.60 -8.99 76.57
CA UNK DB 78 -62.65 -9.30 77.54
C UNK DB 78 -63.16 -8.10 78.31
N UNK DB 79 -62.39 -7.02 78.37
CA UNK DB 79 -62.80 -5.75 78.96
C UNK DB 79 -64.08 -5.25 78.33
N UNK DB 80 -64.17 -5.41 77.01
CA UNK DB 80 -65.40 -5.12 76.27
C UNK DB 80 -66.57 -5.93 76.79
N UNK DB 81 -66.40 -7.24 76.97
CA UNK DB 81 -67.51 -8.04 77.44
C UNK DB 81 -67.83 -7.77 78.89
N UNK DB 82 -66.84 -7.35 79.69
CA UNK DB 82 -67.14 -6.87 81.04
C UNK DB 82 -68.08 -5.68 81.01
N UNK DB 83 -67.62 -4.58 80.43
CA UNK DB 83 -68.39 -3.35 80.53
C UNK DB 83 -69.46 -3.28 79.46
N UNK DB 84 -69.68 -4.38 78.74
CA UNK DB 84 -70.77 -4.41 77.78
C UNK DB 84 -71.68 -5.60 78.03
N UNK DB 85 -71.39 -6.39 79.05
CA UNK DB 85 -72.36 -7.36 79.52
C UNK DB 85 -72.94 -6.92 80.84
N UNK DB 86 -72.21 -6.09 81.55
CA UNK DB 86 -72.76 -5.55 82.79
C UNK DB 86 -73.96 -4.62 82.58
N UNK DB 87 -74.04 -3.74 81.56
CA UNK DB 87 -75.31 -3.02 81.37
C UNK DB 87 -76.45 -3.89 80.86
N UNK DB 88 -76.28 -4.88 79.96
CA UNK DB 88 -77.46 -5.73 79.69
C UNK DB 88 -77.72 -6.76 80.76
N UNK DB 89 -76.97 -6.72 81.87
CA UNK DB 89 -77.45 -7.35 83.08
C UNK DB 89 -78.24 -6.38 83.93
N UNK DB 90 -77.71 -5.18 84.12
CA UNK DB 90 -78.31 -4.27 85.09
C UNK DB 90 -79.59 -3.65 84.55
N UNK DB 91 -79.57 -3.26 83.28
CA UNK DB 91 -80.69 -2.64 82.58
C UNK DB 91 -81.97 -3.48 82.54
N UNK DB 92 -81.99 -4.78 82.17
CA UNK DB 92 -83.28 -5.48 82.17
C UNK DB 92 -83.85 -5.67 83.56
N UNK DB 93 -83.02 -5.77 84.59
CA UNK DB 93 -83.53 -5.73 85.94
C UNK DB 93 -84.01 -4.34 86.35
N UNK DB 94 -83.75 -3.32 85.56
CA UNK DB 94 -84.48 -2.08 85.70
C UNK DB 94 -85.71 -2.02 84.81
N UNK DB 95 -85.71 -2.78 83.73
CA UNK DB 95 -86.82 -2.84 82.78
C UNK DB 95 -87.79 -3.97 83.08
N UNK DB 96 -87.35 -5.00 83.80
CA UNK DB 96 -88.27 -5.99 84.33
C UNK DB 96 -88.60 -5.70 85.79
N UNK DB 97 -87.79 -4.85 86.43
CA UNK DB 97 -87.85 -4.50 87.86
C UNK DB 97 -87.83 -5.75 88.75
N UNK EB 1 -94.36 -15.19 84.03
CA UNK EB 1 -93.37 -15.10 85.10
C UNK EB 1 -92.16 -15.95 84.74
N UNK EB 2 -92.22 -16.59 83.58
CA UNK EB 2 -91.21 -17.59 83.22
C UNK EB 2 -89.89 -16.94 82.86
N UNK EB 3 -89.93 -15.83 82.10
CA UNK EB 3 -88.67 -15.24 81.69
C UNK EB 3 -88.06 -14.39 82.79
N UNK EB 4 -88.79 -14.16 83.89
CA UNK EB 4 -88.16 -13.58 85.07
C UNK EB 4 -87.05 -14.49 85.57
N UNK EB 5 -87.41 -15.74 85.85
CA UNK EB 5 -86.42 -16.75 86.21
C UNK EB 5 -85.46 -17.02 85.06
N UNK EB 6 -85.95 -17.00 83.82
CA UNK EB 6 -85.08 -17.36 82.71
C UNK EB 6 -84.03 -16.27 82.44
N UNK EB 7 -84.36 -15.03 82.76
CA UNK EB 7 -83.40 -13.95 82.58
C UNK EB 7 -82.38 -13.94 83.71
N UNK EB 8 -82.82 -14.22 84.94
CA UNK EB 8 -81.87 -14.42 86.02
C UNK EB 8 -80.96 -15.61 85.74
N UNK EB 9 -81.50 -16.62 85.07
CA UNK EB 9 -80.73 -17.80 84.71
C UNK EB 9 -79.72 -17.50 83.62
N UNK EB 10 -80.10 -16.66 82.65
CA UNK EB 10 -79.14 -16.29 81.62
C UNK EB 10 -78.04 -15.43 82.20
N UNK EB 11 -78.36 -14.65 83.24
CA UNK EB 11 -77.34 -13.91 83.97
C UNK EB 11 -76.35 -14.85 84.65
N UNK EB 12 -76.86 -15.88 85.32
CA UNK EB 12 -75.98 -16.84 85.98
C UNK EB 12 -75.19 -17.66 84.97
N UNK EB 13 -75.79 -17.95 83.81
CA UNK EB 13 -75.10 -18.70 82.79
C UNK EB 13 -73.98 -17.89 82.17
N UNK EB 14 -74.19 -16.57 82.02
CA UNK EB 14 -73.11 -15.69 81.60
C UNK EB 14 -72.03 -15.60 82.66
N UNK EB 15 -72.42 -15.71 83.94
CA UNK EB 15 -71.44 -15.69 85.02
C UNK EB 15 -70.53 -16.91 84.96
N UNK EB 16 -71.11 -18.10 84.80
CA UNK EB 16 -70.30 -19.30 84.65
C UNK EB 16 -69.56 -19.31 83.33
N UNK EB 17 -70.10 -18.62 82.32
CA UNK EB 17 -69.43 -18.49 81.04
C UNK EB 17 -68.15 -17.69 81.16
N UNK EB 18 -68.23 -16.56 81.87
CA UNK EB 18 -67.04 -15.78 82.19
C UNK EB 18 -66.08 -16.58 83.05
N UNK EB 19 -66.61 -17.39 83.98
CA UNK EB 19 -65.79 -18.23 84.83
C UNK EB 19 -64.99 -19.24 84.03
N UNK EB 20 -65.63 -19.92 83.08
CA UNK EB 20 -64.95 -20.92 82.27
C UNK EB 20 -63.94 -20.28 81.31
N UNK EB 21 -64.33 -19.19 80.65
CA UNK EB 21 -63.44 -18.57 79.67
C UNK EB 21 -62.25 -17.91 80.35
N UNK EB 22 -62.40 -17.50 81.61
CA UNK EB 22 -61.30 -16.88 82.32
C UNK EB 22 -60.42 -17.92 83.00
N UNK EB 23 -61.02 -18.99 83.52
CA UNK EB 23 -60.23 -20.01 84.21
C UNK EB 23 -59.50 -20.90 83.23
N UNK EB 24 -59.94 -20.90 81.98
CA UNK EB 24 -59.15 -21.51 80.92
C UNK EB 24 -57.82 -20.78 80.75
N UNK EB 25 -57.82 -19.48 80.99
CA UNK EB 25 -56.60 -18.70 81.11
C UNK EB 25 -56.06 -18.83 82.52
N UNK FB 1 -102.57 -20.28 82.62
CA UNK FB 1 -102.37 -21.66 83.06
C UNK FB 1 -101.12 -21.78 83.90
N UNK FB 2 -101.27 -22.21 85.15
CA UNK FB 2 -100.12 -22.42 86.02
C UNK FB 2 -99.30 -23.62 85.57
N UNK FB 3 -99.97 -24.56 84.88
CA UNK FB 3 -99.28 -25.68 84.26
C UNK FB 3 -98.30 -25.20 83.20
N UNK FB 4 -98.68 -24.16 82.45
CA UNK FB 4 -97.79 -23.59 81.44
C UNK FB 4 -96.58 -22.94 82.09
N UNK FB 5 -96.79 -22.28 83.23
CA UNK FB 5 -95.69 -21.65 83.98
C UNK FB 5 -94.70 -22.69 84.48
N UNK FB 6 -95.22 -23.77 85.05
CA UNK FB 6 -94.37 -24.87 85.50
C UNK FB 6 -93.68 -25.53 84.32
N UNK FB 7 -94.39 -25.66 83.20
CA UNK FB 7 -93.86 -26.35 82.03
C UNK FB 7 -92.70 -25.59 81.41
N UNK FB 8 -92.83 -24.27 81.30
CA UNK FB 8 -91.74 -23.48 80.74
C UNK FB 8 -90.59 -23.37 81.74
N UNK FB 9 -90.89 -23.33 83.04
CA UNK FB 9 -89.82 -23.23 84.03
C UNK FB 9 -88.95 -24.47 84.00
N UNK FB 10 -89.60 -25.63 83.92
CA UNK FB 10 -88.86 -26.89 83.77
C UNK FB 10 -88.17 -26.95 82.40
N UNK FB 11 -88.77 -26.36 81.38
CA UNK FB 11 -88.19 -26.41 80.04
C UNK FB 11 -86.91 -25.59 79.97
N UNK FB 12 -86.91 -24.41 80.60
CA UNK FB 12 -85.71 -23.58 80.59
C UNK FB 12 -84.65 -24.15 81.52
N UNK FB 13 -85.08 -24.77 82.62
CA UNK FB 13 -84.15 -25.48 83.47
C UNK FB 13 -83.51 -26.65 82.74
N UNK FB 14 -84.28 -27.32 81.87
CA UNK FB 14 -83.74 -28.41 81.08
C UNK FB 14 -82.84 -27.90 79.97
N UNK FB 15 -83.11 -26.70 79.48
CA UNK FB 15 -82.21 -26.08 78.50
C UNK FB 15 -80.87 -25.75 79.15
N UNK FB 16 -80.90 -25.28 80.40
CA UNK FB 16 -79.66 -25.06 81.13
C UNK FB 16 -78.98 -26.37 81.49
N UNK FB 17 -79.76 -27.43 81.65
CA UNK FB 17 -79.17 -28.75 81.82
C UNK FB 17 -78.46 -29.18 80.55
N UNK FB 18 -79.03 -28.84 79.39
CA UNK FB 18 -78.37 -29.09 78.11
C UNK FB 18 -77.12 -28.22 77.98
N UNK FB 19 -77.14 -27.06 78.62
CA UNK FB 19 -75.97 -26.19 78.64
C UNK FB 19 -74.82 -26.85 79.37
N UNK FB 20 -75.07 -27.33 80.59
CA UNK FB 20 -74.05 -28.06 81.35
C UNK FB 20 -73.70 -29.38 80.66
N UNK FB 21 -74.64 -29.96 79.92
CA UNK FB 21 -74.41 -31.23 79.24
C UNK FB 21 -73.41 -31.08 78.11
N UNK FB 22 -73.60 -30.07 77.26
CA UNK FB 22 -72.63 -29.85 76.19
C UNK FB 22 -71.40 -29.12 76.71
N UNK FB 23 -71.44 -28.65 77.95
CA UNK FB 23 -70.18 -28.32 78.62
C UNK FB 23 -69.40 -29.58 78.96
N UNK FB 24 -70.09 -30.62 79.40
CA UNK FB 24 -69.42 -31.88 79.71
C UNK FB 24 -68.91 -32.56 78.45
N UNK FB 25 -69.67 -32.44 77.35
CA UNK FB 25 -69.30 -33.12 76.12
C UNK FB 25 -68.16 -32.41 75.40
N UNK FB 26 -67.88 -31.17 75.77
CA UNK FB 26 -66.72 -30.46 75.24
C UNK FB 26 -65.54 -30.63 76.19
N UNK FB 27 -64.48 -29.87 75.96
CA UNK FB 27 -63.28 -29.96 76.79
C UNK FB 27 -63.52 -29.30 78.14
N UNK FB 28 -62.68 -29.64 79.10
CA UNK FB 28 -62.85 -29.18 80.47
C UNK FB 28 -62.01 -27.94 80.76
N UNK FB 29 -61.84 -27.66 82.06
CA UNK FB 29 -61.19 -26.43 82.52
C UNK FB 29 -59.67 -26.47 82.42
N UNK FB 30 -51.43 -16.78 91.38
CA UNK FB 30 -52.77 -17.32 91.49
C UNK FB 30 -53.68 -16.35 92.23
N UNK FB 31 -53.09 -15.23 92.68
CA UNK FB 31 -53.87 -14.25 93.45
C UNK FB 31 -54.70 -13.36 92.53
N UNK FB 32 -54.13 -13.02 91.36
CA UNK FB 32 -54.74 -12.03 90.48
C UNK FB 32 -56.04 -12.53 89.88
N UNK FB 33 -56.03 -13.73 89.30
CA UNK FB 33 -57.22 -14.28 88.65
C UNK FB 33 -58.28 -14.61 89.68
N UNK FB 34 -57.86 -15.02 90.87
CA UNK FB 34 -58.81 -15.28 91.96
C UNK FB 34 -59.53 -14.01 92.35
N UNK FB 35 -58.78 -12.92 92.52
CA UNK FB 35 -59.39 -11.64 92.87
C UNK FB 35 -60.33 -11.14 91.78
N UNK FB 36 -59.92 -11.33 90.53
CA UNK FB 36 -60.72 -10.83 89.41
C UNK FB 36 -62.03 -11.60 89.25
N UNK FB 37 -61.95 -12.94 89.29
CA UNK FB 37 -63.16 -13.72 89.13
C UNK FB 37 -64.07 -13.57 90.35
N UNK FB 38 -63.48 -13.35 91.53
CA UNK FB 38 -64.28 -13.07 92.71
C UNK FB 38 -65.01 -11.75 92.57
N UNK FB 39 -64.35 -10.75 92.00
CA UNK FB 39 -64.97 -9.44 91.80
C UNK FB 39 -66.13 -9.53 90.82
N UNK FB 40 -65.94 -10.27 89.73
CA UNK FB 40 -67.00 -10.40 88.73
C UNK FB 40 -68.18 -11.18 89.28
N UNK FB 41 -67.90 -12.23 90.06
CA UNK FB 41 -68.97 -12.98 90.70
C UNK FB 41 -69.74 -12.12 91.69
N UNK FB 42 -69.02 -11.26 92.42
CA UNK FB 42 -69.66 -10.38 93.38
C UNK FB 42 -70.54 -9.35 92.69
N UNK FB 43 -70.09 -8.83 91.55
CA UNK FB 43 -70.90 -7.90 90.79
C UNK FB 43 -72.18 -8.54 90.28
N UNK FB 44 -72.09 -9.75 89.73
CA UNK FB 44 -73.27 -10.44 89.20
C UNK FB 44 -74.25 -10.77 90.31
N UNK FB 45 -73.75 -11.26 91.44
CA UNK FB 45 -74.63 -11.64 92.55
C UNK FB 45 -75.27 -10.41 93.18
N UNK FB 46 -74.55 -9.28 93.25
CA UNK FB 46 -75.16 -8.08 93.81
C UNK FB 46 -76.20 -7.48 92.88
N UNK FB 47 -75.94 -7.55 91.58
CA UNK FB 47 -76.93 -7.14 90.59
C UNK FB 47 -78.18 -7.98 90.69
N UNK FB 48 -78.02 -9.26 91.02
CA UNK FB 48 -79.19 -10.07 91.36
C UNK FB 48 -79.79 -9.63 92.68
N UNK FB 49 -78.95 -9.19 93.61
CA UNK FB 49 -79.39 -8.97 94.98
C UNK FB 49 -80.22 -7.70 95.10
N UNK FB 50 -80.12 -6.82 94.13
CA UNK FB 50 -80.98 -5.63 94.16
C UNK FB 50 -82.44 -6.00 93.89
N UNK FB 51 -82.65 -7.02 93.06
CA UNK FB 51 -83.99 -7.36 92.60
C UNK FB 51 -84.83 -7.98 93.72
N UNK FB 52 -80.59 2.67 92.47
CA UNK FB 52 -79.73 3.79 92.82
C UNK FB 52 -78.80 3.34 93.92
N UNK FB 53 -79.34 2.55 94.84
CA UNK FB 53 -78.49 1.72 95.68
C UNK FB 53 -77.75 0.73 94.80
N UNK FB 54 -78.42 0.23 93.76
CA UNK FB 54 -77.78 -0.59 92.75
C UNK FB 54 -76.67 0.19 92.04
N UNK FB 55 -76.83 1.51 91.91
CA UNK FB 55 -75.78 2.30 91.30
C UNK FB 55 -74.55 2.41 92.20
N UNK FB 56 -74.75 2.59 93.50
CA UNK FB 56 -73.60 2.68 94.40
C UNK FB 56 -72.90 1.34 94.53
N UNK FB 57 -73.66 0.25 94.53
CA UNK FB 57 -73.06 -1.08 94.55
C UNK FB 57 -72.33 -1.37 93.25
N UNK FB 58 -72.85 -0.87 92.13
CA UNK FB 58 -72.15 -1.03 90.86
C UNK FB 58 -70.88 -0.18 90.83
N UNK FB 59 -70.88 0.92 91.57
CA UNK FB 59 -69.65 1.69 91.71
C UNK FB 59 -68.59 0.92 92.51
N UNK FB 60 -69.02 0.26 93.59
CA UNK FB 60 -68.11 -0.57 94.36
C UNK FB 60 -67.58 -1.74 93.53
N UNK FB 61 -68.48 -2.41 92.81
CA UNK FB 61 -68.08 -3.54 91.98
C UNK FB 61 -67.25 -3.08 90.78
N UNK FB 62 -67.41 -1.83 90.36
CA UNK FB 62 -66.59 -1.31 89.28
C UNK FB 62 -65.19 -0.99 89.78
N UNK FB 63 -65.07 -0.54 91.03
CA UNK FB 63 -63.75 -0.40 91.62
C UNK FB 63 -63.05 -1.74 91.73
N UNK FB 64 -63.79 -2.77 92.14
CA UNK FB 64 -63.25 -4.11 92.16
C UNK FB 64 -62.92 -4.61 90.74
N UNK FB 65 -63.68 -4.17 89.75
CA UNK FB 65 -63.41 -4.56 88.38
C UNK FB 65 -62.21 -3.82 87.83
N UNK FB 66 -61.89 -2.65 88.38
CA UNK FB 66 -60.67 -1.96 87.99
C UNK FB 66 -59.45 -2.66 88.57
N UNK FB 67 -59.60 -3.15 89.80
CA UNK FB 67 -58.58 -4.07 90.34
C UNK FB 67 -58.47 -5.32 89.49
N UNK FB 68 -59.60 -5.81 88.98
CA UNK FB 68 -59.61 -6.92 88.04
C UNK FB 68 -58.96 -6.54 86.72
N UNK FB 69 -59.00 -5.26 86.35
CA UNK FB 69 -58.36 -4.83 85.13
C UNK FB 69 -56.85 -4.87 85.28
N UNK FB 70 -56.34 -4.42 86.41
CA UNK FB 70 -54.90 -4.53 86.67
C UNK FB 70 -54.46 -5.99 86.79
N UNK FB 71 -55.32 -6.82 87.40
CA UNK FB 71 -55.01 -8.24 87.53
C UNK FB 71 -55.01 -8.95 86.17
N UNK FB 72 -55.99 -8.63 85.33
CA UNK FB 72 -56.04 -9.26 84.01
C UNK FB 72 -54.98 -8.68 83.10
N UNK FB 73 -54.50 -7.47 83.41
CA UNK FB 73 -53.33 -6.97 82.71
C UNK FB 73 -52.10 -7.78 83.07
N UNK FB 74 -51.97 -8.15 84.34
CA UNK FB 74 -50.89 -9.05 84.74
C UNK FB 74 -51.06 -10.43 84.11
N UNK FB 75 -52.30 -10.89 83.97
CA UNK FB 75 -52.55 -12.17 83.32
C UNK FB 75 -52.30 -12.10 81.83
N UNK FB 76 -52.48 -10.93 81.25
CA UNK FB 76 -52.14 -10.73 79.85
C UNK FB 76 -50.63 -10.70 79.69
N UNK FB 77 -49.93 -10.17 80.70
CA UNK FB 77 -48.48 -10.24 80.69
C UNK FB 77 -48.00 -11.68 80.80
N UNK FB 78 -48.75 -12.51 81.53
CA UNK FB 78 -48.52 -13.95 81.46
C UNK FB 78 -48.84 -14.48 80.07
N UNK FB 79 -49.88 -13.94 79.43
CA UNK FB 79 -50.18 -14.32 78.05
C UNK FB 79 -49.16 -13.72 77.10
N UNK FB 80 -48.62 -12.55 77.45
CA UNK FB 80 -47.52 -12.00 76.69
C UNK FB 80 -46.22 -12.59 77.20
#